data_7RE3
#
_entry.id   7RE3
#
_cell.length_a   1.00
_cell.length_b   1.00
_cell.length_c   1.00
_cell.angle_alpha   90.00
_cell.angle_beta   90.00
_cell.angle_gamma   90.00
#
_symmetry.space_group_name_H-M   'P 1'
#
loop_
_entity.id
_entity.type
_entity.pdbx_description
1 polymer 'RNA-directed RNA polymerase'
2 polymer 'Non-structural protein 8'
3 polymer 'Non-structural protein 7'
4 polymer Helicase
5 polymer 'Product RNA'
6 polymer 'Template RNA'
7 non-polymer 'ZINC ION'
8 non-polymer 'MAGNESIUM ION'
9 non-polymer "ADENOSINE-5'-DIPHOSPHATE"
10 non-polymer 'ALUMINUM FLUORIDE'
11 non-polymer CHAPSO
#
loop_
_entity_poly.entity_id
_entity_poly.type
_entity_poly.pdbx_seq_one_letter_code
_entity_poly.pdbx_strand_id
1 'polypeptide(L)'
;SADAQSFLNRVCGVSAARLTPCGTGTSTDVVYRAFDIYNDKVAGFAKFLKTNCCRFQEKDEDDNLIDSYFVVKRHTFSNY
QHEETIYNLLKDCPAVAKHDFFKFRIDGDMVPHISRQRLTKYTMADLVYALRHFDEGNCDTLKEILVTYNCCDDDYFNKK
DWYDFVENPDILRVYANLGERVRQALLKTVQFCDAMRNAGIVGVLTLDNQDLNGNWYDFGDFIQTTPGSGVPVVDSYYSL
LMPILTLTRALTAESHVDTDLTKPYIKWDLLKYDFTEERLKLFDRYFKYWDQTYHPNCVNCLDDRCILHCANFNVLFSTV
FPPTSFGPLVRKIFVDGVPFVVSTGYHFRELGVVHNQDVNLHSSRLSFKELLVYAADPAMHAASGNLLLDKRTTCFSVAA
LTNNVAFQTVKPGNFNKDFYDFAVSKGFFKEGSSVELKHFFFAQDGNAAISDYDYYRYNLPTMCDIRQLLFVVEVVDKYF
DCYDGGCINANQVIVNNLDKSAGFPFNKWGKARLYYDSMSYEDQDALFAYTKRNVIPTITQMNLKYAISAKNRARTVAGV
SICSTMTNRQFHQKLLKSIAATRGATVVIGTSKFYGGWHNMLKTVYSDVENPHLMGWDYPKCDRAMPNMLRIMASLVLAR
KHTTCCSLSHRFYRLANECAQVLSEMVMCGGSLYVKPGGTSSGDATTAYANSVFNICQAVTANVNALLSTDGNKIADKYV
RNLQHRLYECLYRNRDVDTDFVNEFYAYLRKHFSMMILSDDAVVCFNSTYASQGLVASIKNFKSVLYYQNNVFMSEAKCW
TETDLTKGPHEFCSQHTMLVKQGDDYVYLPYPDPSRILGAGCFVDDIVKTDGTLMIERFVSLAIDAYPLTKHPNQEYADV
FHLYLQYIRKLHDELTGHMLDMYSVMLTNDNTSRYWEPEFYEAMYTPHTVLQ
;
A,G
2 'polypeptide(L)'
;MAIASEFSSLPSYAAFATAQEAYEQAVANGDSEVVLKKLKKSLNVAKSEFDRDAAMQRKLEKMADQAMTQMYKQARSEDK
RAKVTSAMQTMLFTMLRKLDNDALNNIINNARDGCVPLNIIPLTTAAKLMVVIPDYNTYKNTCDGTTFTYASALWEIQQV
VDADSKIVQLSEISMDNSPNLAWPLIVTALRANSAVKLQ
;
B,D,H,J
3 'polypeptide(L)'
;GPVDMSKMSDVKCTSVVLLSVLQQLRVESSSKLWAQCVQLHNDILLAKDTTEAFEKMVSLLSVLLSMQGAVDINKLCEEM
LDNRATLQ
;
C,I
4 'polypeptide(L)'
;GPHMAVGACVLCNSQTSLRCGACIRRPFLCCKCCYDHVISTSHKLVLSVNPYVCNAPGCDVTDVTQLYLGGMSYYCKSHK
PPISFPLCANGQVFGLYKNTCVGSDNVTDFNAIATCDWTNAGDYILANTCTERLKLFAAETLKATEETFKLSYGIATVRE
VLSDRELHLSWEVGKPRPPLNRNYVFTGYRVTKNSKVQIGEYTFEKGDYGDAVVYRGTTTYKLNVGDYFVLTSHTVMPLS
APTLVPQEHYVRITGLYPTLNISDEFSSNVANYQKVGMQKYSTLQGPPGTGKSHFAIGLALYYPSARIVYTACSHAAVDA
LCEKALKYLPIDKCSRIIPARARVECFDKFKVNSTLEQYVFCTVNALPETTADIVVFDEISMATNYDLSVVNARLRAKHY
VYIGDPAQLPAPRTLLTKGTLEPEYFNSVCRLMKTIGPDMFLGTCRRCPAEIVDTVSALVYDNKLKAHKDKSAQCFKMFY
KGVITHDVSSAINRPQIGVVREFLTRNPAWRKAVFISPYNSQNAVASKILGLPTQTVDSSQGSEYDYVIFTQTTETAHSC
NVNRFNVAITRAKVGILCIMSDRDLYDKLQFTSLEIPRRNVATLQ
;
E,F,K,L
5 'polyribonucleotide' CGCGUAGCAUGCUACGUCAUUCUCCUAAGAAGCUA P,Q
6 'polyribonucleotide' CUAUCCCCAUGUGAUUUUAAUAGCUUCUUAGGAGAAUGACGUAGCAUGCUACGCG T,U
#
loop_
_chem_comp.id
_chem_comp.type
_chem_comp.name
_chem_comp.formula
1N7 non-polymer CHAPSO 'C32 H59 N2 O8 S 1'
A RNA linking ADENOSINE-5'-MONOPHOSPHATE 'C10 H14 N5 O7 P'
ADP non-polymer ADENOSINE-5'-DIPHOSPHATE 'C10 H15 N5 O10 P2'
AF3 non-polymer 'ALUMINUM FLUORIDE' 'Al F3'
C RNA linking CYTIDINE-5'-MONOPHOSPHATE 'C9 H14 N3 O8 P'
G RNA linking GUANOSINE-5'-MONOPHOSPHATE 'C10 H14 N5 O8 P'
MG non-polymer 'MAGNESIUM ION' 'Mg 2'
U RNA linking URIDINE-5'-MONOPHOSPHATE 'C9 H13 N2 O9 P'
ZN non-polymer 'ZINC ION' 'Zn 2'
#
# COMPACT_ATOMS: atom_id res chain seq x y z
N ASP A 3 30.84 -50.43 -27.26
CA ASP A 3 29.92 -51.54 -27.03
C ASP A 3 28.62 -51.03 -26.43
N ALA A 4 27.54 -51.80 -26.61
CA ALA A 4 26.23 -51.42 -26.08
C ALA A 4 26.16 -51.49 -24.56
N GLN A 5 27.03 -52.26 -23.92
CA GLN A 5 27.06 -52.38 -22.47
C GLN A 5 28.03 -51.41 -21.81
N SER A 6 29.20 -51.22 -22.42
CA SER A 6 30.15 -50.24 -21.91
C SER A 6 29.57 -48.83 -21.97
N PHE A 7 28.80 -48.54 -23.02
CA PHE A 7 28.15 -47.25 -23.13
C PHE A 7 27.17 -47.02 -22.00
N LEU A 8 26.37 -48.03 -21.67
CA LEU A 8 25.42 -47.91 -20.58
C LEU A 8 26.13 -47.77 -19.24
N ASN A 9 27.20 -48.55 -19.05
CA ASN A 9 27.99 -48.47 -17.82
C ASN A 9 28.67 -47.12 -17.67
N ARG A 10 29.01 -46.46 -18.78
CA ARG A 10 29.52 -45.10 -18.70
C ARG A 10 28.41 -44.10 -18.42
N VAL A 11 27.22 -44.31 -18.98
CA VAL A 11 26.09 -43.44 -18.69
C VAL A 11 25.74 -43.50 -17.20
N CYS A 12 26.03 -44.64 -16.57
CA CYS A 12 25.91 -44.75 -15.11
C CYS A 12 26.74 -43.67 -14.40
N GLY A 13 28.05 -43.70 -14.61
CA GLY A 13 28.92 -42.75 -13.94
C GLY A 13 28.97 -42.97 -12.44
N VAL A 14 29.20 -41.88 -11.71
CA VAL A 14 29.27 -41.97 -10.25
C VAL A 14 27.90 -42.23 -9.65
N SER A 15 26.85 -41.71 -10.29
CA SER A 15 25.47 -41.87 -9.80
C SER A 15 25.07 -43.32 -9.90
N ALA A 16 24.92 -43.97 -8.75
CA ALA A 16 24.61 -45.39 -8.70
C ALA A 16 23.13 -45.62 -9.05
N ALA A 17 22.89 -46.18 -10.23
CA ALA A 17 21.54 -46.51 -10.67
C ALA A 17 21.61 -47.64 -11.68
N ARG A 18 20.46 -48.21 -12.01
CA ARG A 18 20.35 -49.23 -13.04
C ARG A 18 19.51 -48.67 -14.17
N LEU A 19 19.89 -49.00 -15.41
CA LEU A 19 19.30 -48.39 -16.59
C LEU A 19 18.83 -49.45 -17.57
N THR A 20 17.63 -49.25 -18.12
CA THR A 20 17.04 -50.10 -19.15
C THR A 20 16.98 -49.31 -20.45
N PRO A 21 17.62 -49.77 -21.52
CA PRO A 21 17.74 -48.98 -22.75
C PRO A 21 16.41 -48.87 -23.48
N CYS A 22 15.96 -47.63 -23.71
CA CYS A 22 14.82 -47.42 -24.60
C CYS A 22 15.25 -47.42 -26.06
N GLY A 23 16.55 -47.34 -26.34
CA GLY A 23 17.07 -47.46 -27.68
C GLY A 23 17.41 -48.89 -28.02
N THR A 24 18.39 -49.06 -28.91
CA THR A 24 18.79 -50.39 -29.34
C THR A 24 20.27 -50.34 -29.77
N GLY A 25 21.14 -50.80 -28.88
CA GLY A 25 22.55 -50.89 -29.17
C GLY A 25 23.20 -49.54 -29.38
N THR A 26 23.28 -48.76 -28.31
CA THR A 26 23.80 -47.39 -28.25
C THR A 26 23.45 -46.59 -29.51
N SER A 27 22.16 -46.62 -29.84
CA SER A 27 21.63 -45.91 -30.99
C SER A 27 20.57 -44.92 -30.54
N THR A 28 20.37 -43.89 -31.34
CA THR A 28 19.41 -42.84 -30.99
C THR A 28 17.98 -43.36 -31.07
N ASP A 29 17.22 -43.11 -30.01
CA ASP A 29 15.81 -43.47 -29.98
C ASP A 29 14.98 -42.29 -30.48
N VAL A 30 14.08 -42.57 -31.43
CA VAL A 30 13.27 -41.55 -32.07
C VAL A 30 11.96 -41.45 -31.31
N VAL A 31 11.66 -40.26 -30.78
CA VAL A 31 10.40 -39.99 -30.10
C VAL A 31 9.74 -38.81 -30.79
N TYR A 32 8.51 -38.52 -30.37
CA TYR A 32 7.62 -37.61 -31.06
C TYR A 32 7.07 -36.61 -30.03
N ARG A 33 7.83 -35.53 -29.81
CA ARG A 33 7.60 -34.59 -28.72
C ARG A 33 6.96 -33.30 -29.23
N ALA A 34 6.83 -32.33 -28.33
CA ALA A 34 5.97 -31.17 -28.54
C ALA A 34 6.73 -29.86 -28.39
N PHE A 35 7.82 -29.72 -29.15
CA PHE A 35 8.73 -28.58 -29.03
C PHE A 35 8.02 -27.24 -29.11
N ASP A 36 8.59 -26.25 -28.44
CA ASP A 36 8.37 -24.83 -28.70
C ASP A 36 9.66 -24.32 -29.33
N ILE A 37 9.66 -24.17 -30.65
CA ILE A 37 10.87 -23.83 -31.38
C ILE A 37 10.64 -22.54 -32.16
N TYR A 38 11.65 -21.68 -32.16
CA TYR A 38 11.60 -20.47 -32.99
C TYR A 38 13.00 -20.20 -33.51
N ASN A 39 13.18 -20.40 -34.82
CA ASN A 39 14.37 -19.94 -35.52
C ASN A 39 13.91 -19.41 -36.87
N ASP A 40 14.87 -19.17 -37.78
CA ASP A 40 14.55 -18.38 -38.97
C ASP A 40 13.86 -19.21 -40.05
N LYS A 41 13.69 -20.51 -39.84
CA LYS A 41 13.14 -21.36 -40.89
C LYS A 41 11.88 -22.11 -40.45
N VAL A 42 11.73 -22.40 -39.16
CA VAL A 42 10.50 -22.96 -38.62
C VAL A 42 10.17 -22.23 -37.32
N ALA A 43 8.88 -22.04 -37.07
CA ALA A 43 8.42 -21.36 -35.87
C ALA A 43 7.08 -21.93 -35.43
N GLY A 44 6.75 -21.67 -34.17
CA GLY A 44 5.47 -22.07 -33.62
C GLY A 44 5.62 -23.13 -32.55
N PHE A 45 4.48 -23.46 -31.94
CA PHE A 45 4.38 -24.46 -30.89
C PHE A 45 3.74 -25.70 -31.50
N ALA A 46 4.58 -26.56 -32.09
CA ALA A 46 4.11 -27.72 -32.83
C ALA A 46 4.73 -28.98 -32.27
N LYS A 47 4.16 -30.11 -32.65
CA LYS A 47 4.58 -31.43 -32.17
C LYS A 47 5.55 -32.01 -33.19
N PHE A 48 6.83 -32.03 -32.84
CA PHE A 48 7.91 -32.41 -33.73
C PHE A 48 8.38 -33.84 -33.46
N LEU A 49 9.47 -34.22 -34.11
CA LEU A 49 10.06 -35.56 -34.02
C LEU A 49 11.57 -35.39 -33.86
N LYS A 50 12.07 -35.66 -32.65
CA LYS A 50 13.48 -35.43 -32.33
C LYS A 50 14.27 -36.72 -32.45
N THR A 51 15.45 -36.63 -33.05
CA THR A 51 16.30 -37.80 -33.33
C THR A 51 17.74 -37.52 -32.90
N ASN A 52 17.92 -36.99 -31.69
CA ASN A 52 19.26 -36.69 -31.22
C ASN A 52 19.47 -37.06 -29.76
N CYS A 53 18.66 -37.98 -29.24
CA CYS A 53 18.71 -38.31 -27.81
C CYS A 53 18.50 -39.81 -27.64
N CYS A 54 19.54 -40.51 -27.21
CA CYS A 54 19.35 -41.87 -26.71
C CYS A 54 18.78 -41.80 -25.30
N ARG A 55 17.75 -42.61 -25.03
CA ARG A 55 17.04 -42.58 -23.76
C ARG A 55 17.21 -43.90 -23.01
N PHE A 56 17.51 -43.80 -21.72
CA PHE A 56 17.60 -44.94 -20.84
C PHE A 56 16.73 -44.69 -19.62
N GLN A 57 15.90 -45.68 -19.27
CA GLN A 57 14.95 -45.53 -18.18
C GLN A 57 15.54 -46.18 -16.92
N GLU A 58 15.56 -45.43 -15.83
CA GLU A 58 16.08 -45.96 -14.58
C GLU A 58 15.03 -46.82 -13.89
N LYS A 59 15.47 -47.97 -13.41
CA LYS A 59 14.62 -48.91 -12.68
C LYS A 59 15.11 -49.01 -11.25
N ASP A 60 14.21 -48.83 -10.29
CA ASP A 60 14.58 -48.82 -8.88
C ASP A 60 14.55 -50.26 -8.34
N GLU A 61 14.48 -50.38 -7.02
CA GLU A 61 14.27 -51.67 -6.39
C GLU A 61 12.98 -52.30 -6.92
N ASP A 62 13.03 -53.62 -7.16
CA ASP A 62 11.99 -54.51 -7.70
C ASP A 62 11.93 -54.51 -9.22
N ASP A 63 12.95 -54.01 -9.92
CA ASP A 63 13.01 -54.01 -11.38
C ASP A 63 11.85 -53.20 -12.00
N ASN A 64 11.17 -52.39 -11.19
CA ASN A 64 10.06 -51.57 -11.68
C ASN A 64 10.58 -50.33 -12.39
N LEU A 65 10.13 -50.14 -13.64
CA LEU A 65 10.52 -48.99 -14.43
C LEU A 65 9.79 -47.75 -13.94
N ILE A 66 10.55 -46.77 -13.47
CA ILE A 66 9.92 -45.59 -12.86
C ILE A 66 10.08 -44.41 -13.79
N ASP A 67 9.46 -43.28 -13.41
CA ASP A 67 9.47 -42.07 -14.23
C ASP A 67 10.72 -41.25 -13.91
N SER A 68 11.85 -41.79 -14.38
CA SER A 68 13.14 -41.11 -14.23
C SER A 68 14.05 -41.66 -15.32
N TYR A 69 14.45 -40.81 -16.25
CA TYR A 69 15.17 -41.22 -17.46
C TYR A 69 16.56 -40.60 -17.48
N PHE A 70 17.38 -41.08 -18.41
CA PHE A 70 18.76 -40.61 -18.61
C PHE A 70 18.92 -40.26 -20.09
N VAL A 71 18.81 -38.98 -20.41
CA VAL A 71 18.96 -38.52 -21.77
C VAL A 71 20.42 -38.15 -22.03
N VAL A 72 21.00 -38.74 -23.07
CA VAL A 72 22.43 -38.65 -23.33
C VAL A 72 22.73 -37.98 -24.66
N LYS A 73 21.91 -37.01 -25.04
CA LYS A 73 21.99 -36.22 -26.28
C LYS A 73 23.42 -35.96 -26.73
N ARG A 74 23.69 -36.21 -28.01
CA ARG A 74 25.01 -36.06 -28.60
C ARG A 74 24.94 -35.04 -29.73
N HIS A 75 25.93 -34.14 -29.77
CA HIS A 75 25.98 -33.15 -30.84
C HIS A 75 27.47 -32.79 -31.01
N THR A 76 27.75 -31.71 -31.74
CA THR A 76 29.12 -31.38 -32.11
C THR A 76 29.97 -31.02 -30.89
N PHE A 77 31.28 -30.88 -31.15
CA PHE A 77 32.26 -30.64 -30.09
C PHE A 77 32.09 -29.25 -29.49
N SER A 78 31.94 -28.20 -30.32
CA SER A 78 31.88 -26.87 -29.73
C SER A 78 30.56 -26.66 -28.99
N ASN A 79 29.49 -27.31 -29.41
CA ASN A 79 28.28 -27.23 -28.59
C ASN A 79 28.47 -27.89 -27.24
N TYR A 80 29.17 -29.02 -27.19
CA TYR A 80 29.55 -29.65 -25.92
C TYR A 80 30.35 -28.70 -25.05
N GLN A 81 31.34 -28.03 -25.66
CA GLN A 81 32.13 -27.01 -24.99
C GLN A 81 31.25 -25.94 -24.36
N HIS A 82 30.44 -25.26 -25.18
CA HIS A 82 29.64 -24.15 -24.67
C HIS A 82 28.65 -24.62 -23.62
N GLU A 83 28.08 -25.80 -23.80
CA GLU A 83 27.11 -26.30 -22.82
C GLU A 83 27.77 -26.69 -21.52
N GLU A 84 29.01 -27.21 -21.56
CA GLU A 84 29.74 -27.43 -20.30
C GLU A 84 30.01 -26.13 -19.58
N THR A 85 30.45 -25.10 -20.32
CA THR A 85 30.72 -23.82 -19.68
C THR A 85 29.45 -23.23 -19.04
N ILE A 86 28.34 -23.25 -19.77
CA ILE A 86 27.10 -22.69 -19.23
C ILE A 86 26.59 -23.50 -18.05
N TYR A 87 26.71 -24.83 -18.11
CA TYR A 87 26.31 -25.67 -16.99
C TYR A 87 27.18 -25.42 -15.77
N ASN A 88 28.48 -25.20 -15.98
CA ASN A 88 29.36 -24.87 -14.87
C ASN A 88 28.99 -23.54 -14.25
N LEU A 89 28.60 -22.56 -15.08
CA LEU A 89 28.11 -21.29 -14.53
C LEU A 89 26.79 -21.48 -13.77
N LEU A 90 25.95 -22.41 -14.21
CA LEU A 90 24.63 -22.60 -13.63
C LEU A 90 24.52 -23.89 -12.82
N LYS A 91 25.64 -24.40 -12.31
CA LYS A 91 25.62 -25.69 -11.62
C LYS A 91 24.98 -25.59 -10.25
N ASP A 92 25.25 -24.50 -9.52
CA ASP A 92 24.84 -24.40 -8.12
C ASP A 92 23.34 -24.29 -7.93
N CYS A 93 22.58 -23.92 -8.95
CA CYS A 93 21.14 -23.80 -8.81
C CYS A 93 20.51 -25.17 -8.63
N PRO A 94 19.64 -25.33 -7.62
CA PRO A 94 18.92 -26.58 -7.45
C PRO A 94 17.92 -26.90 -8.56
N ALA A 95 17.46 -25.89 -9.29
CA ALA A 95 16.53 -26.10 -10.40
C ALA A 95 17.26 -26.28 -11.71
N VAL A 96 18.27 -27.15 -11.72
CA VAL A 96 19.01 -27.50 -12.92
C VAL A 96 19.23 -29.00 -12.91
N ALA A 97 18.89 -29.68 -14.00
CA ALA A 97 19.10 -31.11 -14.08
C ALA A 97 20.58 -31.43 -14.00
N LYS A 98 20.92 -32.46 -13.23
CA LYS A 98 22.31 -32.85 -13.03
C LYS A 98 22.88 -33.41 -14.32
N HIS A 99 23.73 -32.63 -14.98
CA HIS A 99 24.32 -33.05 -16.24
C HIS A 99 25.53 -33.94 -15.99
N ASP A 100 26.00 -34.58 -17.07
CA ASP A 100 27.21 -35.38 -17.03
C ASP A 100 27.85 -35.32 -18.40
N PHE A 101 29.07 -34.80 -18.48
CA PHE A 101 29.77 -34.58 -19.73
C PHE A 101 30.87 -35.62 -19.89
N PHE A 102 30.87 -36.32 -21.02
CA PHE A 102 31.88 -37.34 -21.28
C PHE A 102 32.00 -37.56 -22.77
N LYS A 103 33.21 -37.95 -23.20
CA LYS A 103 33.46 -38.33 -24.58
C LYS A 103 33.63 -39.84 -24.65
N PHE A 104 33.04 -40.46 -25.67
CA PHE A 104 33.00 -41.91 -25.76
C PHE A 104 33.39 -42.39 -27.16
N ARG A 105 33.87 -43.62 -27.23
CA ARG A 105 34.29 -44.23 -28.49
C ARG A 105 33.11 -44.97 -29.11
N ILE A 106 32.85 -44.70 -30.40
CA ILE A 106 31.77 -45.35 -31.13
C ILE A 106 32.30 -46.27 -32.22
N ASP A 107 33.07 -45.72 -33.17
CA ASP A 107 33.65 -46.52 -34.23
C ASP A 107 35.18 -46.57 -34.17
N GLY A 108 35.83 -45.43 -34.32
CA GLY A 108 37.26 -45.30 -34.08
C GLY A 108 37.53 -43.88 -33.61
N ASP A 109 36.43 -43.16 -33.38
CA ASP A 109 36.44 -41.70 -33.27
C ASP A 109 35.60 -41.31 -32.06
N MET A 110 35.98 -40.19 -31.44
CA MET A 110 35.43 -39.78 -30.15
C MET A 110 34.24 -38.86 -30.39
N VAL A 111 33.05 -39.31 -30.00
CA VAL A 111 31.85 -38.49 -30.07
C VAL A 111 31.52 -37.99 -28.66
N PRO A 112 31.30 -36.69 -28.48
CA PRO A 112 30.95 -36.19 -27.14
C PRO A 112 29.47 -36.33 -26.85
N HIS A 113 29.14 -36.93 -25.70
CA HIS A 113 27.76 -37.11 -25.27
C HIS A 113 27.53 -36.36 -23.97
N ILE A 114 26.47 -35.58 -23.93
CA ILE A 114 26.06 -34.88 -22.72
C ILE A 114 24.91 -35.65 -22.09
N SER A 115 25.09 -36.07 -20.83
CA SER A 115 24.15 -36.99 -20.20
C SER A 115 23.35 -36.21 -19.15
N ARG A 116 22.07 -36.02 -19.42
CA ARG A 116 21.15 -35.47 -18.44
C ARG A 116 20.56 -36.60 -17.59
N GLN A 117 20.52 -36.38 -16.29
CA GLN A 117 20.24 -37.44 -15.33
C GLN A 117 18.91 -37.20 -14.64
N ARG A 118 18.08 -38.24 -14.57
CA ARG A 118 16.85 -38.27 -13.80
C ARG A 118 15.86 -37.20 -14.25
N LEU A 119 15.44 -37.32 -15.52
CA LEU A 119 14.37 -36.51 -16.05
C LEU A 119 13.09 -37.33 -16.18
N THR A 120 11.96 -36.62 -16.21
CA THR A 120 10.69 -37.27 -16.47
C THR A 120 10.59 -37.65 -17.94
N LYS A 121 9.63 -38.53 -18.25
CA LYS A 121 9.44 -38.95 -19.63
C LYS A 121 9.01 -37.79 -20.51
N TYR A 122 8.08 -36.97 -20.03
CA TYR A 122 7.59 -35.83 -20.77
C TYR A 122 8.11 -34.54 -20.14
N THR A 123 7.81 -33.44 -20.80
CA THR A 123 8.25 -32.12 -20.37
C THR A 123 7.04 -31.23 -20.09
N MET A 124 7.32 -29.99 -19.72
CA MET A 124 6.27 -28.99 -19.60
C MET A 124 5.52 -28.77 -20.91
N ALA A 125 6.25 -28.69 -22.02
CA ALA A 125 5.62 -28.46 -23.31
C ALA A 125 4.69 -29.60 -23.70
N ASP A 126 5.02 -30.84 -23.34
CA ASP A 126 4.14 -31.95 -23.66
C ASP A 126 2.80 -31.82 -22.96
N LEU A 127 2.82 -31.49 -21.67
CA LEU A 127 1.57 -31.29 -20.93
C LEU A 127 0.78 -30.10 -21.49
N VAL A 128 1.47 -29.00 -21.78
CA VAL A 128 0.79 -27.82 -22.31
C VAL A 128 0.16 -28.12 -23.66
N TYR A 129 0.87 -28.83 -24.53
CA TYR A 129 0.33 -29.17 -25.83
C TYR A 129 -0.82 -30.16 -25.72
N ALA A 130 -0.74 -31.10 -24.78
CA ALA A 130 -1.82 -32.06 -24.59
C ALA A 130 -3.09 -31.40 -24.09
N LEU A 131 -2.98 -30.45 -23.16
CA LEU A 131 -4.16 -29.76 -22.66
C LEU A 131 -4.57 -28.57 -23.51
N ARG A 132 -3.77 -28.18 -24.49
CA ARG A 132 -4.09 -27.03 -25.32
C ARG A 132 -4.49 -27.41 -26.74
N HIS A 133 -4.08 -28.59 -27.21
CA HIS A 133 -4.46 -29.09 -28.52
C HIS A 133 -5.17 -30.41 -28.37
N PHE A 134 -6.13 -30.45 -27.44
CA PHE A 134 -6.79 -31.70 -27.07
C PHE A 134 -7.53 -32.34 -28.24
N ASP A 135 -7.48 -33.68 -28.27
CA ASP A 135 -8.23 -34.45 -29.26
C ASP A 135 -8.70 -35.72 -28.58
N GLU A 136 -10.02 -35.86 -28.42
CA GLU A 136 -10.56 -36.99 -27.65
C GLU A 136 -10.31 -38.33 -28.31
N GLY A 137 -10.04 -38.36 -29.62
CA GLY A 137 -9.78 -39.61 -30.30
C GLY A 137 -8.34 -40.06 -30.18
N ASN A 138 -7.42 -39.10 -30.15
CA ASN A 138 -5.98 -39.38 -30.07
C ASN A 138 -5.40 -38.52 -28.96
N CYS A 139 -5.47 -39.04 -27.72
CA CYS A 139 -4.85 -38.41 -26.56
C CYS A 139 -4.21 -39.52 -25.73
N ASP A 140 -2.96 -39.83 -26.03
CA ASP A 140 -2.21 -40.84 -25.29
C ASP A 140 -1.08 -40.24 -24.47
N THR A 141 -0.66 -39.02 -24.76
CA THR A 141 0.34 -38.32 -23.97
C THR A 141 -0.28 -37.57 -22.80
N LEU A 142 -1.61 -37.49 -22.75
CA LEU A 142 -2.32 -36.93 -21.60
C LEU A 142 -2.76 -38.00 -20.62
N LYS A 143 -3.24 -39.13 -21.14
CA LYS A 143 -3.58 -40.25 -20.26
C LYS A 143 -2.35 -40.76 -19.52
N GLU A 144 -1.22 -40.87 -20.23
CA GLU A 144 0.00 -41.35 -19.60
C GLU A 144 0.48 -40.40 -18.51
N ILE A 145 0.41 -39.08 -18.76
CA ILE A 145 0.79 -38.11 -17.74
C ILE A 145 -0.14 -38.19 -16.55
N LEU A 146 -1.46 -38.31 -16.80
CA LEU A 146 -2.42 -38.40 -15.71
C LEU A 146 -2.24 -39.67 -14.88
N VAL A 147 -1.79 -40.76 -15.50
CA VAL A 147 -1.60 -42.02 -14.77
C VAL A 147 -0.29 -42.03 -14.01
N THR A 148 0.80 -41.61 -14.66
CA THR A 148 2.13 -41.74 -14.06
C THR A 148 2.35 -40.83 -12.86
N TYR A 149 1.47 -39.86 -12.62
CA TYR A 149 1.57 -39.00 -11.46
C TYR A 149 0.38 -39.17 -10.51
N ASN A 150 -0.32 -40.30 -10.62
CA ASN A 150 -1.38 -40.70 -9.68
C ASN A 150 -2.51 -39.69 -9.63
N CYS A 151 -2.77 -38.99 -10.74
CA CYS A 151 -3.94 -38.14 -10.81
C CYS A 151 -5.21 -38.96 -10.99
N CYS A 152 -5.09 -40.14 -11.60
CA CYS A 152 -6.23 -41.02 -11.83
C CYS A 152 -5.75 -42.45 -11.57
N ASP A 153 -6.55 -43.42 -11.99
CA ASP A 153 -6.27 -44.83 -11.72
C ASP A 153 -6.17 -45.69 -12.96
N ASP A 154 -6.19 -45.09 -14.16
CA ASP A 154 -6.09 -45.74 -15.46
C ASP A 154 -7.36 -46.53 -15.79
N ASP A 155 -8.27 -46.65 -14.83
CA ASP A 155 -9.63 -47.10 -15.09
C ASP A 155 -10.59 -45.94 -15.24
N TYR A 156 -10.13 -44.73 -14.96
CA TYR A 156 -10.95 -43.54 -15.19
C TYR A 156 -11.18 -43.31 -16.68
N PHE A 157 -10.27 -43.80 -17.52
CA PHE A 157 -10.37 -43.64 -18.96
C PHE A 157 -11.30 -44.66 -19.60
N ASN A 158 -11.80 -45.62 -18.84
CA ASN A 158 -12.84 -46.52 -19.32
C ASN A 158 -14.22 -45.91 -19.20
N LYS A 159 -14.32 -44.71 -18.66
CA LYS A 159 -15.61 -44.10 -18.35
C LYS A 159 -16.33 -43.69 -19.64
N LYS A 160 -17.65 -43.56 -19.52
CA LYS A 160 -18.49 -43.08 -20.61
C LYS A 160 -17.96 -41.77 -21.21
N ASP A 161 -17.66 -40.79 -20.36
CA ASP A 161 -17.07 -39.51 -20.77
C ASP A 161 -16.09 -39.07 -19.68
N TRP A 162 -14.81 -39.35 -19.91
CA TRP A 162 -13.79 -38.97 -18.95
C TRP A 162 -13.24 -37.57 -19.17
N TYR A 163 -13.49 -36.97 -20.33
CA TYR A 163 -12.91 -35.68 -20.68
C TYR A 163 -13.90 -34.52 -20.66
N ASP A 164 -15.19 -34.81 -20.80
CA ASP A 164 -16.18 -33.74 -20.94
C ASP A 164 -16.35 -32.99 -19.62
N PHE A 165 -16.44 -31.67 -19.71
CA PHE A 165 -16.62 -30.84 -18.53
C PHE A 165 -18.07 -30.75 -18.08
N VAL A 166 -19.02 -31.18 -18.90
CA VAL A 166 -20.43 -31.08 -18.56
C VAL A 166 -21.05 -32.44 -18.23
N GLU A 167 -20.49 -33.55 -18.72
CA GLU A 167 -20.89 -34.87 -18.27
C GLU A 167 -19.96 -35.44 -17.22
N ASN A 168 -18.89 -34.73 -16.87
CA ASN A 168 -17.99 -35.21 -15.84
C ASN A 168 -17.26 -34.06 -15.16
N PRO A 169 -17.89 -33.40 -14.18
CA PRO A 169 -17.18 -32.37 -13.43
C PRO A 169 -16.01 -32.90 -12.61
N ASP A 170 -15.94 -34.22 -12.39
CA ASP A 170 -14.83 -34.80 -11.66
C ASP A 170 -13.52 -34.74 -12.42
N ILE A 171 -13.57 -34.45 -13.73
CA ILE A 171 -12.32 -34.26 -14.46
C ILE A 171 -11.61 -33.02 -13.95
N LEU A 172 -12.34 -32.07 -13.38
CA LEU A 172 -11.69 -30.92 -12.75
C LEU A 172 -10.90 -31.34 -11.53
N ARG A 173 -11.46 -32.23 -10.70
CA ARG A 173 -10.71 -32.77 -9.57
C ARG A 173 -9.52 -33.59 -10.05
N VAL A 174 -9.68 -34.32 -11.15
CA VAL A 174 -8.56 -35.08 -11.71
C VAL A 174 -7.44 -34.15 -12.16
N TYR A 175 -7.80 -33.07 -12.85
CA TYR A 175 -6.79 -32.12 -13.34
C TYR A 175 -6.14 -31.35 -12.21
N ALA A 176 -6.88 -31.12 -11.13
CA ALA A 176 -6.34 -30.38 -9.98
C ALA A 176 -5.19 -31.10 -9.29
N ASN A 177 -5.03 -32.40 -9.52
CA ASN A 177 -3.91 -33.14 -8.95
C ASN A 177 -2.58 -32.77 -9.58
N LEU A 178 -2.58 -32.10 -10.72
CA LEU A 178 -1.36 -31.58 -11.33
C LEU A 178 -1.02 -30.18 -10.86
N GLY A 179 -1.85 -29.59 -9.99
CA GLY A 179 -1.61 -28.23 -9.54
C GLY A 179 -0.31 -28.09 -8.78
N GLU A 180 -0.05 -29.03 -7.87
CA GLU A 180 1.19 -29.00 -7.10
C GLU A 180 2.40 -29.45 -7.90
N ARG A 181 2.20 -30.12 -9.03
CA ARG A 181 3.30 -30.40 -9.92
C ARG A 181 3.63 -29.23 -10.84
N VAL A 182 2.64 -28.38 -11.13
CA VAL A 182 2.88 -27.21 -11.95
C VAL A 182 3.41 -26.05 -11.10
N ARG A 183 2.93 -25.91 -9.87
CA ARG A 183 3.37 -24.82 -9.01
C ARG A 183 4.85 -24.95 -8.66
N GLN A 184 5.30 -26.17 -8.36
CA GLN A 184 6.72 -26.37 -8.10
C GLN A 184 7.55 -26.11 -9.35
N ALA A 185 7.01 -26.44 -10.53
CA ALA A 185 7.70 -26.11 -11.77
C ALA A 185 7.84 -24.60 -11.93
N LEU A 186 6.80 -23.84 -11.58
CA LEU A 186 6.87 -22.39 -11.64
C LEU A 186 7.92 -21.86 -10.68
N LEU A 187 7.95 -22.39 -9.46
CA LEU A 187 8.93 -21.95 -8.47
C LEU A 187 10.36 -22.26 -8.94
N LYS A 188 10.56 -23.44 -9.51
CA LYS A 188 11.87 -23.78 -10.05
C LYS A 188 12.24 -22.91 -11.24
N THR A 189 11.24 -22.50 -12.04
CA THR A 189 11.51 -21.55 -13.12
C THR A 189 11.99 -20.22 -12.55
N VAL A 190 11.36 -19.74 -11.48
CA VAL A 190 11.82 -18.52 -10.83
C VAL A 190 13.25 -18.68 -10.29
N GLN A 191 13.55 -19.81 -9.65
CA GLN A 191 14.91 -20.03 -9.16
C GLN A 191 15.92 -20.08 -10.29
N PHE A 192 15.59 -20.75 -11.40
CA PHE A 192 16.49 -20.82 -12.54
C PHE A 192 16.70 -19.44 -13.17
N CYS A 193 15.63 -18.64 -13.24
CA CYS A 193 15.77 -17.28 -13.75
C CYS A 193 16.65 -16.43 -12.85
N ASP A 194 16.51 -16.59 -11.53
CA ASP A 194 17.37 -15.88 -10.59
C ASP A 194 18.83 -16.28 -10.78
N ALA A 195 19.08 -17.59 -10.95
CA ALA A 195 20.44 -18.05 -11.19
C ALA A 195 21.01 -17.52 -12.50
N MET A 196 20.21 -17.48 -13.57
CA MET A 196 20.67 -16.90 -14.82
C MET A 196 20.98 -15.42 -14.67
N ARG A 197 20.11 -14.69 -13.95
CA ARG A 197 20.33 -13.27 -13.74
C ARG A 197 21.61 -13.01 -12.95
N ASN A 198 21.85 -13.79 -11.89
CA ASN A 198 23.06 -13.61 -11.10
C ASN A 198 24.31 -14.03 -11.86
N ALA A 199 24.22 -15.09 -12.66
CA ALA A 199 25.35 -15.62 -13.40
C ALA A 199 25.62 -14.86 -14.69
N GLY A 200 24.74 -13.93 -15.07
CA GLY A 200 24.95 -13.14 -16.27
C GLY A 200 24.84 -13.94 -17.54
N ILE A 201 23.70 -14.59 -17.76
CA ILE A 201 23.46 -15.41 -18.95
C ILE A 201 22.18 -14.95 -19.60
N VAL A 202 22.24 -14.68 -20.89
CA VAL A 202 21.08 -14.24 -21.67
C VAL A 202 20.59 -15.43 -22.48
N GLY A 203 19.31 -15.74 -22.36
CA GLY A 203 18.75 -16.87 -23.07
C GLY A 203 17.24 -16.79 -23.11
N VAL A 204 16.65 -17.72 -23.84
CA VAL A 204 15.20 -17.80 -24.00
C VAL A 204 14.73 -19.09 -23.35
N LEU A 205 13.81 -18.99 -22.41
CA LEU A 205 13.26 -20.15 -21.73
C LEU A 205 12.08 -20.69 -22.51
N THR A 206 12.20 -21.92 -23.00
CA THR A 206 11.14 -22.59 -23.72
C THR A 206 10.50 -23.66 -22.84
N LEU A 207 9.27 -24.02 -23.18
CA LEU A 207 8.53 -24.99 -22.40
C LEU A 207 9.11 -26.39 -22.55
N ASP A 208 9.77 -26.67 -23.66
CA ASP A 208 10.31 -27.99 -23.93
C ASP A 208 11.64 -28.26 -23.27
N ASN A 209 12.19 -27.29 -22.55
CA ASN A 209 13.47 -27.44 -21.88
C ASN A 209 13.34 -27.63 -20.38
N GLN A 210 12.12 -27.83 -19.88
CA GLN A 210 11.87 -28.07 -18.46
C GLN A 210 11.05 -29.34 -18.33
N ASP A 211 11.55 -30.30 -17.56
CA ASP A 211 10.82 -31.54 -17.35
C ASP A 211 9.67 -31.33 -16.37
N LEU A 212 8.85 -32.36 -16.19
CA LEU A 212 7.67 -32.23 -15.35
C LEU A 212 8.00 -32.11 -13.88
N ASN A 213 9.20 -32.51 -13.46
CA ASN A 213 9.63 -32.21 -12.08
C ASN A 213 9.89 -30.73 -11.91
N GLY A 214 10.53 -30.10 -12.90
CA GLY A 214 10.81 -28.68 -12.84
C GLY A 214 12.23 -28.33 -13.23
N ASN A 215 13.06 -29.34 -13.40
CA ASN A 215 14.47 -29.11 -13.72
C ASN A 215 14.64 -28.62 -15.15
N TRP A 216 15.58 -27.72 -15.35
CA TRP A 216 15.95 -27.22 -16.67
C TRP A 216 17.23 -27.89 -17.13
N TYR A 217 17.30 -28.26 -18.40
CA TYR A 217 18.40 -29.10 -18.86
C TYR A 217 18.94 -28.75 -20.24
N ASP A 218 18.55 -27.64 -20.85
CA ASP A 218 19.02 -27.30 -22.19
C ASP A 218 19.63 -25.91 -22.17
N PHE A 219 20.90 -25.82 -22.58
CA PHE A 219 21.64 -24.57 -22.63
C PHE A 219 22.29 -24.38 -24.00
N GLY A 220 21.57 -24.74 -25.06
CA GLY A 220 22.17 -24.68 -26.38
C GLY A 220 22.43 -23.26 -26.86
N ASP A 221 21.49 -22.35 -26.62
CA ASP A 221 21.58 -20.98 -27.12
C ASP A 221 21.66 -19.96 -25.99
N PHE A 222 22.37 -20.29 -24.91
CA PHE A 222 22.44 -19.43 -23.73
C PHE A 222 23.69 -18.58 -23.81
N ILE A 223 23.53 -17.34 -24.28
CA ILE A 223 24.64 -16.42 -24.34
C ILE A 223 24.99 -15.92 -22.93
N GLN A 224 26.27 -15.98 -22.60
CA GLN A 224 26.73 -15.44 -21.32
C GLN A 224 27.30 -14.05 -21.54
N THR A 225 27.17 -13.22 -20.51
CA THR A 225 27.59 -11.82 -20.56
C THR A 225 28.28 -11.50 -19.24
N THR A 226 28.45 -10.21 -18.95
CA THR A 226 29.01 -9.78 -17.68
C THR A 226 28.10 -10.28 -16.55
N PRO A 227 28.65 -10.92 -15.51
CA PRO A 227 27.79 -11.55 -14.50
C PRO A 227 26.92 -10.54 -13.77
N GLY A 228 25.66 -10.93 -13.55
CA GLY A 228 24.70 -10.07 -12.92
C GLY A 228 23.91 -9.18 -13.85
N SER A 229 24.18 -9.23 -15.16
CA SER A 229 23.48 -8.36 -16.11
C SER A 229 22.71 -9.17 -17.15
N GLY A 230 22.60 -10.47 -16.96
CA GLY A 230 21.84 -11.30 -17.88
C GLY A 230 20.35 -11.28 -17.56
N VAL A 231 19.54 -11.47 -18.60
CA VAL A 231 18.09 -11.41 -18.42
C VAL A 231 17.47 -12.64 -19.04
N PRO A 232 16.52 -13.30 -18.38
CA PRO A 232 15.79 -14.40 -19.01
C PRO A 232 14.59 -13.90 -19.80
N VAL A 233 14.36 -14.53 -20.94
CA VAL A 233 13.24 -14.19 -21.82
C VAL A 233 12.14 -15.21 -21.57
N VAL A 234 11.11 -14.79 -20.84
CA VAL A 234 10.05 -15.70 -20.43
C VAL A 234 8.72 -15.27 -21.04
N ASP A 235 8.78 -14.54 -22.15
CA ASP A 235 7.55 -14.13 -22.83
C ASP A 235 6.80 -15.33 -23.39
N SER A 236 7.52 -16.29 -23.97
CA SER A 236 6.91 -17.46 -24.58
C SER A 236 6.78 -18.63 -23.62
N TYR A 237 7.28 -18.51 -22.39
CA TYR A 237 7.15 -19.58 -21.40
C TYR A 237 5.88 -19.42 -20.58
N TYR A 238 5.74 -18.29 -19.88
CA TYR A 238 4.58 -18.06 -19.05
C TYR A 238 3.30 -17.91 -19.85
N SER A 239 3.36 -17.47 -21.10
CA SER A 239 2.17 -17.24 -21.89
C SER A 239 1.49 -18.51 -22.36
N LEU A 240 2.24 -19.49 -22.88
CA LEU A 240 1.61 -20.76 -23.26
C LEU A 240 1.16 -21.54 -22.04
N LEU A 241 1.93 -21.49 -20.96
CA LEU A 241 1.58 -22.18 -19.73
C LEU A 241 0.41 -21.53 -19.01
N MET A 242 0.03 -20.31 -19.39
CA MET A 242 -0.97 -19.51 -18.71
C MET A 242 -2.35 -20.18 -18.64
N PRO A 243 -2.90 -20.76 -19.71
CA PRO A 243 -4.18 -21.46 -19.56
C PRO A 243 -4.12 -22.69 -18.66
N ILE A 244 -2.95 -23.29 -18.46
CA ILE A 244 -2.85 -24.46 -17.59
C ILE A 244 -2.93 -24.08 -16.11
N LEU A 245 -2.53 -22.86 -15.76
CA LEU A 245 -2.51 -22.43 -14.36
C LEU A 245 -3.89 -22.34 -13.73
N THR A 246 -4.94 -22.28 -14.53
CA THR A 246 -6.29 -22.33 -13.98
C THR A 246 -7.05 -23.59 -14.35
N LEU A 247 -6.67 -24.30 -15.42
CA LEU A 247 -7.28 -25.59 -15.71
C LEU A 247 -6.93 -26.60 -14.63
N THR A 248 -5.68 -26.59 -14.17
CA THR A 248 -5.21 -27.52 -13.15
C THR A 248 -5.23 -26.89 -11.76
N ARG A 249 -5.62 -25.64 -11.65
CA ARG A 249 -5.70 -24.91 -10.38
C ARG A 249 -4.36 -24.96 -9.64
N ALA A 250 -3.34 -24.40 -10.30
CA ALA A 250 -1.98 -24.53 -9.81
C ALA A 250 -1.71 -23.68 -8.57
N LEU A 251 -2.55 -22.69 -8.27
CA LEU A 251 -2.31 -21.79 -7.16
C LEU A 251 -3.25 -22.04 -5.98
N THR A 252 -3.92 -23.19 -5.95
CA THR A 252 -4.81 -23.51 -4.83
C THR A 252 -4.05 -23.82 -3.55
N ALA A 253 -2.73 -23.95 -3.61
CA ALA A 253 -1.92 -24.15 -2.43
C ALA A 253 -1.55 -22.85 -1.73
N GLU A 254 -1.94 -21.71 -2.31
CA GLU A 254 -1.67 -20.41 -1.71
C GLU A 254 -2.76 -19.96 -0.75
N SER A 255 -3.85 -20.73 -0.62
CA SER A 255 -4.90 -20.44 0.33
C SER A 255 -4.68 -21.16 1.65
N HIS A 256 -3.55 -21.85 1.79
CA HIS A 256 -3.20 -22.56 3.00
C HIS A 256 -2.05 -21.84 3.69
N VAL A 257 -2.06 -21.87 5.03
CA VAL A 257 -1.01 -21.21 5.79
C VAL A 257 0.32 -21.90 5.52
N ASP A 258 1.37 -21.09 5.38
CA ASP A 258 2.72 -21.53 4.98
C ASP A 258 2.75 -22.20 3.61
N THR A 259 1.68 -22.02 2.83
CA THR A 259 1.55 -22.58 1.48
C THR A 259 1.82 -24.09 1.47
N ASP A 260 1.29 -24.77 2.47
CA ASP A 260 1.45 -26.22 2.62
C ASP A 260 0.08 -26.87 2.48
N LEU A 261 -0.01 -27.87 1.60
CA LEU A 261 -1.29 -28.50 1.29
C LEU A 261 -1.87 -29.28 2.47
N THR A 262 -1.06 -29.63 3.46
CA THR A 262 -1.56 -30.32 4.64
C THR A 262 -2.05 -29.38 5.73
N LYS A 263 -1.60 -28.13 5.72
CA LYS A 263 -2.02 -27.15 6.72
C LYS A 263 -3.46 -26.70 6.45
N PRO A 264 -4.15 -26.22 7.48
CA PRO A 264 -5.50 -25.69 7.26
C PRO A 264 -5.49 -24.39 6.49
N TYR A 265 -6.68 -23.94 6.12
CA TYR A 265 -6.85 -22.75 5.29
C TYR A 265 -6.41 -21.50 6.05
N ILE A 266 -5.97 -20.50 5.30
CA ILE A 266 -5.70 -19.19 5.90
C ILE A 266 -6.99 -18.61 6.43
N LYS A 267 -6.96 -18.12 7.66
CA LYS A 267 -8.16 -17.82 8.42
C LYS A 267 -8.46 -16.35 8.16
N TRP A 268 -8.86 -16.04 6.93
CA TRP A 268 -8.93 -14.66 6.45
C TRP A 268 -9.90 -13.81 7.25
N ASP A 269 -9.54 -12.54 7.38
CA ASP A 269 -10.41 -11.56 8.00
C ASP A 269 -11.63 -11.29 7.12
N LEU A 270 -12.79 -11.16 7.74
CA LEU A 270 -14.02 -10.96 6.99
C LEU A 270 -14.09 -9.57 6.37
N LEU A 271 -13.64 -8.55 7.10
CA LEU A 271 -13.78 -7.16 6.68
C LEU A 271 -12.72 -6.75 5.67
N LYS A 272 -11.78 -7.64 5.34
CA LYS A 272 -10.67 -7.29 4.45
C LYS A 272 -11.14 -7.42 3.00
N TYR A 273 -10.94 -6.34 2.23
CA TYR A 273 -11.31 -6.32 0.82
C TYR A 273 -10.19 -5.87 -0.09
N ASP A 274 -9.15 -5.22 0.43
CA ASP A 274 -8.05 -4.71 -0.37
C ASP A 274 -6.92 -5.72 -0.30
N PHE A 275 -6.78 -6.53 -1.36
CA PHE A 275 -5.72 -7.55 -1.45
C PHE A 275 -4.63 -7.14 -2.42
N THR A 276 -4.34 -5.84 -2.52
CA THR A 276 -3.32 -5.37 -3.46
C THR A 276 -1.95 -5.90 -3.08
N GLU A 277 -1.62 -5.88 -1.79
CA GLU A 277 -0.32 -6.39 -1.34
C GLU A 277 -0.18 -7.88 -1.60
N GLU A 278 -1.24 -8.66 -1.35
CA GLU A 278 -1.18 -10.08 -1.62
C GLU A 278 -1.03 -10.37 -3.11
N ARG A 279 -1.74 -9.62 -3.95
CA ARG A 279 -1.60 -9.80 -5.39
C ARG A 279 -0.19 -9.48 -5.85
N LEU A 280 0.40 -8.39 -5.34
CA LEU A 280 1.77 -8.05 -5.70
C LEU A 280 2.75 -9.11 -5.22
N LYS A 281 2.54 -9.65 -4.01
CA LYS A 281 3.42 -10.69 -3.50
C LYS A 281 3.34 -11.95 -4.35
N LEU A 282 2.12 -12.34 -4.75
CA LEU A 282 1.97 -13.50 -5.63
C LEU A 282 2.64 -13.27 -6.97
N PHE A 283 2.47 -12.07 -7.54
CA PHE A 283 3.08 -11.78 -8.83
C PHE A 283 4.60 -11.81 -8.74
N ASP A 284 5.17 -11.23 -7.68
CA ASP A 284 6.62 -11.23 -7.53
C ASP A 284 7.17 -12.58 -7.09
N ARG A 285 6.33 -13.48 -6.59
CA ARG A 285 6.80 -14.82 -6.27
C ARG A 285 6.76 -15.75 -7.46
N TYR A 286 5.72 -15.68 -8.29
CA TYR A 286 5.56 -16.59 -9.41
C TYR A 286 6.00 -15.99 -10.73
N PHE A 287 5.40 -14.88 -11.13
CA PHE A 287 5.75 -14.22 -12.39
C PHE A 287 6.73 -13.09 -12.15
N LYS A 288 7.87 -13.43 -11.54
CA LYS A 288 8.81 -12.41 -11.10
C LYS A 288 9.47 -11.71 -12.28
N TYR A 289 9.93 -12.48 -13.26
CA TYR A 289 10.67 -11.94 -14.38
C TYR A 289 9.80 -11.63 -15.59
N TRP A 290 8.49 -11.74 -15.45
CA TRP A 290 7.58 -11.19 -16.45
C TRP A 290 7.70 -9.67 -16.40
N ASP A 291 8.39 -9.09 -17.38
CA ASP A 291 8.89 -7.73 -17.26
C ASP A 291 7.85 -6.66 -17.58
N GLN A 292 6.64 -7.04 -17.96
CA GLN A 292 5.61 -6.03 -18.14
C GLN A 292 5.08 -5.58 -16.78
N THR A 293 4.62 -4.33 -16.74
CA THR A 293 4.09 -3.76 -15.51
C THR A 293 2.75 -4.41 -15.16
N TYR A 294 2.55 -4.67 -13.87
CA TYR A 294 1.31 -5.30 -13.41
C TYR A 294 0.66 -4.39 -12.37
N HIS A 295 -0.56 -3.94 -12.65
CA HIS A 295 -1.32 -3.15 -11.70
C HIS A 295 -2.41 -4.02 -11.10
N PRO A 296 -2.37 -4.30 -9.80
CA PRO A 296 -3.46 -5.11 -9.20
C PRO A 296 -4.83 -4.47 -9.35
N ASN A 297 -4.92 -3.16 -9.15
CA ASN A 297 -6.15 -2.43 -9.42
C ASN A 297 -6.08 -1.88 -10.84
N CYS A 298 -7.04 -2.27 -11.67
CA CYS A 298 -7.00 -1.92 -13.09
C CYS A 298 -7.30 -0.46 -13.35
N VAL A 299 -7.68 0.32 -12.32
CA VAL A 299 -7.94 1.73 -12.50
C VAL A 299 -6.69 2.52 -12.87
N ASN A 300 -5.50 1.96 -12.60
CA ASN A 300 -4.25 2.63 -12.90
C ASN A 300 -3.66 2.23 -14.25
N CYS A 301 -4.38 1.44 -15.04
CA CYS A 301 -3.83 0.87 -16.26
C CYS A 301 -3.59 1.92 -17.32
N LEU A 302 -2.66 1.62 -18.23
CA LEU A 302 -2.22 2.58 -19.24
C LEU A 302 -3.28 2.78 -20.33
N ASP A 303 -3.87 1.69 -20.80
CA ASP A 303 -4.82 1.72 -21.92
C ASP A 303 -5.63 0.43 -21.89
N ASP A 304 -6.37 0.17 -22.97
CA ASP A 304 -7.21 -1.01 -23.04
C ASP A 304 -6.42 -2.29 -23.29
N ARG A 305 -5.14 -2.20 -23.64
CA ARG A 305 -4.28 -3.36 -23.71
C ARG A 305 -3.57 -3.64 -22.40
N CYS A 306 -3.59 -2.69 -21.47
CA CYS A 306 -3.09 -2.93 -20.12
C CYS A 306 -4.20 -3.39 -19.18
N ILE A 307 -5.46 -3.05 -19.47
CA ILE A 307 -6.57 -3.57 -18.68
C ILE A 307 -6.69 -5.08 -18.87
N LEU A 308 -6.56 -5.56 -20.10
CA LEU A 308 -6.68 -6.99 -20.37
C LEU A 308 -5.56 -7.77 -19.69
N HIS A 309 -4.34 -7.26 -19.72
CA HIS A 309 -3.20 -7.96 -19.15
C HIS A 309 -3.30 -8.09 -17.63
N CYS A 310 -3.55 -6.97 -16.95
CA CYS A 310 -3.69 -6.99 -15.51
C CYS A 310 -4.95 -7.76 -15.09
N ALA A 311 -6.02 -7.68 -15.87
CA ALA A 311 -7.21 -8.48 -15.58
C ALA A 311 -6.93 -9.97 -15.73
N ASN A 312 -6.12 -10.34 -16.72
CA ASN A 312 -5.74 -11.73 -16.88
C ASN A 312 -4.94 -12.22 -15.69
N PHE A 313 -4.05 -11.40 -15.16
CA PHE A 313 -3.31 -11.82 -13.97
C PHE A 313 -4.23 -11.88 -12.76
N ASN A 314 -5.17 -10.94 -12.65
CA ASN A 314 -6.07 -10.90 -11.51
C ASN A 314 -7.05 -12.07 -11.48
N VAL A 315 -7.53 -12.52 -12.64
CA VAL A 315 -8.51 -13.60 -12.66
C VAL A 315 -7.95 -14.89 -12.07
N LEU A 316 -6.63 -15.08 -12.11
CA LEU A 316 -6.02 -16.18 -11.37
C LEU A 316 -5.68 -15.76 -9.94
N PHE A 317 -5.15 -14.56 -9.75
CA PHE A 317 -4.81 -14.13 -8.39
C PHE A 317 -6.01 -13.96 -7.49
N SER A 318 -7.23 -13.92 -8.04
CA SER A 318 -8.44 -13.81 -7.24
C SER A 318 -9.04 -15.17 -6.89
N THR A 319 -8.40 -16.27 -7.30
CA THR A 319 -8.87 -17.60 -6.95
C THR A 319 -8.26 -18.11 -5.66
N VAL A 320 -7.39 -17.32 -5.02
CA VAL A 320 -6.79 -17.69 -3.74
C VAL A 320 -7.36 -16.88 -2.59
N PHE A 321 -8.23 -15.92 -2.88
CA PHE A 321 -8.87 -15.04 -1.92
C PHE A 321 -10.29 -15.53 -1.63
N PRO A 322 -10.84 -15.24 -0.45
CA PRO A 322 -12.16 -15.77 -0.11
C PRO A 322 -13.23 -15.19 -1.02
N PRO A 323 -14.24 -15.97 -1.37
CA PRO A 323 -15.29 -15.47 -2.27
C PRO A 323 -16.23 -14.46 -1.63
N THR A 324 -16.20 -14.32 -0.30
CA THR A 324 -17.05 -13.34 0.38
C THR A 324 -16.44 -11.95 0.39
N SER A 325 -15.17 -11.80 0.01
CA SER A 325 -14.51 -10.51 0.00
C SER A 325 -14.77 -9.73 -1.28
N PHE A 326 -15.36 -10.35 -2.29
CA PHE A 326 -15.73 -9.66 -3.52
C PHE A 326 -17.13 -9.06 -3.35
N GLY A 327 -17.73 -8.61 -4.44
CA GLY A 327 -19.02 -7.97 -4.36
C GLY A 327 -18.88 -6.49 -4.07
N PRO A 328 -20.00 -5.78 -4.00
CA PRO A 328 -19.95 -4.34 -3.77
C PRO A 328 -19.41 -3.99 -2.39
N LEU A 329 -18.76 -2.83 -2.32
CA LEU A 329 -18.20 -2.30 -1.07
C LEU A 329 -19.17 -1.27 -0.53
N VAL A 330 -19.92 -1.64 0.52
CA VAL A 330 -20.92 -0.76 1.09
C VAL A 330 -20.29 0.16 2.13
N ARG A 331 -21.00 1.22 2.48
CA ARG A 331 -20.51 2.21 3.42
C ARG A 331 -21.71 2.97 3.97
N LYS A 332 -21.79 3.07 5.29
CA LYS A 332 -22.91 3.70 5.96
C LYS A 332 -22.84 5.21 5.75
N ILE A 333 -23.69 5.72 4.86
CA ILE A 333 -23.83 7.15 4.67
C ILE A 333 -25.09 7.61 5.39
N PHE A 334 -25.21 8.91 5.58
CA PHE A 334 -26.34 9.50 6.28
C PHE A 334 -27.04 10.49 5.36
N VAL A 335 -28.33 10.31 5.17
CA VAL A 335 -29.17 11.23 4.41
C VAL A 335 -30.24 11.79 5.35
N ASP A 336 -30.37 13.11 5.35
CA ASP A 336 -31.45 13.82 6.02
C ASP A 336 -31.48 13.49 7.51
N GLY A 337 -30.32 13.09 8.04
CA GLY A 337 -30.20 12.61 9.39
C GLY A 337 -30.52 11.16 9.60
N VAL A 338 -30.76 10.39 8.54
CA VAL A 338 -31.14 8.99 8.66
C VAL A 338 -30.07 8.12 7.99
N PRO A 339 -29.62 7.03 8.62
CA PRO A 339 -28.48 6.27 8.05
C PRO A 339 -28.84 5.31 6.94
N PHE A 340 -28.43 5.63 5.71
CA PHE A 340 -28.39 4.64 4.63
C PHE A 340 -27.21 3.71 4.77
N VAL A 341 -27.22 2.65 3.97
CA VAL A 341 -26.05 1.84 3.69
C VAL A 341 -26.04 1.56 2.18
N VAL A 342 -25.10 2.18 1.47
CA VAL A 342 -25.07 2.13 0.01
C VAL A 342 -23.70 1.67 -0.44
N SER A 343 -23.66 1.17 -1.68
CA SER A 343 -22.44 0.68 -2.29
C SER A 343 -21.66 1.83 -2.90
N THR A 344 -20.48 2.10 -2.35
CA THR A 344 -19.59 3.14 -2.84
C THR A 344 -18.44 2.57 -3.65
N GLY A 345 -18.57 1.33 -4.13
CA GLY A 345 -17.54 0.73 -4.94
C GLY A 345 -17.78 -0.72 -5.26
N TYR A 346 -16.75 -1.38 -5.80
CA TYR A 346 -16.77 -2.78 -6.17
C TYR A 346 -15.34 -3.30 -6.00
N HIS A 347 -15.23 -4.59 -5.69
CA HIS A 347 -13.97 -5.33 -5.69
C HIS A 347 -14.12 -6.39 -6.76
N PHE A 348 -13.76 -6.06 -7.99
CA PHE A 348 -13.81 -7.04 -9.07
C PHE A 348 -12.82 -8.16 -8.84
N ARG A 349 -13.15 -9.35 -9.34
CA ARG A 349 -12.15 -10.42 -9.40
C ARG A 349 -11.11 -10.14 -10.47
N GLU A 350 -11.48 -9.36 -11.49
CA GLU A 350 -10.58 -9.12 -12.62
C GLU A 350 -10.03 -7.70 -12.63
N LEU A 351 -10.87 -6.71 -12.35
CA LEU A 351 -10.46 -5.31 -12.40
C LEU A 351 -9.95 -4.80 -11.05
N GLY A 352 -9.88 -5.67 -10.04
CA GLY A 352 -9.39 -5.25 -8.75
C GLY A 352 -10.40 -4.39 -8.01
N VAL A 353 -9.87 -3.54 -7.13
CA VAL A 353 -10.67 -2.66 -6.30
C VAL A 353 -10.92 -1.36 -7.05
N VAL A 354 -12.19 -0.97 -7.17
CA VAL A 354 -12.57 0.27 -7.82
C VAL A 354 -13.42 1.08 -6.85
N HIS A 355 -13.04 2.33 -6.62
CA HIS A 355 -13.72 3.20 -5.68
C HIS A 355 -14.49 4.28 -6.43
N ASN A 356 -15.69 4.59 -5.93
CA ASN A 356 -16.47 5.67 -6.52
C ASN A 356 -15.83 7.02 -6.25
N GLN A 357 -15.79 7.85 -7.30
CA GLN A 357 -15.24 9.18 -7.17
C GLN A 357 -16.23 10.17 -6.56
N ASP A 358 -17.52 9.87 -6.56
CA ASP A 358 -18.56 10.77 -6.07
C ASP A 358 -19.38 10.07 -5.01
N VAL A 359 -18.96 10.20 -3.75
CA VAL A 359 -19.71 9.71 -2.61
C VAL A 359 -20.11 10.95 -1.82
N ASN A 360 -21.38 11.02 -1.42
CA ASN A 360 -21.94 12.15 -0.67
C ASN A 360 -22.36 11.62 0.70
N LEU A 361 -21.44 11.68 1.67
CA LEU A 361 -21.69 11.13 2.99
C LEU A 361 -22.82 11.82 3.73
N HIS A 362 -23.02 13.11 3.51
CA HIS A 362 -24.07 13.88 4.19
C HIS A 362 -24.89 14.58 3.11
N SER A 363 -25.94 13.90 2.65
CA SER A 363 -26.83 14.45 1.63
C SER A 363 -28.06 15.04 2.30
N SER A 364 -28.69 15.98 1.60
CA SER A 364 -29.88 16.65 2.12
C SER A 364 -31.15 16.28 1.36
N ARG A 365 -31.18 16.49 0.05
CA ARG A 365 -32.33 16.16 -0.78
C ARG A 365 -31.94 15.09 -1.78
N LEU A 366 -32.79 14.09 -1.94
CA LEU A 366 -32.57 13.01 -2.89
C LEU A 366 -33.48 13.24 -4.10
N SER A 367 -32.87 13.51 -5.24
CA SER A 367 -33.62 13.71 -6.48
C SER A 367 -33.94 12.35 -7.09
N PHE A 368 -34.63 12.35 -8.23
CA PHE A 368 -35.04 11.10 -8.86
C PHE A 368 -33.84 10.26 -9.28
N LYS A 369 -32.75 10.91 -9.69
CA LYS A 369 -31.53 10.18 -10.01
C LYS A 369 -30.99 9.47 -8.77
N GLU A 370 -30.99 10.16 -7.63
CA GLU A 370 -30.49 9.55 -6.40
C GLU A 370 -31.39 8.42 -5.92
N LEU A 371 -32.71 8.59 -6.00
CA LEU A 371 -33.60 7.49 -5.67
C LEU A 371 -33.37 6.30 -6.60
N LEU A 372 -33.19 6.56 -7.89
CA LEU A 372 -32.96 5.48 -8.85
C LEU A 372 -31.69 4.72 -8.52
N VAL A 373 -30.61 5.44 -8.22
CA VAL A 373 -29.34 4.79 -7.91
C VAL A 373 -29.44 4.01 -6.60
N TYR A 374 -30.01 4.62 -5.56
CA TYR A 374 -30.07 3.96 -4.26
C TYR A 374 -31.11 2.85 -4.20
N ALA A 375 -32.03 2.78 -5.15
CA ALA A 375 -32.94 1.65 -5.24
C ALA A 375 -32.43 0.55 -6.15
N ALA A 376 -31.59 0.89 -7.13
CA ALA A 376 -31.08 -0.13 -8.04
C ALA A 376 -30.05 -1.03 -7.39
N ASP A 377 -29.19 -0.47 -6.55
CA ASP A 377 -28.07 -1.23 -6.00
C ASP A 377 -28.54 -2.26 -4.98
N PRO A 378 -27.85 -3.40 -4.90
CA PRO A 378 -28.25 -4.46 -3.96
C PRO A 378 -27.84 -4.22 -2.52
N ALA A 379 -27.13 -3.14 -2.22
CA ALA A 379 -26.71 -2.89 -0.84
C ALA A 379 -27.91 -2.73 0.09
N MET A 380 -28.91 -1.97 -0.34
CA MET A 380 -30.12 -1.79 0.44
C MET A 380 -30.80 -3.13 0.72
N HIS A 381 -31.03 -3.91 -0.33
CA HIS A 381 -31.81 -5.14 -0.19
C HIS A 381 -31.03 -6.21 0.55
N ALA A 382 -29.75 -6.40 0.20
CA ALA A 382 -28.95 -7.41 0.88
C ALA A 382 -28.73 -7.06 2.35
N ALA A 383 -28.52 -5.78 2.64
CA ALA A 383 -28.39 -5.36 4.04
C ALA A 383 -29.69 -5.58 4.80
N SER A 384 -30.82 -5.27 4.18
CA SER A 384 -32.11 -5.42 4.85
C SER A 384 -32.54 -6.87 4.94
N GLY A 385 -32.19 -7.67 3.93
CA GLY A 385 -32.68 -9.02 3.82
C GLY A 385 -32.10 -9.99 4.84
N ASN A 386 -32.74 -11.15 4.93
CA ASN A 386 -32.30 -12.21 5.82
C ASN A 386 -31.20 -13.03 5.16
N LEU A 387 -30.35 -13.65 5.98
CA LEU A 387 -29.26 -14.45 5.48
C LEU A 387 -29.77 -15.76 4.91
N LEU A 388 -29.18 -16.17 3.79
CA LEU A 388 -29.62 -17.34 3.04
C LEU A 388 -28.49 -18.35 2.94
N LEU A 389 -28.84 -19.63 3.06
CA LEU A 389 -27.92 -20.73 2.81
C LEU A 389 -28.64 -21.71 1.90
N ASP A 390 -28.39 -21.63 0.60
CA ASP A 390 -29.07 -22.44 -0.40
C ASP A 390 -28.17 -23.61 -0.77
N LYS A 391 -28.60 -24.82 -0.43
CA LYS A 391 -27.85 -26.03 -0.75
C LYS A 391 -28.25 -26.63 -2.09
N ARG A 392 -29.22 -26.04 -2.79
CA ARG A 392 -29.61 -26.55 -4.09
C ARG A 392 -28.53 -26.29 -5.13
N THR A 393 -27.75 -25.22 -4.96
CA THR A 393 -26.73 -24.82 -5.92
C THR A 393 -25.40 -24.64 -5.21
N THR A 394 -24.33 -24.77 -6.00
CA THR A 394 -22.99 -24.49 -5.50
C THR A 394 -22.61 -23.02 -5.60
N CYS A 395 -23.44 -22.20 -6.23
CA CYS A 395 -23.17 -20.77 -6.35
C CYS A 395 -23.34 -20.08 -5.01
N PHE A 396 -22.61 -18.98 -4.83
CA PHE A 396 -22.68 -18.24 -3.58
C PHE A 396 -24.03 -17.57 -3.43
N SER A 397 -24.64 -17.72 -2.26
CA SER A 397 -25.94 -17.13 -1.95
C SER A 397 -25.75 -16.03 -0.92
N VAL A 398 -26.36 -14.87 -1.17
CA VAL A 398 -26.15 -13.71 -0.31
C VAL A 398 -27.29 -13.54 0.68
N ALA A 399 -28.51 -13.34 0.19
CA ALA A 399 -29.63 -13.02 1.08
C ALA A 399 -30.93 -13.42 0.41
N ALA A 400 -31.98 -13.48 1.23
CA ALA A 400 -33.34 -13.72 0.76
C ALA A 400 -34.22 -12.62 1.33
N LEU A 401 -34.90 -11.89 0.45
CA LEU A 401 -35.65 -10.71 0.88
C LEU A 401 -36.91 -11.11 1.64
N THR A 402 -37.84 -11.80 0.97
CA THR A 402 -39.08 -12.21 1.59
C THR A 402 -38.84 -13.40 2.51
N ASN A 403 -39.84 -13.71 3.34
CA ASN A 403 -39.68 -14.71 4.39
C ASN A 403 -39.86 -16.14 3.90
N ASN A 404 -40.28 -16.35 2.65
CA ASN A 404 -40.41 -17.69 2.12
C ASN A 404 -39.92 -17.73 0.67
N VAL A 405 -39.22 -18.81 0.34
CA VAL A 405 -38.65 -18.94 -1.00
C VAL A 405 -39.76 -19.23 -1.99
N ALA A 406 -39.81 -18.43 -3.06
CA ALA A 406 -40.86 -18.54 -4.07
C ALA A 406 -40.44 -19.55 -5.13
N PHE A 407 -41.35 -20.47 -5.46
CA PHE A 407 -41.13 -21.47 -6.48
C PHE A 407 -42.02 -21.16 -7.68
N GLN A 408 -41.40 -21.00 -8.84
CA GLN A 408 -42.11 -20.61 -10.06
C GLN A 408 -42.06 -21.77 -11.05
N THR A 409 -43.22 -22.14 -11.56
CA THR A 409 -43.35 -23.21 -12.55
C THR A 409 -43.68 -22.62 -13.92
N VAL A 410 -43.69 -23.51 -14.91
CA VAL A 410 -44.04 -23.14 -16.28
C VAL A 410 -45.26 -23.96 -16.69
N LYS A 411 -46.32 -23.27 -17.09
CA LYS A 411 -47.51 -23.94 -17.56
C LYS A 411 -47.26 -24.60 -18.91
N PRO A 412 -47.98 -25.66 -19.24
CA PRO A 412 -47.91 -26.23 -20.58
C PRO A 412 -48.60 -25.33 -21.60
N GLY A 413 -48.39 -25.65 -22.86
CA GLY A 413 -49.00 -24.89 -23.92
C GLY A 413 -50.48 -25.16 -24.03
N ASN A 414 -51.11 -24.42 -24.94
CA ASN A 414 -52.55 -24.51 -25.15
C ASN A 414 -52.83 -25.09 -26.52
N PHE A 415 -53.60 -26.17 -26.55
CA PHE A 415 -53.82 -26.93 -27.78
C PHE A 415 -54.83 -26.23 -28.68
N ASN A 416 -54.48 -26.09 -29.96
CA ASN A 416 -55.38 -25.56 -30.97
C ASN A 416 -55.97 -26.75 -31.72
N LYS A 417 -57.12 -27.23 -31.23
CA LYS A 417 -57.69 -28.46 -31.76
C LYS A 417 -58.20 -28.29 -33.19
N ASP A 418 -58.67 -27.09 -33.54
CA ASP A 418 -59.18 -26.86 -34.89
C ASP A 418 -58.06 -27.07 -35.91
N PHE A 419 -56.90 -26.46 -35.66
CA PHE A 419 -55.78 -26.59 -36.59
C PHE A 419 -55.29 -28.02 -36.70
N TYR A 420 -55.19 -28.73 -35.57
CA TYR A 420 -54.73 -30.11 -35.59
C TYR A 420 -55.72 -31.02 -36.31
N ASP A 421 -57.02 -30.81 -36.10
CA ASP A 421 -58.02 -31.59 -36.81
C ASP A 421 -57.97 -31.31 -38.31
N PHE A 422 -57.78 -30.04 -38.70
CA PHE A 422 -57.63 -29.72 -40.11
C PHE A 422 -56.39 -30.37 -40.69
N ALA A 423 -55.31 -30.43 -39.92
CA ALA A 423 -54.08 -31.06 -40.39
C ALA A 423 -54.25 -32.56 -40.59
N VAL A 424 -54.81 -33.25 -39.58
CA VAL A 424 -55.01 -34.69 -39.69
C VAL A 424 -56.09 -35.07 -40.69
N SER A 425 -56.94 -34.13 -41.07
CA SER A 425 -57.89 -34.37 -42.16
C SER A 425 -57.25 -34.16 -43.52
N LYS A 426 -56.00 -33.69 -43.57
CA LYS A 426 -55.30 -33.45 -44.82
C LYS A 426 -54.16 -34.45 -45.06
N GLY A 427 -54.14 -35.55 -44.31
CA GLY A 427 -53.14 -36.57 -44.53
C GLY A 427 -51.83 -36.37 -43.81
N PHE A 428 -51.85 -35.71 -42.65
CA PHE A 428 -50.66 -35.43 -41.88
C PHE A 428 -50.59 -36.27 -40.61
N PHE A 429 -49.39 -36.29 -40.01
CA PHE A 429 -49.12 -36.90 -38.71
C PHE A 429 -49.35 -38.41 -38.70
N LYS A 430 -48.93 -39.11 -39.75
CA LYS A 430 -49.04 -40.55 -39.80
C LYS A 430 -47.76 -41.21 -39.29
N GLU A 431 -47.80 -42.54 -39.22
CA GLU A 431 -46.57 -43.30 -39.25
C GLU A 431 -45.94 -43.25 -40.64
N GLY A 432 -44.61 -43.36 -40.69
CA GLY A 432 -43.91 -43.28 -41.96
C GLY A 432 -43.85 -41.87 -42.52
N SER A 433 -44.24 -40.89 -41.71
CA SER A 433 -44.20 -39.48 -42.08
C SER A 433 -42.84 -38.89 -41.73
N SER A 434 -42.31 -38.09 -42.64
CA SER A 434 -41.09 -37.33 -42.39
C SER A 434 -41.36 -36.05 -41.62
N VAL A 435 -42.62 -35.73 -41.35
CA VAL A 435 -43.00 -34.49 -40.68
C VAL A 435 -43.97 -34.87 -39.57
N GLU A 436 -43.51 -34.82 -38.32
CA GLU A 436 -44.38 -34.93 -37.17
C GLU A 436 -43.97 -33.93 -36.12
N LEU A 437 -44.86 -33.71 -35.16
CA LEU A 437 -44.64 -32.70 -34.14
C LEU A 437 -43.39 -33.01 -33.32
N LYS A 438 -42.43 -32.07 -33.34
CA LYS A 438 -41.19 -32.20 -32.57
C LYS A 438 -40.88 -30.99 -31.70
N HIS A 439 -41.53 -29.84 -31.93
CA HIS A 439 -41.39 -28.68 -31.07
C HIS A 439 -42.70 -28.54 -30.27
N PHE A 440 -42.61 -28.72 -28.96
CA PHE A 440 -43.76 -28.63 -28.08
C PHE A 440 -43.53 -27.53 -27.05
N PHE A 441 -44.55 -27.31 -26.23
CA PHE A 441 -44.44 -26.41 -25.09
C PHE A 441 -44.18 -27.25 -23.85
N PHE A 442 -42.91 -27.40 -23.48
CA PHE A 442 -42.56 -28.20 -22.33
C PHE A 442 -42.81 -27.43 -21.04
N ALA A 443 -43.38 -28.12 -20.07
CA ALA A 443 -43.66 -27.54 -18.76
C ALA A 443 -42.54 -27.90 -17.79
N GLN A 444 -42.47 -27.16 -16.69
CA GLN A 444 -41.45 -27.37 -15.68
C GLN A 444 -42.07 -27.32 -14.29
N ASP A 445 -41.40 -27.96 -13.35
CA ASP A 445 -41.85 -27.98 -11.96
C ASP A 445 -41.38 -26.70 -11.25
N GLY A 446 -41.51 -26.68 -9.92
CA GLY A 446 -41.07 -25.54 -9.15
C GLY A 446 -39.58 -25.39 -9.00
N ASN A 447 -38.81 -26.41 -9.37
CA ASN A 447 -37.35 -26.38 -9.30
C ASN A 447 -36.73 -26.08 -10.66
N ALA A 448 -37.37 -25.25 -11.47
CA ALA A 448 -36.84 -24.95 -12.80
C ALA A 448 -35.80 -23.85 -12.75
N ALA A 449 -36.19 -22.69 -12.22
CA ALA A 449 -35.29 -21.53 -12.22
C ALA A 449 -34.03 -21.79 -11.41
N ILE A 450 -34.15 -22.40 -10.23
CA ILE A 450 -32.99 -22.66 -9.38
C ILE A 450 -32.08 -23.74 -9.95
N SER A 451 -32.62 -24.73 -10.65
CA SER A 451 -31.79 -25.76 -11.26
C SER A 451 -31.23 -25.33 -12.61
N ASP A 452 -31.77 -24.28 -13.21
CA ASP A 452 -31.16 -23.71 -14.41
C ASP A 452 -30.14 -22.63 -14.10
N TYR A 453 -30.31 -21.90 -12.99
CA TYR A 453 -29.27 -20.98 -12.56
C TYR A 453 -28.04 -21.75 -12.09
N ASP A 454 -28.22 -23.00 -11.66
CA ASP A 454 -27.11 -23.84 -11.24
C ASP A 454 -26.17 -24.18 -12.39
N TYR A 455 -26.58 -23.96 -13.63
CA TYR A 455 -25.71 -24.23 -14.77
C TYR A 455 -24.54 -23.26 -14.86
N TYR A 456 -24.54 -22.19 -14.06
CA TYR A 456 -23.39 -21.31 -13.97
C TYR A 456 -22.20 -21.99 -13.30
N ARG A 457 -22.39 -23.14 -12.68
CA ARG A 457 -21.29 -23.92 -12.15
C ARG A 457 -20.33 -24.40 -13.23
N TYR A 458 -20.76 -24.41 -14.49
CA TYR A 458 -19.88 -24.74 -15.60
C TYR A 458 -18.91 -23.62 -15.93
N ASN A 459 -19.08 -22.44 -15.34
CA ASN A 459 -18.21 -21.30 -15.60
C ASN A 459 -17.08 -21.34 -14.58
N LEU A 460 -15.91 -21.68 -15.04
CA LEU A 460 -14.70 -21.74 -14.23
C LEU A 460 -13.89 -20.47 -14.41
N PRO A 461 -13.08 -20.09 -13.42
CA PRO A 461 -12.19 -18.95 -13.60
C PRO A 461 -11.07 -19.29 -14.56
N THR A 462 -11.16 -18.76 -15.78
CA THR A 462 -10.29 -19.16 -16.87
C THR A 462 -9.26 -18.07 -17.13
N MET A 463 -8.00 -18.44 -17.06
CA MET A 463 -6.90 -17.55 -17.39
C MET A 463 -6.52 -17.75 -18.86
N CYS A 464 -6.88 -16.77 -19.69
CA CYS A 464 -6.60 -16.88 -21.11
C CYS A 464 -5.14 -16.58 -21.38
N ASP A 465 -4.64 -17.11 -22.49
CA ASP A 465 -3.29 -16.77 -22.94
C ASP A 465 -3.25 -15.30 -23.34
N ILE A 466 -2.35 -14.54 -22.70
CA ILE A 466 -2.37 -13.09 -22.84
C ILE A 466 -1.54 -12.59 -24.01
N ARG A 467 -0.42 -13.24 -24.37
CA ARG A 467 0.37 -12.78 -25.49
C ARG A 467 -0.28 -13.08 -26.83
N GLN A 468 -1.31 -13.93 -26.86
CA GLN A 468 -2.07 -14.24 -28.06
C GLN A 468 -3.40 -13.52 -28.10
N LEU A 469 -4.05 -13.35 -26.95
CA LEU A 469 -5.29 -12.59 -26.89
C LEU A 469 -5.05 -11.13 -27.26
N LEU A 470 -3.90 -10.57 -26.89
CA LEU A 470 -3.59 -9.18 -27.22
C LEU A 470 -3.29 -8.96 -28.71
N PHE A 471 -3.34 -10.01 -29.51
CA PHE A 471 -3.27 -9.94 -30.96
C PHE A 471 -4.57 -10.33 -31.61
N VAL A 472 -5.28 -11.30 -31.04
CA VAL A 472 -6.63 -11.60 -31.50
C VAL A 472 -7.53 -10.38 -31.28
N VAL A 473 -7.25 -9.57 -30.26
CA VAL A 473 -7.97 -8.32 -30.07
C VAL A 473 -7.77 -7.39 -31.26
N GLU A 474 -6.53 -7.27 -31.73
CA GLU A 474 -6.26 -6.42 -32.89
C GLU A 474 -6.96 -6.95 -34.13
N VAL A 475 -6.95 -8.27 -34.33
CA VAL A 475 -7.62 -8.84 -35.49
C VAL A 475 -9.13 -8.60 -35.42
N VAL A 476 -9.72 -8.77 -34.23
CA VAL A 476 -11.15 -8.54 -34.07
C VAL A 476 -11.49 -7.07 -34.30
N ASP A 477 -10.65 -6.17 -33.80
CA ASP A 477 -10.88 -4.74 -34.05
C ASP A 477 -10.77 -4.40 -35.52
N LYS A 478 -9.87 -5.07 -36.25
CA LYS A 478 -9.84 -4.91 -37.70
C LYS A 478 -11.12 -5.42 -38.34
N TYR A 479 -11.67 -6.51 -37.82
CA TYR A 479 -12.98 -6.96 -38.29
C TYR A 479 -14.07 -5.93 -38.00
N PHE A 480 -13.91 -5.16 -36.92
CA PHE A 480 -14.89 -4.15 -36.52
C PHE A 480 -14.43 -2.74 -36.84
N ASP A 481 -13.76 -2.55 -37.98
CA ASP A 481 -13.20 -1.26 -38.34
C ASP A 481 -14.09 -0.44 -39.25
N CYS A 482 -15.03 -1.06 -39.94
CA CYS A 482 -15.86 -0.33 -40.90
C CYS A 482 -16.87 0.57 -40.20
N TYR A 483 -17.32 0.17 -39.01
CA TYR A 483 -18.40 0.87 -38.34
C TYR A 483 -17.87 2.08 -37.58
N ASP A 484 -18.80 2.95 -37.18
CA ASP A 484 -18.49 4.12 -36.37
C ASP A 484 -19.43 4.14 -35.16
N GLY A 485 -18.96 4.74 -34.07
CA GLY A 485 -19.73 4.77 -32.86
C GLY A 485 -19.29 5.89 -31.94
N GLY A 486 -20.00 6.00 -30.83
CA GLY A 486 -19.69 7.02 -29.84
C GLY A 486 -20.87 7.19 -28.90
N CYS A 487 -20.73 8.17 -28.02
CA CYS A 487 -21.79 8.50 -27.07
C CYS A 487 -22.82 9.41 -27.72
N ILE A 488 -24.07 9.24 -27.30
CA ILE A 488 -25.18 10.03 -27.81
C ILE A 488 -25.96 10.59 -26.64
N ASN A 489 -26.67 11.70 -26.89
CA ASN A 489 -27.46 12.33 -25.85
C ASN A 489 -28.74 11.53 -25.59
N ALA A 490 -29.43 11.91 -24.50
CA ALA A 490 -30.63 11.20 -24.09
C ALA A 490 -31.79 11.37 -25.07
N ASN A 491 -31.76 12.40 -25.91
CA ASN A 491 -32.82 12.64 -26.89
C ASN A 491 -32.57 11.92 -28.20
N GLN A 492 -31.47 11.19 -28.32
CA GLN A 492 -31.18 10.41 -29.51
C GLN A 492 -31.33 8.90 -29.30
N VAL A 493 -31.36 8.44 -28.05
CA VAL A 493 -31.55 7.02 -27.79
C VAL A 493 -33.00 6.67 -28.10
N ILE A 494 -33.19 5.66 -28.94
CA ILE A 494 -34.53 5.23 -29.34
C ILE A 494 -34.72 3.82 -28.82
N VAL A 495 -35.86 3.59 -28.17
CA VAL A 495 -36.22 2.27 -27.68
C VAL A 495 -37.23 1.64 -28.63
N ASN A 496 -37.14 0.32 -28.80
CA ASN A 496 -38.06 -0.36 -29.70
C ASN A 496 -39.42 -0.56 -29.06
N ASN A 497 -39.45 -1.09 -27.84
CA ASN A 497 -40.70 -1.32 -27.11
C ASN A 497 -40.56 -0.77 -25.70
N LEU A 498 -41.48 0.10 -25.30
CA LEU A 498 -41.51 0.70 -23.97
C LEU A 498 -42.30 -0.08 -22.94
N ASP A 499 -43.04 -1.11 -23.33
CA ASP A 499 -43.85 -1.84 -22.38
C ASP A 499 -43.12 -3.04 -21.79
N LYS A 500 -41.84 -3.21 -22.12
CA LYS A 500 -41.04 -4.29 -21.55
C LYS A 500 -40.71 -3.97 -20.09
N SER A 501 -40.30 -5.02 -19.37
CA SER A 501 -40.05 -4.92 -17.94
C SER A 501 -38.80 -4.08 -17.67
N ALA A 502 -38.67 -3.64 -16.41
CA ALA A 502 -37.56 -2.80 -15.99
C ALA A 502 -36.79 -3.43 -14.83
N GLY A 503 -36.80 -4.75 -14.74
CA GLY A 503 -35.99 -5.45 -13.75
C GLY A 503 -36.46 -5.22 -12.33
N PHE A 504 -35.56 -5.52 -11.39
CA PHE A 504 -35.82 -5.37 -9.97
C PHE A 504 -35.07 -4.17 -9.41
N PRO A 505 -35.66 -3.41 -8.48
CA PRO A 505 -37.01 -3.54 -7.93
C PRO A 505 -38.02 -2.70 -8.69
N PHE A 506 -37.66 -2.28 -9.90
CA PHE A 506 -38.47 -1.33 -10.64
C PHE A 506 -39.70 -1.98 -11.27
N ASN A 507 -39.81 -3.31 -11.25
CA ASN A 507 -41.02 -3.96 -11.75
C ASN A 507 -42.18 -3.89 -10.78
N LYS A 508 -41.93 -3.47 -9.54
CA LYS A 508 -43.01 -3.39 -8.55
C LYS A 508 -43.92 -2.19 -8.80
N TRP A 509 -43.41 -1.16 -9.47
CA TRP A 509 -44.17 0.07 -9.65
C TRP A 509 -44.58 0.35 -11.09
N GLY A 510 -44.04 -0.38 -12.05
CA GLY A 510 -44.45 -0.18 -13.44
C GLY A 510 -43.46 -0.77 -14.40
N LYS A 511 -43.74 -0.57 -15.68
CA LYS A 511 -42.90 -1.06 -16.76
C LYS A 511 -41.76 -0.06 -16.99
N ALA A 512 -41.01 -0.22 -18.07
CA ALA A 512 -39.95 0.72 -18.39
C ALA A 512 -40.48 2.08 -18.85
N ARG A 513 -41.70 2.13 -19.39
CA ARG A 513 -42.28 3.38 -19.87
C ARG A 513 -42.37 4.41 -18.75
N LEU A 514 -42.67 3.95 -17.53
CA LEU A 514 -42.74 4.87 -16.40
C LEU A 514 -41.40 5.55 -16.15
N TYR A 515 -40.30 4.81 -16.29
CA TYR A 515 -38.98 5.39 -16.04
C TYR A 515 -38.40 6.11 -17.24
N TYR A 516 -38.91 5.88 -18.46
CA TYR A 516 -38.53 6.75 -19.55
C TYR A 516 -39.40 8.00 -19.66
N ASP A 517 -40.55 8.03 -19.01
CA ASP A 517 -41.39 9.21 -19.02
C ASP A 517 -41.20 10.09 -17.79
N SER A 518 -40.97 9.49 -16.63
CA SER A 518 -40.76 10.25 -15.41
C SER A 518 -39.43 11.01 -15.42
N MET A 519 -38.43 10.50 -16.12
CA MET A 519 -37.10 11.11 -16.17
C MET A 519 -36.96 11.94 -17.43
N SER A 520 -36.62 13.21 -17.28
CA SER A 520 -36.37 14.06 -18.42
C SER A 520 -35.04 13.70 -19.07
N TYR A 521 -34.72 14.39 -20.16
CA TYR A 521 -33.43 14.18 -20.81
C TYR A 521 -32.28 14.70 -19.96
N GLU A 522 -32.53 15.75 -19.17
CA GLU A 522 -31.45 16.36 -18.39
C GLU A 522 -30.94 15.42 -17.30
N ASP A 523 -31.84 14.85 -16.51
CA ASP A 523 -31.44 13.94 -15.45
C ASP A 523 -31.15 12.53 -15.97
N GLN A 524 -31.48 12.26 -17.23
CA GLN A 524 -30.98 11.06 -17.90
C GLN A 524 -29.51 11.21 -18.29
N ASP A 525 -29.17 12.34 -18.89
CA ASP A 525 -27.76 12.62 -19.17
C ASP A 525 -26.97 12.76 -17.87
N ALA A 526 -27.58 13.29 -16.82
CA ALA A 526 -26.91 13.37 -15.53
C ALA A 526 -26.58 11.98 -15.01
N LEU A 527 -27.52 11.04 -15.11
CA LEU A 527 -27.26 9.68 -14.68
C LEU A 527 -26.17 9.03 -15.53
N PHE A 528 -26.23 9.24 -16.85
CA PHE A 528 -25.25 8.63 -17.73
C PHE A 528 -23.85 9.16 -17.44
N ALA A 529 -23.72 10.47 -17.22
CA ALA A 529 -22.45 11.05 -16.84
C ALA A 529 -22.02 10.64 -15.43
N TYR A 530 -22.96 10.35 -14.54
CA TYR A 530 -22.61 9.82 -13.23
C TYR A 530 -21.99 8.43 -13.35
N THR A 531 -22.54 7.60 -14.23
CA THR A 531 -21.99 6.25 -14.43
C THR A 531 -20.60 6.26 -15.05
N LYS A 532 -20.19 7.36 -15.69
CA LYS A 532 -18.86 7.43 -16.28
C LYS A 532 -17.77 7.73 -15.28
N ARG A 533 -18.12 8.00 -14.02
CA ARG A 533 -17.13 8.16 -12.97
C ARG A 533 -17.61 7.52 -11.67
N ASN A 534 -18.52 6.56 -11.76
CA ASN A 534 -19.05 5.86 -10.60
C ASN A 534 -19.44 4.46 -11.01
N VAL A 535 -19.56 3.57 -10.02
CA VAL A 535 -19.95 2.19 -10.25
C VAL A 535 -21.30 1.97 -9.58
N ILE A 536 -22.25 1.44 -10.35
CA ILE A 536 -23.58 1.14 -9.83
C ILE A 536 -23.82 -0.36 -9.88
N PRO A 537 -23.64 -1.08 -8.77
CA PRO A 537 -24.03 -2.50 -8.74
C PRO A 537 -25.52 -2.64 -8.95
N THR A 538 -25.91 -3.77 -9.53
CA THR A 538 -27.28 -3.89 -10.04
C THR A 538 -27.78 -5.32 -9.87
N ILE A 539 -29.04 -5.44 -9.48
CA ILE A 539 -29.71 -6.73 -9.39
C ILE A 539 -30.40 -7.05 -10.70
N THR A 540 -30.18 -8.25 -11.21
CA THR A 540 -30.82 -8.72 -12.43
C THR A 540 -31.68 -9.93 -12.11
N GLN A 541 -32.95 -9.88 -12.52
CA GLN A 541 -33.84 -11.00 -12.33
C GLN A 541 -33.55 -12.12 -13.34
N MET A 542 -33.96 -13.32 -12.98
CA MET A 542 -33.99 -14.45 -13.91
C MET A 542 -35.45 -14.82 -14.17
N ASN A 543 -35.86 -14.66 -15.42
CA ASN A 543 -37.24 -14.89 -15.82
C ASN A 543 -37.34 -16.19 -16.60
N LEU A 544 -38.25 -17.08 -16.19
CA LEU A 544 -38.50 -18.31 -16.92
C LEU A 544 -39.25 -18.02 -18.21
N LYS A 545 -38.77 -18.58 -19.31
CA LYS A 545 -39.37 -18.35 -20.61
C LYS A 545 -40.54 -19.29 -20.84
N TYR A 546 -41.62 -18.75 -21.42
CA TYR A 546 -42.78 -19.52 -21.85
C TYR A 546 -42.75 -19.51 -23.39
N ALA A 547 -42.03 -20.48 -23.96
CA ALA A 547 -41.86 -20.51 -25.41
C ALA A 547 -41.71 -21.96 -25.86
N ILE A 548 -41.91 -22.16 -27.17
CA ILE A 548 -41.87 -23.48 -27.78
C ILE A 548 -40.42 -23.87 -28.00
N SER A 549 -40.10 -25.15 -27.79
CA SER A 549 -38.74 -25.65 -27.92
C SER A 549 -38.78 -27.15 -28.16
N ALA A 550 -37.64 -27.69 -28.60
CA ALA A 550 -37.52 -29.10 -28.96
C ALA A 550 -36.96 -29.97 -27.84
N LYS A 551 -36.51 -29.39 -26.74
CA LYS A 551 -36.04 -30.19 -25.62
C LYS A 551 -36.62 -29.67 -24.32
N ASN A 552 -36.65 -30.55 -23.33
CA ASN A 552 -37.45 -30.37 -22.13
C ASN A 552 -36.80 -29.47 -21.08
N ARG A 553 -35.52 -29.14 -21.20
CA ARG A 553 -34.89 -28.32 -20.18
C ARG A 553 -35.46 -26.90 -20.20
N ALA A 554 -35.63 -26.32 -19.02
CA ALA A 554 -36.08 -24.94 -18.94
C ALA A 554 -34.99 -24.00 -19.40
N ARG A 555 -35.39 -23.04 -20.23
CA ARG A 555 -34.52 -21.95 -20.66
C ARG A 555 -34.86 -20.74 -19.81
N THR A 556 -33.84 -19.95 -19.46
CA THR A 556 -34.03 -18.76 -18.64
C THR A 556 -33.38 -17.58 -19.34
N VAL A 557 -33.96 -16.40 -19.18
CA VAL A 557 -33.38 -15.16 -19.65
C VAL A 557 -33.18 -14.23 -18.46
N ALA A 558 -32.12 -13.42 -18.50
CA ALA A 558 -31.78 -12.53 -17.39
C ALA A 558 -32.38 -11.15 -17.65
N GLY A 559 -33.23 -10.69 -16.73
CA GLY A 559 -33.84 -9.38 -16.86
C GLY A 559 -33.05 -8.28 -16.19
N VAL A 560 -32.30 -7.51 -16.98
CA VAL A 560 -31.52 -6.41 -16.43
C VAL A 560 -32.43 -5.21 -16.18
N SER A 561 -32.22 -4.54 -15.05
CA SER A 561 -33.10 -3.44 -14.67
C SER A 561 -32.85 -2.22 -15.55
N ILE A 562 -33.63 -1.16 -15.34
CA ILE A 562 -33.59 -0.01 -16.22
C ILE A 562 -32.40 0.91 -15.98
N CYS A 563 -31.86 0.93 -14.76
CA CYS A 563 -30.74 1.82 -14.44
C CYS A 563 -29.49 1.48 -15.23
N SER A 564 -29.19 0.19 -15.41
CA SER A 564 -28.10 -0.25 -16.26
C SER A 564 -28.45 -0.11 -17.73
N THR A 565 -29.69 -0.44 -18.08
CA THR A 565 -30.09 -0.50 -19.50
C THR A 565 -30.04 0.88 -20.15
N MET A 566 -30.52 1.92 -19.48
CA MET A 566 -30.55 3.24 -20.10
C MET A 566 -29.14 3.77 -20.35
N THR A 567 -28.25 3.63 -19.37
CA THR A 567 -26.87 4.06 -19.53
C THR A 567 -26.14 3.24 -20.58
N ASN A 568 -26.37 1.92 -20.61
CA ASN A 568 -25.72 1.10 -21.64
C ASN A 568 -26.22 1.45 -23.03
N ARG A 569 -27.51 1.76 -23.18
CA ARG A 569 -27.99 2.23 -24.47
C ARG A 569 -27.32 3.54 -24.86
N GLN A 570 -27.27 4.50 -23.94
CA GLN A 570 -26.63 5.77 -24.27
C GLN A 570 -25.15 5.60 -24.61
N PHE A 571 -24.51 4.57 -24.06
CA PHE A 571 -23.10 4.34 -24.35
C PHE A 571 -22.91 3.66 -25.71
N HIS A 572 -23.74 2.67 -26.02
CA HIS A 572 -23.40 1.74 -27.10
C HIS A 572 -24.30 1.85 -28.33
N GLN A 573 -25.41 2.60 -28.28
CA GLN A 573 -26.43 2.48 -29.32
C GLN A 573 -25.97 2.98 -30.67
N LYS A 574 -25.07 3.96 -30.71
CA LYS A 574 -24.57 4.43 -32.01
C LYS A 574 -23.85 3.31 -32.76
N LEU A 575 -22.91 2.64 -32.09
CA LEU A 575 -22.22 1.53 -32.72
C LEU A 575 -23.16 0.37 -32.98
N LEU A 576 -24.07 0.08 -32.05
CA LEU A 576 -24.99 -1.04 -32.22
C LEU A 576 -25.95 -0.85 -33.39
N LYS A 577 -26.32 0.39 -33.69
CA LYS A 577 -27.19 0.67 -34.83
C LYS A 577 -26.42 0.98 -36.09
N SER A 578 -25.12 1.25 -35.99
CA SER A 578 -24.25 1.26 -37.15
C SER A 578 -23.93 -0.14 -37.66
N ILE A 579 -23.78 -1.11 -36.75
CA ILE A 579 -23.60 -2.49 -37.16
C ILE A 579 -24.85 -3.01 -37.85
N ALA A 580 -26.02 -2.66 -37.32
CA ALA A 580 -27.29 -3.13 -37.86
C ALA A 580 -27.78 -2.33 -39.05
N ALA A 581 -26.88 -1.58 -39.70
CA ALA A 581 -27.26 -0.82 -40.89
C ALA A 581 -26.23 -0.94 -42.00
N THR A 582 -25.35 -1.94 -41.93
CA THR A 582 -24.31 -2.16 -42.92
C THR A 582 -24.50 -3.55 -43.53
N ARG A 583 -24.42 -3.62 -44.85
CA ARG A 583 -24.63 -4.86 -45.58
C ARG A 583 -23.32 -5.31 -46.20
N GLY A 584 -23.08 -6.63 -46.20
CA GLY A 584 -21.89 -7.18 -46.78
C GLY A 584 -20.69 -7.28 -45.85
N ALA A 585 -20.91 -7.18 -44.55
CA ALA A 585 -19.83 -7.27 -43.58
C ALA A 585 -19.81 -8.66 -42.95
N THR A 586 -18.87 -8.87 -42.01
CA THR A 586 -18.77 -10.16 -41.36
C THR A 586 -19.93 -10.41 -40.40
N VAL A 587 -20.29 -9.40 -39.60
CA VAL A 587 -21.36 -9.54 -38.61
C VAL A 587 -22.67 -9.18 -39.30
N VAL A 588 -23.45 -10.19 -39.63
CA VAL A 588 -24.73 -9.98 -40.34
C VAL A 588 -25.80 -9.83 -39.29
N ILE A 589 -25.91 -8.60 -38.76
CA ILE A 589 -27.01 -8.21 -37.89
C ILE A 589 -27.72 -7.06 -38.57
N GLY A 590 -29.05 -7.14 -38.63
CA GLY A 590 -29.82 -6.15 -39.35
C GLY A 590 -30.09 -6.48 -40.81
N THR A 591 -29.64 -7.63 -41.28
CA THR A 591 -29.87 -8.04 -42.66
C THR A 591 -30.99 -9.08 -42.70
N SER A 592 -32.02 -8.77 -43.46
CA SER A 592 -33.19 -9.64 -43.55
C SER A 592 -32.90 -10.88 -44.39
N LYS A 593 -33.66 -11.93 -44.13
CA LYS A 593 -33.64 -13.11 -44.98
C LYS A 593 -34.68 -13.03 -46.09
N PHE A 594 -35.46 -11.97 -46.14
CA PHE A 594 -36.47 -11.76 -47.17
C PHE A 594 -35.93 -10.82 -48.25
N TYR A 595 -36.68 -10.74 -49.36
CA TYR A 595 -36.34 -9.89 -50.50
C TYR A 595 -34.93 -10.18 -51.01
N GLY A 596 -34.58 -11.45 -51.06
CA GLY A 596 -33.27 -11.86 -51.52
C GLY A 596 -32.13 -11.40 -50.65
N GLY A 597 -32.35 -11.29 -49.35
CA GLY A 597 -31.29 -10.89 -48.44
C GLY A 597 -30.44 -12.08 -48.03
N TRP A 598 -31.08 -13.25 -47.94
CA TRP A 598 -30.34 -14.48 -47.66
C TRP A 598 -29.35 -14.80 -48.77
N HIS A 599 -29.79 -14.64 -50.03
CA HIS A 599 -28.92 -14.89 -51.18
C HIS A 599 -27.74 -13.91 -51.20
N ASN A 600 -28.00 -12.64 -50.85
CA ASN A 600 -26.92 -11.66 -50.83
C ASN A 600 -25.90 -11.98 -49.75
N MET A 601 -26.36 -12.35 -48.54
CA MET A 601 -25.44 -12.74 -47.49
C MET A 601 -24.62 -13.95 -47.91
N LEU A 602 -25.28 -14.95 -48.48
CA LEU A 602 -24.62 -16.19 -48.86
C LEU A 602 -23.69 -16.04 -50.06
N LYS A 603 -23.87 -15.02 -50.89
CA LYS A 603 -22.89 -14.73 -51.92
C LYS A 603 -21.79 -13.78 -51.47
N THR A 604 -22.03 -13.00 -50.41
CA THR A 604 -20.94 -12.28 -49.78
C THR A 604 -20.05 -13.19 -48.94
N VAL A 605 -20.56 -14.35 -48.51
CA VAL A 605 -19.70 -15.35 -47.89
C VAL A 605 -18.69 -15.88 -48.91
N TYR A 606 -19.15 -16.15 -50.13
CA TYR A 606 -18.31 -16.78 -51.14
C TYR A 606 -17.51 -15.74 -51.90
N SER A 607 -16.80 -14.87 -51.18
CA SER A 607 -15.99 -13.81 -51.78
C SER A 607 -14.52 -14.19 -51.63
N ASP A 608 -13.94 -14.68 -52.74
CA ASP A 608 -12.53 -15.08 -52.82
C ASP A 608 -12.20 -16.16 -51.80
N VAL A 609 -12.77 -17.33 -52.01
CA VAL A 609 -12.30 -18.52 -51.35
C VAL A 609 -11.78 -19.48 -52.44
N GLU A 610 -10.62 -20.06 -52.19
CA GLU A 610 -9.90 -20.80 -53.22
C GLU A 610 -10.58 -22.10 -53.61
N ASN A 611 -10.72 -23.03 -52.66
CA ASN A 611 -11.34 -24.32 -52.90
C ASN A 611 -12.42 -24.48 -51.83
N PRO A 612 -13.59 -23.92 -52.08
CA PRO A 612 -14.54 -23.67 -50.99
C PRO A 612 -15.05 -24.92 -50.31
N HIS A 613 -15.20 -24.81 -48.99
CA HIS A 613 -15.89 -25.80 -48.16
C HIS A 613 -16.58 -25.05 -47.03
N LEU A 614 -17.75 -25.55 -46.64
CA LEU A 614 -18.59 -24.87 -45.66
C LEU A 614 -18.47 -25.55 -44.32
N MET A 615 -18.51 -24.73 -43.26
CA MET A 615 -18.29 -25.21 -41.91
C MET A 615 -19.11 -24.38 -40.95
N GLY A 616 -19.67 -25.05 -39.95
CA GLY A 616 -20.39 -24.38 -38.89
C GLY A 616 -20.29 -25.13 -37.58
N TRP A 617 -19.89 -24.45 -36.52
CA TRP A 617 -19.70 -25.08 -35.22
C TRP A 617 -20.81 -24.65 -34.27
N ASP A 618 -20.73 -25.15 -33.04
CA ASP A 618 -21.73 -24.86 -32.02
C ASP A 618 -21.04 -24.76 -30.68
N TYR A 619 -21.38 -23.71 -29.92
CA TYR A 619 -20.82 -23.52 -28.59
C TYR A 619 -21.75 -24.18 -27.58
N PRO A 620 -21.31 -25.23 -26.87
CA PRO A 620 -22.15 -25.80 -25.81
C PRO A 620 -22.13 -24.90 -24.58
N LYS A 621 -23.33 -24.54 -24.11
CA LYS A 621 -23.50 -23.60 -23.01
C LYS A 621 -22.76 -22.29 -23.29
N CYS A 622 -23.15 -21.64 -24.39
CA CYS A 622 -22.42 -20.49 -24.88
C CYS A 622 -22.47 -19.32 -23.90
N ASP A 623 -23.65 -19.02 -23.36
CA ASP A 623 -23.82 -17.85 -22.52
C ASP A 623 -23.50 -18.11 -21.06
N ARG A 624 -23.27 -19.35 -20.66
CA ARG A 624 -22.98 -19.68 -19.28
C ARG A 624 -21.57 -20.19 -19.05
N ALA A 625 -20.84 -20.56 -20.10
CA ALA A 625 -19.48 -21.05 -19.95
C ALA A 625 -18.43 -20.07 -20.43
N MET A 626 -18.81 -18.90 -20.91
CA MET A 626 -17.83 -17.92 -21.37
C MET A 626 -16.98 -17.44 -20.20
N PRO A 627 -15.66 -17.37 -20.35
CA PRO A 627 -14.83 -16.78 -19.29
C PRO A 627 -15.10 -15.29 -19.17
N ASN A 628 -14.82 -14.77 -17.98
CA ASN A 628 -14.99 -13.34 -17.75
C ASN A 628 -14.07 -12.51 -18.61
N MET A 629 -12.88 -13.04 -18.93
CA MET A 629 -11.92 -12.32 -19.75
C MET A 629 -12.44 -12.04 -21.15
N LEU A 630 -13.07 -13.02 -21.79
CA LEU A 630 -13.58 -12.79 -23.13
C LEU A 630 -14.74 -11.80 -23.14
N ARG A 631 -15.57 -11.77 -22.10
CA ARG A 631 -16.63 -10.78 -22.02
C ARG A 631 -16.06 -9.38 -21.79
N ILE A 632 -15.05 -9.25 -20.93
CA ILE A 632 -14.38 -7.97 -20.74
C ILE A 632 -13.74 -7.51 -22.04
N MET A 633 -13.14 -8.45 -22.78
CA MET A 633 -12.57 -8.12 -24.07
C MET A 633 -13.63 -7.63 -25.04
N ALA A 634 -14.78 -8.30 -25.08
CA ALA A 634 -15.84 -7.87 -25.99
C ALA A 634 -16.34 -6.48 -25.63
N SER A 635 -16.49 -6.21 -24.34
CA SER A 635 -16.87 -4.88 -23.89
C SER A 635 -15.82 -3.83 -24.22
N LEU A 636 -14.54 -4.19 -24.23
CA LEU A 636 -13.48 -3.26 -24.61
C LEU A 636 -13.42 -3.04 -26.12
N VAL A 637 -13.61 -4.07 -26.92
CA VAL A 637 -13.65 -3.92 -28.37
C VAL A 637 -14.85 -3.08 -28.80
N LEU A 638 -16.02 -3.30 -28.19
CA LEU A 638 -17.16 -2.45 -28.46
C LEU A 638 -16.97 -1.03 -27.94
N ALA A 639 -15.99 -0.81 -27.06
CA ALA A 639 -15.72 0.51 -26.51
C ALA A 639 -14.47 1.14 -27.11
N ARG A 640 -14.02 0.63 -28.26
CA ARG A 640 -12.90 1.24 -28.94
C ARG A 640 -13.34 2.33 -29.91
N LYS A 641 -14.63 2.62 -29.99
CA LYS A 641 -15.11 3.74 -30.79
C LYS A 641 -15.15 5.04 -30.01
N HIS A 642 -14.98 4.99 -28.69
CA HIS A 642 -15.00 6.19 -27.85
C HIS A 642 -13.59 6.75 -27.63
N THR A 643 -12.85 6.94 -28.73
CA THR A 643 -11.51 7.55 -28.65
C THR A 643 -11.55 9.05 -28.80
N THR A 644 -12.73 9.62 -29.05
CA THR A 644 -12.92 11.06 -29.15
C THR A 644 -13.89 11.60 -28.11
N CYS A 645 -15.05 10.95 -27.96
CA CYS A 645 -16.07 11.43 -27.04
C CYS A 645 -15.68 11.19 -25.59
N CYS A 646 -15.10 10.04 -25.28
CA CYS A 646 -14.78 9.67 -23.91
C CYS A 646 -13.30 9.79 -23.63
N SER A 647 -12.97 10.06 -22.36
CA SER A 647 -11.60 10.03 -21.89
C SER A 647 -11.22 8.60 -21.52
N LEU A 648 -10.08 8.42 -20.86
CA LEU A 648 -9.64 7.09 -20.44
C LEU A 648 -10.31 6.63 -19.16
N SER A 649 -10.38 7.49 -18.14
CA SER A 649 -11.06 7.12 -16.91
C SER A 649 -12.55 6.91 -17.13
N HIS A 650 -13.18 7.70 -18.01
CA HIS A 650 -14.57 7.48 -18.33
C HIS A 650 -14.79 6.11 -18.96
N ARG A 651 -13.92 5.72 -19.88
CA ARG A 651 -14.03 4.41 -20.50
C ARG A 651 -13.79 3.28 -19.49
N PHE A 652 -12.81 3.45 -18.59
CA PHE A 652 -12.60 2.42 -17.58
C PHE A 652 -13.80 2.28 -16.66
N TYR A 653 -14.40 3.40 -16.26
CA TYR A 653 -15.56 3.32 -15.38
C TYR A 653 -16.78 2.78 -16.11
N ARG A 654 -16.92 3.04 -17.40
CA ARG A 654 -17.98 2.40 -18.17
C ARG A 654 -17.76 0.89 -18.27
N LEU A 655 -16.53 0.45 -18.48
CA LEU A 655 -16.24 -0.99 -18.45
C LEU A 655 -16.54 -1.58 -17.09
N ALA A 656 -16.18 -0.87 -16.02
CA ALA A 656 -16.49 -1.34 -14.67
C ALA A 656 -17.98 -1.45 -14.44
N ASN A 657 -18.76 -0.47 -14.92
CA ASN A 657 -20.21 -0.55 -14.81
C ASN A 657 -20.77 -1.72 -15.61
N GLU A 658 -20.23 -1.98 -16.80
CA GLU A 658 -20.69 -3.13 -17.57
C GLU A 658 -20.39 -4.44 -16.84
N CYS A 659 -19.21 -4.55 -16.23
CA CYS A 659 -18.89 -5.76 -15.47
C CYS A 659 -19.71 -5.85 -14.19
N ALA A 660 -20.11 -4.71 -13.63
CA ALA A 660 -20.87 -4.72 -12.38
C ALA A 660 -22.36 -4.90 -12.63
N GLN A 661 -22.82 -4.71 -13.85
CA GLN A 661 -24.23 -4.80 -14.17
C GLN A 661 -24.56 -5.97 -15.08
N VAL A 662 -23.54 -6.62 -15.65
CA VAL A 662 -23.71 -7.68 -16.63
C VAL A 662 -22.96 -8.94 -16.24
N LEU A 663 -21.65 -8.83 -16.03
CA LEU A 663 -20.78 -9.99 -15.96
C LEU A 663 -20.93 -10.75 -14.65
N SER A 664 -20.60 -10.12 -13.53
CA SER A 664 -20.60 -10.78 -12.22
C SER A 664 -21.23 -9.85 -11.20
N GLU A 665 -22.53 -10.02 -10.98
CA GLU A 665 -23.29 -9.23 -10.04
C GLU A 665 -24.32 -10.12 -9.37
N MET A 666 -25.14 -9.53 -8.51
CA MET A 666 -26.15 -10.33 -7.83
C MET A 666 -27.28 -10.69 -8.78
N VAL A 667 -27.69 -11.94 -8.71
CA VAL A 667 -28.73 -12.51 -9.56
C VAL A 667 -29.92 -12.90 -8.69
N MET A 668 -31.12 -12.51 -9.11
CA MET A 668 -32.34 -12.77 -8.37
C MET A 668 -33.02 -14.02 -8.94
N CYS A 669 -33.17 -15.04 -8.11
CA CYS A 669 -33.76 -16.31 -8.52
C CYS A 669 -34.85 -16.67 -7.51
N GLY A 670 -36.06 -16.19 -7.78
CA GLY A 670 -37.20 -16.49 -6.94
C GLY A 670 -37.12 -15.91 -5.56
N GLY A 671 -37.01 -14.58 -5.47
CA GLY A 671 -36.95 -13.90 -4.18
C GLY A 671 -35.72 -14.25 -3.36
N SER A 672 -34.57 -14.33 -4.01
CA SER A 672 -33.32 -14.66 -3.33
C SER A 672 -32.16 -14.12 -4.16
N LEU A 673 -31.18 -13.54 -3.48
CA LEU A 673 -30.04 -12.92 -4.16
C LEU A 673 -28.84 -13.86 -4.09
N TYR A 674 -28.35 -14.26 -5.25
CA TYR A 674 -27.15 -15.08 -5.39
C TYR A 674 -26.05 -14.25 -6.05
N VAL A 675 -24.93 -14.90 -6.34
CA VAL A 675 -23.80 -14.25 -6.97
C VAL A 675 -23.54 -14.92 -8.32
N LYS A 676 -23.47 -14.12 -9.38
CA LYS A 676 -23.18 -14.65 -10.70
C LYS A 676 -21.68 -14.85 -10.84
N PRO A 677 -21.20 -16.08 -11.00
CA PRO A 677 -19.75 -16.29 -11.16
C PRO A 677 -19.17 -15.62 -12.38
N GLY A 678 -19.91 -15.52 -13.47
CA GLY A 678 -19.42 -14.86 -14.66
C GLY A 678 -20.28 -15.19 -15.86
N GLY A 679 -19.71 -14.96 -17.04
CA GLY A 679 -20.44 -15.19 -18.27
C GLY A 679 -21.42 -14.06 -18.53
N THR A 680 -21.98 -13.99 -19.74
CA THR A 680 -22.86 -12.89 -20.07
C THR A 680 -24.26 -13.20 -19.55
N SER A 681 -24.91 -12.20 -18.98
CA SER A 681 -26.35 -12.25 -18.83
C SER A 681 -26.96 -11.94 -20.19
N SER A 682 -27.88 -12.80 -20.64
CA SER A 682 -28.33 -12.76 -22.02
C SER A 682 -29.49 -11.79 -22.21
N GLY A 683 -29.60 -10.77 -21.35
CA GLY A 683 -30.67 -9.81 -21.48
C GLY A 683 -30.23 -8.37 -21.32
N ASP A 684 -28.93 -8.13 -21.42
CA ASP A 684 -28.38 -6.78 -21.31
C ASP A 684 -28.52 -6.05 -22.64
N ALA A 685 -27.99 -4.82 -22.68
CA ALA A 685 -28.15 -3.99 -23.87
C ALA A 685 -27.28 -4.42 -25.04
N THR A 686 -26.13 -5.06 -24.78
CA THR A 686 -25.21 -5.47 -25.83
C THR A 686 -24.94 -6.96 -25.66
N THR A 687 -25.83 -7.80 -26.18
CA THR A 687 -25.65 -9.23 -26.05
C THR A 687 -25.39 -9.94 -27.36
N ALA A 688 -26.18 -9.67 -28.41
CA ALA A 688 -25.89 -10.25 -29.71
C ALA A 688 -24.57 -9.75 -30.26
N TYR A 689 -24.28 -8.46 -30.10
CA TYR A 689 -23.06 -7.88 -30.64
C TYR A 689 -21.83 -8.34 -29.86
N ALA A 690 -21.91 -8.33 -28.53
CA ALA A 690 -20.80 -8.85 -27.73
C ALA A 690 -20.58 -10.33 -27.98
N ASN A 691 -21.65 -11.10 -28.14
CA ASN A 691 -21.51 -12.51 -28.46
C ASN A 691 -20.90 -12.71 -29.85
N SER A 692 -21.22 -11.83 -30.80
CA SER A 692 -20.58 -11.88 -32.11
C SER A 692 -19.09 -11.61 -32.01
N VAL A 693 -18.71 -10.63 -31.18
CA VAL A 693 -17.29 -10.36 -30.94
C VAL A 693 -16.61 -11.60 -30.35
N PHE A 694 -17.28 -12.26 -29.40
CA PHE A 694 -16.73 -13.46 -28.80
C PHE A 694 -16.55 -14.57 -29.84
N ASN A 695 -17.54 -14.75 -30.72
CA ASN A 695 -17.45 -15.78 -31.74
C ASN A 695 -16.31 -15.50 -32.72
N ILE A 696 -16.17 -14.23 -33.14
CA ILE A 696 -15.06 -13.88 -34.02
C ILE A 696 -13.73 -14.10 -33.32
N CYS A 697 -13.66 -13.82 -32.02
CA CYS A 697 -12.45 -14.12 -31.25
C CYS A 697 -12.12 -15.60 -31.27
N GLN A 698 -13.11 -16.45 -31.03
CA GLN A 698 -12.83 -17.88 -31.01
C GLN A 698 -12.39 -18.36 -32.39
N ALA A 699 -12.98 -17.83 -33.46
CA ALA A 699 -12.55 -18.21 -34.80
C ALA A 699 -11.11 -17.76 -35.08
N VAL A 700 -10.76 -16.53 -34.72
CA VAL A 700 -9.40 -16.05 -34.97
C VAL A 700 -8.39 -16.81 -34.11
N THR A 701 -8.74 -17.11 -32.86
CA THR A 701 -7.86 -17.89 -32.02
C THR A 701 -7.66 -19.29 -32.57
N ALA A 702 -8.71 -19.92 -33.09
CA ALA A 702 -8.57 -21.22 -33.73
C ALA A 702 -7.67 -21.13 -34.95
N ASN A 703 -7.80 -20.07 -35.74
CA ASN A 703 -6.93 -19.91 -36.90
C ASN A 703 -5.47 -19.76 -36.49
N VAL A 704 -5.21 -18.95 -35.45
CA VAL A 704 -3.85 -18.74 -34.99
C VAL A 704 -3.25 -20.03 -34.45
N ASN A 705 -4.04 -20.78 -33.68
CA ASN A 705 -3.57 -22.05 -33.14
C ASN A 705 -3.29 -23.05 -34.25
N ALA A 706 -4.16 -23.11 -35.26
CA ALA A 706 -3.92 -24.00 -36.38
C ALA A 706 -2.68 -23.61 -37.16
N LEU A 707 -2.43 -22.32 -37.34
CA LEU A 707 -1.28 -21.88 -38.12
C LEU A 707 0.02 -22.11 -37.35
N LEU A 708 0.02 -21.88 -36.04
CA LEU A 708 1.23 -22.07 -35.26
C LEU A 708 1.51 -23.56 -35.01
N SER A 709 0.46 -24.35 -34.80
CA SER A 709 0.63 -25.77 -34.52
C SER A 709 1.06 -26.58 -35.72
N THR A 710 1.03 -25.99 -36.92
CA THR A 710 1.54 -26.67 -38.09
C THR A 710 3.06 -26.81 -37.98
N ASP A 711 3.59 -27.87 -38.60
CA ASP A 711 4.99 -28.23 -38.47
C ASP A 711 5.92 -27.08 -38.87
N GLY A 712 5.86 -26.65 -40.12
CA GLY A 712 6.73 -25.62 -40.64
C GLY A 712 7.63 -26.07 -41.77
N ASN A 713 8.21 -27.27 -41.67
CA ASN A 713 8.99 -27.84 -42.76
C ASN A 713 8.11 -28.43 -43.86
N LYS A 714 6.87 -28.76 -43.54
CA LYS A 714 5.94 -29.30 -44.53
C LYS A 714 5.23 -28.20 -45.32
N ILE A 715 5.59 -26.94 -45.10
CA ILE A 715 4.82 -25.82 -45.61
C ILE A 715 5.18 -25.61 -47.08
N ALA A 716 4.22 -25.84 -47.97
CA ALA A 716 4.51 -25.75 -49.39
C ALA A 716 4.62 -24.31 -49.88
N ASP A 717 3.66 -23.45 -49.51
CA ASP A 717 3.73 -22.04 -49.86
C ASP A 717 4.83 -21.39 -49.02
N LYS A 718 5.75 -20.69 -49.69
CA LYS A 718 6.91 -20.16 -48.99
C LYS A 718 6.56 -18.85 -48.28
N TYR A 719 5.62 -18.07 -48.84
CA TYR A 719 5.06 -16.91 -48.15
C TYR A 719 4.41 -17.25 -46.82
N VAL A 720 3.54 -18.26 -46.79
CA VAL A 720 2.79 -18.52 -45.57
C VAL A 720 3.69 -19.11 -44.48
N ARG A 721 4.79 -19.77 -44.85
CA ARG A 721 5.79 -20.12 -43.84
C ARG A 721 6.37 -18.86 -43.20
N ASN A 722 6.70 -17.86 -44.03
CA ASN A 722 7.12 -16.58 -43.51
C ASN A 722 6.02 -15.90 -42.72
N LEU A 723 4.76 -16.10 -43.11
CA LEU A 723 3.64 -15.52 -42.38
C LEU A 723 3.53 -16.13 -40.99
N GLN A 724 3.74 -17.44 -40.89
CA GLN A 724 3.74 -18.10 -39.59
C GLN A 724 4.92 -17.64 -38.73
N HIS A 725 6.09 -17.47 -39.34
CA HIS A 725 7.25 -16.95 -38.62
C HIS A 725 6.95 -15.56 -38.05
N ARG A 726 6.40 -14.68 -38.88
CA ARG A 726 6.03 -13.35 -38.42
C ARG A 726 4.91 -13.38 -37.40
N LEU A 727 3.98 -14.33 -37.52
CA LEU A 727 2.92 -14.48 -36.53
C LEU A 727 3.48 -14.84 -35.16
N TYR A 728 4.43 -15.78 -35.12
CA TYR A 728 5.04 -16.12 -33.84
C TYR A 728 5.82 -14.94 -33.28
N GLU A 729 6.56 -14.22 -34.13
CA GLU A 729 7.38 -13.12 -33.59
C GLU A 729 6.52 -11.93 -33.18
N CYS A 730 5.33 -11.78 -33.77
CA CYS A 730 4.40 -10.75 -33.33
C CYS A 730 3.56 -11.20 -32.14
N LEU A 731 3.49 -12.50 -31.87
CA LEU A 731 2.80 -12.99 -30.67
C LEU A 731 3.71 -12.89 -29.45
N TYR A 732 4.86 -13.57 -29.51
CA TYR A 732 5.66 -13.79 -28.31
C TYR A 732 6.99 -13.05 -28.32
N ARG A 733 7.20 -12.13 -29.27
CA ARG A 733 8.44 -11.36 -29.29
C ARG A 733 8.22 -9.87 -29.45
N ASN A 734 6.97 -9.40 -29.50
CA ASN A 734 6.67 -7.98 -29.65
C ASN A 734 5.66 -7.56 -28.58
N ARG A 735 5.81 -6.33 -28.11
CA ARG A 735 4.91 -5.78 -27.10
C ARG A 735 4.06 -4.64 -27.63
N ASP A 736 4.40 -4.06 -28.77
CA ASP A 736 3.61 -3.03 -29.41
C ASP A 736 2.89 -3.59 -30.62
N VAL A 737 1.91 -2.83 -31.11
CA VAL A 737 1.14 -3.27 -32.26
C VAL A 737 2.01 -3.21 -33.51
N ASP A 738 1.86 -4.22 -34.36
CA ASP A 738 2.47 -4.23 -35.70
C ASP A 738 1.31 -4.17 -36.69
N THR A 739 0.87 -2.94 -36.99
CA THR A 739 -0.33 -2.74 -37.79
C THR A 739 -0.20 -3.28 -39.20
N ASP A 740 1.01 -3.25 -39.77
CA ASP A 740 1.19 -3.81 -41.11
C ASP A 740 0.94 -5.31 -41.11
N PHE A 741 1.52 -6.04 -40.14
CA PHE A 741 1.29 -7.47 -40.09
C PHE A 741 -0.13 -7.79 -39.66
N VAL A 742 -0.74 -6.96 -38.82
CA VAL A 742 -2.14 -7.19 -38.45
C VAL A 742 -3.03 -7.06 -39.68
N ASN A 743 -2.76 -6.04 -40.52
CA ASN A 743 -3.49 -5.90 -41.76
C ASN A 743 -3.26 -7.10 -42.68
N GLU A 744 -2.02 -7.57 -42.77
CA GLU A 744 -1.72 -8.71 -43.63
C GLU A 744 -2.42 -9.97 -43.15
N PHE A 745 -2.41 -10.23 -41.84
CA PHE A 745 -3.09 -11.41 -41.31
C PHE A 745 -4.60 -11.30 -41.44
N TYR A 746 -5.16 -10.11 -41.25
CA TYR A 746 -6.59 -9.92 -41.45
C TYR A 746 -6.98 -10.14 -42.90
N ALA A 747 -6.16 -9.68 -43.85
CA ALA A 747 -6.41 -9.96 -45.25
C ALA A 747 -6.31 -11.45 -45.54
N TYR A 748 -5.34 -12.13 -44.94
CA TYR A 748 -5.20 -13.57 -45.11
C TYR A 748 -6.44 -14.28 -44.59
N LEU A 749 -6.95 -13.88 -43.42
CA LEU A 749 -8.13 -14.50 -42.86
C LEU A 749 -9.35 -14.24 -43.72
N ARG A 750 -9.53 -13.01 -44.20
CA ARG A 750 -10.67 -12.71 -45.06
C ARG A 750 -10.54 -13.35 -46.43
N LYS A 751 -9.35 -13.74 -46.83
CA LYS A 751 -9.10 -14.42 -48.09
C LYS A 751 -9.29 -15.94 -47.99
N HIS A 752 -8.98 -16.54 -46.85
CA HIS A 752 -9.00 -17.98 -46.74
C HIS A 752 -10.02 -18.49 -45.73
N PHE A 753 -10.57 -17.61 -44.89
CA PHE A 753 -11.47 -18.01 -43.82
C PHE A 753 -12.65 -17.04 -43.76
N SER A 754 -13.30 -16.81 -44.88
CA SER A 754 -14.45 -15.91 -44.92
C SER A 754 -15.54 -16.40 -43.97
N MET A 755 -16.14 -15.47 -43.23
CA MET A 755 -17.05 -15.79 -42.14
C MET A 755 -18.36 -15.02 -42.28
N MET A 756 -19.32 -15.41 -41.43
CA MET A 756 -20.65 -14.82 -41.38
C MET A 756 -21.23 -15.12 -40.01
N ILE A 757 -21.38 -14.09 -39.17
CA ILE A 757 -21.63 -14.25 -37.74
C ILE A 757 -22.95 -13.60 -37.39
N LEU A 758 -23.81 -14.34 -36.67
CA LEU A 758 -24.89 -13.71 -35.88
C LEU A 758 -24.85 -14.36 -34.50
N SER A 759 -23.93 -13.87 -33.68
CA SER A 759 -23.88 -13.96 -32.22
C SER A 759 -23.63 -15.32 -31.61
N ASP A 760 -23.93 -16.43 -32.28
CA ASP A 760 -23.24 -17.68 -31.98
C ASP A 760 -23.23 -18.61 -33.17
N ASP A 761 -23.86 -18.20 -34.26
CA ASP A 761 -23.95 -19.03 -35.45
C ASP A 761 -23.01 -18.48 -36.50
N ALA A 762 -22.10 -19.34 -36.96
CA ALA A 762 -21.11 -18.95 -37.94
C ALA A 762 -21.15 -19.91 -39.11
N VAL A 763 -21.17 -19.35 -40.31
CA VAL A 763 -21.00 -20.12 -41.54
C VAL A 763 -19.69 -19.64 -42.16
N VAL A 764 -18.77 -20.58 -42.35
CA VAL A 764 -17.42 -20.27 -42.82
C VAL A 764 -17.18 -20.99 -44.13
N CYS A 765 -16.55 -20.31 -45.08
CA CYS A 765 -16.30 -20.89 -46.39
C CYS A 765 -14.80 -21.14 -46.57
N PHE A 766 -14.18 -21.70 -45.55
CA PHE A 766 -12.74 -21.85 -45.42
C PHE A 766 -12.12 -22.57 -46.62
N ASN A 767 -10.85 -22.28 -46.86
CA ASN A 767 -10.06 -22.98 -47.86
C ASN A 767 -9.95 -24.45 -47.48
N SER A 768 -10.31 -25.34 -48.42
CA SER A 768 -10.20 -26.76 -48.15
C SER A 768 -8.76 -27.26 -48.21
N THR A 769 -7.99 -26.79 -49.19
CA THR A 769 -6.61 -27.24 -49.32
C THR A 769 -5.77 -26.78 -48.14
N TYR A 770 -5.92 -25.52 -47.73
CA TYR A 770 -5.15 -25.01 -46.61
C TYR A 770 -5.54 -25.71 -45.32
N ALA A 771 -6.82 -25.98 -45.13
CA ALA A 771 -7.26 -26.73 -43.96
C ALA A 771 -6.75 -28.16 -43.94
N SER A 772 -6.77 -28.85 -45.09
CA SER A 772 -6.21 -30.19 -45.15
C SER A 772 -4.71 -30.18 -44.84
N GLN A 773 -3.99 -29.20 -45.38
CA GLN A 773 -2.60 -29.02 -44.96
C GLN A 773 -2.52 -28.53 -43.53
N GLY A 774 -3.54 -27.81 -43.05
CA GLY A 774 -3.60 -27.38 -41.65
C GLY A 774 -3.29 -25.90 -41.43
N LEU A 775 -3.40 -25.06 -42.44
CA LEU A 775 -2.99 -23.67 -42.35
C LEU A 775 -4.12 -22.71 -42.02
N VAL A 776 -5.37 -23.19 -42.02
CA VAL A 776 -6.50 -22.43 -41.51
C VAL A 776 -7.23 -23.33 -40.53
N ALA A 777 -8.06 -22.74 -39.69
CA ALA A 777 -8.70 -23.50 -38.62
C ALA A 777 -9.67 -24.54 -39.18
N SER A 778 -9.66 -25.72 -38.56
CA SER A 778 -10.58 -26.79 -38.89
C SER A 778 -11.44 -27.11 -37.66
N ILE A 779 -12.19 -28.21 -37.75
CA ILE A 779 -13.08 -28.59 -36.65
C ILE A 779 -12.27 -28.91 -35.39
N LYS A 780 -11.19 -29.67 -35.53
CA LYS A 780 -10.42 -30.07 -34.36
C LYS A 780 -9.74 -28.88 -33.69
N ASN A 781 -9.35 -27.86 -34.48
CA ASN A 781 -8.78 -26.67 -33.89
C ASN A 781 -9.80 -25.93 -33.04
N PHE A 782 -11.03 -25.80 -33.53
CA PHE A 782 -12.09 -25.20 -32.73
C PHE A 782 -12.39 -26.03 -31.48
N LYS A 783 -12.35 -27.36 -31.60
CA LYS A 783 -12.57 -28.20 -30.43
C LYS A 783 -11.49 -27.95 -29.37
N SER A 784 -10.23 -27.88 -29.78
CA SER A 784 -9.14 -27.64 -28.83
C SER A 784 -9.27 -26.25 -28.21
N VAL A 785 -9.61 -25.25 -29.02
CA VAL A 785 -9.73 -23.88 -28.52
C VAL A 785 -10.87 -23.78 -27.51
N LEU A 786 -12.01 -24.40 -27.81
CA LEU A 786 -13.10 -24.42 -26.85
C LEU A 786 -12.77 -25.25 -25.61
N TYR A 787 -11.87 -26.22 -25.74
CA TYR A 787 -11.47 -26.99 -24.56
C TYR A 787 -10.61 -26.16 -23.62
N TYR A 788 -9.64 -25.43 -24.15
CA TYR A 788 -8.69 -24.74 -23.28
C TYR A 788 -9.00 -23.27 -23.05
N GLN A 789 -10.01 -22.72 -23.71
CA GLN A 789 -10.40 -21.33 -23.50
C GLN A 789 -11.87 -21.15 -23.16
N ASN A 790 -12.64 -22.23 -23.09
CA ASN A 790 -14.06 -22.14 -22.80
C ASN A 790 -14.51 -23.18 -21.78
N ASN A 791 -13.67 -24.16 -21.47
CA ASN A 791 -13.94 -25.18 -20.46
C ASN A 791 -15.21 -25.99 -20.80
N VAL A 792 -15.40 -26.22 -22.10
CA VAL A 792 -16.44 -27.10 -22.60
C VAL A 792 -15.86 -27.95 -23.71
N PHE A 793 -16.52 -29.06 -24.01
CA PHE A 793 -16.07 -29.97 -25.06
C PHE A 793 -16.98 -29.82 -26.26
N MET A 794 -16.38 -29.62 -27.42
CA MET A 794 -17.11 -29.51 -28.68
C MET A 794 -17.05 -30.85 -29.41
N SER A 795 -18.15 -31.60 -29.34
CA SER A 795 -18.24 -32.85 -30.07
C SER A 795 -18.62 -32.59 -31.51
N GLU A 796 -18.21 -33.49 -32.39
CA GLU A 796 -18.50 -33.40 -33.82
C GLU A 796 -19.98 -33.65 -34.12
N ALA A 797 -20.74 -34.20 -33.19
CA ALA A 797 -22.09 -34.69 -33.45
C ALA A 797 -23.07 -33.60 -33.86
N LYS A 798 -22.85 -32.35 -33.44
CA LYS A 798 -23.71 -31.25 -33.83
C LYS A 798 -23.00 -30.14 -34.60
N CYS A 799 -21.82 -30.42 -35.16
CA CYS A 799 -21.10 -29.46 -35.98
C CYS A 799 -20.89 -30.08 -37.36
N TRP A 800 -21.34 -29.38 -38.39
CA TRP A 800 -21.43 -29.92 -39.74
C TRP A 800 -20.32 -29.39 -40.64
N THR A 801 -20.10 -30.09 -41.75
CA THR A 801 -19.21 -29.66 -42.81
C THR A 801 -19.85 -30.01 -44.14
N GLU A 802 -20.00 -29.01 -45.01
CA GLU A 802 -20.64 -29.20 -46.31
C GLU A 802 -19.58 -29.10 -47.39
N THR A 803 -19.47 -30.15 -48.20
CA THR A 803 -18.47 -30.22 -49.26
C THR A 803 -19.01 -29.77 -50.61
N ASP A 804 -20.32 -29.56 -50.73
CA ASP A 804 -20.95 -29.13 -51.98
C ASP A 804 -21.50 -27.73 -51.78
N LEU A 805 -21.06 -26.79 -52.60
CA LEU A 805 -21.46 -25.39 -52.44
C LEU A 805 -22.82 -25.11 -53.05
N THR A 806 -23.36 -26.04 -53.83
CA THR A 806 -24.65 -25.84 -54.49
C THR A 806 -25.83 -26.15 -53.59
N LYS A 807 -25.59 -26.57 -52.35
CA LYS A 807 -26.69 -26.80 -51.41
C LYS A 807 -26.55 -25.93 -50.17
N GLY A 808 -25.52 -25.10 -50.08
CA GLY A 808 -25.39 -24.16 -49.01
C GLY A 808 -25.07 -24.80 -47.67
N PRO A 809 -25.00 -23.98 -46.62
CA PRO A 809 -24.75 -24.51 -45.28
C PRO A 809 -25.87 -25.41 -44.81
N HIS A 810 -25.51 -26.37 -43.94
CA HIS A 810 -26.50 -27.32 -43.44
C HIS A 810 -27.56 -26.64 -42.58
N GLU A 811 -27.16 -25.69 -41.74
CA GLU A 811 -28.12 -25.03 -40.84
C GLU A 811 -27.51 -23.72 -40.37
N PHE A 812 -28.20 -22.61 -40.65
CA PHE A 812 -27.84 -21.31 -40.13
C PHE A 812 -29.09 -20.67 -39.54
N CYS A 813 -29.00 -20.29 -38.26
CA CYS A 813 -30.12 -19.68 -37.54
C CYS A 813 -31.37 -20.55 -37.59
N SER A 814 -31.17 -21.87 -37.47
CA SER A 814 -32.23 -22.87 -37.52
C SER A 814 -33.02 -22.82 -38.82
N GLN A 815 -32.40 -22.41 -39.91
CA GLN A 815 -33.02 -22.39 -41.22
C GLN A 815 -32.15 -23.15 -42.21
N HIS A 816 -32.66 -24.28 -42.69
CA HIS A 816 -31.98 -24.97 -43.77
C HIS A 816 -32.13 -24.19 -45.07
N THR A 817 -31.09 -24.23 -45.89
CA THR A 817 -31.07 -23.47 -47.14
C THR A 817 -30.89 -24.42 -48.31
N MET A 818 -31.40 -24.01 -49.46
CA MET A 818 -31.33 -24.83 -50.67
C MET A 818 -31.37 -23.93 -51.89
N LEU A 819 -30.94 -24.47 -53.02
CA LEU A 819 -30.82 -23.72 -54.27
C LEU A 819 -32.07 -23.96 -55.10
N VAL A 820 -32.76 -22.89 -55.45
CA VAL A 820 -33.98 -22.96 -56.22
C VAL A 820 -33.83 -22.10 -57.48
N LYS A 821 -34.79 -22.23 -58.37
CA LYS A 821 -34.84 -21.42 -59.59
C LYS A 821 -35.94 -20.38 -59.48
N GLN A 822 -35.57 -19.11 -59.55
CA GLN A 822 -36.52 -18.00 -59.55
C GLN A 822 -36.32 -17.18 -60.81
N GLY A 823 -37.38 -17.04 -61.59
CA GLY A 823 -37.28 -16.31 -62.84
C GLY A 823 -36.38 -17.00 -63.83
N ASP A 824 -35.20 -16.41 -64.09
CA ASP A 824 -34.24 -16.97 -65.01
C ASP A 824 -32.95 -17.41 -64.34
N ASP A 825 -32.68 -16.95 -63.12
CA ASP A 825 -31.45 -17.29 -62.41
C ASP A 825 -31.78 -18.16 -61.19
N TYR A 826 -30.76 -18.47 -60.40
CA TYR A 826 -30.89 -19.33 -59.24
C TYR A 826 -30.55 -18.54 -57.98
N VAL A 827 -31.37 -18.72 -56.94
CA VAL A 827 -31.20 -18.04 -55.67
C VAL A 827 -31.30 -19.06 -54.54
N TYR A 828 -30.82 -18.66 -53.37
CA TYR A 828 -30.90 -19.49 -52.18
C TYR A 828 -32.09 -19.06 -51.33
N LEU A 829 -32.92 -20.02 -50.91
CA LEU A 829 -34.06 -19.72 -50.07
C LEU A 829 -33.96 -20.48 -48.75
N PRO A 830 -34.04 -19.78 -47.63
CA PRO A 830 -34.01 -20.48 -46.33
C PRO A 830 -35.34 -21.08 -45.97
N TYR A 831 -35.39 -22.40 -45.80
CA TYR A 831 -36.65 -22.99 -45.35
C TYR A 831 -36.51 -23.52 -43.94
N PRO A 832 -37.48 -23.25 -43.08
CA PRO A 832 -37.39 -23.67 -41.67
C PRO A 832 -37.73 -25.15 -41.53
N ASP A 833 -37.64 -25.63 -40.29
CA ASP A 833 -38.07 -26.99 -40.00
C ASP A 833 -39.60 -27.05 -39.98
N PRO A 834 -40.21 -27.86 -40.84
CA PRO A 834 -41.69 -27.92 -40.85
C PRO A 834 -42.29 -28.42 -39.56
N SER A 835 -41.54 -29.21 -38.78
CA SER A 835 -42.01 -29.57 -37.45
C SER A 835 -42.16 -28.34 -36.58
N ARG A 836 -41.23 -27.39 -36.68
CA ARG A 836 -41.34 -26.15 -35.92
C ARG A 836 -42.57 -25.35 -36.31
N ILE A 837 -42.83 -25.23 -37.62
CA ILE A 837 -43.98 -24.46 -38.08
C ILE A 837 -45.29 -25.14 -37.66
N LEU A 838 -45.36 -26.46 -37.80
CA LEU A 838 -46.56 -27.18 -37.41
C LEU A 838 -46.78 -27.10 -35.90
N GLY A 839 -45.70 -27.15 -35.12
CA GLY A 839 -45.81 -26.98 -33.68
C GLY A 839 -46.27 -25.60 -33.28
N ALA A 840 -45.76 -24.56 -33.96
CA ALA A 840 -46.24 -23.20 -33.71
C ALA A 840 -47.72 -23.05 -34.06
N GLY A 841 -48.17 -23.65 -35.15
CA GLY A 841 -49.58 -23.61 -35.47
C GLY A 841 -50.44 -24.37 -34.48
N CYS A 842 -50.01 -25.58 -34.10
CA CYS A 842 -50.82 -26.43 -33.24
C CYS A 842 -50.80 -25.96 -31.79
N PHE A 843 -49.64 -25.56 -31.28
CA PHE A 843 -49.49 -25.23 -29.86
C PHE A 843 -49.30 -23.72 -29.72
N VAL A 844 -50.38 -23.03 -29.37
CA VAL A 844 -50.31 -21.60 -29.06
C VAL A 844 -50.06 -21.44 -27.57
N ASP A 845 -49.59 -20.26 -27.16
CA ASP A 845 -49.25 -20.00 -25.77
C ASP A 845 -50.32 -19.18 -25.06
N ASP A 846 -51.51 -19.08 -25.65
CA ASP A 846 -52.59 -18.30 -25.05
C ASP A 846 -53.92 -18.87 -25.50
N ILE A 847 -54.99 -18.41 -24.84
CA ILE A 847 -56.33 -18.90 -25.15
C ILE A 847 -56.94 -18.12 -26.32
N VAL A 848 -56.69 -16.81 -26.40
CA VAL A 848 -57.17 -15.98 -27.49
C VAL A 848 -56.53 -16.33 -28.83
N LYS A 849 -55.39 -17.03 -28.80
CA LYS A 849 -54.76 -17.50 -30.04
C LYS A 849 -55.27 -18.87 -30.46
N THR A 850 -56.07 -19.52 -29.62
CA THR A 850 -56.64 -20.82 -29.96
C THR A 850 -57.82 -20.72 -30.91
N ASP A 851 -58.63 -19.66 -30.79
CA ASP A 851 -59.86 -19.58 -31.56
C ASP A 851 -59.59 -19.48 -33.06
N GLY A 852 -58.51 -18.80 -33.46
CA GLY A 852 -58.15 -18.74 -34.86
C GLY A 852 -58.75 -17.57 -35.62
N THR A 853 -60.08 -17.46 -35.60
CA THR A 853 -60.75 -16.40 -36.37
C THR A 853 -60.36 -15.02 -35.90
N LEU A 854 -59.92 -14.87 -34.65
CA LEU A 854 -59.45 -13.57 -34.19
C LEU A 854 -58.09 -13.23 -34.80
N MET A 855 -57.25 -14.23 -35.02
CA MET A 855 -55.87 -14.01 -35.46
C MET A 855 -55.65 -14.67 -36.81
N ILE A 856 -55.73 -13.86 -37.87
CA ILE A 856 -55.26 -14.30 -39.17
C ILE A 856 -53.82 -13.90 -39.42
N GLU A 857 -53.30 -12.89 -38.71
CA GLU A 857 -51.90 -12.49 -38.88
C GLU A 857 -50.95 -13.58 -38.44
N ARG A 858 -51.33 -14.37 -37.42
CA ARG A 858 -50.48 -15.49 -36.99
C ARG A 858 -50.23 -16.45 -38.14
N PHE A 859 -51.29 -16.92 -38.79
CA PHE A 859 -51.13 -17.87 -39.87
C PHE A 859 -50.59 -17.25 -41.14
N VAL A 860 -50.88 -15.96 -41.39
CA VAL A 860 -50.25 -15.29 -42.53
C VAL A 860 -48.74 -15.21 -42.32
N SER A 861 -48.30 -14.84 -41.12
CA SER A 861 -46.86 -14.79 -40.83
C SER A 861 -46.23 -16.17 -40.90
N LEU A 862 -46.95 -17.20 -40.42
CA LEU A 862 -46.42 -18.55 -40.52
C LEU A 862 -46.30 -19.02 -41.97
N ALA A 863 -47.29 -18.68 -42.81
CA ALA A 863 -47.18 -19.00 -44.23
C ALA A 863 -46.05 -18.24 -44.90
N ILE A 864 -45.85 -16.97 -44.54
CA ILE A 864 -44.69 -16.22 -45.03
C ILE A 864 -43.40 -16.93 -44.64
N ASP A 865 -43.30 -17.38 -43.39
CA ASP A 865 -42.08 -18.01 -42.91
C ASP A 865 -41.85 -19.38 -43.54
N ALA A 866 -42.92 -20.11 -43.87
CA ALA A 866 -42.79 -21.46 -44.40
C ALA A 866 -43.08 -21.56 -45.89
N TYR A 867 -43.14 -20.44 -46.61
CA TYR A 867 -43.29 -20.49 -48.07
C TYR A 867 -42.22 -21.30 -48.79
N PRO A 868 -40.92 -21.19 -48.49
CA PRO A 868 -39.93 -21.90 -49.31
C PRO A 868 -40.04 -23.42 -49.29
N LEU A 869 -40.90 -23.99 -48.46
CA LEU A 869 -41.07 -25.44 -48.45
C LEU A 869 -41.68 -25.97 -49.73
N THR A 870 -42.41 -25.14 -50.48
CA THR A 870 -43.03 -25.60 -51.72
C THR A 870 -42.01 -26.01 -52.77
N LYS A 871 -40.83 -25.39 -52.77
CA LYS A 871 -39.81 -25.69 -53.76
C LYS A 871 -38.93 -26.86 -53.36
N HIS A 872 -39.16 -27.44 -52.16
CA HIS A 872 -38.42 -28.60 -51.68
C HIS A 872 -38.80 -29.85 -52.49
N PRO A 873 -37.83 -30.72 -52.79
CA PRO A 873 -38.15 -31.94 -53.53
C PRO A 873 -39.10 -32.89 -52.82
N ASN A 874 -39.11 -32.94 -51.49
CA ASN A 874 -39.98 -33.85 -50.76
C ASN A 874 -41.39 -33.26 -50.70
N GLN A 875 -42.39 -34.06 -51.05
CA GLN A 875 -43.73 -33.53 -51.31
C GLN A 875 -44.43 -33.09 -50.03
N GLU A 876 -44.37 -33.90 -48.98
CA GLU A 876 -45.09 -33.54 -47.76
C GLU A 876 -44.34 -32.50 -46.93
N TYR A 877 -43.07 -32.22 -47.26
CA TYR A 877 -42.49 -30.95 -46.87
C TYR A 877 -43.23 -29.79 -47.52
N ALA A 878 -43.54 -29.90 -48.81
CA ALA A 878 -44.20 -28.82 -49.53
C ALA A 878 -45.67 -28.69 -49.16
N ASP A 879 -46.27 -29.76 -48.63
CA ASP A 879 -47.69 -29.74 -48.31
C ASP A 879 -48.01 -28.84 -47.12
N VAL A 880 -47.01 -28.44 -46.33
CA VAL A 880 -47.26 -27.59 -45.18
C VAL A 880 -47.76 -26.21 -45.61
N PHE A 881 -47.17 -25.64 -46.66
CA PHE A 881 -47.59 -24.33 -47.13
C PHE A 881 -49.03 -24.36 -47.61
N HIS A 882 -49.41 -25.39 -48.36
CA HIS A 882 -50.79 -25.52 -48.81
C HIS A 882 -51.74 -25.81 -47.65
N LEU A 883 -51.29 -26.54 -46.63
CA LEU A 883 -52.11 -26.72 -45.44
C LEU A 883 -52.41 -25.38 -44.80
N TYR A 884 -51.37 -24.55 -44.59
CA TYR A 884 -51.60 -23.24 -43.98
C TYR A 884 -52.46 -22.36 -44.86
N LEU A 885 -52.31 -22.48 -46.18
CA LEU A 885 -53.10 -21.64 -47.09
C LEU A 885 -54.57 -22.02 -47.05
N GLN A 886 -54.87 -23.32 -47.12
CA GLN A 886 -56.26 -23.77 -47.01
C GLN A 886 -56.83 -23.49 -45.62
N TYR A 887 -56.00 -23.54 -44.59
CA TYR A 887 -56.46 -23.15 -43.26
C TYR A 887 -56.85 -21.68 -43.21
N ILE A 888 -56.04 -20.81 -43.83
CA ILE A 888 -56.41 -19.39 -43.89
C ILE A 888 -57.71 -19.22 -44.68
N ARG A 889 -57.87 -19.96 -45.77
CA ARG A 889 -59.10 -19.90 -46.54
C ARG A 889 -60.32 -20.27 -45.69
N LYS A 890 -60.25 -21.42 -45.01
CA LYS A 890 -61.36 -21.85 -44.17
C LYS A 890 -61.60 -20.89 -43.01
N LEU A 891 -60.52 -20.36 -42.44
CA LEU A 891 -60.63 -19.42 -41.33
C LEU A 891 -61.35 -18.15 -41.75
N HIS A 892 -60.99 -17.61 -42.91
CA HIS A 892 -61.68 -16.44 -43.43
C HIS A 892 -63.13 -16.75 -43.75
N ASP A 893 -63.40 -17.92 -44.33
CA ASP A 893 -64.78 -18.29 -44.66
C ASP A 893 -65.65 -18.36 -43.40
N GLU A 894 -65.16 -19.01 -42.35
CA GLU A 894 -65.96 -19.11 -41.14
C GLU A 894 -66.00 -17.81 -40.35
N LEU A 895 -64.96 -16.97 -40.45
CA LEU A 895 -65.04 -15.63 -39.86
C LEU A 895 -66.12 -14.80 -40.54
N THR A 896 -66.20 -14.86 -41.87
CA THR A 896 -67.27 -14.17 -42.57
C THR A 896 -68.64 -14.75 -42.23
N GLY A 897 -68.74 -16.06 -42.07
CA GLY A 897 -69.99 -16.65 -41.63
C GLY A 897 -70.42 -16.17 -40.25
N HIS A 898 -69.47 -16.15 -39.31
CA HIS A 898 -69.78 -15.67 -37.97
C HIS A 898 -70.17 -14.19 -37.97
N MET A 899 -69.49 -13.36 -38.76
CA MET A 899 -69.85 -11.94 -38.79
C MET A 899 -71.06 -11.66 -39.67
N LEU A 900 -71.48 -12.63 -40.47
CA LEU A 900 -72.80 -12.59 -41.09
C LEU A 900 -73.91 -13.02 -40.14
N ASP A 901 -73.61 -13.90 -39.18
CA ASP A 901 -74.65 -14.31 -38.23
C ASP A 901 -74.82 -13.27 -37.12
N MET A 902 -73.72 -12.67 -36.67
CA MET A 902 -73.76 -11.71 -35.57
C MET A 902 -74.10 -10.30 -36.05
N TYR A 903 -74.26 -10.11 -37.36
CA TYR A 903 -74.83 -8.88 -37.90
C TYR A 903 -75.79 -9.28 -39.02
N SER A 904 -76.18 -8.30 -39.83
CA SER A 904 -76.91 -8.57 -41.07
C SER A 904 -76.17 -8.07 -42.30
N VAL A 905 -75.00 -7.48 -42.11
CA VAL A 905 -74.26 -6.84 -43.19
C VAL A 905 -72.90 -7.52 -43.32
N MET A 906 -72.56 -7.87 -44.55
CA MET A 906 -71.33 -8.53 -44.95
C MET A 906 -70.30 -7.50 -45.42
N LEU A 907 -69.05 -7.67 -44.96
CA LEU A 907 -68.05 -6.60 -45.01
C LEU A 907 -67.82 -6.10 -46.43
N THR A 908 -67.98 -4.77 -46.60
CA THR A 908 -67.97 -4.17 -47.93
C THR A 908 -66.61 -4.29 -48.59
N ASN A 909 -65.54 -4.06 -47.84
CA ASN A 909 -64.18 -4.25 -48.33
C ASN A 909 -63.52 -5.34 -47.49
N ASP A 910 -63.81 -6.59 -47.84
CA ASP A 910 -63.13 -7.73 -47.23
C ASP A 910 -61.87 -7.93 -48.07
N ASN A 911 -60.73 -7.54 -47.51
CA ASN A 911 -59.50 -7.32 -48.29
C ASN A 911 -58.60 -8.54 -48.27
N THR A 912 -59.11 -9.66 -47.77
CA THR A 912 -58.31 -10.83 -47.41
C THR A 912 -57.98 -11.74 -48.62
N SER A 913 -58.50 -11.42 -49.82
CA SER A 913 -58.44 -12.32 -50.98
C SER A 913 -57.02 -12.69 -51.40
N ARG A 914 -56.02 -11.87 -51.09
CA ARG A 914 -54.65 -12.14 -51.47
C ARG A 914 -53.89 -13.00 -50.48
N TYR A 915 -54.47 -13.28 -49.30
CA TYR A 915 -53.76 -14.05 -48.30
C TYR A 915 -53.81 -15.56 -48.56
N TRP A 916 -54.67 -16.03 -49.47
CA TRP A 916 -54.79 -17.46 -49.73
C TRP A 916 -54.40 -17.84 -51.16
N GLU A 917 -53.72 -16.95 -51.88
CA GLU A 917 -53.10 -17.24 -53.17
C GLU A 917 -51.63 -16.85 -53.17
N PRO A 918 -50.77 -17.65 -53.79
CA PRO A 918 -49.34 -17.61 -53.48
C PRO A 918 -48.57 -16.39 -53.98
N GLU A 919 -49.20 -15.40 -54.60
CA GLU A 919 -48.44 -14.22 -55.02
C GLU A 919 -47.91 -13.44 -53.82
N PHE A 920 -48.72 -13.29 -52.77
CA PHE A 920 -48.30 -12.48 -51.62
C PHE A 920 -47.09 -13.09 -50.91
N TYR A 921 -46.95 -14.42 -50.96
CA TYR A 921 -45.81 -15.08 -50.33
C TYR A 921 -44.67 -15.29 -51.30
N GLU A 922 -44.95 -15.38 -52.60
CA GLU A 922 -43.89 -15.49 -53.59
C GLU A 922 -43.14 -14.18 -53.73
N ALA A 923 -43.85 -13.05 -53.68
CA ALA A 923 -43.19 -11.76 -53.74
C ALA A 923 -42.33 -11.48 -52.52
N MET A 924 -42.46 -12.27 -51.45
CA MET A 924 -41.66 -12.07 -50.24
C MET A 924 -40.19 -12.40 -50.43
N TYR A 925 -39.82 -13.28 -51.36
CA TYR A 925 -38.45 -13.75 -51.52
C TYR A 925 -37.90 -13.38 -52.88
N THR A 926 -38.33 -12.23 -53.41
CA THR A 926 -37.81 -11.73 -54.67
C THR A 926 -37.03 -10.45 -54.41
N PRO A 927 -35.87 -10.31 -55.05
CA PRO A 927 -34.92 -9.24 -54.66
C PRO A 927 -35.31 -7.85 -55.14
N HIS A 928 -36.51 -7.64 -55.66
CA HIS A 928 -36.87 -6.31 -56.14
C HIS A 928 -37.05 -5.32 -55.00
N THR A 929 -37.76 -5.72 -53.95
CA THR A 929 -38.02 -4.83 -52.83
C THR A 929 -36.97 -5.04 -51.72
N PHE B 7 -63.52 29.04 -39.66
CA PHE B 7 -64.34 28.63 -40.79
C PHE B 7 -65.69 29.33 -40.74
N SER B 8 -66.73 28.57 -40.40
CA SER B 8 -68.12 29.05 -40.45
C SER B 8 -68.37 30.27 -39.57
N SER B 9 -67.41 30.69 -38.75
CA SER B 9 -67.55 31.89 -37.94
C SER B 9 -66.73 33.06 -38.47
N LEU B 10 -65.97 32.88 -39.54
CA LEU B 10 -65.08 33.92 -40.03
C LEU B 10 -65.87 35.02 -40.75
N PRO B 11 -65.38 36.27 -40.69
CA PRO B 11 -66.02 37.34 -41.47
C PRO B 11 -65.98 37.11 -42.98
N SER B 12 -64.99 36.36 -43.46
CA SER B 12 -64.96 36.03 -44.88
C SER B 12 -66.16 35.15 -45.26
N TYR B 13 -66.70 34.40 -44.30
CA TYR B 13 -67.97 33.71 -44.56
C TYR B 13 -69.09 34.71 -44.76
N ALA B 14 -69.08 35.81 -44.00
CA ALA B 14 -70.08 36.85 -44.21
C ALA B 14 -69.93 37.49 -45.58
N ALA B 15 -68.69 37.72 -46.03
CA ALA B 15 -68.47 38.23 -47.37
C ALA B 15 -68.97 37.26 -48.44
N PHE B 16 -68.66 35.97 -48.29
CA PHE B 16 -69.14 34.97 -49.23
C PHE B 16 -70.66 34.88 -49.22
N ALA B 17 -71.27 35.00 -48.04
CA ALA B 17 -72.72 34.90 -47.91
C ALA B 17 -73.41 36.09 -48.56
N THR B 18 -72.89 37.31 -48.37
CA THR B 18 -73.52 38.44 -49.03
C THR B 18 -73.27 38.42 -50.53
N ALA B 19 -72.13 37.90 -50.98
CA ALA B 19 -71.91 37.74 -52.43
C ALA B 19 -72.88 36.73 -53.02
N GLN B 20 -73.13 35.61 -52.32
CA GLN B 20 -74.08 34.62 -52.81
C GLN B 20 -75.51 35.15 -52.78
N GLU B 21 -75.84 35.93 -51.75
CA GLU B 21 -77.15 36.56 -51.69
C GLU B 21 -77.33 37.54 -52.85
N ALA B 22 -76.27 38.28 -53.18
CA ALA B 22 -76.31 39.15 -54.35
C ALA B 22 -76.49 38.35 -55.63
N TYR B 23 -75.83 37.20 -55.74
CA TYR B 23 -75.99 36.36 -56.92
C TYR B 23 -77.42 35.86 -57.07
N GLU B 24 -78.03 35.40 -55.98
CA GLU B 24 -79.40 34.91 -56.07
C GLU B 24 -80.39 36.04 -56.28
N GLN B 25 -80.13 37.22 -55.70
CA GLN B 25 -80.98 38.38 -55.96
C GLN B 25 -80.89 38.82 -57.41
N ALA B 26 -79.71 38.78 -58.01
CA ALA B 26 -79.57 39.12 -59.43
C ALA B 26 -80.18 38.05 -60.33
N VAL B 27 -80.15 36.78 -59.89
CA VAL B 27 -80.85 35.73 -60.62
C VAL B 27 -82.35 36.00 -60.60
N ALA B 28 -82.88 36.37 -59.45
CA ALA B 28 -84.29 36.76 -59.35
C ALA B 28 -84.58 38.05 -60.12
N ASN B 29 -83.56 38.89 -60.34
CA ASN B 29 -83.74 40.14 -61.05
C ASN B 29 -83.51 40.01 -62.56
N GLY B 30 -82.65 39.09 -62.99
CA GLY B 30 -82.39 38.90 -64.39
C GLY B 30 -81.74 40.09 -65.08
N ASP B 31 -80.70 40.64 -64.46
CA ASP B 31 -80.04 41.83 -64.97
C ASP B 31 -79.16 41.48 -66.18
N SER B 32 -78.37 42.43 -66.65
CA SER B 32 -77.58 42.27 -67.85
C SER B 32 -76.42 41.31 -67.61
N GLU B 33 -75.84 40.82 -68.71
CA GLU B 33 -74.77 39.84 -68.64
C GLU B 33 -73.50 40.43 -68.01
N VAL B 34 -73.22 41.70 -68.27
CA VAL B 34 -72.01 42.32 -67.72
C VAL B 34 -72.12 42.45 -66.21
N VAL B 35 -73.28 42.87 -65.71
CA VAL B 35 -73.50 42.99 -64.27
C VAL B 35 -73.38 41.63 -63.61
N LEU B 36 -74.00 40.61 -64.22
CA LEU B 36 -73.91 39.25 -63.68
C LEU B 36 -72.49 38.74 -63.67
N LYS B 37 -71.71 39.03 -64.73
CA LYS B 37 -70.33 38.58 -64.78
C LYS B 37 -69.47 39.26 -63.71
N LYS B 38 -69.67 40.57 -63.52
CA LYS B 38 -68.93 41.27 -62.46
C LYS B 38 -69.28 40.73 -61.09
N LEU B 39 -70.56 40.47 -60.84
CA LEU B 39 -70.95 39.98 -59.53
C LEU B 39 -70.47 38.54 -59.34
N LYS B 40 -70.38 37.78 -60.43
CA LYS B 40 -69.78 36.45 -60.37
C LYS B 40 -68.30 36.52 -60.03
N LYS B 41 -67.60 37.52 -60.59
CA LYS B 41 -66.20 37.73 -60.21
C LYS B 41 -66.07 38.03 -58.73
N SER B 42 -66.96 38.86 -58.20
CA SER B 42 -66.95 39.13 -56.76
C SER B 42 -67.21 37.88 -55.94
N LEU B 43 -68.19 37.07 -56.36
CA LEU B 43 -68.48 35.82 -55.67
C LEU B 43 -67.29 34.86 -55.70
N ASN B 44 -66.61 34.77 -56.85
CA ASN B 44 -65.46 33.88 -56.97
C ASN B 44 -64.29 34.34 -56.12
N VAL B 45 -64.02 35.64 -56.04
CA VAL B 45 -62.92 36.07 -55.18
C VAL B 45 -63.28 35.89 -53.71
N ALA B 46 -64.56 36.04 -53.35
CA ALA B 46 -64.97 35.74 -51.98
C ALA B 46 -64.77 34.27 -51.65
N LYS B 47 -65.12 33.39 -52.59
CA LYS B 47 -64.87 31.95 -52.41
C LYS B 47 -63.39 31.66 -52.26
N SER B 48 -62.56 32.28 -53.11
CA SER B 48 -61.12 32.06 -53.06
C SER B 48 -60.53 32.50 -51.72
N GLU B 49 -61.06 33.58 -51.15
CA GLU B 49 -60.60 34.01 -49.83
C GLU B 49 -61.03 33.02 -48.75
N PHE B 50 -62.33 32.72 -48.68
CA PHE B 50 -62.85 31.99 -47.53
C PHE B 50 -62.43 30.52 -47.53
N ASP B 51 -62.43 29.88 -48.70
CA ASP B 51 -62.03 28.48 -48.74
C ASP B 51 -60.58 28.32 -48.28
N ARG B 52 -59.70 29.22 -48.72
CA ARG B 52 -58.31 29.19 -48.30
C ARG B 52 -58.18 29.39 -46.80
N ASP B 53 -58.92 30.36 -46.25
CA ASP B 53 -58.81 30.62 -44.81
C ASP B 53 -59.32 29.45 -43.98
N ALA B 54 -60.43 28.84 -44.40
CA ALA B 54 -60.95 27.69 -43.67
C ALA B 54 -60.01 26.49 -43.76
N ALA B 55 -59.43 26.26 -44.94
CA ALA B 55 -58.46 25.19 -45.08
C ALA B 55 -57.24 25.43 -44.21
N MET B 56 -56.84 26.70 -44.04
CA MET B 56 -55.77 27.02 -43.11
C MET B 56 -56.17 26.70 -41.68
N GLN B 57 -57.42 27.01 -41.31
CA GLN B 57 -57.84 26.83 -39.92
C GLN B 57 -57.99 25.34 -39.57
N ARG B 58 -58.26 24.50 -40.56
CA ARG B 58 -58.42 23.07 -40.27
C ARG B 58 -57.14 22.44 -39.71
N LYS B 59 -56.02 22.68 -40.38
CA LYS B 59 -54.73 22.17 -39.91
C LYS B 59 -54.37 22.84 -38.58
N LEU B 60 -54.85 24.07 -38.38
CA LEU B 60 -54.63 24.74 -37.10
C LEU B 60 -55.33 24.00 -35.97
N GLU B 61 -56.57 23.56 -36.20
CA GLU B 61 -57.26 22.73 -35.22
C GLU B 61 -56.54 21.42 -34.99
N LYS B 62 -56.01 20.82 -36.06
CA LYS B 62 -55.24 19.58 -35.91
C LYS B 62 -54.04 19.78 -35.00
N MET B 63 -53.24 20.83 -35.26
CA MET B 63 -52.04 21.04 -34.45
C MET B 63 -52.39 21.45 -33.02
N ALA B 64 -53.49 22.18 -32.85
CA ALA B 64 -53.94 22.52 -31.50
C ALA B 64 -54.29 21.27 -30.72
N ASP B 65 -55.00 20.33 -31.35
CA ASP B 65 -55.33 19.07 -30.68
C ASP B 65 -54.07 18.27 -30.37
N GLN B 66 -53.09 18.26 -31.29
CA GLN B 66 -51.85 17.54 -31.05
C GLN B 66 -51.09 18.11 -29.85
N ALA B 67 -50.96 19.43 -29.78
CA ALA B 67 -50.28 20.05 -28.65
C ALA B 67 -51.04 19.82 -27.35
N MET B 68 -52.38 19.87 -27.42
CA MET B 68 -53.22 19.58 -26.26
C MET B 68 -52.96 18.17 -25.74
N THR B 69 -52.91 17.19 -26.66
CA THR B 69 -52.67 15.81 -26.27
C THR B 69 -51.27 15.63 -25.67
N GLN B 70 -50.26 16.28 -26.27
CA GLN B 70 -48.91 16.17 -25.73
C GLN B 70 -48.83 16.75 -24.33
N MET B 71 -49.46 17.91 -24.10
CA MET B 71 -49.44 18.53 -22.78
C MET B 71 -50.20 17.69 -21.75
N TYR B 72 -51.32 17.10 -22.16
CA TYR B 72 -52.08 16.22 -21.28
C TYR B 72 -51.27 14.99 -20.88
N LYS B 73 -50.59 14.38 -21.86
CA LYS B 73 -49.73 13.24 -21.58
C LYS B 73 -48.58 13.61 -20.66
N GLN B 74 -47.99 14.80 -20.87
CA GLN B 74 -46.89 15.24 -20.01
C GLN B 74 -47.35 15.46 -18.58
N ALA B 75 -48.55 16.01 -18.40
CA ALA B 75 -49.09 16.19 -17.05
C ALA B 75 -49.30 14.84 -16.38
N ARG B 76 -49.84 13.86 -17.11
CA ARG B 76 -50.01 12.54 -16.50
C ARG B 76 -48.67 11.89 -16.19
N SER B 77 -47.66 12.14 -17.03
CA SER B 77 -46.32 11.63 -16.74
C SER B 77 -45.75 12.23 -15.46
N GLU B 78 -45.98 13.54 -15.26
CA GLU B 78 -45.54 14.18 -14.02
C GLU B 78 -46.24 13.57 -12.80
N ASP B 79 -47.55 13.34 -12.92
CA ASP B 79 -48.28 12.75 -11.80
C ASP B 79 -47.86 11.31 -11.53
N LYS B 80 -47.43 10.57 -12.55
CA LYS B 80 -46.88 9.24 -12.31
C LYS B 80 -45.49 9.31 -11.70
N ARG B 81 -44.70 10.31 -12.10
CA ARG B 81 -43.36 10.49 -11.53
C ARG B 81 -43.43 10.77 -10.05
N ALA B 82 -44.37 11.62 -9.63
CA ALA B 82 -44.53 11.88 -8.19
C ALA B 82 -44.88 10.61 -7.43
N LYS B 83 -45.79 9.79 -7.97
CA LYS B 83 -46.20 8.57 -7.30
C LYS B 83 -45.05 7.58 -7.18
N VAL B 84 -44.28 7.39 -8.25
CA VAL B 84 -43.17 6.44 -8.17
C VAL B 84 -42.08 6.96 -7.25
N THR B 85 -41.87 8.28 -7.20
CA THR B 85 -40.92 8.84 -6.25
C THR B 85 -41.34 8.56 -4.82
N SER B 86 -42.63 8.76 -4.52
CA SER B 86 -43.13 8.48 -3.18
C SER B 86 -42.98 7.01 -2.83
N ALA B 87 -43.29 6.12 -3.78
CA ALA B 87 -43.15 4.68 -3.52
C ALA B 87 -41.71 4.30 -3.24
N MET B 88 -40.77 4.84 -4.02
CA MET B 88 -39.36 4.53 -3.81
C MET B 88 -38.87 5.05 -2.46
N GLN B 89 -39.29 6.27 -2.09
CA GLN B 89 -38.91 6.82 -0.79
C GLN B 89 -39.44 5.97 0.36
N THR B 90 -40.72 5.56 0.27
CA THR B 90 -41.28 4.72 1.32
C THR B 90 -40.58 3.38 1.41
N MET B 91 -40.25 2.76 0.26
CA MET B 91 -39.54 1.49 0.29
C MET B 91 -38.19 1.65 0.98
N LEU B 92 -37.44 2.68 0.60
CA LEU B 92 -36.12 2.88 1.18
C LEU B 92 -36.21 3.09 2.69
N PHE B 93 -37.15 3.91 3.15
CA PHE B 93 -37.22 4.21 4.57
C PHE B 93 -37.73 3.01 5.37
N THR B 94 -38.63 2.21 4.81
CA THR B 94 -39.01 0.97 5.49
C THR B 94 -37.85 0.00 5.59
N MET B 95 -37.05 -0.14 4.53
CA MET B 95 -35.88 -1.02 4.64
C MET B 95 -34.88 -0.48 5.65
N LEU B 96 -34.83 0.83 5.82
CA LEU B 96 -34.02 1.40 6.90
C LEU B 96 -34.55 0.98 8.26
N ARG B 97 -35.87 1.04 8.43
CA ARG B 97 -36.49 0.59 9.67
C ARG B 97 -36.26 -0.89 9.93
N LYS B 98 -36.00 -1.68 8.89
CA LYS B 98 -35.70 -3.09 9.05
C LYS B 98 -34.26 -3.36 9.49
N LEU B 99 -33.38 -2.38 9.43
CA LEU B 99 -31.97 -2.62 9.67
C LEU B 99 -31.68 -2.89 11.15
N ASP B 100 -30.71 -3.77 11.39
CA ASP B 100 -30.22 -4.08 12.73
C ASP B 100 -29.00 -3.20 12.99
N ASN B 101 -29.26 -2.05 13.62
CA ASN B 101 -28.25 -0.98 13.67
C ASN B 101 -27.09 -1.28 14.59
N ASP B 102 -27.28 -2.09 15.63
CA ASP B 102 -26.22 -2.26 16.62
C ASP B 102 -25.05 -3.07 16.08
N ALA B 103 -25.33 -4.28 15.57
CA ALA B 103 -24.26 -5.10 15.01
C ALA B 103 -23.67 -4.47 13.75
N LEU B 104 -24.52 -3.81 12.95
CA LEU B 104 -24.02 -3.10 11.78
C LEU B 104 -23.05 -1.99 12.18
N ASN B 105 -23.41 -1.21 13.20
CA ASN B 105 -22.50 -0.18 13.70
C ASN B 105 -21.22 -0.79 14.22
N ASN B 106 -21.31 -1.94 14.91
CA ASN B 106 -20.11 -2.59 15.41
C ASN B 106 -19.16 -2.98 14.28
N ILE B 107 -19.69 -3.65 13.25
CA ILE B 107 -18.80 -4.11 12.18
C ILE B 107 -18.33 -2.97 11.29
N ILE B 108 -19.10 -1.89 11.14
CA ILE B 108 -18.62 -0.73 10.41
C ILE B 108 -17.53 0.00 11.18
N ASN B 109 -17.71 0.19 12.49
CA ASN B 109 -16.67 0.80 13.31
C ASN B 109 -15.42 -0.05 13.37
N ASN B 110 -15.54 -1.37 13.24
CA ASN B 110 -14.35 -2.21 13.19
C ASN B 110 -13.55 -2.00 11.91
N ALA B 111 -14.18 -1.50 10.86
CA ALA B 111 -13.52 -1.32 9.58
C ALA B 111 -12.55 -0.14 9.62
N ARG B 112 -11.58 -0.17 8.70
CA ARG B 112 -10.59 0.89 8.62
C ARG B 112 -11.14 2.10 7.86
N ASP B 113 -11.47 1.92 6.59
CA ASP B 113 -11.98 3.02 5.78
C ASP B 113 -13.44 3.32 6.06
N GLY B 114 -14.14 2.43 6.74
CA GLY B 114 -15.58 2.47 6.81
C GLY B 114 -16.26 1.69 5.71
N CYS B 115 -15.50 1.12 4.78
CA CYS B 115 -16.02 0.29 3.72
C CYS B 115 -15.84 -1.18 4.07
N VAL B 116 -16.92 -1.95 3.91
CA VAL B 116 -16.87 -3.40 4.11
C VAL B 116 -17.50 -4.05 2.88
N PRO B 117 -17.15 -5.29 2.55
CA PRO B 117 -17.83 -5.98 1.46
C PRO B 117 -19.31 -6.20 1.79
N LEU B 118 -20.13 -6.22 0.74
CA LEU B 118 -21.57 -6.38 0.96
C LEU B 118 -21.92 -7.80 1.37
N ASN B 119 -21.14 -8.78 0.91
CA ASN B 119 -21.47 -10.18 1.16
C ASN B 119 -21.37 -10.56 2.63
N ILE B 120 -20.73 -9.75 3.47
CA ILE B 120 -20.58 -10.07 4.89
C ILE B 120 -21.53 -9.29 5.77
N ILE B 121 -22.30 -8.37 5.21
CA ILE B 121 -23.30 -7.63 5.98
C ILE B 121 -24.34 -8.60 6.54
N PRO B 122 -24.97 -9.48 5.72
CA PRO B 122 -25.88 -10.46 6.33
C PRO B 122 -25.13 -11.53 7.09
N LEU B 123 -23.87 -11.79 6.73
CA LEU B 123 -23.11 -12.84 7.38
C LEU B 123 -22.84 -12.51 8.85
N THR B 124 -22.84 -11.23 9.20
CA THR B 124 -22.50 -10.81 10.56
C THR B 124 -23.58 -9.99 11.24
N THR B 125 -24.61 -9.53 10.52
CA THR B 125 -25.66 -8.72 11.15
C THR B 125 -27.06 -9.28 11.01
N ALA B 126 -27.33 -10.18 10.06
CA ALA B 126 -28.68 -10.71 9.91
C ALA B 126 -29.06 -11.53 11.12
N ALA B 127 -30.26 -11.28 11.65
CA ALA B 127 -30.75 -11.96 12.84
C ALA B 127 -31.52 -13.23 12.51
N LYS B 128 -31.98 -13.40 11.27
CA LYS B 128 -32.74 -14.56 10.87
C LYS B 128 -32.09 -15.22 9.66
N LEU B 129 -32.00 -16.54 9.68
CA LEU B 129 -31.33 -17.30 8.62
C LEU B 129 -32.29 -18.34 8.07
N MET B 130 -32.21 -18.57 6.77
CA MET B 130 -33.02 -19.59 6.10
C MET B 130 -32.10 -20.53 5.34
N VAL B 131 -32.24 -21.83 5.58
CA VAL B 131 -31.52 -22.85 4.83
C VAL B 131 -32.51 -23.56 3.93
N VAL B 132 -32.20 -23.62 2.63
CA VAL B 132 -32.99 -24.38 1.67
C VAL B 132 -32.28 -25.72 1.44
N ILE B 133 -33.01 -26.80 1.67
CA ILE B 133 -32.42 -28.13 1.82
C ILE B 133 -33.05 -29.04 0.78
N PRO B 134 -32.30 -29.56 -0.19
CA PRO B 134 -32.91 -30.31 -1.29
C PRO B 134 -33.31 -31.74 -0.94
N ASP B 135 -32.56 -32.40 -0.06
CA ASP B 135 -32.82 -33.79 0.27
C ASP B 135 -32.46 -34.03 1.73
N TYR B 136 -32.59 -35.28 2.17
CA TYR B 136 -32.46 -35.58 3.60
C TYR B 136 -31.00 -35.59 4.06
N ASN B 137 -30.08 -36.04 3.20
CA ASN B 137 -28.69 -36.13 3.60
C ASN B 137 -28.11 -34.76 3.93
N THR B 138 -28.44 -33.76 3.11
CA THR B 138 -28.00 -32.40 3.42
C THR B 138 -28.65 -31.87 4.69
N TYR B 139 -29.90 -32.25 4.96
CA TYR B 139 -30.51 -31.88 6.24
C TYR B 139 -29.76 -32.48 7.41
N LYS B 140 -29.38 -33.76 7.30
CA LYS B 140 -28.60 -34.40 8.35
C LYS B 140 -27.20 -33.81 8.47
N ASN B 141 -26.69 -33.21 7.40
CA ASN B 141 -25.33 -32.69 7.42
C ASN B 141 -25.22 -31.22 7.81
N THR B 142 -26.28 -30.42 7.68
CA THR B 142 -26.12 -28.99 7.93
C THR B 142 -26.89 -28.47 9.14
N CYS B 143 -28.08 -28.96 9.43
CA CYS B 143 -28.89 -28.40 10.52
C CYS B 143 -29.60 -29.51 11.30
N ASP B 144 -28.88 -30.57 11.61
CA ASP B 144 -29.46 -31.64 12.42
C ASP B 144 -29.72 -31.15 13.84
N GLY B 145 -30.83 -31.61 14.40
CA GLY B 145 -31.22 -31.18 15.73
C GLY B 145 -31.98 -29.87 15.71
N THR B 146 -32.01 -29.21 16.87
CA THR B 146 -32.65 -27.92 17.01
C THR B 146 -31.69 -26.74 16.95
N THR B 147 -30.39 -26.97 17.09
CA THR B 147 -29.39 -25.92 16.96
C THR B 147 -28.30 -26.41 16.02
N PHE B 148 -27.72 -25.47 15.27
CA PHE B 148 -26.65 -25.79 14.34
C PHE B 148 -25.73 -24.57 14.24
N THR B 149 -24.59 -24.78 13.58
CA THR B 149 -23.54 -23.76 13.53
C THR B 149 -23.21 -23.44 12.08
N TYR B 150 -23.51 -22.22 11.65
CA TYR B 150 -23.12 -21.72 10.35
C TYR B 150 -22.63 -20.29 10.51
N ALA B 151 -21.63 -19.93 9.70
CA ALA B 151 -21.04 -18.58 9.70
C ALA B 151 -20.53 -18.19 11.08
N SER B 152 -19.93 -19.17 11.78
CA SER B 152 -19.30 -18.95 13.09
C SER B 152 -20.26 -18.35 14.10
N ALA B 153 -21.51 -18.85 14.09
CA ALA B 153 -22.51 -18.43 15.04
C ALA B 153 -23.37 -19.63 15.40
N LEU B 154 -24.28 -19.44 16.35
CA LEU B 154 -25.17 -20.50 16.82
C LEU B 154 -26.61 -20.10 16.52
N TRP B 155 -27.31 -20.91 15.74
CA TRP B 155 -28.67 -20.64 15.33
C TRP B 155 -29.61 -21.69 15.89
N GLU B 156 -30.80 -21.26 16.30
CA GLU B 156 -31.83 -22.15 16.79
C GLU B 156 -32.99 -22.18 15.80
N ILE B 157 -33.45 -23.39 15.47
CA ILE B 157 -34.46 -23.55 14.42
C ILE B 157 -35.83 -23.18 15.00
N GLN B 158 -36.43 -22.11 14.47
CA GLN B 158 -37.75 -21.70 14.93
C GLN B 158 -38.88 -22.28 14.11
N GLN B 159 -38.63 -22.69 12.87
CA GLN B 159 -39.70 -23.14 11.98
C GLN B 159 -39.10 -23.94 10.84
N VAL B 160 -39.86 -24.93 10.38
CA VAL B 160 -39.50 -25.71 9.20
C VAL B 160 -40.71 -25.75 8.29
N VAL B 161 -40.55 -25.32 7.05
CA VAL B 161 -41.63 -25.34 6.07
C VAL B 161 -41.14 -26.04 4.82
N ASP B 162 -42.06 -26.70 4.13
CA ASP B 162 -41.75 -27.42 2.90
C ASP B 162 -41.96 -26.51 1.70
N ALA B 163 -41.95 -27.10 0.50
CA ALA B 163 -42.09 -26.30 -0.72
C ALA B 163 -43.49 -25.71 -0.86
N ASP B 164 -44.47 -26.30 -0.18
CA ASP B 164 -45.85 -25.82 -0.25
C ASP B 164 -46.19 -24.88 0.90
N SER B 165 -45.17 -24.37 1.61
CA SER B 165 -45.33 -23.46 2.74
C SER B 165 -46.17 -24.07 3.86
N LYS B 166 -46.13 -25.39 4.02
CA LYS B 166 -46.81 -26.06 5.12
C LYS B 166 -45.83 -26.35 6.24
N ILE B 167 -46.31 -26.21 7.48
CA ILE B 167 -45.45 -26.44 8.64
C ILE B 167 -45.10 -27.92 8.74
N VAL B 168 -43.80 -28.19 8.95
CA VAL B 168 -43.30 -29.53 9.17
C VAL B 168 -42.63 -29.56 10.52
N GLN B 169 -43.13 -30.40 11.42
CA GLN B 169 -42.51 -30.54 12.73
C GLN B 169 -41.17 -31.26 12.60
N LEU B 170 -40.25 -30.96 13.53
CA LEU B 170 -38.89 -31.46 13.42
C LEU B 170 -38.78 -32.96 13.63
N SER B 171 -39.80 -33.60 14.20
CA SER B 171 -39.81 -35.06 14.31
C SER B 171 -40.28 -35.74 13.03
N GLU B 172 -40.86 -34.99 12.10
CA GLU B 172 -41.35 -35.55 10.85
C GLU B 172 -40.23 -35.86 9.87
N ILE B 173 -39.07 -35.22 10.02
CA ILE B 173 -37.96 -35.36 9.08
C ILE B 173 -37.10 -36.54 9.55
N SER B 174 -37.35 -37.71 8.96
CA SER B 174 -36.61 -38.92 9.26
C SER B 174 -36.08 -39.53 7.97
N MET B 175 -35.27 -40.58 8.10
CA MET B 175 -34.75 -41.27 6.93
C MET B 175 -35.84 -41.99 6.17
N ASP B 176 -36.69 -42.72 6.89
CA ASP B 176 -37.80 -43.44 6.26
C ASP B 176 -38.97 -42.52 5.90
N ASN B 177 -39.11 -41.40 6.60
CA ASN B 177 -40.21 -40.47 6.37
C ASN B 177 -39.85 -39.37 5.38
N SER B 178 -38.63 -39.39 4.83
CA SER B 178 -38.26 -38.40 3.82
C SER B 178 -39.13 -38.42 2.58
N PRO B 179 -39.51 -39.56 1.98
CA PRO B 179 -40.31 -39.50 0.75
C PRO B 179 -41.67 -38.82 0.91
N ASN B 180 -42.21 -38.76 2.12
CA ASN B 180 -43.51 -38.17 2.34
C ASN B 180 -43.47 -36.65 2.52
N LEU B 181 -42.29 -36.04 2.45
CA LEU B 181 -42.13 -34.61 2.62
C LEU B 181 -41.93 -33.94 1.26
N ALA B 182 -42.52 -32.76 1.09
CA ALA B 182 -42.43 -32.01 -0.15
C ALA B 182 -41.13 -31.21 -0.15
N TRP B 183 -40.05 -31.88 -0.57
CA TRP B 183 -38.76 -31.21 -0.68
C TRP B 183 -38.79 -30.16 -1.77
N PRO B 184 -38.01 -29.08 -1.65
CA PRO B 184 -37.05 -28.76 -0.58
C PRO B 184 -37.67 -28.24 0.71
N LEU B 185 -36.93 -28.34 1.81
CA LEU B 185 -37.36 -27.85 3.11
C LEU B 185 -36.66 -26.53 3.40
N ILE B 186 -37.43 -25.55 3.85
CA ILE B 186 -36.93 -24.22 4.16
C ILE B 186 -36.98 -24.06 5.67
N VAL B 187 -35.89 -24.38 6.36
CA VAL B 187 -35.83 -24.19 7.80
C VAL B 187 -35.48 -22.73 8.08
N THR B 188 -36.04 -22.19 9.14
CA THR B 188 -35.83 -20.80 9.52
C THR B 188 -35.23 -20.77 10.91
N ALA B 189 -34.13 -20.06 11.07
CA ALA B 189 -33.38 -20.03 12.31
C ALA B 189 -33.05 -18.60 12.71
N LEU B 190 -32.85 -18.40 14.01
CA LEU B 190 -32.52 -17.11 14.59
C LEU B 190 -31.18 -17.17 15.30
N ARG B 191 -30.45 -16.06 15.23
CA ARG B 191 -29.17 -15.97 15.91
C ARG B 191 -29.35 -16.00 17.42
N ALA B 192 -28.48 -16.74 18.09
CA ALA B 192 -28.55 -16.87 19.54
C ALA B 192 -27.28 -16.32 20.20
N SER C 6 -52.11 -42.29 -37.35
CA SER C 6 -52.10 -41.02 -36.64
C SER C 6 -52.21 -41.23 -35.13
N LYS C 7 -52.04 -42.48 -34.70
CA LYS C 7 -52.19 -42.82 -33.29
C LYS C 7 -51.10 -42.23 -32.41
N MET C 8 -49.95 -41.85 -32.97
CA MET C 8 -48.82 -41.40 -32.15
C MET C 8 -48.84 -39.90 -31.87
N SER C 9 -49.02 -39.06 -32.90
CA SER C 9 -49.14 -37.63 -32.71
C SER C 9 -50.45 -37.25 -32.01
N ASP C 10 -51.30 -38.23 -31.72
CA ASP C 10 -52.58 -38.06 -31.05
C ASP C 10 -52.50 -38.11 -29.53
N VAL C 11 -51.61 -38.91 -28.96
CA VAL C 11 -51.46 -38.94 -27.51
C VAL C 11 -50.74 -37.69 -27.02
N LYS C 12 -49.73 -37.25 -27.79
CA LYS C 12 -48.86 -36.16 -27.37
C LYS C 12 -49.61 -34.86 -27.16
N CYS C 13 -50.75 -34.66 -27.81
CA CYS C 13 -51.59 -33.50 -27.54
C CYS C 13 -52.52 -33.74 -26.36
N THR C 14 -52.96 -34.99 -26.16
CA THR C 14 -53.81 -35.31 -25.03
C THR C 14 -53.09 -35.09 -23.71
N SER C 15 -51.79 -35.36 -23.67
CA SER C 15 -51.02 -35.04 -22.47
C SER C 15 -51.00 -33.55 -22.21
N VAL C 16 -50.88 -32.74 -23.25
CA VAL C 16 -50.84 -31.28 -23.09
C VAL C 16 -52.17 -30.79 -22.53
N VAL C 17 -53.29 -31.25 -23.10
CA VAL C 17 -54.58 -30.78 -22.61
C VAL C 17 -54.85 -31.29 -21.20
N LEU C 18 -54.47 -32.53 -20.89
CA LEU C 18 -54.67 -33.05 -19.54
C LEU C 18 -53.84 -32.28 -18.51
N LEU C 19 -52.59 -31.96 -18.84
CA LEU C 19 -51.79 -31.15 -17.93
C LEU C 19 -52.35 -29.75 -17.78
N SER C 20 -52.90 -29.19 -18.86
CA SER C 20 -53.55 -27.88 -18.75
C SER C 20 -54.77 -27.95 -17.82
N VAL C 21 -55.54 -29.02 -17.91
CA VAL C 21 -56.70 -29.19 -17.02
C VAL C 21 -56.24 -29.34 -15.57
N LEU C 22 -55.18 -30.12 -15.35
CA LEU C 22 -54.65 -30.28 -13.99
C LEU C 22 -54.14 -28.95 -13.44
N GLN C 23 -53.49 -28.15 -14.28
CA GLN C 23 -53.07 -26.81 -13.86
C GLN C 23 -54.27 -25.90 -13.60
N GLN C 24 -55.35 -26.08 -14.35
CA GLN C 24 -56.60 -25.38 -14.09
C GLN C 24 -57.18 -25.71 -12.73
N LEU C 25 -57.11 -26.98 -12.31
CA LEU C 25 -57.63 -27.39 -11.02
C LEU C 25 -56.63 -27.20 -9.87
N ARG C 26 -55.56 -26.42 -10.11
CA ARG C 26 -54.58 -26.08 -9.08
C ARG C 26 -53.93 -27.31 -8.46
N VAL C 27 -53.40 -28.18 -9.30
CA VAL C 27 -52.39 -29.15 -8.82
C VAL C 27 -51.06 -28.44 -8.62
N GLU C 28 -50.89 -27.27 -9.23
CA GLU C 28 -49.66 -26.49 -9.11
C GLU C 28 -49.37 -26.07 -7.67
N SER C 29 -50.39 -26.00 -6.82
CA SER C 29 -50.20 -25.62 -5.43
C SER C 29 -49.65 -26.75 -4.57
N SER C 30 -49.60 -27.96 -5.11
CA SER C 30 -48.99 -29.11 -4.44
C SER C 30 -47.73 -29.46 -5.22
N SER C 31 -46.57 -29.06 -4.71
CA SER C 31 -45.32 -29.29 -5.42
C SER C 31 -45.04 -30.77 -5.61
N LYS C 32 -45.33 -31.58 -4.60
CA LYS C 32 -45.06 -33.01 -4.71
C LYS C 32 -45.85 -33.66 -5.84
N LEU C 33 -47.15 -33.42 -5.93
CA LEU C 33 -47.93 -34.04 -7.00
C LEU C 33 -47.57 -33.46 -8.37
N TRP C 34 -47.41 -32.13 -8.43
CA TRP C 34 -47.02 -31.46 -9.67
C TRP C 34 -45.70 -32.00 -10.19
N ALA C 35 -44.86 -32.54 -9.30
CA ALA C 35 -43.59 -33.13 -9.72
C ALA C 35 -43.80 -34.23 -10.75
N GLN C 36 -44.49 -35.33 -10.40
CA GLN C 36 -44.70 -36.37 -11.41
C GLN C 36 -45.75 -35.97 -12.44
N CYS C 37 -46.60 -34.99 -12.15
CA CYS C 37 -47.48 -34.51 -13.22
C CYS C 37 -46.66 -33.96 -14.39
N VAL C 38 -45.75 -33.03 -14.12
CA VAL C 38 -44.90 -32.49 -15.18
C VAL C 38 -43.89 -33.53 -15.65
N GLN C 39 -43.49 -34.44 -14.77
CA GLN C 39 -42.58 -35.51 -15.15
C GLN C 39 -43.18 -36.38 -16.24
N LEU C 40 -44.39 -36.89 -16.00
CA LEU C 40 -45.07 -37.70 -16.99
C LEU C 40 -45.38 -36.89 -18.24
N HIS C 41 -45.70 -35.61 -18.09
CA HIS C 41 -45.99 -34.81 -19.27
C HIS C 41 -44.77 -34.69 -20.18
N ASN C 42 -43.62 -34.32 -19.61
CA ASN C 42 -42.40 -34.18 -20.41
C ASN C 42 -41.90 -35.52 -20.93
N ASP C 43 -42.14 -36.61 -20.22
CA ASP C 43 -41.74 -37.92 -20.74
C ASP C 43 -42.65 -38.42 -21.85
N ILE C 44 -43.95 -38.16 -21.79
CA ILE C 44 -44.85 -38.54 -22.87
C ILE C 44 -44.56 -37.71 -24.11
N LEU C 45 -44.22 -36.43 -23.95
CA LEU C 45 -43.86 -35.64 -25.12
C LEU C 45 -42.63 -36.20 -25.82
N LEU C 46 -41.68 -36.74 -25.05
CA LEU C 46 -40.49 -37.38 -25.62
C LEU C 46 -40.61 -38.91 -25.61
N ALA C 47 -41.54 -39.45 -26.40
CA ALA C 47 -41.82 -40.88 -26.43
C ALA C 47 -41.67 -41.43 -27.84
N LYS C 48 -41.34 -42.72 -27.92
CA LYS C 48 -41.10 -43.39 -29.20
C LYS C 48 -42.07 -44.50 -29.52
N ASP C 49 -42.52 -45.27 -28.52
CA ASP C 49 -43.38 -46.43 -28.79
C ASP C 49 -44.80 -46.09 -28.35
N THR C 50 -45.77 -46.89 -28.78
CA THR C 50 -47.14 -46.65 -28.37
C THR C 50 -47.37 -46.98 -26.89
N THR C 51 -46.61 -47.95 -26.34
CA THR C 51 -46.91 -48.52 -25.03
C THR C 51 -46.63 -47.55 -23.90
N GLU C 52 -45.34 -47.22 -23.69
CA GLU C 52 -44.98 -46.42 -22.52
C GLU C 52 -45.69 -45.08 -22.55
N ALA C 53 -45.90 -44.52 -23.75
CA ALA C 53 -46.83 -43.42 -23.90
C ALA C 53 -48.20 -43.75 -23.32
N PHE C 54 -48.71 -44.97 -23.54
CA PHE C 54 -50.08 -45.23 -23.10
C PHE C 54 -50.22 -45.47 -21.61
N GLU C 55 -49.33 -46.24 -20.95
CA GLU C 55 -49.54 -46.35 -19.50
C GLU C 55 -48.96 -45.15 -18.73
N LYS C 56 -48.02 -44.39 -19.30
CA LYS C 56 -47.77 -43.06 -18.73
C LYS C 56 -48.99 -42.15 -18.90
N MET C 57 -49.74 -42.31 -19.99
CA MET C 57 -51.02 -41.60 -20.11
C MET C 57 -51.97 -42.04 -19.03
N VAL C 58 -51.98 -43.34 -18.73
CA VAL C 58 -52.87 -43.86 -17.69
C VAL C 58 -52.48 -43.30 -16.33
N SER C 59 -51.17 -43.28 -16.02
CA SER C 59 -50.67 -42.73 -14.78
C SER C 59 -50.95 -41.24 -14.62
N LEU C 60 -50.81 -40.47 -15.69
CA LEU C 60 -51.10 -39.05 -15.63
C LEU C 60 -52.59 -38.79 -15.47
N LEU C 61 -53.44 -39.59 -16.13
CA LEU C 61 -54.88 -39.41 -15.98
C LEU C 61 -55.35 -39.83 -14.59
N SER C 62 -54.64 -40.76 -13.95
CA SER C 62 -54.97 -41.14 -12.58
C SER C 62 -54.88 -39.99 -11.60
N VAL C 63 -54.07 -38.97 -11.88
CA VAL C 63 -54.05 -37.77 -11.05
C VAL C 63 -55.43 -37.10 -11.07
N LEU C 64 -56.00 -36.96 -12.27
CA LEU C 64 -57.34 -36.41 -12.39
C LEU C 64 -58.39 -37.37 -11.84
N LEU C 65 -58.07 -38.66 -11.84
CA LEU C 65 -59.00 -39.66 -11.33
C LEU C 65 -59.20 -39.58 -9.82
N SER C 66 -58.12 -39.32 -9.06
CA SER C 66 -58.21 -39.34 -7.61
C SER C 66 -59.00 -38.18 -7.04
N MET C 67 -59.43 -37.27 -7.89
CA MET C 67 -59.91 -35.97 -7.47
C MET C 67 -61.44 -36.04 -7.37
N GLN C 68 -61.96 -36.05 -6.14
CA GLN C 68 -63.40 -36.26 -5.98
C GLN C 68 -64.23 -35.09 -6.46
N GLY C 69 -64.00 -33.92 -5.87
CA GLY C 69 -64.84 -32.75 -6.02
C GLY C 69 -64.37 -31.73 -7.01
N ALA C 70 -63.09 -31.74 -7.39
CA ALA C 70 -62.65 -30.77 -8.38
C ALA C 70 -63.23 -31.09 -9.75
N VAL C 71 -63.20 -32.35 -10.14
CA VAL C 71 -63.96 -32.82 -11.27
C VAL C 71 -65.30 -33.33 -10.75
N ASP C 72 -66.30 -33.37 -11.62
CA ASP C 72 -67.42 -34.29 -11.43
C ASP C 72 -67.42 -35.19 -12.68
N ILE C 73 -67.06 -36.46 -12.45
CA ILE C 73 -66.77 -37.34 -13.59
C ILE C 73 -68.01 -37.60 -14.44
N ASN C 74 -69.20 -37.55 -13.84
CA ASN C 74 -70.36 -38.11 -14.53
C ASN C 74 -70.88 -37.17 -15.63
N LYS C 75 -70.83 -35.83 -15.44
CA LYS C 75 -71.34 -34.95 -16.50
C LYS C 75 -70.51 -35.01 -17.78
N LEU C 76 -69.19 -35.16 -17.67
CA LEU C 76 -68.39 -34.90 -18.86
C LEU C 76 -68.32 -36.12 -19.77
N CYS C 77 -69.25 -37.07 -19.61
CA CYS C 77 -69.21 -38.29 -20.39
C CYS C 77 -70.55 -39.03 -20.56
N GLU C 78 -71.70 -38.34 -20.66
CA GLU C 78 -72.89 -39.01 -21.20
C GLU C 78 -73.23 -38.42 -22.57
N GLU C 79 -73.16 -37.10 -22.67
CA GLU C 79 -73.49 -36.41 -23.90
C GLU C 79 -72.39 -36.54 -24.94
N MET C 80 -71.26 -37.12 -24.54
CA MET C 80 -70.21 -37.49 -25.46
C MET C 80 -69.79 -38.96 -25.36
N SER D 8 -76.09 5.93 -57.16
CA SER D 8 -75.71 5.30 -55.89
C SER D 8 -76.64 5.74 -54.76
N SER D 9 -77.87 6.08 -55.13
CA SER D 9 -78.95 6.44 -54.20
C SER D 9 -78.55 7.61 -53.29
N LEU D 10 -78.27 8.75 -53.94
CA LEU D 10 -78.00 10.01 -53.23
C LEU D 10 -78.62 11.14 -54.04
N PRO D 11 -78.99 12.24 -53.39
CA PRO D 11 -79.50 13.39 -54.16
C PRO D 11 -78.47 14.02 -55.09
N SER D 12 -77.21 14.08 -54.66
CA SER D 12 -76.17 14.55 -55.56
C SER D 12 -75.96 13.56 -56.70
N TYR D 13 -76.22 12.27 -56.45
CA TYR D 13 -76.29 11.31 -57.55
C TYR D 13 -77.42 11.66 -58.51
N ALA D 14 -78.55 12.18 -58.02
CA ALA D 14 -79.61 12.62 -58.92
C ALA D 14 -79.16 13.80 -59.76
N ALA D 15 -78.42 14.74 -59.15
CA ALA D 15 -77.88 15.86 -59.92
C ALA D 15 -76.94 15.38 -61.03
N PHE D 16 -76.07 14.42 -60.69
CA PHE D 16 -75.16 13.85 -61.68
C PHE D 16 -75.93 13.07 -62.75
N ALA D 17 -76.99 12.37 -62.37
CA ALA D 17 -77.72 11.59 -63.35
C ALA D 17 -78.46 12.49 -64.33
N THR D 18 -79.00 13.61 -63.84
CA THR D 18 -79.64 14.53 -64.76
C THR D 18 -78.62 15.29 -65.62
N ALA D 19 -77.41 15.55 -65.08
CA ALA D 19 -76.35 16.07 -65.94
C ALA D 19 -75.98 15.07 -67.03
N GLN D 20 -75.89 13.78 -66.67
CA GLN D 20 -75.68 12.70 -67.63
C GLN D 20 -76.71 12.76 -68.75
N GLU D 21 -77.99 12.69 -68.39
CA GLU D 21 -79.04 12.67 -69.42
C GLU D 21 -79.01 13.92 -70.27
N ALA D 22 -78.90 15.10 -69.63
CA ALA D 22 -78.96 16.36 -70.37
C ALA D 22 -77.81 16.50 -71.34
N TYR D 23 -76.58 16.23 -70.89
CA TYR D 23 -75.44 16.52 -71.76
C TYR D 23 -75.20 15.39 -72.75
N GLU D 24 -75.61 14.15 -72.42
CA GLU D 24 -75.63 13.10 -73.42
C GLU D 24 -76.65 13.40 -74.52
N GLN D 25 -77.81 13.94 -74.16
CA GLN D 25 -78.77 14.37 -75.19
C GLN D 25 -78.21 15.53 -76.01
N ALA D 26 -77.51 16.45 -75.36
CA ALA D 26 -76.86 17.54 -76.08
C ALA D 26 -75.84 17.03 -77.08
N VAL D 27 -75.03 16.04 -76.70
CA VAL D 27 -74.11 15.41 -77.63
C VAL D 27 -74.83 14.64 -78.73
N ALA D 28 -75.95 13.98 -78.40
CA ALA D 28 -76.79 13.36 -79.42
C ALA D 28 -77.24 14.38 -80.46
N ASN D 29 -77.50 15.62 -80.03
CA ASN D 29 -77.54 16.72 -80.97
C ASN D 29 -76.14 17.12 -81.40
N GLY D 30 -75.33 17.57 -80.44
CA GLY D 30 -73.90 17.74 -80.64
C GLY D 30 -73.48 18.79 -81.64
N ASP D 31 -74.36 19.73 -81.99
CA ASP D 31 -74.02 20.70 -83.03
C ASP D 31 -72.86 21.62 -82.61
N SER D 32 -73.12 22.54 -81.68
CA SER D 32 -72.16 23.56 -81.27
C SER D 32 -72.81 24.48 -80.24
N GLU D 33 -72.00 25.26 -79.52
CA GLU D 33 -70.67 24.88 -79.02
C GLU D 33 -70.58 25.36 -77.57
N VAL D 34 -71.14 26.56 -77.37
CA VAL D 34 -70.98 27.27 -76.10
C VAL D 34 -71.78 26.58 -75.00
N VAL D 35 -73.02 26.20 -75.31
CA VAL D 35 -73.82 25.45 -74.37
C VAL D 35 -73.17 24.10 -74.06
N LEU D 36 -72.50 23.49 -75.05
CA LEU D 36 -71.81 22.23 -74.81
C LEU D 36 -70.68 22.42 -73.79
N LYS D 37 -69.84 23.43 -73.98
CA LYS D 37 -68.74 23.65 -73.04
C LYS D 37 -69.24 24.05 -71.65
N LYS D 38 -70.24 24.94 -71.58
CA LYS D 38 -70.78 25.35 -70.28
C LYS D 38 -71.45 24.17 -69.57
N LEU D 39 -72.13 23.31 -70.33
CA LEU D 39 -72.78 22.15 -69.74
C LEU D 39 -71.76 21.12 -69.30
N LYS D 40 -70.62 21.01 -69.99
CA LYS D 40 -69.53 20.17 -69.49
C LYS D 40 -68.97 20.73 -68.19
N LYS D 41 -68.87 22.05 -68.09
CA LYS D 41 -68.44 22.67 -66.83
C LYS D 41 -69.40 22.34 -65.69
N SER D 42 -70.70 22.45 -65.94
CA SER D 42 -71.69 22.10 -64.92
C SER D 42 -71.62 20.62 -64.56
N LEU D 43 -71.43 19.75 -65.56
CA LEU D 43 -71.28 18.33 -65.28
C LEU D 43 -70.05 18.06 -64.40
N ASN D 44 -68.95 18.77 -64.67
CA ASN D 44 -67.75 18.58 -63.85
C ASN D 44 -67.96 19.07 -62.42
N VAL D 45 -68.65 20.21 -62.22
CA VAL D 45 -68.84 20.67 -60.86
C VAL D 45 -69.78 19.73 -60.10
N ALA D 46 -70.80 19.19 -60.76
CA ALA D 46 -71.66 18.21 -60.11
C ALA D 46 -70.90 16.93 -59.79
N LYS D 47 -70.03 16.51 -60.71
CA LYS D 47 -69.16 15.36 -60.47
C LYS D 47 -68.31 15.56 -59.22
N SER D 48 -67.70 16.75 -59.09
CA SER D 48 -66.81 17.00 -57.96
C SER D 48 -67.58 17.03 -56.64
N GLU D 49 -68.76 17.69 -56.62
CA GLU D 49 -69.49 17.84 -55.36
C GLU D 49 -70.11 16.51 -54.94
N PHE D 50 -70.45 15.64 -55.89
CA PHE D 50 -70.80 14.25 -55.54
C PHE D 50 -69.59 13.46 -55.07
N ASP D 51 -68.45 13.68 -55.71
CA ASP D 51 -67.26 12.89 -55.42
C ASP D 51 -66.82 13.12 -53.98
N ARG D 52 -67.01 14.35 -53.49
CA ARG D 52 -66.55 14.69 -52.14
C ARG D 52 -67.26 13.88 -51.07
N ASP D 53 -68.59 13.90 -51.07
CA ASP D 53 -69.30 13.20 -50.00
C ASP D 53 -69.27 11.68 -50.22
N ALA D 54 -69.08 11.24 -51.47
CA ALA D 54 -68.81 9.81 -51.68
C ALA D 54 -67.52 9.36 -50.98
N ALA D 55 -66.44 10.15 -51.11
CA ALA D 55 -65.18 9.79 -50.45
C ALA D 55 -65.27 9.88 -48.93
N MET D 56 -65.93 10.90 -48.43
CA MET D 56 -66.02 10.98 -46.96
C MET D 56 -66.96 9.91 -46.43
N GLN D 57 -67.86 9.41 -47.28
CA GLN D 57 -68.65 8.22 -46.94
C GLN D 57 -67.78 6.96 -46.85
N ARG D 58 -66.74 6.86 -47.71
CA ARG D 58 -65.74 5.82 -47.54
C ARG D 58 -65.25 5.82 -46.11
N LYS D 59 -64.86 7.01 -45.66
CA LYS D 59 -64.28 7.19 -44.35
C LYS D 59 -65.26 6.77 -43.27
N LEU D 60 -66.56 7.05 -43.46
CA LEU D 60 -67.56 6.63 -42.48
C LEU D 60 -67.62 5.10 -42.37
N GLU D 61 -67.64 4.36 -43.49
CA GLU D 61 -67.76 2.90 -43.36
C GLU D 61 -66.48 2.27 -42.81
N LYS D 62 -65.31 2.85 -43.11
CA LYS D 62 -64.05 2.33 -42.56
C LYS D 62 -63.88 2.68 -41.07
N MET D 63 -64.34 3.86 -40.66
CA MET D 63 -64.38 4.17 -39.24
C MET D 63 -65.27 3.16 -38.53
N ALA D 64 -66.38 2.79 -39.17
CA ALA D 64 -67.24 1.73 -38.65
C ALA D 64 -66.54 0.37 -38.66
N ASP D 65 -65.60 0.18 -39.58
CA ASP D 65 -64.74 -1.02 -39.53
C ASP D 65 -63.88 -1.10 -38.29
N GLN D 66 -63.24 0.00 -37.88
CA GLN D 66 -62.76 0.05 -36.50
C GLN D 66 -63.82 -0.32 -35.48
N ALA D 67 -64.99 0.30 -35.59
CA ALA D 67 -65.99 0.04 -34.56
C ALA D 67 -66.34 -1.44 -34.47
N MET D 68 -66.56 -2.08 -35.61
CA MET D 68 -67.02 -3.47 -35.66
C MET D 68 -65.89 -4.44 -35.31
N THR D 69 -64.67 -4.18 -35.81
CA THR D 69 -63.57 -5.10 -35.60
C THR D 69 -63.10 -5.08 -34.15
N GLN D 70 -62.90 -3.88 -33.59
CA GLN D 70 -62.71 -3.77 -32.14
C GLN D 70 -63.84 -4.48 -31.40
N MET D 71 -65.08 -4.32 -31.87
CA MET D 71 -66.24 -4.81 -31.16
C MET D 71 -66.17 -6.32 -31.03
N TYR D 72 -65.98 -6.98 -32.18
CA TYR D 72 -65.89 -8.43 -32.25
C TYR D 72 -64.69 -8.97 -31.49
N LYS D 73 -63.52 -8.35 -31.67
CA LYS D 73 -62.32 -8.87 -31.00
C LYS D 73 -62.47 -8.85 -29.50
N GLN D 74 -62.92 -7.72 -28.93
CA GLN D 74 -63.05 -7.61 -27.48
C GLN D 74 -64.11 -8.55 -26.94
N ALA D 75 -65.28 -8.60 -27.59
CA ALA D 75 -66.32 -9.50 -27.13
C ALA D 75 -65.84 -10.95 -27.14
N ARG D 76 -65.24 -11.40 -28.24
CA ARG D 76 -64.79 -12.77 -28.34
C ARG D 76 -63.60 -13.04 -27.43
N SER D 77 -62.88 -11.99 -27.04
CA SER D 77 -61.81 -12.14 -26.06
C SER D 77 -62.30 -12.76 -24.76
N GLU D 78 -63.18 -12.09 -24.04
CA GLU D 78 -63.55 -12.83 -22.84
C GLU D 78 -64.75 -13.74 -23.09
N ASP D 79 -65.24 -13.82 -24.33
CA ASP D 79 -66.03 -14.99 -24.69
C ASP D 79 -65.16 -16.25 -24.63
N LYS D 80 -63.92 -16.14 -25.11
CA LYS D 80 -62.98 -17.24 -25.11
C LYS D 80 -62.44 -17.49 -23.71
N ARG D 81 -62.38 -16.46 -22.88
CA ARG D 81 -61.93 -16.63 -21.51
C ARG D 81 -62.97 -17.33 -20.64
N ALA D 82 -64.23 -16.91 -20.74
CA ALA D 82 -65.25 -17.38 -19.80
C ALA D 82 -65.55 -18.87 -19.99
N LYS D 83 -65.60 -19.33 -21.24
CA LYS D 83 -65.95 -20.72 -21.51
C LYS D 83 -64.84 -21.68 -21.15
N VAL D 84 -63.58 -21.28 -21.34
CA VAL D 84 -62.53 -22.21 -21.74
C VAL D 84 -62.30 -23.31 -20.72
N THR D 85 -62.32 -22.99 -19.42
CA THR D 85 -61.91 -23.97 -18.42
C THR D 85 -62.78 -25.23 -18.46
N SER D 86 -64.09 -25.05 -18.27
CA SER D 86 -65.01 -26.17 -18.42
C SER D 86 -65.06 -26.63 -19.86
N ALA D 87 -65.03 -25.70 -20.80
CA ALA D 87 -65.09 -26.08 -22.22
C ALA D 87 -63.88 -26.90 -22.64
N MET D 88 -62.70 -26.61 -22.08
CA MET D 88 -61.53 -27.37 -22.48
C MET D 88 -61.41 -28.65 -21.68
N GLN D 89 -62.06 -28.72 -20.52
CA GLN D 89 -62.29 -30.04 -19.93
C GLN D 89 -63.13 -30.92 -20.87
N THR D 90 -64.18 -30.34 -21.46
CA THR D 90 -64.95 -31.08 -22.45
C THR D 90 -64.12 -31.46 -23.67
N MET D 91 -63.24 -30.55 -24.11
CA MET D 91 -62.31 -30.90 -25.17
C MET D 91 -61.43 -32.07 -24.79
N LEU D 92 -60.88 -32.04 -23.58
CA LEU D 92 -60.04 -33.13 -23.12
C LEU D 92 -60.77 -34.45 -23.13
N PHE D 93 -62.02 -34.46 -22.67
CA PHE D 93 -62.75 -35.72 -22.66
C PHE D 93 -63.16 -36.19 -24.05
N THR D 94 -63.63 -35.30 -24.92
CA THR D 94 -63.92 -35.70 -26.29
C THR D 94 -62.69 -36.30 -26.97
N MET D 95 -61.56 -35.60 -26.87
CA MET D 95 -60.35 -36.03 -27.53
C MET D 95 -59.71 -37.24 -26.87
N LEU D 96 -59.84 -37.39 -25.55
CA LEU D 96 -59.50 -38.61 -24.85
C LEU D 96 -60.33 -39.79 -25.29
N ARG D 97 -61.61 -39.54 -25.58
CA ARG D 97 -62.51 -40.64 -25.87
C ARG D 97 -62.18 -41.08 -27.30
N LYS D 98 -61.71 -40.14 -28.12
CA LYS D 98 -61.30 -40.41 -29.50
C LYS D 98 -60.15 -41.42 -29.57
N LEU D 99 -59.32 -41.48 -28.53
CA LEU D 99 -58.21 -42.42 -28.53
C LEU D 99 -58.72 -43.85 -28.56
N ASP D 100 -59.73 -44.15 -27.74
CA ASP D 100 -60.29 -45.49 -27.62
C ASP D 100 -59.24 -46.53 -27.25
N ASN D 101 -58.57 -46.30 -26.13
CA ASN D 101 -57.68 -47.31 -25.59
C ASN D 101 -58.35 -48.03 -24.41
N ASP D 102 -58.36 -49.36 -24.49
CA ASP D 102 -59.13 -50.16 -23.55
C ASP D 102 -58.70 -49.92 -22.12
N ALA D 103 -57.43 -49.57 -21.90
CA ALA D 103 -56.97 -49.22 -20.57
C ALA D 103 -57.65 -47.96 -20.06
N LEU D 104 -57.63 -46.89 -20.86
CA LEU D 104 -58.30 -45.65 -20.45
C LEU D 104 -59.82 -45.84 -20.38
N ASN D 105 -60.39 -46.57 -21.34
CA ASN D 105 -61.81 -46.91 -21.27
C ASN D 105 -62.14 -47.67 -20.01
N ASN D 106 -61.42 -48.76 -19.73
CA ASN D 106 -61.66 -49.51 -18.49
C ASN D 106 -61.52 -48.60 -17.27
N ILE D 107 -60.51 -47.73 -17.26
CA ILE D 107 -60.22 -46.97 -16.06
C ILE D 107 -61.31 -45.92 -15.80
N ILE D 108 -61.80 -45.23 -16.83
CA ILE D 108 -62.73 -44.14 -16.55
C ILE D 108 -64.16 -44.66 -16.51
N ASN D 109 -64.43 -45.82 -17.11
CA ASN D 109 -65.68 -46.49 -16.79
C ASN D 109 -65.70 -47.07 -15.38
N ASN D 110 -64.54 -47.39 -14.80
CA ASN D 110 -64.51 -47.71 -13.38
C ASN D 110 -64.63 -46.45 -12.52
N ALA D 111 -64.08 -45.35 -13.00
CA ALA D 111 -64.23 -44.07 -12.32
C ALA D 111 -65.68 -43.59 -12.31
N ARG D 112 -66.45 -43.87 -13.36
CA ARG D 112 -67.85 -43.47 -13.40
C ARG D 112 -68.66 -44.14 -12.30
N ASP D 113 -68.39 -45.41 -12.01
CA ASP D 113 -69.13 -46.13 -10.99
C ASP D 113 -68.65 -45.79 -9.59
N GLY D 114 -67.55 -45.06 -9.45
CA GLY D 114 -67.01 -44.69 -8.16
C GLY D 114 -65.74 -45.42 -7.77
N CYS D 115 -65.18 -46.24 -8.65
CA CYS D 115 -63.95 -46.98 -8.35
C CYS D 115 -62.74 -46.14 -8.79
N VAL D 116 -62.51 -45.05 -8.06
CA VAL D 116 -61.41 -44.14 -8.37
C VAL D 116 -60.20 -44.51 -7.51
N PRO D 117 -58.98 -44.38 -8.04
CA PRO D 117 -57.79 -44.65 -7.24
C PRO D 117 -57.50 -43.51 -6.28
N LEU D 118 -56.88 -43.85 -5.15
CA LEU D 118 -56.53 -42.86 -4.15
C LEU D 118 -55.16 -42.23 -4.35
N ASN D 119 -54.39 -42.71 -5.32
CA ASN D 119 -53.07 -42.17 -5.59
C ASN D 119 -52.73 -42.42 -7.05
N ILE D 120 -51.55 -41.95 -7.46
CA ILE D 120 -51.10 -42.16 -8.82
C ILE D 120 -50.87 -43.66 -9.05
N ILE D 121 -51.20 -44.12 -10.24
CA ILE D 121 -50.96 -45.52 -10.59
C ILE D 121 -49.49 -45.70 -10.92
N PRO D 122 -48.77 -46.51 -10.17
CA PRO D 122 -47.35 -46.75 -10.47
C PRO D 122 -47.18 -47.61 -11.72
N LEU D 123 -46.02 -47.45 -12.34
CA LEU D 123 -45.76 -48.14 -13.60
C LEU D 123 -44.66 -49.19 -13.48
N THR D 124 -43.74 -49.02 -12.54
CA THR D 124 -42.75 -50.05 -12.29
C THR D 124 -43.39 -51.29 -11.69
N THR D 125 -42.77 -52.44 -11.94
CA THR D 125 -43.29 -53.70 -11.43
C THR D 125 -43.20 -53.75 -9.92
N ALA D 126 -44.23 -54.32 -9.29
CA ALA D 126 -44.31 -54.50 -7.83
C ALA D 126 -44.22 -53.15 -7.09
N ALA D 127 -45.22 -52.31 -7.34
CA ALA D 127 -45.37 -51.03 -6.68
C ALA D 127 -46.82 -50.84 -6.26
N LYS D 128 -47.00 -50.03 -5.21
CA LYS D 128 -48.25 -49.98 -4.46
C LYS D 128 -49.26 -49.06 -5.11
N LEU D 129 -50.47 -49.58 -5.32
CA LEU D 129 -51.63 -48.81 -5.76
C LEU D 129 -52.77 -49.06 -4.79
N MET D 130 -53.47 -48.00 -4.39
CA MET D 130 -54.65 -48.10 -3.52
C MET D 130 -55.86 -47.45 -4.20
N VAL D 131 -56.90 -48.25 -4.43
CA VAL D 131 -58.11 -47.81 -5.12
C VAL D 131 -59.31 -48.27 -4.30
N VAL D 132 -60.36 -47.45 -4.26
CA VAL D 132 -61.54 -47.76 -3.44
C VAL D 132 -62.55 -48.53 -4.26
N ILE D 133 -63.15 -49.55 -3.66
CA ILE D 133 -64.17 -50.39 -4.27
C ILE D 133 -65.52 -49.94 -3.73
N PRO D 134 -66.42 -49.40 -4.56
CA PRO D 134 -67.70 -48.87 -4.08
C PRO D 134 -68.89 -49.84 -4.10
N ASP D 135 -68.74 -51.04 -4.64
CA ASP D 135 -69.87 -51.95 -4.78
C ASP D 135 -69.37 -53.38 -4.83
N TYR D 136 -70.25 -54.31 -4.46
CA TYR D 136 -69.93 -55.72 -4.60
C TYR D 136 -69.86 -56.15 -6.05
N ASN D 137 -70.69 -55.57 -6.91
CA ASN D 137 -70.60 -55.86 -8.34
C ASN D 137 -69.28 -55.37 -8.92
N THR D 138 -68.81 -54.20 -8.49
CA THR D 138 -67.52 -53.71 -8.96
C THR D 138 -66.38 -54.61 -8.50
N TYR D 139 -66.44 -55.10 -7.27
CA TYR D 139 -65.47 -56.08 -6.81
C TYR D 139 -65.59 -57.38 -7.61
N LYS D 140 -66.81 -57.84 -7.87
CA LYS D 140 -67.01 -59.09 -8.60
C LYS D 140 -66.44 -59.01 -10.02
N ASN D 141 -66.59 -57.86 -10.67
CA ASN D 141 -66.09 -57.74 -12.04
C ASN D 141 -64.57 -57.71 -12.08
N THR D 142 -63.93 -57.01 -11.16
CA THR D 142 -62.48 -56.78 -11.27
C THR D 142 -61.66 -57.76 -10.46
N CYS D 143 -62.06 -58.08 -9.23
CA CYS D 143 -61.27 -58.98 -8.39
C CYS D 143 -61.79 -60.40 -8.52
N ASP D 144 -60.95 -61.30 -9.01
CA ASP D 144 -61.28 -62.72 -9.02
C ASP D 144 -60.15 -63.46 -8.36
N GLY D 145 -60.48 -64.30 -7.38
CA GLY D 145 -59.46 -64.91 -6.55
C GLY D 145 -58.75 -63.84 -5.74
N THR D 146 -57.42 -63.87 -5.75
CA THR D 146 -56.61 -62.85 -5.13
C THR D 146 -56.04 -61.87 -6.16
N THR D 147 -56.50 -61.98 -7.41
CA THR D 147 -56.05 -61.12 -8.50
C THR D 147 -56.99 -59.93 -8.66
N PHE D 148 -56.46 -58.87 -9.28
CA PHE D 148 -57.19 -57.62 -9.42
C PHE D 148 -56.83 -57.04 -10.78
N THR D 149 -57.75 -57.12 -11.74
CA THR D 149 -57.51 -56.56 -13.08
C THR D 149 -57.99 -55.11 -13.10
N TYR D 150 -57.14 -54.22 -13.64
CA TYR D 150 -57.35 -52.78 -13.62
C TYR D 150 -56.35 -52.14 -14.56
N ALA D 151 -56.81 -51.13 -15.31
CA ALA D 151 -56.00 -50.46 -16.34
C ALA D 151 -55.40 -51.47 -17.32
N SER D 152 -56.18 -52.53 -17.61
CA SER D 152 -55.73 -53.65 -18.43
C SER D 152 -54.42 -54.24 -17.91
N ALA D 153 -54.33 -54.38 -16.58
CA ALA D 153 -53.12 -54.87 -15.95
C ALA D 153 -53.48 -55.81 -14.81
N LEU D 154 -52.53 -56.65 -14.42
CA LEU D 154 -52.73 -57.65 -13.39
C LEU D 154 -52.14 -57.17 -12.06
N TRP D 155 -52.96 -57.20 -11.02
CA TRP D 155 -52.58 -56.80 -9.68
C TRP D 155 -53.00 -57.88 -8.69
N GLU D 156 -52.17 -58.09 -7.66
CA GLU D 156 -52.50 -59.00 -6.57
C GLU D 156 -52.72 -58.22 -5.28
N ILE D 157 -53.51 -58.79 -4.37
CA ILE D 157 -54.10 -58.02 -3.27
C ILE D 157 -53.22 -58.06 -2.03
N GLN D 158 -52.99 -56.88 -1.45
CA GLN D 158 -52.38 -56.76 -0.13
C GLN D 158 -53.41 -56.33 0.92
N GLN D 159 -54.11 -55.22 0.66
CA GLN D 159 -55.29 -54.82 1.43
C GLN D 159 -56.56 -55.14 0.66
N VAL D 160 -57.54 -55.65 1.40
CA VAL D 160 -58.92 -55.21 1.34
C VAL D 160 -59.11 -54.53 2.69
N VAL D 161 -59.72 -53.34 2.72
CA VAL D 161 -59.97 -52.65 3.97
C VAL D 161 -61.17 -51.71 3.80
N ASP D 162 -61.95 -51.55 4.87
CA ASP D 162 -63.22 -50.85 4.82
C ASP D 162 -63.09 -49.44 5.38
N ALA D 163 -64.22 -48.73 5.45
CA ALA D 163 -64.24 -47.37 5.98
C ALA D 163 -63.99 -47.32 7.48
N ASP D 164 -64.13 -48.44 8.18
CA ASP D 164 -63.85 -48.47 9.61
C ASP D 164 -62.38 -48.57 9.93
N SER D 165 -61.53 -48.67 8.90
CA SER D 165 -60.09 -48.88 9.05
C SER D 165 -59.80 -50.15 9.85
N LYS D 166 -60.67 -51.15 9.74
CA LYS D 166 -60.50 -52.41 10.44
C LYS D 166 -59.83 -53.39 9.48
N ILE D 167 -58.81 -54.10 9.95
CA ILE D 167 -58.04 -55.01 9.11
C ILE D 167 -59.03 -56.07 8.64
N VAL D 168 -59.20 -56.23 7.33
CA VAL D 168 -60.17 -57.20 6.84
C VAL D 168 -59.52 -58.14 5.82
N GLN D 169 -59.96 -59.38 5.86
CA GLN D 169 -59.45 -60.54 5.15
C GLN D 169 -60.41 -60.98 4.04
N LEU D 170 -59.92 -61.86 3.16
CA LEU D 170 -60.38 -61.86 1.76
C LEU D 170 -61.64 -62.70 1.51
N SER D 171 -62.01 -63.62 2.39
CA SER D 171 -62.99 -64.64 2.01
C SER D 171 -64.43 -64.19 2.21
N GLU D 172 -64.71 -63.31 3.17
CA GLU D 172 -66.10 -63.09 3.56
C GLU D 172 -66.86 -62.26 2.54
N ILE D 173 -66.17 -61.68 1.56
CA ILE D 173 -66.87 -60.87 0.58
C ILE D 173 -67.55 -61.84 -0.38
N SER D 174 -68.85 -62.05 -0.18
CA SER D 174 -69.61 -63.02 -0.95
C SER D 174 -71.01 -62.47 -1.17
N MET D 175 -71.84 -63.27 -1.83
CA MET D 175 -73.20 -62.84 -2.15
C MET D 175 -74.01 -62.49 -0.91
N ASP D 176 -74.08 -63.40 0.05
CA ASP D 176 -74.97 -63.20 1.20
C ASP D 176 -74.27 -62.50 2.34
N ASN D 177 -72.97 -62.26 2.22
CA ASN D 177 -72.23 -61.59 3.28
C ASN D 177 -71.86 -60.17 2.87
N SER D 178 -72.17 -59.78 1.63
CA SER D 178 -71.84 -58.44 1.16
C SER D 178 -72.49 -57.30 1.94
N PRO D 179 -73.79 -57.32 2.29
CA PRO D 179 -74.33 -56.22 3.10
C PRO D 179 -73.67 -56.11 4.47
N ASN D 180 -73.15 -57.21 5.01
CA ASN D 180 -72.45 -57.17 6.29
C ASN D 180 -71.18 -56.35 6.26
N LEU D 181 -70.66 -56.03 5.09
CA LEU D 181 -69.43 -55.25 4.98
C LEU D 181 -69.70 -53.77 5.23
N ALA D 182 -68.67 -53.07 5.71
CA ALA D 182 -68.70 -51.61 5.85
C ALA D 182 -68.21 -50.97 4.57
N TRP D 183 -69.12 -50.76 3.63
CA TRP D 183 -68.76 -50.24 2.32
C TRP D 183 -68.45 -48.74 2.42
N PRO D 184 -67.59 -48.21 1.54
CA PRO D 184 -66.86 -48.86 0.44
C PRO D 184 -65.53 -49.45 0.89
N LEU D 185 -64.97 -50.40 0.15
CA LEU D 185 -63.72 -50.99 0.59
C LEU D 185 -62.54 -50.38 -0.17
N ILE D 186 -61.40 -50.32 0.50
CA ILE D 186 -60.17 -49.78 -0.06
C ILE D 186 -59.19 -50.94 -0.25
N VAL D 187 -58.70 -51.11 -1.46
CA VAL D 187 -57.78 -52.19 -1.80
C VAL D 187 -56.38 -51.60 -1.86
N THR D 188 -55.37 -52.38 -1.43
CA THR D 188 -53.98 -52.07 -1.73
C THR D 188 -53.44 -53.20 -2.61
N ALA D 189 -52.85 -52.84 -3.73
CA ALA D 189 -52.41 -53.79 -4.72
C ALA D 189 -51.01 -53.45 -5.20
N LEU D 190 -50.33 -54.46 -5.72
CA LEU D 190 -49.04 -54.31 -6.36
C LEU D 190 -49.20 -54.70 -7.82
N ARG D 191 -48.32 -54.22 -8.68
CA ARG D 191 -48.42 -54.59 -10.09
C ARG D 191 -47.57 -55.82 -10.36
N ALA D 192 -48.16 -56.79 -11.05
CA ALA D 192 -47.43 -58.00 -11.45
C ALA D 192 -46.97 -57.89 -12.90
N ALA E 5 -70.61 -5.59 -24.61
CA ALA E 5 -70.81 -6.93 -24.09
C ALA E 5 -72.12 -7.52 -24.61
N VAL E 6 -72.14 -8.84 -24.78
CA VAL E 6 -73.32 -9.55 -25.27
C VAL E 6 -73.85 -10.43 -24.14
N GLY E 7 -75.02 -11.01 -24.37
CA GLY E 7 -75.65 -11.84 -23.38
C GLY E 7 -76.76 -12.68 -23.99
N ALA E 8 -77.51 -13.33 -23.11
CA ALA E 8 -78.62 -14.19 -23.51
C ALA E 8 -79.94 -13.57 -23.12
N CYS E 9 -80.94 -13.72 -23.99
CA CYS E 9 -82.27 -13.23 -23.70
C CYS E 9 -82.88 -14.00 -22.53
N VAL E 10 -83.81 -13.35 -21.83
CA VAL E 10 -84.40 -13.99 -20.66
C VAL E 10 -85.40 -15.08 -21.07
N LEU E 11 -86.43 -14.75 -21.83
CA LEU E 11 -87.54 -15.66 -22.04
C LEU E 11 -87.35 -16.56 -23.25
N CYS E 12 -86.24 -16.43 -23.98
CA CYS E 12 -85.95 -17.36 -25.07
C CYS E 12 -84.51 -17.84 -25.11
N ASN E 13 -83.60 -17.29 -24.30
CA ASN E 13 -82.22 -17.72 -24.19
C ASN E 13 -81.45 -17.59 -25.50
N SER E 14 -81.85 -16.66 -26.36
CA SER E 14 -81.12 -16.42 -27.60
C SER E 14 -80.04 -15.35 -27.38
N GLN E 15 -79.01 -15.41 -28.21
CA GLN E 15 -77.93 -14.42 -28.14
C GLN E 15 -78.45 -13.04 -28.51
N THR E 16 -78.06 -12.05 -27.73
CA THR E 16 -78.59 -10.69 -27.87
C THR E 16 -77.64 -9.74 -27.16
N SER E 17 -77.85 -8.44 -27.39
CA SER E 17 -77.10 -7.41 -26.70
C SER E 17 -77.94 -6.21 -26.28
N LEU E 18 -79.27 -6.33 -26.28
CA LEU E 18 -80.16 -5.21 -26.00
C LEU E 18 -80.65 -5.31 -24.56
N ARG E 19 -80.03 -4.57 -23.66
CA ARG E 19 -80.56 -4.45 -22.31
C ARG E 19 -81.75 -3.50 -22.30
N CYS E 20 -82.75 -3.81 -21.49
CA CYS E 20 -83.82 -2.84 -21.30
C CYS E 20 -83.41 -1.81 -20.26
N GLY E 21 -83.91 -0.59 -20.41
CA GLY E 21 -83.45 0.51 -19.59
C GLY E 21 -84.30 0.83 -18.39
N ALA E 22 -85.62 0.70 -18.53
CA ALA E 22 -86.53 1.03 -17.44
C ALA E 22 -86.93 -0.17 -16.59
N CYS E 23 -86.46 -1.37 -16.91
CA CYS E 23 -86.63 -2.50 -16.01
C CYS E 23 -85.72 -2.35 -14.79
N ILE E 24 -86.22 -2.85 -13.65
CA ILE E 24 -85.60 -2.54 -12.36
C ILE E 24 -84.22 -3.20 -12.25
N ARG E 25 -84.05 -4.40 -12.80
CA ARG E 25 -82.80 -5.14 -12.61
C ARG E 25 -81.79 -4.92 -13.73
N ARG E 26 -82.17 -4.22 -14.81
CA ARG E 26 -81.35 -4.05 -16.01
C ARG E 26 -80.99 -5.41 -16.60
N PRO E 27 -81.96 -6.17 -17.11
CA PRO E 27 -81.65 -7.50 -17.65
C PRO E 27 -81.23 -7.45 -19.10
N PHE E 28 -80.78 -8.58 -19.64
CA PHE E 28 -80.52 -8.73 -21.06
C PHE E 28 -81.80 -9.13 -21.78
N LEU E 29 -82.00 -8.59 -22.97
CA LEU E 29 -83.26 -8.81 -23.66
C LEU E 29 -83.01 -8.98 -25.15
N CYS E 30 -83.94 -9.69 -25.79
CA CYS E 30 -83.81 -10.16 -27.17
C CYS E 30 -84.14 -9.07 -28.17
N CYS E 31 -84.39 -9.44 -29.42
CA CYS E 31 -84.81 -8.44 -30.42
C CYS E 31 -86.33 -8.35 -30.50
N LYS E 32 -86.99 -9.44 -30.89
CA LYS E 32 -88.45 -9.43 -30.92
C LYS E 32 -89.03 -9.34 -29.52
N CYS E 33 -88.38 -9.99 -28.56
CA CYS E 33 -88.83 -9.94 -27.17
C CYS E 33 -88.77 -8.51 -26.65
N CYS E 34 -87.68 -7.80 -26.96
CA CYS E 34 -87.57 -6.40 -26.55
C CYS E 34 -88.56 -5.51 -27.28
N TYR E 35 -88.81 -5.79 -28.56
CA TYR E 35 -89.84 -5.04 -29.28
C TYR E 35 -91.19 -5.18 -28.61
N ASP E 36 -91.56 -6.41 -28.25
CA ASP E 36 -92.82 -6.65 -27.56
C ASP E 36 -92.84 -6.08 -26.15
N HIS E 37 -91.69 -6.02 -25.47
CA HIS E 37 -91.64 -5.45 -24.12
C HIS E 37 -91.75 -3.93 -24.13
N VAL E 38 -91.12 -3.26 -25.09
CA VAL E 38 -91.16 -1.80 -25.13
C VAL E 38 -92.35 -1.27 -25.94
N ILE E 39 -93.05 -2.13 -26.69
CA ILE E 39 -94.23 -1.68 -27.42
C ILE E 39 -95.51 -1.84 -26.63
N SER E 40 -95.47 -2.59 -25.52
CA SER E 40 -96.67 -2.83 -24.72
C SER E 40 -96.60 -2.26 -23.31
N THR E 41 -95.41 -1.99 -22.78
CA THR E 41 -95.24 -1.48 -21.43
C THR E 41 -94.74 -0.05 -21.47
N SER E 42 -94.59 0.54 -20.30
CA SER E 42 -94.07 1.90 -20.16
C SER E 42 -92.56 1.97 -20.23
N HIS E 43 -91.88 0.83 -20.28
CA HIS E 43 -90.43 0.83 -20.40
C HIS E 43 -90.04 1.19 -21.83
N LYS E 44 -89.24 2.24 -21.98
CA LYS E 44 -88.93 2.76 -23.31
C LYS E 44 -87.43 2.83 -23.55
N LEU E 45 -86.66 2.96 -22.47
CA LEU E 45 -85.21 2.98 -22.62
C LEU E 45 -84.70 1.57 -22.90
N VAL E 46 -83.74 1.48 -23.82
CA VAL E 46 -83.07 0.22 -24.14
C VAL E 46 -81.58 0.49 -24.23
N LEU E 47 -80.79 -0.33 -23.54
CA LEU E 47 -79.34 -0.18 -23.53
C LEU E 47 -78.73 -1.23 -24.44
N SER E 48 -78.22 -0.79 -25.58
CA SER E 48 -77.32 -1.60 -26.39
C SER E 48 -75.92 -1.45 -25.82
N VAL E 49 -74.90 -1.82 -26.59
CA VAL E 49 -73.54 -1.57 -26.15
C VAL E 49 -73.29 -0.07 -25.99
N ASN E 50 -74.10 0.76 -26.64
CA ASN E 50 -74.18 2.19 -26.39
C ASN E 50 -75.65 2.57 -26.15
N PRO E 51 -75.90 3.58 -25.32
CA PRO E 51 -77.28 3.95 -24.99
C PRO E 51 -78.02 4.49 -26.21
N TYR E 52 -79.33 4.31 -26.20
CA TYR E 52 -80.20 4.64 -27.34
C TYR E 52 -80.83 6.02 -27.20
N VAL E 53 -80.10 6.99 -26.65
CA VAL E 53 -80.57 8.37 -26.57
C VAL E 53 -80.22 9.07 -27.87
N CYS E 54 -80.86 10.21 -28.13
CA CYS E 54 -80.53 11.01 -29.29
C CYS E 54 -79.13 11.61 -29.13
N ASN E 55 -78.47 11.85 -30.27
CA ASN E 55 -77.10 12.33 -30.28
C ASN E 55 -77.00 13.79 -30.71
N ALA E 56 -78.10 14.52 -30.58
CA ALA E 56 -78.06 15.97 -30.77
C ALA E 56 -77.37 16.61 -29.55
N PRO E 57 -76.79 17.82 -29.73
CA PRO E 57 -76.16 18.48 -28.57
C PRO E 57 -77.11 18.70 -27.41
N GLY E 58 -78.33 19.16 -27.68
CA GLY E 58 -79.37 19.13 -26.67
C GLY E 58 -80.64 18.47 -27.17
N CYS E 59 -80.94 17.29 -26.67
CA CYS E 59 -82.15 16.55 -27.01
C CYS E 59 -82.24 15.34 -26.08
N ASP E 60 -83.46 15.05 -25.61
CA ASP E 60 -83.71 13.90 -24.75
C ASP E 60 -84.91 13.12 -25.31
N VAL E 61 -84.62 12.20 -26.23
CA VAL E 61 -85.63 11.28 -26.77
C VAL E 61 -85.06 9.89 -26.60
N THR E 62 -85.40 9.23 -25.49
CA THR E 62 -84.82 7.95 -25.14
C THR E 62 -85.65 6.76 -25.62
N ASP E 63 -86.84 6.99 -26.17
CA ASP E 63 -87.68 5.91 -26.68
C ASP E 63 -87.05 5.32 -27.94
N VAL E 64 -87.12 3.99 -28.06
CA VAL E 64 -86.46 3.29 -29.16
C VAL E 64 -87.32 3.20 -30.41
N THR E 65 -88.65 3.14 -30.25
CA THR E 65 -89.52 3.06 -31.42
C THR E 65 -89.58 4.37 -32.19
N GLN E 66 -88.84 5.38 -31.72
CA GLN E 66 -89.09 6.80 -31.96
C GLN E 66 -87.91 7.44 -32.69
N LEU E 67 -86.72 6.83 -32.57
CA LEU E 67 -85.49 7.38 -33.16
C LEU E 67 -85.27 6.89 -34.59
N TYR E 68 -84.09 7.22 -35.12
CA TYR E 68 -83.58 6.68 -36.38
C TYR E 68 -82.06 6.50 -36.28
N LEU E 69 -81.55 5.46 -36.94
CA LEU E 69 -80.12 5.22 -37.02
C LEU E 69 -79.59 5.71 -38.36
N GLY E 70 -78.78 6.76 -38.34
CA GLY E 70 -78.07 7.19 -39.53
C GLY E 70 -76.58 7.28 -39.26
N GLY E 71 -75.79 6.76 -40.19
CA GLY E 71 -74.35 6.73 -40.01
C GLY E 71 -73.91 5.73 -38.97
N MET E 72 -73.47 6.22 -37.80
CA MET E 72 -73.05 5.37 -36.70
C MET E 72 -73.64 5.83 -35.37
N SER E 73 -74.62 6.74 -35.42
CA SER E 73 -75.17 7.33 -34.20
C SER E 73 -76.69 7.19 -34.21
N TYR E 74 -77.30 7.58 -33.09
CA TYR E 74 -78.75 7.52 -32.90
C TYR E 74 -79.29 8.94 -32.91
N TYR E 75 -80.26 9.21 -33.78
CA TYR E 75 -80.79 10.56 -33.95
C TYR E 75 -82.31 10.54 -33.83
N CYS E 76 -82.86 11.68 -33.43
CA CYS E 76 -84.30 11.81 -33.22
C CYS E 76 -84.99 12.10 -34.55
N LYS E 77 -86.31 12.31 -34.48
CA LYS E 77 -87.07 12.64 -35.68
C LYS E 77 -86.68 14.00 -36.23
N SER E 78 -86.41 14.97 -35.34
CA SER E 78 -86.02 16.30 -35.80
C SER E 78 -84.59 16.31 -36.33
N HIS E 79 -83.70 15.55 -35.70
CA HIS E 79 -82.29 15.54 -36.05
C HIS E 79 -81.89 14.35 -36.92
N LYS E 80 -82.84 13.76 -37.64
CA LYS E 80 -82.59 12.58 -38.44
C LYS E 80 -81.72 12.90 -39.65
N PRO E 81 -80.86 11.97 -40.06
CA PRO E 81 -80.10 12.15 -41.29
C PRO E 81 -80.96 11.84 -42.51
N PRO E 82 -80.57 12.31 -43.70
CA PRO E 82 -81.33 11.94 -44.91
C PRO E 82 -81.34 10.44 -45.18
N ILE E 83 -80.24 9.75 -44.90
CA ILE E 83 -80.15 8.31 -45.07
C ILE E 83 -80.06 7.67 -43.69
N SER E 84 -81.08 6.89 -43.34
CA SER E 84 -81.19 6.27 -42.02
C SER E 84 -82.31 5.23 -42.09
N PHE E 85 -82.57 4.58 -40.96
CA PHE E 85 -83.71 3.68 -40.82
C PHE E 85 -84.05 3.58 -39.34
N PRO E 86 -85.34 3.50 -39.00
CA PRO E 86 -85.72 3.43 -37.58
C PRO E 86 -85.27 2.13 -36.94
N LEU E 87 -85.01 2.22 -35.63
CA LEU E 87 -84.53 1.05 -34.89
C LEU E 87 -85.62 0.00 -34.77
N CYS E 88 -86.80 0.39 -34.28
CA CYS E 88 -87.88 -0.56 -34.10
C CYS E 88 -88.70 -0.70 -35.37
N ALA E 89 -88.26 -1.59 -36.25
CA ALA E 89 -88.96 -1.87 -37.50
C ALA E 89 -89.01 -3.37 -37.71
N ASN E 90 -90.02 -3.80 -38.47
CA ASN E 90 -90.22 -5.21 -38.82
C ASN E 90 -90.43 -6.09 -37.58
N GLY E 91 -90.90 -5.48 -36.48
CA GLY E 91 -91.20 -6.21 -35.28
C GLY E 91 -90.01 -6.52 -34.39
N GLN E 92 -88.85 -5.90 -34.63
CA GLN E 92 -87.67 -6.13 -33.82
C GLN E 92 -87.01 -4.79 -33.46
N VAL E 93 -86.15 -4.84 -32.46
CA VAL E 93 -85.32 -3.72 -32.05
C VAL E 93 -83.93 -3.94 -32.62
N PHE E 94 -83.35 -2.90 -33.20
CA PHE E 94 -82.04 -3.01 -33.83
C PHE E 94 -80.98 -3.40 -32.80
N GLY E 95 -80.26 -4.48 -33.08
CA GLY E 95 -79.22 -4.95 -32.20
C GLY E 95 -78.41 -6.04 -32.86
N LEU E 96 -77.46 -6.58 -32.11
CA LEU E 96 -76.62 -7.65 -32.61
C LEU E 96 -77.42 -8.95 -32.70
N TYR E 97 -76.94 -9.87 -33.55
CA TYR E 97 -77.58 -11.16 -33.79
C TYR E 97 -79.02 -10.98 -34.25
N LYS E 98 -79.19 -10.33 -35.41
CA LYS E 98 -80.52 -9.89 -35.82
C LYS E 98 -81.38 -11.05 -36.31
N ASN E 99 -80.85 -11.90 -37.19
CA ASN E 99 -81.63 -12.96 -37.80
C ASN E 99 -81.29 -14.34 -37.22
N THR E 100 -80.56 -14.37 -36.12
CA THR E 100 -80.34 -15.59 -35.35
C THR E 100 -81.23 -15.61 -34.12
N CYS E 101 -82.47 -15.12 -34.30
CA CYS E 101 -83.36 -14.75 -33.21
C CYS E 101 -84.66 -15.54 -33.28
N VAL E 102 -85.17 -15.94 -32.11
CA VAL E 102 -86.44 -16.64 -31.98
C VAL E 102 -87.21 -16.05 -30.80
N GLY E 103 -88.53 -15.92 -30.95
CA GLY E 103 -89.37 -15.34 -29.92
C GLY E 103 -90.28 -16.36 -29.26
N SER E 104 -91.14 -15.85 -28.36
CA SER E 104 -92.06 -16.70 -27.59
C SER E 104 -93.25 -15.88 -27.10
N ASP E 105 -94.19 -16.58 -26.45
CA ASP E 105 -95.37 -16.00 -25.82
C ASP E 105 -95.21 -15.78 -24.33
N ASN E 106 -94.00 -15.99 -23.80
CA ASN E 106 -93.67 -15.72 -22.40
C ASN E 106 -93.66 -14.24 -22.08
N VAL E 107 -93.88 -13.38 -23.08
CA VAL E 107 -94.00 -11.94 -22.83
C VAL E 107 -95.28 -11.57 -22.13
N THR E 108 -96.33 -12.39 -22.22
CA THR E 108 -97.58 -12.09 -21.53
C THR E 108 -97.41 -12.11 -20.02
N ASP E 109 -96.62 -13.04 -19.50
CA ASP E 109 -96.25 -13.05 -18.09
C ASP E 109 -95.03 -12.17 -17.80
N PHE E 110 -94.10 -12.04 -18.76
CA PHE E 110 -92.94 -11.20 -18.56
C PHE E 110 -93.31 -9.74 -18.40
N ASN E 111 -94.28 -9.26 -19.16
CA ASN E 111 -94.72 -7.87 -19.04
C ASN E 111 -95.31 -7.60 -17.66
N ALA E 112 -96.13 -8.52 -17.16
CA ALA E 112 -96.70 -8.36 -15.83
C ALA E 112 -95.65 -8.49 -14.74
N ILE E 113 -94.63 -9.34 -14.95
CA ILE E 113 -93.56 -9.47 -13.97
C ILE E 113 -92.74 -8.19 -13.90
N ALA E 114 -92.34 -7.66 -15.07
CA ALA E 114 -91.51 -6.46 -15.09
C ALA E 114 -92.29 -5.18 -14.83
N THR E 115 -93.63 -5.24 -14.87
CA THR E 115 -94.42 -4.02 -14.74
C THR E 115 -94.89 -3.80 -13.31
N CYS E 116 -95.14 -4.88 -12.58
CA CYS E 116 -95.73 -4.78 -11.25
C CYS E 116 -94.75 -4.15 -10.26
N ASP E 117 -95.27 -3.79 -9.09
CA ASP E 117 -94.50 -3.11 -8.06
C ASP E 117 -94.30 -3.96 -6.81
N TRP E 118 -94.84 -5.17 -6.78
CA TRP E 118 -94.65 -6.18 -5.75
C TRP E 118 -95.13 -5.71 -4.37
N THR E 119 -96.24 -4.97 -4.33
CA THR E 119 -96.96 -4.75 -3.08
C THR E 119 -98.31 -5.46 -3.06
N ASN E 120 -98.76 -5.94 -4.21
CA ASN E 120 -99.97 -6.74 -4.34
C ASN E 120 -99.67 -8.18 -3.93
N ALA E 121 -100.70 -9.02 -3.86
CA ALA E 121 -100.55 -10.42 -3.50
C ALA E 121 -100.91 -11.36 -4.65
N GLY E 122 -101.01 -10.84 -5.88
CA GLY E 122 -101.28 -11.67 -7.03
C GLY E 122 -100.07 -11.85 -7.92
N ASP E 123 -99.20 -10.83 -7.93
CA ASP E 123 -97.93 -10.94 -8.63
C ASP E 123 -97.03 -11.98 -7.96
N TYR E 124 -97.11 -12.10 -6.64
CA TYR E 124 -96.42 -13.17 -5.94
C TYR E 124 -96.93 -14.53 -6.38
N ILE E 125 -98.23 -14.65 -6.65
CA ILE E 125 -98.77 -15.87 -7.23
C ILE E 125 -98.24 -16.11 -8.64
N LEU E 126 -98.16 -15.06 -9.46
CA LEU E 126 -97.66 -15.20 -10.82
C LEU E 126 -96.20 -15.62 -10.84
N ALA E 127 -95.43 -15.20 -9.83
CA ALA E 127 -94.00 -15.45 -9.78
C ALA E 127 -93.64 -16.88 -9.36
N ASN E 128 -94.61 -17.80 -9.32
CA ASN E 128 -94.32 -19.16 -8.88
C ASN E 128 -94.99 -20.26 -9.70
N THR E 129 -95.65 -19.93 -10.82
CA THR E 129 -96.30 -20.94 -11.65
C THR E 129 -95.78 -20.96 -13.08
N CYS E 130 -95.02 -19.95 -13.49
CA CYS E 130 -94.56 -19.86 -14.86
C CYS E 130 -93.29 -20.71 -15.04
N THR E 131 -92.58 -20.50 -16.14
CA THR E 131 -91.41 -21.31 -16.45
C THR E 131 -90.25 -20.96 -15.52
N GLU E 132 -89.17 -21.74 -15.61
CA GLU E 132 -88.10 -21.66 -14.63
C GLU E 132 -87.32 -20.36 -14.75
N ARG E 133 -86.96 -19.96 -15.98
CA ARG E 133 -86.17 -18.74 -16.15
C ARG E 133 -86.95 -17.50 -15.72
N LEU E 134 -88.25 -17.45 -16.05
CA LEU E 134 -89.05 -16.33 -15.58
C LEU E 134 -89.22 -16.36 -14.06
N LYS E 135 -89.24 -17.56 -13.46
CA LYS E 135 -89.22 -17.65 -12.00
C LYS E 135 -87.95 -17.02 -11.43
N LEU E 136 -86.80 -17.36 -12.02
CA LEU E 136 -85.53 -16.81 -11.54
C LEU E 136 -85.49 -15.30 -11.72
N PHE E 137 -85.94 -14.81 -12.87
CA PHE E 137 -85.96 -13.37 -13.12
C PHE E 137 -86.90 -12.65 -12.15
N ALA E 138 -88.07 -13.24 -11.88
CA ALA E 138 -89.01 -12.64 -10.95
C ALA E 138 -88.44 -12.58 -9.54
N ALA E 139 -87.77 -13.65 -9.10
CA ALA E 139 -87.14 -13.62 -7.78
C ALA E 139 -86.03 -12.58 -7.71
N GLU E 140 -85.23 -12.48 -8.78
CA GLU E 140 -84.13 -11.54 -8.81
C GLU E 140 -84.64 -10.10 -8.74
N THR E 141 -85.67 -9.78 -9.52
CA THR E 141 -86.22 -8.43 -9.48
C THR E 141 -87.04 -8.19 -8.21
N LEU E 142 -87.60 -9.24 -7.60
CA LEU E 142 -88.15 -9.10 -6.25
C LEU E 142 -87.09 -8.63 -5.25
N LYS E 143 -85.94 -9.29 -5.24
CA LYS E 143 -84.89 -8.90 -4.31
C LYS E 143 -84.39 -7.48 -4.62
N ALA E 144 -84.26 -7.16 -5.92
CA ALA E 144 -83.83 -5.82 -6.30
C ALA E 144 -84.81 -4.76 -5.85
N THR E 145 -86.12 -4.99 -6.08
CA THR E 145 -87.14 -4.02 -5.69
C THR E 145 -87.22 -3.87 -4.17
N GLU E 146 -87.06 -4.98 -3.44
CA GLU E 146 -87.00 -4.92 -1.98
C GLU E 146 -85.85 -4.04 -1.53
N GLU E 147 -84.67 -4.24 -2.12
CA GLU E 147 -83.52 -3.43 -1.75
C GLU E 147 -83.67 -1.97 -2.17
N THR E 148 -84.42 -1.69 -3.23
CA THR E 148 -84.71 -0.30 -3.60
C THR E 148 -85.62 0.35 -2.57
N PHE E 149 -86.72 -0.34 -2.22
CA PHE E 149 -87.77 0.30 -1.44
C PHE E 149 -87.47 0.29 0.05
N LYS E 150 -87.35 -0.89 0.65
CA LYS E 150 -87.22 -0.98 2.09
C LYS E 150 -85.82 -0.60 2.53
N LEU E 151 -85.74 0.21 3.60
CA LEU E 151 -84.48 0.72 4.14
C LEU E 151 -83.68 1.43 3.05
N SER E 152 -84.30 2.45 2.45
CA SER E 152 -83.87 2.96 1.17
C SER E 152 -82.52 3.66 1.21
N TYR E 153 -82.44 4.82 1.89
CA TYR E 153 -81.24 5.64 1.83
C TYR E 153 -81.37 6.85 2.73
N GLY E 154 -80.25 7.52 2.92
CA GLY E 154 -80.21 8.87 3.49
C GLY E 154 -79.48 9.80 2.54
N ILE E 155 -79.95 11.05 2.50
CA ILE E 155 -79.41 12.00 1.53
C ILE E 155 -77.98 12.35 1.93
N ALA E 156 -77.09 12.40 0.93
CA ALA E 156 -75.71 12.77 1.14
C ALA E 156 -75.29 13.77 0.07
N THR E 157 -74.48 14.74 0.49
CA THR E 157 -73.99 15.78 -0.39
C THR E 157 -72.48 15.88 -0.20
N VAL E 158 -71.79 16.41 -1.21
CA VAL E 158 -70.35 16.55 -1.16
C VAL E 158 -70.01 18.01 -0.87
N ARG E 159 -69.25 18.25 0.19
CA ARG E 159 -68.95 19.63 0.57
C ARG E 159 -67.93 20.24 -0.37
N GLU E 160 -66.83 19.55 -0.62
CA GLU E 160 -65.77 20.05 -1.49
C GLU E 160 -65.04 18.88 -2.13
N VAL E 161 -64.31 19.18 -3.19
CA VAL E 161 -63.58 18.15 -3.95
C VAL E 161 -62.13 18.22 -3.51
N LEU E 162 -61.70 17.17 -2.79
CA LEU E 162 -60.29 17.05 -2.42
C LEU E 162 -59.47 16.58 -3.62
N SER E 163 -59.91 15.48 -4.24
CA SER E 163 -59.23 14.91 -5.40
C SER E 163 -60.18 13.94 -6.06
N ASP E 164 -59.76 13.40 -7.20
CA ASP E 164 -60.51 12.35 -7.88
C ASP E 164 -60.19 10.95 -7.34
N ARG E 165 -59.21 10.84 -6.44
CA ARG E 165 -58.91 9.54 -5.84
C ARG E 165 -59.62 9.35 -4.50
N GLU E 166 -59.84 10.44 -3.76
CA GLU E 166 -60.54 10.38 -2.49
C GLU E 166 -61.58 11.49 -2.46
N LEU E 167 -62.75 11.18 -1.90
CA LEU E 167 -63.89 12.08 -1.94
C LEU E 167 -64.27 12.52 -0.53
N HIS E 168 -65.11 13.55 -0.45
CA HIS E 168 -65.65 14.05 0.80
C HIS E 168 -67.12 13.63 0.92
N LEU E 169 -67.53 13.28 2.13
CA LEU E 169 -68.87 12.74 2.37
C LEU E 169 -69.50 13.47 3.54
N SER E 170 -70.82 13.71 3.44
CA SER E 170 -71.58 14.36 4.50
C SER E 170 -72.98 13.76 4.51
N TRP E 171 -73.23 12.84 5.44
CA TRP E 171 -74.54 12.26 5.58
C TRP E 171 -75.51 13.27 6.21
N GLU E 172 -76.75 13.26 5.74
CA GLU E 172 -77.80 14.06 6.36
C GLU E 172 -78.28 13.38 7.62
N VAL E 173 -78.17 14.05 8.76
CA VAL E 173 -78.63 13.49 10.03
C VAL E 173 -80.15 13.48 10.05
N GLY E 174 -80.72 12.39 10.59
CA GLY E 174 -82.16 12.18 10.57
C GLY E 174 -82.57 10.92 9.83
N LYS E 175 -81.73 10.47 8.90
CA LYS E 175 -81.92 9.21 8.19
C LYS E 175 -80.64 8.39 8.27
N PRO E 176 -80.74 7.05 8.25
CA PRO E 176 -79.54 6.23 8.33
C PRO E 176 -78.74 6.24 7.04
N ARG E 177 -77.66 5.45 6.99
CA ARG E 177 -76.75 5.45 5.85
C ARG E 177 -76.43 4.02 5.45
N PRO E 178 -76.57 3.67 4.17
CA PRO E 178 -76.17 2.34 3.71
C PRO E 178 -74.67 2.25 3.53
N PRO E 179 -74.07 1.08 3.79
CA PRO E 179 -72.60 0.96 3.72
C PRO E 179 -72.08 0.68 2.32
N LEU E 180 -70.78 0.41 2.23
CA LEU E 180 -70.15 0.04 0.96
C LEU E 180 -70.75 -1.22 0.38
N ASN E 181 -71.15 -1.14 -0.89
CA ASN E 181 -71.30 -2.29 -1.77
C ASN E 181 -71.12 -1.81 -3.21
N ARG E 182 -70.26 -2.51 -3.96
CA ARG E 182 -70.23 -2.31 -5.39
C ARG E 182 -71.55 -2.69 -6.04
N ASN E 183 -72.31 -3.57 -5.38
CA ASN E 183 -73.70 -3.85 -5.73
C ASN E 183 -74.63 -2.68 -5.42
N TYR E 184 -74.28 -1.82 -4.47
CA TYR E 184 -75.06 -0.64 -4.16
C TYR E 184 -74.67 0.50 -5.08
N VAL E 185 -75.59 1.44 -5.27
CA VAL E 185 -75.34 2.58 -6.14
C VAL E 185 -75.97 3.84 -5.54
N PHE E 186 -75.25 4.95 -5.66
CA PHE E 186 -75.73 6.26 -5.22
C PHE E 186 -75.81 7.16 -6.45
N THR E 187 -77.02 7.36 -6.95
CA THR E 187 -77.22 8.08 -8.20
C THR E 187 -77.06 9.59 -7.99
N GLY E 188 -76.33 10.24 -8.90
CA GLY E 188 -76.02 11.65 -8.72
C GLY E 188 -77.25 12.54 -8.86
N TYR E 189 -77.47 13.40 -7.86
CA TYR E 189 -78.71 14.15 -7.67
C TYR E 189 -78.44 15.64 -7.44
N ARG E 190 -77.72 16.26 -8.36
CA ARG E 190 -77.67 17.72 -8.38
C ARG E 190 -79.03 18.24 -8.85
N VAL E 191 -79.95 18.41 -7.91
CA VAL E 191 -81.37 18.50 -8.26
C VAL E 191 -81.90 19.92 -8.37
N THR E 192 -81.04 20.94 -8.27
CA THR E 192 -81.52 22.28 -7.93
C THR E 192 -82.47 22.91 -8.94
N LYS E 193 -81.97 23.36 -10.11
CA LYS E 193 -82.88 24.07 -11.00
C LYS E 193 -82.97 23.63 -12.46
N ASN E 194 -81.91 23.62 -13.30
CA ASN E 194 -80.47 23.23 -13.18
C ASN E 194 -80.31 21.73 -13.00
N SER E 195 -80.82 21.02 -13.99
CA SER E 195 -80.38 19.67 -14.38
C SER E 195 -80.58 18.66 -13.25
N LYS E 196 -81.85 18.42 -12.93
CA LYS E 196 -82.22 17.31 -12.07
C LYS E 196 -82.10 16.00 -12.84
N VAL E 197 -80.86 15.64 -13.22
CA VAL E 197 -80.60 14.55 -14.16
C VAL E 197 -79.52 13.66 -13.54
N GLN E 198 -79.54 12.38 -13.91
CA GLN E 198 -78.45 11.47 -13.58
C GLN E 198 -77.13 11.98 -14.10
N ILE E 199 -76.24 12.36 -13.18
CA ILE E 199 -74.88 12.74 -13.54
C ILE E 199 -73.91 11.58 -13.35
N GLY E 200 -74.41 10.39 -13.02
CA GLY E 200 -73.59 9.20 -12.92
C GLY E 200 -74.06 8.24 -11.84
N GLU E 201 -73.26 7.20 -11.66
CA GLU E 201 -73.62 6.05 -10.83
C GLU E 201 -72.42 5.69 -9.95
N TYR E 202 -72.60 5.75 -8.62
CA TYR E 202 -71.44 5.79 -7.73
C TYR E 202 -71.63 4.85 -6.54
N THR E 203 -70.50 4.35 -6.04
CA THR E 203 -70.40 3.64 -4.78
C THR E 203 -69.26 4.25 -3.96
N PHE E 204 -69.30 4.02 -2.64
CA PHE E 204 -68.43 4.73 -1.70
C PHE E 204 -67.82 3.76 -0.69
N GLU E 205 -66.49 3.60 -0.72
CA GLU E 205 -65.78 2.87 0.32
C GLU E 205 -64.90 3.83 1.12
N LYS E 206 -65.02 3.77 2.45
CA LYS E 206 -64.50 4.80 3.33
C LYS E 206 -63.02 4.55 3.66
N GLY E 207 -62.35 5.64 4.05
CA GLY E 207 -60.96 5.57 4.45
C GLY E 207 -60.79 5.47 5.96
N ASP E 208 -59.56 5.19 6.36
CA ASP E 208 -59.21 5.02 7.76
C ASP E 208 -58.70 6.29 8.41
N TYR E 209 -58.61 7.40 7.67
CA TYR E 209 -58.04 8.64 8.19
C TYR E 209 -58.94 9.81 7.81
N GLY E 210 -59.20 10.69 8.78
CA GLY E 210 -59.89 11.93 8.53
C GLY E 210 -61.34 11.73 8.10
N ASP E 211 -61.84 12.72 7.36
CA ASP E 211 -63.19 12.69 6.79
C ASP E 211 -63.01 12.54 5.29
N ALA E 212 -62.89 11.31 4.82
CA ALA E 212 -62.64 11.05 3.41
C ALA E 212 -63.25 9.71 3.03
N VAL E 213 -63.56 9.56 1.75
CA VAL E 213 -64.10 8.34 1.19
C VAL E 213 -63.49 8.15 -0.20
N VAL E 214 -62.94 6.96 -0.46
CA VAL E 214 -62.33 6.70 -1.76
C VAL E 214 -63.35 6.03 -2.68
N TYR E 215 -63.98 6.83 -3.54
CA TYR E 215 -65.16 6.38 -4.26
C TYR E 215 -64.77 5.56 -5.48
N ARG E 216 -65.79 5.05 -6.17
CA ARG E 216 -65.64 4.41 -7.47
C ARG E 216 -66.81 4.84 -8.34
N GLY E 217 -66.54 5.65 -9.35
CA GLY E 217 -67.60 6.18 -10.19
C GLY E 217 -67.58 5.63 -11.59
N THR E 218 -68.70 5.81 -12.31
CA THR E 218 -68.83 5.31 -13.68
C THR E 218 -69.12 6.46 -14.65
N THR E 219 -68.51 7.62 -14.41
CA THR E 219 -68.74 8.81 -15.22
C THR E 219 -67.48 9.67 -15.18
N THR E 220 -67.38 10.59 -16.14
CA THR E 220 -66.18 11.41 -16.32
C THR E 220 -66.56 12.89 -16.17
N TYR E 221 -67.34 13.19 -15.13
CA TYR E 221 -67.74 14.55 -14.80
C TYR E 221 -67.34 14.88 -13.38
N LYS E 222 -66.77 16.07 -13.18
CA LYS E 222 -66.41 16.52 -11.85
C LYS E 222 -67.65 16.93 -11.06
N LEU E 223 -67.51 16.93 -9.74
CA LEU E 223 -68.65 17.19 -8.86
C LEU E 223 -68.95 18.68 -8.75
N ASN E 224 -70.23 19.01 -8.65
CA ASN E 224 -70.66 20.34 -8.29
C ASN E 224 -70.83 20.43 -6.77
N VAL E 225 -70.98 21.65 -6.26
CA VAL E 225 -71.13 21.85 -4.83
C VAL E 225 -72.49 21.30 -4.36
N GLY E 226 -73.52 21.43 -5.20
CA GLY E 226 -74.84 20.96 -4.87
C GLY E 226 -75.17 19.54 -5.29
N ASP E 227 -74.22 18.81 -5.87
CA ASP E 227 -74.48 17.44 -6.29
C ASP E 227 -74.69 16.54 -5.10
N TYR E 228 -75.71 15.67 -5.18
CA TYR E 228 -76.11 14.80 -4.09
C TYR E 228 -75.99 13.34 -4.52
N PHE E 229 -76.11 12.44 -3.56
CA PHE E 229 -75.99 11.00 -3.79
C PHE E 229 -76.96 10.27 -2.85
N VAL E 230 -78.13 9.92 -3.36
CA VAL E 230 -79.12 9.13 -2.63
C VAL E 230 -79.26 7.79 -3.31
N LEU E 231 -79.24 6.71 -2.52
CA LEU E 231 -79.17 5.35 -3.05
C LEU E 231 -80.51 4.93 -3.66
N THR E 232 -80.61 5.02 -4.98
CA THR E 232 -81.73 4.48 -5.72
C THR E 232 -81.24 3.36 -6.63
N SER E 233 -81.83 2.18 -6.48
CA SER E 233 -81.62 0.96 -7.27
C SER E 233 -80.47 0.19 -6.63
N HIS E 234 -80.47 -1.11 -6.84
CA HIS E 234 -79.44 -2.00 -6.35
C HIS E 234 -79.32 -3.17 -7.31
N THR E 235 -78.14 -3.74 -7.37
CA THR E 235 -77.85 -4.85 -8.28
C THR E 235 -77.53 -6.08 -7.45
N VAL E 236 -78.43 -7.06 -7.48
CA VAL E 236 -78.16 -8.34 -6.81
C VAL E 236 -77.50 -9.29 -7.81
N MET E 237 -76.88 -10.34 -7.27
CA MET E 237 -76.13 -11.26 -8.12
C MET E 237 -77.06 -12.00 -9.07
N PRO E 238 -76.73 -12.08 -10.36
CA PRO E 238 -77.60 -12.79 -11.30
C PRO E 238 -77.40 -14.30 -11.27
N LEU E 239 -78.07 -14.98 -10.36
CA LEU E 239 -77.91 -16.42 -10.22
C LEU E 239 -78.44 -17.15 -11.45
N SER E 240 -77.91 -18.37 -11.67
CA SER E 240 -78.22 -19.15 -12.85
C SER E 240 -78.87 -20.48 -12.53
N ALA E 241 -78.55 -21.07 -11.38
CA ALA E 241 -79.08 -22.39 -11.04
C ALA E 241 -80.58 -22.33 -10.82
N PRO E 242 -81.31 -23.39 -11.20
CA PRO E 242 -82.75 -23.40 -10.98
C PRO E 242 -83.09 -23.56 -9.50
N THR E 243 -84.34 -23.24 -9.18
CA THR E 243 -84.81 -23.38 -7.80
C THR E 243 -84.78 -24.84 -7.37
N LEU E 244 -85.14 -25.76 -8.26
CA LEU E 244 -85.11 -27.19 -7.98
C LEU E 244 -84.37 -27.91 -9.10
N VAL E 245 -83.45 -28.79 -8.72
CA VAL E 245 -82.77 -29.69 -9.65
C VAL E 245 -83.83 -30.62 -10.25
N PRO E 246 -83.79 -30.93 -11.54
CA PRO E 246 -84.76 -31.88 -12.11
C PRO E 246 -84.69 -33.24 -11.42
N GLN E 247 -85.86 -33.82 -11.17
CA GLN E 247 -85.93 -35.09 -10.48
C GLN E 247 -85.46 -36.23 -11.39
N GLU E 248 -84.71 -37.16 -10.82
CA GLU E 248 -84.38 -38.40 -11.49
C GLU E 248 -84.60 -39.53 -10.49
N HIS E 249 -85.28 -40.58 -10.94
CA HIS E 249 -85.64 -41.71 -10.10
C HIS E 249 -84.62 -42.81 -10.22
N TYR E 250 -84.19 -43.35 -9.08
CA TYR E 250 -83.19 -44.41 -9.03
C TYR E 250 -83.87 -45.73 -8.70
N VAL E 251 -83.11 -46.82 -8.85
CA VAL E 251 -83.58 -48.16 -8.51
C VAL E 251 -82.88 -48.73 -7.28
N ARG E 252 -81.55 -48.66 -7.22
CA ARG E 252 -80.82 -49.13 -6.05
C ARG E 252 -80.08 -47.95 -5.44
N ILE E 253 -79.40 -48.21 -4.32
CA ILE E 253 -78.74 -47.14 -3.58
C ILE E 253 -77.49 -46.70 -4.34
N THR E 254 -77.37 -45.38 -4.55
CA THR E 254 -76.30 -44.79 -5.34
C THR E 254 -75.58 -43.73 -4.53
N GLY E 255 -74.25 -43.77 -4.54
CA GLY E 255 -73.45 -42.77 -3.87
C GLY E 255 -73.49 -42.79 -2.36
N LEU E 256 -74.33 -43.63 -1.76
CA LEU E 256 -74.49 -43.69 -0.32
C LEU E 256 -74.25 -45.13 0.14
N TYR E 257 -73.83 -45.27 1.39
CA TYR E 257 -73.46 -46.59 1.93
C TYR E 257 -74.18 -46.81 3.26
N PRO E 258 -75.25 -47.61 3.27
CA PRO E 258 -76.05 -47.75 4.48
C PRO E 258 -75.37 -48.57 5.55
N THR E 259 -75.87 -48.44 6.77
CA THR E 259 -75.38 -49.17 7.92
C THR E 259 -76.46 -50.12 8.43
N LEU E 260 -76.02 -51.25 9.00
CA LEU E 260 -76.91 -52.24 9.60
C LEU E 260 -76.88 -52.07 11.11
N ASN E 261 -78.06 -52.09 11.72
CA ASN E 261 -78.24 -51.83 13.15
C ASN E 261 -77.65 -50.47 13.54
N ILE E 262 -78.25 -49.43 12.96
CA ILE E 262 -77.70 -48.08 13.10
C ILE E 262 -77.81 -47.58 14.53
N SER E 263 -78.99 -47.72 15.14
CA SER E 263 -79.27 -47.28 16.50
C SER E 263 -80.66 -47.80 16.87
N ASP E 264 -81.17 -47.36 18.02
CA ASP E 264 -82.50 -47.70 18.47
C ASP E 264 -83.54 -46.62 18.15
N GLU E 265 -83.15 -45.35 18.17
CA GLU E 265 -84.11 -44.27 18.00
C GLU E 265 -84.52 -44.10 16.54
N PHE E 266 -83.58 -44.30 15.61
CA PHE E 266 -83.83 -44.05 14.20
C PHE E 266 -84.35 -45.28 13.46
N SER E 267 -84.67 -46.36 14.18
CA SER E 267 -85.10 -47.60 13.55
C SER E 267 -86.45 -47.49 12.86
N SER E 268 -87.29 -46.53 13.26
CA SER E 268 -88.60 -46.37 12.63
C SER E 268 -88.50 -45.74 11.25
N ASN E 269 -87.42 -45.02 10.97
CA ASN E 269 -87.29 -44.25 9.74
C ASN E 269 -86.29 -44.86 8.76
N VAL E 270 -86.02 -46.17 8.84
CA VAL E 270 -85.03 -46.77 7.96
C VAL E 270 -85.54 -46.84 6.53
N ALA E 271 -86.82 -47.22 6.36
CA ALA E 271 -87.43 -47.16 5.04
C ALA E 271 -87.43 -45.74 4.51
N ASN E 272 -87.52 -44.78 5.43
CA ASN E 272 -87.40 -43.38 5.07
C ASN E 272 -86.02 -43.05 4.56
N TYR E 273 -84.98 -43.63 5.16
CA TYR E 273 -83.64 -43.35 4.68
C TYR E 273 -83.41 -43.99 3.31
N GLN E 274 -84.02 -45.15 3.03
CA GLN E 274 -83.95 -45.62 1.65
C GLN E 274 -84.60 -44.62 0.68
N LYS E 275 -85.86 -44.25 0.94
CA LYS E 275 -86.56 -43.40 -0.02
C LYS E 275 -85.89 -42.04 -0.19
N VAL E 276 -85.21 -41.54 0.85
CA VAL E 276 -84.27 -40.44 0.62
C VAL E 276 -83.15 -40.90 -0.31
N GLY E 277 -82.69 -42.15 -0.15
CA GLY E 277 -81.55 -42.63 -0.90
C GLY E 277 -81.72 -42.72 -2.40
N MET E 278 -82.80 -43.36 -2.87
CA MET E 278 -82.89 -43.54 -4.33
C MET E 278 -83.73 -42.46 -5.02
N GLN E 279 -83.75 -41.24 -4.49
CA GLN E 279 -84.31 -40.10 -5.20
C GLN E 279 -83.26 -39.00 -5.25
N LYS E 280 -83.38 -38.14 -6.27
CA LYS E 280 -82.45 -37.02 -6.41
C LYS E 280 -82.66 -36.00 -5.30
N TYR E 281 -83.89 -35.48 -5.18
CA TYR E 281 -84.27 -34.65 -4.06
C TYR E 281 -85.58 -35.15 -3.47
N SER E 282 -85.63 -35.24 -2.14
CA SER E 282 -86.80 -35.72 -1.43
C SER E 282 -87.27 -34.65 -0.46
N THR E 283 -88.57 -34.67 -0.18
CA THR E 283 -89.20 -33.65 0.65
C THR E 283 -89.87 -34.32 1.85
N LEU E 284 -89.72 -33.70 3.03
CA LEU E 284 -90.35 -34.17 4.25
C LEU E 284 -91.23 -33.06 4.80
N GLN E 285 -92.48 -33.40 5.11
CA GLN E 285 -93.42 -32.47 5.72
C GLN E 285 -93.93 -33.06 7.02
N GLY E 286 -94.05 -32.24 8.05
CA GLY E 286 -94.56 -32.66 9.33
C GLY E 286 -94.91 -31.51 10.24
N PRO E 287 -95.93 -31.69 11.06
CA PRO E 287 -96.26 -30.66 12.05
C PRO E 287 -95.09 -30.45 13.00
N PRO E 288 -95.00 -29.27 13.60
CA PRO E 288 -93.83 -28.96 14.44
C PRO E 288 -93.74 -29.86 15.66
N GLY E 289 -92.50 -30.09 16.09
CA GLY E 289 -92.24 -30.99 17.19
C GLY E 289 -92.51 -32.45 16.88
N THR E 290 -92.17 -32.89 15.68
CA THR E 290 -92.36 -34.28 15.28
C THR E 290 -91.05 -34.97 14.87
N GLY E 291 -89.96 -34.22 14.77
CA GLY E 291 -88.67 -34.81 14.45
C GLY E 291 -88.12 -34.49 13.07
N LYS E 292 -88.56 -33.41 12.44
CA LYS E 292 -88.00 -33.01 11.15
C LYS E 292 -86.53 -32.63 11.30
N SER E 293 -86.19 -31.89 12.35
CA SER E 293 -84.80 -31.56 12.64
C SER E 293 -84.02 -32.75 13.20
N HIS E 294 -84.71 -33.83 13.55
CA HIS E 294 -84.09 -35.07 14.00
C HIS E 294 -83.80 -36.02 12.85
N PHE E 295 -84.57 -35.91 11.76
CA PHE E 295 -84.41 -36.79 10.62
C PHE E 295 -83.08 -36.56 9.91
N ALA E 296 -82.55 -35.33 9.98
CA ALA E 296 -81.24 -35.06 9.37
C ALA E 296 -80.14 -35.84 10.08
N ILE E 297 -80.17 -35.88 11.41
CA ILE E 297 -79.20 -36.66 12.16
C ILE E 297 -79.43 -38.16 11.95
N GLY E 298 -80.70 -38.56 11.81
CA GLY E 298 -80.98 -39.93 11.42
C GLY E 298 -80.35 -40.31 10.09
N LEU E 299 -80.43 -39.41 9.12
CA LEU E 299 -79.76 -39.61 7.84
C LEU E 299 -78.24 -39.69 8.02
N ALA E 300 -77.70 -38.84 8.89
CA ALA E 300 -76.26 -38.84 9.12
C ALA E 300 -75.79 -40.17 9.69
N LEU E 301 -76.50 -40.69 10.68
CA LEU E 301 -76.14 -41.97 11.29
C LEU E 301 -76.59 -43.18 10.48
N TYR E 302 -77.39 -42.98 9.43
CA TYR E 302 -77.65 -44.07 8.50
C TYR E 302 -76.67 -44.09 7.32
N TYR E 303 -76.05 -42.95 7.00
CA TYR E 303 -75.07 -42.83 5.93
C TYR E 303 -73.80 -42.24 6.54
N PRO E 304 -72.96 -43.09 7.15
CA PRO E 304 -71.86 -42.55 7.96
C PRO E 304 -70.66 -42.09 7.16
N SER E 305 -70.32 -42.78 6.06
CA SER E 305 -69.09 -42.50 5.33
C SER E 305 -69.20 -41.29 4.41
N ALA E 306 -70.39 -40.73 4.23
CA ALA E 306 -70.62 -39.66 3.27
C ALA E 306 -70.62 -38.32 3.98
N ARG E 307 -70.04 -37.30 3.34
CA ARG E 307 -70.17 -35.95 3.88
C ARG E 307 -71.61 -35.49 3.70
N ILE E 308 -72.10 -34.74 4.69
CA ILE E 308 -73.38 -34.06 4.61
C ILE E 308 -73.16 -32.62 5.05
N VAL E 309 -73.62 -31.67 4.25
CA VAL E 309 -73.61 -30.27 4.64
C VAL E 309 -75.03 -29.94 5.13
N TYR E 310 -75.11 -29.42 6.34
CA TYR E 310 -76.37 -29.04 6.96
C TYR E 310 -76.51 -27.52 6.96
N THR E 311 -77.56 -27.03 6.31
CA THR E 311 -77.67 -25.59 6.10
C THR E 311 -79.14 -25.18 6.20
N ALA E 312 -79.37 -23.98 6.74
CA ALA E 312 -80.70 -23.43 6.85
C ALA E 312 -80.61 -21.93 6.63
N CYS E 313 -81.77 -21.30 6.42
CA CYS E 313 -81.78 -19.88 6.06
C CYS E 313 -81.41 -19.01 7.24
N SER E 314 -81.80 -19.45 8.43
CA SER E 314 -81.54 -18.71 9.65
C SER E 314 -80.40 -19.37 10.42
N HIS E 315 -80.10 -18.85 11.60
CA HIS E 315 -79.07 -19.39 12.48
C HIS E 315 -79.65 -20.24 13.61
N ALA E 316 -80.89 -19.98 14.03
CA ALA E 316 -81.48 -20.76 15.11
C ALA E 316 -81.71 -22.22 14.69
N ALA E 317 -82.19 -22.46 13.47
CA ALA E 317 -82.40 -23.85 13.04
C ALA E 317 -81.09 -24.59 12.91
N VAL E 318 -80.07 -23.97 12.30
CA VAL E 318 -78.79 -24.64 12.16
C VAL E 318 -78.15 -24.85 13.54
N ASP E 319 -78.45 -23.98 14.51
CA ASP E 319 -77.91 -24.18 15.85
C ASP E 319 -78.63 -25.28 16.62
N ALA E 320 -79.94 -25.42 16.44
CA ALA E 320 -80.63 -26.56 17.03
C ALA E 320 -80.15 -27.87 16.39
N LEU E 321 -79.91 -27.83 15.09
CA LEU E 321 -79.31 -28.96 14.39
C LEU E 321 -77.91 -29.25 14.90
N CYS E 322 -77.16 -28.18 15.22
CA CYS E 322 -75.87 -28.32 15.91
C CYS E 322 -76.03 -29.07 17.21
N GLU E 323 -77.05 -28.71 18.00
CA GLU E 323 -77.28 -29.35 19.29
C GLU E 323 -77.59 -30.84 19.13
N LYS E 324 -78.48 -31.16 18.21
CA LYS E 324 -78.86 -32.57 18.03
C LYS E 324 -77.69 -33.39 17.49
N ALA E 325 -76.91 -32.83 16.56
CA ALA E 325 -75.70 -33.53 16.12
C ALA E 325 -74.67 -33.60 17.23
N LEU E 326 -74.65 -32.61 18.12
CA LEU E 326 -73.74 -32.63 19.26
C LEU E 326 -74.06 -33.78 20.19
N LYS E 327 -75.35 -34.12 20.34
CA LYS E 327 -75.65 -35.28 21.17
C LYS E 327 -75.58 -36.61 20.40
N TYR E 328 -75.75 -36.62 19.08
CA TYR E 328 -75.73 -37.90 18.38
C TYR E 328 -74.54 -38.12 17.45
N LEU E 329 -73.98 -37.07 16.86
CA LEU E 329 -72.89 -37.28 15.93
C LEU E 329 -71.53 -37.21 16.63
N PRO E 330 -70.50 -37.85 16.08
CA PRO E 330 -69.15 -37.77 16.67
C PRO E 330 -68.64 -36.33 16.68
N ILE E 331 -68.11 -35.93 17.83
CA ILE E 331 -67.73 -34.53 18.04
C ILE E 331 -66.44 -34.19 17.31
N ASP E 332 -65.63 -35.20 16.96
CA ASP E 332 -64.23 -34.98 16.59
C ASP E 332 -64.08 -34.16 15.30
N LYS E 333 -64.64 -34.65 14.19
CA LYS E 333 -64.81 -33.79 13.01
C LYS E 333 -66.31 -33.58 12.77
N CYS E 334 -66.77 -32.43 13.26
CA CYS E 334 -67.98 -31.74 12.86
C CYS E 334 -67.61 -30.28 12.69
N SER E 335 -68.39 -29.56 11.90
CA SER E 335 -67.95 -28.26 11.44
C SER E 335 -69.03 -27.24 11.80
N ARG E 336 -68.72 -25.97 11.54
CA ARG E 336 -69.64 -24.86 11.66
C ARG E 336 -69.00 -23.69 10.93
N ILE E 337 -69.78 -23.02 10.09
CA ILE E 337 -69.27 -21.96 9.24
C ILE E 337 -69.90 -20.65 9.67
N ILE E 338 -69.06 -19.68 9.98
CA ILE E 338 -69.54 -18.33 10.28
C ILE E 338 -69.07 -17.43 9.16
N PRO E 339 -69.82 -16.38 8.81
CA PRO E 339 -69.40 -15.50 7.73
C PRO E 339 -68.29 -14.56 8.15
N ALA E 340 -67.75 -13.80 7.20
CA ALA E 340 -66.78 -12.77 7.52
C ALA E 340 -67.38 -11.61 8.31
N ARG E 341 -68.71 -11.45 8.26
CA ARG E 341 -69.36 -10.41 9.05
C ARG E 341 -69.25 -10.70 10.55
N ALA E 342 -69.52 -11.95 10.94
CA ALA E 342 -69.48 -12.39 12.34
C ALA E 342 -70.34 -11.50 13.23
N ARG E 343 -71.54 -11.17 12.75
CA ARG E 343 -72.39 -10.22 13.46
C ARG E 343 -72.96 -10.81 14.74
N VAL E 344 -73.36 -12.08 14.72
CA VAL E 344 -74.08 -12.68 15.82
C VAL E 344 -73.36 -13.93 16.31
N GLU E 345 -73.69 -14.32 17.54
CA GLU E 345 -73.07 -15.48 18.18
C GLU E 345 -73.54 -16.78 17.53
N CYS E 346 -72.61 -17.74 17.40
CA CYS E 346 -72.92 -19.02 16.77
C CYS E 346 -72.51 -20.19 17.66
N PHE E 347 -72.77 -21.41 17.18
CA PHE E 347 -72.50 -22.63 17.95
C PHE E 347 -71.02 -22.95 17.84
N ASP E 348 -70.22 -22.37 18.74
CA ASP E 348 -68.76 -22.45 18.68
C ASP E 348 -68.26 -23.55 19.62
N LYS E 349 -68.66 -24.79 19.32
CA LYS E 349 -68.16 -25.95 20.06
C LYS E 349 -67.49 -27.01 19.19
N PHE E 350 -67.74 -27.02 17.89
CA PHE E 350 -66.98 -27.81 16.94
C PHE E 350 -65.83 -26.98 16.40
N LYS E 351 -65.25 -27.44 15.30
CA LYS E 351 -64.41 -26.57 14.47
C LYS E 351 -65.25 -25.48 13.82
N VAL E 352 -64.96 -24.23 14.15
CA VAL E 352 -65.58 -23.15 13.41
C VAL E 352 -64.77 -22.89 12.14
N ASN E 353 -65.49 -22.79 11.02
CA ASN E 353 -64.91 -22.52 9.69
C ASN E 353 -63.92 -23.60 9.24
N SER E 354 -64.41 -24.82 9.03
CA SER E 354 -63.64 -25.89 8.41
C SER E 354 -64.52 -26.53 7.33
N THR E 355 -64.30 -26.13 6.06
CA THR E 355 -65.19 -26.53 4.98
C THR E 355 -64.91 -27.95 4.49
N LEU E 356 -63.75 -28.49 4.82
CA LEU E 356 -63.38 -29.82 4.32
C LEU E 356 -63.79 -30.95 5.25
N GLU E 357 -64.77 -30.79 6.13
CA GLU E 357 -65.14 -31.87 7.02
C GLU E 357 -66.44 -32.53 6.59
N GLN E 358 -66.72 -33.67 7.21
CA GLN E 358 -67.81 -34.55 6.83
C GLN E 358 -69.18 -34.03 7.24
N TYR E 359 -69.26 -33.11 8.20
CA TYR E 359 -70.55 -32.60 8.66
C TYR E 359 -70.42 -31.08 8.81
N VAL E 360 -70.82 -30.37 7.77
CA VAL E 360 -70.65 -28.92 7.70
C VAL E 360 -71.95 -28.23 8.08
N PHE E 361 -71.83 -27.25 8.96
CA PHE E 361 -72.95 -26.50 9.49
C PHE E 361 -72.84 -25.06 9.01
N CYS E 362 -73.90 -24.55 8.37
CA CYS E 362 -73.79 -23.24 7.73
C CYS E 362 -75.17 -22.62 7.55
N THR E 363 -75.15 -21.37 7.07
CA THR E 363 -76.35 -20.62 6.75
C THR E 363 -76.29 -20.18 5.29
N VAL E 364 -77.46 -20.16 4.63
CA VAL E 364 -77.55 -20.16 3.17
C VAL E 364 -76.72 -19.03 2.55
N ASN E 365 -76.69 -17.87 3.21
CA ASN E 365 -76.01 -16.73 2.63
C ASN E 365 -74.49 -16.79 2.77
N ALA E 366 -73.94 -17.83 3.39
CA ALA E 366 -72.50 -17.90 3.66
C ALA E 366 -71.90 -19.25 3.32
N LEU E 367 -72.50 -20.00 2.37
CA LEU E 367 -71.90 -21.27 1.99
C LEU E 367 -70.68 -21.07 1.10
N PRO E 368 -69.67 -21.94 1.23
CA PRO E 368 -68.57 -21.95 0.27
C PRO E 368 -68.94 -22.70 -1.00
N GLU E 369 -68.23 -22.38 -2.07
CA GLU E 369 -68.46 -23.04 -3.35
C GLU E 369 -67.74 -24.38 -3.39
N THR E 370 -68.31 -25.38 -2.72
CA THR E 370 -67.69 -26.70 -2.65
C THR E 370 -68.70 -27.79 -3.02
N THR E 371 -68.28 -29.05 -2.91
CA THR E 371 -69.12 -30.19 -3.21
C THR E 371 -69.68 -30.77 -1.91
N ALA E 372 -70.53 -31.77 -2.07
CA ALA E 372 -71.13 -32.49 -0.94
C ALA E 372 -71.56 -33.86 -1.46
N ASP E 373 -72.11 -34.68 -0.56
CA ASP E 373 -72.64 -35.97 -0.94
C ASP E 373 -74.11 -36.12 -0.58
N ILE E 374 -74.55 -35.56 0.54
CA ILE E 374 -75.97 -35.29 0.79
C ILE E 374 -76.05 -33.85 1.26
N VAL E 375 -77.04 -33.10 0.75
CA VAL E 375 -77.35 -31.77 1.27
C VAL E 375 -78.73 -31.85 1.91
N VAL E 376 -78.85 -31.31 3.11
CA VAL E 376 -80.11 -31.30 3.84
C VAL E 376 -80.48 -29.85 4.13
N PHE E 377 -81.39 -29.31 3.33
CA PHE E 377 -81.89 -27.96 3.53
C PHE E 377 -82.99 -28.01 4.60
N ASP E 378 -82.75 -27.32 5.72
CA ASP E 378 -83.70 -27.31 6.82
C ASP E 378 -84.59 -26.08 6.74
N GLU E 379 -85.86 -26.27 7.14
CA GLU E 379 -86.87 -25.21 7.30
C GLU E 379 -86.96 -24.31 6.07
N ILE E 380 -87.41 -24.92 4.97
CA ILE E 380 -87.75 -24.18 3.76
C ILE E 380 -88.81 -23.12 4.01
N SER E 381 -89.52 -23.20 5.15
CA SER E 381 -90.43 -22.13 5.55
C SER E 381 -89.73 -20.78 5.67
N MET E 382 -88.41 -20.79 5.92
CA MET E 382 -87.60 -19.58 5.91
C MET E 382 -86.96 -19.33 4.54
N ALA E 383 -87.16 -20.26 3.60
CA ALA E 383 -86.47 -20.22 2.32
C ALA E 383 -87.37 -19.58 1.26
N THR E 384 -86.81 -18.62 0.55
CA THR E 384 -87.42 -18.11 -0.67
C THR E 384 -86.77 -18.78 -1.86
N ASN E 385 -87.21 -18.39 -3.07
CA ASN E 385 -86.59 -18.90 -4.27
C ASN E 385 -85.14 -18.45 -4.41
N TYR E 386 -84.80 -17.28 -3.86
CA TYR E 386 -83.42 -16.81 -3.90
C TYR E 386 -82.50 -17.73 -3.10
N ASP E 387 -82.92 -18.15 -1.91
CA ASP E 387 -82.10 -19.05 -1.10
C ASP E 387 -81.97 -20.42 -1.74
N LEU E 388 -83.05 -20.92 -2.35
CA LEU E 388 -82.98 -22.19 -3.06
C LEU E 388 -82.01 -22.10 -4.24
N SER E 389 -82.06 -21.00 -4.99
CA SER E 389 -81.11 -20.81 -6.08
C SER E 389 -79.68 -20.70 -5.56
N VAL E 390 -79.48 -20.06 -4.41
CA VAL E 390 -78.15 -19.96 -3.82
C VAL E 390 -77.61 -21.35 -3.47
N VAL E 391 -78.41 -22.16 -2.77
CA VAL E 391 -77.93 -23.46 -2.35
C VAL E 391 -77.76 -24.40 -3.54
N ASN E 392 -78.55 -24.20 -4.61
CA ASN E 392 -78.35 -25.01 -5.81
C ASN E 392 -77.11 -24.59 -6.59
N ALA E 393 -76.79 -23.30 -6.62
CA ALA E 393 -75.63 -22.84 -7.36
C ALA E 393 -74.33 -23.12 -6.62
N ARG E 394 -74.34 -23.03 -5.30
CA ARG E 394 -73.12 -23.20 -4.52
C ARG E 394 -72.84 -24.64 -4.12
N LEU E 395 -73.86 -25.42 -3.80
CA LEU E 395 -73.68 -26.79 -3.31
C LEU E 395 -74.04 -27.75 -4.42
N ARG E 396 -73.16 -28.72 -4.66
CA ARG E 396 -73.25 -29.59 -5.82
C ARG E 396 -73.13 -31.03 -5.34
N ALA E 397 -74.27 -31.68 -5.09
CA ALA E 397 -74.27 -32.95 -4.38
C ALA E 397 -75.17 -33.95 -5.09
N LYS E 398 -75.02 -35.22 -4.71
CA LYS E 398 -75.78 -36.29 -5.32
C LYS E 398 -77.24 -36.28 -4.86
N HIS E 399 -77.47 -35.99 -3.58
CA HIS E 399 -78.80 -36.08 -3.00
C HIS E 399 -79.15 -34.75 -2.32
N TYR E 400 -80.39 -34.31 -2.51
CA TYR E 400 -80.92 -33.13 -1.84
C TYR E 400 -82.03 -33.55 -0.88
N VAL E 401 -82.04 -32.96 0.31
CA VAL E 401 -83.05 -33.24 1.32
C VAL E 401 -83.70 -31.91 1.71
N TYR E 402 -85.02 -31.83 1.53
CA TYR E 402 -85.78 -30.63 1.86
C TYR E 402 -86.76 -30.96 2.97
N ILE E 403 -86.47 -30.48 4.18
CA ILE E 403 -87.29 -30.73 5.36
C ILE E 403 -87.88 -29.43 5.85
N GLY E 404 -89.17 -29.44 6.15
CA GLY E 404 -89.85 -28.25 6.60
C GLY E 404 -91.35 -28.41 6.51
N ASP E 405 -92.05 -27.45 7.11
CA ASP E 405 -93.51 -27.45 7.15
C ASP E 405 -94.01 -26.08 6.72
N PRO E 406 -94.88 -26.00 5.70
CA PRO E 406 -95.46 -24.70 5.33
C PRO E 406 -96.40 -24.11 6.37
N ALA E 407 -96.90 -24.91 7.30
CA ALA E 407 -97.79 -24.37 8.33
C ALA E 407 -97.08 -23.42 9.28
N GLN E 408 -95.75 -23.53 9.39
CA GLN E 408 -94.97 -22.56 10.14
C GLN E 408 -94.78 -21.29 9.29
N LEU E 409 -94.01 -20.33 9.82
CA LEU E 409 -94.03 -18.99 9.21
C LEU E 409 -93.28 -18.95 7.89
N PRO E 410 -93.79 -18.20 6.91
CA PRO E 410 -93.00 -17.95 5.70
C PRO E 410 -91.94 -16.89 5.91
N ALA E 411 -91.26 -16.51 4.82
CA ALA E 411 -90.26 -15.45 4.88
C ALA E 411 -90.92 -14.12 5.25
N PRO E 412 -90.15 -13.17 5.79
CA PRO E 412 -90.73 -11.87 6.18
C PRO E 412 -91.54 -11.19 5.09
N ARG E 413 -90.93 -10.96 3.93
CA ARG E 413 -91.59 -10.30 2.79
C ARG E 413 -92.21 -8.97 3.20
N THR E 414 -91.33 -8.03 3.56
CA THR E 414 -91.78 -6.77 4.15
C THR E 414 -92.56 -5.91 3.15
N LEU E 415 -92.37 -6.14 1.85
CA LEU E 415 -93.20 -5.45 0.87
C LEU E 415 -94.64 -5.93 0.91
N LEU E 416 -94.85 -7.21 1.22
CA LEU E 416 -96.19 -7.78 1.25
C LEU E 416 -96.99 -7.18 2.39
N THR E 417 -97.87 -6.24 2.08
CA THR E 417 -98.75 -5.63 3.07
C THR E 417 -100.23 -5.73 2.74
N LYS E 418 -100.58 -6.18 1.54
CA LYS E 418 -101.97 -6.39 1.14
C LYS E 418 -102.15 -7.82 0.66
N GLY E 419 -103.33 -8.36 0.89
CA GLY E 419 -103.63 -9.72 0.49
C GLY E 419 -103.05 -10.74 1.45
N THR E 420 -103.29 -12.01 1.11
CA THR E 420 -102.83 -13.14 1.91
C THR E 420 -102.13 -14.13 1.00
N LEU E 421 -101.08 -14.75 1.51
CA LEU E 421 -100.34 -15.77 0.78
C LEU E 421 -100.68 -17.16 1.31
N GLU E 422 -101.02 -18.06 0.40
CA GLU E 422 -101.24 -19.44 0.77
C GLU E 422 -99.91 -20.13 1.08
N PRO E 423 -99.93 -21.18 1.91
CA PRO E 423 -98.68 -21.89 2.21
C PRO E 423 -98.00 -22.48 0.98
N GLU E 424 -98.77 -22.88 -0.03
CA GLU E 424 -98.20 -23.47 -1.23
C GLU E 424 -97.53 -22.46 -2.15
N TYR E 425 -97.58 -21.16 -1.85
CA TYR E 425 -96.98 -20.15 -2.70
C TYR E 425 -95.81 -19.46 -2.03
N PHE E 426 -95.27 -20.05 -0.95
CA PHE E 426 -94.10 -19.49 -0.29
C PHE E 426 -92.88 -19.60 -1.18
N ASN E 427 -92.68 -20.77 -1.78
CA ASN E 427 -91.56 -21.02 -2.70
C ASN E 427 -91.92 -22.23 -3.56
N SER E 428 -90.92 -22.75 -4.28
CA SER E 428 -91.15 -23.91 -5.14
C SER E 428 -91.31 -25.20 -4.35
N VAL E 429 -90.54 -25.36 -3.26
CA VAL E 429 -90.64 -26.59 -2.48
C VAL E 429 -91.99 -26.68 -1.77
N CYS E 430 -92.50 -25.54 -1.28
CA CYS E 430 -93.85 -25.53 -0.72
C CYS E 430 -94.90 -25.86 -1.77
N ARG E 431 -94.75 -25.32 -2.99
CA ARG E 431 -95.65 -25.66 -4.07
C ARG E 431 -95.59 -27.15 -4.40
N LEU E 432 -94.41 -27.77 -4.27
CA LEU E 432 -94.34 -29.22 -4.45
C LEU E 432 -95.06 -29.95 -3.32
N MET E 433 -94.80 -29.59 -2.06
CA MET E 433 -95.27 -30.45 -0.96
C MET E 433 -96.76 -30.25 -0.69
N LYS E 434 -97.33 -29.15 -1.18
CA LYS E 434 -98.77 -28.95 -0.96
C LYS E 434 -99.61 -29.36 -2.18
N THR E 435 -99.04 -29.35 -3.38
CA THR E 435 -99.83 -29.73 -4.55
C THR E 435 -99.86 -31.25 -4.73
N ILE E 436 -98.70 -31.87 -4.94
CA ILE E 436 -98.62 -33.31 -5.17
C ILE E 436 -98.33 -34.08 -3.89
N GLY E 437 -98.21 -33.39 -2.76
CA GLY E 437 -98.00 -34.03 -1.48
C GLY E 437 -96.54 -34.28 -1.20
N PRO E 438 -96.17 -34.28 0.08
CA PRO E 438 -94.80 -34.64 0.45
C PRO E 438 -94.55 -36.10 0.13
N ASP E 439 -93.27 -36.43 -0.06
CA ASP E 439 -92.93 -37.84 -0.22
C ASP E 439 -93.29 -38.64 1.01
N MET E 440 -92.90 -38.15 2.20
CA MET E 440 -93.06 -38.91 3.43
C MET E 440 -93.26 -37.98 4.62
N PHE E 441 -93.71 -38.56 5.73
CA PHE E 441 -94.49 -37.82 6.70
C PHE E 441 -94.32 -38.35 8.13
N LEU E 442 -94.54 -37.45 9.10
CA LEU E 442 -94.86 -37.84 10.47
C LEU E 442 -95.80 -36.81 11.08
N GLY E 443 -96.86 -37.26 11.73
CA GLY E 443 -97.57 -36.38 12.64
C GLY E 443 -97.90 -37.02 13.97
N THR E 444 -97.22 -36.54 15.02
CA THR E 444 -97.48 -36.93 16.40
C THR E 444 -96.75 -35.95 17.33
N CYS E 445 -97.48 -35.31 18.25
CA CYS E 445 -96.89 -34.25 19.05
C CYS E 445 -96.26 -34.82 20.31
N ARG E 446 -94.95 -34.58 20.47
CA ARG E 446 -94.27 -34.83 21.74
C ARG E 446 -93.75 -33.56 22.39
N ARG E 447 -94.19 -32.39 21.96
CA ARG E 447 -93.67 -31.15 22.52
C ARG E 447 -94.70 -30.42 23.36
N CYS E 448 -95.81 -30.02 22.82
CA CYS E 448 -96.69 -29.25 23.68
C CYS E 448 -97.79 -30.13 24.26
N PRO E 449 -98.28 -29.81 25.46
CA PRO E 449 -99.23 -30.70 26.13
C PRO E 449 -100.52 -30.90 25.34
N ALA E 450 -101.27 -31.93 25.73
CA ALA E 450 -102.46 -32.34 24.99
C ALA E 450 -103.48 -31.23 24.85
N GLU E 451 -103.60 -30.36 25.85
CA GLU E 451 -104.57 -29.27 25.79
C GLU E 451 -104.29 -28.32 24.63
N ILE E 452 -103.11 -27.71 24.64
CA ILE E 452 -102.79 -26.68 23.65
C ILE E 452 -102.65 -27.28 22.25
N VAL E 453 -102.13 -28.52 22.16
CA VAL E 453 -102.07 -29.15 20.86
C VAL E 453 -103.47 -29.50 20.36
N ASP E 454 -104.41 -29.81 21.25
CA ASP E 454 -105.79 -30.01 20.80
C ASP E 454 -106.41 -28.69 20.36
N THR E 455 -105.99 -27.57 20.95
CA THR E 455 -106.42 -26.28 20.47
C THR E 455 -105.92 -26.02 19.05
N VAL E 456 -104.63 -26.25 18.82
CA VAL E 456 -104.05 -25.90 17.52
C VAL E 456 -104.38 -26.94 16.47
N SER E 457 -104.84 -28.13 16.87
CA SER E 457 -105.25 -29.17 15.93
C SER E 457 -106.67 -28.96 15.41
N ALA E 458 -107.17 -27.74 15.45
CA ALA E 458 -108.38 -27.33 14.77
C ALA E 458 -108.21 -26.03 13.98
N LEU E 459 -107.17 -25.25 14.28
CA LEU E 459 -107.00 -23.95 13.66
C LEU E 459 -106.27 -24.05 12.32
N VAL E 460 -105.10 -24.70 12.32
CA VAL E 460 -104.28 -24.81 11.13
C VAL E 460 -104.40 -26.20 10.49
N TYR E 461 -104.46 -27.23 11.31
CA TYR E 461 -104.77 -28.59 10.86
C TYR E 461 -106.15 -28.92 11.39
N ASP E 462 -106.98 -29.56 10.57
CA ASP E 462 -108.29 -29.98 11.09
C ASP E 462 -108.24 -31.44 11.56
N ASN E 463 -107.70 -31.58 12.77
CA ASN E 463 -107.80 -32.83 13.55
C ASN E 463 -107.09 -34.00 12.88
N LYS E 464 -105.91 -33.76 12.30
CA LYS E 464 -105.04 -34.85 11.87
C LYS E 464 -103.84 -35.04 12.79
N LEU E 465 -103.80 -34.33 13.91
CA LEU E 465 -102.65 -34.34 14.81
C LEU E 465 -103.12 -34.60 16.24
N LYS E 466 -102.75 -35.76 16.78
CA LYS E 466 -102.96 -36.10 18.18
C LYS E 466 -101.67 -35.85 18.96
N ALA E 467 -101.66 -36.22 20.25
CA ALA E 467 -100.50 -36.06 21.10
C ALA E 467 -100.34 -37.29 21.99
N HIS E 468 -99.16 -37.41 22.58
CA HIS E 468 -98.89 -38.43 23.59
C HIS E 468 -98.37 -37.71 24.82
N LYS E 469 -99.29 -37.16 25.62
CA LYS E 469 -99.00 -36.33 26.77
C LYS E 469 -100.26 -36.12 27.61
N ASP E 470 -100.17 -35.25 28.60
CA ASP E 470 -101.30 -34.93 29.47
C ASP E 470 -101.82 -33.52 29.18
N LYS E 471 -103.03 -33.24 29.67
CA LYS E 471 -103.52 -31.87 29.71
C LYS E 471 -103.11 -31.24 31.03
N SER E 472 -101.94 -30.60 31.06
CA SER E 472 -101.38 -30.13 32.32
C SER E 472 -102.12 -28.93 32.89
N ALA E 473 -103.02 -28.33 32.10
CA ALA E 473 -104.02 -27.35 32.57
C ALA E 473 -103.39 -26.09 33.16
N GLN E 474 -102.24 -25.65 32.65
CA GLN E 474 -101.74 -24.31 32.95
C GLN E 474 -101.63 -23.44 31.70
N CYS E 475 -102.43 -23.75 30.68
CA CYS E 475 -102.55 -22.92 29.49
C CYS E 475 -103.61 -21.87 29.81
N PHE E 476 -103.19 -20.78 30.43
CA PHE E 476 -104.09 -19.75 30.93
C PHE E 476 -104.45 -18.79 29.80
N LYS E 477 -105.76 -18.63 29.57
CA LYS E 477 -106.26 -17.68 28.59
C LYS E 477 -106.81 -16.46 29.33
N MET E 478 -106.28 -15.28 29.00
CA MET E 478 -106.70 -14.02 29.61
C MET E 478 -107.12 -13.06 28.51
N PHE E 479 -108.15 -12.27 28.77
CA PHE E 479 -108.72 -11.33 27.81
C PHE E 479 -108.81 -9.96 28.48
N TYR E 480 -108.00 -9.01 28.00
CA TYR E 480 -107.99 -7.65 28.51
C TYR E 480 -107.76 -6.67 27.37
N LYS E 481 -108.01 -5.39 27.65
CA LYS E 481 -107.67 -4.34 26.70
C LYS E 481 -106.19 -4.35 26.34
N GLY E 482 -105.33 -4.03 27.32
CA GLY E 482 -103.93 -3.83 27.00
C GLY E 482 -103.78 -2.60 26.14
N VAL E 483 -103.99 -1.42 26.73
CA VAL E 483 -103.95 -0.15 26.00
C VAL E 483 -102.64 -0.05 25.23
N ILE E 484 -102.75 0.29 23.94
CA ILE E 484 -101.63 0.21 23.01
C ILE E 484 -101.09 1.60 22.76
N THR E 485 -99.82 1.81 23.07
CA THR E 485 -99.16 3.07 22.75
C THR E 485 -98.34 2.73 21.51
N HIS E 486 -98.47 3.57 20.48
CA HIS E 486 -97.86 3.31 19.17
C HIS E 486 -96.67 4.26 19.02
N ASP E 487 -95.51 3.78 19.49
CA ASP E 487 -94.35 4.65 19.66
C ASP E 487 -93.45 4.64 18.43
N VAL E 488 -92.93 3.47 18.07
CA VAL E 488 -91.81 3.37 17.14
C VAL E 488 -92.32 2.75 15.83
N SER E 489 -93.64 2.85 15.61
CA SER E 489 -94.35 2.09 14.57
C SER E 489 -94.26 0.58 14.81
N SER E 490 -93.85 0.22 16.02
CA SER E 490 -93.87 -1.16 16.49
C SER E 490 -94.59 -1.10 17.82
N ALA E 491 -95.54 -2.01 18.04
CA ALA E 491 -96.49 -1.86 19.14
C ALA E 491 -95.82 -2.08 20.48
N ILE E 492 -96.06 -1.15 21.41
CA ILE E 492 -95.67 -1.28 22.81
C ILE E 492 -96.92 -1.22 23.66
N ASN E 493 -97.03 -2.16 24.59
CA ASN E 493 -98.22 -2.30 25.44
C ASN E 493 -97.78 -2.34 26.90
N ARG E 494 -97.69 -1.17 27.53
CA ARG E 494 -97.32 -1.13 28.94
C ARG E 494 -98.34 -1.80 29.86
N PRO E 495 -99.66 -1.59 29.74
CA PRO E 495 -100.60 -2.34 30.61
C PRO E 495 -100.58 -3.85 30.40
N GLN E 496 -100.22 -4.33 29.20
CA GLN E 496 -100.13 -5.76 28.99
C GLN E 496 -98.97 -6.35 29.78
N ILE E 497 -97.80 -5.72 29.67
CA ILE E 497 -96.69 -6.12 30.52
C ILE E 497 -97.00 -5.82 31.99
N GLY E 498 -98.01 -4.99 32.28
CA GLY E 498 -98.39 -4.76 33.66
C GLY E 498 -99.24 -5.86 34.26
N VAL E 499 -100.23 -6.33 33.50
CA VAL E 499 -100.98 -7.49 33.98
C VAL E 499 -100.06 -8.69 34.07
N VAL E 500 -99.05 -8.74 33.20
CA VAL E 500 -98.02 -9.76 33.32
C VAL E 500 -97.06 -9.44 34.48
N ARG E 501 -96.92 -8.15 34.83
CA ARG E 501 -96.08 -7.76 35.97
C ARG E 501 -96.58 -8.51 37.18
N GLU E 502 -97.87 -8.34 37.42
CA GLU E 502 -98.51 -8.72 38.67
C GLU E 502 -99.20 -10.08 38.62
N PHE E 503 -99.18 -10.77 37.47
CA PHE E 503 -99.53 -12.18 37.43
C PHE E 503 -98.31 -13.09 37.42
N LEU E 504 -97.11 -12.56 37.66
CA LEU E 504 -95.95 -13.40 37.90
C LEU E 504 -95.66 -13.61 39.38
N THR E 505 -96.12 -12.69 40.24
CA THR E 505 -95.92 -12.87 41.68
C THR E 505 -96.77 -13.99 42.24
N ARG E 506 -97.92 -14.26 41.61
CA ARG E 506 -98.84 -15.29 42.08
C ARG E 506 -98.44 -16.69 41.63
N ASN E 507 -97.51 -16.82 40.69
CA ASN E 507 -97.13 -18.12 40.13
C ASN E 507 -95.65 -18.38 40.37
N PRO E 508 -95.29 -19.23 41.35
CA PRO E 508 -93.87 -19.49 41.60
C PRO E 508 -93.22 -20.41 40.57
N ALA E 509 -94.00 -21.17 39.81
CA ALA E 509 -93.44 -22.09 38.81
C ALA E 509 -93.18 -21.41 37.47
N TRP E 510 -93.46 -20.11 37.36
CA TRP E 510 -93.31 -19.40 36.09
C TRP E 510 -92.17 -18.39 36.14
N ARG E 511 -91.24 -18.53 37.08
CA ARG E 511 -90.10 -17.62 37.17
C ARG E 511 -89.02 -17.95 36.15
N LYS E 512 -89.13 -19.07 35.44
CA LYS E 512 -88.20 -19.44 34.38
C LYS E 512 -88.81 -19.19 33.00
N ALA E 513 -89.97 -18.54 32.97
CA ALA E 513 -90.74 -18.40 31.74
C ALA E 513 -90.01 -17.51 30.73
N VAL E 514 -90.44 -17.59 29.47
CA VAL E 514 -89.85 -16.84 28.38
C VAL E 514 -90.93 -15.99 27.73
N PHE E 515 -90.62 -14.71 27.52
CA PHE E 515 -91.57 -13.74 26.99
C PHE E 515 -91.60 -13.79 25.47
N ILE E 516 -92.79 -13.94 24.89
CA ILE E 516 -92.99 -13.98 23.46
C ILE E 516 -94.03 -12.94 23.08
N SER E 517 -93.74 -12.14 22.04
CA SER E 517 -94.67 -11.13 21.55
C SER E 517 -94.39 -10.90 20.07
N PRO E 518 -95.42 -10.64 19.26
CA PRO E 518 -95.21 -10.45 17.83
C PRO E 518 -94.70 -9.06 17.45
N TYR E 519 -94.37 -8.21 18.41
CA TYR E 519 -93.88 -6.87 18.14
C TYR E 519 -92.56 -6.68 18.87
N ASN E 520 -91.52 -6.28 18.12
CA ASN E 520 -90.15 -6.31 18.64
C ASN E 520 -89.92 -5.22 19.69
N SER E 521 -90.65 -4.11 19.61
CA SER E 521 -90.41 -3.01 20.55
C SER E 521 -90.85 -3.36 21.97
N GLN E 522 -92.12 -3.73 22.14
CA GLN E 522 -92.60 -4.23 23.42
C GLN E 522 -91.80 -5.45 23.87
N ASN E 523 -91.43 -6.29 22.90
CA ASN E 523 -90.60 -7.46 23.17
C ASN E 523 -89.32 -7.05 23.88
N ALA E 524 -88.61 -6.07 23.33
CA ALA E 524 -87.34 -5.61 23.90
C ALA E 524 -87.53 -4.88 25.22
N VAL E 525 -88.54 -4.01 25.33
CA VAL E 525 -88.75 -3.28 26.59
C VAL E 525 -89.17 -4.21 27.72
N ALA E 526 -89.68 -5.41 27.42
CA ALA E 526 -90.02 -6.38 28.45
C ALA E 526 -88.82 -6.95 29.19
N SER E 527 -87.59 -6.55 28.83
CA SER E 527 -86.39 -7.10 29.46
C SER E 527 -86.17 -6.52 30.87
N LYS E 528 -86.35 -5.21 31.05
CA LYS E 528 -86.04 -4.60 32.34
C LYS E 528 -87.24 -4.63 33.27
N ILE E 529 -88.44 -4.81 32.70
CA ILE E 529 -89.66 -4.79 33.47
C ILE E 529 -89.74 -6.00 34.39
N LEU E 530 -89.46 -7.19 33.85
CA LEU E 530 -89.70 -8.44 34.55
C LEU E 530 -88.56 -9.45 34.43
N GLY E 531 -87.54 -9.18 33.61
CA GLY E 531 -86.27 -9.87 33.71
C GLY E 531 -86.18 -11.26 33.13
N LEU E 532 -87.23 -11.77 32.50
CA LEU E 532 -87.16 -13.09 31.92
C LEU E 532 -86.38 -13.07 30.60
N PRO E 533 -85.77 -14.19 30.22
CA PRO E 533 -85.17 -14.30 28.87
C PRO E 533 -86.24 -14.05 27.81
N THR E 534 -85.84 -13.36 26.75
CA THR E 534 -86.79 -12.65 25.90
C THR E 534 -86.54 -12.91 24.42
N GLN E 535 -87.59 -13.38 23.73
CA GLN E 535 -87.45 -13.80 22.34
C GLN E 535 -88.69 -13.42 21.54
N THR E 536 -88.52 -13.18 20.25
CA THR E 536 -89.64 -12.89 19.36
C THR E 536 -90.18 -14.18 18.74
N VAL E 537 -91.33 -14.06 18.08
CA VAL E 537 -91.96 -15.20 17.42
C VAL E 537 -91.10 -15.69 16.27
N ASP E 538 -90.45 -14.78 15.55
CA ASP E 538 -89.69 -15.16 14.37
C ASP E 538 -88.43 -15.93 14.74
N SER E 539 -87.70 -15.47 15.75
CA SER E 539 -86.40 -16.05 16.08
C SER E 539 -86.49 -17.19 17.08
N SER E 540 -87.66 -17.47 17.65
CA SER E 540 -87.82 -18.57 18.59
C SER E 540 -88.25 -19.87 17.92
N GLN E 541 -88.34 -19.89 16.60
CA GLN E 541 -88.74 -21.08 15.88
C GLN E 541 -87.61 -22.11 15.91
N GLY E 542 -87.86 -23.27 16.52
CA GLY E 542 -86.91 -24.36 16.51
C GLY E 542 -86.52 -24.88 17.87
N SER E 543 -86.29 -23.98 18.83
CA SER E 543 -85.89 -24.38 20.16
C SER E 543 -87.10 -24.60 21.06
N GLU E 544 -86.94 -25.53 22.01
CA GLU E 544 -88.00 -25.96 22.91
C GLU E 544 -87.93 -25.15 24.21
N TYR E 545 -89.09 -24.69 24.67
CA TYR E 545 -89.16 -23.75 25.78
C TYR E 545 -90.07 -24.33 26.86
N ASP E 546 -89.59 -24.32 28.10
CA ASP E 546 -90.37 -24.92 29.19
C ASP E 546 -91.62 -24.10 29.50
N TYR E 547 -91.43 -22.83 29.87
CA TYR E 547 -92.55 -21.95 30.19
C TYR E 547 -92.51 -20.74 29.26
N VAL E 548 -93.66 -20.38 28.71
CA VAL E 548 -93.77 -19.32 27.73
C VAL E 548 -94.83 -18.32 28.16
N ILE E 549 -94.48 -17.03 28.12
CA ILE E 549 -95.42 -15.94 28.31
C ILE E 549 -95.64 -15.31 26.94
N PHE E 550 -96.66 -15.77 26.22
CA PHE E 550 -97.04 -15.19 24.95
C PHE E 550 -97.96 -14.00 25.20
N THR E 551 -97.74 -12.92 24.46
CA THR E 551 -98.48 -11.66 24.65
C THR E 551 -98.86 -11.09 23.29
N GLN E 552 -100.08 -11.41 22.84
CA GLN E 552 -100.62 -10.79 21.63
C GLN E 552 -101.05 -9.37 21.95
N THR E 553 -100.59 -8.41 21.15
CA THR E 553 -100.73 -7.00 21.52
C THR E 553 -101.96 -6.35 20.88
N THR E 554 -102.02 -6.33 19.56
CA THR E 554 -102.95 -5.46 18.85
C THR E 554 -104.00 -6.26 18.08
N GLU E 555 -104.93 -5.53 17.48
CA GLU E 555 -105.88 -6.12 16.55
C GLU E 555 -105.61 -5.58 15.15
N THR E 556 -105.19 -6.48 14.26
CA THR E 556 -104.77 -6.12 12.92
C THR E 556 -104.69 -7.41 12.10
N ALA E 557 -104.12 -7.33 10.90
CA ALA E 557 -103.80 -8.51 10.11
C ALA E 557 -102.38 -8.99 10.32
N HIS E 558 -101.61 -8.32 11.19
CA HIS E 558 -100.20 -8.65 11.38
C HIS E 558 -100.01 -9.67 12.49
N SER E 559 -100.51 -9.35 13.69
CA SER E 559 -100.31 -10.22 14.85
C SER E 559 -101.45 -11.20 15.08
N CYS E 560 -102.54 -11.12 14.32
CA CYS E 560 -103.70 -11.96 14.56
C CYS E 560 -103.79 -13.15 13.62
N ASN E 561 -102.71 -13.45 12.89
CA ASN E 561 -102.69 -14.61 12.01
C ASN E 561 -102.53 -15.88 12.83
N VAL E 562 -103.10 -16.96 12.33
CA VAL E 562 -103.12 -18.22 13.06
C VAL E 562 -101.76 -18.90 12.99
N ASN E 563 -100.98 -18.59 11.96
CA ASN E 563 -99.69 -19.26 11.80
C ASN E 563 -98.69 -18.84 12.86
N ARG E 564 -98.51 -17.53 13.05
CA ARG E 564 -97.55 -17.05 14.04
C ARG E 564 -98.03 -17.34 15.45
N PHE E 565 -99.35 -17.33 15.65
CA PHE E 565 -99.91 -17.81 16.91
C PHE E 565 -99.56 -19.27 17.13
N ASN E 566 -99.65 -20.07 16.07
CA ASN E 566 -99.30 -21.49 16.14
C ASN E 566 -97.86 -21.69 16.62
N VAL E 567 -96.90 -21.03 15.95
CA VAL E 567 -95.50 -21.24 16.34
C VAL E 567 -95.21 -20.64 17.71
N ALA E 568 -95.85 -19.53 18.08
CA ALA E 568 -95.59 -18.93 19.37
C ALA E 568 -96.14 -19.79 20.51
N ILE E 569 -97.28 -20.45 20.30
CA ILE E 569 -97.87 -21.23 21.38
C ILE E 569 -97.26 -22.63 21.45
N THR E 570 -96.84 -23.18 20.31
CA THR E 570 -96.39 -24.57 20.30
C THR E 570 -94.96 -24.75 20.81
N ARG E 571 -94.27 -23.68 21.19
CA ARG E 571 -92.92 -23.79 21.74
C ARG E 571 -92.91 -23.97 23.25
N ALA E 572 -94.08 -23.96 23.88
CA ALA E 572 -94.20 -24.19 25.31
C ALA E 572 -94.40 -25.67 25.55
N LYS E 573 -93.34 -26.34 26.02
CA LYS E 573 -93.38 -27.80 26.08
C LYS E 573 -94.24 -28.30 27.26
N VAL E 574 -94.41 -27.48 28.29
CA VAL E 574 -95.20 -27.90 29.45
C VAL E 574 -96.28 -26.90 29.86
N GLY E 575 -96.13 -25.60 29.60
CA GLY E 575 -97.18 -24.66 29.94
C GLY E 575 -96.94 -23.30 29.33
N ILE E 576 -98.03 -22.54 29.17
CA ILE E 576 -97.97 -21.23 28.52
C ILE E 576 -99.03 -20.32 29.12
N LEU E 577 -98.71 -19.02 29.19
CA LEU E 577 -99.66 -17.96 29.47
C LEU E 577 -99.80 -17.10 28.21
N CYS E 578 -101.03 -16.91 27.74
CA CYS E 578 -101.28 -16.16 26.52
C CYS E 578 -102.09 -14.91 26.84
N ILE E 579 -101.60 -13.76 26.38
CA ILE E 579 -102.31 -12.50 26.48
C ILE E 579 -102.95 -12.18 25.14
N MET E 580 -104.09 -11.51 25.16
CA MET E 580 -104.93 -11.47 23.98
C MET E 580 -105.78 -10.21 23.90
N SER E 581 -106.37 -10.02 22.71
CA SER E 581 -107.30 -8.95 22.39
C SER E 581 -108.39 -9.38 21.44
N ASP E 582 -108.19 -10.47 20.68
CA ASP E 582 -109.10 -10.83 19.59
C ASP E 582 -110.33 -11.57 20.09
N ARG E 583 -111.31 -11.78 19.19
CA ARG E 583 -112.51 -12.57 19.54
C ARG E 583 -112.83 -13.69 18.55
N ASP E 584 -112.44 -13.59 17.28
CA ASP E 584 -112.54 -14.79 16.46
C ASP E 584 -111.52 -15.83 16.89
N LEU E 585 -110.32 -15.41 17.29
CA LEU E 585 -109.27 -16.35 17.66
C LEU E 585 -109.48 -16.91 19.07
N TYR E 586 -110.13 -16.14 19.94
CA TYR E 586 -110.47 -16.62 21.27
C TYR E 586 -111.65 -17.58 21.27
N ASP E 587 -112.45 -17.59 20.20
CA ASP E 587 -113.66 -18.40 20.16
C ASP E 587 -113.36 -19.88 19.95
N LYS E 588 -112.18 -20.22 19.42
CA LYS E 588 -111.88 -21.58 19.03
C LYS E 588 -110.81 -22.25 19.88
N LEU E 589 -110.07 -21.51 20.71
CA LEU E 589 -109.06 -22.11 21.56
C LEU E 589 -109.70 -22.81 22.75
N GLN E 590 -109.07 -23.89 23.19
CA GLN E 590 -109.51 -24.66 24.35
C GLN E 590 -108.47 -24.50 25.45
N PHE E 591 -108.57 -23.39 26.18
CA PHE E 591 -107.64 -23.08 27.26
C PHE E 591 -108.43 -22.91 28.54
N THR E 592 -107.71 -22.87 29.66
CA THR E 592 -108.32 -22.53 30.93
C THR E 592 -108.75 -21.06 30.90
N SER E 593 -109.99 -20.80 31.30
CA SER E 593 -110.68 -19.57 30.93
C SER E 593 -110.39 -18.40 31.87
N LEU E 594 -109.67 -18.61 32.97
CA LEU E 594 -109.48 -17.59 34.01
C LEU E 594 -110.81 -17.04 34.51
N ALA F 5 -48.14 20.82 -12.84
CA ALA F 5 -49.14 19.86 -12.39
C ALA F 5 -50.55 20.36 -12.69
N VAL F 6 -51.55 19.65 -12.20
CA VAL F 6 -52.95 19.95 -12.47
C VAL F 6 -53.72 19.97 -11.16
N GLY F 7 -54.64 20.93 -11.04
CA GLY F 7 -55.48 21.06 -9.87
C GLY F 7 -56.65 21.99 -10.09
N ALA F 8 -57.01 22.78 -9.07
CA ALA F 8 -58.20 23.60 -9.10
C ALA F 8 -57.84 25.09 -9.10
N CYS F 9 -58.63 25.87 -9.83
CA CYS F 9 -58.46 27.32 -9.85
C CYS F 9 -58.73 27.89 -8.47
N VAL F 10 -58.02 28.98 -8.13
CA VAL F 10 -58.06 29.47 -6.75
C VAL F 10 -59.39 30.14 -6.44
N LEU F 11 -60.07 30.68 -7.46
CA LEU F 11 -61.29 31.44 -7.22
C LEU F 11 -62.53 30.85 -7.88
N CYS F 12 -62.42 29.76 -8.63
CA CYS F 12 -63.61 29.05 -9.09
C CYS F 12 -63.48 27.53 -9.01
N ASN F 13 -62.35 27.00 -8.55
CA ASN F 13 -62.14 25.56 -8.33
C ASN F 13 -62.38 24.74 -9.59
N SER F 14 -62.05 25.31 -10.74
CA SER F 14 -62.10 24.59 -12.01
C SER F 14 -60.75 23.97 -12.32
N GLN F 15 -60.78 22.84 -13.03
CA GLN F 15 -59.55 22.14 -13.39
C GLN F 15 -58.70 22.99 -14.31
N THR F 16 -57.40 23.06 -14.01
CA THR F 16 -56.50 23.91 -14.76
C THR F 16 -55.07 23.44 -14.56
N SER F 17 -54.17 23.98 -15.38
CA SER F 17 -52.75 23.68 -15.27
C SER F 17 -51.90 24.93 -15.49
N LEU F 18 -52.42 26.09 -15.09
CA LEU F 18 -51.77 27.37 -15.34
C LEU F 18 -51.35 28.01 -14.02
N ARG F 19 -50.17 28.61 -14.05
CA ARG F 19 -49.61 29.37 -12.94
C ARG F 19 -49.21 30.73 -13.47
N CYS F 20 -49.63 31.81 -12.82
CA CYS F 20 -49.25 33.15 -13.26
C CYS F 20 -47.86 33.44 -12.73
N GLY F 21 -46.88 33.54 -13.64
CA GLY F 21 -45.48 33.58 -13.22
C GLY F 21 -45.08 34.85 -12.50
N ALA F 22 -45.89 35.90 -12.58
CA ALA F 22 -45.54 37.17 -11.95
C ALA F 22 -46.01 37.25 -10.51
N CYS F 23 -46.81 36.29 -10.05
CA CYS F 23 -47.29 36.35 -8.67
C CYS F 23 -46.18 35.99 -7.70
N ILE F 24 -46.52 35.97 -6.41
CA ILE F 24 -45.55 35.65 -5.37
C ILE F 24 -45.49 34.15 -5.16
N ARG F 25 -46.64 33.53 -4.93
CA ARG F 25 -46.75 32.09 -4.78
C ARG F 25 -46.97 31.38 -6.10
N ARG F 26 -47.33 32.13 -7.16
CA ARG F 26 -47.83 31.61 -8.44
C ARG F 26 -48.90 30.55 -8.22
N PRO F 27 -50.15 30.97 -8.03
CA PRO F 27 -51.24 30.01 -7.80
C PRO F 27 -51.84 29.52 -9.09
N PHE F 28 -52.79 28.61 -8.95
CA PHE F 28 -53.55 28.07 -10.06
C PHE F 28 -54.62 29.03 -10.56
N LEU F 29 -54.71 29.14 -11.88
CA LEU F 29 -55.75 29.91 -12.55
C LEU F 29 -56.27 29.11 -13.73
N CYS F 30 -57.57 29.17 -13.94
CA CYS F 30 -58.14 28.59 -15.15
C CYS F 30 -57.94 29.55 -16.32
N CYS F 31 -58.30 29.09 -17.53
CA CYS F 31 -58.02 29.86 -18.73
C CYS F 31 -58.74 31.21 -18.70
N LYS F 32 -60.01 31.21 -18.28
CA LYS F 32 -60.76 32.46 -18.18
C LYS F 32 -60.13 33.39 -17.15
N CYS F 33 -59.87 32.87 -15.94
CA CYS F 33 -59.33 33.70 -14.87
C CYS F 33 -57.91 34.16 -15.17
N CYS F 34 -57.06 33.29 -15.69
CA CYS F 34 -55.71 33.70 -16.06
C CYS F 34 -55.73 34.73 -17.19
N TYR F 35 -56.61 34.54 -18.17
CA TYR F 35 -56.76 35.52 -19.23
C TYR F 35 -57.13 36.89 -18.67
N ASP F 36 -58.16 36.92 -17.82
CA ASP F 36 -58.61 38.17 -17.23
C ASP F 36 -57.51 38.81 -16.38
N HIS F 37 -56.73 37.99 -15.69
CA HIS F 37 -55.61 38.51 -14.91
C HIS F 37 -54.51 39.09 -15.78
N VAL F 38 -54.29 38.54 -16.96
CA VAL F 38 -53.20 39.01 -17.82
C VAL F 38 -53.63 40.07 -18.82
N ILE F 39 -54.90 40.47 -18.85
CA ILE F 39 -55.20 41.71 -19.55
C ILE F 39 -55.14 42.93 -18.62
N SER F 40 -55.57 42.78 -17.37
CA SER F 40 -55.81 43.91 -16.48
C SER F 40 -54.54 44.54 -15.93
N THR F 41 -53.78 43.80 -15.15
CA THR F 41 -52.60 44.32 -14.47
C THR F 41 -51.35 44.08 -15.31
N SER F 42 -50.20 44.34 -14.70
CA SER F 42 -48.91 44.18 -15.38
C SER F 42 -48.42 42.74 -15.38
N HIS F 43 -49.16 41.81 -14.78
CA HIS F 43 -48.76 40.41 -14.77
C HIS F 43 -48.82 39.86 -16.20
N LYS F 44 -47.64 39.56 -16.76
CA LYS F 44 -47.55 39.09 -18.14
C LYS F 44 -46.70 37.83 -18.24
N LEU F 45 -46.65 37.02 -17.18
CA LEU F 45 -45.91 35.77 -17.18
C LEU F 45 -46.82 34.65 -16.70
N VAL F 46 -46.94 33.60 -17.50
CA VAL F 46 -47.83 32.47 -17.20
C VAL F 46 -47.04 31.18 -17.35
N LEU F 47 -47.26 30.24 -16.45
CA LEU F 47 -46.57 28.96 -16.46
C LEU F 47 -47.58 27.82 -16.60
N SER F 48 -47.45 27.05 -17.67
CA SER F 48 -48.13 25.77 -17.81
C SER F 48 -47.18 24.68 -17.29
N VAL F 49 -47.44 23.42 -17.62
CA VAL F 49 -46.47 22.37 -17.33
C VAL F 49 -45.13 22.67 -17.99
N ASN F 50 -45.13 23.41 -19.09
CA ASN F 50 -43.96 24.06 -19.65
C ASN F 50 -44.16 25.57 -19.59
N PRO F 51 -43.10 26.33 -19.32
CA PRO F 51 -43.25 27.79 -19.24
C PRO F 51 -43.67 28.40 -20.56
N TYR F 52 -44.52 29.41 -20.49
CA TYR F 52 -44.93 30.18 -21.66
C TYR F 52 -43.88 31.25 -21.94
N VAL F 53 -42.73 30.79 -22.44
CA VAL F 53 -41.65 31.66 -22.87
C VAL F 53 -41.34 31.33 -24.32
N CYS F 54 -40.78 32.31 -25.03
CA CYS F 54 -40.43 32.13 -26.43
C CYS F 54 -39.27 31.15 -26.54
N ASN F 55 -39.51 30.01 -27.19
CA ASN F 55 -38.48 28.98 -27.30
C ASN F 55 -37.63 29.18 -28.55
N ALA F 56 -37.12 30.39 -28.73
CA ALA F 56 -36.13 30.66 -29.73
C ALA F 56 -34.74 30.29 -29.19
N PRO F 57 -33.76 30.07 -30.07
CA PRO F 57 -32.39 29.86 -29.57
C PRO F 57 -31.89 31.01 -28.71
N GLY F 58 -32.07 32.25 -29.17
CA GLY F 58 -31.84 33.40 -28.32
C GLY F 58 -32.92 34.46 -28.47
N CYS F 59 -33.66 34.72 -27.40
CA CYS F 59 -34.72 35.72 -27.39
C CYS F 59 -35.24 35.88 -25.97
N ASP F 60 -35.95 36.98 -25.73
CA ASP F 60 -36.55 37.27 -24.43
C ASP F 60 -37.97 37.78 -24.67
N VAL F 61 -38.91 36.85 -24.74
CA VAL F 61 -40.33 37.15 -24.87
C VAL F 61 -41.10 36.31 -23.86
N THR F 62 -41.79 36.98 -22.94
CA THR F 62 -42.55 36.30 -21.90
C THR F 62 -44.03 36.62 -21.91
N ASP F 63 -44.44 37.73 -22.51
CA ASP F 63 -45.86 38.09 -22.54
C ASP F 63 -46.61 37.19 -23.51
N VAL F 64 -47.62 36.50 -22.97
CA VAL F 64 -48.33 35.46 -23.74
C VAL F 64 -49.17 36.11 -24.84
N THR F 65 -49.70 37.31 -24.60
CA THR F 65 -50.61 37.92 -25.57
C THR F 65 -49.93 38.25 -26.88
N GLN F 66 -48.60 38.39 -26.88
CA GLN F 66 -47.82 38.45 -28.11
C GLN F 66 -46.88 37.24 -28.24
N LEU F 67 -47.31 36.09 -27.73
CA LEU F 67 -46.62 34.82 -27.91
C LEU F 67 -47.49 33.90 -28.76
N TYR F 68 -46.85 33.13 -29.63
CA TYR F 68 -47.55 32.35 -30.65
C TYR F 68 -47.08 30.91 -30.60
N LEU F 69 -48.05 30.00 -30.59
CA LEU F 69 -47.76 28.57 -30.58
C LEU F 69 -47.52 28.09 -32.01
N GLY F 70 -46.28 27.71 -32.31
CA GLY F 70 -45.95 27.20 -33.62
C GLY F 70 -45.36 25.81 -33.56
N GLY F 71 -46.09 24.83 -34.05
CA GLY F 71 -45.59 23.47 -34.05
C GLY F 71 -45.56 22.91 -32.63
N MET F 72 -44.37 22.78 -32.08
CA MET F 72 -44.16 22.16 -30.78
C MET F 72 -43.75 23.18 -29.72
N SER F 73 -43.33 24.37 -30.14
CA SER F 73 -42.76 25.35 -29.23
C SER F 73 -43.54 26.66 -29.36
N TYR F 74 -43.12 27.66 -28.59
CA TYR F 74 -43.77 28.97 -28.54
C TYR F 74 -42.81 30.01 -29.09
N TYR F 75 -43.33 30.92 -29.91
CA TYR F 75 -42.51 31.94 -30.55
C TYR F 75 -43.25 33.27 -30.60
N CYS F 76 -42.48 34.34 -30.81
CA CYS F 76 -43.00 35.68 -30.92
C CYS F 76 -43.10 36.07 -32.40
N LYS F 77 -43.54 37.31 -32.67
CA LYS F 77 -43.67 37.77 -34.05
C LYS F 77 -42.34 37.79 -34.78
N SER F 78 -41.24 37.97 -34.04
CA SER F 78 -39.94 38.13 -34.68
C SER F 78 -39.48 36.85 -35.37
N HIS F 79 -39.86 35.69 -34.84
CA HIS F 79 -39.29 34.44 -35.33
C HIS F 79 -40.32 33.31 -35.43
N LYS F 80 -41.61 33.60 -35.41
CA LYS F 80 -42.60 32.54 -35.45
C LYS F 80 -42.67 31.92 -36.85
N PRO F 81 -43.02 30.65 -36.93
CA PRO F 81 -43.33 30.05 -38.24
C PRO F 81 -44.60 30.66 -38.81
N PRO F 82 -44.82 30.53 -40.12
CA PRO F 82 -46.03 31.14 -40.71
C PRO F 82 -47.32 30.58 -40.15
N ILE F 83 -47.29 29.44 -39.45
CA ILE F 83 -48.49 28.87 -38.89
C ILE F 83 -48.92 29.63 -37.64
N SER F 84 -50.21 29.94 -37.57
CA SER F 84 -50.84 30.48 -36.37
C SER F 84 -50.67 29.48 -35.20
N PHE F 85 -50.95 29.88 -33.95
CA PHE F 85 -51.83 30.97 -33.51
C PHE F 85 -51.38 31.65 -32.21
N PRO F 86 -51.89 32.86 -31.95
CA PRO F 86 -51.69 33.48 -30.63
C PRO F 86 -52.36 32.66 -29.53
N LEU F 87 -51.61 32.41 -28.45
CA LEU F 87 -52.18 31.67 -27.32
C LEU F 87 -53.33 32.43 -26.68
N CYS F 88 -53.16 33.74 -26.53
CA CYS F 88 -54.16 34.59 -25.89
C CYS F 88 -55.16 35.05 -26.93
N ALA F 89 -56.26 34.33 -27.08
CA ALA F 89 -57.27 34.66 -28.07
C ALA F 89 -58.60 34.05 -27.65
N ASN F 90 -59.66 34.52 -28.30
CA ASN F 90 -61.03 34.05 -28.08
C ASN F 90 -61.44 34.20 -26.62
N GLY F 91 -60.98 35.27 -25.97
CA GLY F 91 -61.31 35.49 -24.58
C GLY F 91 -60.72 34.48 -23.63
N GLN F 92 -59.61 33.85 -24.02
CA GLN F 92 -59.03 32.77 -23.23
C GLN F 92 -57.52 32.76 -23.42
N VAL F 93 -56.84 32.03 -22.54
CA VAL F 93 -55.42 31.73 -22.66
C VAL F 93 -55.28 30.22 -22.76
N PHE F 94 -54.37 29.76 -23.62
CA PHE F 94 -54.29 28.34 -23.93
C PHE F 94 -53.81 27.53 -22.73
N GLY F 95 -54.40 26.35 -22.57
CA GLY F 95 -54.07 25.49 -21.44
C GLY F 95 -55.01 24.30 -21.40
N LEU F 96 -54.88 23.52 -20.33
CA LEU F 96 -55.68 22.31 -20.18
C LEU F 96 -57.13 22.65 -19.86
N TYR F 97 -58.02 21.72 -20.21
CA TYR F 97 -59.43 21.75 -19.86
C TYR F 97 -60.12 23.03 -20.37
N LYS F 98 -60.14 23.16 -21.70
CA LYS F 98 -60.84 24.28 -22.32
C LYS F 98 -62.35 24.13 -22.27
N ASN F 99 -62.87 22.94 -21.96
CA ASN F 99 -64.29 22.65 -21.99
C ASN F 99 -64.96 22.85 -20.63
N THR F 100 -64.18 23.00 -19.56
CA THR F 100 -64.76 23.01 -18.22
C THR F 100 -64.36 24.25 -17.40
N CYS F 101 -63.83 25.29 -18.04
CA CYS F 101 -63.43 26.49 -17.31
C CYS F 101 -64.62 27.43 -17.19
N VAL F 102 -65.09 27.63 -15.97
CA VAL F 102 -66.21 28.54 -15.70
C VAL F 102 -65.66 29.93 -15.42
N GLY F 103 -66.25 30.94 -16.07
CA GLY F 103 -65.81 32.29 -15.87
C GLY F 103 -66.35 32.88 -14.57
N SER F 104 -65.72 33.97 -14.14
CA SER F 104 -66.14 34.66 -12.92
C SER F 104 -65.93 36.16 -13.08
N ASP F 105 -66.12 36.89 -11.97
CA ASP F 105 -65.98 38.34 -11.97
C ASP F 105 -65.13 38.82 -10.79
N ASN F 106 -64.58 37.88 -10.01
CA ASN F 106 -63.78 38.22 -8.84
C ASN F 106 -62.35 38.59 -9.21
N VAL F 107 -62.10 38.96 -10.46
CA VAL F 107 -60.74 39.27 -10.89
C VAL F 107 -60.28 40.59 -10.29
N THR F 108 -61.20 41.47 -9.92
CA THR F 108 -60.84 42.77 -9.38
C THR F 108 -60.15 42.66 -8.02
N ASP F 109 -60.85 42.10 -7.03
CA ASP F 109 -60.22 41.94 -5.72
C ASP F 109 -59.14 40.88 -5.74
N PHE F 110 -59.17 39.96 -6.72
CA PHE F 110 -58.04 39.05 -6.90
C PHE F 110 -56.78 39.81 -7.29
N ASN F 111 -56.89 40.74 -8.23
CA ASN F 111 -55.75 41.59 -8.58
C ASN F 111 -55.32 42.43 -7.40
N ALA F 112 -56.28 42.96 -6.64
CA ALA F 112 -55.96 43.72 -5.44
C ALA F 112 -55.22 42.88 -4.41
N ILE F 113 -55.50 41.57 -4.39
CA ILE F 113 -54.84 40.69 -3.43
C ILE F 113 -53.49 40.23 -3.95
N ALA F 114 -53.32 40.25 -5.27
CA ALA F 114 -52.10 39.72 -5.87
C ALA F 114 -51.01 40.78 -6.01
N THR F 115 -51.32 41.89 -6.68
CA THR F 115 -50.28 42.86 -7.01
C THR F 115 -49.87 43.74 -5.84
N CYS F 116 -50.58 43.69 -4.72
CA CYS F 116 -50.25 44.54 -3.59
C CYS F 116 -48.98 44.07 -2.89
N ASP F 117 -48.27 45.03 -2.28
CA ASP F 117 -47.07 44.73 -1.52
C ASP F 117 -47.32 44.82 -0.01
N TRP F 118 -48.58 44.91 0.40
CA TRP F 118 -49.01 44.77 1.78
C TRP F 118 -48.44 45.85 2.69
N THR F 119 -48.17 47.04 2.15
CA THR F 119 -47.59 48.11 2.95
C THR F 119 -48.66 48.86 3.74
N ASN F 120 -49.67 49.37 3.05
CA ASN F 120 -50.71 50.16 3.69
C ASN F 120 -51.70 49.25 4.42
N ALA F 121 -52.51 49.86 5.29
CA ALA F 121 -53.45 49.10 6.09
C ALA F 121 -54.62 48.58 5.26
N GLY F 122 -54.95 49.26 4.16
CA GLY F 122 -56.08 48.85 3.34
C GLY F 122 -55.92 47.48 2.72
N ASP F 123 -54.67 47.03 2.59
CA ASP F 123 -54.43 45.67 2.09
C ASP F 123 -54.96 44.63 3.08
N TYR F 124 -54.75 44.85 4.39
CA TYR F 124 -55.29 43.93 5.38
C TYR F 124 -56.77 44.17 5.61
N ILE F 125 -57.24 45.40 5.37
CA ILE F 125 -58.67 45.67 5.39
C ILE F 125 -59.36 44.86 4.29
N LEU F 126 -58.70 44.73 3.14
CA LEU F 126 -59.24 44.09 1.96
C LEU F 126 -58.97 42.59 1.91
N ALA F 127 -58.00 42.12 2.69
CA ALA F 127 -57.61 40.71 2.67
C ALA F 127 -58.52 39.84 3.52
N ASN F 128 -59.45 40.43 4.27
CA ASN F 128 -60.33 39.67 5.15
C ASN F 128 -61.79 39.67 4.72
N THR F 129 -62.19 40.55 3.81
CA THR F 129 -63.58 40.61 3.40
C THR F 129 -63.89 39.68 2.23
N CYS F 130 -62.86 39.04 1.66
CA CYS F 130 -63.03 38.31 0.42
C CYS F 130 -63.62 36.93 0.69
N THR F 131 -64.00 36.25 -0.38
CA THR F 131 -64.36 34.84 -0.23
C THR F 131 -63.12 34.08 0.23
N GLU F 132 -63.31 33.19 1.21
CA GLU F 132 -62.20 32.85 2.10
C GLU F 132 -61.24 31.84 1.47
N ARG F 133 -61.71 31.10 0.44
CA ARG F 133 -60.78 30.35 -0.41
C ARG F 133 -59.69 31.25 -1.00
N LEU F 134 -60.03 32.49 -1.33
CA LEU F 134 -59.04 33.49 -1.72
C LEU F 134 -58.29 34.02 -0.51
N LYS F 135 -58.90 33.96 0.68
CA LYS F 135 -58.22 34.42 1.89
C LYS F 135 -57.03 33.51 2.23
N LEU F 136 -57.13 32.21 1.97
CA LEU F 136 -55.97 31.35 2.17
C LEU F 136 -54.80 31.77 1.29
N PHE F 137 -55.06 32.08 0.01
CA PHE F 137 -53.99 32.50 -0.86
C PHE F 137 -53.45 33.86 -0.44
N ALA F 138 -54.32 34.74 0.03
CA ALA F 138 -53.88 36.02 0.55
C ALA F 138 -52.96 35.85 1.76
N ALA F 139 -53.32 34.94 2.67
CA ALA F 139 -52.46 34.67 3.82
C ALA F 139 -51.13 34.07 3.40
N GLU F 140 -51.16 33.15 2.42
CA GLU F 140 -49.92 32.53 1.96
C GLU F 140 -49.00 33.56 1.34
N THR F 141 -49.53 34.44 0.48
CA THR F 141 -48.68 35.44 -0.15
C THR F 141 -48.24 36.52 0.83
N LEU F 142 -49.05 36.81 1.85
CA LEU F 142 -48.62 37.76 2.88
C LEU F 142 -47.46 37.19 3.69
N LYS F 143 -47.55 35.91 4.07
CA LYS F 143 -46.45 35.28 4.79
C LYS F 143 -45.21 35.19 3.90
N ALA F 144 -45.42 34.94 2.60
CA ALA F 144 -44.28 34.86 1.68
C ALA F 144 -43.59 36.21 1.50
N THR F 145 -44.36 37.29 1.39
CA THR F 145 -43.72 38.60 1.23
C THR F 145 -43.10 39.06 2.53
N GLU F 146 -43.66 38.63 3.67
CA GLU F 146 -42.98 38.83 4.94
C GLU F 146 -41.65 38.10 4.98
N GLU F 147 -41.63 36.86 4.46
CA GLU F 147 -40.40 36.08 4.40
C GLU F 147 -39.35 36.74 3.52
N THR F 148 -39.76 37.26 2.34
CA THR F 148 -38.78 37.86 1.46
C THR F 148 -38.33 39.24 1.96
N PHE F 149 -39.16 39.92 2.75
CA PHE F 149 -38.70 41.09 3.47
C PHE F 149 -37.72 40.72 4.57
N LYS F 150 -37.91 39.54 5.17
CA LYS F 150 -37.02 39.06 6.22
C LYS F 150 -35.68 38.58 5.67
N LEU F 151 -35.65 38.10 4.42
CA LEU F 151 -34.45 37.49 3.84
C LEU F 151 -33.43 38.55 3.43
N SER F 152 -33.82 39.82 3.45
CA SER F 152 -32.97 40.89 2.95
C SER F 152 -32.42 41.67 4.14
N TYR F 153 -31.99 40.93 5.14
CA TYR F 153 -31.75 41.48 6.46
C TYR F 153 -30.43 40.92 7.00
N GLY F 154 -29.88 41.57 8.02
CA GLY F 154 -28.54 41.23 8.50
C GLY F 154 -28.56 40.43 9.78
N ILE F 155 -27.48 39.66 9.98
CA ILE F 155 -27.36 38.72 11.09
C ILE F 155 -26.76 39.41 12.32
N ALA F 156 -26.84 38.73 13.46
CA ALA F 156 -26.24 39.19 14.71
C ALA F 156 -25.19 38.19 15.17
N THR F 157 -24.38 38.59 16.15
CA THR F 157 -23.47 37.67 16.83
C THR F 157 -23.18 38.13 18.26
N VAL F 158 -23.03 37.16 19.17
CA VAL F 158 -22.78 37.52 20.56
C VAL F 158 -21.32 37.93 20.73
N ARG F 159 -21.08 38.91 21.61
CA ARG F 159 -19.72 39.34 21.89
C ARG F 159 -18.90 38.21 22.50
N GLU F 160 -19.23 37.85 23.74
CA GLU F 160 -18.53 36.81 24.50
C GLU F 160 -19.57 36.17 25.41
N VAL F 161 -19.11 35.40 26.40
CA VAL F 161 -19.95 35.07 27.55
C VAL F 161 -19.77 36.18 28.56
N LEU F 162 -20.82 36.98 28.78
CA LEU F 162 -20.72 38.14 29.64
C LEU F 162 -21.32 37.88 31.01
N SER F 163 -22.55 37.39 31.05
CA SER F 163 -23.21 37.03 32.31
C SER F 163 -24.33 36.06 31.99
N ASP F 164 -24.79 35.36 33.03
CA ASP F 164 -25.91 34.44 32.86
C ASP F 164 -27.21 35.20 32.65
N ARG F 165 -27.43 36.27 33.42
CA ARG F 165 -28.68 37.02 33.34
C ARG F 165 -28.74 37.93 32.12
N GLU F 166 -27.61 38.47 31.68
CA GLU F 166 -27.59 39.43 30.59
C GLU F 166 -26.41 39.15 29.68
N LEU F 167 -26.57 39.53 28.41
CA LEU F 167 -25.53 39.37 27.41
C LEU F 167 -25.26 40.71 26.72
N HIS F 168 -24.23 40.73 25.89
CA HIS F 168 -23.94 41.86 25.03
C HIS F 168 -23.76 41.35 23.61
N LEU F 169 -24.07 42.21 22.65
CA LEU F 169 -24.15 41.81 21.25
C LEU F 169 -23.17 42.60 20.40
N SER F 170 -22.65 41.94 19.38
CA SER F 170 -21.78 42.55 18.37
C SER F 170 -22.46 42.35 17.03
N TRP F 171 -22.41 43.38 16.19
CA TRP F 171 -23.11 43.31 14.91
C TRP F 171 -22.18 43.74 13.79
N GLU F 172 -22.26 43.05 12.66
CA GLU F 172 -21.54 43.52 11.49
C GLU F 172 -22.13 44.84 11.01
N VAL F 173 -21.24 45.78 10.72
CA VAL F 173 -21.64 47.16 10.47
C VAL F 173 -22.13 47.31 9.04
N GLY F 174 -23.18 48.13 8.87
CA GLY F 174 -23.71 48.48 7.56
C GLY F 174 -25.21 48.39 7.39
N LYS F 175 -25.89 47.45 8.04
CA LYS F 175 -27.32 47.22 7.80
C LYS F 175 -28.05 47.07 9.12
N PRO F 176 -29.28 47.61 9.25
CA PRO F 176 -29.80 47.90 10.59
C PRO F 176 -30.13 46.74 11.50
N ARG F 177 -29.63 46.91 12.68
CA ARG F 177 -29.92 46.27 13.94
C ARG F 177 -31.38 46.54 14.32
N PRO F 178 -32.10 45.58 14.91
CA PRO F 178 -33.59 45.65 14.88
C PRO F 178 -34.19 46.25 16.14
N PRO F 179 -35.52 46.45 16.16
CA PRO F 179 -36.24 46.44 17.44
C PRO F 179 -36.20 45.07 18.09
N LEU F 180 -36.09 45.08 19.41
CA LEU F 180 -36.00 43.84 20.19
C LEU F 180 -37.22 43.74 21.11
N ASN F 181 -38.31 43.22 20.55
CA ASN F 181 -39.51 42.78 21.26
C ASN F 181 -39.48 41.27 21.20
N ARG F 182 -40.35 40.58 21.93
CA ARG F 182 -39.90 39.21 22.17
C ARG F 182 -40.27 38.41 20.92
N ASN F 183 -41.05 39.04 20.04
CA ASN F 183 -41.67 38.44 18.86
C ASN F 183 -40.70 38.25 17.73
N TYR F 184 -39.45 38.69 17.87
CA TYR F 184 -38.48 38.61 16.78
C TYR F 184 -37.42 37.62 17.26
N VAL F 185 -37.51 36.39 16.80
CA VAL F 185 -36.61 35.33 17.22
C VAL F 185 -35.35 35.40 16.38
N PHE F 186 -34.23 35.00 16.97
CA PHE F 186 -32.95 34.95 16.30
C PHE F 186 -32.38 33.55 16.50
N THR F 187 -31.97 32.90 15.41
CA THR F 187 -31.48 31.53 15.49
C THR F 187 -29.97 31.51 15.58
N GLY F 188 -29.44 30.87 16.62
CA GLY F 188 -28.01 30.77 16.80
C GLY F 188 -27.38 29.69 15.94
N TYR F 189 -26.04 29.69 15.91
CA TYR F 189 -25.30 28.80 15.04
C TYR F 189 -23.90 28.60 15.62
N ARG F 190 -23.57 27.34 15.91
CA ARG F 190 -22.21 26.95 16.25
C ARG F 190 -21.40 26.83 14.97
N VAL F 191 -20.63 27.86 14.65
CA VAL F 191 -19.70 27.80 13.53
C VAL F 191 -18.39 27.21 14.05
N THR F 192 -18.35 25.88 14.16
CA THR F 192 -17.18 25.16 14.63
C THR F 192 -16.53 24.46 13.44
N LYS F 193 -15.48 23.68 13.70
CA LYS F 193 -14.75 22.98 12.65
C LYS F 193 -15.66 22.01 11.91
N ASN F 194 -15.48 21.94 10.60
CA ASN F 194 -16.01 22.95 9.69
C ASN F 194 -17.49 22.72 9.39
N SER F 195 -18.33 22.90 10.40
CA SER F 195 -19.76 22.68 10.27
C SER F 195 -20.53 23.83 10.90
N LYS F 196 -21.76 24.04 10.43
CA LYS F 196 -22.64 25.08 10.96
C LYS F 196 -23.93 24.43 11.43
N VAL F 197 -24.15 24.41 12.75
CA VAL F 197 -25.27 23.70 13.34
C VAL F 197 -26.08 24.62 14.24
N GLN F 198 -27.40 24.45 14.21
CA GLN F 198 -28.31 25.23 15.06
C GLN F 198 -28.19 24.79 16.51
N ILE F 199 -28.18 25.75 17.44
CA ILE F 199 -28.18 25.42 18.86
C ILE F 199 -29.28 26.16 19.63
N GLY F 200 -29.39 27.47 19.46
CA GLY F 200 -30.31 28.25 20.26
C GLY F 200 -31.06 29.26 19.43
N GLU F 201 -32.25 29.61 19.90
CA GLU F 201 -33.14 30.54 19.21
C GLU F 201 -33.55 31.61 20.21
N TYR F 202 -32.72 32.65 20.32
CA TYR F 202 -32.93 33.69 21.30
C TYR F 202 -33.68 34.87 20.69
N THR F 203 -34.33 35.64 21.55
CA THR F 203 -34.69 37.01 21.27
C THR F 203 -33.85 37.87 22.19
N PHE F 204 -33.94 39.18 22.00
CA PHE F 204 -33.22 40.07 22.87
C PHE F 204 -34.18 41.17 23.32
N GLU F 205 -33.73 42.01 24.25
CA GLU F 205 -34.56 43.13 24.68
C GLU F 205 -33.65 44.32 24.93
N LYS F 206 -34.24 45.50 24.86
CA LYS F 206 -33.48 46.74 24.74
C LYS F 206 -32.59 46.89 25.98
N GLY F 207 -31.39 47.41 25.79
CA GLY F 207 -30.38 47.33 26.83
C GLY F 207 -30.52 48.41 27.88
N ASP F 208 -29.66 48.32 28.90
CA ASP F 208 -29.62 49.34 29.95
C ASP F 208 -28.72 50.51 29.54
N TYR F 209 -27.43 50.25 29.38
CA TYR F 209 -26.46 51.25 28.95
C TYR F 209 -25.81 50.80 27.66
N GLY F 210 -25.85 51.67 26.65
CA GLY F 210 -25.21 51.41 25.38
C GLY F 210 -25.71 50.15 24.70
N ASP F 211 -24.86 49.13 24.64
CA ASP F 211 -25.21 47.83 24.07
C ASP F 211 -25.35 46.83 25.21
N ALA F 212 -26.59 46.42 25.48
CA ALA F 212 -26.89 45.43 26.50
C ALA F 212 -28.14 44.68 26.09
N VAL F 213 -28.36 43.51 26.70
CA VAL F 213 -29.51 42.67 26.40
C VAL F 213 -30.04 42.03 27.68
N VAL F 214 -31.35 42.13 27.89
CA VAL F 214 -32.06 41.28 28.83
C VAL F 214 -32.80 40.26 27.98
N TYR F 215 -32.37 39.01 28.03
CA TYR F 215 -32.73 38.06 26.99
C TYR F 215 -33.72 37.01 27.51
N ARG F 216 -34.17 36.15 26.60
CA ARG F 216 -34.98 34.99 26.95
C ARG F 216 -34.46 33.80 26.13
N GLY F 217 -34.25 32.68 26.81
CA GLY F 217 -33.38 31.63 26.35
C GLY F 217 -34.04 30.39 25.74
N THR F 218 -33.20 29.60 25.07
CA THR F 218 -33.63 28.43 24.32
C THR F 218 -32.96 27.15 24.79
N THR F 219 -31.64 27.12 24.84
CA THR F 219 -30.97 25.90 25.21
C THR F 219 -29.80 26.19 26.14
N THR F 220 -29.51 25.22 27.01
CA THR F 220 -28.49 25.35 28.03
C THR F 220 -27.07 25.25 27.48
N TYR F 221 -26.93 25.08 26.17
CA TYR F 221 -25.61 25.22 25.56
C TYR F 221 -25.10 26.63 25.78
N LYS F 222 -23.97 26.76 26.50
CA LYS F 222 -23.37 28.07 26.69
C LYS F 222 -22.80 28.57 25.36
N LEU F 223 -23.11 29.82 25.02
CA LEU F 223 -22.78 30.33 23.70
C LEU F 223 -21.39 30.95 23.71
N ASN F 224 -20.49 30.39 22.91
CA ASN F 224 -19.10 30.80 22.87
C ASN F 224 -18.91 31.92 21.85
N VAL F 225 -17.65 32.21 21.52
CA VAL F 225 -17.33 33.27 20.56
C VAL F 225 -17.88 32.96 19.18
N GLY F 226 -17.74 31.73 18.71
CA GLY F 226 -18.20 31.35 17.39
C GLY F 226 -19.69 31.13 17.25
N ASP F 227 -20.51 32.05 17.74
CA ASP F 227 -21.97 31.93 17.63
C ASP F 227 -22.56 33.21 17.10
N TYR F 228 -23.13 33.13 15.90
CA TYR F 228 -23.79 34.27 15.29
C TYR F 228 -25.24 33.95 15.00
N PHE F 229 -26.10 34.93 15.25
CA PHE F 229 -27.56 34.77 15.18
C PHE F 229 -28.10 35.23 13.83
N VAL F 230 -28.76 34.32 13.14
CA VAL F 230 -29.61 34.67 12.00
C VAL F 230 -31.03 34.81 12.54
N LEU F 231 -31.79 35.73 11.95
CA LEU F 231 -33.13 36.01 12.46
C LEU F 231 -34.01 34.77 12.39
N THR F 232 -34.39 34.35 11.18
CA THR F 232 -34.96 33.04 10.87
C THR F 232 -35.27 32.98 9.38
N SER F 233 -35.36 31.78 8.82
CA SER F 233 -35.69 31.63 7.40
C SER F 233 -36.62 30.44 7.16
N HIS F 234 -37.60 30.23 8.04
CA HIS F 234 -38.50 29.10 7.82
C HIS F 234 -39.52 29.46 6.75
N THR F 235 -39.60 28.62 5.72
CA THR F 235 -40.37 28.96 4.54
C THR F 235 -41.87 28.88 4.82
N VAL F 236 -42.61 29.75 4.15
CA VAL F 236 -44.04 29.59 3.99
C VAL F 236 -44.24 28.38 3.07
N MET F 237 -45.20 27.53 3.41
CA MET F 237 -45.32 26.19 2.86
C MET F 237 -46.81 25.88 2.70
N PRO F 238 -47.23 25.38 1.53
CA PRO F 238 -48.63 25.56 1.11
C PRO F 238 -49.68 24.99 2.06
N LEU F 239 -50.83 25.68 2.06
CA LEU F 239 -51.95 25.45 2.96
C LEU F 239 -53.19 25.04 2.16
N SER F 240 -54.01 24.18 2.76
CA SER F 240 -55.23 23.72 2.11
C SER F 240 -56.49 23.95 2.95
N ALA F 241 -56.42 23.72 4.26
CA ALA F 241 -57.63 23.71 5.08
C ALA F 241 -58.15 25.12 5.33
N PRO F 242 -59.46 25.27 5.46
CA PRO F 242 -60.03 26.58 5.79
C PRO F 242 -59.71 27.00 7.21
N THR F 243 -59.80 28.31 7.44
CA THR F 243 -59.45 28.88 8.74
C THR F 243 -60.47 28.50 9.80
N LEU F 244 -61.74 28.34 9.42
CA LEU F 244 -62.80 27.97 10.33
C LEU F 244 -63.78 27.02 9.66
N VAL F 245 -64.21 26.01 10.41
CA VAL F 245 -65.27 25.09 9.99
C VAL F 245 -66.61 25.77 10.25
N PRO F 246 -67.68 25.40 9.54
CA PRO F 246 -68.99 26.01 9.81
C PRO F 246 -69.52 25.63 11.18
N GLN F 247 -70.32 26.54 11.74
CA GLN F 247 -70.91 26.36 13.07
C GLN F 247 -72.16 25.50 12.93
N GLU F 248 -72.07 24.25 13.39
CA GLU F 248 -73.18 23.32 13.38
C GLU F 248 -73.53 22.93 14.81
N HIS F 249 -74.80 22.65 15.05
CA HIS F 249 -75.29 22.38 16.40
C HIS F 249 -75.70 20.92 16.55
N TYR F 250 -75.43 20.37 17.73
CA TYR F 250 -75.80 19.00 18.06
C TYR F 250 -76.77 19.01 19.25
N VAL F 251 -77.69 18.06 19.23
CA VAL F 251 -78.76 18.05 20.21
C VAL F 251 -78.23 17.72 21.60
N ARG F 252 -77.21 16.86 21.66
CA ARG F 252 -76.63 16.46 22.94
C ARG F 252 -75.11 16.60 22.87
N ILE F 253 -74.43 16.09 23.88
CA ILE F 253 -72.97 16.11 23.93
C ILE F 253 -72.49 14.91 23.13
N THR F 254 -72.10 15.15 21.88
CA THR F 254 -71.76 14.08 20.95
C THR F 254 -70.25 13.85 20.98
N GLY F 255 -69.84 12.59 21.14
CA GLY F 255 -68.44 12.23 21.15
C GLY F 255 -67.74 12.40 22.48
N LEU F 256 -68.40 13.06 23.44
CA LEU F 256 -67.83 13.33 24.76
C LEU F 256 -68.80 12.83 25.83
N TYR F 257 -68.31 12.01 26.76
CA TYR F 257 -69.13 11.60 27.90
C TYR F 257 -68.54 12.10 29.22
N PRO F 258 -69.37 12.60 30.13
CA PRO F 258 -68.85 13.29 31.32
C PRO F 258 -68.15 12.37 32.30
N THR F 259 -67.74 12.94 33.43
CA THR F 259 -67.27 12.20 34.58
C THR F 259 -68.25 12.41 35.73
N LEU F 260 -67.88 11.92 36.91
CA LEU F 260 -68.71 12.03 38.11
C LEU F 260 -67.91 12.62 39.24
N ASN F 261 -68.47 13.63 39.90
CA ASN F 261 -67.87 14.29 41.07
C ASN F 261 -66.48 14.83 40.74
N ILE F 262 -66.47 15.81 39.83
CA ILE F 262 -65.21 16.34 39.31
C ILE F 262 -64.48 17.17 40.37
N SER F 263 -65.04 18.31 40.75
CA SER F 263 -64.38 19.32 41.57
C SER F 263 -65.36 20.46 41.81
N ASP F 264 -64.94 21.42 42.63
CA ASP F 264 -65.78 22.57 42.95
C ASP F 264 -65.05 23.90 42.98
N GLU F 265 -63.76 23.96 42.66
CA GLU F 265 -63.05 25.24 42.68
C GLU F 265 -63.34 26.07 41.43
N PHE F 266 -63.95 25.47 40.41
CA PHE F 266 -64.38 26.14 39.19
C PHE F 266 -65.86 25.88 38.94
N SER F 267 -66.64 25.85 40.03
CA SER F 267 -68.00 25.34 39.99
C SER F 267 -68.93 26.17 39.12
N SER F 268 -68.49 27.35 38.68
CA SER F 268 -69.27 28.20 37.79
C SER F 268 -68.89 28.00 36.32
N ASN F 269 -68.54 26.78 35.93
CA ASN F 269 -68.10 26.50 34.57
C ASN F 269 -68.68 25.22 33.97
N VAL F 270 -69.55 24.51 34.69
CA VAL F 270 -70.07 23.24 34.20
C VAL F 270 -71.03 23.44 33.03
N ALA F 271 -71.99 24.37 33.17
CA ALA F 271 -72.90 24.65 32.07
C ALA F 271 -72.16 25.27 30.88
N ASN F 272 -71.08 26.01 31.16
CA ASN F 272 -70.23 26.49 30.09
C ASN F 272 -69.62 25.34 29.31
N TYR F 273 -69.14 24.31 30.01
CA TYR F 273 -68.60 23.13 29.35
C TYR F 273 -69.69 22.39 28.56
N GLN F 274 -70.91 22.36 29.10
CA GLN F 274 -72.01 21.73 28.36
C GLN F 274 -72.31 22.47 27.06
N LYS F 275 -72.35 23.81 27.11
CA LYS F 275 -72.56 24.59 25.90
C LYS F 275 -71.39 24.45 24.93
N VAL F 276 -70.19 24.24 25.47
CA VAL F 276 -69.03 23.90 24.65
C VAL F 276 -69.27 22.58 23.91
N GLY F 277 -69.74 21.57 24.63
CA GLY F 277 -69.96 20.27 24.04
C GLY F 277 -71.18 20.18 23.13
N MET F 278 -72.05 21.20 23.15
CA MET F 278 -73.23 21.18 22.30
C MET F 278 -72.88 21.44 20.85
N GLN F 279 -72.30 22.60 20.55
CA GLN F 279 -72.13 23.07 19.19
C GLN F 279 -70.75 22.69 18.64
N LYS F 280 -70.47 23.15 17.41
CA LYS F 280 -69.24 22.75 16.73
C LYS F 280 -68.02 23.44 17.33
N TYR F 281 -67.95 24.76 17.24
CA TYR F 281 -66.82 25.50 17.75
C TYR F 281 -67.31 26.63 18.65
N SER F 282 -66.53 26.92 19.68
CA SER F 282 -66.90 27.92 20.67
C SER F 282 -65.74 28.86 20.88
N THR F 283 -66.06 30.07 21.32
CA THR F 283 -65.07 31.09 21.62
C THR F 283 -65.28 31.63 23.02
N LEU F 284 -64.20 31.83 23.75
CA LEU F 284 -64.26 32.44 25.07
C LEU F 284 -63.33 33.65 25.04
N GLN F 285 -63.88 34.82 25.36
CA GLN F 285 -63.07 36.02 25.46
C GLN F 285 -62.52 36.17 26.88
N GLY F 286 -61.20 36.18 26.99
CA GLY F 286 -60.56 36.25 28.28
C GLY F 286 -59.91 37.58 28.57
N PRO F 287 -60.55 38.39 29.42
CA PRO F 287 -59.90 39.61 29.88
C PRO F 287 -58.71 39.27 30.78
N PRO F 288 -57.79 40.21 30.97
CA PRO F 288 -56.60 39.91 31.77
C PRO F 288 -56.94 39.55 33.21
N GLY F 289 -56.44 38.40 33.64
CA GLY F 289 -56.65 37.94 35.01
C GLY F 289 -57.93 37.18 35.23
N THR F 290 -58.13 36.08 34.47
CA THR F 290 -59.33 35.28 34.60
C THR F 290 -59.09 33.79 34.77
N GLY F 291 -57.91 33.28 34.43
CA GLY F 291 -57.67 31.86 34.52
C GLY F 291 -58.21 31.10 33.34
N LYS F 292 -57.80 31.51 32.13
CA LYS F 292 -58.26 30.84 30.92
C LYS F 292 -57.75 29.40 30.87
N SER F 293 -56.50 29.18 31.29
CA SER F 293 -55.97 27.83 31.32
C SER F 293 -56.63 26.99 32.41
N HIS F 294 -57.01 27.62 33.53
CA HIS F 294 -57.77 26.91 34.55
C HIS F 294 -59.11 26.44 34.00
N PHE F 295 -59.77 27.27 33.20
CA PHE F 295 -60.95 26.83 32.47
C PHE F 295 -60.63 25.68 31.52
N ALA F 296 -59.45 25.74 30.89
CA ALA F 296 -59.03 24.66 30.01
C ALA F 296 -58.83 23.37 30.77
N ILE F 297 -58.21 23.43 31.95
CA ILE F 297 -58.02 22.23 32.76
C ILE F 297 -59.37 21.68 33.20
N GLY F 298 -60.30 22.56 33.60
CA GLY F 298 -61.62 22.11 34.00
C GLY F 298 -62.39 21.43 32.89
N LEU F 299 -62.36 22.02 31.68
CA LEU F 299 -63.05 21.40 30.56
C LEU F 299 -62.40 20.09 30.15
N ALA F 300 -61.06 20.00 30.26
CA ALA F 300 -60.38 18.75 29.97
C ALA F 300 -60.75 17.66 30.97
N LEU F 301 -60.86 18.02 32.25
CA LEU F 301 -61.21 17.04 33.27
C LEU F 301 -62.70 16.71 33.32
N TYR F 302 -63.55 17.52 32.70
CA TYR F 302 -64.95 17.15 32.55
C TYR F 302 -65.10 15.90 31.69
N TYR F 303 -64.32 15.78 30.63
CA TYR F 303 -64.30 14.59 29.79
C TYR F 303 -62.91 14.00 29.90
N PRO F 304 -62.59 13.35 31.03
CA PRO F 304 -61.21 12.96 31.32
C PRO F 304 -60.72 11.77 30.52
N SER F 305 -61.42 11.42 29.45
CA SER F 305 -61.28 10.14 28.77
C SER F 305 -61.13 10.26 27.26
N ALA F 306 -61.23 11.47 26.72
CA ALA F 306 -61.12 11.69 25.29
C ALA F 306 -59.97 12.64 24.99
N ARG F 307 -59.56 12.67 23.72
CA ARG F 307 -58.55 13.59 23.22
C ARG F 307 -58.89 15.03 23.60
N ILE F 308 -58.08 15.64 24.45
CA ILE F 308 -58.00 17.11 24.56
C ILE F 308 -56.58 17.50 24.18
N VAL F 309 -56.43 18.19 23.05
CA VAL F 309 -55.12 18.63 22.58
C VAL F 309 -54.99 20.13 22.79
N TYR F 310 -54.03 20.52 23.62
CA TYR F 310 -53.74 21.93 23.87
C TYR F 310 -52.77 22.44 22.81
N THR F 311 -53.17 23.49 22.10
CA THR F 311 -52.26 24.16 21.18
C THR F 311 -52.21 25.64 21.49
N ALA F 312 -51.00 26.15 21.60
CA ALA F 312 -50.74 27.57 21.79
C ALA F 312 -49.80 28.01 20.68
N CYS F 313 -50.09 29.17 20.09
CA CYS F 313 -49.28 29.62 18.96
C CYS F 313 -47.89 30.03 19.43
N SER F 314 -47.81 30.56 20.64
CA SER F 314 -46.59 31.12 21.20
C SER F 314 -46.13 30.28 22.38
N HIS F 315 -44.83 30.33 22.67
CA HIS F 315 -44.28 29.40 23.66
C HIS F 315 -44.36 29.91 25.09
N ALA F 316 -44.56 31.20 25.31
CA ALA F 316 -44.89 31.67 26.64
C ALA F 316 -46.20 31.04 27.11
N ALA F 317 -47.18 30.94 26.21
CA ALA F 317 -48.45 30.32 26.55
C ALA F 317 -48.30 28.83 26.83
N VAL F 318 -47.44 28.13 26.08
CA VAL F 318 -47.31 26.70 26.35
C VAL F 318 -46.56 26.48 27.66
N ASP F 319 -45.62 27.36 28.01
CA ASP F 319 -45.01 27.28 29.34
C ASP F 319 -46.04 27.53 30.44
N ALA F 320 -46.92 28.51 30.23
CA ALA F 320 -47.98 28.79 31.20
C ALA F 320 -48.89 27.58 31.38
N LEU F 321 -49.31 26.96 30.27
CA LEU F 321 -50.20 25.81 30.40
C LEU F 321 -49.46 24.59 30.94
N CYS F 322 -48.15 24.51 30.74
CA CYS F 322 -47.38 23.41 31.32
C CYS F 322 -47.34 23.53 32.84
N GLU F 323 -47.02 24.72 33.36
CA GLU F 323 -47.02 24.87 34.81
C GLU F 323 -48.44 24.77 35.37
N LYS F 324 -49.44 25.18 34.58
CA LYS F 324 -50.82 24.98 35.00
C LYS F 324 -51.18 23.49 35.09
N ALA F 325 -50.72 22.69 34.12
CA ALA F 325 -50.96 21.26 34.15
C ALA F 325 -50.26 20.60 35.32
N LEU F 326 -49.06 21.08 35.66
CA LEU F 326 -48.42 20.64 36.89
C LEU F 326 -49.25 20.97 38.11
N LYS F 327 -49.81 22.19 38.14
CA LYS F 327 -50.62 22.62 39.27
C LYS F 327 -51.90 21.79 39.43
N TYR F 328 -52.58 21.46 38.33
CA TYR F 328 -53.88 20.82 38.43
C TYR F 328 -53.94 19.46 37.74
N LEU F 329 -53.45 19.35 36.51
CA LEU F 329 -53.68 18.15 35.71
C LEU F 329 -52.93 16.94 36.28
N PRO F 330 -53.49 15.73 36.13
CA PRO F 330 -52.70 14.51 36.39
C PRO F 330 -51.50 14.44 35.45
N ILE F 331 -50.38 13.95 35.95
CA ILE F 331 -49.11 14.15 35.26
C ILE F 331 -48.87 13.16 34.13
N ASP F 332 -48.98 11.86 34.38
CA ASP F 332 -48.47 10.85 33.44
C ASP F 332 -49.24 10.85 32.13
N LYS F 333 -50.54 11.13 32.18
CA LYS F 333 -51.37 11.15 30.97
C LYS F 333 -51.33 12.53 30.27
N CYS F 334 -50.12 13.04 30.08
CA CYS F 334 -49.92 14.31 29.39
C CYS F 334 -48.66 14.23 28.53
N SER F 335 -48.65 15.00 27.45
CA SER F 335 -47.52 14.99 26.53
C SER F 335 -47.30 16.39 25.97
N ARG F 336 -46.13 16.95 26.23
CA ARG F 336 -45.68 18.12 25.50
C ARG F 336 -44.99 17.66 24.22
N ILE F 337 -45.16 18.42 23.14
CA ILE F 337 -44.57 18.08 21.85
C ILE F 337 -43.35 18.96 21.64
N ILE F 338 -42.19 18.33 21.50
CA ILE F 338 -40.94 19.04 21.25
C ILE F 338 -40.72 19.07 19.74
N PRO F 339 -40.28 20.20 19.17
CA PRO F 339 -39.96 20.21 17.74
C PRO F 339 -38.66 19.47 17.45
N ALA F 340 -38.31 19.36 16.16
CA ALA F 340 -37.07 18.68 15.81
C ALA F 340 -35.85 19.45 16.28
N ARG F 341 -35.97 20.77 16.41
CA ARG F 341 -34.84 21.61 16.77
C ARG F 341 -34.83 22.01 18.23
N ALA F 342 -35.86 21.65 19.00
CA ALA F 342 -36.02 22.08 20.40
C ALA F 342 -35.96 23.61 20.51
N ARG F 343 -36.99 24.25 19.92
CA ARG F 343 -36.97 25.67 19.58
C ARG F 343 -36.80 26.59 20.79
N VAL F 344 -37.20 26.18 22.00
CA VAL F 344 -37.02 27.00 23.19
C VAL F 344 -36.52 26.12 24.33
N GLU F 345 -36.46 26.70 25.54
CA GLU F 345 -36.16 25.96 26.76
C GLU F 345 -37.37 25.09 27.07
N CYS F 346 -37.43 23.95 26.37
CA CYS F 346 -38.57 23.06 26.44
C CYS F 346 -38.73 22.48 27.85
N PHE F 347 -39.98 22.48 28.31
CA PHE F 347 -40.32 21.96 29.63
C PHE F 347 -40.50 20.46 29.50
N ASP F 348 -39.47 19.70 29.89
CA ASP F 348 -39.45 18.26 29.70
C ASP F 348 -39.47 17.57 31.06
N LYS F 349 -40.67 17.41 31.62
CA LYS F 349 -40.82 16.66 32.86
C LYS F 349 -41.93 15.62 32.79
N PHE F 350 -42.68 15.56 31.70
CA PHE F 350 -43.84 14.68 31.55
C PHE F 350 -43.48 13.44 30.76
N LYS F 351 -44.50 12.78 30.23
CA LYS F 351 -44.33 11.95 29.04
C LYS F 351 -44.24 12.86 27.83
N VAL F 352 -43.06 13.48 27.67
CA VAL F 352 -42.83 14.42 26.57
C VAL F 352 -42.72 13.68 25.25
N ASN F 353 -43.30 14.26 24.20
CA ASN F 353 -43.17 13.78 22.81
C ASN F 353 -43.82 12.40 22.64
N SER F 354 -45.12 12.36 22.93
CA SER F 354 -45.93 11.16 22.77
C SER F 354 -47.13 11.51 21.89
N THR F 355 -47.14 10.98 20.68
CA THR F 355 -48.25 11.20 19.77
C THR F 355 -49.49 10.38 20.14
N LEU F 356 -49.36 9.43 21.07
CA LEU F 356 -50.47 8.56 21.47
C LEU F 356 -50.98 8.89 22.87
N GLU F 357 -50.85 10.14 23.29
CA GLU F 357 -51.33 10.60 24.57
C GLU F 357 -52.80 11.00 24.47
N GLN F 358 -53.33 11.49 25.59
CA GLN F 358 -54.64 12.09 25.66
C GLN F 358 -54.60 13.61 25.82
N TYR F 359 -53.96 14.08 26.89
CA TYR F 359 -53.75 15.52 27.09
C TYR F 359 -52.46 15.88 26.39
N VAL F 360 -52.55 16.48 25.22
CA VAL F 360 -51.40 16.78 24.39
C VAL F 360 -51.17 18.29 24.41
N PHE F 361 -49.98 18.70 24.79
CA PHE F 361 -49.58 20.10 24.72
C PHE F 361 -48.65 20.31 23.55
N CYS F 362 -48.97 21.28 22.71
CA CYS F 362 -48.20 21.48 21.49
C CYS F 362 -48.29 22.92 21.03
N THR F 363 -47.48 23.21 20.02
CA THR F 363 -47.51 24.47 19.31
C THR F 363 -47.87 24.22 17.84
N VAL F 364 -48.57 25.20 17.25
CA VAL F 364 -48.84 25.18 15.82
C VAL F 364 -47.53 25.16 15.04
N ASN F 365 -46.46 25.68 15.64
CA ASN F 365 -45.16 25.70 14.97
C ASN F 365 -44.69 24.30 14.59
N ALA F 366 -45.02 23.27 15.37
CA ALA F 366 -44.59 21.90 15.07
C ALA F 366 -45.69 20.87 15.30
N LEU F 367 -46.92 21.17 14.85
CA LEU F 367 -48.00 20.20 15.04
C LEU F 367 -47.76 18.94 14.21
N PRO F 368 -48.08 17.77 14.74
CA PRO F 368 -48.20 16.58 13.90
C PRO F 368 -49.62 16.43 13.36
N GLU F 369 -49.73 15.70 12.27
CA GLU F 369 -51.02 15.43 11.64
C GLU F 369 -51.70 14.27 12.38
N THR F 370 -52.29 14.59 13.51
CA THR F 370 -52.97 13.60 14.35
C THR F 370 -54.46 13.93 14.43
N THR F 371 -55.17 13.10 15.19
CA THR F 371 -56.62 13.24 15.37
C THR F 371 -56.90 13.87 16.74
N ALA F 372 -58.10 14.41 16.88
CA ALA F 372 -58.52 15.00 18.14
C ALA F 372 -60.02 14.83 18.30
N ASP F 373 -60.47 14.94 19.54
CA ASP F 373 -61.89 14.96 19.88
C ASP F 373 -62.39 16.37 20.18
N ILE F 374 -61.73 17.10 21.08
CA ILE F 374 -61.90 18.54 21.22
C ILE F 374 -60.52 19.16 21.33
N VAL F 375 -60.30 20.24 20.60
CA VAL F 375 -59.00 20.87 20.57
C VAL F 375 -59.09 22.22 21.26
N VAL F 376 -58.01 22.60 21.93
CA VAL F 376 -57.93 23.84 22.69
C VAL F 376 -56.89 24.73 22.03
N PHE F 377 -57.35 25.83 21.42
CA PHE F 377 -56.44 26.82 20.85
C PHE F 377 -56.28 27.97 21.82
N ASP F 378 -55.07 28.51 21.91
CA ASP F 378 -54.71 29.49 22.91
C ASP F 378 -54.19 30.75 22.24
N GLU F 379 -54.51 31.91 22.83
CA GLU F 379 -53.91 33.19 22.46
C GLU F 379 -54.19 33.51 20.98
N ILE F 380 -55.47 33.76 20.72
CA ILE F 380 -55.97 33.91 19.35
C ILE F 380 -55.42 35.13 18.64
N SER F 381 -55.39 36.30 19.29
CA SER F 381 -54.92 37.50 18.61
C SER F 381 -53.50 37.33 18.10
N MET F 382 -52.70 36.48 18.76
CA MET F 382 -51.47 35.99 18.17
C MET F 382 -51.70 35.23 16.87
N ALA F 383 -52.73 34.39 16.78
CA ALA F 383 -52.84 33.48 15.65
C ALA F 383 -53.30 34.21 14.41
N THR F 384 -52.53 34.07 13.34
CA THR F 384 -52.91 34.55 12.03
C THR F 384 -53.69 33.48 11.28
N ASN F 385 -54.32 33.88 10.17
CA ASN F 385 -55.16 32.95 9.42
C ASN F 385 -54.34 31.79 8.85
N TYR F 386 -53.06 32.03 8.55
CA TYR F 386 -52.19 30.94 8.11
C TYR F 386 -52.06 29.88 9.19
N ASP F 387 -51.87 30.29 10.44
CA ASP F 387 -51.76 29.35 11.54
C ASP F 387 -53.09 28.66 11.81
N LEU F 388 -54.21 29.36 11.61
CA LEU F 388 -55.51 28.72 11.75
C LEU F 388 -55.70 27.63 10.69
N SER F 389 -55.29 27.91 9.46
CA SER F 389 -55.34 26.89 8.41
C SER F 389 -54.44 25.71 8.76
N VAL F 390 -53.26 25.99 9.30
CA VAL F 390 -52.33 24.91 9.67
C VAL F 390 -52.92 24.04 10.76
N VAL F 391 -53.52 24.66 11.80
CA VAL F 391 -54.04 23.87 12.90
C VAL F 391 -55.29 23.10 12.48
N ASN F 392 -56.08 23.65 11.54
CA ASN F 392 -57.22 22.89 11.05
C ASN F 392 -56.78 21.72 10.18
N ALA F 393 -55.72 21.91 9.37
CA ALA F 393 -55.25 20.83 8.52
C ALA F 393 -54.62 19.71 9.35
N ARG F 394 -53.72 20.06 10.26
CA ARG F 394 -52.98 19.04 11.00
C ARG F 394 -53.82 18.42 12.11
N LEU F 395 -54.63 19.23 12.78
CA LEU F 395 -55.47 18.76 13.88
C LEU F 395 -56.92 18.80 13.46
N ARG F 396 -57.62 17.68 13.63
CA ARG F 396 -59.06 17.58 13.37
C ARG F 396 -59.75 17.12 14.64
N ALA F 397 -60.79 17.83 15.04
CA ALA F 397 -61.52 17.51 16.26
C ALA F 397 -63.02 17.63 16.05
N LYS F 398 -63.77 16.86 16.83
CA LYS F 398 -65.23 16.93 16.76
C LYS F 398 -65.73 18.28 17.24
N HIS F 399 -65.13 18.82 18.29
CA HIS F 399 -65.50 20.10 18.86
C HIS F 399 -64.28 20.99 18.96
N TYR F 400 -64.49 22.30 18.87
CA TYR F 400 -63.41 23.28 18.93
C TYR F 400 -63.69 24.30 20.02
N VAL F 401 -62.64 24.79 20.67
CA VAL F 401 -62.71 25.96 21.53
C VAL F 401 -61.55 26.86 21.17
N TYR F 402 -61.82 28.16 21.05
CA TYR F 402 -60.82 29.17 20.76
C TYR F 402 -60.84 30.22 21.87
N ILE F 403 -59.78 30.26 22.66
CA ILE F 403 -59.61 31.22 23.75
C ILE F 403 -58.49 32.20 23.42
N GLY F 404 -58.72 33.46 23.74
CA GLY F 404 -57.79 34.52 23.42
C GLY F 404 -58.40 35.85 23.77
N ASP F 405 -57.70 36.91 23.40
CA ASP F 405 -58.31 38.20 23.69
C ASP F 405 -57.95 39.25 22.66
N PRO F 406 -58.97 39.87 22.05
CA PRO F 406 -58.70 40.93 21.05
C PRO F 406 -58.01 42.15 21.63
N ALA F 407 -58.30 42.50 22.89
CA ALA F 407 -57.75 43.73 23.47
C ALA F 407 -56.27 43.62 23.80
N GLN F 408 -55.73 42.41 23.82
CA GLN F 408 -54.32 42.18 24.15
C GLN F 408 -53.47 42.39 22.89
N LEU F 409 -52.24 41.89 22.94
CA LEU F 409 -51.38 41.86 21.77
C LEU F 409 -52.06 41.13 20.61
N PRO F 410 -52.17 41.79 19.46
CA PRO F 410 -52.58 41.05 18.25
C PRO F 410 -51.39 40.35 17.62
N ALA F 411 -51.60 39.74 16.46
CA ALA F 411 -50.48 39.24 15.68
C ALA F 411 -49.59 40.41 15.26
N PRO F 412 -48.27 40.22 15.16
CA PRO F 412 -47.38 41.36 14.97
C PRO F 412 -47.59 42.08 13.65
N ARG F 413 -47.54 41.34 12.53
CA ARG F 413 -47.71 41.90 11.19
C ARG F 413 -46.70 43.03 10.96
N THR F 414 -45.42 42.64 10.94
CA THR F 414 -44.33 43.61 10.92
C THR F 414 -44.33 44.46 9.65
N LEU F 415 -44.99 43.99 8.60
CA LEU F 415 -45.03 44.79 7.37
C LEU F 415 -45.94 46.00 7.51
N LEU F 416 -46.97 45.91 8.34
CA LEU F 416 -47.88 47.03 8.54
C LEU F 416 -47.20 48.12 9.37
N THR F 417 -47.18 49.33 8.83
CA THR F 417 -46.62 50.48 9.53
C THR F 417 -47.59 51.66 9.60
N LYS F 418 -48.41 51.85 8.57
CA LYS F 418 -49.34 52.97 8.50
C LYS F 418 -50.77 52.44 8.60
N GLY F 419 -51.51 52.92 9.60
CA GLY F 419 -52.88 52.50 9.80
C GLY F 419 -53.03 51.39 10.82
N THR F 420 -53.55 51.71 11.99
CA THR F 420 -53.75 50.71 13.04
C THR F 420 -54.94 49.83 12.67
N LEU F 421 -54.74 48.51 12.74
CA LEU F 421 -55.81 47.57 12.41
C LEU F 421 -56.87 47.57 13.50
N GLU F 422 -58.12 47.41 13.09
CA GLU F 422 -59.20 47.27 14.06
C GLU F 422 -59.26 45.81 14.53
N PRO F 423 -59.75 45.58 15.76
CA PRO F 423 -59.58 44.24 16.37
C PRO F 423 -60.20 43.09 15.59
N GLU F 424 -61.22 43.31 14.75
CA GLU F 424 -61.75 42.17 14.01
C GLU F 424 -60.84 41.76 12.87
N TYR F 425 -59.97 42.65 12.40
CA TYR F 425 -59.09 42.39 11.27
C TYR F 425 -57.72 41.89 11.72
N PHE F 426 -57.61 41.54 13.00
CA PHE F 426 -56.45 40.81 13.47
C PHE F 426 -56.36 39.45 12.79
N ASN F 427 -57.49 38.74 12.75
CA ASN F 427 -57.63 37.43 12.11
C ASN F 427 -59.12 37.15 11.97
N SER F 428 -59.46 35.93 11.54
CA SER F 428 -60.87 35.58 11.37
C SER F 428 -61.55 35.36 12.72
N VAL F 429 -60.87 34.69 13.65
CA VAL F 429 -61.51 34.33 14.91
C VAL F 429 -61.76 35.59 15.75
N CYS F 430 -60.89 36.58 15.64
CA CYS F 430 -61.15 37.86 16.30
C CYS F 430 -62.38 38.55 15.72
N ARG F 431 -62.55 38.47 14.40
CA ARG F 431 -63.77 38.94 13.76
C ARG F 431 -64.99 38.23 14.31
N LEU F 432 -64.87 36.92 14.54
CA LEU F 432 -65.98 36.19 15.15
C LEU F 432 -66.24 36.65 16.58
N MET F 433 -65.19 36.95 17.34
CA MET F 433 -65.37 37.41 18.71
C MET F 433 -65.88 38.84 18.80
N LYS F 434 -65.79 39.64 17.73
CA LYS F 434 -66.43 40.95 17.77
C LYS F 434 -67.81 40.99 17.14
N THR F 435 -67.95 40.50 15.91
CA THR F 435 -69.18 40.70 15.14
C THR F 435 -70.39 40.09 15.83
N ILE F 436 -70.29 38.82 16.22
CA ILE F 436 -71.36 38.15 16.96
C ILE F 436 -71.01 38.03 18.44
N GLY F 437 -69.91 38.63 18.87
CA GLY F 437 -69.48 38.55 20.24
C GLY F 437 -68.85 37.20 20.54
N PRO F 438 -68.26 37.08 21.73
CA PRO F 438 -67.69 35.79 22.13
C PRO F 438 -68.79 34.84 22.59
N ASP F 439 -68.54 33.54 22.39
CA ASP F 439 -69.49 32.54 22.86
C ASP F 439 -69.43 32.42 24.37
N MET F 440 -68.33 32.88 24.98
CA MET F 440 -68.23 32.92 26.43
C MET F 440 -67.21 33.97 26.87
N PHE F 441 -67.19 34.20 28.16
CA PHE F 441 -66.22 35.08 28.80
C PHE F 441 -66.17 34.71 30.28
N LEU F 442 -65.08 35.06 30.93
CA LEU F 442 -64.97 34.94 32.39
C LEU F 442 -64.97 36.35 32.95
N GLY F 443 -66.13 36.82 33.39
CA GLY F 443 -66.21 38.20 33.84
C GLY F 443 -65.82 38.35 35.29
N THR F 444 -64.54 38.62 35.53
CA THR F 444 -63.99 38.84 36.85
C THR F 444 -62.59 39.40 36.70
N CYS F 445 -62.31 40.51 37.38
CA CYS F 445 -60.97 41.06 37.48
C CYS F 445 -60.50 40.96 38.92
N ARG F 446 -59.24 40.54 39.11
CA ARG F 446 -58.72 40.22 40.42
C ARG F 446 -57.47 41.03 40.74
N ARG F 447 -57.23 42.09 39.98
CA ARG F 447 -56.03 42.91 40.18
C ARG F 447 -56.38 44.38 40.27
N CYS F 448 -57.47 44.79 39.62
CA CYS F 448 -57.74 46.21 39.52
C CYS F 448 -58.79 46.65 40.54
N PRO F 449 -58.49 47.73 41.28
CA PRO F 449 -59.51 48.39 42.09
C PRO F 449 -60.72 48.83 41.27
N ALA F 450 -61.78 49.23 41.98
CA ALA F 450 -63.09 49.42 41.38
C ALA F 450 -63.10 50.50 40.31
N GLU F 451 -62.48 51.65 40.61
CA GLU F 451 -62.53 52.77 39.67
C GLU F 451 -61.80 52.45 38.37
N ILE F 452 -60.56 51.97 38.48
CA ILE F 452 -59.85 51.67 37.24
C ILE F 452 -60.56 50.55 36.48
N VAL F 453 -61.03 49.51 37.18
CA VAL F 453 -61.60 48.37 36.49
C VAL F 453 -62.91 48.73 35.78
N ASP F 454 -63.78 49.56 36.37
CA ASP F 454 -64.99 49.87 35.63
C ASP F 454 -64.74 50.97 34.61
N THR F 455 -63.61 51.69 34.70
CA THR F 455 -63.29 52.55 33.57
C THR F 455 -62.78 51.75 32.37
N VAL F 456 -62.01 50.68 32.58
CA VAL F 456 -61.63 49.88 31.41
C VAL F 456 -62.85 49.11 30.89
N SER F 457 -63.70 48.61 31.79
CA SER F 457 -64.88 47.89 31.36
C SER F 457 -65.95 48.81 30.79
N ALA F 458 -65.83 50.13 30.98
CA ALA F 458 -66.69 51.11 30.35
C ALA F 458 -66.17 51.58 29.00
N LEU F 459 -64.85 51.56 28.80
CA LEU F 459 -64.29 52.06 27.56
C LEU F 459 -64.60 51.13 26.39
N VAL F 460 -64.37 49.83 26.54
CA VAL F 460 -64.52 48.86 25.46
C VAL F 460 -65.46 47.72 25.84
N TYR F 461 -65.37 47.20 27.06
CA TYR F 461 -66.17 46.04 27.42
C TYR F 461 -67.62 46.42 27.71
N ASP F 462 -68.44 45.40 27.90
CA ASP F 462 -69.82 45.58 28.37
C ASP F 462 -69.91 45.45 29.89
N ASN F 463 -69.04 46.21 30.59
CA ASN F 463 -69.01 46.28 32.04
C ASN F 463 -68.92 44.88 32.68
N LYS F 464 -68.15 44.00 32.03
CA LYS F 464 -68.07 42.59 32.41
C LYS F 464 -67.16 42.34 33.61
N LEU F 465 -66.34 43.31 33.98
CA LEU F 465 -65.33 43.13 35.00
C LEU F 465 -65.70 43.91 36.26
N LYS F 466 -65.40 43.29 37.40
CA LYS F 466 -65.62 43.89 38.71
C LYS F 466 -64.29 43.92 39.45
N ALA F 467 -64.36 44.25 40.73
CA ALA F 467 -63.18 44.30 41.59
C ALA F 467 -63.43 43.49 42.85
N HIS F 468 -62.53 42.56 43.13
CA HIS F 468 -62.57 41.83 44.41
C HIS F 468 -61.80 42.58 45.49
N LYS F 469 -62.11 43.87 45.63
CA LYS F 469 -61.44 44.79 46.54
C LYS F 469 -62.19 46.11 46.48
N ASP F 470 -61.71 47.09 47.24
CA ASP F 470 -62.14 48.47 47.11
C ASP F 470 -60.94 49.25 46.59
N LYS F 471 -61.18 50.48 46.14
CA LYS F 471 -60.13 51.26 45.51
C LYS F 471 -58.97 51.53 46.47
N SER F 472 -57.75 51.34 45.97
CA SER F 472 -56.56 51.61 46.76
C SER F 472 -56.28 53.11 46.89
N ALA F 473 -56.54 53.87 45.83
CA ALA F 473 -56.50 55.34 45.80
C ALA F 473 -55.08 55.92 45.83
N GLN F 474 -54.10 55.25 45.23
CA GLN F 474 -52.88 55.92 44.79
C GLN F 474 -52.71 55.77 43.29
N CYS F 475 -53.83 55.74 42.56
CA CYS F 475 -53.86 55.75 41.11
C CYS F 475 -54.11 57.19 40.67
N PHE F 476 -53.04 57.87 40.25
CA PHE F 476 -53.07 59.31 40.02
C PHE F 476 -52.88 59.61 38.54
N LYS F 477 -53.53 60.67 38.07
CA LYS F 477 -53.32 61.20 36.73
C LYS F 477 -52.83 62.64 36.87
N MET F 478 -51.71 62.95 36.20
CA MET F 478 -51.04 64.23 36.35
C MET F 478 -51.14 65.07 35.09
N PHE F 479 -51.08 66.38 35.27
CA PHE F 479 -51.03 67.36 34.17
C PHE F 479 -49.57 67.75 33.95
N TYR F 480 -48.87 66.97 33.12
CA TYR F 480 -47.47 67.20 32.83
C TYR F 480 -47.31 67.88 31.48
N LYS F 481 -46.53 68.96 31.47
CA LYS F 481 -46.34 69.75 30.25
C LYS F 481 -45.44 69.01 29.26
N GLY F 482 -44.45 68.27 29.75
CA GLY F 482 -43.69 67.34 28.93
C GLY F 482 -42.85 67.94 27.82
N VAL F 483 -41.78 68.66 28.18
CA VAL F 483 -40.88 69.21 27.16
C VAL F 483 -40.12 68.07 26.51
N ILE F 484 -40.21 67.98 25.18
CA ILE F 484 -39.68 66.85 24.42
C ILE F 484 -38.36 67.25 23.76
N THR F 485 -37.48 66.26 23.58
CA THR F 485 -36.23 66.45 22.85
C THR F 485 -36.16 65.58 21.60
N HIS F 486 -36.41 64.28 21.75
CA HIS F 486 -36.41 63.29 20.67
C HIS F 486 -35.20 63.43 19.73
N ASP F 487 -34.02 63.47 20.35
CA ASP F 487 -32.77 63.44 19.60
C ASP F 487 -32.33 62.00 19.32
N VAL F 488 -33.29 61.22 18.82
CA VAL F 488 -33.13 59.79 18.55
C VAL F 488 -34.30 59.40 17.67
N SER F 489 -34.21 58.23 17.02
CA SER F 489 -35.34 57.74 16.21
C SER F 489 -36.62 57.60 17.02
N SER F 490 -36.53 57.38 18.33
CA SER F 490 -37.67 57.36 19.22
C SER F 490 -37.90 58.76 19.80
N ALA F 491 -38.72 58.83 20.85
CA ALA F 491 -39.07 60.09 21.49
C ALA F 491 -38.58 60.07 22.93
N ILE F 492 -37.98 61.18 23.38
CA ILE F 492 -37.41 61.31 24.71
C ILE F 492 -38.08 62.48 25.42
N ASN F 493 -38.53 62.24 26.66
CA ASN F 493 -39.11 63.30 27.50
C ASN F 493 -38.51 63.18 28.90
N ARG F 494 -37.36 63.82 29.10
CA ARG F 494 -36.67 63.79 30.39
C ARG F 494 -37.16 64.80 31.43
N PRO F 495 -37.39 66.08 31.10
CA PRO F 495 -37.88 67.01 32.14
C PRO F 495 -39.23 66.63 32.72
N GLN F 496 -40.07 65.92 31.96
CA GLN F 496 -41.32 65.41 32.51
C GLN F 496 -41.05 64.39 33.61
N ILE F 497 -40.08 63.51 33.37
CA ILE F 497 -39.57 62.62 34.41
C ILE F 497 -38.95 63.42 35.55
N GLY F 498 -38.34 64.56 35.25
CA GLY F 498 -37.80 65.39 36.31
C GLY F 498 -38.87 65.95 37.22
N VAL F 499 -40.02 66.32 36.65
CA VAL F 499 -41.16 66.73 37.47
C VAL F 499 -41.66 65.55 38.31
N VAL F 500 -41.77 64.38 37.70
CA VAL F 500 -42.23 63.19 38.44
C VAL F 500 -41.26 62.86 39.59
N ARG F 501 -39.96 62.96 39.33
CA ARG F 501 -38.90 62.77 40.32
C ARG F 501 -38.88 63.90 41.34
N GLU F 502 -39.41 65.08 40.99
CA GLU F 502 -39.60 66.14 41.97
C GLU F 502 -40.77 65.81 42.89
N PHE F 503 -41.71 64.98 42.41
CA PHE F 503 -42.56 64.25 43.35
C PHE F 503 -41.82 63.04 43.91
N LEU F 504 -42.59 62.10 44.48
CA LEU F 504 -42.13 60.80 45.00
C LEU F 504 -41.44 60.88 46.35
N THR F 505 -41.26 62.10 46.87
CA THR F 505 -40.85 62.27 48.25
C THR F 505 -42.05 62.50 49.18
N ARG F 506 -43.19 62.91 48.61
CA ARG F 506 -44.47 62.90 49.33
C ARG F 506 -45.15 61.54 49.27
N ASN F 507 -44.54 60.56 48.61
CA ASN F 507 -45.11 59.21 48.49
C ASN F 507 -44.09 58.16 48.91
N PRO F 508 -43.93 57.88 50.20
CA PRO F 508 -42.99 56.83 50.64
C PRO F 508 -43.36 55.42 50.21
N ALA F 509 -44.49 55.22 49.54
CA ALA F 509 -45.01 53.87 49.29
C ALA F 509 -44.25 53.16 48.17
N TRP F 510 -44.30 53.72 46.96
CA TRP F 510 -43.76 53.04 45.79
C TRP F 510 -42.34 53.48 45.47
N ARG F 511 -41.40 52.86 46.21
CA ARG F 511 -39.97 53.00 45.95
C ARG F 511 -39.39 51.81 45.20
N LYS F 512 -40.14 50.72 45.03
CA LYS F 512 -39.76 49.62 44.13
C LYS F 512 -40.25 49.89 42.72
N ALA F 513 -40.49 51.15 42.41
CA ALA F 513 -41.38 51.56 41.31
C ALA F 513 -40.93 51.00 39.97
N VAL F 514 -41.91 50.47 39.24
CA VAL F 514 -41.71 49.86 37.94
C VAL F 514 -42.05 50.88 36.86
N PHE F 515 -41.03 51.33 36.13
CA PHE F 515 -41.19 52.30 35.06
C PHE F 515 -41.81 51.60 33.86
N ILE F 516 -42.95 52.10 33.39
CA ILE F 516 -43.62 51.59 32.20
C ILE F 516 -43.88 52.76 31.25
N SER F 517 -43.33 52.67 30.04
CA SER F 517 -43.58 53.66 29.01
C SER F 517 -43.76 52.96 27.66
N PRO F 518 -44.61 53.49 26.79
CA PRO F 518 -44.73 52.94 25.44
C PRO F 518 -43.64 53.41 24.48
N TYR F 519 -42.76 54.31 24.93
CA TYR F 519 -41.68 54.82 24.11
C TYR F 519 -40.35 54.25 24.62
N ASN F 520 -39.56 53.73 23.68
CA ASN F 520 -38.37 52.95 23.99
C ASN F 520 -37.19 53.76 24.50
N SER F 521 -36.90 54.92 23.92
CA SER F 521 -35.73 55.69 24.35
C SER F 521 -35.90 56.19 25.79
N GLN F 522 -37.10 56.63 26.14
CA GLN F 522 -37.40 57.01 27.50
C GLN F 522 -37.31 55.80 28.44
N ASN F 523 -37.72 54.63 27.94
CA ASN F 523 -37.56 53.40 28.71
C ASN F 523 -36.09 53.13 29.01
N ALA F 524 -35.22 53.29 28.01
CA ALA F 524 -33.80 53.04 28.20
C ALA F 524 -33.14 54.06 29.13
N VAL F 525 -33.52 55.33 29.01
CA VAL F 525 -32.92 56.35 29.89
C VAL F 525 -33.63 56.47 31.23
N ALA F 526 -34.67 55.66 31.47
CA ALA F 526 -35.38 55.71 32.74
C ALA F 526 -34.53 55.30 33.94
N SER F 527 -33.84 54.16 33.84
CA SER F 527 -33.01 53.68 34.93
C SER F 527 -31.63 54.32 34.94
N LYS F 528 -31.46 55.45 34.24
CA LYS F 528 -30.21 56.18 34.17
C LYS F 528 -30.11 57.28 35.21
N ILE F 529 -31.03 58.24 35.20
CA ILE F 529 -30.97 59.33 36.16
C ILE F 529 -31.58 58.91 37.50
N LEU F 530 -32.49 57.94 37.49
CA LEU F 530 -33.13 57.46 38.70
C LEU F 530 -33.10 55.93 38.72
N GLY F 531 -32.80 55.36 39.89
CA GLY F 531 -32.60 53.94 40.01
C GLY F 531 -33.86 53.13 40.26
N LEU F 532 -34.81 53.21 39.33
CA LEU F 532 -36.03 52.44 39.42
C LEU F 532 -36.13 51.50 38.24
N PRO F 533 -36.47 50.23 38.44
CA PRO F 533 -36.51 49.26 37.33
C PRO F 533 -37.48 49.70 36.25
N THR F 534 -37.08 49.51 35.00
CA THR F 534 -37.85 49.98 33.85
C THR F 534 -38.21 48.82 32.92
N GLN F 535 -39.44 48.85 32.41
CA GLN F 535 -39.95 47.82 31.52
C GLN F 535 -40.90 48.46 30.52
N THR F 536 -40.77 48.08 29.25
CA THR F 536 -41.65 48.62 28.22
C THR F 536 -43.01 47.93 28.27
N VAL F 537 -43.90 48.35 27.37
CA VAL F 537 -45.23 47.74 27.29
C VAL F 537 -45.15 46.31 26.76
N ASP F 538 -44.03 45.93 26.13
CA ASP F 538 -43.86 44.57 25.62
C ASP F 538 -43.56 43.56 26.72
N SER F 539 -43.36 44.02 27.96
CA SER F 539 -43.17 43.13 29.09
C SER F 539 -44.48 42.73 29.75
N SER F 540 -45.60 43.14 29.18
CA SER F 540 -46.92 42.87 29.75
C SER F 540 -47.39 41.49 29.31
N GLN F 541 -48.68 41.21 29.55
CA GLN F 541 -49.33 39.95 29.14
C GLN F 541 -48.63 38.74 29.74
N GLY F 542 -48.68 38.66 31.07
CA GLY F 542 -48.13 37.52 31.76
C GLY F 542 -47.47 37.86 33.08
N SER F 543 -47.24 39.16 33.31
CA SER F 543 -46.62 39.64 34.53
C SER F 543 -47.54 40.65 35.20
N GLU F 544 -47.54 40.65 36.53
CA GLU F 544 -48.34 41.57 37.31
C GLU F 544 -47.50 42.19 38.41
N TYR F 545 -47.74 43.47 38.66
CA TYR F 545 -46.97 44.24 39.63
C TYR F 545 -47.93 44.96 40.57
N ASP F 546 -47.36 45.58 41.61
CA ASP F 546 -48.15 46.36 42.54
C ASP F 546 -47.98 47.86 42.39
N TYR F 547 -46.83 48.32 41.91
CA TYR F 547 -46.54 49.75 41.81
C TYR F 547 -45.97 50.01 40.43
N VAL F 548 -46.67 50.82 39.64
CA VAL F 548 -46.31 51.13 38.26
C VAL F 548 -46.20 52.65 38.12
N ILE F 549 -45.14 53.14 37.48
CA ILE F 549 -45.01 54.57 37.18
C ILE F 549 -45.04 54.71 35.66
N PHE F 550 -45.86 55.65 35.18
CA PHE F 550 -46.06 55.86 33.75
C PHE F 550 -45.66 57.28 33.39
N THR F 551 -44.81 57.42 32.38
CA THR F 551 -44.43 58.73 31.83
C THR F 551 -44.71 58.74 30.33
N GLN F 552 -45.67 59.55 29.92
CA GLN F 552 -46.05 59.66 28.51
C GLN F 552 -45.29 60.81 27.88
N THR F 553 -44.68 60.54 26.71
CA THR F 553 -43.85 61.55 26.05
C THR F 553 -44.68 62.42 25.10
N THR F 554 -45.48 61.80 24.24
CA THR F 554 -46.23 62.51 23.22
C THR F 554 -47.69 62.07 23.23
N GLU F 555 -48.54 62.93 22.66
CA GLU F 555 -49.95 62.64 22.45
C GLU F 555 -50.11 62.40 20.95
N THR F 556 -49.97 61.13 20.55
CA THR F 556 -50.06 60.76 19.15
C THR F 556 -50.85 59.48 18.98
N ALA F 557 -50.86 58.95 17.75
CA ALA F 557 -51.63 57.75 17.46
C ALA F 557 -51.10 56.56 18.24
N HIS F 558 -49.79 56.47 18.41
CA HIS F 558 -49.21 55.39 19.21
C HIS F 558 -49.61 55.51 20.67
N SER F 559 -49.82 56.74 21.14
CA SER F 559 -50.25 57.00 22.51
C SER F 559 -51.74 57.27 22.62
N CYS F 560 -52.53 57.02 21.56
CA CYS F 560 -53.98 57.18 21.63
C CYS F 560 -54.73 55.86 21.62
N ASN F 561 -54.13 54.78 21.13
CA ASN F 561 -54.81 53.50 21.04
C ASN F 561 -55.09 52.94 22.43
N VAL F 562 -56.33 52.47 22.65
CA VAL F 562 -56.82 52.21 23.99
C VAL F 562 -56.51 50.79 24.46
N ASN F 563 -56.43 49.83 23.52
CA ASN F 563 -56.00 48.48 23.85
C ASN F 563 -54.67 48.51 24.60
N ARG F 564 -53.89 49.55 24.40
CA ARG F 564 -52.47 49.42 24.66
C ARG F 564 -52.18 50.03 26.03
N PHE F 565 -52.94 51.08 26.37
CA PHE F 565 -53.14 51.43 27.77
C PHE F 565 -53.77 50.27 28.55
N ASN F 566 -54.71 49.55 27.92
CA ASN F 566 -55.36 48.43 28.60
C ASN F 566 -54.34 47.36 28.98
N VAL F 567 -53.38 47.08 28.09
CA VAL F 567 -52.35 46.10 28.43
C VAL F 567 -51.22 46.68 29.28
N ALA F 568 -51.08 48.00 29.33
CA ALA F 568 -50.01 48.61 30.12
C ALA F 568 -50.40 48.88 31.57
N ILE F 569 -51.58 49.47 31.80
CA ILE F 569 -51.95 49.94 33.12
C ILE F 569 -52.73 48.91 33.94
N THR F 570 -53.14 47.81 33.33
CA THR F 570 -53.75 46.73 34.10
C THR F 570 -52.74 46.00 34.97
N ARG F 571 -51.44 46.17 34.68
CA ARG F 571 -50.42 45.50 35.45
C ARG F 571 -50.39 45.99 36.90
N ALA F 572 -50.64 47.28 37.11
CA ALA F 572 -50.63 47.85 38.44
C ALA F 572 -51.75 47.27 39.29
N LYS F 573 -51.40 46.69 40.43
CA LYS F 573 -52.41 46.11 41.31
C LYS F 573 -52.97 47.13 42.27
N VAL F 574 -52.10 47.84 43.00
CA VAL F 574 -52.54 48.73 44.06
C VAL F 574 -52.12 50.17 43.84
N GLY F 575 -51.33 50.46 42.82
CA GLY F 575 -50.92 51.83 42.61
C GLY F 575 -50.27 52.12 41.28
N ILE F 576 -50.68 53.20 40.62
CA ILE F 576 -50.10 53.65 39.36
C ILE F 576 -50.01 55.18 39.37
N LEU F 577 -48.81 55.70 39.13
CA LEU F 577 -48.59 57.14 38.97
C LEU F 577 -48.48 57.42 37.48
N CYS F 578 -49.64 57.66 36.85
CA CYS F 578 -49.76 57.77 35.41
C CYS F 578 -49.59 59.24 35.04
N ILE F 579 -48.48 59.56 34.39
CA ILE F 579 -48.17 60.93 34.03
C ILE F 579 -48.23 61.06 32.51
N MET F 580 -49.10 61.94 32.04
CA MET F 580 -49.37 62.17 30.63
C MET F 580 -49.35 63.63 30.23
N SER F 581 -49.07 63.85 28.95
CA SER F 581 -49.21 65.18 28.37
C SER F 581 -50.47 65.28 27.50
N ASP F 582 -51.36 64.29 27.57
CA ASP F 582 -52.54 64.26 26.72
C ASP F 582 -53.76 64.74 27.50
N ARG F 583 -54.51 65.67 26.90
CA ARG F 583 -55.74 66.21 27.46
C ARG F 583 -56.95 65.31 27.23
N ASP F 584 -56.81 64.27 26.39
CA ASP F 584 -57.92 63.38 26.05
C ASP F 584 -57.94 62.09 26.86
N LEU F 585 -56.80 61.68 27.42
CA LEU F 585 -56.75 60.47 28.22
C LEU F 585 -57.35 60.67 29.61
N TYR F 586 -58.14 61.72 29.77
CA TYR F 586 -58.23 62.39 31.05
C TYR F 586 -59.49 62.01 31.81
N ASP F 587 -60.65 62.24 31.19
CA ASP F 587 -61.96 61.84 31.70
C ASP F 587 -62.28 60.38 31.43
N LYS F 588 -61.46 59.69 30.63
CA LYS F 588 -61.66 58.26 30.41
C LYS F 588 -61.48 57.47 31.70
N LEU F 589 -60.47 57.84 32.49
CA LEU F 589 -60.23 57.27 33.81
C LEU F 589 -60.14 58.46 34.77
N GLN F 590 -61.19 58.64 35.57
CA GLN F 590 -61.28 59.80 36.45
C GLN F 590 -60.42 59.58 37.69
N PHE F 591 -59.16 59.97 37.62
CA PHE F 591 -58.24 59.90 38.75
C PHE F 591 -58.32 61.21 39.53
N THR F 592 -57.44 61.36 40.52
CA THR F 592 -57.36 62.61 41.25
C THR F 592 -56.67 63.67 40.39
N SER F 593 -56.83 64.93 40.78
CA SER F 593 -56.31 66.04 39.99
C SER F 593 -54.96 66.55 40.47
N LEU F 594 -54.83 66.85 41.76
CA LEU F 594 -53.64 67.51 42.32
C LEU F 594 -53.32 68.81 41.59
N PHE G 7 66.74 43.26 -12.58
CA PHE G 7 67.34 44.42 -11.93
C PHE G 7 68.81 44.58 -12.33
N SER G 8 69.69 43.82 -11.69
CA SER G 8 71.12 43.89 -11.97
C SER G 8 71.47 43.31 -13.34
N SER G 9 70.59 42.52 -13.94
CA SER G 9 70.83 41.95 -15.26
C SER G 9 70.09 42.66 -16.37
N LEU G 10 69.31 43.70 -16.06
CA LEU G 10 68.49 44.36 -17.05
C LEU G 10 69.29 45.40 -17.83
N PRO G 11 68.89 45.68 -19.08
CA PRO G 11 69.60 46.72 -19.85
C PRO G 11 69.55 48.10 -19.23
N SER G 12 68.53 48.40 -18.43
CA SER G 12 68.49 49.67 -17.74
C SER G 12 69.64 49.79 -16.74
N TYR G 13 70.06 48.66 -16.15
CA TYR G 13 71.27 48.67 -15.34
C TYR G 13 72.49 49.01 -16.17
N ALA G 14 72.54 48.54 -17.42
CA ALA G 14 73.65 48.90 -18.30
C ALA G 14 73.63 50.39 -18.64
N ALA G 15 72.44 50.96 -18.82
CA ALA G 15 72.32 52.40 -19.04
C ALA G 15 72.80 53.17 -17.82
N PHE G 16 72.43 52.73 -16.62
CA PHE G 16 72.96 53.32 -15.40
C PHE G 16 74.48 53.20 -15.35
N ALA G 17 75.01 52.04 -15.73
CA ALA G 17 76.45 51.81 -15.65
C ALA G 17 77.21 52.75 -16.58
N THR G 18 76.74 52.91 -17.81
CA THR G 18 77.44 53.82 -18.71
C THR G 18 77.23 55.28 -18.30
N ALA G 19 76.07 55.61 -17.72
CA ALA G 19 75.87 56.97 -17.23
C ALA G 19 76.82 57.30 -16.09
N GLN G 20 76.97 56.39 -15.13
CA GLN G 20 77.87 56.65 -14.01
C GLN G 20 79.33 56.60 -14.45
N GLU G 21 79.65 55.76 -15.44
CA GLU G 21 81.00 55.76 -16.00
C GLU G 21 81.31 57.10 -16.65
N ALA G 22 80.36 57.65 -17.41
CA ALA G 22 80.56 58.96 -18.02
C ALA G 22 80.67 60.05 -16.95
N TYR G 23 79.87 59.95 -15.88
CA TYR G 23 79.92 60.95 -14.82
C TYR G 23 81.27 60.93 -14.11
N GLU G 24 81.80 59.73 -13.81
CA GLU G 24 83.13 59.64 -13.22
C GLU G 24 84.22 60.07 -14.18
N GLN G 25 84.03 59.82 -15.49
CA GLN G 25 84.98 60.32 -16.48
C GLN G 25 84.99 61.85 -16.52
N ALA G 26 83.83 62.48 -16.40
CA ALA G 26 83.78 63.94 -16.32
C ALA G 26 84.37 64.45 -15.01
N VAL G 27 84.21 63.70 -13.93
CA VAL G 27 84.88 64.06 -12.67
C VAL G 27 86.38 64.04 -12.85
N ALA G 28 86.90 63.00 -13.50
CA ALA G 28 88.33 62.93 -13.80
C ALA G 28 88.75 63.96 -14.84
N ASN G 29 87.82 64.49 -15.63
CA ASN G 29 88.14 65.45 -16.66
C ASN G 29 87.95 66.90 -16.21
N GLY G 30 87.04 67.15 -15.27
CA GLY G 30 86.82 68.50 -14.78
C GLY G 30 86.27 69.45 -15.83
N ASP G 31 85.24 69.02 -16.56
CA ASP G 31 84.68 69.82 -17.64
C ASP G 31 83.83 70.96 -17.06
N SER G 32 83.14 71.69 -17.95
CA SER G 32 82.39 72.87 -17.55
C SER G 32 81.15 72.47 -16.74
N GLU G 33 80.55 73.48 -16.10
CA GLU G 33 79.39 73.24 -15.25
C GLU G 33 78.18 72.78 -16.04
N VAL G 34 77.96 73.34 -17.23
CA VAL G 34 76.81 72.97 -18.04
C VAL G 34 76.92 71.52 -18.51
N VAL G 35 78.13 71.11 -18.92
CA VAL G 35 78.34 69.74 -19.39
C VAL G 35 78.09 68.74 -18.28
N LEU G 36 78.64 69.00 -17.09
CA LEU G 36 78.42 68.09 -15.97
C LEU G 36 76.98 68.12 -15.49
N LYS G 37 76.30 69.26 -15.62
CA LYS G 37 74.89 69.33 -15.26
C LYS G 37 74.03 68.49 -16.20
N LYS G 38 74.30 68.57 -17.51
CA LYS G 38 73.58 67.73 -18.47
C LYS G 38 73.88 66.25 -18.23
N LEU G 39 75.13 65.92 -17.92
CA LEU G 39 75.49 64.54 -17.65
C LEU G 39 74.84 64.03 -16.37
N LYS G 40 74.71 64.90 -15.37
CA LYS G 40 74.00 64.54 -14.15
C LYS G 40 72.52 64.35 -14.42
N LYS G 41 71.94 65.15 -15.31
CA LYS G 41 70.56 64.93 -15.72
C LYS G 41 70.38 63.57 -16.38
N SER G 42 71.32 63.21 -17.26
CA SER G 42 71.28 61.89 -17.88
C SER G 42 71.42 60.78 -16.85
N LEU G 43 72.32 60.96 -15.88
CA LEU G 43 72.50 59.95 -14.83
C LEU G 43 71.23 59.82 -13.98
N ASN G 44 70.56 60.93 -13.71
CA ASN G 44 69.35 60.90 -12.90
C ASN G 44 68.16 60.28 -13.63
N VAL G 45 68.02 60.53 -14.94
CA VAL G 45 66.96 59.84 -15.67
C VAL G 45 67.29 58.36 -15.81
N ALA G 46 68.58 58.01 -15.88
CA ALA G 46 68.97 56.60 -15.83
C ALA G 46 68.60 55.99 -14.49
N LYS G 47 68.77 56.75 -13.41
CA LYS G 47 68.34 56.28 -12.09
C LYS G 47 66.84 56.06 -12.05
N SER G 48 66.08 56.98 -12.64
CA SER G 48 64.62 56.82 -12.70
C SER G 48 64.25 55.54 -13.45
N GLU G 49 64.88 55.29 -14.60
CA GLU G 49 64.57 54.08 -15.37
C GLU G 49 64.97 52.80 -14.62
N PHE G 50 66.14 52.80 -14.00
CA PHE G 50 66.59 51.66 -13.21
C PHE G 50 65.60 51.37 -12.09
N ASP G 51 65.14 52.41 -11.41
CA ASP G 51 64.16 52.27 -10.35
C ASP G 51 62.80 51.82 -10.85
N ARG G 52 62.38 52.25 -12.05
CA ARG G 52 61.15 51.73 -12.64
C ARG G 52 61.25 50.22 -12.87
N ASP G 53 62.40 49.75 -13.36
CA ASP G 53 62.55 48.32 -13.63
C ASP G 53 62.68 47.49 -12.35
N ALA G 54 63.26 48.11 -11.31
CA ALA G 54 63.78 47.35 -10.18
C ALA G 54 62.68 46.68 -9.33
N ALA G 55 61.81 47.49 -8.73
CA ALA G 55 60.80 46.95 -7.81
C ALA G 55 59.84 46.05 -8.57
N MET G 56 59.59 46.36 -9.84
CA MET G 56 58.81 45.48 -10.69
C MET G 56 59.49 44.12 -10.84
N GLN G 57 60.82 44.11 -10.98
CA GLN G 57 61.54 42.83 -11.08
C GLN G 57 61.39 42.00 -9.80
N ARG G 58 61.58 42.62 -8.64
CA ARG G 58 61.35 41.84 -7.41
C ARG G 58 59.92 41.34 -7.23
N LYS G 59 58.93 42.19 -7.51
CA LYS G 59 57.56 41.73 -7.29
C LYS G 59 57.21 40.63 -8.29
N LEU G 60 57.81 40.68 -9.48
CA LEU G 60 57.65 39.58 -10.43
C LEU G 60 58.23 38.29 -9.90
N GLU G 61 59.47 38.32 -9.39
CA GLU G 61 60.04 37.06 -8.95
C GLU G 61 59.25 36.49 -7.77
N LYS G 62 58.76 37.35 -6.88
CA LYS G 62 57.92 36.89 -5.77
C LYS G 62 56.65 36.21 -6.27
N MET G 63 55.93 36.88 -7.18
CA MET G 63 54.70 36.30 -7.71
C MET G 63 54.98 34.99 -8.45
N ALA G 64 56.09 34.94 -9.18
CA ALA G 64 56.44 33.74 -9.94
C ALA G 64 56.68 32.55 -9.02
N ASP G 65 57.47 32.75 -7.95
CA ASP G 65 57.74 31.59 -7.09
C ASP G 65 56.50 31.23 -6.27
N GLN G 66 55.64 32.21 -5.97
CA GLN G 66 54.38 31.87 -5.30
C GLN G 66 53.52 30.99 -6.19
N ALA G 67 53.37 31.36 -7.47
CA ALA G 67 52.59 30.54 -8.39
C ALA G 67 53.22 29.17 -8.58
N MET G 68 54.54 29.11 -8.66
CA MET G 68 55.22 27.82 -8.83
C MET G 68 55.01 26.93 -7.61
N THR G 69 55.07 27.50 -6.40
CA THR G 69 54.81 26.71 -5.20
C THR G 69 53.39 26.18 -5.17
N GLN G 70 52.41 27.03 -5.53
CA GLN G 70 51.02 26.58 -5.56
C GLN G 70 50.82 25.45 -6.57
N MET G 71 51.43 25.59 -7.75
CA MET G 71 51.28 24.58 -8.80
C MET G 71 51.97 23.27 -8.41
N TYR G 72 53.13 23.37 -7.75
CA TYR G 72 53.83 22.20 -7.22
C TYR G 72 52.96 21.46 -6.21
N LYS G 73 52.35 22.21 -5.28
CA LYS G 73 51.48 21.59 -4.28
C LYS G 73 50.27 20.95 -4.92
N GLN G 74 49.70 21.60 -5.94
CA GLN G 74 48.55 21.02 -6.64
C GLN G 74 48.92 19.71 -7.33
N ALA G 75 50.10 19.66 -7.95
CA ALA G 75 50.55 18.42 -8.57
C ALA G 75 50.73 17.32 -7.54
N ARG G 76 51.31 17.65 -6.38
CA ARG G 76 51.49 16.66 -5.34
C ARG G 76 50.14 16.14 -4.83
N SER G 77 49.16 17.03 -4.66
CA SER G 77 47.83 16.60 -4.23
C SER G 77 47.18 15.70 -5.27
N GLU G 78 47.34 16.05 -6.54
CA GLU G 78 46.82 15.21 -7.62
C GLU G 78 47.45 13.82 -7.56
N ASP G 79 48.73 13.74 -7.23
CA ASP G 79 49.38 12.43 -7.08
C ASP G 79 48.80 11.66 -5.89
N LYS G 80 48.55 12.35 -4.78
CA LYS G 80 48.05 11.67 -3.59
C LYS G 80 46.63 11.13 -3.80
N ARG G 81 45.85 11.83 -4.63
CA ARG G 81 44.48 11.45 -4.92
C ARG G 81 44.41 10.05 -5.54
N ALA G 82 45.32 9.78 -6.47
CA ALA G 82 45.35 8.46 -7.09
C ALA G 82 45.67 7.35 -6.09
N LYS G 83 46.59 7.61 -5.16
CA LYS G 83 46.93 6.61 -4.16
C LYS G 83 45.75 6.32 -3.24
N VAL G 84 45.04 7.36 -2.79
CA VAL G 84 43.90 7.10 -1.92
C VAL G 84 42.78 6.41 -2.69
N THR G 85 42.62 6.73 -3.98
CA THR G 85 41.63 6.04 -4.79
C THR G 85 41.96 4.56 -4.92
N SER G 86 43.23 4.23 -5.17
CA SER G 86 43.62 2.84 -5.29
C SER G 86 43.40 2.09 -3.99
N ALA G 87 43.72 2.73 -2.86
CA ALA G 87 43.48 2.09 -1.56
C ALA G 87 42.00 1.81 -1.35
N MET G 88 41.14 2.77 -1.69
CA MET G 88 39.71 2.57 -1.54
C MET G 88 39.21 1.42 -2.43
N GLN G 89 39.68 1.37 -3.67
CA GLN G 89 39.24 0.30 -4.57
C GLN G 89 39.69 -1.07 -4.06
N THR G 90 40.93 -1.17 -3.59
CA THR G 90 41.40 -2.45 -3.06
C THR G 90 40.60 -2.87 -1.82
N MET G 91 40.30 -1.93 -0.92
CA MET G 91 39.49 -2.27 0.25
C MET G 91 38.12 -2.76 -0.16
N LEU G 92 37.46 -2.07 -1.09
CA LEU G 92 36.13 -2.48 -1.52
C LEU G 92 36.16 -3.86 -2.15
N PHE G 93 37.11 -4.12 -3.03
CA PHE G 93 37.13 -5.41 -3.72
C PHE G 93 37.52 -6.56 -2.80
N THR G 94 38.41 -6.31 -1.82
CA THR G 94 38.70 -7.35 -0.84
C THR G 94 37.47 -7.66 0.02
N MET G 95 36.74 -6.63 0.46
CA MET G 95 35.52 -6.93 1.21
C MET G 95 34.49 -7.65 0.36
N LEU G 96 34.49 -7.41 -0.95
CA LEU G 96 33.64 -8.20 -1.84
C LEU G 96 34.08 -9.65 -1.84
N ARG G 97 35.40 -9.89 -1.89
CA ARG G 97 35.92 -11.25 -1.83
C ARG G 97 35.60 -11.94 -0.51
N LYS G 98 35.36 -11.17 0.55
CA LYS G 98 34.99 -11.75 1.84
C LYS G 98 33.52 -12.15 1.93
N LEU G 99 32.70 -11.78 0.95
CA LEU G 99 31.26 -11.99 1.06
C LEU G 99 30.89 -13.47 0.89
N ASP G 100 29.88 -13.89 1.66
CA ASP G 100 29.30 -15.23 1.54
C ASP G 100 28.11 -15.14 0.59
N ASN G 101 28.36 -15.47 -0.68
CA ASN G 101 27.42 -15.12 -1.73
C ASN G 101 26.18 -16.01 -1.78
N ASP G 102 26.26 -17.27 -1.36
CA ASP G 102 25.12 -18.16 -1.52
C ASP G 102 23.95 -17.78 -0.61
N ALA G 103 24.21 -17.57 0.69
CA ALA G 103 23.14 -17.20 1.60
C ALA G 103 22.65 -15.79 1.34
N LEU G 104 23.57 -14.88 0.96
CA LEU G 104 23.17 -13.53 0.58
C LEU G 104 22.24 -13.55 -0.62
N ASN G 105 22.58 -14.34 -1.64
CA ASN G 105 21.72 -14.48 -2.79
C ASN G 105 20.37 -15.08 -2.42
N ASN G 106 20.37 -16.07 -1.51
CA ASN G 106 19.11 -16.66 -1.08
C ASN G 106 18.20 -15.62 -0.42
N ILE G 107 18.74 -14.88 0.54
CA ILE G 107 17.88 -13.93 1.27
C ILE G 107 17.52 -12.72 0.44
N ILE G 108 18.33 -12.35 -0.56
CA ILE G 108 17.94 -11.26 -1.44
C ILE G 108 16.89 -11.71 -2.46
N ASN G 109 17.03 -12.91 -3.02
CA ASN G 109 16.00 -13.44 -3.90
C ASN G 109 14.68 -13.68 -3.16
N ASN G 110 14.74 -13.97 -1.86
CA ASN G 110 13.51 -14.13 -1.10
C ASN G 110 12.77 -12.80 -0.93
N ALA G 111 13.48 -11.68 -1.06
CA ALA G 111 12.88 -10.37 -0.85
C ALA G 111 11.98 -9.97 -2.03
N ARG G 112 11.09 -9.02 -1.77
CA ARG G 112 10.17 -8.55 -2.79
C ARG G 112 10.81 -7.52 -3.70
N ASP G 113 11.21 -6.38 -3.13
CA ASP G 113 11.80 -5.31 -3.93
C ASP G 113 13.26 -5.57 -4.27
N GLY G 114 13.88 -6.55 -3.63
CA GLY G 114 15.32 -6.70 -3.65
C GLY G 114 16.04 -5.93 -2.57
N CYS G 115 15.30 -5.15 -1.79
CA CYS G 115 15.86 -4.40 -0.67
C CYS G 115 15.60 -5.14 0.63
N VAL G 116 16.66 -5.31 1.43
CA VAL G 116 16.54 -5.95 2.73
C VAL G 116 17.18 -5.03 3.77
N PRO G 117 16.73 -5.05 5.03
CA PRO G 117 17.39 -4.25 6.05
C PRO G 117 18.84 -4.70 6.24
N LEU G 118 19.70 -3.73 6.52
CA LEU G 118 21.11 -4.04 6.70
C LEU G 118 21.36 -4.82 7.98
N ASN G 119 20.55 -4.58 9.01
CA ASN G 119 20.77 -5.21 10.30
C ASN G 119 20.60 -6.72 10.28
N ILE G 120 19.98 -7.28 9.25
CA ILE G 120 19.74 -8.72 9.19
C ILE G 120 20.65 -9.43 8.20
N ILE G 121 21.54 -8.70 7.52
CA ILE G 121 22.50 -9.33 6.62
C ILE G 121 23.45 -10.21 7.43
N PRO G 122 24.09 -9.74 8.52
CA PRO G 122 24.91 -10.68 9.30
C PRO G 122 24.08 -11.67 10.08
N LEU G 123 22.84 -11.31 10.43
CA LEU G 123 22.00 -12.22 11.20
C LEU G 123 21.65 -13.47 10.42
N THR G 124 21.70 -13.42 9.09
CA THR G 124 21.31 -14.55 8.26
C THR G 124 22.39 -15.06 7.33
N THR G 125 23.48 -14.31 7.14
CA THR G 125 24.54 -14.75 6.23
C THR G 125 25.92 -14.88 6.84
N ALA G 126 26.20 -14.23 7.96
CA ALA G 126 27.53 -14.33 8.55
C ALA G 126 27.79 -15.75 9.03
N ALA G 127 28.96 -16.28 8.67
CA ALA G 127 29.33 -17.64 9.03
C ALA G 127 30.08 -17.72 10.35
N LYS G 128 30.63 -16.62 10.84
CA LYS G 128 31.37 -16.59 12.10
C LYS G 128 30.73 -15.56 13.01
N LEU G 129 30.59 -15.91 14.28
CA LEU G 129 29.92 -15.07 15.26
C LEU G 129 30.79 -14.95 16.50
N MET G 130 30.82 -13.75 17.09
CA MET G 130 31.61 -13.48 18.29
C MET G 130 30.68 -12.96 19.38
N VAL G 131 30.72 -13.60 20.54
CA VAL G 131 29.99 -13.13 21.72
C VAL G 131 31.01 -12.56 22.69
N VAL G 132 30.76 -11.35 23.17
CA VAL G 132 31.53 -10.75 24.26
C VAL G 132 30.74 -10.91 25.54
N ILE G 133 31.31 -11.59 26.52
CA ILE G 133 30.62 -11.99 27.73
C ILE G 133 31.27 -11.28 28.91
N PRO G 134 30.53 -10.46 29.67
CA PRO G 134 31.17 -9.66 30.72
C PRO G 134 31.46 -10.42 32.01
N ASP G 135 30.62 -11.40 32.36
CA ASP G 135 30.80 -12.13 33.61
C ASP G 135 30.35 -13.57 33.41
N TYR G 136 30.43 -14.37 34.48
CA TYR G 136 30.20 -15.80 34.36
C TYR G 136 28.73 -16.12 34.16
N ASN G 137 27.83 -15.35 34.80
CA ASN G 137 26.40 -15.63 34.69
C ASN G 137 25.91 -15.48 33.26
N THR G 138 26.40 -14.46 32.55
CA THR G 138 26.03 -14.28 31.15
C THR G 138 26.49 -15.45 30.30
N TYR G 139 27.71 -15.95 30.55
CA TYR G 139 28.18 -17.13 29.84
C TYR G 139 27.28 -18.33 30.11
N LYS G 140 26.99 -18.59 31.39
CA LYS G 140 26.13 -19.71 31.74
C LYS G 140 24.72 -19.57 31.17
N ASN G 141 24.31 -18.34 30.83
CA ASN G 141 22.99 -18.14 30.26
C ASN G 141 22.98 -18.12 28.73
N THR G 142 24.09 -17.88 28.05
CA THR G 142 24.03 -17.68 26.60
C THR G 142 24.83 -18.67 25.76
N CYS G 143 25.95 -19.20 26.25
CA CYS G 143 26.79 -20.05 25.39
C CYS G 143 27.33 -21.26 26.16
N ASP G 144 26.52 -21.80 27.08
CA ASP G 144 26.96 -22.94 27.86
C ASP G 144 27.19 -24.16 26.98
N GLY G 145 28.19 -24.96 27.34
CA GLY G 145 28.55 -26.11 26.55
C GLY G 145 29.42 -25.75 25.36
N THR G 146 29.42 -26.62 24.36
CA THR G 146 30.15 -26.39 23.13
C THR G 146 29.27 -25.92 21.98
N THR G 147 27.95 -26.02 22.09
CA THR G 147 27.03 -25.51 21.10
C THR G 147 25.96 -24.68 21.79
N PHE G 148 25.49 -23.64 21.11
CA PHE G 148 24.45 -22.77 21.63
C PHE G 148 23.58 -22.30 20.48
N THR G 149 22.49 -21.62 20.82
CA THR G 149 21.49 -21.20 19.83
C THR G 149 21.29 -19.70 19.94
N TYR G 150 21.69 -18.98 18.90
CA TYR G 150 21.41 -17.56 18.77
C TYR G 150 20.98 -17.28 17.34
N ALA G 151 20.03 -16.35 17.19
CA ALA G 151 19.53 -15.93 15.88
C ALA G 151 18.92 -17.10 15.10
N SER G 152 18.24 -18.00 15.83
CA SER G 152 17.55 -19.15 15.24
C SER G 152 18.50 -20.01 14.41
N ALA G 153 19.71 -20.23 14.94
CA ALA G 153 20.71 -21.06 14.29
C ALA G 153 21.47 -21.82 15.35
N LEU G 154 22.32 -22.75 14.92
CA LEU G 154 23.12 -23.57 15.81
C LEU G 154 24.59 -23.25 15.56
N TRP G 155 25.28 -22.79 16.59
CA TRP G 155 26.68 -22.39 16.49
C TRP G 155 27.55 -23.29 17.36
N GLU G 156 28.74 -23.62 16.85
CA GLU G 156 29.72 -24.42 17.57
C GLU G 156 30.90 -23.54 17.93
N ILE G 157 31.32 -23.62 19.19
CA ILE G 157 32.37 -22.75 19.70
C ILE G 157 33.72 -23.30 19.26
N GLN G 158 34.41 -22.57 18.38
CA GLN G 158 35.74 -22.98 17.95
C GLN G 158 36.85 -22.44 18.84
N GLN G 159 36.61 -21.36 19.57
CA GLN G 159 37.66 -20.72 20.34
C GLN G 159 37.05 -19.83 21.40
N VAL G 160 37.71 -19.77 22.55
CA VAL G 160 37.37 -18.85 23.64
C VAL G 160 38.62 -18.08 23.99
N VAL G 161 38.56 -16.75 23.92
CA VAL G 161 39.71 -15.91 24.17
C VAL G 161 39.31 -14.80 25.12
N ASP G 162 40.24 -14.37 25.96
CA ASP G 162 39.99 -13.37 26.99
C ASP G 162 40.35 -11.98 26.48
N ALA G 163 40.35 -11.00 27.38
CA ALA G 163 40.59 -9.61 27.00
C ALA G 163 42.05 -9.40 26.58
N ASP G 164 42.97 -10.22 27.07
CA ASP G 164 44.39 -10.08 26.75
C ASP G 164 44.80 -10.90 25.53
N SER G 165 43.84 -11.33 24.72
CA SER G 165 44.08 -12.15 23.54
C SER G 165 44.79 -13.45 23.87
N LYS G 166 44.48 -14.05 25.03
CA LYS G 166 45.03 -15.35 25.40
C LYS G 166 43.94 -16.41 25.33
N ILE G 167 44.31 -17.56 24.77
CA ILE G 167 43.33 -18.63 24.55
C ILE G 167 42.94 -19.24 25.90
N VAL G 168 41.64 -19.40 26.11
CA VAL G 168 41.10 -19.99 27.32
C VAL G 168 40.37 -21.26 26.94
N GLN G 169 40.77 -22.38 27.54
CA GLN G 169 40.10 -23.65 27.30
C GLN G 169 38.73 -23.64 27.96
N LEU G 170 37.78 -24.36 27.36
CA LEU G 170 36.40 -24.32 27.81
C LEU G 170 36.20 -24.94 29.20
N SER G 171 37.12 -25.79 29.65
CA SER G 171 37.01 -26.36 30.98
C SER G 171 37.55 -25.42 32.06
N GLU G 172 38.27 -24.36 31.68
CA GLU G 172 38.82 -23.41 32.64
C GLU G 172 37.76 -22.50 33.23
N ILE G 173 36.63 -22.31 32.55
CA ILE G 173 35.63 -21.32 32.93
C ILE G 173 34.60 -22.03 33.81
N SER G 174 34.79 -21.91 35.12
CA SER G 174 33.87 -22.47 36.10
C SER G 174 33.40 -21.37 37.04
N MET G 175 32.50 -21.74 37.96
CA MET G 175 32.02 -20.78 38.96
C MET G 175 33.14 -20.35 39.89
N ASP G 176 33.97 -21.29 40.33
CA ASP G 176 35.08 -21.00 41.24
C ASP G 176 36.30 -20.46 40.52
N ASN G 177 36.49 -20.81 39.24
CA ASN G 177 37.63 -20.36 38.46
C ASN G 177 37.36 -19.06 37.71
N SER G 178 36.16 -18.49 37.87
CA SER G 178 35.85 -17.22 37.24
C SER G 178 36.77 -16.07 37.64
N PRO G 179 37.13 -15.86 38.92
CA PRO G 179 37.99 -14.70 39.25
C PRO G 179 39.36 -14.75 38.60
N ASN G 180 39.85 -15.93 38.22
CA ASN G 180 41.18 -16.05 37.64
C ASN G 180 41.19 -15.78 36.14
N LEU G 181 40.04 -15.48 35.54
CA LEU G 181 39.95 -15.20 34.11
C LEU G 181 39.84 -13.71 33.87
N ALA G 182 40.51 -13.24 32.81
CA ALA G 182 40.52 -11.82 32.46
C ALA G 182 39.27 -11.53 31.63
N TRP G 183 38.18 -11.22 32.35
CA TRP G 183 36.94 -10.84 31.70
C TRP G 183 37.11 -9.48 31.01
N PRO G 184 36.37 -9.24 29.91
CA PRO G 184 35.38 -10.10 29.26
C PRO G 184 35.99 -11.21 28.42
N LEU G 185 35.18 -12.23 28.12
CA LEU G 185 35.58 -13.36 27.31
C LEU G 185 34.94 -13.25 25.94
N ILE G 186 35.75 -13.39 24.89
CA ILE G 186 35.29 -13.28 23.52
C ILE G 186 35.28 -14.69 22.94
N VAL G 187 34.12 -15.33 22.93
CA VAL G 187 34.00 -16.66 22.32
C VAL G 187 33.70 -16.48 20.84
N THR G 188 34.25 -17.38 20.03
CA THR G 188 34.11 -17.33 18.59
C THR G 188 33.42 -18.61 18.12
N ALA G 189 32.35 -18.47 17.36
CA ALA G 189 31.52 -19.59 16.95
C ALA G 189 31.27 -19.56 15.46
N LEU G 190 30.98 -20.73 14.90
CA LEU G 190 30.69 -20.88 13.48
C LEU G 190 29.31 -21.50 13.28
N ARG G 191 28.65 -21.09 12.20
CA ARG G 191 27.35 -21.64 11.87
C ARG G 191 27.46 -23.11 11.49
N ALA G 192 26.47 -23.90 11.92
CA ALA G 192 26.45 -25.33 11.63
C ALA G 192 25.22 -25.69 10.80
N ASP J 3 -32.58 12.86 54.78
CA ASP J 3 -31.72 12.27 55.80
C ASP J 3 -30.42 11.76 55.19
N ALA J 4 -29.38 11.64 56.02
CA ALA J 4 -28.09 11.19 55.56
C ALA J 4 -28.08 9.71 55.17
N GLN J 5 -29.02 8.92 55.68
CA GLN J 5 -29.11 7.50 55.37
C GLN J 5 -30.05 7.22 54.20
N SER J 6 -31.19 7.92 54.16
CA SER J 6 -32.09 7.77 53.03
C SER J 6 -31.43 8.22 51.73
N PHE J 7 -30.60 9.26 51.80
CA PHE J 7 -29.88 9.71 50.61
C PHE J 7 -28.93 8.64 50.11
N LEU J 8 -28.20 7.98 51.02
CA LEU J 8 -27.30 6.92 50.61
C LEU J 8 -28.06 5.72 50.06
N ASN J 9 -29.17 5.37 50.70
CA ASN J 9 -30.01 4.28 50.21
C ASN J 9 -30.62 4.57 48.85
N ARG J 10 -30.87 5.84 48.54
CA ARG J 10 -31.30 6.20 47.19
C ARG J 10 -30.15 6.16 46.21
N VAL J 11 -28.95 6.56 46.63
CA VAL J 11 -27.77 6.48 45.75
C VAL J 11 -27.50 5.02 45.38
N CYS J 12 -27.87 4.10 46.27
CA CYS J 12 -27.82 2.68 45.95
C CYS J 12 -28.61 2.36 44.68
N GLY J 13 -29.92 2.62 44.70
CA GLY J 13 -30.76 2.31 43.56
C GLY J 13 -30.87 0.82 43.33
N VAL J 14 -31.08 0.46 42.06
CA VAL J 14 -31.21 -0.95 41.71
C VAL J 14 -29.87 -1.67 41.83
N SER J 15 -28.77 -0.97 41.58
CA SER J 15 -27.45 -1.56 41.63
C SER J 15 -27.11 -1.92 43.08
N ALA J 16 -27.05 -3.22 43.35
CA ALA J 16 -26.83 -3.71 44.71
C ALA J 16 -25.35 -3.52 45.09
N ALA J 17 -25.09 -2.58 45.99
CA ALA J 17 -23.75 -2.33 46.49
C ALA J 17 -23.85 -1.70 47.88
N ARG J 18 -22.72 -1.63 48.56
CA ARG J 18 -22.63 -0.95 49.84
C ARG J 18 -21.72 0.26 49.69
N LEU J 19 -22.06 1.36 50.35
CA LEU J 19 -21.38 2.63 50.15
C LEU J 19 -20.93 3.22 51.49
N THR J 20 -19.70 3.74 51.50
CA THR J 20 -19.12 4.44 52.64
C THR J 20 -18.95 5.91 52.28
N PRO J 21 -19.59 6.82 53.02
CA PRO J 21 -19.61 8.24 52.61
C PRO J 21 -18.25 8.90 52.79
N CYS J 22 -17.71 9.45 51.69
CA CYS J 22 -16.54 10.31 51.81
C CYS J 22 -16.90 11.72 52.23
N GLY J 23 -18.17 12.07 52.18
CA GLY J 23 -18.64 13.36 52.67
C GLY J 23 -19.05 13.27 54.12
N THR J 24 -20.00 14.13 54.50
CA THR J 24 -20.47 14.17 55.88
C THR J 24 -21.91 14.68 55.90
N GLY J 25 -22.84 13.74 56.03
CA GLY J 25 -24.25 14.08 56.14
C GLY J 25 -24.81 14.71 54.89
N THR J 26 -24.89 13.91 53.82
CA THR J 26 -25.34 14.30 52.47
C THR J 26 -24.88 15.72 52.10
N SER J 27 -23.58 15.95 52.28
CA SER J 27 -22.97 17.24 51.97
C SER J 27 -21.87 17.03 50.95
N THR J 28 -21.57 18.08 50.21
CA THR J 28 -20.58 18.00 49.14
C THR J 28 -19.18 17.84 49.72
N ASP J 29 -18.44 16.87 49.20
CA ASP J 29 -17.06 16.65 49.59
C ASP J 29 -16.15 17.44 48.66
N VAL J 30 -15.23 18.20 49.25
CA VAL J 30 -14.33 19.07 48.50
C VAL J 30 -13.04 18.30 48.23
N VAL J 31 -12.70 18.12 46.96
CA VAL J 31 -11.45 17.49 46.56
C VAL J 31 -10.70 18.45 45.66
N TYR J 32 -9.47 18.08 45.32
CA TYR J 32 -8.49 18.96 44.69
C TYR J 32 -7.94 18.24 43.46
N ARG J 33 -8.63 18.38 42.33
CA ARG J 33 -8.40 17.61 41.12
C ARG J 33 -7.67 18.44 40.06
N ALA J 34 -7.52 17.86 38.87
CA ALA J 34 -6.58 18.35 37.88
C ALA J 34 -7.28 18.65 36.55
N PHE J 35 -8.32 19.46 36.59
CA PHE J 35 -9.16 19.75 35.43
C PHE J 35 -8.37 20.18 34.21
N ASP J 36 -8.91 19.86 33.04
CA ASP J 36 -8.59 20.52 31.77
C ASP J 36 -9.83 21.34 31.41
N ILE J 37 -9.77 22.64 31.66
CA ILE J 37 -10.92 23.51 31.51
C ILE J 37 -10.59 24.62 30.52
N TYR J 38 -11.54 24.94 29.66
CA TYR J 38 -11.39 26.07 28.75
C TYR J 38 -12.75 26.74 28.59
N ASN J 39 -12.88 27.94 29.16
CA ASN J 39 -14.02 28.81 28.87
C ASN J 39 -13.47 30.23 28.79
N ASP J 40 -14.37 31.22 28.79
CA ASP J 40 -13.96 32.56 28.41
C ASP J 40 -13.27 33.31 29.54
N LYS J 41 -13.19 32.72 30.74
CA LYS J 41 -12.64 33.43 31.88
C LYS J 41 -11.45 32.73 32.53
N VAL J 42 -11.38 31.40 32.42
CA VAL J 42 -10.20 30.65 32.85
C VAL J 42 -9.89 29.61 31.78
N ALA J 43 -8.60 29.35 31.58
CA ALA J 43 -8.15 28.39 30.60
C ALA J 43 -6.87 27.72 31.06
N GLY J 44 -6.57 26.58 30.46
CA GLY J 44 -5.34 25.85 30.73
C GLY J 44 -5.59 24.53 31.43
N PHE J 45 -4.50 23.79 31.60
CA PHE J 45 -4.51 22.48 32.25
C PHE J 45 -3.92 22.67 33.64
N ALA J 46 -4.78 23.02 34.59
CA ALA J 46 -4.35 23.36 35.94
C ALA J 46 -5.07 22.49 36.95
N LYS J 47 -4.54 22.47 38.17
CA LYS J 47 -5.06 21.65 39.26
C LYS J 47 -6.02 22.52 40.08
N PHE J 48 -7.32 22.24 39.94
CA PHE J 48 -8.37 23.06 40.52
C PHE J 48 -8.94 22.39 41.78
N LEU J 49 -10.03 22.97 42.29
CA LEU J 49 -10.69 22.52 43.51
C LEU J 49 -12.19 22.49 43.24
N LYS J 50 -12.76 21.30 43.12
CA LYS J 50 -14.16 21.14 42.74
C LYS J 50 -15.03 20.91 43.98
N THR J 51 -16.17 21.58 44.01
CA THR J 51 -17.07 21.55 45.17
C THR J 51 -18.51 21.31 44.72
N ASN J 52 -18.72 20.32 43.85
CA ASN J 52 -20.06 20.04 43.36
C ASN J 52 -20.34 18.55 43.26
N CYS J 53 -19.61 17.73 44.03
CA CYS J 53 -19.74 16.28 43.91
C CYS J 53 -19.62 15.65 45.30
N CYS J 54 -20.72 15.10 45.79
CA CYS J 54 -20.63 14.21 46.95
C CYS J 54 -20.12 12.85 46.49
N ARG J 55 -19.16 12.30 47.23
CA ARG J 55 -18.49 11.06 46.85
C ARG J 55 -18.78 9.97 47.87
N PHE J 56 -19.12 8.78 47.38
CA PHE J 56 -19.32 7.60 48.21
C PHE J 56 -18.48 6.46 47.64
N GLN J 57 -17.72 5.79 48.52
CA GLN J 57 -16.82 4.74 48.10
C GLN J 57 -17.48 3.39 48.32
N GLU J 58 -17.51 2.56 47.26
CA GLU J 58 -18.12 1.25 47.37
C GLU J 58 -17.14 0.28 48.04
N LYS J 59 -17.67 -0.50 48.98
CA LYS J 59 -16.91 -1.52 49.69
C LYS J 59 -17.47 -2.89 49.34
N ASP J 60 -16.59 -3.79 48.92
CA ASP J 60 -17.02 -5.12 48.48
C ASP J 60 -17.09 -6.06 49.68
N GLU J 61 -17.08 -7.36 49.41
CA GLU J 61 -16.98 -8.35 50.47
C GLU J 61 -15.71 -8.11 51.27
N ASP J 62 -15.82 -8.27 52.60
CA ASP J 62 -14.82 -8.08 53.66
C ASP J 62 -14.69 -6.62 54.12
N ASP J 63 -15.66 -5.75 53.81
CA ASP J 63 -15.66 -4.35 54.23
C ASP J 63 -14.43 -3.60 53.70
N ASN J 64 -13.73 -4.16 52.71
CA ASN J 64 -12.56 -3.52 52.13
C ASN J 64 -12.97 -2.45 51.12
N LEU J 65 -12.46 -1.23 51.34
CA LEU J 65 -12.76 -0.10 50.46
C LEU J 65 -11.96 -0.24 49.16
N ILE J 66 -12.69 -0.36 48.05
CA ILE J 66 -12.02 -0.64 46.79
C ILE J 66 -12.07 0.61 45.92
N ASP J 67 -11.40 0.55 44.76
CA ASP J 67 -11.31 1.69 43.84
C ASP J 67 -12.52 1.69 42.93
N SER J 68 -13.66 2.05 43.52
CA SER J 68 -14.91 2.18 42.78
C SER J 68 -15.81 3.11 43.59
N TYR J 69 -16.12 4.27 43.04
CA TYR J 69 -16.80 5.34 43.75
C TYR J 69 -18.16 5.62 43.11
N PHE J 70 -18.97 6.42 43.81
CA PHE J 70 -20.30 6.82 43.36
C PHE J 70 -20.38 8.35 43.46
N VAL J 71 -20.19 9.02 42.34
CA VAL J 71 -20.24 10.47 42.30
C VAL J 71 -21.67 10.90 41.96
N VAL J 72 -22.24 11.76 42.80
CA VAL J 72 -23.66 12.11 42.73
C VAL J 72 -23.87 13.60 42.48
N LYS J 73 -22.96 14.21 41.70
CA LYS J 73 -22.96 15.62 41.32
C LYS J 73 -24.34 16.20 41.14
N ARG J 74 -24.58 17.36 41.75
CA ARG J 74 -25.86 18.05 41.72
C ARG J 74 -25.68 19.42 41.08
N HIS J 75 -26.61 19.79 40.20
CA HIS J 75 -26.57 21.10 39.58
C HIS J 75 -28.01 21.45 39.22
N THR J 76 -28.21 22.48 38.39
CA THR J 76 -29.54 23.02 38.13
C THR J 76 -30.42 22.01 37.38
N PHE J 77 -31.70 22.37 37.27
CA PHE J 77 -32.71 21.49 36.69
C PHE J 77 -32.48 21.31 35.18
N SER J 78 -32.24 22.40 34.44
CA SER J 78 -32.12 22.23 33.00
C SER J 78 -30.83 21.51 32.62
N ASN J 79 -29.78 21.65 33.42
CA ASN J 79 -28.60 20.84 33.16
C ASN J 79 -28.89 19.36 33.37
N TYR J 80 -29.66 19.02 34.41
CA TYR J 80 -30.12 17.65 34.61
C TYR J 80 -30.91 17.14 33.42
N GLN J 81 -31.81 17.97 32.91
CA GLN J 81 -32.58 17.68 31.71
C GLN J 81 -31.66 17.35 30.54
N HIS J 82 -30.79 18.29 30.17
CA HIS J 82 -29.94 18.09 28.99
C HIS J 82 -29.03 16.89 29.17
N GLU J 83 -28.51 16.67 30.37
CA GLU J 83 -27.62 15.54 30.59
C GLU J 83 -28.35 14.22 30.55
N GLU J 84 -29.62 14.18 31.02
CA GLU J 84 -30.41 12.95 30.81
C GLU J 84 -30.63 12.67 29.34
N THR J 85 -30.99 13.70 28.57
CA THR J 85 -31.20 13.48 27.14
C THR J 85 -29.93 12.98 26.45
N ILE J 86 -28.79 13.60 26.73
CA ILE J 86 -27.55 13.18 26.08
C ILE J 86 -27.13 11.78 26.54
N TYR J 87 -27.33 11.46 27.82
CA TYR J 87 -27.02 10.12 28.30
C TYR J 87 -27.92 9.08 27.66
N ASN J 88 -29.19 9.42 27.46
CA ASN J 88 -30.11 8.51 26.77
C ASN J 88 -29.68 8.29 25.32
N LEU J 89 -29.20 9.34 24.67
CA LEU J 89 -28.67 9.17 23.32
C LEU J 89 -27.39 8.32 23.32
N LEU J 90 -26.59 8.41 24.38
CA LEU J 90 -25.31 7.74 24.45
C LEU J 90 -25.31 6.57 25.43
N LYS J 91 -26.47 5.99 25.72
CA LYS J 91 -26.56 4.96 26.75
C LYS J 91 -25.98 3.64 26.27
N ASP J 92 -26.21 3.28 25.01
CA ASP J 92 -25.86 1.95 24.51
C ASP J 92 -24.36 1.71 24.41
N CYS J 93 -23.54 2.76 24.39
CA CYS J 93 -22.10 2.58 24.30
C CYS J 93 -21.55 1.96 25.58
N PRO J 94 -20.73 0.91 25.47
CA PRO J 94 -20.10 0.33 26.65
C PRO J 94 -19.08 1.24 27.32
N ALA J 95 -18.53 2.21 26.60
CA ALA J 95 -17.56 3.14 27.18
C ALA J 95 -18.25 4.39 27.71
N VAL J 96 -19.30 4.21 28.50
CA VAL J 96 -20.02 5.29 29.16
C VAL J 96 -20.33 4.84 30.56
N ALA J 97 -19.98 5.66 31.55
CA ALA J 97 -20.27 5.32 32.94
C ALA J 97 -21.77 5.25 33.16
N LYS J 98 -22.19 4.22 33.90
CA LYS J 98 -23.62 4.00 34.14
C LYS J 98 -24.16 5.09 35.03
N HIS J 99 -24.94 6.01 34.45
CA HIS J 99 -25.50 7.11 35.21
C HIS J 99 -26.78 6.68 35.93
N ASP J 100 -27.24 7.55 36.82
CA ASP J 100 -28.50 7.34 37.53
C ASP J 100 -29.07 8.71 37.86
N PHE J 101 -30.25 9.00 37.32
CA PHE J 101 -30.89 10.30 37.46
C PHE J 101 -32.04 10.21 38.45
N PHE J 102 -32.03 11.07 39.45
CA PHE J 102 -33.08 11.08 40.46
C PHE J 102 -33.16 12.45 41.11
N LYS J 103 -34.37 12.80 41.56
CA LYS J 103 -34.59 14.03 42.32
C LYS J 103 -34.85 13.66 43.77
N PHE J 104 -34.24 14.41 44.69
CA PHE J 104 -34.29 14.07 46.11
C PHE J 104 -34.64 15.28 46.95
N ARG J 105 -35.19 15.01 48.14
CA ARG J 105 -35.60 16.06 49.08
C ARG J 105 -34.44 16.38 50.01
N ILE J 106 -34.11 17.66 50.16
CA ILE J 106 -33.04 18.10 51.04
C ILE J 106 -33.57 18.91 52.22
N ASP J 107 -34.27 20.01 51.94
CA ASP J 107 -34.86 20.83 53.00
C ASP J 107 -36.38 20.84 52.95
N GLY J 108 -36.97 21.36 51.89
CA GLY J 108 -38.39 21.25 51.63
C GLY J 108 -38.60 21.23 50.12
N ASP J 109 -37.48 21.16 49.41
CA ASP J 109 -37.39 21.48 47.99
C ASP J 109 -36.59 20.40 47.30
N MET J 110 -36.92 20.16 46.03
CA MET J 110 -36.40 19.02 45.27
C MET J 110 -35.16 19.46 44.51
N VAL J 111 -34.02 18.88 44.89
CA VAL J 111 -32.76 19.12 44.18
C VAL J 111 -32.47 17.92 43.29
N PRO J 112 -32.18 18.11 42.02
CA PRO J 112 -31.85 16.97 41.15
C PRO J 112 -30.39 16.55 41.26
N HIS J 113 -30.15 15.26 41.51
CA HIS J 113 -28.80 14.72 41.61
C HIS J 113 -28.58 13.69 40.52
N ILE J 114 -27.48 13.82 39.81
CA ILE J 114 -27.08 12.85 38.80
C ILE J 114 -26.00 11.95 39.40
N SER J 115 -26.25 10.65 39.41
CA SER J 115 -25.40 9.72 40.14
C SER J 115 -24.60 8.90 39.12
N ARG J 116 -23.30 9.14 39.09
CA ARG J 116 -22.40 8.31 38.30
C ARG J 116 -21.91 7.14 39.15
N GLN J 117 -21.91 5.95 38.56
CA GLN J 117 -21.73 4.72 39.30
C GLN J 117 -20.41 4.06 38.91
N ARG J 118 -19.65 3.64 39.94
CA ARG J 118 -18.46 2.81 39.78
C ARG J 118 -17.39 3.52 38.93
N LEU J 119 -16.93 4.65 39.44
CA LEU J 119 -15.79 5.35 38.87
C LEU J 119 -14.56 5.16 39.75
N THR J 120 -13.39 5.32 39.14
CA THR J 120 -12.15 5.30 39.90
C THR J 120 -12.01 6.59 40.70
N LYS J 121 -11.09 6.58 41.66
CA LYS J 121 -10.87 7.75 42.49
C LYS J 121 -10.33 8.92 41.67
N TYR J 122 -9.38 8.64 40.79
CA TYR J 122 -8.79 9.65 39.92
C TYR J 122 -9.26 9.47 38.50
N THR J 123 -8.87 10.40 37.64
CA THR J 123 -9.25 10.40 36.25
C THR J 123 -8.00 10.33 35.37
N MET J 124 -8.22 10.38 34.06
CA MET J 124 -7.12 10.48 33.11
C MET J 124 -6.31 11.76 33.33
N ALA J 125 -6.99 12.89 33.55
CA ALA J 125 -6.29 14.15 33.75
C ALA J 125 -5.41 14.13 34.99
N ASP J 126 -5.84 13.44 36.05
CA ASP J 126 -5.01 13.37 37.24
C ASP J 126 -3.69 12.66 36.97
N LEU J 127 -3.74 11.52 36.26
CA LEU J 127 -2.52 10.82 35.92
C LEU J 127 -1.64 11.65 34.99
N VAL J 128 -2.25 12.29 33.98
CA VAL J 128 -1.48 13.11 33.06
C VAL J 128 -0.81 14.27 33.77
N TYR J 129 -1.53 14.94 34.66
CA TYR J 129 -0.95 16.05 35.41
C TYR J 129 0.13 15.58 36.38
N ALA J 130 -0.05 14.41 36.98
CA ALA J 130 0.98 13.89 37.89
C ALA J 130 2.26 13.53 37.17
N LEU J 131 2.16 12.92 35.98
CA LEU J 131 3.36 12.58 35.23
C LEU J 131 3.88 13.72 34.36
N ARG J 132 3.14 14.82 34.25
CA ARG J 132 3.56 15.94 33.41
C ARG J 132 3.99 17.15 34.20
N HIS J 133 3.53 17.28 35.45
CA HIS J 133 3.94 18.36 36.34
C HIS J 133 4.57 17.78 37.59
N PHE J 134 5.48 16.83 37.40
CA PHE J 134 6.04 16.06 38.50
C PHE J 134 6.80 16.95 39.49
N ASP J 135 6.68 16.59 40.77
CA ASP J 135 7.42 17.26 41.83
C ASP J 135 7.79 16.20 42.86
N GLU J 136 9.09 15.94 43.02
CA GLU J 136 9.53 14.85 43.88
C GLU J 136 9.22 15.10 45.35
N GLY J 137 9.01 16.35 45.75
CA GLY J 137 8.71 16.64 47.14
C GLY J 137 7.24 16.48 47.47
N ASN J 138 6.37 16.79 46.50
CA ASN J 138 4.92 16.72 46.69
C ASN J 138 4.34 15.93 45.51
N CYS J 139 4.33 14.60 45.63
CA CYS J 139 3.69 13.71 44.67
C CYS J 139 2.96 12.62 45.44
N ASP J 140 1.71 12.89 45.78
CA ASP J 140 0.87 11.94 46.49
C ASP J 140 -0.25 11.38 45.63
N THR J 141 -0.58 12.05 44.52
CA THR J 141 -1.58 11.56 43.58
C THR J 141 -0.96 10.64 42.54
N LEU J 142 0.36 10.54 42.50
CA LEU J 142 1.06 9.57 41.66
C LEU J 142 1.39 8.30 42.42
N LYS J 143 1.83 8.41 43.67
CA LYS J 143 2.07 7.23 44.49
C LYS J 143 0.78 6.45 44.70
N GLU J 144 -0.32 7.15 44.95
CA GLU J 144 -1.60 6.47 45.17
C GLU J 144 -2.07 5.75 43.92
N ILE J 145 -1.91 6.37 42.76
CA ILE J 145 -2.27 5.72 41.51
C ILE J 145 -1.39 4.49 41.26
N LEU J 146 -0.08 4.63 41.51
CA LEU J 146 0.82 3.50 41.32
C LEU J 146 0.54 2.35 42.27
N VAL J 147 0.06 2.64 43.47
CA VAL J 147 -0.23 1.59 44.44
C VAL J 147 -1.58 0.93 44.17
N THR J 148 -2.62 1.74 43.92
CA THR J 148 -3.98 1.22 43.81
C THR J 148 -4.19 0.35 42.58
N TYR J 149 -3.26 0.35 41.62
CA TYR J 149 -3.36 -0.51 40.44
C TYR J 149 -2.22 -1.53 40.38
N ASN J 150 -1.58 -1.79 41.51
CA ASN J 150 -0.60 -2.87 41.66
C ASN J 150 0.60 -2.68 40.74
N CYS J 151 0.94 -1.43 40.41
CA CYS J 151 2.16 -1.18 39.66
C CYS J 151 3.39 -1.32 40.56
N CYS J 152 3.22 -1.07 41.86
CA CYS J 152 4.31 -1.19 42.82
C CYS J 152 3.75 -1.83 44.09
N ASP J 153 4.50 -1.76 45.18
CA ASP J 153 4.13 -2.42 46.42
C ASP J 153 4.03 -1.47 47.61
N ASP J 154 4.14 -0.16 47.39
CA ASP J 154 4.05 0.89 48.41
C ASP J 154 5.29 0.90 49.31
N ASP J 155 6.15 -0.11 49.18
CA ASP J 155 7.48 -0.07 49.75
C ASP J 155 8.52 0.36 48.73
N TYR J 156 8.12 0.48 47.46
CA TYR J 156 9.02 1.01 46.43
C TYR J 156 9.31 2.48 46.66
N PHE J 157 8.41 3.19 47.35
CA PHE J 157 8.59 4.61 47.63
C PHE J 157 9.48 4.87 48.83
N ASN J 158 9.90 3.82 49.54
CA ASN J 158 10.89 3.96 50.59
C ASN J 158 12.31 3.94 50.03
N LYS J 159 12.45 3.77 48.71
CA LYS J 159 13.76 3.59 48.10
C LYS J 159 14.55 4.90 48.14
N LYS J 160 15.88 4.75 48.04
CA LYS J 160 16.79 5.89 47.93
C LYS J 160 16.36 6.87 46.85
N ASP J 161 16.08 6.36 45.64
CA ASP J 161 15.59 7.16 44.51
C ASP J 161 14.59 6.33 43.74
N TRP J 162 13.31 6.53 44.02
CA TRP J 162 12.27 5.77 43.33
C TRP J 162 11.81 6.44 42.04
N TYR J 163 12.15 7.71 41.81
CA TYR J 163 11.66 8.45 40.66
C TYR J 163 12.72 8.72 39.60
N ASP J 164 13.99 8.70 39.96
CA ASP J 164 15.04 9.08 39.03
C ASP J 164 15.20 8.04 37.93
N PHE J 165 15.37 8.51 36.69
CA PHE J 165 15.56 7.61 35.57
C PHE J 165 16.99 7.12 35.41
N VAL J 166 17.95 7.74 36.10
CA VAL J 166 19.34 7.35 35.98
C VAL J 166 19.87 6.61 37.20
N GLU J 167 19.27 6.78 38.37
CA GLU J 167 19.57 5.94 39.52
C GLU J 167 18.56 4.82 39.71
N ASN J 168 17.52 4.75 38.88
CA ASN J 168 16.54 3.68 39.00
C ASN J 168 15.86 3.42 37.66
N PRO J 169 16.49 2.64 36.77
CA PRO J 169 15.81 2.27 35.53
C PRO J 169 14.58 1.40 35.74
N ASP J 170 14.43 0.81 36.93
CA ASP J 170 13.26 -0.01 37.22
C ASP J 170 11.99 0.82 37.33
N ILE J 171 12.10 2.14 37.45
CA ILE J 171 10.90 2.97 37.43
C ILE J 171 10.23 2.90 36.06
N LEU J 172 11.00 2.59 35.01
CA LEU J 172 10.39 2.36 33.71
C LEU J 172 9.52 1.12 33.72
N ARG J 173 10.00 0.03 34.33
CA ARG J 173 9.18 -1.16 34.48
C ARG J 173 7.96 -0.88 35.35
N VAL J 174 8.12 -0.05 36.38
CA VAL J 174 6.98 0.32 37.23
C VAL J 174 5.94 1.08 36.42
N TYR J 175 6.39 2.05 35.61
CA TYR J 175 5.46 2.85 34.81
C TYR J 175 4.81 2.03 33.71
N ALA J 176 5.51 1.02 33.21
CA ALA J 176 4.97 0.19 32.13
C ALA J 176 3.76 -0.61 32.56
N ASN J 177 3.53 -0.78 33.86
CA ASN J 177 2.35 -1.47 34.35
C ASN J 177 1.06 -0.69 34.13
N LEU J 178 1.16 0.60 33.83
CA LEU J 178 -0.01 1.40 33.46
C LEU J 178 -0.28 1.39 31.96
N GLY J 179 0.54 0.68 31.19
CA GLY J 179 0.35 0.67 29.75
C GLY J 179 -0.97 0.05 29.33
N GLU J 180 -1.32 -1.08 29.94
CA GLU J 180 -2.57 -1.72 29.63
C GLU J 180 -3.77 -1.02 30.25
N ARG J 181 -3.57 -0.15 31.22
CA ARG J 181 -4.66 0.68 31.71
C ARG J 181 -4.87 1.91 30.85
N VAL J 182 -3.82 2.38 30.17
CA VAL J 182 -3.96 3.53 29.29
C VAL J 182 -4.45 3.09 27.91
N ARG J 183 -4.01 1.93 27.43
CA ARG J 183 -4.43 1.46 26.11
C ARG J 183 -5.93 1.17 26.07
N GLN J 184 -6.46 0.55 27.13
CA GLN J 184 -7.90 0.32 27.18
C GLN J 184 -8.66 1.64 27.27
N ALA J 185 -8.08 2.63 27.95
CA ALA J 185 -8.70 3.96 27.97
C ALA J 185 -8.75 4.56 26.58
N LEU J 186 -7.67 4.39 25.81
CA LEU J 186 -7.66 4.88 24.43
C LEU J 186 -8.72 4.18 23.58
N LEU J 187 -8.83 2.86 23.73
CA LEU J 187 -9.83 2.11 22.97
C LEU J 187 -11.24 2.54 23.34
N LYS J 188 -11.49 2.76 24.63
CA LYS J 188 -12.80 3.24 25.06
C LYS J 188 -13.07 4.65 24.58
N THR J 189 -12.02 5.47 24.45
CA THR J 189 -12.18 6.79 23.86
C THR J 189 -12.61 6.68 22.41
N VAL J 190 -11.99 5.76 21.66
CA VAL J 190 -12.41 5.53 20.28
C VAL J 190 -13.85 5.06 20.21
N GLN J 191 -14.25 4.13 21.07
CA GLN J 191 -15.64 3.67 21.09
C GLN J 191 -16.62 4.79 21.43
N PHE J 192 -16.28 5.62 22.41
CA PHE J 192 -17.13 6.75 22.77
C PHE J 192 -17.23 7.77 21.64
N CYS J 193 -16.11 8.01 20.94
CA CYS J 193 -16.15 8.91 19.79
C CYS J 193 -17.02 8.35 18.68
N ASP J 194 -16.94 7.03 18.44
CA ASP J 194 -17.80 6.40 17.45
C ASP J 194 -19.26 6.54 17.82
N ALA J 195 -19.59 6.34 19.10
CA ALA J 195 -20.96 6.51 19.56
C ALA J 195 -21.45 7.94 19.42
N MET J 196 -20.60 8.93 19.73
CA MET J 196 -20.98 10.32 19.54
C MET J 196 -21.20 10.63 18.06
N ARG J 197 -20.32 10.11 17.19
CA ARG J 197 -20.47 10.34 15.77
C ARG J 197 -21.75 9.74 15.23
N ASN J 198 -22.09 8.52 15.64
CA ASN J 198 -23.32 7.89 15.17
C ASN J 198 -24.56 8.55 15.76
N ALA J 199 -24.49 9.00 17.01
CA ALA J 199 -25.62 9.62 17.69
C ALA J 199 -25.80 11.08 17.33
N GLY J 200 -24.86 11.67 16.60
CA GLY J 200 -24.95 13.06 16.19
C GLY J 200 -24.86 14.03 17.35
N ILE J 201 -23.74 13.99 18.07
CA ILE J 201 -23.51 14.85 19.22
C ILE J 201 -22.16 15.54 19.04
N VAL J 202 -22.15 16.86 19.15
CA VAL J 202 -20.95 17.66 19.02
C VAL J 202 -20.50 18.06 20.41
N GLY J 203 -19.24 17.76 20.74
CA GLY J 203 -18.72 18.10 22.05
C GLY J 203 -17.20 18.06 22.04
N VAL J 204 -16.64 18.44 23.18
CA VAL J 204 -15.19 18.49 23.37
C VAL J 204 -14.83 17.47 24.44
N LEU J 205 -13.93 16.55 24.09
CA LEU J 205 -13.49 15.52 25.02
C LEU J 205 -12.31 16.05 25.82
N THR J 206 -12.49 16.16 27.13
CA THR J 206 -11.43 16.59 28.03
C THR J 206 -10.90 15.40 28.82
N LEU J 207 -9.67 15.55 29.31
CA LEU J 207 -9.03 14.46 30.05
C LEU J 207 -9.67 14.23 31.40
N ASP J 208 -10.32 15.24 31.96
CA ASP J 208 -10.91 15.14 33.29
C ASP J 208 -12.29 14.50 33.28
N ASN J 209 -12.82 14.15 32.11
CA ASN J 209 -14.13 13.54 32.01
C ASN J 209 -14.06 12.03 31.75
N GLN J 210 -12.88 11.43 31.84
CA GLN J 210 -12.70 9.99 31.65
C GLN J 210 -11.96 9.45 32.87
N ASP J 211 -12.55 8.46 33.53
CA ASP J 211 -11.90 7.85 34.68
C ASP J 211 -10.80 6.91 34.23
N LEU J 212 -10.04 6.40 35.20
CA LEU J 212 -8.88 5.56 34.88
C LEU J 212 -9.26 4.20 34.31
N ASN J 213 -10.51 3.75 34.52
CA ASN J 213 -10.97 2.56 33.81
C ASN J 213 -11.15 2.84 32.33
N GLY J 214 -11.72 4.01 32.00
CA GLY J 214 -11.91 4.39 30.62
C GLY J 214 -13.28 4.94 30.33
N ASN J 215 -14.18 4.86 31.32
CA ASN J 215 -15.55 5.31 31.12
C ASN J 215 -15.63 6.83 31.08
N TRP J 216 -16.52 7.34 30.23
CA TRP J 216 -16.79 8.77 30.14
C TRP J 216 -18.10 9.07 30.85
N TYR J 217 -18.13 10.19 31.58
CA TYR J 217 -19.25 10.44 32.47
C TYR J 217 -19.72 11.89 32.53
N ASP J 218 -19.24 12.78 31.67
CA ASP J 218 -19.64 14.18 31.72
C ASP J 218 -20.16 14.61 30.36
N PHE J 219 -21.40 15.10 30.34
CA PHE J 219 -22.07 15.56 29.13
C PHE J 219 -22.65 16.96 29.33
N GLY J 220 -21.91 17.83 30.02
CA GLY J 220 -22.44 19.14 30.33
C GLY J 220 -22.61 20.02 29.11
N ASP J 221 -21.63 20.01 28.21
CA ASP J 221 -21.61 20.90 27.05
C ASP J 221 -21.68 20.13 25.74
N PHE J 222 -22.45 19.04 25.70
CA PHE J 222 -22.51 18.17 24.53
C PHE J 222 -23.71 18.57 23.69
N ILE J 223 -23.46 19.37 22.65
CA ILE J 223 -24.51 19.77 21.73
C ILE J 223 -24.88 18.60 20.84
N GLN J 224 -26.18 18.32 20.73
CA GLN J 224 -26.66 17.30 19.82
C GLN J 224 -27.14 17.95 18.53
N THR J 225 -27.00 17.20 17.44
CA THR J 225 -27.34 17.69 16.10
C THR J 225 -28.06 16.56 15.37
N THR J 226 -28.16 16.67 14.05
CA THR J 226 -28.75 15.61 13.23
C THR J 226 -27.93 14.35 13.41
N PRO J 227 -28.55 13.20 13.69
CA PRO J 227 -27.78 12.00 14.03
C PRO J 227 -26.87 11.57 12.89
N GLY J 228 -25.66 11.16 13.25
CA GLY J 228 -24.68 10.75 12.28
C GLY J 228 -23.79 11.86 11.76
N SER J 229 -24.02 13.11 12.17
CA SER J 229 -23.23 14.23 11.65
C SER J 229 -22.46 14.94 12.76
N GLY J 230 -22.43 14.36 13.97
CA GLY J 230 -21.69 14.96 15.05
C GLY J 230 -20.21 14.58 15.01
N VAL J 231 -19.37 15.46 15.54
CA VAL J 231 -17.93 15.23 15.48
C VAL J 231 -17.36 15.42 16.88
N PRO J 232 -16.47 14.55 17.34
CA PRO J 232 -15.79 14.78 18.62
C PRO J 232 -14.53 15.61 18.42
N VAL J 233 -14.29 16.49 19.38
CA VAL J 233 -13.12 17.38 19.37
C VAL J 233 -12.09 16.77 20.31
N VAL J 234 -11.06 16.15 19.74
CA VAL J 234 -10.07 15.42 20.53
C VAL J 234 -8.70 16.05 20.35
N ASP J 235 -8.67 17.33 19.99
CA ASP J 235 -7.39 18.02 19.86
C ASP J 235 -6.69 18.17 21.20
N SER J 236 -7.44 18.48 22.26
CA SER J 236 -6.88 18.68 23.58
C SER J 236 -6.85 17.41 24.42
N TYR J 237 -7.39 16.31 23.91
CA TYR J 237 -7.37 15.05 24.64
C TYR J 237 -6.13 14.23 24.30
N TYR J 238 -5.96 13.90 23.03
CA TYR J 238 -4.82 13.09 22.60
C TYR J 238 -3.49 13.82 22.76
N SER J 239 -3.49 15.15 22.70
CA SER J 239 -2.25 15.91 22.77
C SER J 239 -1.62 15.95 24.16
N LEU J 240 -2.40 16.19 25.22
CA LEU J 240 -1.84 16.15 26.56
C LEU J 240 -1.49 14.73 26.96
N LEU J 241 -2.29 13.75 26.56
CA LEU J 241 -2.04 12.36 26.86
C LEU J 241 -0.86 11.79 26.09
N MET J 242 -0.40 12.50 25.05
CA MET J 242 0.62 12.03 24.13
C MET J 242 1.95 11.69 24.80
N PRO J 243 2.51 12.51 25.71
CA PRO J 243 3.74 12.08 26.39
C PRO J 243 3.57 10.87 27.29
N ILE J 244 2.35 10.56 27.74
CA ILE J 244 2.16 9.40 28.60
C ILE J 244 2.20 8.09 27.80
N LEU J 245 1.86 8.13 26.52
CA LEU J 245 1.80 6.94 25.68
C LEU J 245 3.16 6.28 25.48
N THR J 246 4.25 6.99 25.70
CA THR J 246 5.56 6.38 25.65
C THR J 246 6.26 6.32 26.99
N LEU J 247 5.89 7.16 27.96
CA LEU J 247 6.42 7.01 29.31
C LEU J 247 5.97 5.70 29.94
N THR J 248 4.71 5.34 29.75
CA THR J 248 4.15 4.11 30.29
C THR J 248 4.14 2.98 29.30
N ARG J 249 4.61 3.22 28.07
CA ARG J 249 4.67 2.22 27.01
C ARG J 249 3.30 1.57 26.78
N ALA J 250 2.35 2.42 26.39
CA ALA J 250 0.95 1.99 26.30
C ALA J 250 0.69 1.08 25.12
N LEU J 251 1.58 1.05 24.12
CA LEU J 251 1.34 0.26 22.92
C LEU J 251 2.22 -0.99 22.85
N THR J 252 2.81 -1.40 23.97
CA THR J 252 3.63 -2.61 23.97
C THR J 252 2.81 -3.88 23.86
N ALA J 253 1.49 -3.79 23.95
CA ALA J 253 0.61 -4.94 23.74
C ALA J 253 0.30 -5.18 22.28
N GLU J 254 0.77 -4.32 21.39
CA GLU J 254 0.55 -4.49 19.96
C GLU J 254 1.64 -5.33 19.29
N SER J 255 2.67 -5.74 20.03
CA SER J 255 3.70 -6.63 19.52
C SER J 255 3.39 -8.09 19.80
N HIS J 256 2.21 -8.36 20.36
CA HIS J 256 1.77 -9.70 20.67
C HIS J 256 0.63 -10.09 19.72
N VAL J 257 0.58 -11.37 19.36
CA VAL J 257 -0.45 -11.84 18.44
C VAL J 257 -1.81 -11.72 19.13
N ASP J 258 -2.81 -11.27 18.36
CA ASP J 258 -4.17 -10.96 18.84
C ASP J 258 -4.17 -9.85 19.88
N THR J 259 -3.06 -9.11 19.99
CA THR J 259 -2.92 -7.99 20.93
C THR J 259 -3.27 -8.41 22.37
N ASP J 260 -2.82 -9.60 22.74
CA ASP J 260 -3.07 -10.15 24.07
C ASP J 260 -1.75 -10.29 24.79
N LEU J 261 -1.67 -9.75 26.01
CA LEU J 261 -0.42 -9.72 26.76
C LEU J 261 0.07 -11.11 27.17
N THR J 262 -0.81 -12.11 27.17
CA THR J 262 -0.40 -13.47 27.50
C THR J 262 0.10 -14.25 26.30
N LYS J 263 -0.27 -13.86 25.09
CA LYS J 263 0.17 -14.54 23.89
C LYS J 263 1.63 -14.24 23.60
N PRO J 264 2.31 -15.11 22.87
CA PRO J 264 3.71 -14.83 22.49
C PRO J 264 3.79 -13.70 21.47
N TYR J 265 5.03 -13.29 21.21
CA TYR J 265 5.29 -12.17 20.33
C TYR J 265 4.91 -12.49 18.89
N ILE J 266 4.56 -11.45 18.14
CA ILE J 266 4.33 -11.61 16.70
C ILE J 266 5.64 -12.02 16.05
N LYS J 267 5.58 -13.05 15.21
CA LYS J 267 6.77 -13.76 14.76
C LYS J 267 7.17 -13.09 13.43
N TRP J 268 7.62 -11.84 13.53
CA TRP J 268 7.81 -10.98 12.36
C TRP J 268 8.78 -11.56 11.35
N ASP J 269 8.49 -11.29 10.09
CA ASP J 269 9.40 -11.63 9.00
C ASP J 269 10.66 -10.78 9.07
N LEU J 270 11.80 -11.41 8.80
CA LEU J 270 13.07 -10.70 8.89
C LEU J 270 13.25 -9.70 7.76
N LEU J 271 12.83 -10.07 6.54
CA LEU J 271 13.06 -9.27 5.35
C LEU J 271 12.07 -8.12 5.21
N LYS J 272 11.10 -8.01 6.11
CA LYS J 272 10.06 -7.00 6.01
C LYS J 272 10.56 -5.68 6.58
N TYR J 273 10.47 -4.62 5.78
CA TYR J 273 10.89 -3.30 6.19
C TYR J 273 9.85 -2.22 5.98
N ASP J 274 8.83 -2.47 5.17
CA ASP J 274 7.79 -1.49 4.87
C ASP J 274 6.59 -1.80 5.76
N PHE J 275 6.45 -1.02 6.83
CA PHE J 275 5.36 -1.18 7.78
C PHE J 275 4.32 -0.06 7.64
N THR J 276 4.12 0.44 6.42
CA THR J 276 3.16 1.52 6.21
C THR J 276 1.74 1.08 6.55
N GLU J 277 1.36 -0.13 6.13
CA GLU J 277 0.02 -0.62 6.42
C GLU J 277 -0.20 -0.82 7.91
N GLU J 278 0.81 -1.34 8.62
CA GLU J 278 0.68 -1.51 10.07
C GLU J 278 0.56 -0.16 10.77
N ARG J 279 1.36 0.83 10.33
CA ARG J 279 1.26 2.16 10.93
C ARG J 279 -0.11 2.77 10.70
N LEU J 280 -0.65 2.64 9.48
CA LEU J 280 -1.98 3.16 9.21
C LEU J 280 -3.04 2.44 10.03
N LYS J 281 -2.91 1.13 10.19
CA LYS J 281 -3.87 0.38 11.00
C LYS J 281 -3.83 0.82 12.45
N LEU J 282 -2.63 1.01 13.01
CA LEU J 282 -2.51 1.49 14.38
C LEU J 282 -3.11 2.88 14.53
N PHE J 283 -2.84 3.77 13.57
CA PHE J 283 -3.38 5.13 13.64
C PHE J 283 -4.90 5.11 13.58
N ASP J 284 -5.47 4.31 12.69
CA ASP J 284 -6.93 4.24 12.58
C ASP J 284 -7.57 3.45 13.71
N ARG J 285 -6.81 2.66 14.45
CA ARG J 285 -7.37 1.99 15.61
C ARG J 285 -7.34 2.86 16.86
N TYR J 286 -6.26 3.60 17.08
CA TYR J 286 -6.11 4.39 18.30
C TYR J 286 -6.46 5.86 18.09
N PHE J 287 -5.77 6.54 17.19
CA PHE J 287 -6.03 7.95 16.91
C PHE J 287 -6.96 8.11 15.71
N LYS J 288 -8.14 7.48 15.81
CA LYS J 288 -9.02 7.42 14.66
C LYS J 288 -9.60 8.79 14.32
N TYR J 289 -10.07 9.52 15.33
CA TYR J 289 -10.74 10.80 15.12
C TYR J 289 -9.79 11.99 15.22
N TRP J 290 -8.49 11.75 15.34
CA TRP J 290 -7.52 12.81 15.15
C TRP J 290 -7.55 13.22 13.68
N ASP J 291 -8.16 14.36 13.38
CA ASP J 291 -8.58 14.68 12.03
C ASP J 291 -7.48 15.24 11.16
N GLN J 292 -6.27 15.43 11.68
CA GLN J 292 -5.18 15.83 10.82
C GLN J 292 -4.68 14.65 10.01
N THR J 293 -4.14 14.94 8.82
CA THR J 293 -3.63 13.91 7.93
C THR J 293 -2.35 13.31 8.50
N TYR J 294 -2.21 11.99 8.39
CA TYR J 294 -1.04 11.30 8.90
C TYR J 294 -0.38 10.54 7.76
N HIS J 295 0.87 10.87 7.46
CA HIS J 295 1.64 10.16 6.45
C HIS J 295 2.64 9.27 7.15
N PRO J 296 2.55 7.93 7.03
CA PRO J 296 3.55 7.07 7.67
C PRO J 296 4.96 7.33 7.17
N ASN J 297 5.12 7.53 5.86
CA ASN J 297 6.40 7.92 5.29
C ASN J 297 6.42 9.44 5.19
N CYS J 298 7.40 10.06 5.86
CA CYS J 298 7.43 11.51 5.94
C CYS J 298 7.83 12.18 4.64
N VAL J 299 8.21 11.41 3.62
CA VAL J 299 8.57 11.98 2.33
C VAL J 299 7.37 12.63 1.64
N ASN J 300 6.15 12.29 2.03
CA ASN J 300 4.95 12.84 1.43
C ASN J 300 4.39 14.04 2.18
N CYS J 301 5.10 14.52 3.20
CA CYS J 301 4.57 15.54 4.10
C CYS J 301 4.43 16.89 3.38
N LEU J 302 3.52 17.71 3.91
CA LEU J 302 3.19 18.99 3.28
C LEU J 302 4.29 20.02 3.47
N ASP J 303 4.85 20.11 4.67
CA ASP J 303 5.83 21.14 5.00
C ASP J 303 6.57 20.68 6.27
N ASP J 304 7.34 21.59 6.87
CA ASP J 304 8.11 21.27 8.06
C ASP J 304 7.25 21.16 9.31
N ARG J 305 5.99 21.60 9.27
CA ARG J 305 5.07 21.38 10.38
C ARG J 305 4.28 20.08 10.21
N CYS J 306 4.32 19.48 9.03
CA CYS J 306 3.77 18.15 8.82
C CYS J 306 4.81 17.05 9.05
N ILE J 307 6.09 17.36 8.87
CA ILE J 307 7.13 16.39 9.17
C ILE J 307 7.18 16.12 10.66
N LEU J 308 7.08 17.17 11.49
CA LEU J 308 7.11 17.00 12.93
C LEU J 308 5.92 16.16 13.43
N HIS J 309 4.74 16.42 12.90
CA HIS J 309 3.53 15.73 13.36
C HIS J 309 3.58 14.23 13.02
N CYS J 310 3.86 13.91 11.76
CA CYS J 310 3.94 12.52 11.36
C CYS J 310 5.12 11.82 12.02
N ALA J 311 6.23 12.53 12.23
CA ALA J 311 7.36 11.94 12.95
C ALA J 311 7.00 11.67 14.41
N ASN J 312 6.21 12.54 15.02
CA ASN J 312 5.75 12.30 16.38
C ASN J 312 4.87 11.07 16.46
N PHE J 313 4.02 10.86 15.47
CA PHE J 313 3.21 9.65 15.49
C PHE J 313 4.07 8.42 15.23
N ASN J 314 5.06 8.54 14.33
CA ASN J 314 5.92 7.41 13.99
C ASN J 314 6.82 6.99 15.15
N VAL J 315 7.31 7.93 15.95
CA VAL J 315 8.24 7.56 17.02
C VAL J 315 7.59 6.67 18.06
N LEU J 316 6.25 6.72 18.19
CA LEU J 316 5.55 5.72 18.98
C LEU J 316 5.18 4.51 18.16
N PHE J 317 4.71 4.70 16.92
CA PHE J 317 4.33 3.56 16.10
C PHE J 317 5.51 2.68 15.71
N SER J 318 6.75 3.15 15.90
CA SER J 318 7.93 2.35 15.61
C SER J 318 8.43 1.57 16.82
N THR J 319 7.76 1.68 17.96
CA THR J 319 8.12 0.93 19.15
C THR J 319 7.42 -0.42 19.22
N VAL J 320 6.58 -0.75 18.24
CA VAL J 320 5.92 -2.04 18.19
C VAL J 320 6.48 -2.92 17.09
N PHE J 321 7.42 -2.42 16.31
CA PHE J 321 8.07 -3.11 15.21
C PHE J 321 9.44 -3.62 15.65
N PRO J 322 9.96 -4.69 15.05
CA PRO J 322 11.23 -5.24 15.51
C PRO J 322 12.37 -4.26 15.27
N PRO J 323 13.34 -4.22 16.17
CA PRO J 323 14.46 -3.27 16.00
C PRO J 323 15.43 -3.64 14.89
N THR J 324 15.36 -4.86 14.37
CA THR J 324 16.22 -5.28 13.26
C THR J 324 15.70 -4.84 11.91
N SER J 325 14.46 -4.36 11.83
CA SER J 325 13.88 -3.93 10.57
C SER J 325 14.23 -2.49 10.22
N PHE J 326 14.83 -1.75 11.14
CA PHE J 326 15.29 -0.40 10.86
C PHE J 326 16.71 -0.46 10.30
N GLY J 327 17.38 0.69 10.22
CA GLY J 327 18.71 0.73 9.64
C GLY J 327 18.64 0.89 8.13
N PRO J 328 19.80 0.97 7.49
CA PRO J 328 19.83 1.18 6.03
C PRO J 328 19.24 0.00 5.27
N LEU J 329 18.66 0.31 4.11
CA LEU J 329 18.08 -0.70 3.22
C LEU J 329 19.10 -0.96 2.11
N VAL J 330 19.77 -2.12 2.19
CA VAL J 330 20.80 -2.45 1.23
C VAL J 330 20.18 -3.13 0.01
N ARG J 331 20.94 -3.19 -1.07
CA ARG J 331 20.47 -3.78 -2.32
C ARG J 331 21.69 -4.14 -3.16
N LYS J 332 21.72 -5.38 -3.64
CA LYS J 332 22.86 -5.91 -4.39
C LYS J 332 22.88 -5.24 -5.77
N ILE J 333 23.78 -4.30 -5.96
CA ILE J 333 24.02 -3.70 -7.25
C ILE J 333 25.27 -4.33 -7.84
N PHE J 334 25.46 -4.12 -9.15
CA PHE J 334 26.59 -4.68 -9.87
C PHE J 334 27.38 -3.55 -10.51
N VAL J 335 28.68 -3.50 -10.21
CA VAL J 335 29.58 -2.55 -10.85
C VAL J 335 30.65 -3.34 -11.60
N ASP J 336 30.86 -2.95 -12.86
CA ASP J 336 31.95 -3.45 -13.68
C ASP J 336 31.90 -4.97 -13.80
N GLY J 337 30.69 -5.52 -13.64
CA GLY J 337 30.49 -6.95 -13.60
C GLY J 337 30.72 -7.60 -12.25
N VAL J 338 30.96 -6.83 -11.20
CA VAL J 338 31.25 -7.38 -9.87
C VAL J 338 30.16 -6.93 -8.90
N PRO J 339 29.62 -7.83 -8.06
CA PRO J 339 28.47 -7.45 -7.23
C PRO J 339 28.81 -6.69 -5.95
N PHE J 340 28.48 -5.40 -5.91
CA PHE J 340 28.42 -4.66 -4.66
C PHE J 340 27.17 -5.00 -3.86
N VAL J 341 27.17 -4.54 -2.62
CA VAL J 341 25.96 -4.45 -1.79
C VAL J 341 26.00 -3.10 -1.08
N VAL J 342 25.13 -2.19 -1.51
CA VAL J 342 25.15 -0.81 -1.03
C VAL J 342 23.78 -0.43 -0.51
N SER J 343 23.76 0.61 0.32
CA SER J 343 22.54 1.11 0.93
C SER J 343 21.86 2.07 -0.03
N THR J 344 20.66 1.70 -0.50
CA THR J 344 19.86 2.53 -1.39
C THR J 344 18.71 3.19 -0.64
N GLY J 345 18.80 3.28 0.68
CA GLY J 345 17.76 3.93 1.45
C GLY J 345 17.93 3.78 2.94
N TYR J 346 16.89 4.17 3.68
CA TYR J 346 16.83 4.11 5.13
C TYR J 346 15.38 3.88 5.51
N HIS J 347 15.18 3.20 6.64
CA HIS J 347 13.88 3.06 7.29
C HIS J 347 14.01 3.75 8.64
N PHE J 348 13.71 5.05 8.68
CA PHE J 348 13.76 5.79 9.94
C PHE J 348 12.69 5.29 10.89
N ARG J 349 12.98 5.40 12.18
CA ARG J 349 11.92 5.19 13.17
C ARG J 349 10.95 6.36 13.19
N GLU J 350 11.39 7.54 12.77
CA GLU J 350 10.56 8.73 12.83
C GLU J 350 10.09 9.20 11.46
N LEU J 351 10.97 9.18 10.46
CA LEU J 351 10.66 9.66 9.12
C LEU J 351 10.13 8.55 8.22
N GLY J 352 9.96 7.34 8.74
CA GLY J 352 9.45 6.26 7.93
C GLY J 352 10.47 5.75 6.93
N VAL J 353 9.95 5.19 5.84
CA VAL J 353 10.78 4.62 4.79
C VAL J 353 11.13 5.69 3.78
N VAL J 354 12.42 5.85 3.51
CA VAL J 354 12.90 6.82 2.53
C VAL J 354 13.76 6.08 1.51
N HIS J 355 13.44 6.27 0.23
CA HIS J 355 14.13 5.59 -0.86
C HIS J 355 14.99 6.57 -1.63
N ASN J 356 16.18 6.12 -2.01
CA ASN J 356 17.06 6.95 -2.83
C ASN J 356 16.48 7.13 -4.22
N GLN J 357 16.54 8.37 -4.71
CA GLN J 357 16.06 8.68 -6.05
C GLN J 357 17.08 8.34 -7.12
N ASP J 358 18.35 8.18 -6.78
CA ASP J 358 19.41 7.92 -7.75
C ASP J 358 20.16 6.64 -7.35
N VAL J 359 19.68 5.51 -7.87
CA VAL J 359 20.36 4.23 -7.71
C VAL J 359 20.80 3.81 -9.11
N ASN J 360 22.05 3.40 -9.24
CA ASN J 360 22.64 2.98 -10.51
C ASN J 360 22.98 1.50 -10.40
N LEU J 361 22.03 0.65 -10.79
CA LEU J 361 22.18 -0.80 -10.64
C LEU J 361 23.32 -1.37 -11.47
N HIS J 362 23.61 -0.79 -12.63
CA HIS J 362 24.66 -1.27 -13.53
C HIS J 362 25.57 -0.08 -13.83
N SER J 363 26.60 0.10 -13.01
CA SER J 363 27.56 1.18 -13.18
C SER J 363 28.80 0.66 -13.88
N SER J 364 29.51 1.57 -14.54
CA SER J 364 30.71 1.20 -15.28
C SER J 364 31.99 1.74 -14.65
N ARG J 365 32.08 3.05 -14.47
CA ARG J 365 33.24 3.67 -13.85
C ARG J 365 32.83 4.35 -12.55
N LEU J 366 33.64 4.14 -11.51
CA LEU J 366 33.40 4.75 -10.20
C LEU J 366 34.36 5.91 -10.03
N SER J 367 33.81 7.12 -9.97
CA SER J 367 34.63 8.32 -9.76
C SER J 367 34.90 8.48 -8.27
N PHE J 368 35.64 9.53 -7.90
CA PHE J 368 35.98 9.73 -6.50
C PHE J 368 34.76 9.95 -5.64
N LYS J 369 33.73 10.60 -6.18
CA LYS J 369 32.48 10.75 -5.44
C LYS J 369 31.85 9.40 -5.16
N GLU J 370 31.84 8.51 -6.14
CA GLU J 370 31.25 7.20 -5.96
C GLU J 370 32.07 6.34 -4.98
N LEU J 371 33.40 6.39 -5.06
CA LEU J 371 34.21 5.71 -4.07
C LEU J 371 33.94 6.26 -2.67
N LEU J 372 33.84 7.58 -2.55
CA LEU J 372 33.58 8.18 -1.24
C LEU J 372 32.26 7.72 -0.66
N VAL J 373 31.21 7.70 -1.49
CA VAL J 373 29.89 7.28 -1.02
C VAL J 373 29.89 5.80 -0.65
N TYR J 374 30.45 4.96 -1.52
CA TYR J 374 30.43 3.52 -1.29
C TYR J 374 31.40 3.08 -0.20
N ALA J 375 32.34 3.92 0.20
CA ALA J 375 33.19 3.61 1.34
C ALA J 375 32.66 4.19 2.64
N ALA J 376 31.87 5.27 2.58
CA ALA J 376 31.35 5.86 3.80
C ALA J 376 30.24 5.04 4.41
N ASP J 377 29.37 4.44 3.58
CA ASP J 377 28.19 3.77 4.10
C ASP J 377 28.56 2.45 4.80
N PRO J 378 27.80 2.08 5.83
CA PRO J 378 28.10 0.86 6.58
C PRO J 378 27.66 -0.43 5.91
N ALA J 379 26.99 -0.36 4.76
CA ALA J 379 26.52 -1.56 4.09
C ALA J 379 27.69 -2.48 3.71
N MET J 380 28.76 -1.90 3.16
CA MET J 380 29.94 -2.67 2.80
C MET J 380 30.53 -3.36 4.03
N HIS J 381 30.75 -2.60 5.10
CA HIS J 381 31.45 -3.14 6.26
C HIS J 381 30.58 -4.12 7.04
N ALA J 382 29.31 -3.78 7.25
CA ALA J 382 28.43 -4.67 7.98
C ALA J 382 28.16 -5.95 7.20
N ALA J 383 28.02 -5.86 5.87
CA ALA J 383 27.86 -7.06 5.06
C ALA J 383 29.11 -7.91 5.10
N SER J 384 30.29 -7.29 5.04
CA SER J 384 31.53 -8.05 5.03
C SER J 384 31.86 -8.59 6.42
N GLY J 385 31.51 -7.85 7.46
CA GLY J 385 31.93 -8.17 8.80
C GLY J 385 31.25 -9.39 9.39
N ASN J 386 31.82 -9.86 10.51
CA ASN J 386 31.27 -11.00 11.24
C ASN J 386 30.15 -10.54 12.16
N LEU J 387 29.25 -11.47 12.47
CA LEU J 387 28.12 -11.17 13.33
C LEU J 387 28.59 -11.04 14.79
N LEU J 388 28.02 -10.05 15.48
CA LEU J 388 28.43 -9.71 16.83
C LEU J 388 27.24 -9.84 17.78
N LEU J 389 27.51 -10.36 18.98
CA LEU J 389 26.53 -10.39 20.07
C LEU J 389 27.23 -9.86 21.30
N ASP J 390 27.04 -8.58 21.60
CA ASP J 390 27.71 -7.91 22.70
C ASP J 390 26.76 -7.84 23.88
N LYS J 391 27.11 -8.55 24.96
CA LYS J 391 26.31 -8.56 26.17
C LYS J 391 26.73 -7.48 27.16
N ARG J 392 27.75 -6.70 26.85
CA ARG J 392 28.16 -5.62 27.74
C ARG J 392 27.14 -4.49 27.75
N THR J 393 26.43 -4.30 26.65
CA THR J 393 25.47 -3.21 26.51
C THR J 393 24.12 -3.75 26.07
N THR J 394 23.08 -2.98 26.38
CA THR J 394 21.73 -3.30 25.91
C THR J 394 21.45 -2.74 24.52
N CYS J 395 22.36 -1.94 23.96
CA CYS J 395 22.17 -1.40 22.63
C CYS J 395 22.33 -2.49 21.57
N PHE J 396 21.66 -2.29 20.44
CA PHE J 396 21.71 -3.27 19.36
C PHE J 396 23.11 -3.28 18.74
N SER J 397 23.66 -4.48 18.56
CA SER J 397 24.97 -4.67 17.96
C SER J 397 24.81 -5.32 16.60
N VAL J 398 25.48 -4.78 15.59
CA VAL J 398 25.32 -5.24 14.22
C VAL J 398 26.42 -6.20 13.81
N ALA J 399 27.68 -5.74 13.82
CA ALA J 399 28.76 -6.56 13.31
C ALA J 399 30.07 -6.12 13.94
N ALA J 400 31.07 -6.97 13.79
CA ALA J 400 32.44 -6.68 14.22
C ALA J 400 33.37 -6.94 13.04
N LEU J 401 34.11 -5.92 12.64
CA LEU J 401 34.91 -6.04 11.43
C LEU J 401 36.12 -6.94 11.63
N THR J 402 37.02 -6.56 12.52
CA THR J 402 38.22 -7.35 12.79
C THR J 402 37.87 -8.56 13.65
N ASN J 403 38.81 -9.50 13.73
CA ASN J 403 38.56 -10.79 14.37
C ASN J 403 38.67 -10.76 15.88
N ASN J 404 39.12 -9.65 16.47
CA ASN J 404 39.21 -9.55 17.91
C ASN J 404 38.78 -8.15 18.36
N VAL J 405 38.03 -8.11 19.46
CA VAL J 405 37.50 -6.84 19.96
C VAL J 405 38.64 -6.04 20.58
N ALA J 406 38.78 -4.80 20.15
CA ALA J 406 39.85 -3.92 20.59
C ALA J 406 39.42 -3.18 21.86
N PHE J 407 40.29 -3.19 22.87
CA PHE J 407 40.05 -2.49 24.12
C PHE J 407 41.01 -1.32 24.21
N GLN J 408 40.45 -0.13 24.38
CA GLN J 408 41.22 1.11 24.40
C GLN J 408 41.15 1.72 25.80
N THR J 409 42.31 2.03 26.36
CA THR J 409 42.41 2.65 27.68
C THR J 409 42.83 4.11 27.55
N VAL J 410 42.84 4.80 28.68
CA VAL J 410 43.27 6.18 28.76
C VAL J 410 44.45 6.27 29.70
N LYS J 411 45.56 6.80 29.22
CA LYS J 411 46.73 6.97 30.05
C LYS J 411 46.50 8.08 31.06
N PRO J 412 47.17 8.04 32.21
CA PRO J 412 47.12 9.15 33.15
C PRO J 412 47.89 10.35 32.62
N GLY J 413 47.72 11.48 33.29
CA GLY J 413 48.43 12.68 32.91
C GLY J 413 49.89 12.62 33.26
N ASN J 414 50.60 13.67 32.87
CA ASN J 414 52.03 13.75 33.07
C ASN J 414 52.33 14.88 34.05
N PHE J 415 53.04 14.54 35.12
CA PHE J 415 53.27 15.48 36.22
C PHE J 415 54.36 16.48 35.86
N ASN J 416 54.07 17.76 36.09
CA ASN J 416 55.04 18.84 35.94
C ASN J 416 55.58 19.16 37.32
N LYS J 417 56.68 18.49 37.68
CA LYS J 417 57.21 18.60 39.04
C LYS J 417 57.78 19.98 39.32
N ASP J 418 58.35 20.64 38.31
CA ASP J 418 58.91 21.97 38.51
C ASP J 418 57.83 22.95 38.96
N PHE J 419 56.69 22.95 38.26
CA PHE J 419 55.61 23.87 38.60
C PHE J 419 55.04 23.57 39.99
N TYR J 420 54.86 22.29 40.32
CA TYR J 420 54.32 21.94 41.62
C TYR J 420 55.28 22.30 42.74
N ASP J 421 56.58 22.09 42.54
CA ASP J 421 57.56 22.48 43.54
C ASP J 421 57.59 23.99 43.72
N PHE J 422 57.49 24.74 42.62
CA PHE J 422 57.41 26.19 42.72
C PHE J 422 56.16 26.64 43.47
N ALA J 423 55.05 25.93 43.24
CA ALA J 423 53.81 26.27 43.93
C ALA J 423 53.90 26.00 45.42
N VAL J 424 54.39 24.81 45.80
CA VAL J 424 54.48 24.48 47.22
C VAL J 424 55.59 25.26 47.93
N SER J 425 56.51 25.84 47.18
CA SER J 425 57.48 26.75 47.78
C SER J 425 56.92 28.16 47.96
N LYS J 426 55.71 28.41 47.47
CA LYS J 426 55.07 29.72 47.58
C LYS J 426 53.89 29.71 48.54
N GLY J 427 53.77 28.68 49.38
CA GLY J 427 52.72 28.64 50.38
C GLY J 427 51.40 28.08 49.90
N PHE J 428 51.41 27.18 48.95
CA PHE J 428 50.20 26.59 48.39
C PHE J 428 50.03 25.14 48.81
N PHE J 429 48.81 24.63 48.60
CA PHE J 429 48.44 23.23 48.78
C PHE J 429 48.59 22.75 50.23
N LYS J 430 48.17 23.58 51.19
CA LYS J 430 48.20 23.19 52.58
C LYS J 430 46.87 22.58 53.00
N GLU J 431 46.82 22.13 54.24
CA GLU J 431 45.54 22.00 54.94
C GLU J 431 44.98 23.37 55.27
N GLY J 432 43.66 23.46 55.33
CA GLY J 432 43.01 24.74 55.60
C GLY J 432 43.07 25.69 54.43
N SER J 433 43.48 25.19 53.26
CA SER J 433 43.53 25.95 52.04
C SER J 433 42.19 25.87 51.30
N SER J 434 41.75 27.01 50.79
CA SER J 434 40.58 27.07 49.94
C SER J 434 40.88 26.69 48.50
N VAL J 435 42.14 26.47 48.16
CA VAL J 435 42.57 26.16 46.80
C VAL J 435 43.47 24.93 46.88
N GLU J 436 42.96 23.79 46.44
CA GLU J 436 43.78 22.60 46.24
C GLU J 436 43.38 21.93 44.95
N LEU J 437 44.23 21.01 44.50
CA LEU J 437 44.04 20.36 43.21
C LEU J 437 42.74 19.56 43.21
N LYS J 438 41.84 19.90 42.29
CA LYS J 438 40.57 19.21 42.11
C LYS J 438 40.29 18.76 40.69
N HIS J 439 41.00 19.27 39.70
CA HIS J 439 40.91 18.81 38.32
C HIS J 439 42.18 18.02 38.01
N PHE J 440 42.03 16.72 37.79
CA PHE J 440 43.15 15.83 37.49
C PHE J 440 42.94 15.19 36.13
N PHE J 441 43.94 14.42 35.71
CA PHE J 441 43.83 13.60 34.51
C PHE J 441 43.47 12.18 34.94
N PHE J 442 42.19 11.86 34.92
CA PHE J 442 41.74 10.55 35.32
C PHE J 442 41.98 9.53 34.21
N ALA J 443 42.47 8.36 34.61
CA ALA J 443 42.73 7.28 33.68
C ALA J 443 41.55 6.32 33.68
N GLN J 444 41.48 5.48 32.65
CA GLN J 444 40.41 4.51 32.50
C GLN J 444 40.97 3.17 32.06
N ASP J 445 40.22 2.11 32.36
CA ASP J 445 40.62 0.76 31.99
C ASP J 445 40.19 0.48 30.55
N GLY J 446 40.27 -0.77 30.13
CA GLY J 446 39.87 -1.15 28.79
C GLY J 446 38.39 -1.17 28.53
N ASN J 447 37.57 -1.07 29.59
CA ASN J 447 36.12 -1.05 29.46
C ASN J 447 35.56 0.37 29.56
N ALA J 448 36.29 1.35 29.04
CA ALA J 448 35.84 2.73 29.13
C ALA J 448 34.85 3.09 28.02
N ALA J 449 35.28 2.90 26.77
CA ALA J 449 34.46 3.28 25.63
C ALA J 449 33.16 2.50 25.58
N ILE J 450 33.19 1.20 25.81
CA ILE J 450 31.99 0.38 25.76
C ILE J 450 31.04 0.65 26.91
N SER J 451 31.55 1.00 28.09
CA SER J 451 30.69 1.32 29.22
C SER J 451 30.21 2.76 29.19
N ASP J 452 30.83 3.62 28.39
CA ASP J 452 30.31 4.97 28.18
C ASP J 452 29.34 5.04 27.01
N TYR J 453 29.51 4.21 25.99
CA TYR J 453 28.50 4.12 24.94
C TYR J 453 27.21 3.51 25.48
N ASP J 454 27.30 2.72 26.56
CA ASP J 454 26.13 2.14 27.18
C ASP J 454 25.21 3.18 27.80
N TYR J 455 25.69 4.41 27.99
CA TYR J 455 24.84 5.46 28.54
C TYR J 455 23.75 5.91 27.59
N TYR J 456 23.79 5.46 26.33
CA TYR J 456 22.68 5.70 25.42
C TYR J 456 21.42 4.93 25.81
N ARG J 457 21.52 3.98 26.75
CA ARG J 457 20.36 3.31 27.27
C ARG J 457 19.42 4.25 28.01
N TYR J 458 19.89 5.43 28.41
CA TYR J 458 19.04 6.45 29.01
C TYR J 458 18.15 7.15 28.01
N ASN J 459 18.37 6.92 26.71
CA ASN J 459 17.58 7.56 25.67
C ASN J 459 16.41 6.63 25.34
N LEU J 460 15.24 7.03 25.76
CA LEU J 460 14.00 6.32 25.52
C LEU J 460 13.27 6.90 24.33
N PRO J 461 12.45 6.11 23.64
CA PRO J 461 11.64 6.69 22.56
C PRO J 461 10.54 7.56 23.13
N THR J 462 10.71 8.87 22.99
CA THR J 462 9.87 9.85 23.66
C THR J 462 8.91 10.48 22.66
N MET J 463 7.62 10.36 22.93
CA MET J 463 6.59 11.01 22.13
C MET J 463 6.27 12.37 22.74
N CYS J 464 6.72 13.42 22.07
CA CYS J 464 6.49 14.77 22.58
C CYS J 464 5.06 15.20 22.31
N ASP J 465 4.57 16.13 23.13
CA ASP J 465 3.27 16.74 22.88
C ASP J 465 3.33 17.55 21.59
N ILE J 466 2.46 17.22 20.65
CA ILE J 466 2.55 17.78 19.30
C ILE J 466 1.81 19.10 19.14
N ARG J 467 0.67 19.30 19.82
CA ARG J 467 -0.04 20.56 19.68
C ARG J 467 0.65 21.71 20.39
N GLN J 468 1.62 21.42 21.25
CA GLN J 468 2.41 22.43 21.94
C GLN J 468 3.79 22.61 21.32
N LEU J 469 4.39 21.52 20.85
CA LEU J 469 5.67 21.62 20.15
C LEU J 469 5.54 22.43 18.86
N LEU J 470 4.41 22.30 18.16
CA LEU J 470 4.19 23.04 16.93
C LEU J 470 3.97 24.54 17.15
N PHE J 471 3.98 24.99 18.40
CA PHE J 471 3.98 26.41 18.75
C PHE J 471 5.28 26.84 19.37
N VAL J 472 5.90 25.97 20.17
CA VAL J 472 7.26 26.24 20.64
C VAL J 472 8.22 26.34 19.47
N VAL J 473 7.93 25.62 18.37
CA VAL J 473 8.72 25.76 17.15
C VAL J 473 8.63 27.18 16.62
N GLU J 474 7.42 27.74 16.57
CA GLU J 474 7.24 29.11 16.10
C GLU J 474 7.96 30.11 17.01
N VAL J 475 7.88 29.90 18.33
CA VAL J 475 8.57 30.80 19.24
C VAL J 475 10.09 30.71 19.07
N VAL J 476 10.62 29.50 18.89
CA VAL J 476 12.05 29.33 18.69
C VAL J 476 12.49 29.97 17.37
N ASP J 477 11.68 29.81 16.33
CA ASP J 477 12.01 30.45 15.06
C ASP J 477 11.98 31.97 15.16
N LYS J 478 11.07 32.52 15.97
CA LYS J 478 11.10 33.95 16.25
C LYS J 478 12.37 34.33 16.98
N TYR J 479 12.84 33.47 17.90
CA TYR J 479 14.15 33.72 18.53
C TYR J 479 15.27 33.68 17.50
N PHE J 480 15.12 32.90 16.45
CA PHE J 480 16.13 32.75 15.40
C PHE J 480 15.78 33.51 14.13
N ASP J 481 15.17 34.69 14.26
CA ASP J 481 14.70 35.44 13.11
C ASP J 481 15.67 36.50 12.63
N CYS J 482 16.61 36.93 13.48
CA CYS J 482 17.51 38.01 13.10
C CYS J 482 18.55 37.54 12.08
N TYR J 483 18.92 36.27 12.13
CA TYR J 483 20.01 35.77 11.31
C TYR J 483 19.52 35.44 9.90
N ASP J 484 20.49 35.26 9.00
CA ASP J 484 20.22 34.85 7.63
C ASP J 484 21.10 33.66 7.28
N GLY J 485 20.61 32.82 6.38
CA GLY J 485 21.34 31.62 6.01
C GLY J 485 20.93 31.10 4.65
N GLY J 486 21.60 30.03 4.24
CA GLY J 486 21.32 29.41 2.97
C GLY J 486 22.45 28.49 2.58
N CYS J 487 22.33 27.95 1.36
CA CYS J 487 23.36 27.09 0.82
C CYS J 487 24.48 27.91 0.20
N ILE J 488 25.70 27.40 0.28
CA ILE J 488 26.87 28.06 -0.27
C ILE J 488 27.65 27.06 -1.12
N ASN J 489 28.42 27.58 -2.06
CA ASN J 489 29.20 26.73 -2.95
C ASN J 489 30.42 26.17 -2.21
N ALA J 490 31.08 25.21 -2.86
CA ALA J 490 32.23 24.54 -2.25
C ALA J 490 33.44 25.46 -2.08
N ASN J 491 33.50 26.57 -2.80
CA ASN J 491 34.61 27.51 -2.69
C ASN J 491 34.38 28.56 -1.62
N GLN J 492 33.24 28.52 -0.94
CA GLN J 492 32.95 29.44 0.14
C GLN J 492 33.00 28.78 1.51
N VAL J 493 32.96 27.46 1.59
CA VAL J 493 33.05 26.78 2.88
C VAL J 493 34.49 26.88 3.37
N ILE J 494 34.66 27.38 4.59
CA ILE J 494 35.98 27.56 5.18
C ILE J 494 36.07 26.64 6.38
N VAL J 495 37.17 25.88 6.45
CA VAL J 495 37.43 25.01 7.58
C VAL J 495 38.43 25.67 8.51
N ASN J 496 38.28 25.45 9.81
CA ASN J 496 39.19 26.05 10.77
C ASN J 496 40.52 25.31 10.83
N ASN J 497 40.46 23.98 10.97
CA ASN J 497 41.66 23.15 11.03
C ASN J 497 41.49 21.97 10.08
N LEU J 498 42.45 21.80 9.16
CA LEU J 498 42.46 20.70 8.19
C LEU J 498 43.16 19.45 8.67
N ASP J 499 43.85 19.47 9.80
CA ASP J 499 44.57 18.31 10.25
C ASP J 499 43.75 17.43 11.19
N LYS J 500 42.49 17.77 11.39
CA LYS J 500 41.60 16.95 12.21
C LYS J 500 41.22 15.67 11.47
N SER J 501 40.73 14.70 12.24
CA SER J 501 40.43 13.38 11.69
C SER J 501 39.22 13.44 10.76
N ALA J 502 39.06 12.37 9.97
CA ALA J 502 37.99 12.28 8.99
C ALA J 502 37.13 11.05 9.21
N GLY J 503 37.05 10.55 10.44
CA GLY J 503 36.17 9.46 10.78
C GLY J 503 36.59 8.14 10.16
N PHE J 504 35.64 7.21 10.13
CA PHE J 504 35.85 5.89 9.57
C PHE J 504 35.15 5.75 8.23
N PRO J 505 35.74 5.05 7.25
CA PRO J 505 37.06 4.42 7.26
C PRO J 505 38.15 5.33 6.73
N PHE J 506 37.86 6.62 6.68
CA PHE J 506 38.77 7.57 6.04
C PHE J 506 39.98 7.90 6.89
N ASN J 507 40.01 7.49 8.16
CA ASN J 507 41.19 7.70 8.99
C ASN J 507 42.31 6.73 8.68
N LYS J 508 42.03 5.68 7.89
CA LYS J 508 43.07 4.71 7.57
C LYS J 508 44.06 5.24 6.54
N TRP J 509 43.66 6.22 5.74
CA TRP J 509 44.48 6.71 4.65
C TRP J 509 44.96 8.15 4.83
N GLY J 510 44.43 8.88 5.79
CA GLY J 510 44.91 10.23 6.03
C GLY J 510 43.92 11.03 6.83
N LYS J 511 44.27 12.29 7.04
CA LYS J 511 43.44 13.22 7.79
C LYS J 511 42.37 13.80 6.86
N ALA J 512 41.66 14.84 7.29
CA ALA J 512 40.68 15.48 6.44
C ALA J 512 41.30 16.29 5.32
N ARG J 513 42.55 16.74 5.48
CA ARG J 513 43.20 17.54 4.46
C ARG J 513 43.32 16.78 3.15
N LEU J 514 43.53 15.46 3.23
CA LEU J 514 43.62 14.64 2.02
C LEU J 514 42.31 14.68 1.24
N TYR J 515 41.17 14.67 1.94
CA TYR J 515 39.88 14.67 1.27
C TYR J 515 39.39 16.07 0.90
N TYR J 516 39.94 17.12 1.51
CA TYR J 516 39.66 18.45 0.98
C TYR J 516 40.60 18.86 -0.14
N ASP J 517 41.73 18.18 -0.31
CA ASP J 517 42.64 18.51 -1.40
C ASP J 517 42.45 17.61 -2.61
N SER J 518 42.13 16.33 -2.39
CA SER J 518 41.91 15.41 -3.49
C SER J 518 40.64 15.72 -4.27
N MET J 519 39.63 16.29 -3.61
CA MET J 519 38.35 16.58 -4.25
C MET J 519 38.31 18.04 -4.67
N SER J 520 38.03 18.29 -5.94
CA SER J 520 37.89 19.66 -6.41
C SER J 520 36.56 20.24 -5.93
N TYR J 521 36.33 21.50 -6.29
CA TYR J 521 35.06 22.13 -5.95
C TYR J 521 33.91 21.54 -6.74
N GLU J 522 34.19 21.08 -7.97
CA GLU J 522 33.12 20.59 -8.83
C GLU J 522 32.51 19.30 -8.29
N ASP J 523 33.34 18.32 -7.94
CA ASP J 523 32.84 17.06 -7.40
C ASP J 523 32.49 17.17 -5.92
N GLN J 524 32.85 18.26 -5.26
CA GLN J 524 32.31 18.57 -3.95
C GLN J 524 30.87 19.07 -4.04
N ASP J 525 30.62 20.01 -4.95
CA ASP J 525 29.25 20.43 -5.20
C ASP J 525 28.41 19.28 -5.75
N ALA J 526 29.01 18.40 -6.55
CA ALA J 526 28.30 17.23 -7.04
C ALA J 526 27.86 16.33 -5.88
N LEU J 527 28.75 16.11 -4.92
CA LEU J 527 28.38 15.31 -3.75
C LEU J 527 27.30 16.00 -2.93
N PHE J 528 27.42 17.30 -2.73
CA PHE J 528 26.44 18.03 -1.93
C PHE J 528 25.06 17.98 -2.59
N ALA J 529 25.00 18.17 -3.90
CA ALA J 529 23.75 18.04 -4.63
C ALA J 529 23.24 16.62 -4.67
N TYR J 530 24.13 15.63 -4.62
CA TYR J 530 23.70 14.24 -4.53
C TYR J 530 23.00 13.98 -3.19
N THR J 531 23.53 14.53 -2.10
CA THR J 531 22.92 14.36 -0.80
C THR J 531 21.55 15.03 -0.68
N LYS J 532 21.24 15.98 -1.55
CA LYS J 532 19.95 16.66 -1.50
C LYS J 532 18.83 15.85 -2.14
N ARG J 533 19.15 14.71 -2.75
CA ARG J 533 18.12 13.80 -3.27
C ARG J 533 18.51 12.35 -3.02
N ASN J 534 19.37 12.11 -2.03
CA ASN J 534 19.80 10.75 -1.69
C ASN J 534 20.13 10.72 -0.21
N VAL J 535 20.15 9.51 0.34
CA VAL J 535 20.48 9.28 1.75
C VAL J 535 21.78 8.51 1.83
N ILE J 536 22.73 9.03 2.60
CA ILE J 536 24.01 8.36 2.78
C ILE J 536 24.17 7.96 4.25
N PRO J 537 23.90 6.70 4.59
CA PRO J 537 24.20 6.23 5.94
C PRO J 537 25.70 6.30 6.21
N THR J 538 26.05 6.51 7.48
CA THR J 538 27.41 6.87 7.80
C THR J 538 27.82 6.26 9.14
N ILE J 539 29.06 5.78 9.19
CA ILE J 539 29.65 5.27 10.42
C ILE J 539 30.36 6.39 11.14
N THR J 540 30.11 6.53 12.44
CA THR J 540 30.76 7.53 13.27
C THR J 540 31.54 6.82 14.38
N GLN J 541 32.82 7.15 14.50
CA GLN J 541 33.64 6.59 15.56
C GLN J 541 33.32 7.23 16.90
N MET J 542 33.65 6.52 17.97
CA MET J 542 33.66 7.06 19.33
C MET J 542 35.09 7.12 19.81
N ASN J 543 35.58 8.33 20.06
CA ASN J 543 36.95 8.57 20.45
C ASN J 543 37.00 8.93 21.93
N LEU J 544 37.84 8.21 22.69
CA LEU J 544 38.04 8.54 24.10
C LEU J 544 38.86 9.82 24.24
N LYS J 545 38.40 10.71 25.08
CA LYS J 545 39.07 12.00 25.27
C LYS J 545 40.19 11.87 26.29
N TYR J 546 41.31 12.52 25.99
CA TYR J 546 42.44 12.64 26.90
C TYR J 546 42.49 14.10 27.36
N ALA J 547 41.74 14.41 28.41
CA ALA J 547 41.62 15.79 28.87
C ALA J 547 41.41 15.81 30.38
N ILE J 548 41.64 16.98 30.97
CA ILE J 548 41.55 17.17 32.41
C ILE J 548 40.08 17.36 32.78
N SER J 549 39.69 16.78 33.93
CA SER J 549 38.30 16.85 34.38
C SER J 549 38.27 16.64 35.89
N ALA J 550 37.12 16.96 36.48
CA ALA J 550 36.94 16.89 37.93
C ALA J 550 36.29 15.60 38.40
N LYS J 551 35.81 14.75 37.50
CA LYS J 551 35.25 13.47 37.91
C LYS J 551 35.81 12.35 37.05
N ASN J 552 35.75 11.14 37.60
CA ASN J 552 36.51 10.01 37.10
C ASN J 552 35.88 9.30 35.90
N ARG J 553 34.63 9.59 35.57
CA ARG J 553 33.99 8.89 34.45
C ARG J 553 34.65 9.31 33.14
N ALA J 554 34.80 8.34 32.24
CA ALA J 554 35.33 8.64 30.91
C ALA J 554 34.31 9.43 30.11
N ARG J 555 34.79 10.47 29.45
CA ARG J 555 34.01 11.25 28.51
C ARG J 555 34.39 10.79 27.11
N THR J 556 33.41 10.74 26.22
CA THR J 556 33.64 10.30 24.85
C THR J 556 33.09 11.35 23.90
N VAL J 557 33.73 11.52 22.75
CA VAL J 557 33.24 12.37 21.68
C VAL J 557 33.04 11.51 20.43
N ALA J 558 32.04 11.85 19.63
CA ALA J 558 31.70 11.07 18.43
C ALA J 558 32.40 11.69 17.23
N GLY J 559 33.23 10.91 16.55
CA GLY J 559 33.92 11.38 15.36
C GLY J 559 33.17 11.11 14.08
N VAL J 560 32.50 12.13 13.55
CA VAL J 560 31.76 11.98 12.30
C VAL J 560 32.74 12.05 11.13
N SER J 561 32.52 11.18 10.14
CA SER J 561 33.44 11.10 9.01
C SER J 561 33.31 12.30 8.10
N ILE J 562 34.13 12.37 7.06
CA ILE J 562 34.20 13.56 6.22
C ILE J 562 33.05 13.66 5.22
N CYS J 563 32.46 12.54 4.81
CA CYS J 563 31.38 12.56 3.82
C CYS J 563 30.15 13.29 4.33
N SER J 564 29.78 13.09 5.59
CA SER J 564 28.70 13.83 6.21
C SER J 564 29.13 15.26 6.55
N THR J 565 30.36 15.43 7.02
CA THR J 565 30.81 16.74 7.51
C THR J 565 30.87 17.77 6.39
N MET J 566 31.38 17.41 5.22
CA MET J 566 31.51 18.38 4.14
C MET J 566 30.15 18.86 3.66
N THR J 567 29.22 17.94 3.45
CA THR J 567 27.87 18.30 3.04
C THR J 567 27.14 19.10 4.10
N ASN J 568 27.28 18.73 5.38
CA ASN J 568 26.64 19.50 6.43
C ASN J 568 27.21 20.90 6.54
N ARG J 569 28.52 21.07 6.34
CA ARG J 569 29.09 22.40 6.30
C ARG J 569 28.50 23.20 5.15
N GLN J 570 28.47 22.62 3.94
CA GLN J 570 27.92 23.34 2.80
C GLN J 570 26.46 23.69 3.00
N PHE J 571 25.74 22.90 3.80
CA PHE J 571 24.33 23.19 4.04
C PHE J 571 24.15 24.29 5.07
N HIS J 572 24.92 24.25 6.16
CA HIS J 572 24.59 25.04 7.35
C HIS J 572 25.55 26.19 7.65
N GLN J 573 26.69 26.29 6.96
CA GLN J 573 27.74 27.18 7.43
C GLN J 573 27.36 28.66 7.35
N LYS J 574 26.53 29.04 6.38
CA LYS J 574 26.12 30.43 6.30
C LYS J 574 25.35 30.86 7.55
N LEU J 575 24.35 30.07 7.95
CA LEU J 575 23.62 30.39 9.17
C LEU J 575 24.52 30.25 10.40
N LEU J 576 25.36 29.22 10.43
CA LEU J 576 26.22 28.99 11.59
C LEU J 576 27.24 30.11 11.80
N LYS J 577 27.69 30.76 10.73
CA LYS J 577 28.62 31.87 10.85
C LYS J 577 27.92 33.21 10.89
N SER J 578 26.64 33.26 10.54
CA SER J 578 25.82 34.43 10.84
C SER J 578 25.44 34.51 12.30
N ILE J 579 25.19 33.37 12.96
CA ILE J 579 24.95 33.36 14.40
C ILE J 579 26.20 33.79 15.15
N ALA J 580 27.37 33.33 14.71
CA ALA J 580 28.63 33.63 15.37
C ALA J 580 29.21 34.98 14.98
N ALA J 581 28.39 35.86 14.42
CA ALA J 581 28.86 37.20 14.07
C ALA J 581 27.86 38.28 14.48
N THR J 582 26.93 37.97 15.36
CA THR J 582 25.92 38.91 15.82
C THR J 582 26.05 39.08 17.33
N ARG J 583 26.02 40.32 17.79
CA ARG J 583 26.19 40.64 19.21
C ARG J 583 24.88 41.16 19.76
N GLY J 584 24.57 40.78 21.00
CA GLY J 584 23.36 41.25 21.65
C GLY J 584 22.13 40.40 21.42
N ALA J 585 22.30 39.18 20.94
CA ALA J 585 21.18 38.29 20.69
C ALA J 585 21.05 37.27 21.83
N THR J 586 20.07 36.38 21.71
CA THR J 586 19.86 35.37 22.75
C THR J 586 20.96 34.32 22.74
N VAL J 587 21.35 33.84 21.57
CA VAL J 587 22.36 32.79 21.44
C VAL J 587 23.71 33.48 21.36
N VAL J 588 24.46 33.45 22.47
CA VAL J 588 25.77 34.12 22.53
C VAL J 588 26.81 33.10 22.11
N ILE J 589 26.96 32.95 20.80
CA ILE J 589 28.05 32.17 20.21
C ILE J 589 28.86 33.12 19.35
N GLY J 590 30.18 33.09 19.50
CA GLY J 590 31.04 34.01 18.80
C GLY J 590 31.34 35.29 19.56
N THR J 591 30.85 35.43 20.78
CA THR J 591 31.10 36.61 21.60
C THR J 591 32.16 36.28 22.63
N SER J 592 33.24 37.04 22.63
CA SER J 592 34.36 36.80 23.52
C SER J 592 34.03 37.25 24.94
N LYS J 593 34.72 36.65 25.91
CA LYS J 593 34.66 37.11 27.28
C LYS J 593 35.75 38.14 27.59
N PHE J 594 36.60 38.45 26.62
CA PHE J 594 37.66 39.45 26.78
C PHE J 594 37.22 40.77 26.17
N TYR J 595 38.01 41.81 26.46
CA TYR J 595 37.77 43.17 25.97
C TYR J 595 36.37 43.65 26.35
N GLY J 596 35.96 43.34 27.57
CA GLY J 596 34.64 43.74 28.03
C GLY J 596 33.49 43.11 27.28
N GLY J 597 33.66 41.89 26.79
CA GLY J 597 32.59 41.20 26.10
C GLY J 597 31.66 40.51 27.07
N TRP J 598 32.22 40.04 28.19
CA TRP J 598 31.41 39.46 29.25
C TRP J 598 30.44 40.48 29.84
N HIS J 599 30.94 41.70 30.09
CA HIS J 599 30.11 42.77 30.62
C HIS J 599 29.00 43.14 29.64
N ASN J 600 29.31 43.17 28.34
CA ASN J 600 28.29 43.50 27.35
C ASN J 600 27.21 42.43 27.29
N MET J 601 27.60 41.15 27.30
CA MET J 601 26.61 40.08 27.32
C MET J 601 25.73 40.17 28.56
N LEU J 602 26.36 40.38 29.72
CA LEU J 602 25.64 40.42 30.98
C LEU J 602 24.78 41.65 31.15
N LYS J 603 25.05 42.74 30.44
CA LYS J 603 24.14 43.87 30.43
C LYS J 603 23.08 43.77 29.34
N THR J 604 23.31 42.99 28.29
CA THR J 604 22.24 42.65 27.38
C THR J 604 21.27 41.63 27.95
N VAL J 605 21.70 40.86 28.95
CA VAL J 605 20.75 40.01 29.68
C VAL J 605 19.75 40.89 30.44
N TYR J 606 20.25 41.94 31.09
CA TYR J 606 19.42 42.77 31.95
C TYR J 606 18.71 43.85 31.14
N SER J 607 18.01 43.46 30.08
CA SER J 607 17.30 44.39 29.22
C SER J 607 15.80 44.24 29.46
N ASP J 608 15.24 45.17 30.23
CA ASP J 608 13.83 45.20 30.58
C ASP J 608 13.38 43.94 31.29
N VAL J 609 13.89 43.76 32.50
CA VAL J 609 13.33 42.81 33.42
C VAL J 609 12.81 43.58 34.62
N GLU J 610 11.59 43.25 35.05
CA GLU J 610 10.87 44.05 36.04
C GLU J 610 11.49 44.00 37.42
N ASN J 611 11.53 42.82 38.03
CA ASN J 611 12.10 42.61 39.36
C ASN J 611 13.11 41.50 39.24
N PRO J 612 14.33 41.83 38.83
CA PRO J 612 15.24 40.81 38.30
C PRO J 612 15.65 39.76 39.33
N HIS J 613 15.75 38.54 38.84
CA HIS J 613 16.35 37.41 39.56
C HIS J 613 17.04 36.51 38.54
N LEU J 614 18.15 35.93 38.95
CA LEU J 614 19.00 35.15 38.04
C LEU J 614 18.78 33.66 38.29
N MET J 615 18.82 32.90 37.19
CA MET J 615 18.52 31.49 37.24
C MET J 615 19.34 30.77 36.20
N GLY J 616 19.82 29.58 36.56
CA GLY J 616 20.53 28.73 35.63
C GLY J 616 20.34 27.26 35.96
N TRP J 617 19.93 26.48 34.98
CA TRP J 617 19.66 25.06 35.17
C TRP J 617 20.75 24.22 34.53
N ASP J 618 20.59 22.91 34.65
CA ASP J 618 21.56 21.96 34.11
C ASP J 618 20.82 20.75 33.58
N TYR J 619 21.19 20.32 32.37
CA TYR J 619 20.59 19.13 31.78
C TYR J 619 21.43 17.91 32.15
N PRO J 620 20.91 16.96 32.91
CA PRO J 620 21.67 15.73 33.18
C PRO J 620 21.65 14.83 31.95
N LYS J 621 22.84 14.42 31.51
CA LYS J 621 23.03 13.63 30.29
C LYS J 621 22.39 14.33 29.10
N CYS J 622 22.86 15.55 28.83
CA CYS J 622 22.21 16.40 27.84
C CYS J 622 22.29 15.82 26.44
N ASP J 623 23.46 15.31 26.05
CA ASP J 623 23.67 14.86 24.68
C ASP J 623 23.27 13.40 24.48
N ARG J 624 22.95 12.66 25.54
CA ARG J 624 22.58 11.27 25.42
C ARG J 624 21.13 10.98 25.78
N ALA J 625 20.44 11.91 26.42
CA ALA J 625 19.04 11.70 26.78
C ALA J 625 18.06 12.50 25.94
N MET J 626 18.54 13.29 24.99
CA MET J 626 17.64 14.07 24.15
C MET J 626 16.77 13.15 23.31
N PRO J 627 15.46 13.39 23.22
CA PRO J 627 14.64 12.60 22.31
C PRO J 627 14.98 12.91 20.86
N ASN J 628 14.68 11.95 20.00
CA ASN J 628 14.93 12.13 18.58
C ASN J 628 14.08 13.26 18.00
N MET J 629 12.88 13.47 18.56
CA MET J 629 12.01 14.52 18.06
C MET J 629 12.60 15.91 18.23
N LEU J 630 13.19 16.19 19.39
CA LEU J 630 13.78 17.51 19.59
C LEU J 630 14.99 17.75 18.69
N ARG J 631 15.77 16.71 18.41
CA ARG J 631 16.88 16.87 17.47
C ARG J 631 16.38 17.10 16.05
N ILE J 632 15.35 16.37 15.63
CA ILE J 632 14.76 16.61 14.31
C ILE J 632 14.19 18.02 14.24
N MET J 633 13.58 18.48 15.32
CA MET J 633 13.07 19.84 15.38
C MET J 633 14.20 20.85 15.24
N ALA J 634 15.31 20.63 15.95
CA ALA J 634 16.44 21.56 15.86
C ALA J 634 17.00 21.60 14.44
N SER J 635 17.11 20.44 13.80
CA SER J 635 17.55 20.38 12.41
C SER J 635 16.58 21.07 11.47
N LEU J 636 15.28 21.04 11.75
CA LEU J 636 14.30 21.74 10.95
C LEU J 636 14.30 23.25 11.17
N VAL J 637 14.47 23.70 12.41
CA VAL J 637 14.58 25.12 12.70
C VAL J 637 15.84 25.72 12.08
N LEU J 638 16.97 25.01 12.16
CA LEU J 638 18.18 25.44 11.48
C LEU J 638 18.05 25.37 9.96
N ALA J 639 17.04 24.65 9.44
CA ALA J 639 16.82 24.54 8.00
C ALA J 639 15.65 25.38 7.53
N ARG J 640 15.21 26.33 8.35
CA ARG J 640 14.16 27.24 7.92
C ARG J 640 14.70 28.46 7.19
N LYS J 641 16.01 28.55 6.99
CA LYS J 641 16.59 29.61 6.18
C LYS J 641 16.67 29.25 4.71
N HIS J 642 16.44 27.99 4.36
CA HIS J 642 16.50 27.54 2.96
C HIS J 642 15.12 27.58 2.30
N THR J 643 14.43 28.72 2.40
CA THR J 643 13.14 28.90 1.75
C THR J 643 13.26 29.49 0.36
N THR J 644 14.49 29.82 -0.06
CA THR J 644 14.76 30.33 -1.39
C THR J 644 15.72 29.44 -2.16
N CYS J 645 16.83 29.04 -1.54
CA CYS J 645 17.84 28.25 -2.23
C CYS J 645 17.39 26.81 -2.45
N CYS J 646 16.71 26.23 -1.48
CA CYS J 646 16.33 24.82 -1.54
C CYS J 646 14.84 24.67 -1.80
N SER J 647 14.48 23.56 -2.46
CA SER J 647 13.09 23.18 -2.62
C SER J 647 12.62 22.44 -1.39
N LEU J 648 11.44 21.81 -1.46
CA LEU J 648 10.90 21.05 -0.35
C LEU J 648 11.49 19.65 -0.25
N SER J 649 11.56 18.93 -1.37
CA SER J 649 12.17 17.61 -1.36
C SER J 649 13.65 17.66 -1.03
N HIS J 650 14.36 18.70 -1.49
CA HIS J 650 15.75 18.87 -1.13
C HIS J 650 15.92 19.05 0.38
N ARG J 651 15.06 19.86 0.99
CA ARG J 651 15.12 20.05 2.43
C ARG J 651 14.77 18.77 3.18
N PHE J 652 13.78 18.02 2.72
CA PHE J 652 13.46 16.76 3.40
C PHE J 652 14.62 15.79 3.30
N TYR J 653 15.25 15.69 2.14
CA TYR J 653 16.37 14.77 2.01
C TYR J 653 17.59 15.23 2.80
N ARG J 654 17.79 16.53 2.94
CA ARG J 654 18.85 17.01 3.83
C ARG J 654 18.55 16.67 5.28
N LEU J 655 17.29 16.81 5.71
CA LEU J 655 16.92 16.39 7.06
C LEU J 655 17.13 14.88 7.24
N ALA J 656 16.78 14.10 6.23
CA ALA J 656 16.99 12.66 6.28
C ALA J 656 18.47 12.32 6.38
N ASN J 657 19.32 13.03 5.63
CA ASN J 657 20.75 12.83 5.72
C ASN J 657 21.29 13.20 7.10
N GLU J 658 20.78 14.29 7.69
CA GLU J 658 21.19 14.66 9.03
C GLU J 658 20.80 13.59 10.05
N CYS J 659 19.59 13.04 9.92
CA CYS J 659 19.17 11.98 10.84
C CYS J 659 19.93 10.68 10.58
N ALA J 660 20.37 10.46 9.35
CA ALA J 660 21.07 9.23 9.01
C ALA J 660 22.56 9.32 9.32
N GLN J 661 23.07 10.53 9.53
CA GLN J 661 24.49 10.73 9.76
C GLN J 661 24.79 11.23 11.17
N VAL J 662 23.76 11.62 11.92
CA VAL J 662 23.91 12.24 13.22
C VAL J 662 23.06 11.54 14.28
N LEU J 663 21.76 11.45 14.05
CA LEU J 663 20.82 11.09 15.11
C LEU J 663 20.87 9.60 15.45
N SER J 664 20.53 8.73 14.49
CA SER J 664 20.45 7.30 14.73
C SER J 664 21.08 6.56 13.57
N GLU J 665 22.36 6.23 13.72
CA GLU J 665 23.12 5.52 12.72
C GLU J 665 24.07 4.57 13.43
N MET J 666 24.89 3.87 12.64
CA MET J 666 25.82 2.93 13.24
C MET J 666 26.95 3.67 13.91
N VAL J 667 27.30 3.20 15.11
CA VAL J 667 28.34 3.79 15.95
C VAL J 667 29.47 2.77 16.12
N MET J 668 30.70 3.22 15.91
CA MET J 668 31.88 2.37 16.00
C MET J 668 32.50 2.51 17.39
N CYS J 669 32.56 1.41 18.12
CA CYS J 669 33.09 1.38 19.48
C CYS J 669 34.11 0.26 19.57
N GLY J 670 35.36 0.59 19.25
CA GLY J 670 36.44 -0.37 19.34
C GLY J 670 36.33 -1.52 18.36
N GLY J 671 36.30 -1.20 17.06
CA GLY J 671 36.23 -2.22 16.03
C GLY J 671 34.96 -3.04 16.07
N SER J 672 33.82 -2.38 16.28
CA SER J 672 32.53 -3.05 16.34
C SER J 672 31.45 -2.04 16.01
N LEU J 673 30.48 -2.45 15.22
CA LEU J 673 29.40 -1.56 14.79
C LEU J 673 28.15 -1.83 15.62
N TYR J 674 27.67 -0.82 16.32
CA TYR J 674 26.44 -0.86 17.08
C TYR J 674 25.42 0.07 16.44
N VAL J 675 24.27 0.23 17.09
CA VAL J 675 23.21 1.09 16.61
C VAL J 675 22.97 2.19 17.64
N LYS J 676 22.99 3.44 17.19
CA LYS J 676 22.72 4.56 18.08
C LYS J 676 21.22 4.72 18.25
N PRO J 677 20.68 4.54 19.45
CA PRO J 677 19.23 4.71 19.63
C PRO J 677 18.73 6.10 19.33
N GLY J 678 19.53 7.13 19.60
CA GLY J 678 19.13 8.48 19.29
C GLY J 678 20.01 9.48 20.01
N GLY J 679 19.51 10.71 20.11
CA GLY J 679 20.27 11.77 20.73
C GLY J 679 21.33 12.30 19.78
N THR J 680 21.93 13.45 20.10
CA THR J 680 22.90 14.03 19.18
C THR J 680 24.25 13.37 19.39
N SER J 681 24.94 13.07 18.29
CA SER J 681 26.36 12.84 18.35
C SER J 681 27.04 14.19 18.49
N SER J 682 27.92 14.32 19.48
CA SER J 682 28.44 15.62 19.88
C SER J 682 29.65 16.02 19.06
N GLY J 683 29.78 15.50 17.84
CA GLY J 683 30.93 15.84 17.01
C GLY J 683 30.57 16.15 15.57
N ASP J 684 29.28 16.38 15.31
CA ASP J 684 28.82 16.70 13.96
C ASP J 684 29.04 18.18 13.67
N ALA J 685 28.60 18.62 12.49
CA ALA J 685 28.86 19.99 12.06
C ALA J 685 28.01 21.02 12.79
N THR J 686 26.82 20.65 13.26
CA THR J 686 25.91 21.59 13.93
C THR J 686 25.55 21.00 15.28
N THR J 687 26.41 21.20 16.27
CA THR J 687 26.15 20.66 17.60
C THR J 687 25.90 21.71 18.66
N ALA J 688 26.75 22.75 18.73
CA ALA J 688 26.48 23.83 19.67
C ALA J 688 25.21 24.59 19.30
N TYR J 689 24.99 24.82 18.01
CA TYR J 689 23.83 25.58 17.57
C TYR J 689 22.54 24.78 17.72
N ALA J 690 22.56 23.50 17.31
CA ALA J 690 21.40 22.65 17.52
C ALA J 690 21.09 22.46 18.99
N ASN J 691 22.13 22.32 19.83
CA ASN J 691 21.92 22.22 21.26
C ASN J 691 21.36 23.53 21.83
N SER J 692 21.76 24.67 21.29
CA SER J 692 21.18 25.95 21.71
C SER J 692 19.71 26.01 21.35
N VAL J 693 19.34 25.54 20.15
CA VAL J 693 17.94 25.47 19.77
C VAL J 693 17.17 24.59 20.74
N PHE J 694 17.76 23.44 21.11
CA PHE J 694 17.11 22.54 22.06
C PHE J 694 16.91 23.20 23.42
N ASN J 695 17.92 23.95 23.89
CA ASN J 695 17.81 24.63 25.17
C ASN J 695 16.74 25.71 25.15
N ILE J 696 16.69 26.49 24.07
CA ILE J 696 15.64 27.49 23.94
C ILE J 696 14.27 26.83 23.89
N CYS J 697 14.16 25.68 23.22
CA CYS J 697 12.90 24.93 23.23
C CYS J 697 12.49 24.54 24.63
N GLN J 698 13.41 23.99 25.40
CA GLN J 698 13.05 23.57 26.76
C GLN J 698 12.63 24.77 27.61
N ALA J 699 13.31 25.90 27.45
CA ALA J 699 12.91 27.10 28.19
C ALA J 699 11.51 27.57 27.79
N VAL J 700 11.22 27.62 26.49
CA VAL J 700 9.91 28.07 26.04
C VAL J 700 8.82 27.10 26.47
N THR J 701 9.10 25.79 26.40
CA THR J 701 8.13 24.80 26.86
C THR J 701 7.87 24.92 28.35
N ALA J 702 8.92 25.18 29.14
CA ALA J 702 8.72 25.41 30.57
C ALA J 702 7.86 26.65 30.81
N ASN J 703 8.10 27.72 30.04
CA ASN J 703 7.29 28.92 30.19
C ASN J 703 5.83 28.65 29.85
N VAL J 704 5.57 27.92 28.78
CA VAL J 704 4.20 27.62 28.37
C VAL J 704 3.51 26.76 29.42
N ASN J 705 4.23 25.75 29.93
CA ASN J 705 3.66 24.89 30.97
C ASN J 705 3.36 25.66 32.24
N ALA J 706 4.27 26.57 32.63
CA ALA J 706 4.03 27.38 33.81
C ALA J 706 2.84 28.31 33.62
N LEU J 707 2.69 28.88 32.42
CA LEU J 707 1.59 29.81 32.19
C LEU J 707 0.25 29.10 32.12
N LEU J 708 0.21 27.91 31.52
CA LEU J 708 -1.05 27.18 31.41
C LEU J 708 -1.42 26.52 32.74
N SER J 709 -0.43 26.02 33.48
CA SER J 709 -0.70 25.34 34.73
C SER J 709 -1.12 26.29 35.85
N THR J 710 -1.00 27.59 35.65
CA THR J 710 -1.51 28.53 36.63
C THR J 710 -3.03 28.48 36.66
N ASP J 711 -3.61 28.78 37.83
CA ASP J 711 -5.03 28.64 38.07
C ASP J 711 -5.88 29.41 37.06
N GLY J 712 -5.73 30.73 37.02
CA GLY J 712 -6.51 31.58 36.15
C GLY J 712 -7.40 32.56 36.88
N ASN J 713 -8.04 32.15 37.97
CA ASN J 713 -8.81 33.07 38.81
C ASN J 713 -7.93 33.89 39.72
N LYS J 714 -6.71 33.42 40.01
CA LYS J 714 -5.78 34.15 40.85
C LYS J 714 -4.98 35.19 40.08
N ILE J 715 -5.27 35.37 38.79
CA ILE J 715 -4.41 36.15 37.92
C ILE J 715 -4.70 37.63 38.14
N ALA J 716 -3.72 38.36 38.65
CA ALA J 716 -3.95 39.76 38.99
C ALA J 716 -3.94 40.65 37.75
N ASP J 717 -2.96 40.50 36.87
CA ASP J 717 -2.93 41.25 35.61
C ASP J 717 -4.03 40.71 34.70
N LYS J 718 -4.87 41.60 34.19
CA LYS J 718 -6.02 41.17 33.42
C LYS J 718 -5.62 40.85 31.97
N TYR J 719 -4.62 41.56 31.44
CA TYR J 719 -4.02 41.22 30.15
C TYR J 719 -3.45 39.81 30.11
N VAL J 720 -2.65 39.43 31.11
CA VAL J 720 -1.96 38.15 31.02
C VAL J 720 -2.94 36.98 31.23
N ARG J 721 -4.07 37.21 31.91
CA ARG J 721 -5.12 36.19 31.91
C ARG J 721 -5.66 35.99 30.49
N ASN J 722 -5.89 37.09 29.77
CA ASN J 722 -6.26 37.01 28.36
C ASN J 722 -5.14 36.39 27.53
N LEU J 723 -3.88 36.64 27.90
CA LEU J 723 -2.77 36.04 27.17
C LEU J 723 -2.74 34.54 27.36
N GLN J 724 -3.05 34.06 28.57
CA GLN J 724 -3.14 32.62 28.80
C GLN J 724 -4.31 32.01 28.05
N HIS J 725 -5.45 32.71 28.03
CA HIS J 725 -6.59 32.25 27.25
C HIS J 725 -6.24 32.09 25.78
N ARG J 726 -5.61 33.11 25.22
CA ARG J 726 -5.19 33.04 23.82
C ARG J 726 -4.11 32.00 23.60
N LEU J 727 -3.24 31.77 24.58
CA LEU J 727 -2.23 30.73 24.48
C LEU J 727 -2.87 29.36 24.38
N TYR J 728 -3.87 29.09 25.22
CA TYR J 728 -4.56 27.81 25.14
C TYR J 728 -5.29 27.65 23.81
N GLU J 729 -5.95 28.73 23.35
CA GLU J 729 -6.72 28.59 22.11
C GLU J 729 -5.81 28.49 20.89
N CYS J 730 -4.59 29.03 20.97
CA CYS J 730 -3.62 28.86 19.90
C CYS J 730 -2.87 27.54 20.00
N LEU J 731 -2.87 26.91 21.18
CA LEU J 731 -2.27 25.58 21.30
C LEU J 731 -3.22 24.49 20.82
N TYR J 732 -4.40 24.41 21.42
CA TYR J 732 -5.26 23.25 21.25
C TYR J 732 -6.54 23.55 20.49
N ARG J 733 -6.65 24.74 19.87
CA ARG J 733 -7.85 25.06 19.10
C ARG J 733 -7.53 25.64 17.74
N ASN J 734 -6.26 25.76 17.36
CA ASN J 734 -5.87 26.30 16.07
C ASN J 734 -4.89 25.35 15.39
N ARG J 735 -4.99 25.27 14.07
CA ARG J 735 -4.10 24.43 13.29
C ARG J 735 -3.16 25.22 12.39
N ASP J 736 -3.42 26.49 12.17
CA ASP J 736 -2.54 27.36 11.40
C ASP J 736 -1.81 28.31 12.33
N VAL J 737 -0.76 28.94 11.80
CA VAL J 737 0.03 29.87 12.59
C VAL J 737 -0.78 31.13 12.87
N ASP J 738 -0.66 31.63 14.10
CA ASP J 738 -1.21 32.94 14.48
C ASP J 738 -0.02 33.84 14.76
N THR J 739 0.51 34.45 13.70
CA THR J 739 1.76 35.21 13.79
C THR J 739 1.65 36.40 14.72
N ASP J 740 0.47 37.04 14.81
CA ASP J 740 0.31 38.15 15.74
C ASP J 740 0.48 37.69 17.18
N PHE J 741 -0.19 36.60 17.56
CA PHE J 741 -0.05 36.10 18.92
C PHE J 741 1.34 35.51 19.17
N VAL J 742 1.96 34.92 18.15
CA VAL J 742 3.32 34.42 18.31
C VAL J 742 4.27 35.58 18.59
N ASN J 743 4.10 36.70 17.86
CA ASN J 743 4.89 37.90 18.14
C ASN J 743 4.63 38.42 19.54
N GLU J 744 3.36 38.44 19.96
CA GLU J 744 3.02 38.93 21.28
C GLU J 744 3.64 38.07 22.38
N PHE J 745 3.56 36.75 22.24
CA PHE J 745 4.14 35.85 23.24
C PHE J 745 5.66 35.92 23.23
N TYR J 746 6.27 36.07 22.06
CA TYR J 746 7.72 36.22 22.00
C TYR J 746 8.16 37.53 22.67
N ALA J 747 7.41 38.60 22.47
CA ALA J 747 7.71 39.85 23.17
C ALA J 747 7.53 39.69 24.67
N TYR J 748 6.49 38.97 25.09
CA TYR J 748 6.28 38.72 26.51
C TYR J 748 7.45 37.94 27.10
N LEU J 749 7.93 36.92 26.38
CA LEU J 749 9.05 36.13 26.86
C LEU J 749 10.33 36.96 26.92
N ARG J 750 10.59 37.77 25.90
CA ARG J 750 11.78 38.61 25.92
C ARG J 750 11.67 39.74 26.94
N LYS J 751 10.47 40.07 27.38
CA LYS J 751 10.25 41.09 28.39
C LYS J 751 10.34 40.54 29.81
N HIS J 752 9.94 39.29 30.03
CA HIS J 752 9.88 38.75 31.39
C HIS J 752 10.82 37.57 31.61
N PHE J 753 11.38 37.02 30.54
CA PHE J 753 12.22 35.83 30.64
C PHE J 753 13.45 35.97 29.75
N SER J 754 14.17 37.08 29.89
CA SER J 754 15.37 37.31 29.09
C SER J 754 16.38 36.20 29.32
N MET J 755 17.00 35.74 28.25
CA MET J 755 17.84 34.55 28.27
C MET J 755 19.20 34.83 27.63
N MET J 756 20.10 33.86 27.80
CA MET J 756 21.46 33.91 27.27
C MET J 756 21.97 32.48 27.18
N ILE J 757 22.13 31.98 25.95
CA ILE J 757 22.31 30.56 25.69
C ILE J 757 23.67 30.34 25.02
N LEU J 758 24.45 29.39 25.54
CA LEU J 758 25.53 28.76 24.76
C LEU J 758 25.40 27.24 24.96
N SER J 759 24.46 26.66 24.21
CA SER J 759 24.35 25.25 23.86
C SER J 759 24.00 24.27 24.98
N ASP J 760 24.26 24.57 26.24
CA ASP J 760 23.48 23.95 27.31
C ASP J 760 23.47 24.81 28.56
N ASP J 761 24.16 25.94 28.52
CA ASP J 761 24.26 26.83 29.66
C ASP J 761 23.39 28.04 29.42
N ALA J 762 22.46 28.28 30.33
CA ALA J 762 21.54 29.39 30.20
C ALA J 762 21.57 30.21 31.47
N VAL J 763 21.67 31.52 31.30
CA VAL J 763 21.50 32.48 32.39
C VAL J 763 20.26 33.29 32.08
N VAL J 764 19.28 33.25 32.97
CA VAL J 764 17.99 33.85 32.75
C VAL J 764 17.75 34.91 33.83
N CYS J 765 17.20 36.04 33.44
CA CYS J 765 16.97 37.14 34.37
C CYS J 765 15.48 37.34 34.59
N PHE J 766 14.77 36.23 34.79
CA PHE J 766 13.32 36.14 34.84
C PHE J 766 12.72 37.11 35.85
N ASN J 767 11.47 37.49 35.59
CA ASN J 767 10.69 38.28 36.53
C ASN J 767 10.48 37.50 37.81
N SER J 768 10.82 38.11 38.95
CA SER J 768 10.61 37.43 40.22
C SER J 768 9.15 37.43 40.64
N THR J 769 8.46 38.55 40.47
CA THR J 769 7.06 38.62 40.87
C THR J 769 6.19 37.67 40.04
N TYR J 770 6.40 37.65 38.73
CA TYR J 770 5.61 36.77 37.86
C TYR J 770 5.91 35.30 38.17
N ALA J 771 7.17 34.98 38.44
CA ALA J 771 7.52 33.61 38.81
C ALA J 771 6.93 33.21 40.15
N SER J 772 6.95 34.10 41.15
CA SER J 772 6.31 33.80 42.42
C SER J 772 4.81 33.59 42.25
N GLN J 773 4.17 34.43 41.45
CA GLN J 773 2.77 34.17 41.09
C GLN J 773 2.66 32.94 40.19
N GLY J 774 3.70 32.64 39.42
CA GLY J 774 3.73 31.45 38.59
C GLY J 774 3.50 31.68 37.11
N LEU J 775 3.70 32.89 36.59
CA LEU J 775 3.36 33.22 35.22
C LEU J 775 4.55 33.14 34.26
N VAL J 776 5.75 32.91 34.77
CA VAL J 776 6.90 32.60 33.94
C VAL J 776 7.53 31.36 34.55
N ALA J 777 8.37 30.68 33.78
CA ALA J 777 8.92 29.39 34.21
C ALA J 777 9.85 29.57 35.40
N SER J 778 9.75 28.63 36.35
CA SER J 778 10.61 28.58 37.51
C SER J 778 11.39 27.27 37.49
N ILE J 779 12.08 26.98 38.59
CA ILE J 779 12.90 25.77 38.66
C ILE J 779 12.03 24.52 38.56
N LYS J 780 10.91 24.49 39.28
CA LYS J 780 10.07 23.29 39.28
C LYS J 780 9.44 23.05 37.91
N ASN J 781 9.13 24.12 37.17
CA ASN J 781 8.62 23.94 35.82
C ASN J 781 9.64 23.30 34.90
N PHE J 782 10.90 23.72 34.98
CA PHE J 782 11.96 23.07 34.23
C PHE J 782 12.15 21.63 34.65
N LYS J 783 12.04 21.35 35.95
CA LYS J 783 12.16 19.98 36.42
C LYS J 783 11.06 19.10 35.82
N SER J 784 9.82 19.59 35.82
CA SER J 784 8.72 18.82 35.25
C SER J 784 8.89 18.62 33.75
N VAL J 785 9.33 19.68 33.05
CA VAL J 785 9.51 19.60 31.61
C VAL J 785 10.61 18.61 31.26
N LEU J 786 11.72 18.63 31.99
CA LEU J 786 12.77 17.65 31.77
C LEU J 786 12.33 16.25 32.18
N TYR J 787 11.38 16.12 33.11
CA TYR J 787 10.90 14.80 33.46
C TYR J 787 10.04 14.19 32.36
N TYR J 788 9.13 14.97 31.77
CA TYR J 788 8.19 14.40 30.82
C TYR J 788 8.58 14.59 29.36
N GLN J 789 9.65 15.34 29.07
CA GLN J 789 10.12 15.52 27.70
C GLN J 789 11.58 15.17 27.50
N ASN J 790 12.28 14.74 28.54
CA ASN J 790 13.70 14.40 28.42
C ASN J 790 14.03 13.10 29.13
N ASN J 791 13.12 12.56 29.94
CA ASN J 791 13.29 11.28 30.64
C ASN J 791 14.52 11.29 31.55
N VAL J 792 14.76 12.45 32.17
CA VAL J 792 15.77 12.60 33.20
C VAL J 792 15.18 13.46 34.32
N PHE J 793 15.78 13.37 35.50
CA PHE J 793 15.33 14.12 36.66
C PHE J 793 16.29 15.27 36.91
N MET J 794 15.75 16.47 37.05
CA MET J 794 16.54 17.66 37.35
C MET J 794 16.44 17.96 38.83
N SER J 795 17.49 17.62 39.57
CA SER J 795 17.53 17.94 40.99
C SER J 795 17.99 19.38 41.19
N GLU J 796 17.56 19.97 42.30
CA GLU J 796 17.91 21.32 42.65
C GLU J 796 19.39 21.47 43.04
N ALA J 797 20.08 20.37 43.32
CA ALA J 797 21.40 20.39 43.92
C ALA J 797 22.46 21.06 43.04
N LYS J 798 22.29 21.03 41.72
CA LYS J 798 23.24 21.68 40.82
C LYS J 798 22.62 22.78 39.97
N CYS J 799 21.46 23.30 40.35
CA CYS J 799 20.83 24.42 39.65
C CYS J 799 20.64 25.56 40.63
N TRP J 800 21.17 26.72 40.30
CA TRP J 800 21.28 27.84 41.23
C TRP J 800 20.24 28.92 40.93
N THR J 801 20.03 29.77 41.92
CA THR J 801 19.21 30.98 41.78
C THR J 801 19.88 32.11 42.55
N GLU J 802 20.13 33.22 41.86
CA GLU J 802 20.82 34.37 42.45
C GLU J 802 19.80 35.49 42.64
N THR J 803 19.66 35.96 43.87
CA THR J 803 18.71 37.01 44.21
C THR J 803 19.34 38.40 44.20
N ASP J 804 20.66 38.50 44.10
CA ASP J 804 21.36 39.78 44.10
C ASP J 804 21.98 39.96 42.71
N LEU J 805 21.63 41.06 42.05
CA LEU J 805 22.11 41.29 40.69
C LEU J 805 23.50 41.88 40.65
N THR J 806 24.03 42.31 41.80
CA THR J 806 25.34 42.94 41.87
C THR J 806 26.46 41.92 41.94
N LYS J 807 26.15 40.63 41.97
CA LYS J 807 27.18 39.60 41.96
C LYS J 807 27.06 38.67 40.74
N GLY J 808 26.07 38.89 39.89
CA GLY J 808 25.95 38.15 38.66
C GLY J 808 25.53 36.71 38.87
N PRO J 809 25.48 35.96 37.76
CA PRO J 809 25.14 34.53 37.86
C PRO J 809 26.19 33.75 38.63
N HIS J 810 25.74 32.67 39.27
CA HIS J 810 26.65 31.86 40.06
C HIS J 810 27.70 31.17 39.21
N GLU J 811 27.33 30.68 38.03
CA GLU J 811 28.28 29.96 37.18
C GLU J 811 27.74 29.93 35.76
N PHE J 812 28.50 30.49 34.82
CA PHE J 812 28.19 30.40 33.40
C PHE J 812 29.46 29.95 32.67
N CYS J 813 29.34 28.85 31.91
CA CYS J 813 30.46 28.27 31.18
C CYS J 813 31.66 27.99 32.09
N SER J 814 31.37 27.50 33.29
CA SER J 814 32.37 27.19 34.31
C SER J 814 33.23 28.40 34.69
N GLN J 815 32.66 29.60 34.59
CA GLN J 815 33.35 30.83 34.98
C GLN J 815 32.47 31.59 35.97
N HIS J 816 32.94 31.69 37.21
CA HIS J 816 32.26 32.55 38.17
C HIS J 816 32.51 34.01 37.81
N THR J 817 31.50 34.84 38.04
CA THR J 817 31.59 36.25 37.69
C THR J 817 31.40 37.10 38.94
N MET J 818 31.97 38.29 38.92
CA MET J 818 31.91 39.20 40.05
C MET J 818 32.06 40.63 39.55
N LEU J 819 31.63 41.57 40.39
CA LEU J 819 31.61 42.99 40.05
C LEU J 819 32.88 43.65 40.58
N VAL J 820 33.64 44.26 39.69
CA VAL J 820 34.90 44.91 40.04
C VAL J 820 34.85 46.36 39.59
N LYS J 821 35.84 47.13 40.02
CA LYS J 821 35.98 48.52 39.61
C LYS J 821 37.14 48.66 38.64
N GLN J 822 36.84 49.13 37.43
CA GLN J 822 37.85 49.40 36.41
C GLN J 822 37.76 50.85 36.00
N GLY J 823 38.86 51.58 36.14
CA GLY J 823 38.85 53.00 35.82
C GLY J 823 37.95 53.79 36.74
N ASP J 824 36.82 54.27 36.19
CA ASP J 824 35.87 55.04 36.96
C ASP J 824 34.52 54.35 37.13
N ASP J 825 34.23 53.34 36.32
CA ASP J 825 32.96 52.62 36.37
C ASP J 825 33.19 51.18 36.85
N TYR J 826 32.11 50.40 36.86
CA TYR J 826 32.14 49.04 37.34
C TYR J 826 31.80 48.08 36.20
N VAL J 827 32.56 46.99 36.10
CA VAL J 827 32.38 45.99 35.07
C VAL J 827 32.38 44.61 35.70
N TYR J 828 31.87 43.63 34.96
CA TYR J 828 31.87 42.24 35.40
C TYR J 828 33.04 41.50 34.78
N LEU J 829 33.78 40.77 35.61
CA LEU J 829 34.90 39.99 35.13
C LEU J 829 34.71 38.52 35.45
N PRO J 830 34.78 37.64 34.45
CA PRO J 830 34.65 36.21 34.73
C PRO J 830 35.95 35.60 35.25
N TYR J 831 35.91 35.04 36.46
CA TYR J 831 37.11 34.38 36.94
C TYR J 831 36.88 32.88 37.03
N PRO J 832 37.82 32.07 36.55
CA PRO J 832 37.65 30.62 36.54
C PRO J 832 37.90 30.03 37.92
N ASP J 833 37.73 28.71 38.01
CA ASP J 833 38.06 28.00 39.23
C ASP J 833 39.58 27.89 39.35
N PRO J 834 40.19 28.43 40.41
CA PRO J 834 41.65 28.35 40.53
C PRO J 834 42.17 26.93 40.66
N SER J 835 41.35 26.00 41.14
CA SER J 835 41.73 24.59 41.11
C SER J 835 41.93 24.11 39.68
N ARG J 836 41.06 24.54 38.76
CA ARG J 836 41.20 24.18 37.35
C ARG J 836 42.49 24.72 36.76
N ILE J 837 42.82 25.98 37.05
CA ILE J 837 44.03 26.58 36.51
C ILE J 837 45.27 25.92 37.08
N LEU J 838 45.27 25.65 38.39
CA LEU J 838 46.42 25.00 39.01
C LEU J 838 46.57 23.57 38.51
N GLY J 839 45.46 22.87 38.27
CA GLY J 839 45.53 21.55 37.68
C GLY J 839 46.05 21.55 36.25
N ALA J 840 45.63 22.52 35.44
CA ALA J 840 46.18 22.66 34.10
C ALA J 840 47.67 22.96 34.12
N GLY J 841 48.13 23.80 35.04
CA GLY J 841 49.56 24.04 35.16
C GLY J 841 50.33 22.81 35.63
N CYS J 842 49.81 22.12 36.65
CA CYS J 842 50.53 21.00 37.24
C CYS J 842 50.48 19.76 36.36
N PHE J 843 49.33 19.46 35.76
CA PHE J 843 49.13 18.22 35.03
C PHE J 843 49.02 18.53 33.54
N VAL J 844 50.13 18.35 32.82
CA VAL J 844 50.13 18.47 31.37
C VAL J 844 49.83 17.11 30.76
N ASP J 845 49.42 17.10 29.50
CA ASP J 845 49.03 15.87 28.82
C ASP J 845 50.13 15.37 27.87
N ASP J 846 51.34 15.90 28.00
CA ASP J 846 52.43 15.49 27.13
C ASP J 846 53.76 15.68 27.87
N ILE J 847 54.81 15.13 27.27
CA ILE J 847 56.14 15.20 27.89
C ILE J 847 56.84 16.50 27.52
N VAL J 848 56.67 16.98 26.29
CA VAL J 848 57.25 18.24 25.84
C VAL J 848 56.63 19.45 26.54
N LYS J 849 55.45 19.30 27.15
CA LYS J 849 54.85 20.36 27.94
C LYS J 849 55.30 20.33 29.39
N THR J 850 56.03 19.29 29.82
CA THR J 850 56.52 19.19 31.18
C THR J 850 57.75 20.06 31.41
N ASP J 851 58.61 20.22 30.40
CA ASP J 851 59.88 20.91 30.60
C ASP J 851 59.68 22.38 30.94
N GLY J 852 58.66 23.02 30.37
CA GLY J 852 58.36 24.40 30.71
C GLY J 852 59.06 25.43 29.85
N THR J 853 60.39 25.38 29.79
CA THR J 853 61.15 26.38 29.04
C THR J 853 60.83 26.37 27.56
N LEU J 854 60.35 25.25 27.03
CA LEU J 854 59.94 25.22 25.63
C LEU J 854 58.64 25.99 25.43
N MET J 855 57.74 25.94 26.41
CA MET J 855 56.39 26.50 26.28
C MET J 855 56.19 27.60 27.31
N ILE J 856 56.36 28.84 26.85
CA ILE J 856 55.92 29.99 27.64
C ILE J 856 54.51 30.42 27.27
N GLU J 857 54.04 30.08 26.07
CA GLU J 857 52.67 30.43 25.68
C GLU J 857 51.63 29.74 26.55
N ARG J 858 51.92 28.52 27.02
CA ARG J 858 51.00 27.84 27.91
C ARG J 858 50.73 28.65 29.17
N PHE J 859 51.80 29.07 29.85
CA PHE J 859 51.63 29.84 31.07
C PHE J 859 51.18 31.27 30.82
N VAL J 860 51.54 31.87 29.69
CA VAL J 860 51.00 33.18 29.36
C VAL J 860 49.49 33.10 29.16
N SER J 861 49.02 32.08 28.43
CA SER J 861 47.59 31.91 28.23
C SER J 861 46.88 31.60 29.54
N LEU J 862 47.51 30.80 30.40
CA LEU J 862 46.90 30.52 31.70
C LEU J 862 46.82 31.77 32.57
N ALA J 863 47.85 32.62 32.55
CA ALA J 863 47.79 33.88 33.27
C ALA J 863 46.74 34.82 32.69
N ILE J 864 46.59 34.85 31.37
CA ILE J 864 45.50 35.61 30.75
C ILE J 864 44.16 35.11 31.26
N ASP J 865 43.99 33.78 31.30
CA ASP J 865 42.70 33.21 31.70
C ASP J 865 42.43 33.41 33.19
N ALA J 866 43.46 33.46 34.03
CA ALA J 866 43.28 33.57 35.48
C ALA J 866 43.62 34.95 36.03
N TYR J 867 43.79 35.96 35.18
CA TYR J 867 43.98 37.32 35.66
C TYR J 867 42.90 37.83 36.61
N PRO J 868 41.60 37.66 36.35
CA PRO J 868 40.59 38.29 37.23
C PRO J 868 40.63 37.82 38.68
N LEU J 869 41.41 36.80 39.01
CA LEU J 869 41.49 36.35 40.40
C LEU J 869 42.12 37.39 41.31
N THR J 870 42.93 38.31 40.77
CA THR J 870 43.58 39.31 41.62
C THR J 870 42.58 40.24 42.27
N LYS J 871 41.45 40.50 41.63
CA LYS J 871 40.44 41.42 42.17
C LYS J 871 39.48 40.73 43.12
N HIS J 872 39.63 39.41 43.34
CA HIS J 872 38.80 38.66 44.26
C HIS J 872 39.14 39.03 45.70
N PRO J 873 38.13 39.11 46.59
CA PRO J 873 38.42 39.44 48.00
C PRO J 873 39.28 38.43 48.72
N ASN J 874 39.23 37.15 48.37
CA ASN J 874 40.01 36.14 49.06
C ASN J 874 41.44 36.18 48.54
N GLN J 875 42.41 36.21 49.45
CA GLN J 875 43.79 36.54 49.08
C GLN J 875 44.46 35.42 48.31
N GLU J 876 44.32 34.17 48.77
CA GLU J 876 45.00 33.07 48.09
C GLU J 876 44.28 32.64 46.82
N TYR J 877 43.05 33.11 46.61
CA TYR J 877 42.52 33.14 45.24
C TYR J 877 43.36 34.06 44.36
N ALA J 878 43.71 35.24 44.87
CA ALA J 878 44.47 36.21 44.08
C ALA J 878 45.92 35.81 43.92
N ASP J 879 46.44 34.96 44.80
CA ASP J 879 47.84 34.58 44.74
C ASP J 879 48.16 33.69 43.55
N VAL J 880 47.16 33.11 42.89
CA VAL J 880 47.41 32.25 41.74
C VAL J 880 48.00 33.03 40.58
N PHE J 881 47.49 34.24 40.33
CA PHE J 881 48.00 35.06 39.23
C PHE J 881 49.47 35.41 39.47
N HIS J 882 49.81 35.81 40.69
CA HIS J 882 51.19 36.12 41.00
C HIS J 882 52.08 34.89 40.99
N LEU J 883 51.55 33.72 41.37
CA LEU J 883 52.30 32.47 41.21
C LEU J 883 52.66 32.25 39.74
N TYR J 884 51.67 32.35 38.85
CA TYR J 884 51.94 32.15 37.44
C TYR J 884 52.90 33.20 36.89
N LEU J 885 52.80 34.43 37.39
CA LEU J 885 53.66 35.50 36.91
C LEU J 885 55.11 35.26 37.32
N GLN J 886 55.33 34.92 38.59
CA GLN J 886 56.68 34.61 39.05
C GLN J 886 57.21 33.35 38.40
N TYR J 887 56.34 32.39 38.08
CA TYR J 887 56.77 31.21 37.34
C TYR J 887 57.23 31.57 35.95
N ILE J 888 56.52 32.46 35.26
CA ILE J 888 56.96 32.92 33.95
C ILE J 888 58.30 33.65 34.07
N ARG J 889 58.46 34.46 35.11
CA ARG J 889 59.73 35.15 35.34
C ARG J 889 60.89 34.16 35.50
N LYS J 890 60.72 33.16 36.38
CA LYS J 890 61.77 32.17 36.60
C LYS J 890 62.01 31.34 35.34
N LEU J 891 60.94 31.02 34.62
CA LEU J 891 61.06 30.23 33.40
C LEU J 891 61.88 30.96 32.35
N HIS J 892 61.59 32.25 32.16
CA HIS J 892 62.38 33.05 31.22
C HIS J 892 63.82 33.19 31.68
N ASP J 893 64.05 33.37 32.99
CA ASP J 893 65.41 33.49 33.49
C ASP J 893 66.22 32.24 33.21
N GLU J 894 65.65 31.07 33.51
CA GLU J 894 66.39 29.84 33.28
C GLU J 894 66.48 29.47 31.80
N LEU J 895 65.49 29.86 30.98
CA LEU J 895 65.62 29.70 29.54
C LEU J 895 66.78 30.53 28.99
N THR J 896 66.91 31.77 29.46
CA THR J 896 68.05 32.59 29.05
C THR J 896 69.37 32.02 29.56
N GLY J 897 69.37 31.46 30.77
CA GLY J 897 70.58 30.80 31.25
C GLY J 897 70.97 29.60 30.41
N HIS J 898 69.99 28.76 30.06
CA HIS J 898 70.27 27.61 29.21
C HIS J 898 70.75 28.02 27.83
N MET J 899 70.15 29.05 27.24
CA MET J 899 70.59 29.49 25.91
C MET J 899 71.85 30.35 25.96
N LEU J 900 72.25 30.80 27.14
CA LEU J 900 73.59 31.33 27.34
C LEU J 900 74.64 30.23 27.52
N ASP J 901 74.25 29.07 28.07
CA ASP J 901 75.22 27.98 28.21
C ASP J 901 75.41 27.23 26.89
N MET J 902 74.32 27.04 26.14
CA MET J 902 74.38 26.27 24.90
C MET J 902 74.82 27.12 23.71
N TYR J 903 75.04 28.41 23.93
CA TYR J 903 75.71 29.26 22.94
C TYR J 903 76.68 30.16 23.70
N SER J 904 77.18 31.20 23.03
CA SER J 904 77.94 32.25 23.69
C SER J 904 77.27 33.62 23.54
N VAL J 905 76.12 33.68 22.87
CA VAL J 905 75.47 34.93 22.55
C VAL J 905 74.08 34.95 23.18
N MET J 906 73.77 36.04 23.86
CA MET J 906 72.52 36.29 24.56
C MET J 906 71.57 37.10 23.67
N LEU J 907 70.31 36.69 23.64
CA LEU J 907 69.37 37.11 22.60
C LEU J 907 69.24 38.62 22.52
N THR J 908 69.47 39.17 21.33
CA THR J 908 69.56 40.61 21.14
C THR J 908 68.22 41.28 21.40
N ASN J 909 67.14 40.69 20.91
CA ASN J 909 65.78 41.19 21.17
C ASN J 909 65.03 40.11 21.93
N ASP J 910 65.25 40.05 23.24
CA ASP J 910 64.49 39.16 24.12
C ASP J 910 63.25 39.97 24.50
N ASN J 911 62.11 39.62 23.91
CA ASN J 911 60.94 40.50 23.88
C ASN J 911 59.97 40.17 25.00
N THR J 912 60.38 39.34 25.95
CA THR J 912 59.51 38.70 26.92
C THR J 912 59.18 39.61 28.13
N SER J 913 59.76 40.81 28.20
CA SER J 913 59.70 41.65 29.41
C SER J 913 58.28 42.03 29.82
N ARG J 914 57.32 42.03 28.90
CA ARG J 914 55.95 42.39 29.22
C ARG J 914 55.10 41.23 29.71
N TYR J 915 55.61 40.00 29.65
CA TYR J 915 54.81 38.86 30.05
C TYR J 915 54.79 38.66 31.56
N TRP J 916 55.66 39.34 32.33
CA TRP J 916 55.71 39.15 33.78
C TRP J 916 55.35 40.43 34.54
N GLU J 917 54.75 41.42 33.88
CA GLU J 917 54.17 42.60 34.51
C GLU J 917 52.73 42.79 34.08
N PRO J 918 51.85 43.21 34.99
CA PRO J 918 50.41 42.99 34.80
C PRO J 918 49.73 43.88 33.75
N GLU J 919 50.45 44.73 33.02
CA GLU J 919 49.78 45.51 31.98
C GLU J 919 49.24 44.63 30.85
N PHE J 920 50.01 43.63 30.43
CA PHE J 920 49.60 42.79 29.31
C PHE J 920 48.33 42.01 29.62
N TYR J 921 48.11 41.67 30.90
CA TYR J 921 46.93 40.93 31.29
C TYR J 921 45.80 41.86 31.74
N GLU J 922 46.14 43.06 32.21
CA GLU J 922 45.11 44.04 32.57
C GLU J 922 44.44 44.59 31.33
N ALA J 923 45.21 44.85 30.27
CA ALA J 923 44.63 45.31 29.02
C ALA J 923 43.74 44.28 28.36
N MET J 924 43.77 43.02 28.79
CA MET J 924 42.94 41.98 28.22
C MET J 924 41.46 42.15 28.52
N TYR J 925 41.09 42.79 29.62
CA TYR J 925 39.70 42.88 30.05
C TYR J 925 39.22 44.32 30.08
N THR J 926 39.74 45.14 29.17
CA THR J 926 39.31 46.52 29.04
C THR J 926 38.59 46.70 27.71
N PRO J 927 37.47 47.42 27.71
CA PRO J 927 36.58 47.41 26.54
C PRO J 927 37.06 48.25 25.37
N HIS J 928 38.30 48.75 25.37
CA HIS J 928 38.74 49.58 24.26
C HIS J 928 38.94 48.77 22.99
N THR J 929 39.58 47.61 23.09
CA THR J 929 39.84 46.78 21.92
C THR J 929 38.75 45.74 21.75
N SER K 6 51.07 20.16 53.64
CA SER K 6 51.09 19.86 52.22
C SER K 6 51.13 18.35 51.98
N LYS K 7 50.87 17.58 53.04
CA LYS K 7 50.95 16.13 52.94
C LYS K 7 49.85 15.52 52.07
N MET K 8 48.74 16.24 51.83
CA MET K 8 47.61 15.65 51.10
C MET K 8 47.71 15.83 49.59
N SER K 9 47.98 17.05 49.11
CA SER K 9 48.18 17.28 47.68
C SER K 9 49.48 16.65 47.17
N ASP K 10 50.26 16.03 48.07
CA ASP K 10 51.52 15.38 47.75
C ASP K 10 51.37 13.92 47.34
N VAL K 11 50.42 13.19 47.91
CA VAL K 11 50.21 11.81 47.49
C VAL K 11 49.53 11.75 46.13
N LYS K 12 48.58 12.66 45.89
CA LYS K 12 47.77 12.63 44.68
C LYS K 12 48.58 12.79 43.40
N CYS K 13 49.76 13.39 43.47
CA CYS K 13 50.66 13.43 42.33
C CYS K 13 51.51 12.18 42.23
N THR K 14 51.86 11.60 43.39
CA THR K 14 52.65 10.37 43.39
C THR K 14 51.89 9.23 42.75
N SER K 15 50.57 9.18 42.94
CA SER K 15 49.78 8.18 42.25
C SER K 15 49.84 8.37 40.75
N VAL K 16 49.81 9.62 40.29
CA VAL K 16 49.85 9.89 38.85
C VAL K 16 51.18 9.42 38.27
N VAL K 17 52.30 9.77 38.93
CA VAL K 17 53.59 9.36 38.40
C VAL K 17 53.78 7.85 38.46
N LEU K 18 53.31 7.21 39.53
CA LEU K 18 53.42 5.76 39.65
C LEU K 18 52.59 5.06 38.56
N LEU K 19 51.38 5.54 38.30
CA LEU K 19 50.60 4.95 37.23
C LEU K 19 51.23 5.19 35.87
N SER K 20 51.86 6.35 35.67
CA SER K 20 52.58 6.59 34.42
C SER K 20 53.75 5.63 34.27
N VAL K 21 54.46 5.34 35.36
CA VAL K 21 55.57 4.38 35.30
C VAL K 21 55.04 2.98 34.99
N LEU K 22 53.93 2.60 35.63
CA LEU K 22 53.33 1.30 35.34
C LEU K 22 52.88 1.19 33.89
N GLN K 23 52.30 2.25 33.34
CA GLN K 23 51.95 2.28 31.93
C GLN K 23 53.19 2.22 31.04
N GLN K 24 54.29 2.83 31.48
CA GLN K 24 55.57 2.73 30.80
C GLN K 24 56.07 1.29 30.73
N LEU K 25 55.91 0.52 31.80
CA LEU K 25 56.35 -0.86 31.84
C LEU K 25 55.31 -1.84 31.27
N ARG K 26 54.31 -1.32 30.56
CA ARG K 26 53.30 -2.14 29.88
C ARG K 26 52.56 -3.08 30.83
N VAL K 27 52.00 -2.49 31.90
CA VAL K 27 50.94 -3.17 32.63
C VAL K 27 49.64 -3.09 31.83
N GLU K 28 49.56 -2.14 30.89
CA GLU K 28 48.38 -1.97 30.06
C GLU K 28 48.05 -3.19 29.22
N SER K 29 49.03 -4.04 28.94
CA SER K 29 48.82 -5.25 28.15
C SER K 29 48.17 -6.36 28.95
N SER K 30 48.06 -6.21 30.28
CA SER K 30 47.36 -7.15 31.14
C SER K 30 46.12 -6.44 31.65
N SER K 31 44.95 -6.74 31.06
CA SER K 31 43.73 -6.06 31.44
C SER K 31 43.37 -6.29 32.89
N LYS K 32 43.58 -7.53 33.39
CA LYS K 32 43.22 -7.82 34.77
C LYS K 32 44.02 -6.98 35.76
N LEU K 33 45.34 -6.90 35.61
CA LEU K 33 46.12 -6.10 36.55
C LEU K 33 45.86 -4.61 36.39
N TRP K 34 45.78 -4.15 35.14
CA TRP K 34 45.48 -2.75 34.86
C TRP K 34 44.15 -2.34 35.46
N ALA K 35 43.24 -3.30 35.67
CA ALA K 35 41.96 -2.99 36.31
C ALA K 35 42.15 -2.35 37.68
N GLN K 36 42.76 -3.05 38.65
CA GLN K 36 42.94 -2.41 39.95
C GLN K 36 44.05 -1.36 39.92
N CYS K 37 44.95 -1.41 38.94
CA CYS K 37 45.89 -0.28 38.83
C CYS K 37 45.17 1.04 38.62
N VAL K 38 44.30 1.11 37.61
CA VAL K 38 43.53 2.33 37.37
C VAL K 38 42.47 2.53 38.46
N GLN K 39 41.99 1.43 39.06
CA GLN K 39 41.03 1.54 40.14
C GLN K 39 41.62 2.28 41.32
N LEU K 40 42.79 1.84 41.79
CA LEU K 40 43.47 2.51 42.89
C LEU K 40 43.87 3.92 42.51
N HIS K 41 44.26 4.13 41.25
CA HIS K 41 44.65 5.48 40.86
C HIS K 41 43.47 6.45 40.96
N ASN K 42 42.33 6.09 40.38
CA ASN K 42 41.15 6.95 40.44
C ASN K 42 40.60 7.09 41.84
N ASP K 43 40.74 6.07 42.70
CA ASP K 43 40.28 6.20 44.07
C ASP K 43 41.20 7.07 44.92
N ILE K 44 42.52 7.00 44.72
CA ILE K 44 43.44 7.88 45.45
C ILE K 44 43.25 9.32 45.01
N LEU K 45 42.98 9.56 43.72
CA LEU K 45 42.72 10.94 43.30
C LEU K 45 41.48 11.50 43.99
N LEU K 46 40.47 10.67 44.24
CA LEU K 46 39.27 11.09 44.96
C LEU K 46 39.30 10.63 46.42
N ALA K 47 40.22 11.16 47.21
CA ALA K 47 40.42 10.75 48.59
C ALA K 47 40.30 11.95 49.53
N LYS K 48 39.90 11.65 50.77
CA LYS K 48 39.67 12.69 51.78
C LYS K 48 40.59 12.60 52.98
N ASP K 49 40.94 11.41 53.43
CA ASP K 49 41.76 11.28 54.65
C ASP K 49 43.18 10.88 54.27
N THR K 50 44.11 11.00 55.20
CA THR K 50 45.48 10.59 54.91
C THR K 50 45.62 9.07 54.80
N THR K 51 44.78 8.31 55.52
CA THR K 51 45.00 6.88 55.69
C THR K 51 44.73 6.09 54.41
N GLU K 52 43.46 6.07 53.98
CA GLU K 52 43.09 5.21 52.86
C GLU K 52 43.88 5.59 51.62
N ALA K 53 44.16 6.89 51.46
CA ALA K 53 45.16 7.30 50.48
C ALA K 53 46.49 6.57 50.69
N PHE K 54 46.95 6.39 51.93
CA PHE K 54 48.27 5.82 52.12
C PHE K 54 48.33 4.32 51.90
N GLU K 55 47.37 3.52 52.40
CA GLU K 55 47.53 2.09 52.08
C GLU K 55 46.98 1.74 50.69
N LYS K 56 46.11 2.56 50.09
CA LYS K 56 45.93 2.43 48.64
C LYS K 56 47.20 2.78 47.88
N MET K 57 47.98 3.74 48.38
CA MET K 57 49.29 3.99 47.80
C MET K 57 50.19 2.77 47.94
N VAL K 58 50.10 2.09 49.09
CA VAL K 58 50.91 0.90 49.32
C VAL K 58 50.51 -0.21 48.36
N SER K 59 49.19 -0.41 48.20
CA SER K 59 48.66 -1.41 47.27
C SER K 59 49.02 -1.14 45.82
N LEU K 60 48.97 0.12 45.40
CA LEU K 60 49.35 0.46 44.04
C LEU K 60 50.84 0.31 43.81
N LEU K 61 51.67 0.65 44.80
CA LEU K 61 53.11 0.47 44.65
C LEU K 61 53.50 -1.00 44.67
N SER K 62 52.70 -1.84 45.33
CA SER K 62 52.95 -3.27 45.30
C SER K 62 52.90 -3.87 43.90
N VAL K 63 52.15 -3.25 42.97
CA VAL K 63 52.18 -3.70 41.58
C VAL K 63 53.58 -3.55 41.00
N LEU K 64 54.22 -2.40 41.26
CA LEU K 64 55.59 -2.20 40.82
C LEU K 64 56.55 -3.05 41.63
N LEU K 65 56.16 -3.43 42.85
CA LEU K 65 57.02 -4.27 43.68
C LEU K 65 57.15 -5.69 43.17
N SER K 66 56.06 -6.28 42.65
CA SER K 66 56.09 -7.68 42.24
C SER K 66 56.93 -7.91 40.99
N MET K 67 57.44 -6.86 40.40
CA MET K 67 57.98 -6.91 39.06
C MET K 67 59.49 -7.11 39.17
N GLN K 68 59.96 -8.32 38.84
CA GLN K 68 61.37 -8.61 39.05
C GLN K 68 62.29 -7.86 38.10
N GLY K 69 62.11 -8.06 36.80
CA GLY K 69 63.01 -7.63 35.77
C GLY K 69 62.65 -6.35 35.07
N ALA K 70 61.39 -5.92 35.13
CA ALA K 70 61.04 -4.66 34.49
C ALA K 70 61.66 -3.48 35.24
N VAL K 71 61.57 -3.49 36.56
CA VAL K 71 62.36 -2.59 37.37
C VAL K 71 63.64 -3.31 37.76
N ASP K 72 64.67 -2.55 38.10
CA ASP K 72 65.73 -3.06 38.95
C ASP K 72 65.72 -2.15 40.19
N ILE K 73 65.28 -2.71 41.32
CA ILE K 73 64.98 -1.87 42.49
C ILE K 73 66.24 -1.21 43.05
N ASN K 74 67.42 -1.83 42.87
CA ASN K 74 68.56 -1.40 43.66
C ASN K 74 69.19 -0.11 43.11
N LYS K 75 69.21 0.11 41.78
CA LYS K 75 69.81 1.35 41.28
C LYS K 75 69.03 2.60 41.67
N LEU K 76 67.70 2.53 41.73
CA LEU K 76 66.96 3.78 41.80
C LEU K 76 66.86 4.29 43.23
N CYS K 77 67.73 3.81 44.13
CA CYS K 77 67.65 4.20 45.54
C CYS K 77 68.95 4.06 46.33
N GLU K 78 70.14 4.30 45.76
CA GLU K 78 71.31 4.55 46.61
C GLU K 78 71.73 6.01 46.49
N GLU K 79 71.75 6.50 45.24
CA GLU K 79 72.17 7.86 44.96
C GLU K 79 71.10 8.87 45.35
N MET K 80 69.94 8.38 45.74
CA MET K 80 68.90 9.22 46.32
C MET K 80 68.39 8.71 47.66
N SER L 8 78.63 51.92 14.61
CA SER L 8 78.16 50.56 14.82
C SER L 8 79.06 49.56 14.11
N SER L 9 80.33 49.94 13.93
CA SER L 9 81.38 49.09 13.36
C SER L 9 81.02 48.60 11.96
N LEU L 10 80.83 49.57 11.06
CA LEU L 10 80.61 49.28 9.65
C LEU L 10 81.32 50.35 8.83
N PRO L 11 81.73 50.04 7.60
CA PRO L 11 82.35 51.08 6.75
C PRO L 11 81.39 52.21 6.39
N SER L 12 80.12 51.90 6.15
CA SER L 12 79.14 52.95 5.92
C SER L 12 78.92 53.76 7.20
N TYR L 13 79.10 53.12 8.36
CA TYR L 13 79.17 53.89 9.61
C TYR L 13 80.36 54.84 9.61
N ALA L 14 81.48 54.46 9.01
CA ALA L 14 82.61 55.38 8.92
C ALA L 14 82.26 56.57 8.02
N ALA L 15 81.54 56.31 6.92
CA ALA L 15 81.11 57.40 6.05
C ALA L 15 80.19 58.36 6.79
N PHE L 16 79.25 57.81 7.57
CA PHE L 16 78.35 58.64 8.37
C PHE L 16 79.11 59.38 9.46
N ALA L 17 80.11 58.75 10.07
CA ALA L 17 80.83 59.42 11.14
C ALA L 17 81.67 60.58 10.59
N THR L 18 82.25 60.41 9.40
CA THR L 18 82.98 61.53 8.83
C THR L 18 82.05 62.61 8.32
N ALA L 19 80.84 62.26 7.85
CA ALA L 19 79.84 63.28 7.58
C ALA L 19 79.46 64.05 8.84
N GLN L 20 79.27 63.33 9.95
CA GLN L 20 79.05 63.94 11.25
C GLN L 20 80.12 64.96 11.58
N GLU L 21 81.39 64.53 11.60
CA GLU L 21 82.47 65.44 11.98
C GLU L 21 82.56 66.63 11.02
N ALA L 22 82.48 66.38 9.71
CA ALA L 22 82.65 67.44 8.73
C ALA L 22 81.54 68.48 8.84
N TYR L 23 80.28 68.04 8.91
CA TYR L 23 79.20 69.01 8.84
C TYR L 23 78.94 69.65 10.20
N GLU L 24 79.27 68.94 11.29
CA GLU L 24 79.27 69.58 12.60
C GLU L 24 80.34 70.68 12.69
N GLN L 25 81.52 70.41 12.12
CA GLN L 25 82.54 71.46 12.05
C GLN L 25 82.09 72.62 11.17
N ALA L 26 81.41 72.31 10.07
CA ALA L 26 80.86 73.36 9.21
C ALA L 26 79.86 74.22 9.95
N VAL L 27 78.97 73.61 10.74
CA VAL L 27 78.05 74.38 11.58
C VAL L 27 78.77 75.15 12.69
N ALA L 28 79.84 74.58 13.26
CA ALA L 28 80.68 75.32 14.19
C ALA L 28 81.23 76.59 13.55
N ASN L 29 81.54 76.52 12.25
CA ASN L 29 81.70 77.75 11.48
C ASN L 29 80.33 78.35 11.17
N GLY L 30 79.51 77.62 10.42
CA GLY L 30 78.11 77.95 10.25
C GLY L 30 77.79 79.23 9.53
N ASP L 31 78.74 79.79 8.77
CA ASP L 31 78.49 81.08 8.14
C ASP L 31 77.39 81.02 7.10
N SER L 32 77.65 80.40 5.95
CA SER L 32 76.74 80.35 4.81
C SER L 32 77.41 79.61 3.66
N GLU L 33 76.61 79.20 2.66
CA GLU L 33 75.24 78.69 2.82
C GLU L 33 75.12 77.45 1.93
N VAL L 34 75.73 77.58 0.75
CA VAL L 34 75.57 76.59 -0.32
C VAL L 34 76.27 75.30 0.04
N VAL L 35 77.51 75.41 0.56
CA VAL L 35 78.21 74.24 1.03
C VAL L 35 77.48 73.59 2.20
N LEU L 36 76.82 74.39 3.04
CA LEU L 36 76.04 73.82 4.14
C LEU L 36 74.90 72.96 3.62
N LYS L 37 74.12 73.50 2.66
CA LYS L 37 73.00 72.72 2.13
C LYS L 37 73.46 71.50 1.35
N LYS L 38 74.51 71.64 0.53
CA LYS L 38 75.01 70.48 -0.22
C LYS L 38 75.58 69.42 0.71
N LEU L 39 76.25 69.85 1.79
CA LEU L 39 76.80 68.91 2.75
C LEU L 39 75.70 68.23 3.56
N LYS L 40 74.59 68.94 3.82
CA LYS L 40 73.43 68.28 4.42
C LYS L 40 72.85 67.23 3.48
N LYS L 41 72.82 67.53 2.18
CA LYS L 41 72.38 66.54 1.19
C LYS L 41 73.27 65.30 1.21
N SER L 42 74.59 65.50 1.25
CA SER L 42 75.51 64.37 1.33
C SER L 42 75.34 63.59 2.62
N LEU L 43 75.13 64.29 3.74
CA LEU L 43 74.88 63.62 5.01
C LEU L 43 73.62 62.77 4.94
N ASN L 44 72.57 63.29 4.30
CA ASN L 44 71.34 62.52 4.18
C ASN L 44 71.50 61.29 3.29
N VAL L 45 72.25 61.40 2.19
CA VAL L 45 72.41 60.22 1.34
C VAL L 45 73.26 59.16 2.05
N ALA L 46 74.29 59.59 2.81
CA ALA L 46 75.07 58.63 3.59
C ALA L 46 74.20 57.98 4.68
N LYS L 47 73.35 58.79 5.32
CA LYS L 47 72.41 58.27 6.30
C LYS L 47 71.52 57.19 5.70
N SER L 48 70.98 57.44 4.51
CA SER L 48 70.06 56.49 3.89
C SER L 48 70.78 55.19 3.50
N GLU L 49 71.98 55.31 2.92
CA GLU L 49 72.67 54.11 2.44
C GLU L 49 73.19 53.27 3.61
N PHE L 50 73.51 53.91 4.74
CA PHE L 50 73.77 53.15 5.96
C PHE L 50 72.50 52.53 6.53
N ASP L 51 71.39 53.27 6.47
CA ASP L 51 70.15 52.79 7.09
C ASP L 51 69.67 51.51 6.41
N ARG L 52 69.90 51.41 5.10
CA ARG L 52 69.39 50.26 4.37
C ARG L 52 70.03 48.97 4.84
N ASP L 53 71.36 48.90 4.88
CA ASP L 53 71.98 47.64 5.25
C ASP L 53 71.88 47.41 6.76
N ALA L 54 71.71 48.48 7.55
CA ALA L 54 71.36 48.26 8.97
C ALA L 54 70.03 47.54 9.12
N ALA L 55 69.00 47.95 8.36
CA ALA L 55 67.69 47.30 8.45
C ALA L 55 67.73 45.87 7.92
N MET L 56 68.43 45.65 6.82
CA MET L 56 68.45 44.27 6.32
C MET L 56 69.31 43.39 7.23
N GLN L 57 70.22 44.00 7.99
CA GLN L 57 70.91 43.30 9.07
C GLN L 57 69.97 42.89 10.20
N ARG L 58 68.97 43.74 10.49
CA ARG L 58 67.90 43.32 11.40
C ARG L 58 67.35 41.98 10.96
N LYS L 59 67.01 41.93 9.67
CA LYS L 59 66.39 40.77 9.08
C LYS L 59 67.31 39.55 9.21
N LEU L 60 68.61 39.75 9.04
CA LEU L 60 69.55 38.63 9.21
C LEU L 60 69.52 38.06 10.62
N GLU L 61 69.54 38.92 11.68
CA GLU L 61 69.57 38.36 13.03
C GLU L 61 68.22 37.71 13.41
N LYS L 62 67.11 38.24 12.90
CA LYS L 62 65.81 37.63 13.18
C LYS L 62 65.58 36.33 12.38
N MET L 63 66.10 36.27 11.16
CA MET L 63 66.10 34.99 10.45
C MET L 63 66.91 33.97 11.24
N ALA L 64 68.02 34.41 11.83
CA ALA L 64 68.79 33.54 12.72
C ALA L 64 68.01 33.19 13.99
N ASP L 65 67.10 34.06 14.41
CA ASP L 65 66.17 33.72 15.49
C ASP L 65 65.26 32.55 15.17
N GLN L 66 64.66 32.53 13.96
CA GLN L 66 64.12 31.25 13.48
C GLN L 66 65.13 30.12 13.58
N ALA L 67 66.33 30.33 13.06
CA ALA L 67 67.27 29.22 13.05
C ALA L 67 67.52 28.67 14.45
N MET L 68 67.77 29.56 15.42
CA MET L 68 68.13 29.17 16.77
C MET L 68 66.94 28.62 17.56
N THR L 69 65.76 29.24 17.40
CA THR L 69 64.60 28.82 18.17
C THR L 69 64.07 27.49 17.69
N GLN L 70 63.92 27.30 16.38
CA GLN L 70 63.68 25.97 15.83
C GLN L 70 64.72 24.98 16.33
N MET L 71 65.99 25.42 16.37
CA MET L 71 67.10 24.52 16.68
C MET L 71 66.92 23.96 18.08
N TYR L 72 66.76 24.87 19.04
CA TYR L 72 66.59 24.51 20.44
C TYR L 72 65.33 23.71 20.68
N LYS L 73 64.19 24.12 20.08
CA LYS L 73 62.94 23.40 20.34
C LYS L 73 63.03 21.96 19.87
N GLN L 74 63.53 21.73 18.65
CA GLN L 74 63.59 20.38 18.11
C GLN L 74 64.58 19.51 18.89
N ALA L 75 65.76 20.06 19.19
CA ALA L 75 66.74 19.29 19.96
C ALA L 75 66.17 18.89 21.31
N ARG L 76 65.59 19.86 22.05
CA ARG L 76 65.07 19.56 23.37
C ARG L 76 63.83 18.69 23.30
N SER L 77 63.15 18.66 22.15
CA SER L 77 62.04 17.75 21.96
C SER L 77 62.43 16.30 22.18
N GLU L 78 63.32 15.77 21.37
CA GLU L 78 63.60 14.38 21.73
C GLU L 78 64.75 14.27 22.73
N ASP L 79 65.29 15.41 23.18
CA ASP L 79 66.02 15.36 24.46
C ASP L 79 65.08 14.98 25.59
N LYS L 80 63.87 15.55 25.58
CA LYS L 80 62.87 15.27 26.59
C LYS L 80 62.26 13.89 26.39
N ARG L 81 62.22 13.41 25.15
CA ARG L 81 61.71 12.07 24.88
C ARG L 81 62.67 10.98 25.33
N ALA L 82 63.95 11.13 25.02
CA ALA L 82 64.90 10.04 25.25
C ALA L 82 65.12 9.77 26.72
N LYS L 83 65.20 10.81 27.54
CA LYS L 83 65.47 10.63 28.95
C LYS L 83 64.29 10.07 29.72
N VAL L 84 63.08 10.45 29.33
CA VAL L 84 61.98 10.62 30.30
C VAL L 84 61.65 9.33 31.04
N THR L 85 61.64 8.19 30.35
CA THR L 85 61.13 6.96 30.97
C THR L 85 61.92 6.59 32.22
N SER L 86 63.23 6.37 32.05
CA SER L 86 64.10 6.13 33.20
C SER L 86 64.18 7.37 34.08
N ALA L 87 64.24 8.55 33.46
CA ALA L 87 64.33 9.78 34.24
C ALA L 87 63.10 10.02 35.10
N MET L 88 61.91 9.63 34.60
CA MET L 88 60.71 9.86 35.40
C MET L 88 60.49 8.72 36.38
N GLN L 89 61.09 7.56 36.13
CA GLN L 89 61.21 6.59 37.23
C GLN L 89 62.04 7.18 38.37
N THR L 90 63.14 7.85 38.05
CA THR L 90 63.91 8.54 39.07
C THR L 90 63.10 9.63 39.76
N MET L 91 62.31 10.37 38.99
CA MET L 91 61.41 11.34 39.59
C MET L 91 60.44 10.68 40.57
N LEU L 92 59.84 9.56 40.16
CA LEU L 92 58.91 8.84 41.01
C LEU L 92 59.57 8.42 42.31
N PHE L 93 60.80 7.91 42.24
CA PHE L 93 61.45 7.49 43.47
C PHE L 93 61.88 8.65 44.35
N THR L 94 62.44 9.72 43.78
CA THR L 94 62.77 10.89 44.58
C THR L 94 61.53 11.43 45.30
N MET L 95 60.45 11.60 44.56
CA MET L 95 59.24 12.18 45.11
C MET L 95 58.50 11.23 46.04
N LEU L 96 58.57 9.93 45.79
CA LEU L 96 58.12 8.91 46.73
C LEU L 96 58.91 8.93 48.02
N ARG L 97 60.21 9.22 47.93
CA ARG L 97 61.06 9.11 49.10
C ARG L 97 60.77 10.36 49.94
N LYS L 98 60.38 11.45 49.27
CA LYS L 98 60.01 12.71 49.92
C LYS L 98 58.81 12.55 50.85
N LEU L 99 57.93 11.59 50.56
CA LEU L 99 56.77 11.36 51.41
C LEU L 99 57.20 10.94 52.81
N ASP L 100 58.15 10.01 52.89
CA ASP L 100 58.64 9.48 54.16
C ASP L 100 57.50 8.87 55.00
N ASN L 101 56.80 7.91 54.41
CA ASN L 101 55.84 7.15 55.18
C ASN L 101 56.41 5.78 55.54
N ASP L 102 56.35 5.47 56.83
CA ASP L 102 57.03 4.28 57.35
C ASP L 102 56.55 3.00 56.67
N ALA L 103 55.30 2.97 56.22
CA ALA L 103 54.80 1.83 55.47
C ALA L 103 55.55 1.68 54.14
N LEU L 104 55.62 2.77 53.36
CA LEU L 104 56.34 2.70 52.09
C LEU L 104 57.83 2.49 52.31
N ASN L 105 58.41 3.16 53.32
CA ASN L 105 59.79 2.92 53.67
C ASN L 105 60.03 1.46 54.05
N ASN L 106 59.24 0.92 54.98
CA ASN L 106 59.38 -0.50 55.33
C ASN L 106 59.24 -1.39 54.10
N ILE L 107 58.29 -1.08 53.22
CA ILE L 107 58.00 -1.99 52.12
C ILE L 107 59.14 -1.98 51.10
N ILE L 108 59.69 -0.82 50.76
CA ILE L 108 60.68 -0.82 49.67
C ILE L 108 62.08 -1.10 50.22
N ASN L 109 62.30 -0.89 51.52
CA ASN L 109 63.51 -1.46 52.12
C ASN L 109 63.42 -2.98 52.26
N ASN L 110 62.22 -3.56 52.33
CA ASN L 110 62.13 -5.00 52.22
C ASN L 110 62.27 -5.46 50.78
N ALA L 111 61.81 -4.64 49.83
CA ALA L 111 62.02 -4.92 48.41
C ALA L 111 63.47 -4.87 48.01
N ARG L 112 64.27 -4.00 48.63
CA ARG L 112 65.70 -3.92 48.33
C ARG L 112 66.42 -5.21 48.67
N ASP L 113 66.06 -5.84 49.79
CA ASP L 113 66.72 -7.08 50.20
C ASP L 113 66.21 -8.29 49.43
N GLY L 114 65.14 -8.14 48.65
CA GLY L 114 64.57 -9.23 47.89
C GLY L 114 63.25 -9.74 48.41
N CYS L 115 62.68 -9.12 49.44
CA CYS L 115 61.39 -9.55 49.99
C CYS L 115 60.25 -8.82 49.28
N VAL L 116 60.06 -9.17 48.01
CA VAL L 116 59.03 -8.56 47.18
C VAL L 116 57.76 -9.40 47.23
N PRO L 117 56.58 -8.80 47.21
CA PRO L 117 55.34 -9.58 47.18
C PRO L 117 55.08 -10.14 45.79
N LEU L 118 54.40 -11.28 45.75
CA LEU L 118 54.07 -11.92 44.48
C LEU L 118 52.74 -11.47 43.90
N ASN L 119 51.98 -10.64 44.61
CA ASN L 119 50.71 -10.15 44.11
C ASN L 119 50.42 -8.80 44.76
N ILE L 120 49.29 -8.22 44.39
CA ILE L 120 48.88 -6.95 44.98
C ILE L 120 48.57 -7.16 46.46
N ILE L 121 48.93 -6.17 47.28
CA ILE L 121 48.62 -6.24 48.71
C ILE L 121 47.16 -5.90 48.90
N PRO L 122 46.35 -6.82 49.42
CA PRO L 122 44.94 -6.51 49.68
C PRO L 122 44.78 -5.57 50.86
N LEU L 123 43.64 -4.85 50.85
CA LEU L 123 43.40 -3.85 51.86
C LEU L 123 42.24 -4.20 52.79
N THR L 124 41.29 -5.01 52.32
CA THR L 124 40.23 -5.50 53.17
C THR L 124 40.78 -6.47 54.20
N THR L 125 40.10 -6.54 55.34
CA THR L 125 40.52 -7.42 56.43
C THR L 125 40.36 -8.87 56.01
N ALA L 126 41.34 -9.70 56.41
CA ALA L 126 41.35 -11.15 56.15
C ALA L 126 41.31 -11.45 54.65
N ALA L 127 42.37 -11.02 53.96
CA ALA L 127 42.54 -11.29 52.55
C ALA L 127 43.99 -11.72 52.30
N LYS L 128 44.19 -12.48 51.23
CA LYS L 128 45.40 -13.26 51.02
C LYS L 128 46.49 -12.42 50.38
N LEU L 129 47.67 -12.44 50.98
CA LEU L 129 48.89 -11.86 50.42
C LEU L 129 49.98 -12.92 50.43
N MET L 130 50.72 -13.04 49.33
CA MET L 130 51.85 -13.97 49.22
C MET L 130 53.12 -13.20 48.85
N VAL L 131 54.12 -13.26 49.73
CA VAL L 131 55.39 -12.55 49.57
C VAL L 131 56.53 -13.53 49.82
N VAL L 132 57.62 -13.39 49.07
CA VAL L 132 58.74 -14.33 49.17
C VAL L 132 59.73 -13.82 50.20
N ILE L 133 60.24 -14.74 51.02
CA ILE L 133 61.25 -14.47 52.04
C ILE L 133 62.60 -14.93 51.51
N PRO L 134 63.56 -14.02 51.27
CA PRO L 134 64.85 -14.40 50.69
C PRO L 134 65.97 -14.73 51.67
N ASP L 135 65.77 -14.56 52.98
CA ASP L 135 66.86 -14.77 53.93
C ASP L 135 66.27 -15.11 55.29
N TYR L 136 67.09 -15.77 56.10
CA TYR L 136 66.70 -16.05 57.47
C TYR L 136 66.66 -14.79 58.32
N ASN L 137 67.56 -13.84 58.06
CA ASN L 137 67.51 -12.56 58.76
C ASN L 137 66.24 -11.79 58.41
N THR L 138 65.82 -11.82 57.14
CA THR L 138 64.58 -11.16 56.76
C THR L 138 63.37 -11.80 57.42
N TYR L 139 63.35 -13.12 57.53
CA TYR L 139 62.31 -13.79 58.28
C TYR L 139 62.38 -13.42 59.76
N LYS L 140 63.59 -13.38 60.34
CA LYS L 140 63.75 -13.06 61.75
C LYS L 140 63.24 -11.66 62.08
N ASN L 141 63.48 -10.70 61.18
CA ASN L 141 63.06 -9.33 61.45
C ASN L 141 61.53 -9.19 61.37
N THR L 142 60.90 -9.84 60.39
CA THR L 142 59.48 -9.57 60.15
C THR L 142 58.56 -10.59 60.81
N CYS L 143 58.89 -11.89 60.76
CA CYS L 143 58.02 -12.90 61.33
C CYS L 143 58.46 -13.23 62.74
N ASP L 144 57.59 -12.98 63.71
CA ASP L 144 57.84 -13.41 65.09
C ASP L 144 56.63 -14.20 65.55
N GLY L 145 56.88 -15.39 66.06
CA GLY L 145 55.79 -16.31 66.36
C GLY L 145 55.11 -16.72 65.07
N THR L 146 53.78 -16.64 65.05
CA THR L 146 53.00 -16.89 63.83
C THR L 146 52.53 -15.59 63.20
N THR L 147 53.04 -14.46 63.69
CA THR L 147 52.69 -13.14 63.18
C THR L 147 53.70 -12.69 62.14
N PHE L 148 53.27 -11.75 61.30
CA PHE L 148 54.06 -11.29 60.16
C PHE L 148 53.80 -9.81 59.99
N THR L 149 54.75 -8.96 60.41
CA THR L 149 54.61 -7.51 60.25
C THR L 149 55.17 -7.09 58.89
N TYR L 150 54.40 -6.26 58.18
CA TYR L 150 54.69 -5.86 56.82
C TYR L 150 53.77 -4.71 56.43
N ALA L 151 54.31 -3.73 55.71
CA ALA L 151 53.59 -2.50 55.35
C ALA L 151 52.98 -1.84 56.59
N SER L 152 53.69 -1.92 57.71
CA SER L 152 53.22 -1.43 59.01
C SER L 152 51.86 -2.04 59.36
N ALA L 153 51.70 -3.34 59.08
CA ALA L 153 50.43 -4.02 59.31
C ALA L 153 50.70 -5.40 59.87
N LEU L 154 49.68 -5.97 60.52
CA LEU L 154 49.78 -7.26 61.18
C LEU L 154 49.17 -8.35 60.30
N TRP L 155 49.94 -9.40 60.05
CA TRP L 155 49.53 -10.54 59.26
C TRP L 155 49.84 -11.83 60.01
N GLU L 156 48.97 -12.82 59.87
CA GLU L 156 49.19 -14.15 60.43
C GLU L 156 49.41 -15.16 59.30
N ILE L 157 50.12 -16.24 59.61
CA ILE L 157 50.71 -17.10 58.58
C ILE L 157 49.78 -18.24 58.21
N GLN L 158 49.60 -18.44 56.90
CA GLN L 158 48.94 -19.62 56.36
C GLN L 158 49.95 -20.55 55.70
N GLN L 159 50.73 -20.01 54.74
CA GLN L 159 51.89 -20.71 54.18
C GLN L 159 53.17 -20.14 54.76
N VAL L 160 54.08 -21.04 55.08
CA VAL L 160 55.49 -20.94 54.73
C VAL L 160 55.66 -22.03 53.69
N VAL L 161 56.33 -21.74 52.58
CA VAL L 161 56.58 -22.76 51.56
C VAL L 161 57.84 -22.37 50.76
N ASP L 162 58.58 -23.39 50.33
CA ASP L 162 59.90 -23.20 49.74
C ASP L 162 59.83 -23.32 48.21
N ALA L 163 60.98 -23.25 47.57
CA ALA L 163 61.07 -23.35 46.11
C ALA L 163 60.76 -24.75 45.61
N ASP L 164 60.80 -25.76 46.46
CA ASP L 164 60.47 -27.12 46.06
C ASP L 164 58.98 -27.36 46.00
N SER L 165 58.16 -26.36 46.36
CA SER L 165 56.71 -26.49 46.46
C SER L 165 56.31 -27.62 47.41
N LYS L 166 57.12 -27.84 48.44
CA LYS L 166 56.86 -28.88 49.43
C LYS L 166 56.18 -28.22 50.62
N ILE L 167 55.09 -28.82 51.10
CA ILE L 167 54.31 -28.23 52.19
C ILE L 167 55.25 -28.15 53.39
N VAL L 168 55.46 -26.97 53.94
CA VAL L 168 56.39 -26.85 55.05
C VAL L 168 55.73 -26.11 56.22
N GLN L 169 56.09 -26.54 57.41
CA GLN L 169 55.56 -26.17 58.71
C GLN L 169 56.54 -25.30 59.50
N LEU L 170 56.02 -24.69 60.58
CA LEU L 170 56.54 -23.39 61.02
C LEU L 170 57.76 -23.47 61.94
N SER L 171 58.02 -24.60 62.59
CA SER L 171 58.97 -24.59 63.70
C SER L 171 60.43 -24.73 63.28
N GLU L 172 60.71 -25.41 62.16
CA GLU L 172 62.09 -25.79 61.90
C GLU L 172 62.95 -24.62 61.45
N ILE L 173 62.34 -23.48 61.17
CA ILE L 173 63.13 -22.34 60.71
C ILE L 173 63.78 -21.74 61.95
N SER L 174 65.04 -22.06 62.15
CA SER L 174 65.79 -21.67 63.34
C SER L 174 67.22 -21.38 62.94
N MET L 175 68.04 -21.03 63.93
CA MET L 175 69.44 -20.67 63.68
C MET L 175 70.21 -21.80 63.00
N ASP L 176 70.18 -23.00 63.59
CA ASP L 176 71.05 -24.07 63.10
C ASP L 176 70.34 -24.92 62.06
N ASN L 177 69.06 -24.65 61.81
CA ASN L 177 68.32 -25.43 60.83
C ASN L 177 68.05 -24.60 59.58
N SER L 178 68.42 -23.32 59.59
CA SER L 178 68.19 -22.45 58.44
C SER L 178 68.88 -22.90 57.14
N PRO L 179 70.16 -23.31 57.11
CA PRO L 179 70.73 -23.79 55.84
C PRO L 179 70.03 -25.02 55.30
N ASN L 180 69.42 -25.84 56.18
CA ASN L 180 68.66 -27.01 55.73
C ASN L 180 67.44 -26.66 54.88
N LEU L 181 67.00 -25.42 54.91
CA LEU L 181 65.83 -25.02 54.15
C LEU L 181 66.17 -24.84 52.68
N ALA L 182 65.16 -25.02 51.83
CA ALA L 182 65.27 -24.74 50.39
C ALA L 182 64.87 -23.29 50.14
N TRP L 183 65.83 -22.39 50.26
CA TRP L 183 65.57 -20.96 50.12
C TRP L 183 65.35 -20.60 48.65
N PRO L 184 64.54 -19.55 48.38
CA PRO L 184 63.83 -18.66 49.30
C PRO L 184 62.44 -19.18 49.66
N LEU L 185 61.86 -18.73 50.77
CA LEU L 185 60.56 -19.25 51.14
C LEU L 185 59.45 -18.28 50.74
N ILE L 186 58.29 -18.84 50.43
CA ILE L 186 57.11 -18.06 50.03
C ILE L 186 56.09 -18.18 51.15
N VAL L 187 55.63 -17.04 51.66
CA VAL L 187 54.66 -16.98 52.74
C VAL L 187 53.30 -16.67 52.13
N THR L 188 52.24 -17.25 52.70
CA THR L 188 50.88 -16.80 52.45
C THR L 188 50.31 -16.27 53.76
N ALA L 189 49.79 -15.06 53.72
CA ALA L 189 49.34 -14.37 54.91
C ALA L 189 47.98 -13.73 54.66
N LEU L 190 47.26 -13.50 55.75
CA LEU L 190 46.00 -12.76 55.74
C LEU L 190 46.21 -11.50 56.55
N ARG L 191 45.39 -10.48 56.31
CA ARG L 191 45.54 -9.26 57.10
C ARG L 191 44.62 -9.31 58.31
N ALA L 192 45.18 -8.97 59.47
CA ALA L 192 44.41 -8.92 60.71
C ALA L 192 44.01 -7.47 61.00
N ALA M 5 71.14 17.80 15.66
CA ALA M 5 71.23 16.90 16.80
C ALA M 5 72.52 17.14 17.57
N VAL M 6 72.48 16.92 18.89
CA VAL M 6 73.63 17.10 19.75
C VAL M 6 74.08 15.74 20.27
N GLY M 7 75.21 15.73 20.95
CA GLY M 7 75.75 14.50 21.49
C GLY M 7 76.84 14.77 22.50
N ALA M 8 77.51 13.69 22.90
CA ALA M 8 78.57 13.75 23.89
C ALA M 8 79.91 13.49 23.24
N CYS M 9 80.94 14.21 23.69
CA CYS M 9 82.28 14.02 23.19
C CYS M 9 82.80 12.64 23.60
N VAL M 10 83.74 12.11 22.82
CA VAL M 10 84.24 10.77 23.10
C VAL M 10 85.18 10.78 24.31
N LEU M 11 86.27 11.54 24.26
CA LEU M 11 87.33 11.41 25.25
C LEU M 11 87.14 12.31 26.46
N CYS M 12 86.07 13.11 26.50
CA CYS M 12 85.77 13.88 27.69
C CYS M 12 84.31 13.88 28.10
N ASN M 13 83.41 13.31 27.30
CA ASN M 13 81.98 13.15 27.62
C ASN M 13 81.28 14.49 27.84
N SER M 14 81.77 15.56 27.23
CA SER M 14 81.10 16.85 27.33
C SER M 14 80.09 17.02 26.21
N GLN M 15 79.09 17.85 26.47
CA GLN M 15 78.07 18.13 25.46
C GLN M 15 78.68 18.88 24.28
N THR M 16 78.32 18.44 23.08
CA THR M 16 78.93 18.95 21.85
C THR M 16 78.01 18.61 20.69
N SER M 17 78.31 19.19 19.53
CA SER M 17 77.58 18.89 18.31
C SER M 17 78.47 18.79 17.07
N LEU M 18 79.79 18.68 17.25
CA LEU M 18 80.74 18.69 16.13
C LEU M 18 81.17 17.26 15.83
N ARG M 19 80.56 16.66 14.81
CA ARG M 19 81.03 15.38 14.33
C ARG M 19 82.28 15.58 13.47
N CYS M 20 83.23 14.66 13.57
CA CYS M 20 84.34 14.70 12.63
C CYS M 20 83.94 14.04 11.32
N GLY M 21 84.53 14.51 10.22
CA GLY M 21 84.09 14.09 8.91
C GLY M 21 84.92 12.98 8.30
N ALA M 22 86.23 13.00 8.51
CA ALA M 22 87.12 12.01 7.91
C ALA M 22 87.40 10.83 8.82
N CYS M 23 86.87 10.80 10.04
CA CYS M 23 86.94 9.59 10.85
C CYS M 23 86.00 8.53 10.31
N ILE M 24 86.41 7.27 10.47
CA ILE M 24 85.76 6.17 9.77
C ILE M 24 84.35 5.93 10.29
N ARG M 25 84.12 6.12 11.60
CA ARG M 25 82.83 5.79 12.18
C ARG M 25 81.88 6.99 12.27
N ARG M 26 82.34 8.20 11.94
CA ARG M 26 81.58 9.44 12.10
C ARG M 26 81.17 9.63 13.56
N PRO M 27 82.12 9.82 14.48
CA PRO M 27 81.75 9.97 15.89
C PRO M 27 81.40 11.39 16.26
N PHE M 28 80.90 11.60 17.48
CA PHE M 28 80.70 12.92 18.03
C PHE M 28 81.98 13.42 18.68
N LEU M 29 82.25 14.71 18.53
CA LEU M 29 83.52 15.22 19.01
C LEU M 29 83.33 16.60 19.60
N CYS M 30 84.24 16.96 20.50
CA CYS M 30 84.15 18.13 21.36
C CYS M 30 84.56 19.40 20.63
N CYS M 31 84.86 20.48 21.37
CA CYS M 31 85.37 21.69 20.73
C CYS M 31 86.89 21.71 20.73
N LYS M 32 87.51 21.72 21.92
CA LYS M 32 88.98 21.67 21.98
C LYS M 32 89.50 20.32 21.51
N CYS M 33 88.77 19.25 21.81
CA CYS M 33 89.17 17.92 21.36
C CYS M 33 89.16 17.84 19.84
N CYS M 34 88.14 18.41 19.21
CA CYS M 34 88.08 18.44 17.76
C CYS M 34 89.15 19.35 17.17
N TYR M 35 89.44 20.47 17.83
CA TYR M 35 90.54 21.33 17.37
C TYR M 35 91.86 20.56 17.37
N ASP M 36 92.14 19.83 18.45
CA ASP M 36 93.35 19.02 18.52
C ASP M 36 93.35 17.86 17.55
N HIS M 37 92.18 17.29 17.24
CA HIS M 37 92.11 16.18 16.31
C HIS M 37 92.31 16.63 14.87
N VAL M 38 91.75 17.78 14.48
CA VAL M 38 91.89 18.25 13.11
C VAL M 38 93.13 19.10 12.89
N ILE M 39 93.80 19.53 13.96
CA ILE M 39 95.04 20.30 13.81
C ILE M 39 96.27 19.41 13.78
N SER M 40 96.16 18.14 14.16
CA SER M 40 97.29 17.24 14.20
C SER M 40 97.20 16.07 13.24
N THR M 41 96.01 15.71 12.77
CA THR M 41 95.82 14.57 11.88
C THR M 41 95.40 15.08 10.49
N SER M 42 95.23 14.13 9.57
CA SER M 42 94.80 14.43 8.22
C SER M 42 93.30 14.61 8.11
N HIS M 43 92.55 14.35 9.17
CA HIS M 43 91.10 14.55 9.16
C HIS M 43 90.80 16.05 9.22
N LYS M 44 90.07 16.54 8.23
CA LYS M 44 89.86 17.98 8.13
C LYS M 44 88.37 18.32 8.05
N LEU M 45 87.56 17.38 7.57
CA LEU M 45 86.12 17.60 7.53
C LEU M 45 85.54 17.49 8.94
N VAL M 46 84.62 18.39 9.26
CA VAL M 46 83.89 18.36 10.53
C VAL M 46 82.42 18.61 10.23
N LEU M 47 81.55 17.76 10.77
CA LEU M 47 80.11 17.87 10.56
C LEU M 47 79.49 18.47 11.82
N SER M 48 79.05 19.70 11.71
CA SER M 48 78.14 20.29 12.68
C SER M 48 76.73 19.86 12.31
N VAL M 49 75.72 20.55 12.85
CA VAL M 49 74.36 20.28 12.42
C VAL M 49 74.20 20.58 10.93
N ASN M 50 75.07 21.42 10.37
CA ASN M 50 75.23 21.59 8.94
C ASN M 50 76.70 21.39 8.56
N PRO M 51 76.98 20.87 7.36
CA PRO M 51 78.38 20.60 6.97
C PRO M 51 79.19 21.89 6.84
N TYR M 52 80.49 21.75 7.08
CA TYR M 52 81.41 22.88 7.14
C TYR M 52 82.12 23.11 5.81
N VAL M 53 81.42 22.91 4.69
CA VAL M 53 81.98 23.23 3.38
C VAL M 53 81.72 24.69 3.08
N CYS M 54 82.44 25.23 2.09
CA CYS M 54 82.19 26.60 1.66
C CYS M 54 80.84 26.71 0.98
N ASN M 55 80.24 27.90 1.06
CA ASN M 55 78.90 28.13 0.55
C ASN M 55 78.91 28.98 -0.72
N ALA M 56 80.04 29.01 -1.41
CA ALA M 56 80.08 29.61 -2.73
C ALA M 56 79.38 28.69 -3.74
N PRO M 57 78.90 29.24 -4.86
CA PRO M 57 78.25 28.37 -5.87
C PRO M 57 79.17 27.27 -6.38
N GLY M 58 80.42 27.59 -6.68
CA GLY M 58 81.41 26.56 -6.91
C GLY M 58 82.67 26.78 -6.08
N CYS M 59 82.87 25.93 -5.09
CA CYS M 59 84.04 25.96 -4.22
C CYS M 59 84.03 24.72 -3.35
N ASP M 60 85.21 24.12 -3.16
CA ASP M 60 85.36 22.94 -2.31
C ASP M 60 86.52 23.18 -1.34
N VAL M 61 86.24 23.80 -0.21
CA VAL M 61 87.20 23.99 0.87
C VAL M 61 86.54 23.45 2.13
N THR M 62 86.80 22.18 2.44
CA THR M 62 86.13 21.50 3.54
C THR M 62 86.91 21.54 4.85
N ASP M 63 88.13 22.09 4.84
CA ASP M 63 88.93 22.19 6.06
C ASP M 63 88.32 23.26 6.97
N VAL M 64 88.31 22.99 8.28
CA VAL M 64 87.66 23.86 9.24
C VAL M 64 88.56 24.97 9.74
N THR M 65 89.88 24.73 9.81
CA THR M 65 90.80 25.77 10.28
C THR M 65 90.96 26.89 9.25
N GLN M 66 90.26 26.79 8.12
CA GLN M 66 90.61 27.42 6.86
C GLN M 66 89.49 28.37 6.40
N LEU M 67 88.27 28.15 6.90
CA LEU M 67 87.10 28.94 6.49
C LEU M 67 86.90 30.17 7.38
N TYR M 68 85.78 30.84 7.17
CA TYR M 68 85.27 31.91 8.03
C TYR M 68 83.76 31.85 8.10
N LEU M 69 83.21 32.20 9.27
CA LEU M 69 81.77 32.29 9.46
C LEU M 69 81.32 33.74 9.38
N GLY M 70 80.59 34.07 8.34
CA GLY M 70 79.94 35.38 8.25
C GLY M 70 78.46 35.23 8.02
N GLY M 71 77.67 36.01 8.76
CA GLY M 71 76.24 35.92 8.67
C GLY M 71 75.69 34.65 9.29
N MET M 72 75.23 33.71 8.45
CA MET M 72 74.72 32.42 8.93
C MET M 72 75.27 31.27 8.10
N SER M 73 76.30 31.52 7.30
CA SER M 73 76.84 30.51 6.40
C SER M 73 78.34 30.38 6.61
N TYR M 74 78.93 29.40 5.92
CA TYR M 74 80.36 29.12 5.99
C TYR M 74 80.99 29.51 4.66
N TYR M 75 82.01 30.37 4.70
CA TYR M 75 82.63 30.89 3.49
C TYR M 75 84.13 30.70 3.54
N CYS M 76 84.73 30.61 2.36
CA CYS M 76 86.16 30.37 2.23
C CYS M 76 86.93 31.69 2.38
N LYS M 77 88.25 31.61 2.22
CA LYS M 77 89.09 32.81 2.30
C LYS M 77 88.80 33.75 1.14
N SER M 78 88.55 33.22 -0.05
CA SER M 78 88.26 34.06 -1.20
C SER M 78 86.85 34.65 -1.12
N HIS M 79 85.90 33.88 -0.62
CA HIS M 79 84.50 34.28 -0.57
C HIS M 79 84.07 34.78 0.81
N LYS M 80 85.03 35.25 1.62
CA LYS M 80 84.72 35.66 2.99
C LYS M 80 83.93 36.97 3.00
N PRO M 81 83.04 37.14 3.98
CA PRO M 81 82.34 38.41 4.13
C PRO M 81 83.23 39.43 4.83
N PRO M 82 82.91 40.72 4.72
CA PRO M 82 83.70 41.72 5.47
C PRO M 82 83.63 41.54 6.97
N ILE M 83 82.48 41.13 7.50
CA ILE M 83 82.31 40.87 8.93
C ILE M 83 82.14 39.37 9.12
N SER M 84 83.08 38.76 9.80
CA SER M 84 83.11 37.30 10.01
C SER M 84 84.16 37.00 11.07
N PHE M 85 84.35 35.71 11.36
CA PHE M 85 85.42 35.25 12.23
C PHE M 85 85.70 33.79 11.90
N PRO M 86 86.96 33.38 11.93
CA PRO M 86 87.28 31.98 11.59
C PRO M 86 86.72 31.01 12.61
N LEU M 87 86.41 29.80 12.14
CA LEU M 87 85.84 28.77 13.00
C LEU M 87 86.86 28.29 14.02
N CYS M 88 88.03 27.87 13.55
CA CYS M 88 89.06 27.35 14.44
C CYS M 88 89.92 28.48 15.00
N ALA M 89 89.46 29.08 16.09
CA ALA M 89 90.19 30.14 16.75
C ALA M 89 90.17 29.90 18.25
N ASN M 90 91.18 30.44 18.95
CA ASN M 90 91.31 30.34 20.40
C ASN M 90 91.42 28.90 20.86
N GLY M 91 91.88 28.00 19.99
CA GLY M 91 92.07 26.62 20.35
C GLY M 91 90.84 25.75 20.30
N GLN M 92 89.73 26.22 19.75
CA GLN M 92 88.50 25.45 19.67
C GLN M 92 87.91 25.54 18.26
N VAL M 93 87.01 24.62 17.97
CA VAL M 93 86.23 24.61 16.73
C VAL M 93 84.86 25.16 17.06
N PHE M 94 84.36 26.07 16.21
CA PHE M 94 83.07 26.70 16.45
C PHE M 94 81.95 25.66 16.47
N GLY M 95 81.19 25.65 17.56
CA GLY M 95 80.09 24.73 17.69
C GLY M 95 79.24 25.09 18.89
N LEU M 96 78.22 24.27 19.14
CA LEU M 96 77.34 24.48 20.27
C LEU M 96 78.06 24.14 21.57
N TYR M 97 77.56 24.70 22.68
CA TYR M 97 78.14 24.51 24.02
C TYR M 97 79.61 24.92 24.03
N LYS M 98 79.86 26.20 23.78
CA LYS M 98 81.23 26.65 23.53
C LYS M 98 82.04 26.73 24.83
N ASN M 99 81.50 27.36 25.87
CA ASN M 99 82.25 27.57 27.11
C ASN M 99 81.81 26.64 28.23
N THR M 100 81.03 25.62 27.90
CA THR M 100 80.69 24.54 28.83
C THR M 100 81.54 23.31 28.52
N CYS M 101 82.80 23.55 28.16
CA CYS M 101 83.67 22.57 27.53
C CYS M 101 84.93 22.32 28.35
N VAL M 102 85.37 21.07 28.40
CA VAL M 102 86.59 20.66 29.09
C VAL M 102 87.34 19.67 28.21
N GLY M 103 88.67 19.77 28.19
CA GLY M 103 89.51 18.91 27.37
C GLY M 103 90.32 17.93 28.18
N SER M 104 91.17 17.18 27.46
CA SER M 104 91.99 16.15 28.08
C SER M 104 93.22 15.85 27.21
N ASP M 105 94.08 14.98 27.72
CA ASP M 105 95.26 14.47 27.03
C ASP M 105 95.05 13.11 26.37
N ASN M 106 93.82 12.62 26.36
CA ASN M 106 93.45 11.39 25.68
C ASN M 106 93.51 11.51 24.16
N VAL M 107 93.82 12.71 23.65
CA VAL M 107 94.02 12.90 22.21
C VAL M 107 95.29 12.26 21.71
N THR M 108 96.29 12.05 22.57
CA THR M 108 97.53 11.41 22.13
C THR M 108 97.30 9.98 21.69
N ASP M 109 96.43 9.25 22.38
CA ASP M 109 96.00 7.93 21.95
C ASP M 109 94.83 7.97 20.99
N PHE M 110 93.95 8.98 21.10
CA PHE M 110 92.82 9.11 20.19
C PHE M 110 93.28 9.35 18.76
N ASN M 111 94.32 10.18 18.57
CA ASN M 111 94.83 10.43 17.23
C ASN M 111 95.37 9.17 16.59
N ALA M 112 96.11 8.37 17.36
CA ALA M 112 96.64 7.12 16.83
C ALA M 112 95.53 6.10 16.58
N ILE M 113 94.48 6.12 17.41
CA ILE M 113 93.37 5.20 17.19
C ILE M 113 92.61 5.57 15.92
N ALA M 114 92.30 6.85 15.74
CA ALA M 114 91.54 7.28 14.57
C ALA M 114 92.38 7.36 13.31
N THR M 115 93.71 7.31 13.44
CA THR M 115 94.57 7.51 12.27
C THR M 115 95.00 6.17 11.66
N CYS M 116 95.15 5.14 12.48
CA CYS M 116 95.69 3.87 12.02
C CYS M 116 94.70 3.17 11.07
N ASP M 117 95.20 2.13 10.40
CA ASP M 117 94.43 1.38 9.41
C ASP M 117 94.12 -0.04 9.84
N TRP M 118 94.60 -0.45 11.02
CA TRP M 118 94.31 -1.74 11.65
C TRP M 118 94.75 -2.93 10.82
N THR M 119 95.90 -2.82 10.15
CA THR M 119 96.58 -3.98 9.61
C THR M 119 97.88 -4.29 10.33
N ASN M 120 98.35 -3.35 11.15
CA ASN M 120 99.52 -3.55 12.01
C ASN M 120 99.11 -4.34 13.25
N ALA M 121 100.09 -4.71 14.07
CA ALA M 121 99.85 -5.46 15.29
C ALA M 121 100.20 -4.66 16.54
N GLY M 122 100.38 -3.35 16.42
CA GLY M 122 100.65 -2.50 17.57
C GLY M 122 99.46 -1.65 17.94
N ASP M 123 98.67 -1.28 16.94
CA ASP M 123 97.42 -0.57 17.20
C ASP M 123 96.43 -1.47 17.95
N TYR M 124 96.45 -2.77 17.67
CA TYR M 124 95.66 -3.71 18.46
C TYR M 124 96.12 -3.72 19.92
N ILE M 125 97.42 -3.57 20.16
CA ILE M 125 97.90 -3.41 21.52
C ILE M 125 97.42 -2.11 22.15
N LEU M 126 97.44 -1.01 21.38
CA LEU M 126 96.99 0.28 21.90
C LEU M 126 95.49 0.25 22.24
N ALA M 127 94.72 -0.55 21.51
CA ALA M 127 93.27 -0.59 21.68
C ALA M 127 92.82 -1.39 22.89
N ASN M 128 93.72 -1.75 23.81
CA ASN M 128 93.34 -2.57 24.96
C ASN M 128 93.97 -2.13 26.28
N THR M 129 94.70 -1.02 26.32
CA THR M 129 95.33 -0.57 27.56
C THR M 129 94.86 0.83 27.99
N CYS M 130 94.18 1.56 27.12
CA CYS M 130 93.78 2.93 27.41
C CYS M 130 92.48 2.92 28.22
N THR M 131 91.83 4.07 28.33
CA THR M 131 90.62 4.20 29.13
C THR M 131 89.45 3.48 28.47
N GLU M 132 88.34 3.39 29.19
CA GLU M 132 87.22 2.54 28.78
C GLU M 132 86.53 3.08 27.54
N ARG M 133 86.25 4.39 27.51
CA ARG M 133 85.54 4.96 26.36
C ARG M 133 86.36 4.88 25.10
N LEU M 134 87.68 5.13 25.19
CA LEU M 134 88.53 4.96 24.02
C LEU M 134 88.63 3.50 23.62
N LYS M 135 88.56 2.57 24.56
CA LYS M 135 88.47 1.15 24.22
C LYS M 135 87.22 0.87 23.39
N LEU M 136 86.07 1.40 23.84
CA LEU M 136 84.83 1.17 23.12
C LEU M 136 84.87 1.79 21.73
N PHE M 137 85.41 3.01 21.63
CA PHE M 137 85.51 3.67 20.32
C PHE M 137 86.45 2.91 19.40
N ALA M 138 87.58 2.41 19.93
CA ALA M 138 88.51 1.64 19.12
C ALA M 138 87.89 0.36 18.62
N ALA M 139 87.14 -0.35 19.48
CA ALA M 139 86.46 -1.56 19.03
C ALA M 139 85.41 -1.26 17.97
N GLU M 140 84.66 -0.17 18.17
CA GLU M 140 83.62 0.20 17.21
C GLU M 140 84.21 0.53 15.85
N THR M 141 85.29 1.31 15.83
CA THR M 141 85.92 1.64 14.55
C THR M 141 86.70 0.46 13.98
N LEU M 142 87.16 -0.47 14.81
CA LEU M 142 87.66 -1.75 14.30
C LEU M 142 86.61 -2.49 13.52
N LYS M 143 85.41 -2.64 14.10
CA LYS M 143 84.34 -3.34 13.38
C LYS M 143 83.94 -2.61 12.12
N ALA M 144 83.88 -1.27 12.19
CA ALA M 144 83.55 -0.48 11.01
C ALA M 144 84.58 -0.66 9.90
N THR M 145 85.88 -0.58 10.25
CA THR M 145 86.93 -0.73 9.25
C THR M 145 86.96 -2.13 8.67
N GLU M 146 86.71 -3.15 9.50
CA GLU M 146 86.60 -4.51 9.00
C GLU M 146 85.47 -4.62 7.98
N GLU M 147 84.31 -4.06 8.29
CA GLU M 147 83.20 -4.10 7.35
C GLU M 147 83.45 -3.27 6.10
N THR M 148 84.26 -2.22 6.18
CA THR M 148 84.65 -1.49 4.97
C THR M 148 85.55 -2.32 4.09
N PHE M 149 86.59 -2.92 4.68
CA PHE M 149 87.65 -3.53 3.89
C PHE M 149 87.28 -4.95 3.44
N LYS M 150 87.06 -5.86 4.40
CA LYS M 150 86.87 -7.25 4.04
C LYS M 150 85.48 -7.48 3.48
N LEU M 151 85.40 -8.26 2.39
CA LEU M 151 84.15 -8.54 1.68
C LEU M 151 83.45 -7.25 1.30
N SER M 152 84.16 -6.42 0.53
CA SER M 152 83.80 -5.01 0.41
C SER M 152 82.49 -4.77 -0.34
N TYR M 153 82.45 -5.07 -1.64
CA TYR M 153 81.30 -4.71 -2.45
C TYR M 153 81.47 -5.22 -3.87
N GLY M 154 80.37 -5.13 -4.63
CA GLY M 154 80.40 -5.29 -6.07
C GLY M 154 79.78 -4.06 -6.72
N ILE M 155 80.30 -3.67 -7.87
CA ILE M 155 79.87 -2.44 -8.52
C ILE M 155 78.44 -2.62 -9.03
N ALA M 156 77.61 -1.61 -8.81
CA ALA M 156 76.24 -1.61 -9.30
C ALA M 156 75.92 -0.28 -9.95
N THR M 157 75.15 -0.35 -11.03
CA THR M 157 74.76 0.83 -11.78
C THR M 157 73.26 0.76 -12.00
N VAL M 158 72.64 1.92 -12.23
CA VAL M 158 71.21 1.98 -12.44
C VAL M 158 70.95 2.17 -13.94
N ARG M 159 70.15 1.26 -14.52
CA ARG M 159 69.92 1.32 -15.97
C ARG M 159 68.98 2.47 -16.32
N GLU M 160 67.85 2.56 -15.62
CA GLU M 160 66.86 3.60 -15.88
C GLU M 160 66.09 3.90 -14.61
N VAL M 161 65.43 5.05 -14.61
CA VAL M 161 64.67 5.52 -13.45
C VAL M 161 63.20 5.19 -13.69
N LEU M 162 62.69 4.22 -12.94
CA LEU M 162 61.25 3.92 -12.99
C LEU M 162 60.46 4.96 -12.22
N SER M 163 60.86 5.20 -10.97
CA SER M 163 60.19 6.19 -10.11
C SER M 163 61.12 6.48 -8.93
N ASP M 164 60.70 7.42 -8.11
CA ASP M 164 61.43 7.72 -6.87
C ASP M 164 61.00 6.81 -5.72
N ARG M 165 59.99 5.98 -5.91
CA ARG M 165 59.58 5.04 -4.88
C ARG M 165 60.22 3.67 -5.06
N GLU M 166 60.47 3.27 -6.31
CA GLU M 166 61.12 2.00 -6.60
C GLU M 166 62.22 2.24 -7.62
N LEU M 167 63.34 1.55 -7.44
CA LEU M 167 64.54 1.78 -8.23
C LEU M 167 64.88 0.55 -9.06
N HIS M 168 65.78 0.72 -10.03
CA HIS M 168 66.30 -0.36 -10.85
C HIS M 168 67.73 -0.67 -10.42
N LEU M 169 68.07 -1.95 -10.43
CA LEU M 169 69.35 -2.42 -9.94
C LEU M 169 70.00 -3.35 -10.96
N SER M 170 71.32 -3.26 -11.08
CA SER M 170 72.07 -4.13 -11.99
C SER M 170 73.43 -4.40 -11.36
N TRP M 171 73.59 -5.57 -10.75
CA TRP M 171 74.87 -5.95 -10.17
C TRP M 171 75.85 -6.30 -11.28
N GLU M 172 77.12 -5.93 -11.09
CA GLU M 172 78.19 -6.34 -11.99
C GLU M 172 78.58 -7.78 -11.69
N VAL M 173 78.45 -8.66 -12.68
CA VAL M 173 78.82 -10.06 -12.50
C VAL M 173 80.34 -10.16 -12.43
N GLY M 174 80.83 -11.04 -11.53
CA GLY M 174 82.25 -11.16 -11.26
C GLY M 174 82.62 -10.85 -9.83
N LYS M 175 81.79 -10.05 -9.15
CA LYS M 175 81.93 -9.76 -7.73
C LYS M 175 80.60 -10.00 -7.02
N PRO M 176 80.63 -10.39 -5.74
CA PRO M 176 79.37 -10.63 -5.02
C PRO M 176 78.63 -9.35 -4.68
N ARG M 177 77.52 -9.48 -3.97
CA ARG M 177 76.66 -8.34 -3.67
C ARG M 177 76.26 -8.36 -2.20
N PRO M 178 76.44 -7.25 -1.48
CA PRO M 178 75.98 -7.19 -0.08
C PRO M 178 74.48 -6.95 -0.01
N PRO M 179 73.81 -7.51 0.99
CA PRO M 179 72.34 -7.39 1.06
C PRO M 179 71.86 -6.11 1.72
N LEU M 180 70.55 -6.03 1.96
CA LEU M 180 69.95 -4.89 2.65
C LEU M 180 70.50 -4.74 4.06
N ASN M 181 70.96 -3.54 4.38
CA ASN M 181 71.08 -3.04 5.74
C ASN M 181 70.98 -1.52 5.71
N ARG M 182 70.12 -0.97 6.56
CA ARG M 182 70.16 0.47 6.80
C ARG M 182 71.48 0.89 7.41
N ASN M 183 72.16 -0.04 8.08
CA ASN M 183 73.54 0.13 8.52
C ASN M 183 74.53 0.13 7.36
N TYR M 184 74.18 -0.51 6.23
CA TYR M 184 75.03 -0.50 5.05
C TYR M 184 74.74 0.74 4.22
N VAL M 185 75.72 1.16 3.42
CA VAL M 185 75.57 2.33 2.57
C VAL M 185 76.24 2.09 1.23
N PHE M 186 75.60 2.57 0.16
CA PHE M 186 76.14 2.52 -1.19
C PHE M 186 76.33 3.95 -1.68
N THR M 187 77.57 4.42 -1.67
CA THR M 187 77.86 5.81 -1.97
C THR M 187 77.78 6.07 -3.48
N GLY M 188 77.12 7.16 -3.86
CA GLY M 188 76.89 7.44 -5.27
C GLY M 188 78.18 7.76 -6.03
N TYR M 189 78.41 7.04 -7.13
CA TYR M 189 79.68 7.01 -7.86
C TYR M 189 79.49 7.25 -9.35
N ARG M 190 78.83 8.36 -9.71
CA ARG M 190 78.88 8.81 -11.10
C ARG M 190 80.28 9.34 -11.39
N VAL M 191 81.17 8.44 -11.79
CA VAL M 191 82.61 8.71 -11.71
C VAL M 191 83.22 9.20 -13.01
N THR M 192 82.43 9.46 -14.05
CA THR M 192 82.97 9.50 -15.40
C THR M 192 83.99 10.60 -15.66
N LYS M 193 83.56 11.87 -15.76
CA LYS M 193 84.55 12.88 -16.14
C LYS M 193 84.68 14.15 -15.28
N ASN M 194 83.65 14.99 -15.07
CA ASN M 194 82.19 14.85 -14.80
C ASN M 194 81.93 14.23 -13.43
N SER M 195 82.45 14.95 -12.42
CA SER M 195 81.95 14.95 -11.05
C SER M 195 82.03 13.56 -10.40
N LYS M 196 83.27 13.11 -10.23
CA LYS M 196 83.54 11.93 -9.40
C LYS M 196 83.37 12.29 -7.92
N VAL M 197 82.15 12.63 -7.53
CA VAL M 197 81.85 13.20 -6.23
C VAL M 197 80.70 12.42 -5.60
N GLN M 198 80.65 12.40 -4.28
CA GLN M 198 79.51 11.87 -3.54
C GLN M 198 78.23 12.60 -3.94
N ILE M 199 77.33 11.88 -4.62
CA ILE M 199 76.02 12.41 -4.93
C ILE M 199 74.98 11.94 -3.91
N GLY M 200 75.39 11.25 -2.86
CA GLY M 200 74.50 10.85 -1.79
C GLY M 200 74.86 9.51 -1.19
N GLU M 201 73.99 9.07 -0.27
CA GLU M 201 74.26 7.93 0.59
C GLU M 201 73.00 7.06 0.61
N TYR M 202 73.12 5.80 0.17
CA TYR M 202 71.94 5.01 -0.18
C TYR M 202 72.02 3.59 0.37
N THR M 203 70.84 3.03 0.64
CA THR M 203 70.65 1.62 0.94
C THR M 203 69.52 1.08 0.07
N PHE M 204 69.48 -0.24 -0.10
CA PHE M 204 68.62 -0.88 -1.10
C PHE M 204 67.91 -2.09 -0.50
N GLU M 205 66.58 -2.04 -0.40
CA GLU M 205 65.78 -3.20 -0.05
C GLU M 205 64.94 -3.63 -1.24
N LYS M 206 65.00 -4.92 -1.56
CA LYS M 206 64.50 -5.43 -2.84
C LYS M 206 63.00 -5.74 -2.76
N GLY M 207 62.38 -5.75 -3.94
CA GLY M 207 60.97 -6.06 -4.06
C GLY M 207 60.73 -7.53 -4.42
N ASP M 208 59.47 -7.93 -4.32
CA ASP M 208 59.05 -9.29 -4.59
C ASP M 208 58.59 -9.51 -6.03
N TYR M 209 58.60 -8.47 -6.86
CA TYR M 209 58.09 -8.56 -8.23
C TYR M 209 59.06 -7.90 -9.19
N GLY M 210 59.33 -8.59 -10.30
CA GLY M 210 60.11 -8.03 -11.39
C GLY M 210 61.55 -7.75 -11.00
N ASP M 211 62.15 -6.79 -11.71
CA ASP M 211 63.51 -6.33 -11.45
C ASP M 211 63.39 -4.92 -10.87
N ALA M 212 63.21 -4.84 -9.56
CA ALA M 212 63.01 -3.56 -8.91
C ALA M 212 63.54 -3.62 -7.48
N VAL M 213 63.90 -2.46 -6.95
CA VAL M 213 64.39 -2.32 -5.58
C VAL M 213 63.84 -1.02 -5.02
N VAL M 214 63.23 -1.09 -3.84
CA VAL M 214 62.66 0.10 -3.22
C VAL M 214 63.67 0.73 -2.27
N TYR M 215 64.39 1.75 -2.75
CA TYR M 215 65.56 2.24 -2.06
C TYR M 215 65.17 3.19 -0.93
N ARG M 216 66.19 3.62 -0.19
CA ARG M 216 66.06 4.69 0.80
C ARG M 216 67.29 5.57 0.70
N GLY M 217 67.12 6.80 0.22
CA GLY M 217 68.23 7.69 0.00
C GLY M 217 68.25 8.87 0.96
N THR M 218 69.40 9.55 1.05
CA THR M 218 69.55 10.69 1.94
C THR M 218 69.95 11.94 1.14
N THR M 219 69.40 12.09 -0.07
CA THR M 219 69.73 13.20 -0.95
C THR M 219 68.53 13.49 -1.84
N THR M 220 68.51 14.68 -2.43
CA THR M 220 67.38 15.17 -3.21
C THR M 220 67.84 15.44 -4.66
N TYR M 221 68.59 14.49 -5.21
CA TYR M 221 69.05 14.56 -6.60
C TYR M 221 68.61 13.32 -7.35
N LYS M 222 68.11 13.52 -8.57
CA LYS M 222 67.72 12.40 -9.40
C LYS M 222 68.94 11.70 -9.98
N LEU M 223 68.76 10.44 -10.38
CA LEU M 223 69.87 9.62 -10.83
C LEU M 223 70.24 9.94 -12.27
N ASN M 224 71.55 9.87 -12.56
CA ASN M 224 72.04 9.89 -13.93
C ASN M 224 72.15 8.46 -14.46
N VAL M 225 72.35 8.33 -15.76
CA VAL M 225 72.46 7.00 -16.37
C VAL M 225 73.75 6.32 -15.93
N GLY M 226 74.82 7.10 -15.76
CA GLY M 226 76.11 6.58 -15.35
C GLY M 226 76.36 6.54 -13.86
N ASP M 227 75.40 6.93 -13.03
CA ASP M 227 75.60 6.92 -11.59
C ASP M 227 75.70 5.49 -11.06
N TYR M 228 76.67 5.26 -10.19
CA TYR M 228 76.97 3.94 -9.65
C TYR M 228 76.79 3.93 -8.15
N PHE M 229 76.81 2.73 -7.55
CA PHE M 229 76.62 2.54 -6.12
C PHE M 229 77.50 1.37 -5.67
N VAL M 230 78.67 1.69 -5.12
CA VAL M 230 79.57 0.70 -4.56
C VAL M 230 79.67 0.95 -3.06
N LEU M 231 79.55 -0.13 -2.27
CA LEU M 231 79.43 -0.01 -0.82
C LEU M 231 80.75 0.36 -0.18
N THR M 232 80.92 1.65 0.13
CA THR M 232 82.04 2.13 0.93
C THR M 232 81.52 2.69 2.24
N SER M 233 82.04 2.16 3.35
CA SER M 233 81.79 2.57 4.73
C SER M 233 80.57 1.80 5.22
N HIS M 234 80.51 1.62 6.53
CA HIS M 234 79.39 0.94 7.18
C HIS M 234 79.26 1.51 8.59
N THR M 235 78.04 1.48 9.10
CA THR M 235 77.73 2.04 10.41
C THR M 235 77.30 0.89 11.32
N VAL M 236 78.15 0.57 12.31
CA VAL M 236 77.77 -0.42 13.31
C VAL M 236 77.10 0.29 14.49
N MET M 237 76.40 -0.49 15.30
CA MET M 237 75.63 0.08 16.39
C MET M 237 76.55 0.72 17.43
N PRO M 238 76.28 1.94 17.88
CA PRO M 238 77.14 2.59 18.88
C PRO M 238 76.85 2.11 20.29
N LEU M 239 77.45 1.00 20.70
CA LEU M 239 77.19 0.46 22.03
C LEU M 239 77.72 1.38 23.12
N SER M 240 77.14 1.27 24.31
CA SER M 240 77.45 2.15 25.42
C SER M 240 78.00 1.41 26.63
N ALA M 241 77.61 0.16 26.83
CA ALA M 241 78.03 -0.58 28.01
C ALA M 241 79.53 -0.87 27.97
N PRO M 242 80.21 -0.85 29.11
CA PRO M 242 81.64 -1.15 29.12
C PRO M 242 81.91 -2.63 28.84
N THR M 243 83.17 -2.91 28.50
CA THR M 243 83.56 -4.29 28.25
C THR M 243 83.43 -5.14 29.51
N LEU M 244 83.77 -4.58 30.67
CA LEU M 244 83.65 -5.26 31.93
C LEU M 244 82.91 -4.37 32.93
N VAL M 245 81.93 -4.94 33.61
CA VAL M 245 81.24 -4.28 34.72
C VAL M 245 82.27 -4.04 35.82
N PRO M 246 82.25 -2.90 36.51
CA PRO M 246 83.19 -2.70 37.62
C PRO M 246 83.01 -3.74 38.72
N GLN M 247 84.13 -4.21 39.25
CA GLN M 247 84.11 -5.26 40.26
C GLN M 247 83.61 -4.70 41.59
N GLU M 248 82.78 -5.48 42.27
CA GLU M 248 82.40 -5.19 43.65
C GLU M 248 82.51 -6.48 44.43
N HIS M 249 83.14 -6.40 45.60
CA HIS M 249 83.42 -7.56 46.44
C HIS M 249 82.33 -7.72 47.49
N TYR M 250 81.82 -8.94 47.63
CA TYR M 250 80.76 -9.25 48.59
C TYR M 250 81.34 -9.99 49.78
N VAL M 251 80.53 -10.11 50.83
CA VAL M 251 80.91 -10.87 52.02
C VAL M 251 80.13 -12.16 52.18
N ARG M 252 78.81 -12.14 52.03
CA ARG M 252 78.00 -13.35 52.10
C ARG M 252 77.30 -13.53 50.76
N ILE M 253 76.57 -14.63 50.65
CA ILE M 253 75.94 -14.99 49.37
C ILE M 253 74.75 -14.06 49.12
N THR M 254 74.72 -13.47 47.92
CA THR M 254 73.72 -12.47 47.56
C THR M 254 73.03 -12.90 46.27
N GLY M 255 71.70 -12.82 46.26
CA GLY M 255 70.92 -13.12 45.07
C GLY M 255 70.91 -14.57 44.64
N LEU M 256 71.67 -15.43 45.29
CA LEU M 256 71.76 -16.84 44.93
C LEU M 256 71.43 -17.68 46.15
N TYR M 257 70.94 -18.89 45.91
CA TYR M 257 70.47 -19.78 46.97
C TYR M 257 71.13 -21.15 46.82
N PRO M 258 72.14 -21.47 47.63
CA PRO M 258 72.89 -22.71 47.45
C PRO M 258 72.11 -23.93 47.88
N THR M 259 72.57 -25.08 47.41
CA THR M 259 71.99 -26.38 47.74
C THR M 259 72.99 -27.20 48.55
N LEU M 260 72.47 -28.05 49.43
CA LEU M 260 73.27 -28.96 50.22
C LEU M 260 73.18 -30.35 49.62
N ASN M 261 74.34 -31.00 49.50
CA ASN M 261 74.46 -32.30 48.84
C ASN M 261 73.95 -32.24 47.40
N ILE M 262 74.63 -31.42 46.61
CA ILE M 262 74.16 -31.11 45.27
C ILE M 262 74.24 -32.35 44.36
N SER M 263 75.38 -33.03 44.36
CA SER M 263 75.63 -34.22 43.55
C SER M 263 76.97 -34.80 44.00
N ASP M 264 77.45 -35.80 43.26
CA ASP M 264 78.75 -36.40 43.50
C ASP M 264 79.85 -35.84 42.62
N GLU M 265 79.54 -35.46 41.38
CA GLU M 265 80.58 -35.03 40.44
C GLU M 265 81.05 -33.62 40.73
N PHE M 266 80.15 -32.73 41.16
CA PHE M 266 80.46 -31.32 41.36
C PHE M 266 80.95 -31.01 42.77
N SER M 267 81.17 -32.04 43.60
CA SER M 267 81.55 -31.83 44.98
C SER M 267 82.93 -31.22 45.14
N SER M 268 83.81 -31.36 44.14
CA SER M 268 85.15 -30.79 44.25
C SER M 268 85.15 -29.28 44.05
N ASN M 269 84.12 -28.73 43.40
CA ASN M 269 84.09 -27.32 43.03
C ASN M 269 83.10 -26.51 43.85
N VAL M 270 82.74 -26.96 45.06
CA VAL M 270 81.75 -26.24 45.86
C VAL M 270 82.33 -24.92 46.37
N ALA M 271 83.57 -24.95 46.84
CA ALA M 271 84.26 -23.71 47.21
C ALA M 271 84.35 -22.78 46.00
N ASN M 272 84.46 -23.39 44.82
CA ASN M 272 84.45 -22.63 43.60
C ASN M 272 83.10 -21.96 43.37
N TYR M 273 82.01 -22.65 43.70
CA TYR M 273 80.71 -22.03 43.51
C TYR M 273 80.50 -20.90 44.53
N GLN M 274 81.05 -21.01 45.75
CA GLN M 274 81.01 -19.82 46.59
C GLN M 274 81.76 -18.65 45.96
N LYS M 275 83.03 -18.85 45.58
CA LYS M 275 83.81 -17.73 45.08
C LYS M 275 83.23 -17.12 43.81
N VAL M 276 82.53 -17.93 43.00
CA VAL M 276 81.68 -17.33 41.98
C VAL M 276 80.57 -16.51 42.65
N GLY M 277 80.04 -17.01 43.77
CA GLY M 277 78.89 -16.38 44.39
C GLY M 277 79.13 -14.98 44.94
N MET M 278 80.18 -14.78 45.73
CA MET M 278 80.33 -13.46 46.35
C MET M 278 81.25 -12.52 45.56
N GLN M 279 81.32 -12.66 44.24
CA GLN M 279 81.97 -11.68 43.39
C GLN M 279 81.00 -11.24 42.30
N LYS M 280 81.21 -10.03 41.79
CA LYS M 280 80.35 -9.52 40.73
C LYS M 280 80.58 -10.29 39.43
N TYR M 281 81.82 -10.31 38.96
CA TYR M 281 82.21 -11.16 37.84
C TYR M 281 83.46 -11.94 38.21
N SER M 282 83.44 -13.24 37.91
CA SER M 282 84.55 -14.13 38.19
C SER M 282 85.05 -14.77 36.91
N THR M 283 86.33 -15.11 36.89
CA THR M 283 86.99 -15.64 35.71
C THR M 283 87.57 -17.01 36.01
N LEU M 284 87.41 -17.95 35.08
CA LEU M 284 87.96 -19.29 35.18
C LEU M 284 88.87 -19.54 34.00
N GLN M 285 90.09 -20.00 34.28
CA GLN M 285 91.06 -20.36 33.25
C GLN M 285 91.47 -21.82 33.46
N GLY M 286 91.61 -22.56 32.37
CA GLY M 286 92.03 -23.93 32.42
C GLY M 286 92.40 -24.48 31.06
N PRO M 287 93.39 -25.37 31.03
CA PRO M 287 93.73 -26.03 29.77
C PRO M 287 92.55 -26.80 29.24
N PRO M 288 92.49 -27.03 27.92
CA PRO M 288 91.32 -27.66 27.33
C PRO M 288 91.12 -29.09 27.83
N GLY M 289 89.85 -29.50 27.86
CA GLY M 289 89.49 -30.80 28.37
C GLY M 289 89.69 -30.95 29.87
N THR M 290 89.37 -29.91 30.64
CA THR M 290 89.50 -29.95 32.09
C THR M 290 88.18 -29.69 32.81
N GLY M 291 87.12 -29.32 32.08
CA GLY M 291 85.82 -29.11 32.67
C GLY M 291 85.36 -27.67 32.76
N LYS M 292 85.88 -26.77 31.93
CA LYS M 292 85.39 -25.40 31.92
C LYS M 292 83.94 -25.34 31.45
N SER M 293 83.60 -26.10 30.41
CA SER M 293 82.22 -26.20 29.96
C SER M 293 81.36 -27.04 30.88
N HIS M 294 81.97 -27.74 31.84
CA HIS M 294 81.27 -28.50 32.86
C HIS M 294 80.96 -27.67 34.10
N PHE M 295 81.78 -26.64 34.35
CA PHE M 295 81.61 -25.79 35.52
C PHE M 295 80.33 -24.97 35.45
N ALA M 296 79.87 -24.64 34.25
CA ALA M 296 78.60 -23.92 34.10
C ALA M 296 77.43 -24.75 34.60
N ILE M 297 77.41 -26.05 34.24
CA ILE M 297 76.35 -26.93 34.72
C ILE M 297 76.52 -27.18 36.22
N GLY M 298 77.77 -27.25 36.69
CA GLY M 298 77.97 -27.30 38.13
C GLY M 298 77.38 -26.11 38.86
N LEU M 299 77.56 -24.91 38.29
CA LEU M 299 76.92 -23.71 38.84
C LEU M 299 75.40 -23.83 38.80
N ALA M 300 74.87 -24.37 37.70
CA ALA M 300 73.42 -24.51 37.57
C ALA M 300 72.85 -25.42 38.64
N LEU M 301 73.50 -26.56 38.88
CA LEU M 301 73.03 -27.50 39.90
C LEU M 301 73.45 -27.11 41.31
N TYR M 302 74.29 -26.10 41.47
CA TYR M 302 74.53 -25.53 42.79
C TYR M 302 73.60 -24.37 43.12
N TYR M 303 73.07 -23.69 42.11
CA TYR M 303 72.14 -22.57 42.27
C TYR M 303 70.88 -22.91 41.48
N PRO M 304 69.97 -23.69 42.06
CA PRO M 304 68.87 -24.25 41.26
C PRO M 304 67.73 -23.28 41.01
N SER M 305 67.40 -22.41 41.97
CA SER M 305 66.22 -21.57 41.87
C SER M 305 66.44 -20.34 41.00
N ALA M 306 67.66 -20.08 40.58
CA ALA M 306 68.00 -18.86 39.84
C ALA M 306 68.05 -19.14 38.35
N ARG M 307 67.55 -18.20 37.55
CA ARG M 307 67.75 -18.31 36.11
C ARG M 307 69.21 -18.09 35.78
N ILE M 308 69.70 -18.84 34.79
CA ILE M 308 71.02 -18.63 34.22
C ILE M 308 70.87 -18.61 32.72
N VAL M 309 71.42 -17.59 32.07
CA VAL M 309 71.48 -17.56 30.61
C VAL M 309 72.88 -18.00 30.22
N TYR M 310 72.95 -19.01 29.36
CA TYR M 310 74.19 -19.56 28.87
C TYR M 310 74.43 -19.12 27.43
N THR M 311 75.53 -18.42 27.20
CA THR M 311 75.74 -17.80 25.89
C THR M 311 77.22 -17.85 25.54
N ALA M 312 77.49 -18.03 24.24
CA ALA M 312 78.86 -18.05 23.74
C ALA M 312 78.87 -17.39 22.37
N CYS M 313 80.06 -17.06 21.89
CA CYS M 313 80.17 -16.31 20.64
C CYS M 313 79.82 -17.16 19.45
N SER M 314 80.12 -18.44 19.52
CA SER M 314 79.86 -19.37 18.44
C SER M 314 78.65 -20.22 18.80
N HIS M 315 78.33 -21.18 17.93
CA HIS M 315 77.24 -22.13 18.15
C HIS M 315 77.71 -23.49 18.64
N ALA M 316 78.95 -23.88 18.32
CA ALA M 316 79.46 -25.17 18.77
C ALA M 316 79.61 -25.23 20.30
N ALA M 317 80.12 -24.16 20.91
CA ALA M 317 80.27 -24.17 22.36
C ALA M 317 78.92 -24.19 23.07
N VAL M 318 77.98 -23.37 22.60
CA VAL M 318 76.66 -23.36 23.23
C VAL M 318 75.95 -24.69 23.00
N ASP M 319 76.25 -25.39 21.89
CA ASP M 319 75.65 -26.69 21.65
C ASP M 319 76.28 -27.79 22.50
N ALA M 320 77.59 -27.74 22.75
CA ALA M 320 78.18 -28.67 23.70
C ALA M 320 77.66 -28.43 25.11
N LEU M 321 77.47 -27.15 25.45
CA LEU M 321 76.84 -26.79 26.71
C LEU M 321 75.40 -27.29 26.77
N CYS M 322 74.70 -27.24 25.63
CA CYS M 322 73.37 -27.85 25.50
C CYS M 322 73.44 -29.33 25.83
N GLU M 323 74.45 -30.04 25.30
CA GLU M 323 74.58 -31.47 25.54
C GLU M 323 74.80 -31.76 27.01
N LYS M 324 75.72 -31.04 27.64
CA LYS M 324 76.02 -31.29 29.04
C LYS M 324 74.83 -30.96 29.95
N ALA M 325 74.12 -29.87 29.65
CA ALA M 325 72.89 -29.58 30.39
C ALA M 325 71.80 -30.61 30.09
N LEU M 326 71.82 -31.16 28.88
CA LEU M 326 70.86 -32.20 28.52
C LEU M 326 71.08 -33.45 29.35
N LYS M 327 72.33 -33.76 29.68
CA LYS M 327 72.52 -34.92 30.56
C LYS M 327 72.41 -34.59 32.05
N TYR M 328 72.64 -33.33 32.45
CA TYR M 328 72.57 -33.03 33.88
C TYR M 328 71.41 -32.14 34.33
N LEU M 329 70.94 -31.24 33.47
CA LEU M 329 69.86 -30.35 33.91
C LEU M 329 68.50 -30.92 33.57
N PRO M 330 67.45 -30.53 34.31
CA PRO M 330 66.08 -30.98 33.98
C PRO M 330 65.65 -30.54 32.59
N ILE M 331 65.11 -31.49 31.83
CA ILE M 331 64.79 -31.26 30.42
C ILE M 331 63.56 -30.39 30.26
N ASP M 332 62.71 -30.31 31.29
CA ASP M 332 61.35 -29.81 31.13
C ASP M 332 61.30 -28.33 30.73
N LYS M 333 61.88 -27.44 31.55
CA LYS M 333 62.14 -26.07 31.09
C LYS M 333 63.66 -25.88 31.03
N CYS M 334 64.17 -26.03 29.80
CA CYS M 334 65.42 -25.51 29.33
C CYS M 334 65.15 -24.90 27.96
N SER M 335 66.00 -23.98 27.54
CA SER M 335 65.67 -23.13 26.42
C SER M 335 66.78 -23.22 25.39
N ARG M 336 66.56 -22.59 24.25
CA ARG M 336 67.54 -22.42 23.18
C ARG M 336 67.00 -21.35 22.27
N ILE M 337 67.85 -20.39 21.91
CA ILE M 337 67.44 -19.24 21.13
C ILE M 337 68.13 -19.30 19.78
N ILE M 338 67.33 -19.27 18.72
CA ILE M 338 67.88 -19.18 17.37
C ILE M 338 67.52 -17.81 16.82
N PRO M 339 68.34 -17.22 15.96
CA PRO M 339 68.01 -15.89 15.43
C PRO M 339 66.94 -15.95 14.35
N ALA M 340 66.49 -14.79 13.88
CA ALA M 340 65.57 -14.74 12.77
C ALA M 340 66.20 -15.18 11.46
N ARG M 341 67.53 -15.18 11.38
CA ARG M 341 68.21 -15.65 10.17
C ARG M 341 68.03 -17.16 10.00
N ALA M 342 68.21 -17.91 11.09
CA ALA M 342 68.08 -19.37 11.09
C ALA M 342 68.96 -20.01 10.01
N ARG M 343 70.20 -19.53 9.89
CA ARG M 343 71.07 -19.97 8.82
C ARG M 343 71.55 -21.40 9.02
N VAL M 344 71.87 -21.77 10.25
CA VAL M 344 72.51 -23.06 10.53
C VAL M 344 71.70 -23.84 11.55
N GLU M 345 71.95 -25.15 11.57
CA GLU M 345 71.23 -26.06 12.46
C GLU M 345 71.65 -25.86 13.91
N CYS M 346 70.68 -25.96 14.82
CA CYS M 346 70.94 -25.76 16.24
C CYS M 346 70.44 -26.93 17.08
N PHE M 347 70.64 -26.86 18.39
CA PHE M 347 70.27 -27.93 19.32
C PHE M 347 68.77 -27.83 19.59
N ASP M 348 67.97 -28.48 18.73
CA ASP M 348 66.51 -28.36 18.77
C ASP M 348 65.91 -29.55 19.51
N LYS M 349 66.24 -29.66 20.79
CA LYS M 349 65.65 -30.68 21.66
C LYS M 349 64.96 -30.12 22.90
N PHE M 350 65.26 -28.90 23.31
CA PHE M 350 64.50 -28.18 24.32
C PHE M 350 63.42 -27.35 23.63
N LYS M 351 62.86 -26.41 24.37
CA LYS M 351 62.10 -25.32 23.75
C LYS M 351 63.03 -24.42 22.95
N VAL M 352 62.81 -24.36 21.64
CA VAL M 352 63.52 -23.36 20.85
C VAL M 352 62.79 -22.03 20.96
N ASN M 353 63.55 -20.96 21.23
CA ASN M 353 63.04 -19.59 21.34
C ASN M 353 62.01 -19.42 22.46
N SER M 354 62.44 -19.62 23.70
CA SER M 354 61.63 -19.29 24.88
C SER M 354 62.52 -18.49 25.85
N THR M 355 62.38 -17.17 25.83
CA THR M 355 63.29 -16.30 26.58
C THR M 355 62.94 -16.23 28.06
N LEU M 356 61.74 -16.64 28.44
CA LEU M 356 61.31 -16.54 29.82
C LEU M 356 61.61 -17.78 30.66
N GLU M 357 62.56 -18.63 30.27
CA GLU M 357 62.83 -19.82 31.06
C GLU M 357 64.10 -19.67 31.87
N GLN M 358 64.29 -20.62 32.79
CA GLN M 358 65.35 -20.58 33.79
C GLN M 358 66.73 -20.89 33.23
N TYR M 359 66.82 -21.54 32.08
CA TYR M 359 68.12 -21.90 31.50
C TYR M 359 68.07 -21.59 30.00
N VAL M 360 68.55 -20.42 29.65
CA VAL M 360 68.46 -19.90 28.29
C VAL M 360 69.79 -20.14 27.57
N PHE M 361 69.69 -20.68 26.37
CA PHE M 361 70.85 -21.03 25.54
C PHE M 361 70.84 -20.14 24.31
N CYS M 362 71.94 -19.44 24.06
CA CYS M 362 71.94 -18.44 23.01
C CYS M 362 73.35 -18.15 22.52
N THR M 363 73.43 -17.34 21.48
CA THR M 363 74.68 -16.87 20.90
C THR M 363 74.71 -15.35 20.92
N VAL M 364 75.90 -14.79 21.15
CA VAL M 364 76.06 -13.39 21.58
C VAL M 364 75.33 -12.42 20.65
N ASN M 365 75.33 -12.71 19.35
CA ASN M 365 74.74 -11.78 18.40
C ASN M 365 73.21 -11.84 18.37
N ALA M 366 72.57 -12.72 19.14
CA ALA M 366 71.14 -12.90 19.06
C ALA M 366 70.47 -12.94 20.43
N LEU M 367 71.06 -12.30 21.44
CA LEU M 367 70.40 -12.28 22.74
C LEU M 367 69.23 -11.30 22.76
N PRO M 368 68.17 -11.62 23.50
CA PRO M 368 67.11 -10.63 23.76
C PRO M 368 67.49 -9.68 24.87
N GLU M 369 66.85 -8.52 24.86
CA GLU M 369 67.09 -7.51 25.87
C GLU M 369 66.30 -7.82 27.13
N THR M 370 66.78 -8.79 27.91
CA THR M 370 66.08 -9.22 29.13
C THR M 370 67.03 -9.25 30.32
N THR M 371 66.54 -9.68 31.47
CA THR M 371 67.33 -9.80 32.68
C THR M 371 67.79 -11.23 32.87
N ALA M 372 68.59 -11.43 33.90
CA ALA M 372 69.10 -12.75 34.28
C ALA M 372 69.47 -12.69 35.76
N ASP M 373 69.93 -13.82 36.30
CA ASP M 373 70.40 -13.86 37.67
C ASP M 373 71.85 -14.34 37.77
N ILE M 374 72.27 -15.27 36.92
CA ILE M 374 73.69 -15.49 36.65
C ILE M 374 73.85 -15.53 35.14
N VAL M 375 74.88 -14.88 34.63
CA VAL M 375 75.25 -14.99 33.22
C VAL M 375 76.60 -15.70 33.16
N VAL M 376 76.70 -16.70 32.29
CA VAL M 376 77.93 -17.47 32.12
C VAL M 376 78.37 -17.33 30.67
N PHE M 377 79.34 -16.47 30.43
CA PHE M 377 79.92 -16.29 29.10
C PHE M 377 80.96 -17.39 28.88
N ASP M 378 80.72 -18.22 27.88
CA ASP M 378 81.61 -19.35 27.58
C ASP M 378 82.58 -18.95 26.47
N GLU M 379 83.81 -19.46 26.58
CA GLU M 379 84.89 -19.36 25.58
C GLU M 379 85.07 -17.91 25.09
N ILE M 380 85.55 -17.08 26.02
CA ILE M 380 85.97 -15.71 25.68
C ILE M 380 87.09 -15.71 24.65
N SER M 381 87.73 -16.86 24.41
CA SER M 381 88.69 -16.97 23.31
C SER M 381 88.06 -16.65 21.96
N MET M 382 86.74 -16.82 21.84
CA MET M 382 86.00 -16.41 20.65
C MET M 382 85.44 -15.00 20.80
N ALA M 383 85.62 -14.38 21.97
CA ALA M 383 84.99 -13.11 22.29
C ALA M 383 85.96 -11.97 22.02
N THR M 384 85.49 -10.97 21.30
CA THR M 384 86.18 -9.69 21.21
C THR M 384 85.55 -8.70 22.18
N ASN M 385 86.06 -7.47 22.18
CA ASN M 385 85.45 -6.44 23.00
C ASN M 385 84.04 -6.10 22.54
N TYR M 386 83.74 -6.26 21.25
CA TYR M 386 82.40 -6.00 20.74
C TYR M 386 81.39 -6.97 21.35
N ASP M 387 81.74 -8.26 21.41
CA ASP M 387 80.84 -9.25 21.99
C ASP M 387 80.65 -9.04 23.49
N LEU M 388 81.72 -8.67 24.19
CA LEU M 388 81.61 -8.36 25.62
C LEU M 388 80.70 -7.15 25.83
N SER M 389 80.84 -6.12 25.01
CA SER M 389 79.95 -4.97 25.12
C SER M 389 78.51 -5.35 24.80
N VAL M 390 78.30 -6.24 23.83
CA VAL M 390 76.96 -6.70 23.51
C VAL M 390 76.32 -7.41 24.70
N VAL M 391 77.05 -8.36 25.29
CA VAL M 391 76.47 -9.13 26.39
C VAL M 391 76.30 -8.26 27.63
N ASN M 392 77.14 -7.23 27.79
CA ASN M 392 76.95 -6.31 28.91
C ASN M 392 75.77 -5.37 28.70
N ALA M 393 75.52 -4.94 27.46
CA ALA M 393 74.42 -4.03 27.18
C ALA M 393 73.08 -4.74 27.18
N ARG M 394 73.04 -5.99 26.71
CA ARG M 394 71.77 -6.70 26.57
C ARG M 394 71.39 -7.49 27.82
N LEU M 395 72.35 -8.09 28.52
CA LEU M 395 72.08 -8.95 29.67
C LEU M 395 72.42 -8.19 30.93
N ARG M 396 71.50 -8.21 31.89
CA ARG M 396 71.60 -7.36 33.07
C ARG M 396 71.37 -8.23 34.30
N ALA M 397 72.45 -8.73 34.89
CA ALA M 397 72.35 -9.78 35.89
C ALA M 397 73.21 -9.46 37.09
N LYS M 398 72.98 -10.18 38.18
CA LYS M 398 73.70 -9.95 39.42
C LYS M 398 75.13 -10.48 39.33
N HIS M 399 75.33 -11.63 38.69
CA HIS M 399 76.63 -12.28 38.65
C HIS M 399 77.02 -12.56 37.21
N TYR M 400 78.29 -12.32 36.90
CA TYR M 400 78.86 -12.64 35.60
C TYR M 400 79.90 -13.74 35.76
N VAL M 401 79.90 -14.70 34.83
CA VAL M 401 80.85 -15.80 34.85
C VAL M 401 81.56 -15.82 33.50
N TYR M 402 82.89 -15.71 33.52
CA TYR M 402 83.71 -15.70 32.32
C TYR M 402 84.61 -16.92 32.35
N ILE M 403 84.31 -17.91 31.52
CA ILE M 403 85.06 -19.15 31.44
C ILE M 403 85.70 -19.28 30.08
N GLY M 404 86.98 -19.63 30.06
CA GLY M 404 87.71 -19.76 28.82
C GLY M 404 89.20 -19.80 29.06
N ASP M 405 89.92 -20.12 28.00
CA ASP M 405 91.37 -20.25 28.04
C ASP M 405 91.99 -19.46 26.88
N PRO M 406 92.89 -18.52 27.15
CA PRO M 406 93.56 -17.81 26.05
C PRO M 406 94.49 -18.68 25.23
N ALA M 407 94.91 -19.85 25.73
CA ALA M 407 95.80 -20.70 24.94
C ALA M 407 95.09 -21.29 23.73
N GLN M 408 93.76 -21.35 23.73
CA GLN M 408 93.00 -21.73 22.55
C GLN M 408 92.92 -20.55 21.59
N LEU M 409 92.20 -20.71 20.48
CA LEU M 409 92.31 -19.75 19.39
C LEU M 409 91.61 -18.43 19.72
N PRO M 410 92.21 -17.31 19.31
CA PRO M 410 91.49 -16.03 19.40
C PRO M 410 90.49 -15.86 18.28
N ALA M 411 89.87 -14.68 18.21
CA ALA M 411 88.94 -14.36 17.15
C ALA M 411 89.66 -14.36 15.80
N PRO M 412 88.92 -14.55 14.69
CA PRO M 412 89.56 -14.57 13.36
C PRO M 412 90.46 -13.37 13.07
N ARG M 413 89.91 -12.16 13.17
CA ARG M 413 90.65 -10.92 12.91
C ARG M 413 91.33 -10.95 11.54
N THR M 414 90.50 -10.97 10.50
CA THR M 414 91.00 -11.19 9.14
C THR M 414 91.86 -10.03 8.65
N LEU M 415 91.72 -8.84 9.25
CA LEU M 415 92.63 -7.75 8.92
C LEU M 415 94.04 -8.00 9.44
N LEU M 416 94.16 -8.69 10.57
CA LEU M 416 95.46 -8.96 11.16
C LEU M 416 96.24 -9.92 10.29
N THR M 417 97.19 -9.40 9.53
CA THR M 417 98.06 -10.22 8.68
C THR M 417 99.53 -10.01 8.95
N LYS M 418 99.92 -9.01 9.75
CA LYS M 418 101.30 -8.78 10.13
C LYS M 418 101.42 -8.75 11.64
N GLY M 419 102.56 -9.21 12.14
CA GLY M 419 102.80 -9.24 13.57
C GLY M 419 102.11 -10.42 14.23
N THR M 420 102.29 -10.48 15.56
CA THR M 420 101.74 -11.56 16.37
C THR M 420 101.02 -10.94 17.56
N LEU M 421 99.90 -11.56 17.95
CA LEU M 421 99.14 -11.11 19.11
C LEU M 421 99.39 -12.04 20.28
N GLU M 422 99.71 -11.47 21.43
CA GLU M 422 99.83 -12.24 22.65
C GLU M 422 98.45 -12.66 23.16
N PRO M 423 98.37 -13.76 23.90
CA PRO M 423 97.07 -14.19 24.45
C PRO M 423 96.40 -13.16 25.34
N GLU M 424 97.19 -12.35 26.06
CA GLU M 424 96.63 -11.34 26.96
C GLU M 424 96.07 -10.14 26.24
N TYR M 425 96.19 -10.04 24.92
CA TYR M 425 95.68 -8.89 24.17
C TYR M 425 94.52 -9.26 23.26
N PHE M 426 93.91 -10.44 23.49
CA PHE M 426 92.75 -10.84 22.70
C PHE M 426 91.56 -9.95 23.02
N ASN M 427 91.31 -9.71 24.30
CA ASN M 427 90.23 -8.85 24.76
C ASN M 427 90.55 -8.41 26.19
N SER M 428 89.55 -7.82 26.86
CA SER M 428 89.75 -7.35 28.23
C SER M 428 89.80 -8.49 29.24
N VAL M 429 88.97 -9.53 29.04
CA VAL M 429 88.96 -10.65 29.97
C VAL M 429 90.28 -11.42 29.90
N CYS M 430 90.84 -11.58 28.70
CA CYS M 430 92.16 -12.20 28.58
C CYS M 430 93.23 -11.35 29.25
N ARG M 431 93.16 -10.03 29.09
CA ARG M 431 94.09 -9.14 29.78
C ARG M 431 93.95 -9.26 31.29
N LEU M 432 92.74 -9.50 31.79
CA LEU M 432 92.59 -9.77 33.22
C LEU M 432 93.22 -11.10 33.62
N MET M 433 92.92 -12.17 32.89
CA MET M 433 93.29 -13.49 33.40
C MET M 433 94.78 -13.78 33.20
N LYS M 434 95.44 -13.02 32.31
CA LYS M 434 96.87 -13.25 32.13
C LYS M 434 97.74 -12.27 32.91
N THR M 435 97.22 -11.08 33.25
CA THR M 435 98.03 -10.13 33.99
C THR M 435 97.99 -10.40 35.49
N ILE M 436 96.80 -10.32 36.09
CA ILE M 436 96.64 -10.53 37.53
C ILE M 436 96.26 -11.95 37.87
N GLY M 437 96.13 -12.82 36.87
CA GLY M 437 95.83 -14.22 37.10
C GLY M 437 94.35 -14.48 37.18
N PRO M 438 93.93 -15.68 36.79
CA PRO M 438 92.53 -16.05 36.96
C PRO M 438 92.19 -16.17 38.43
N ASP M 439 90.92 -16.01 38.75
CA ASP M 439 90.51 -16.25 40.13
C ASP M 439 90.76 -17.69 40.54
N MET M 440 90.36 -18.65 39.70
CA MET M 440 90.41 -20.06 40.07
C MET M 440 90.61 -20.93 38.84
N PHE M 441 90.99 -22.19 39.08
CA PHE M 441 91.77 -22.94 38.12
C PHE M 441 91.51 -24.44 38.19
N LEU M 442 91.74 -25.13 37.06
CA LEU M 442 91.98 -26.57 37.02
C LEU M 442 92.95 -26.88 35.91
N GLY M 443 93.96 -27.71 36.19
CA GLY M 443 94.68 -28.35 35.10
C GLY M 443 94.91 -29.83 35.34
N THR M 444 94.23 -30.65 34.54
CA THR M 444 94.41 -32.10 34.50
C THR M 444 93.70 -32.65 33.27
N CYS M 445 94.42 -33.38 32.43
CA CYS M 445 93.86 -33.79 31.14
C CYS M 445 93.15 -35.13 31.28
N ARG M 446 91.85 -35.15 30.94
CA ARG M 446 91.10 -36.38 30.78
C ARG M 446 90.63 -36.60 29.35
N ARG M 447 91.16 -35.86 28.37
CA ARG M 447 90.68 -36.01 27.00
C ARG M 447 91.72 -36.66 26.11
N CYS M 448 92.87 -36.08 25.93
CA CYS M 448 93.76 -36.72 24.97
C CYS M 448 94.79 -37.59 25.70
N PRO M 449 95.25 -38.67 25.06
CA PRO M 449 96.11 -39.64 25.75
C PRO M 449 97.41 -39.01 26.23
N ALA M 450 98.10 -39.73 27.13
CA ALA M 450 99.28 -39.21 27.79
C ALA M 450 100.37 -38.81 26.82
N GLU M 451 100.51 -39.52 25.69
CA GLU M 451 101.54 -39.20 24.71
C GLU M 451 101.36 -37.79 24.14
N ILE M 452 100.22 -37.55 23.51
CA ILE M 452 100.00 -36.28 22.80
C ILE M 452 99.87 -35.12 23.79
N VAL M 453 99.29 -35.37 24.96
CA VAL M 453 99.25 -34.30 25.96
C VAL M 453 100.65 -34.01 26.50
N ASP M 454 101.54 -35.01 26.58
CA ASP M 454 102.91 -34.72 26.96
C ASP M 454 103.63 -33.94 25.86
N THR M 455 103.25 -34.16 24.60
CA THR M 455 103.78 -33.34 23.53
C THR M 455 103.35 -31.88 23.69
N VAL M 456 102.06 -31.65 23.91
CA VAL M 456 101.55 -30.28 23.93
C VAL M 456 101.88 -29.60 25.26
N SER M 457 102.24 -30.37 26.30
CA SER M 457 102.63 -29.80 27.58
C SER M 457 104.08 -29.31 27.60
N ALA M 458 104.64 -29.03 26.44
CA ALA M 458 105.92 -28.32 26.31
C ALA M 458 105.84 -27.19 25.31
N LEU M 459 104.83 -27.18 24.43
CA LEU M 459 104.77 -26.19 23.37
C LEU M 459 104.10 -24.90 23.83
N VAL M 460 102.89 -25.03 24.38
CA VAL M 460 102.12 -23.88 24.82
C VAL M 460 102.19 -23.69 26.33
N TYR M 461 102.14 -24.78 27.09
CA TYR M 461 102.38 -24.77 28.52
C TYR M 461 103.73 -25.44 28.74
N ASP M 462 104.56 -24.90 29.62
CA ASP M 462 105.82 -25.58 29.94
C ASP M 462 105.66 -26.47 31.18
N ASN M 463 105.06 -27.64 30.94
CA ASN M 463 105.06 -28.75 31.89
C ASN M 463 104.30 -28.42 33.19
N LYS M 464 103.18 -27.73 33.07
CA LYS M 464 102.25 -27.59 34.20
C LYS M 464 101.01 -28.46 34.06
N LEU M 465 100.96 -29.31 33.04
CA LEU M 465 99.78 -30.11 32.73
C LEU M 465 100.17 -31.57 32.58
N LYS M 466 99.71 -32.41 33.51
CA LYS M 466 99.84 -33.87 33.41
C LYS M 466 98.53 -34.46 32.89
N ALA M 467 98.45 -35.79 32.86
CA ALA M 467 97.27 -36.49 32.41
C ALA M 467 97.00 -37.69 33.31
N HIS M 468 95.79 -38.23 33.19
CA HIS M 468 95.42 -39.48 33.86
C HIS M 468 94.89 -40.41 32.78
N LYS M 469 95.82 -41.06 32.06
CA LYS M 469 95.53 -41.90 30.91
C LYS M 469 96.75 -42.71 30.51
N ASP M 470 96.69 -43.40 29.38
CA ASP M 470 97.79 -44.19 28.87
C ASP M 470 98.41 -43.53 27.65
N LYS M 471 99.60 -43.98 27.27
CA LYS M 471 100.18 -43.64 25.98
C LYS M 471 99.76 -44.70 24.97
N SER M 472 98.62 -44.47 24.30
CA SER M 472 98.03 -45.50 23.45
C SER M 472 98.82 -45.72 22.16
N ALA M 473 99.79 -44.85 21.87
CA ALA M 473 100.81 -45.06 20.85
C ALA M 473 100.24 -45.21 19.44
N GLN M 474 99.14 -44.54 19.11
CA GLN M 474 98.71 -44.39 17.73
C GLN M 474 98.71 -42.94 17.28
N CYS M 475 99.53 -42.10 17.90
CA CYS M 475 99.75 -40.73 17.47
C CYS M 475 100.85 -40.78 16.42
N PHE M 476 100.46 -41.04 15.17
CA PHE M 476 101.41 -41.26 14.08
C PHE M 476 101.87 -39.92 13.53
N LYS M 477 103.19 -39.72 13.50
CA LYS M 477 103.79 -38.54 12.90
C LYS M 477 104.38 -38.91 11.54
N MET M 478 103.93 -38.22 10.49
CA MET M 478 104.40 -38.45 9.14
C MET M 478 104.92 -37.14 8.56
N PHE M 479 105.99 -37.22 7.77
CA PHE M 479 106.64 -36.05 7.19
C PHE M 479 106.79 -36.30 5.69
N TYR M 480 106.05 -35.51 4.90
CA TYR M 480 106.11 -35.59 3.44
C TYR M 480 105.99 -34.21 2.83
N LYS M 481 106.28 -34.11 1.53
CA LYS M 481 106.05 -32.86 0.80
C LYS M 481 104.59 -32.46 0.86
N GLY M 482 103.71 -33.24 0.23
CA GLY M 482 102.34 -32.80 0.06
C GLY M 482 102.30 -31.60 -0.86
N VAL M 483 102.56 -31.83 -2.15
CA VAL M 483 102.62 -30.76 -3.14
C VAL M 483 101.36 -29.92 -3.06
N ILE M 484 101.53 -28.60 -3.00
CA ILE M 484 100.45 -27.67 -2.70
C ILE M 484 100.01 -26.99 -3.97
N THR M 485 98.73 -27.14 -4.32
CA THR M 485 98.16 -26.45 -5.46
C THR M 485 97.38 -25.30 -4.80
N HIS M 486 97.60 -24.08 -5.28
CA HIS M 486 97.03 -22.88 -4.69
C HIS M 486 95.90 -22.39 -5.59
N ASP M 487 94.71 -22.91 -5.33
CA ASP M 487 93.59 -22.75 -6.25
C ASP M 487 92.74 -21.52 -5.91
N VAL M 488 92.17 -21.49 -4.71
CA VAL M 488 91.09 -20.57 -4.39
C VAL M 488 91.61 -19.54 -3.40
N SER M 489 92.93 -19.37 -3.36
CA SER M 489 93.65 -18.64 -2.29
C SER M 489 93.46 -19.31 -0.93
N SER M 490 92.98 -20.56 -0.95
CA SER M 490 92.89 -21.42 0.21
C SER M 490 93.57 -22.71 -0.21
N ALA M 491 94.45 -23.24 0.64
CA ALA M 491 95.35 -24.29 0.20
C ALA M 491 94.61 -25.60 -0.02
N ILE M 492 94.88 -26.22 -1.17
CA ILE M 492 94.41 -27.58 -1.48
C ILE M 492 95.64 -28.44 -1.72
N ASN M 493 95.66 -29.62 -1.10
CA ASN M 493 96.80 -30.54 -1.18
C ASN M 493 96.30 -31.92 -1.58
N ARG M 494 96.25 -32.17 -2.90
CA ARG M 494 95.83 -33.48 -3.38
C ARG M 494 96.77 -34.62 -2.97
N PRO M 495 98.11 -34.51 -3.07
CA PRO M 495 98.95 -35.61 -2.58
C PRO M 495 98.86 -35.85 -1.07
N GLN M 496 98.52 -34.83 -0.28
CA GLN M 496 98.36 -35.05 1.16
C GLN M 496 97.13 -35.91 1.43
N ILE M 497 96.01 -35.55 0.80
CA ILE M 497 94.84 -36.42 0.89
C ILE M 497 95.10 -37.74 0.18
N GLY M 498 96.15 -37.83 -0.66
CA GLY M 498 96.49 -39.11 -1.28
C GLY M 498 97.25 -40.05 -0.37
N VAL M 499 98.23 -39.53 0.36
CA VAL M 499 98.89 -40.37 1.35
C VAL M 499 97.90 -40.75 2.43
N VAL M 500 96.92 -39.88 2.69
CA VAL M 500 95.83 -40.24 3.58
C VAL M 500 94.85 -41.20 2.89
N ARG M 501 94.77 -41.14 1.54
CA ARG M 501 93.91 -42.07 0.81
C ARG M 501 94.32 -43.48 1.17
N GLU M 502 95.61 -43.72 1.00
CA GLU M 502 96.17 -45.06 1.02
C GLU M 502 96.77 -45.45 2.36
N PHE M 503 96.76 -44.56 3.35
CA PHE M 503 97.03 -44.96 4.72
C PHE M 503 95.76 -45.16 5.56
N LEU M 504 94.59 -45.16 4.92
CA LEU M 504 93.36 -45.56 5.60
C LEU M 504 93.00 -47.02 5.34
N THR M 505 93.48 -47.60 4.23
CA THR M 505 93.21 -49.01 3.96
C THR M 505 93.97 -49.92 4.91
N ARG M 506 95.13 -49.47 5.40
CA ARG M 506 95.96 -50.27 6.28
C ARG M 506 95.50 -50.24 7.73
N ASN M 507 94.60 -49.33 8.10
CA ASN M 507 94.17 -49.15 9.48
C ASN M 507 92.67 -49.38 9.60
N PRO M 508 92.23 -50.54 10.09
CA PRO M 508 90.78 -50.77 10.22
C PRO M 508 90.12 -50.03 11.36
N ALA M 509 90.89 -49.57 12.35
CA ALA M 509 90.32 -48.86 13.49
C ALA M 509 90.15 -47.36 13.24
N TRP M 510 90.51 -46.88 12.05
CA TRP M 510 90.46 -45.47 11.74
C TRP M 510 89.38 -45.14 10.71
N ARG M 511 88.41 -46.03 10.53
CA ARG M 511 87.31 -45.79 9.59
C ARG M 511 86.25 -44.85 10.14
N LYS M 512 86.33 -44.51 11.44
CA LYS M 512 85.43 -43.55 12.07
C LYS M 512 86.11 -42.19 12.27
N ALA M 513 87.31 -42.04 11.71
CA ALA M 513 88.14 -40.87 11.97
C ALA M 513 87.50 -39.61 11.39
N VAL M 514 87.98 -38.46 11.86
CA VAL M 514 87.47 -37.15 11.45
C VAL M 514 88.63 -36.34 10.87
N PHE M 515 88.40 -35.75 9.71
CA PHE M 515 89.43 -35.01 8.98
C PHE M 515 89.51 -33.58 9.49
N ILE M 516 90.72 -33.14 9.84
CA ILE M 516 90.98 -31.79 10.33
C ILE M 516 92.10 -31.19 9.48
N SER M 517 91.90 -29.94 9.04
CA SER M 517 92.89 -29.23 8.25
C SER M 517 92.70 -27.73 8.45
N PRO M 518 93.77 -26.95 8.50
CA PRO M 518 93.64 -25.50 8.72
C PRO M 518 93.22 -24.70 7.50
N TYR M 519 92.90 -25.36 6.38
CA TYR M 519 92.50 -24.67 5.16
C TYR M 519 91.17 -25.23 4.71
N ASN M 520 90.19 -24.34 4.51
CA ASN M 520 88.81 -24.77 4.32
C ASN M 520 88.58 -25.44 2.95
N SER M 521 89.38 -25.07 1.95
CA SER M 521 89.18 -25.63 0.61
C SER M 521 89.53 -27.12 0.55
N GLN M 522 90.77 -27.47 0.90
CA GLN M 522 91.16 -28.86 1.02
C GLN M 522 90.28 -29.60 2.01
N ASN M 523 89.90 -28.91 3.09
CA ASN M 523 89.00 -29.46 4.09
C ASN M 523 87.71 -29.94 3.43
N ALA M 524 87.08 -29.08 2.63
CA ALA M 524 85.82 -29.42 1.96
C ALA M 524 85.99 -30.47 0.88
N VAL M 525 87.06 -30.39 0.06
CA VAL M 525 87.25 -31.38 -0.99
C VAL M 525 87.57 -32.76 -0.43
N ALA M 526 88.02 -32.85 0.83
CA ALA M 526 88.27 -34.15 1.46
C ALA M 526 86.99 -34.95 1.73
N SER M 527 85.81 -34.41 1.40
CA SER M 527 84.55 -35.11 1.67
C SER M 527 84.31 -36.27 0.71
N LYS M 528 84.57 -36.06 -0.59
CA LYS M 528 84.24 -37.10 -1.57
C LYS M 528 85.40 -38.06 -1.77
N ILE M 529 86.59 -37.64 -1.37
CA ILE M 529 87.79 -38.44 -1.57
C ILE M 529 87.75 -39.68 -0.68
N LEU M 530 87.42 -39.50 0.59
CA LEU M 530 87.56 -40.54 1.59
C LEU M 530 86.37 -40.67 2.54
N GLY M 531 85.41 -39.75 2.49
CA GLY M 531 84.09 -39.97 3.05
C GLY M 531 83.95 -39.84 4.55
N LEU M 532 84.99 -39.44 5.26
CA LEU M 532 84.87 -39.26 6.71
C LEU M 532 84.14 -37.96 7.04
N PRO M 533 83.49 -37.89 8.20
CA PRO M 533 82.95 -36.61 8.66
C PRO M 533 84.06 -35.58 8.79
N THR M 534 83.75 -34.34 8.44
CA THR M 534 84.78 -33.39 8.06
C THR M 534 84.57 -32.03 8.74
N GLN M 535 85.61 -31.56 9.44
CA GLN M 535 85.51 -30.36 10.25
C GLN M 535 86.80 -29.56 10.17
N THR M 536 86.70 -28.24 10.32
CA THR M 536 87.87 -27.37 10.36
C THR M 536 88.36 -27.20 11.80
N VAL M 537 89.55 -26.59 11.92
CA VAL M 537 90.13 -26.34 13.23
C VAL M 537 89.30 -25.34 14.02
N ASP M 538 88.72 -24.35 13.33
CA ASP M 538 87.99 -23.28 14.01
C ASP M 538 86.67 -23.79 14.57
N SER M 539 85.94 -24.58 13.80
CA SER M 539 84.59 -24.99 14.20
C SER M 539 84.57 -26.29 15.00
N SER M 540 85.70 -26.97 15.15
CA SER M 540 85.76 -28.21 15.92
C SER M 540 86.13 -27.99 17.38
N GLN M 541 86.28 -26.73 17.80
CA GLN M 541 86.64 -26.42 19.18
C GLN M 541 85.45 -26.69 20.09
N GLY M 542 85.61 -27.62 21.02
CA GLY M 542 84.59 -27.89 22.02
C GLY M 542 84.11 -29.32 22.09
N SER M 543 83.90 -29.95 20.94
CA SER M 543 83.42 -31.32 20.91
C SER M 543 84.59 -32.31 20.91
N GLU M 544 84.33 -33.48 21.50
CA GLU M 544 85.32 -34.53 21.68
C GLU M 544 85.24 -35.52 20.53
N TYR M 545 86.41 -35.88 20.00
CA TYR M 545 86.49 -36.67 18.78
C TYR M 545 87.32 -37.92 19.05
N ASP M 546 86.79 -39.08 18.65
CA ASP M 546 87.48 -40.34 18.93
C ASP M 546 88.77 -40.46 18.11
N TYR M 547 88.65 -40.44 16.79
CA TYR M 547 89.79 -40.54 15.90
C TYR M 547 89.86 -39.30 15.03
N VAL M 548 91.07 -38.74 14.89
CA VAL M 548 91.27 -37.48 14.18
C VAL M 548 92.36 -37.67 13.13
N ILE M 549 92.09 -37.23 11.91
CA ILE M 549 93.09 -37.13 10.85
C ILE M 549 93.39 -35.66 10.68
N PHE M 550 94.42 -35.16 11.37
CA PHE M 550 94.88 -33.80 11.21
C PHE M 550 95.86 -33.74 10.05
N THR M 551 95.74 -32.71 9.21
CA THR M 551 96.54 -32.57 8.01
C THR M 551 97.01 -31.11 7.88
N GLN M 552 98.22 -30.85 8.37
CA GLN M 552 98.85 -29.54 8.17
C GLN M 552 99.34 -29.45 6.73
N THR M 553 98.98 -28.38 6.02
CA THR M 553 99.20 -28.32 4.58
C THR M 553 100.48 -27.60 4.21
N THR M 554 100.61 -26.33 4.59
CA THR M 554 101.61 -25.45 4.01
C THR M 554 102.63 -25.02 5.04
N GLU M 555 103.63 -24.27 4.57
CA GLU M 555 104.59 -23.62 5.45
C GLU M 555 104.41 -22.11 5.35
N THR M 556 103.97 -21.51 6.45
CA THR M 556 103.62 -20.09 6.49
C THR M 556 103.50 -19.69 7.96
N ALA M 557 102.99 -18.49 8.20
CA ALA M 557 102.64 -18.07 9.55
C ALA M 557 101.18 -18.33 9.89
N HIS M 558 100.42 -18.91 8.96
CA HIS M 558 98.99 -19.11 9.14
C HIS M 558 98.69 -20.46 9.77
N SER M 559 99.16 -21.55 9.15
CA SER M 559 98.86 -22.89 9.62
C SER M 559 99.93 -23.47 10.54
N CYS M 560 101.05 -22.78 10.73
CA CYS M 560 102.15 -23.33 11.52
C CYS M 560 102.20 -22.77 12.93
N ASN M 561 101.14 -22.12 13.39
CA ASN M 561 101.09 -21.62 14.76
C ASN M 561 100.82 -22.76 15.72
N VAL M 562 101.36 -22.63 16.93
CA VAL M 562 101.26 -23.71 17.91
C VAL M 562 99.88 -23.76 18.52
N ASN M 563 99.15 -22.65 18.49
CA ASN M 563 97.83 -22.61 19.13
C ASN M 563 96.81 -23.45 18.35
N ARG M 564 96.70 -23.23 17.04
CA ARG M 564 95.74 -23.98 16.26
C ARG M 564 96.14 -25.44 16.14
N PHE M 565 97.45 -25.71 16.12
CA PHE M 565 97.93 -27.08 16.22
C PHE M 565 97.49 -27.70 17.54
N ASN M 566 97.57 -26.93 18.62
CA ASN M 566 97.14 -27.39 19.94
C ASN M 566 95.67 -27.82 19.92
N VAL M 567 94.78 -26.93 19.46
CA VAL M 567 93.35 -27.29 19.47
C VAL M 567 93.04 -28.41 18.49
N ALA M 568 93.73 -28.46 17.34
CA ALA M 568 93.45 -29.51 16.38
C ALA M 568 93.90 -30.88 16.88
N ILE M 569 95.01 -30.93 17.62
CA ILE M 569 95.51 -32.24 18.06
C ILE M 569 94.82 -32.67 19.36
N THR M 570 94.40 -31.72 20.21
CA THR M 570 93.88 -32.11 21.50
C THR M 570 92.42 -32.56 21.46
N ARG M 571 91.78 -32.57 20.30
CA ARG M 571 90.41 -33.05 20.20
C ARG M 571 90.33 -34.54 19.91
N ALA M 572 91.47 -35.21 19.77
CA ALA M 572 91.52 -36.65 19.55
C ALA M 572 91.61 -37.32 20.91
N LYS M 573 90.50 -37.90 21.37
CA LYS M 573 90.45 -38.41 22.74
C LYS M 573 91.22 -39.71 22.90
N VAL M 574 91.41 -40.47 21.82
CA VAL M 574 92.12 -41.74 21.91
C VAL M 574 93.24 -41.90 20.88
N GLY M 575 93.18 -41.26 19.72
CA GLY M 575 94.27 -41.37 18.75
C GLY M 575 94.14 -40.36 17.64
N ILE M 576 95.27 -40.06 17.00
CA ILE M 576 95.31 -39.05 15.94
C ILE M 576 96.40 -39.40 14.95
N LEU M 577 96.15 -39.08 13.68
CA LEU M 577 97.15 -39.08 12.62
C LEU M 577 97.39 -37.64 12.18
N CYS M 578 98.65 -37.21 12.20
CA CYS M 578 99.00 -35.83 11.86
C CYS M 578 99.86 -35.81 10.60
N ILE M 579 99.46 -35.00 9.62
CA ILE M 579 100.24 -34.78 8.41
C ILE M 579 100.95 -33.43 8.54
N MET M 580 102.13 -33.32 7.95
CA MET M 580 103.02 -32.22 8.29
C MET M 580 103.94 -31.82 7.15
N SER M 581 104.59 -30.67 7.35
CA SER M 581 105.59 -30.10 6.47
C SER M 581 106.70 -29.38 7.22
N ASP M 582 106.46 -28.97 8.47
CA ASP M 582 107.39 -28.09 9.18
C ASP M 582 108.56 -28.86 9.78
N ARG M 583 109.56 -28.12 10.30
CA ARG M 583 110.69 -28.75 10.99
C ARG M 583 110.99 -28.16 12.37
N ASP M 584 110.66 -26.89 12.64
CA ASP M 584 110.71 -26.48 14.04
C ASP M 584 109.62 -27.13 14.86
N LEU M 585 108.44 -27.32 14.27
CA LEU M 585 107.32 -27.89 15.02
C LEU M 585 107.45 -29.40 15.14
N TYR M 586 108.09 -30.05 14.17
CA TYR M 586 108.35 -31.49 14.26
C TYR M 586 109.47 -31.83 15.22
N ASP M 587 110.31 -30.86 15.58
CA ASP M 587 111.47 -31.14 16.43
C ASP M 587 111.09 -31.36 17.89
N LYS M 588 109.92 -30.88 18.31
CA LYS M 588 109.55 -30.90 19.71
C LYS M 588 108.41 -31.84 20.06
N LEU M 589 107.69 -32.37 19.07
CA LEU M 589 106.61 -33.30 19.35
C LEU M 589 107.16 -34.68 19.69
N GLN M 590 106.45 -35.39 20.56
CA GLN M 590 106.80 -36.74 20.96
C GLN M 590 105.72 -37.68 20.43
N PHE M 591 105.86 -38.06 19.17
CA PHE M 591 104.90 -38.95 18.51
C PHE M 591 105.64 -40.17 18.00
N THR M 592 104.88 -41.18 17.61
CA THR M 592 105.46 -42.32 16.92
C THR M 592 105.98 -41.88 15.55
N SER M 593 107.21 -42.26 15.24
CA SER M 593 107.98 -41.59 14.20
C SER M 593 107.72 -42.11 12.79
N LEU M 594 106.95 -43.19 12.63
CA LEU M 594 106.77 -43.86 11.35
C LEU M 594 108.12 -44.25 10.74
N ALA N 5 49.79 15.65 -14.01
CA ALA N 5 50.71 14.88 -13.19
C ALA N 5 52.16 15.24 -13.52
N VAL N 6 53.10 14.50 -12.92
CA VAL N 6 54.52 14.78 -13.08
C VAL N 6 55.23 13.48 -13.45
N GLY N 7 56.21 13.61 -14.36
CA GLY N 7 57.00 12.48 -14.80
C GLY N 7 58.24 12.89 -15.57
N ALA N 8 58.59 12.14 -16.61
CA ALA N 8 59.83 12.34 -17.34
C ALA N 8 59.55 12.81 -18.77
N CYS N 9 60.43 13.68 -19.27
CA CYS N 9 60.33 14.14 -20.65
C CYS N 9 60.59 12.98 -21.60
N VAL N 10 59.92 13.01 -22.76
CA VAL N 10 59.94 11.85 -23.64
C VAL N 10 61.30 11.67 -24.31
N LEU N 11 62.05 12.75 -24.50
CA LEU N 11 63.30 12.69 -25.24
C LEU N 11 64.53 13.06 -24.43
N CYS N 12 64.38 13.47 -23.16
CA CYS N 12 65.54 13.63 -22.29
C CYS N 12 65.33 13.10 -20.89
N ASN N 13 64.14 12.57 -20.56
CA ASN N 13 63.85 11.95 -19.27
C ASN N 13 64.09 12.91 -18.10
N SER N 14 63.83 14.20 -18.31
CA SER N 14 63.91 15.18 -17.24
C SER N 14 62.53 15.37 -16.61
N GLN N 15 62.52 15.71 -15.33
CA GLN N 15 61.28 15.91 -14.61
C GLN N 15 60.51 17.10 -15.17
N THR N 16 59.21 16.91 -15.39
CA THR N 16 58.39 17.92 -16.02
C THR N 16 56.93 17.67 -15.69
N SER N 17 56.09 18.66 -16.00
CA SER N 17 54.66 18.56 -15.81
C SER N 17 53.90 19.19 -16.98
N LEU N 18 54.46 19.12 -18.18
CA LEU N 18 53.91 19.77 -19.35
C LEU N 18 53.47 18.72 -20.37
N ARG N 19 52.32 19.00 -21.00
CA ARG N 19 51.76 18.18 -22.07
C ARG N 19 51.46 19.13 -23.22
N CYS N 20 51.93 18.80 -24.42
CA CYS N 20 51.64 19.63 -25.59
C CYS N 20 50.24 19.30 -26.09
N GLY N 21 49.31 20.24 -25.96
CA GLY N 21 47.90 19.93 -26.18
C GLY N 21 47.55 19.64 -27.62
N ALA N 22 48.43 19.99 -28.57
CA ALA N 22 48.13 19.79 -29.98
C ALA N 22 48.54 18.40 -30.47
N CYS N 23 49.26 17.63 -29.66
CA CYS N 23 49.68 16.32 -30.10
C CYS N 23 48.50 15.34 -30.08
N ILE N 24 48.80 14.09 -30.45
CA ILE N 24 47.76 13.06 -30.49
C ILE N 24 47.61 12.41 -29.12
N ARG N 25 48.71 11.95 -28.56
CA ARG N 25 48.73 11.38 -27.22
C ARG N 25 48.97 12.41 -26.14
N ARG N 26 49.40 13.63 -26.51
CA ARG N 26 49.93 14.66 -25.62
C ARG N 26 50.93 14.08 -24.63
N PRO N 27 52.19 13.95 -25.04
CA PRO N 27 53.21 13.39 -24.15
C PRO N 27 53.83 14.44 -23.26
N PHE N 28 54.73 13.97 -22.40
CA PHE N 28 55.50 14.84 -21.51
C PHE N 28 56.64 15.53 -22.24
N LEU N 29 56.79 16.82 -21.95
CA LEU N 29 57.90 17.63 -22.43
C LEU N 29 58.42 18.49 -21.30
N CYS N 30 59.74 18.64 -21.23
CA CYS N 30 60.32 19.58 -20.30
C CYS N 30 60.22 21.00 -20.87
N CYS N 31 60.60 21.99 -20.05
CA CYS N 31 60.41 23.38 -20.46
C CYS N 31 61.22 23.71 -21.71
N LYS N 32 62.46 23.25 -21.78
CA LYS N 32 63.28 23.46 -22.97
C LYS N 32 62.66 22.80 -24.19
N CYS N 33 62.32 21.51 -24.07
CA CYS N 33 61.79 20.76 -25.20
C CYS N 33 60.42 21.26 -25.63
N CYS N 34 59.54 21.55 -24.66
CA CYS N 34 58.23 22.11 -25.00
C CYS N 34 58.35 23.47 -25.65
N TYR N 35 59.27 24.31 -25.14
CA TYR N 35 59.51 25.60 -25.75
C TYR N 35 59.94 25.45 -27.20
N ASP N 36 60.94 24.58 -27.45
CA ASP N 36 61.43 24.36 -28.80
C ASP N 36 60.34 23.81 -29.70
N HIS N 37 59.48 22.96 -29.16
CA HIS N 37 58.38 22.42 -29.93
C HIS N 37 57.34 23.49 -30.28
N VAL N 38 57.14 24.48 -29.41
CA VAL N 38 56.11 25.49 -29.65
C VAL N 38 56.65 26.73 -30.34
N ILE N 39 57.94 26.80 -30.67
CA ILE N 39 58.35 27.83 -31.63
C ILE N 39 58.32 27.31 -33.06
N SER N 40 58.67 26.03 -33.28
CA SER N 40 58.96 25.52 -34.62
C SER N 40 57.69 25.25 -35.43
N THR N 41 56.86 24.32 -34.98
CA THR N 41 55.70 23.89 -35.74
C THR N 41 54.47 24.69 -35.31
N SER N 42 53.29 24.26 -35.80
CA SER N 42 52.04 24.93 -35.50
C SER N 42 51.46 24.54 -34.14
N HIS N 43 52.12 23.65 -33.41
CA HIS N 43 51.64 23.25 -32.09
C HIS N 43 51.72 24.44 -31.13
N LYS N 44 50.56 24.96 -30.74
CA LYS N 44 50.49 26.13 -29.88
C LYS N 44 49.59 25.92 -28.67
N LEU N 45 49.43 24.66 -28.24
CA LEU N 45 48.63 24.34 -27.07
C LEU N 45 49.46 23.50 -26.11
N VAL N 46 49.54 23.94 -24.85
CA VAL N 46 50.35 23.28 -23.84
C VAL N 46 49.49 23.09 -22.60
N LEU N 47 49.62 21.93 -21.96
CA LEU N 47 48.85 21.61 -20.76
C LEU N 47 49.79 21.34 -19.60
N SER N 48 49.67 22.15 -18.54
CA SER N 48 50.27 21.86 -17.25
C SER N 48 49.24 21.09 -16.41
N VAL N 49 49.45 21.02 -15.09
CA VAL N 49 48.40 20.49 -14.22
C VAL N 49 47.11 21.28 -14.38
N ASN N 50 47.20 22.55 -14.75
CA ASN N 50 46.10 23.34 -15.25
C ASN N 50 46.38 23.73 -16.71
N PRO N 51 45.36 23.74 -17.56
CA PRO N 51 45.59 24.09 -18.97
C PRO N 51 46.09 25.52 -19.13
N TYR N 52 47.00 25.69 -20.10
CA TYR N 52 47.51 27.02 -20.45
C TYR N 52 46.53 27.66 -21.43
N VAL N 53 45.38 28.07 -20.89
CA VAL N 53 44.37 28.79 -21.65
C VAL N 53 44.10 30.09 -20.91
N CYS N 54 43.64 31.09 -21.66
CA CYS N 54 43.33 32.40 -21.08
C CYS N 54 42.12 32.27 -20.16
N ASN N 55 42.31 32.54 -18.88
CA ASN N 55 41.23 32.40 -17.91
C ASN N 55 40.45 33.70 -17.76
N ALA N 56 40.02 34.26 -18.89
CA ALA N 56 39.08 35.36 -18.89
C ALA N 56 37.66 34.81 -18.76
N PRO N 57 36.70 35.64 -18.33
CA PRO N 57 35.30 35.17 -18.34
C PRO N 57 34.84 34.72 -19.71
N GLY N 58 35.11 35.52 -20.75
CA GLY N 58 34.91 35.06 -22.11
C GLY N 58 36.06 35.45 -23.02
N CYS N 59 36.77 34.46 -23.56
CA CYS N 59 37.89 34.70 -24.47
C CYS N 59 38.35 33.36 -25.02
N ASP N 60 39.11 33.41 -26.11
CA ASP N 60 39.67 32.23 -26.75
C ASP N 60 41.13 32.52 -27.10
N VAL N 61 42.03 32.26 -26.15
CA VAL N 61 43.46 32.40 -26.35
C VAL N 61 44.13 31.14 -25.81
N THR N 62 44.83 30.42 -26.69
CA THR N 62 45.49 29.18 -26.31
C THR N 62 46.99 29.20 -26.56
N ASP N 63 47.50 30.08 -27.42
CA ASP N 63 48.94 30.13 -27.69
C ASP N 63 49.67 30.75 -26.51
N VAL N 64 50.62 29.99 -25.96
CA VAL N 64 51.29 30.37 -24.73
C VAL N 64 52.21 31.56 -24.97
N THR N 65 52.80 31.65 -26.17
CA THR N 65 53.79 32.70 -26.42
C THR N 65 53.18 34.09 -26.38
N GLN N 66 51.87 34.22 -26.57
CA GLN N 66 51.14 35.44 -26.28
C GLN N 66 50.14 35.27 -25.14
N LEU N 67 50.48 34.42 -24.17
CA LEU N 67 49.72 34.24 -22.94
C LEU N 67 50.57 34.74 -21.77
N TYR N 68 49.92 35.38 -20.81
CA TYR N 68 50.61 36.08 -19.73
C TYR N 68 50.07 35.63 -18.39
N LEU N 69 50.98 35.30 -17.48
CA LEU N 69 50.60 34.89 -16.13
C LEU N 69 50.39 36.12 -15.27
N GLY N 70 49.14 36.35 -14.87
CA GLY N 70 48.84 37.48 -14.01
C GLY N 70 48.16 37.05 -12.72
N GLY N 71 48.86 37.19 -11.61
CA GLY N 71 48.28 36.80 -10.33
C GLY N 71 48.17 35.30 -10.21
N MET N 72 46.94 34.80 -10.31
CA MET N 72 46.64 33.38 -10.12
C MET N 72 46.25 32.70 -11.43
N SER N 73 45.91 33.49 -12.45
CA SER N 73 45.37 32.94 -13.69
C SER N 73 46.22 33.40 -14.86
N TYR N 74 45.84 32.98 -16.06
CA TYR N 74 46.56 33.28 -17.29
C TYR N 74 45.69 34.17 -18.17
N TYR N 75 46.30 35.19 -18.77
CA TYR N 75 45.55 36.16 -19.58
C TYR N 75 46.37 36.55 -20.80
N CYS N 76 45.68 37.10 -21.79
CA CYS N 76 46.29 37.58 -23.03
C CYS N 76 46.47 39.10 -22.95
N LYS N 77 46.98 39.70 -24.03
CA LYS N 77 47.21 41.15 -24.05
C LYS N 77 45.91 41.92 -23.91
N SER N 78 44.79 41.33 -24.35
CA SER N 78 43.53 42.06 -24.37
C SER N 78 43.02 42.36 -22.97
N HIS N 79 43.31 41.50 -22.00
CA HIS N 79 42.70 41.64 -20.68
C HIS N 79 43.65 41.33 -19.53
N LYS N 80 44.96 41.33 -19.77
CA LYS N 80 45.89 40.99 -18.69
C LYS N 80 45.97 42.14 -17.68
N PRO N 81 46.26 41.82 -16.43
CA PRO N 81 46.59 42.87 -15.46
C PRO N 81 47.91 43.52 -15.82
N PRO N 82 48.18 44.73 -15.30
CA PRO N 82 49.44 45.40 -15.63
C PRO N 82 50.68 44.62 -15.22
N ILE N 83 50.54 43.63 -14.34
CA ILE N 83 51.70 42.85 -13.91
C ILE N 83 52.12 41.86 -14.99
N SER N 84 53.41 41.82 -15.25
CA SER N 84 54.03 40.80 -16.09
C SER N 84 53.76 39.40 -15.49
N PHE N 85 54.00 38.31 -16.24
CA PHE N 85 54.92 38.15 -17.37
C PHE N 85 54.46 37.13 -18.43
N PRO N 86 55.03 37.22 -19.63
CA PRO N 86 54.81 36.16 -20.63
C PRO N 86 55.38 34.83 -20.15
N LEU N 87 54.58 33.76 -20.26
CA LEU N 87 55.05 32.44 -19.86
C LEU N 87 56.21 32.00 -20.73
N CYS N 88 56.12 32.24 -22.04
CA CYS N 88 57.14 31.81 -22.99
C CYS N 88 58.21 32.90 -23.08
N ALA N 89 59.28 32.76 -22.29
CA ALA N 89 60.33 33.75 -22.27
C ALA N 89 61.61 33.10 -21.76
N ASN N 90 62.72 33.80 -21.96
CA ASN N 90 64.06 33.35 -21.51
C ASN N 90 64.41 31.99 -22.08
N GLY N 91 63.99 31.71 -23.31
CA GLY N 91 64.27 30.43 -23.93
C GLY N 91 63.59 29.26 -23.27
N GLN N 92 62.46 29.50 -22.60
CA GLN N 92 61.78 28.47 -21.84
C GLN N 92 60.29 28.74 -21.83
N VAL N 93 59.54 27.71 -21.42
CA VAL N 93 58.10 27.83 -21.17
C VAL N 93 57.87 27.48 -19.70
N PHE N 94 56.98 28.22 -19.05
CA PHE N 94 56.82 28.11 -17.61
C PHE N 94 56.24 26.75 -17.21
N GLY N 95 56.76 26.20 -16.12
CA GLY N 95 56.34 24.90 -15.64
C GLY N 95 57.20 24.46 -14.49
N LEU N 96 56.98 23.22 -14.06
CA LEU N 96 57.70 22.67 -12.92
C LEU N 96 59.15 22.37 -13.28
N TYR N 97 60.00 22.39 -12.24
CA TYR N 97 61.41 21.98 -12.32
C TYR N 97 62.17 22.81 -13.34
N LYS N 98 62.26 24.11 -13.08
CA LYS N 98 63.06 25.00 -13.93
C LYS N 98 64.56 24.81 -13.73
N ASN N 99 64.97 24.14 -12.66
CA ASN N 99 66.39 24.00 -12.33
C ASN N 99 67.01 22.72 -12.88
N THR N 100 66.19 21.80 -13.39
CA THR N 100 66.72 20.49 -13.77
C THR N 100 66.37 20.10 -15.20
N CYS N 101 65.92 21.04 -16.04
CA CYS N 101 65.57 20.72 -17.41
C CYS N 101 66.80 20.81 -18.29
N VAL N 102 67.23 19.67 -18.84
CA VAL N 102 68.39 19.64 -19.73
C VAL N 102 67.91 19.81 -21.16
N GLY N 103 68.58 20.69 -21.90
CA GLY N 103 68.21 20.92 -23.28
C GLY N 103 68.73 19.83 -24.20
N SER N 104 68.15 19.78 -25.39
CA SER N 104 68.55 18.80 -26.39
C SER N 104 68.44 19.40 -27.79
N ASP N 105 68.63 18.55 -28.81
CA ASP N 105 68.57 18.98 -30.19
C ASP N 105 67.71 18.05 -31.03
N ASN N 106 67.08 17.06 -30.41
CA ASN N 106 66.24 16.09 -31.10
C ASN N 106 64.85 16.62 -31.42
N VAL N 107 64.68 17.94 -31.40
CA VAL N 107 63.36 18.53 -31.63
C VAL N 107 62.95 18.37 -33.10
N THR N 108 63.91 18.22 -34.00
CA THR N 108 63.61 18.11 -35.42
C THR N 108 62.85 16.82 -35.74
N ASP N 109 63.48 15.67 -35.47
CA ASP N 109 62.79 14.41 -35.75
C ASP N 109 61.64 14.18 -34.77
N PHE N 110 61.66 14.83 -33.61
CA PHE N 110 60.49 14.81 -32.73
C PHE N 110 59.29 15.48 -33.39
N ASN N 111 59.50 16.64 -34.00
CA ASN N 111 58.43 17.30 -34.75
C ASN N 111 57.99 16.43 -35.93
N ALA N 112 58.95 15.82 -36.61
CA ALA N 112 58.63 14.92 -37.72
C ALA N 112 57.80 13.72 -37.24
N ILE N 113 58.00 13.30 -36.00
CA ILE N 113 57.26 12.16 -35.47
C ILE N 113 55.89 12.61 -34.93
N ALA N 114 55.78 13.89 -34.57
CA ALA N 114 54.56 14.36 -33.93
C ALA N 114 53.54 14.87 -34.95
N THR N 115 53.95 15.82 -35.80
CA THR N 115 52.97 16.48 -36.66
C THR N 115 52.57 15.65 -37.87
N CYS N 116 53.23 14.53 -38.13
CA CYS N 116 52.91 13.72 -39.30
C CYS N 116 51.58 12.99 -39.11
N ASP N 117 50.91 12.72 -40.23
CA ASP N 117 49.66 11.98 -40.23
C ASP N 117 49.85 10.56 -40.75
N TRP N 118 51.10 10.12 -40.90
CA TRP N 118 51.46 8.73 -41.17
C TRP N 118 50.92 8.22 -42.49
N THR N 119 50.74 9.10 -43.49
CA THR N 119 50.19 8.68 -44.77
C THR N 119 51.27 8.09 -45.67
N ASN N 120 52.34 8.85 -45.91
CA ASN N 120 53.39 8.40 -46.80
C ASN N 120 54.30 7.38 -46.10
N ALA N 121 55.10 6.69 -46.91
CA ALA N 121 55.97 5.65 -46.38
C ALA N 121 57.14 6.22 -45.60
N GLY N 122 57.55 7.45 -45.91
CA GLY N 122 58.69 8.05 -45.22
C GLY N 122 58.46 8.25 -43.74
N ASP N 123 57.20 8.31 -43.31
CA ASP N 123 56.91 8.38 -41.88
C ASP N 123 57.33 7.10 -41.16
N TYR N 124 57.08 5.95 -41.78
CA TYR N 124 57.52 4.69 -41.17
C TYR N 124 59.01 4.46 -41.41
N ILE N 125 59.56 5.03 -42.48
CA ILE N 125 61.00 5.01 -42.67
C ILE N 125 61.68 5.78 -41.55
N LEU N 126 61.06 6.87 -41.11
CA LEU N 126 61.62 7.78 -40.12
C LEU N 126 61.26 7.41 -38.69
N ALA N 127 60.23 6.58 -38.51
CA ALA N 127 59.76 6.20 -37.18
C ALA N 127 60.58 5.07 -36.57
N ASN N 128 61.52 4.48 -37.31
CA ASN N 128 62.31 3.36 -36.81
C ASN N 128 63.78 3.70 -36.62
N THR N 129 64.27 4.81 -37.17
CA THR N 129 65.68 5.14 -37.05
C THR N 129 65.98 5.96 -35.80
N CYS N 130 64.94 6.36 -35.07
CA CYS N 130 65.12 7.32 -33.99
C CYS N 130 65.62 6.63 -32.73
N THR N 131 66.00 7.43 -31.74
CA THR N 131 66.27 6.84 -30.44
C THR N 131 64.97 6.25 -29.90
N GLU N 132 65.07 5.05 -29.33
CA GLU N 132 63.90 4.16 -29.32
C GLU N 132 62.91 4.52 -28.20
N ARG N 133 63.37 5.24 -27.17
CA ARG N 133 62.43 5.90 -26.26
C ARG N 133 61.43 6.79 -26.98
N LEU N 134 61.86 7.44 -28.05
CA LEU N 134 60.95 8.17 -28.93
C LEU N 134 60.18 7.22 -29.84
N LYS N 135 60.73 6.03 -30.10
CA LYS N 135 60.02 5.05 -30.92
C LYS N 135 58.78 4.52 -30.22
N LEU N 136 58.82 4.39 -28.88
CA LEU N 136 57.60 4.01 -28.17
C LEU N 136 56.49 5.04 -28.38
N PHE N 137 56.83 6.33 -28.27
CA PHE N 137 55.81 7.35 -28.46
C PHE N 137 55.33 7.38 -29.91
N ALA N 138 56.25 7.14 -30.85
CA ALA N 138 55.85 7.05 -32.25
C ALA N 138 54.87 5.90 -32.48
N ALA N 139 55.13 4.74 -31.86
CA ALA N 139 54.23 3.61 -31.99
C ALA N 139 52.87 3.91 -31.35
N GLU N 140 52.88 4.56 -30.18
CA GLU N 140 51.64 4.89 -29.51
C GLU N 140 50.80 5.85 -30.34
N THR N 141 51.43 6.89 -30.91
CA THR N 141 50.66 7.83 -31.71
C THR N 141 50.24 7.25 -33.05
N LEU N 142 51.03 6.32 -33.60
CA LEU N 142 50.62 5.63 -34.83
C LEU N 142 49.39 4.76 -34.57
N LYS N 143 49.39 4.02 -33.47
CA LYS N 143 48.22 3.22 -33.13
C LYS N 143 47.02 4.11 -32.83
N ALA N 144 47.26 5.26 -32.20
CA ALA N 144 46.16 6.18 -31.90
C ALA N 144 45.56 6.78 -33.15
N THR N 145 46.40 7.17 -34.12
CA THR N 145 45.85 7.74 -35.35
C THR N 145 45.20 6.66 -36.21
N GLU N 146 45.68 5.42 -36.12
CA GLU N 146 44.97 4.31 -36.72
C GLU N 146 43.59 4.14 -36.08
N GLU N 147 43.52 4.26 -34.75
CA GLU N 147 42.26 4.17 -34.04
C GLU N 147 41.29 5.27 -34.45
N THR N 148 41.77 6.50 -34.58
CA THR N 148 40.86 7.59 -34.94
C THR N 148 40.47 7.54 -36.41
N PHE N 149 41.31 6.94 -37.26
CA PHE N 149 40.89 6.63 -38.62
C PHE N 149 39.84 5.52 -38.62
N LYS N 150 39.94 4.59 -37.67
CA LYS N 150 38.98 3.50 -37.57
C LYS N 150 37.63 3.96 -37.01
N LEU N 151 37.63 5.01 -36.18
CA LEU N 151 36.42 5.44 -35.48
C LEU N 151 35.49 6.22 -36.40
N SER N 152 35.94 6.54 -37.61
CA SER N 152 35.19 7.39 -38.52
C SER N 152 34.64 6.51 -39.64
N TYR N 153 34.12 5.36 -39.24
CA TYR N 153 33.86 4.28 -40.18
C TYR N 153 32.48 3.69 -39.86
N GLY N 154 31.93 2.92 -40.81
CA GLY N 154 30.56 2.45 -40.69
C GLY N 154 30.48 0.98 -40.31
N ILE N 155 29.35 0.64 -39.68
CA ILE N 155 29.13 -0.70 -39.13
C ILE N 155 28.52 -1.62 -40.18
N ALA N 156 28.50 -2.92 -39.86
CA ALA N 156 27.88 -3.95 -40.70
C ALA N 156 26.76 -4.62 -39.92
N THR N 157 25.94 -5.39 -40.63
CA THR N 157 24.94 -6.26 -39.99
C THR N 157 24.62 -7.47 -40.86
N VAL N 158 24.38 -8.62 -40.23
CA VAL N 158 24.09 -9.83 -40.99
C VAL N 158 22.66 -9.77 -41.51
N ARG N 159 22.44 -10.31 -42.71
CA ARG N 159 21.10 -10.38 -43.26
C ARG N 159 20.19 -11.25 -42.41
N GLU N 160 20.43 -12.55 -42.40
CA GLU N 160 19.65 -13.55 -41.68
C GLU N 160 20.62 -14.66 -41.29
N VAL N 161 20.07 -15.80 -40.88
CA VAL N 161 20.83 -17.04 -40.86
C VAL N 161 20.68 -17.68 -42.24
N LEU N 162 21.77 -17.70 -43.01
CA LEU N 162 21.70 -18.18 -44.38
C LEU N 162 22.23 -19.60 -44.52
N SER N 163 23.43 -19.85 -44.01
CA SER N 163 24.00 -21.19 -44.01
C SER N 163 25.08 -21.25 -42.94
N ASP N 164 25.46 -22.47 -42.56
CA ASP N 164 26.53 -22.65 -41.59
C ASP N 164 27.88 -22.29 -42.19
N ARG N 165 28.13 -22.72 -43.44
CA ARG N 165 29.42 -22.49 -44.07
C ARG N 165 29.58 -21.06 -44.57
N GLU N 166 28.50 -20.42 -45.01
CA GLU N 166 28.59 -19.10 -45.61
C GLU N 166 27.44 -18.23 -45.11
N LEU N 167 27.66 -16.93 -45.09
CA LEU N 167 26.66 -15.96 -44.68
C LEU N 167 26.50 -14.89 -45.76
N HIS N 168 25.50 -14.04 -45.59
CA HIS N 168 25.32 -12.87 -46.42
C HIS N 168 25.17 -11.66 -45.51
N LEU N 169 25.57 -10.50 -46.03
CA LEU N 169 25.69 -9.29 -45.23
C LEU N 169 24.79 -8.20 -45.78
N SER N 170 24.27 -7.38 -44.86
CA SER N 170 23.48 -6.20 -45.19
C SER N 170 24.20 -5.01 -44.57
N TRP N 171 24.25 -3.90 -45.29
CA TRP N 171 25.00 -2.75 -44.82
C TRP N 171 24.14 -1.49 -44.94
N GLU N 172 24.23 -0.63 -43.94
CA GLU N 172 23.59 0.67 -44.07
C GLU N 172 24.27 1.48 -45.16
N VAL N 173 23.45 2.10 -46.01
CA VAL N 173 23.94 2.71 -47.23
C VAL N 173 24.51 4.09 -46.93
N GLY N 174 25.60 4.44 -47.62
CA GLY N 174 26.19 5.76 -47.53
C GLY N 174 27.71 5.81 -47.33
N LYS N 175 28.30 4.88 -46.60
CA LYS N 175 29.72 4.95 -46.25
C LYS N 175 30.39 3.61 -46.46
N PRO N 176 31.63 3.57 -46.96
CA PRO N 176 32.12 2.36 -47.62
C PRO N 176 32.33 1.12 -46.76
N ARG N 177 31.81 0.08 -47.30
CA ARG N 177 32.00 -1.33 -47.05
C ARG N 177 33.45 -1.69 -47.36
N PRO N 178 34.11 -2.58 -46.60
CA PRO N 178 35.59 -2.63 -46.58
C PRO N 178 36.17 -3.68 -47.51
N PRO N 179 37.51 -3.71 -47.64
CA PRO N 179 38.18 -4.98 -47.99
C PRO N 179 38.03 -6.00 -46.88
N LEU N 180 37.86 -7.26 -47.27
CA LEU N 180 37.67 -8.35 -46.33
C LEU N 180 38.84 -9.33 -46.45
N ASN N 181 39.92 -9.02 -45.75
CA ASN N 181 41.05 -9.89 -45.50
C ASN N 181 40.94 -10.27 -44.03
N ARG N 182 41.73 -11.24 -43.55
CA ARG N 182 41.20 -11.83 -42.33
C ARG N 182 41.58 -10.90 -41.18
N ASN N 183 42.44 -9.91 -41.49
CA ASN N 183 43.07 -9.00 -40.55
C ASN N 183 42.13 -7.92 -40.06
N TYR N 184 40.91 -7.85 -40.58
CA TYR N 184 39.97 -6.78 -40.22
C TYR N 184 38.84 -7.48 -39.48
N VAL N 185 38.88 -7.41 -38.15
CA VAL N 185 37.90 -8.07 -37.31
C VAL N 185 36.68 -7.17 -37.19
N PHE N 186 35.52 -7.79 -37.02
CA PHE N 186 34.26 -7.08 -36.83
C PHE N 186 33.60 -7.67 -35.59
N THR N 187 33.21 -6.81 -34.65
CA THR N 187 32.64 -7.25 -33.39
C THR N 187 31.11 -7.26 -33.48
N GLY N 188 30.51 -8.41 -33.19
CA GLY N 188 29.07 -8.53 -33.21
C GLY N 188 28.41 -7.98 -31.95
N TYR N 189 27.08 -7.88 -32.01
CA TYR N 189 26.32 -7.27 -30.93
C TYR N 189 24.90 -7.80 -30.96
N ARG N 190 24.48 -8.44 -29.87
CA ARG N 190 23.09 -8.80 -29.66
C ARG N 190 22.32 -7.57 -29.20
N VAL N 191 21.62 -6.92 -30.12
CA VAL N 191 20.74 -5.81 -29.77
C VAL N 191 19.38 -6.41 -29.42
N THR N 192 19.26 -6.91 -28.19
CA THR N 192 18.03 -7.50 -27.69
C THR N 192 17.39 -6.53 -26.70
N LYS N 193 16.29 -6.95 -26.08
CA LYS N 193 15.55 -6.12 -25.13
C LYS N 193 16.44 -5.75 -23.94
N ASN N 194 16.31 -4.51 -23.49
CA ASN N 194 16.94 -3.37 -24.16
C ASN N 194 18.42 -3.24 -23.79
N SER N 195 19.22 -4.20 -24.22
CA SER N 195 20.64 -4.22 -23.91
C SER N 195 21.46 -4.52 -25.16
N LYS N 196 22.71 -4.08 -25.16
CA LYS N 196 23.63 -4.33 -26.27
C LYS N 196 24.86 -5.05 -25.75
N VAL N 197 25.02 -6.33 -26.11
CA VAL N 197 26.07 -7.15 -25.55
C VAL N 197 26.89 -7.80 -26.66
N GLN N 198 28.20 -7.88 -26.45
CA GLN N 198 29.11 -8.52 -27.40
C GLN N 198 28.92 -10.04 -27.41
N ILE N 199 28.92 -10.63 -28.60
CA ILE N 199 28.84 -12.09 -28.72
C ILE N 199 29.95 -12.65 -29.60
N GLY N 200 30.15 -12.12 -30.79
CA GLY N 200 31.08 -12.70 -31.74
C GLY N 200 31.92 -11.65 -32.41
N GLU N 201 33.10 -12.08 -32.84
CA GLU N 201 34.07 -11.19 -33.48
C GLU N 201 34.50 -11.85 -34.78
N TYR N 202 33.74 -11.59 -35.84
CA TYR N 202 33.96 -12.24 -37.13
C TYR N 202 34.81 -11.36 -38.02
N THR N 203 35.46 -11.98 -38.99
CA THR N 203 35.91 -11.32 -40.20
C THR N 203 35.10 -11.91 -41.33
N PHE N 204 35.26 -11.34 -42.51
CA PHE N 204 34.56 -11.87 -43.67
C PHE N 204 35.57 -12.02 -44.81
N GLU N 205 35.13 -12.64 -45.89
CA GLU N 205 36.00 -12.77 -47.06
C GLU N 205 35.15 -12.60 -48.30
N LYS N 206 35.82 -12.21 -49.39
CA LYS N 206 35.14 -11.70 -50.57
C LYS N 206 34.21 -12.78 -51.11
N GLY N 207 33.05 -12.38 -51.61
CA GLY N 207 32.00 -13.34 -51.89
C GLY N 207 32.14 -14.03 -53.23
N ASP N 208 31.25 -14.98 -53.49
CA ASP N 208 31.22 -15.67 -54.77
C ASP N 208 30.42 -14.88 -55.80
N TYR N 209 29.11 -14.74 -55.56
CA TYR N 209 28.22 -13.98 -56.43
C TYR N 209 27.60 -12.84 -55.64
N GLY N 210 27.73 -11.62 -56.17
CA GLY N 210 27.13 -10.45 -55.56
C GLY N 210 27.59 -10.20 -54.15
N ASP N 211 26.68 -10.39 -53.19
CA ASP N 211 26.98 -10.27 -51.77
C ASP N 211 27.02 -11.65 -51.15
N ALA N 212 28.22 -12.10 -50.79
CA ALA N 212 28.41 -13.39 -50.13
C ALA N 212 29.63 -13.29 -49.24
N VAL N 213 29.76 -14.22 -48.30
CA VAL N 213 30.87 -14.25 -47.36
C VAL N 213 31.30 -15.69 -47.10
N VAL N 214 32.60 -15.94 -47.21
CA VAL N 214 33.23 -17.12 -46.63
C VAL N 214 33.94 -16.65 -45.38
N TYR N 215 33.45 -17.05 -44.22
CA TYR N 215 33.79 -16.36 -42.98
C TYR N 215 34.70 -17.22 -42.11
N ARG N 216 35.13 -16.63 -40.99
CA ARG N 216 35.85 -17.35 -39.95
C ARG N 216 35.30 -16.90 -38.60
N GLY N 217 35.00 -17.87 -37.74
CA GLY N 217 34.08 -17.69 -36.63
C GLY N 217 34.69 -17.52 -35.26
N THR N 218 33.84 -17.06 -34.33
CA THR N 218 34.22 -16.71 -32.98
C THR N 218 33.47 -17.50 -31.92
N THR N 219 32.14 -17.47 -31.97
CA THR N 219 31.39 -18.15 -30.94
C THR N 219 30.21 -18.89 -31.55
N THR N 220 29.81 -19.99 -30.90
CA THR N 220 28.77 -20.87 -31.37
C THR N 220 27.37 -20.29 -31.17
N TYR N 221 27.26 -19.08 -30.62
CA TYR N 221 25.99 -18.39 -30.63
C TYR N 221 25.55 -18.15 -32.07
N LYS N 222 24.41 -18.73 -32.45
CA LYS N 222 23.88 -18.49 -33.79
C LYS N 222 23.39 -17.05 -33.89
N LEU N 223 23.79 -16.36 -34.96
CA LEU N 223 23.55 -14.93 -35.08
C LEU N 223 22.19 -14.68 -35.73
N ASN N 224 21.30 -14.03 -34.99
CA ASN N 224 19.94 -13.80 -35.44
C ASN N 224 19.86 -12.48 -36.21
N VAL N 225 18.62 -12.01 -36.45
CA VAL N 225 18.40 -10.77 -37.19
C VAL N 225 18.99 -9.57 -36.46
N GLY N 226 18.81 -9.48 -35.15
CA GLY N 226 19.30 -8.36 -34.36
C GLY N 226 20.77 -8.38 -34.05
N ASP N 227 21.63 -8.62 -35.04
CA ASP N 227 23.07 -8.64 -34.82
C ASP N 227 23.76 -7.78 -35.86
N TYR N 228 24.39 -6.69 -35.40
CA TYR N 228 25.13 -5.82 -36.28
C TYR N 228 26.58 -5.72 -35.83
N PHE N 229 27.48 -5.71 -36.80
CA PHE N 229 28.92 -5.78 -36.56
C PHE N 229 29.54 -4.38 -36.58
N VAL N 230 30.18 -4.02 -35.47
CA VAL N 230 31.09 -2.89 -35.43
C VAL N 230 32.49 -3.43 -35.66
N LEU N 231 33.33 -2.64 -36.32
CA LEU N 231 34.66 -3.13 -36.69
C LEU N 231 35.47 -3.48 -35.44
N THR N 232 35.88 -2.46 -34.67
CA THR N 232 36.38 -2.60 -33.30
C THR N 232 36.75 -1.21 -32.78
N SER N 233 36.79 -1.03 -31.47
CA SER N 233 37.17 0.26 -30.90
C SER N 233 38.04 0.09 -29.65
N HIS N 234 38.96 -0.87 -29.66
CA HIS N 234 39.80 -1.06 -28.48
C HIS N 234 40.88 0.02 -28.47
N THR N 235 40.97 0.74 -27.35
CA THR N 235 41.81 1.92 -27.29
C THR N 235 43.28 1.54 -27.23
N VAL N 236 44.09 2.40 -27.83
CA VAL N 236 45.53 2.43 -27.56
C VAL N 236 45.69 2.94 -26.13
N MET N 237 46.58 2.30 -25.39
CA MET N 237 46.64 2.42 -23.94
C MET N 237 48.12 2.41 -23.52
N PRO N 238 48.56 3.35 -22.68
CA PRO N 238 49.98 3.72 -22.66
C PRO N 238 50.96 2.59 -22.36
N LEU N 239 52.15 2.72 -22.97
CA LEU N 239 53.21 1.74 -22.97
C LEU N 239 54.45 2.31 -22.28
N SER N 240 55.19 1.44 -21.60
CA SER N 240 56.41 1.84 -20.92
C SER N 240 57.65 1.05 -21.33
N ALA N 241 57.51 -0.27 -21.51
CA ALA N 241 58.68 -1.13 -21.68
C ALA N 241 59.28 -0.99 -23.08
N PRO N 242 60.59 -1.13 -23.21
CA PRO N 242 61.22 -1.09 -24.54
C PRO N 242 60.87 -2.30 -25.37
N THR N 243 61.02 -2.14 -26.69
CA THR N 243 60.64 -3.19 -27.62
C THR N 243 61.60 -4.38 -27.54
N LEU N 244 62.87 -4.13 -27.22
CA LEU N 244 63.87 -5.17 -27.09
C LEU N 244 64.82 -4.87 -25.94
N VAL N 245 65.16 -5.91 -25.19
CA VAL N 245 66.18 -5.82 -24.14
C VAL N 245 67.55 -5.96 -24.81
N PRO N 246 68.62 -5.45 -24.19
CA PRO N 246 69.95 -5.60 -24.79
C PRO N 246 70.40 -7.05 -24.82
N GLN N 247 71.24 -7.36 -25.81
CA GLN N 247 71.76 -8.71 -26.02
C GLN N 247 72.96 -8.91 -25.09
N GLU N 248 72.77 -9.71 -24.05
CA GLU N 248 73.83 -10.03 -23.10
C GLU N 248 74.10 -11.53 -23.15
N HIS N 249 75.33 -11.92 -22.89
CA HIS N 249 75.76 -13.31 -23.02
C HIS N 249 76.07 -13.91 -21.65
N TYR N 250 75.72 -15.19 -21.50
CA TYR N 250 75.99 -15.93 -20.28
C TYR N 250 76.91 -17.11 -20.59
N VAL N 251 77.77 -17.42 -19.63
CA VAL N 251 78.81 -18.43 -19.87
C VAL N 251 78.19 -19.82 -20.00
N ARG N 252 77.13 -20.08 -19.25
CA ARG N 252 76.47 -21.37 -19.27
C ARG N 252 74.97 -21.17 -19.44
N ILE N 253 74.22 -22.26 -19.29
CA ILE N 253 72.77 -22.20 -19.39
C ILE N 253 72.24 -21.77 -18.03
N THR N 254 71.92 -20.49 -17.90
CA THR N 254 71.55 -19.90 -16.62
C THR N 254 70.03 -19.91 -16.47
N GLY N 255 69.55 -20.42 -15.34
CA GLY N 255 68.13 -20.46 -15.06
C GLY N 255 67.39 -21.64 -15.65
N LEU N 256 68.03 -22.40 -16.53
CA LEU N 256 67.44 -23.54 -17.21
C LEU N 256 68.33 -24.76 -17.01
N TYR N 257 67.75 -25.86 -16.53
CA TYR N 257 68.51 -27.13 -16.44
C TYR N 257 67.88 -28.20 -17.33
N PRO N 258 68.70 -28.95 -18.05
CA PRO N 258 68.18 -29.86 -19.08
C PRO N 258 67.38 -31.03 -18.53
N THR N 259 66.97 -31.91 -19.43
CA THR N 259 66.40 -33.21 -19.09
C THR N 259 67.34 -34.29 -19.59
N LEU N 260 66.90 -35.55 -19.48
CA LEU N 260 67.69 -36.70 -19.90
C LEU N 260 66.87 -37.56 -20.84
N ASN N 261 67.47 -37.93 -21.98
CA ASN N 261 66.86 -38.81 -22.98
C ASN N 261 65.51 -38.26 -23.46
N ILE N 262 65.60 -37.10 -24.13
CA ILE N 262 64.40 -36.38 -24.53
C ILE N 262 63.67 -37.09 -25.67
N SER N 263 64.29 -37.16 -26.85
CA SER N 263 63.65 -37.60 -28.08
C SER N 263 64.68 -37.54 -29.19
N ASP N 264 64.29 -38.03 -30.38
CA ASP N 264 65.17 -38.03 -31.53
C ASP N 264 64.53 -37.63 -32.85
N GLU N 265 63.26 -37.24 -32.86
CA GLU N 265 62.63 -36.83 -34.12
C GLU N 265 63.01 -35.41 -34.51
N PHE N 266 63.63 -34.66 -33.62
CA PHE N 266 64.15 -33.31 -33.88
C PHE N 266 65.62 -33.25 -33.48
N SER N 267 66.35 -34.33 -33.76
CA SER N 267 67.69 -34.53 -33.19
C SER N 267 68.70 -33.50 -33.69
N SER N 268 68.35 -32.71 -34.70
CA SER N 268 69.21 -31.65 -35.21
C SER N 268 68.87 -30.29 -34.60
N ASN N 269 68.47 -30.26 -33.33
CA ASN N 269 68.07 -29.02 -32.67
C ASN N 269 68.61 -28.86 -31.26
N VAL N 270 69.40 -29.81 -30.76
CA VAL N 270 69.86 -29.74 -29.37
C VAL N 270 70.88 -28.62 -29.17
N ALA N 271 71.88 -28.53 -30.06
CA ALA N 271 72.85 -27.45 -29.96
C ALA N 271 72.20 -26.10 -30.23
N ASN N 272 71.16 -26.08 -31.06
CA ASN N 272 70.38 -24.86 -31.24
C ASN N 272 69.73 -24.42 -29.94
N TYR N 273 69.17 -25.37 -29.19
CA TYR N 273 68.59 -25.06 -27.89
C TYR N 273 69.66 -24.59 -26.90
N GLN N 274 70.86 -25.19 -26.97
CA GLN N 274 71.95 -24.73 -26.11
C GLN N 274 72.34 -23.28 -26.42
N LYS N 275 72.46 -22.94 -27.70
CA LYS N 275 72.78 -21.56 -28.07
C LYS N 275 71.64 -20.62 -27.70
N VAL N 276 70.40 -21.13 -27.73
CA VAL N 276 69.27 -20.38 -27.20
C VAL N 276 69.45 -20.07 -25.72
N GLY N 277 69.83 -21.09 -24.95
CA GLY N 277 70.01 -20.92 -23.51
C GLY N 277 71.24 -20.16 -23.12
N MET N 278 72.16 -19.92 -24.05
CA MET N 278 73.38 -19.19 -23.72
C MET N 278 73.11 -17.69 -23.56
N GLN N 279 72.61 -17.05 -24.59
CA GLN N 279 72.53 -15.59 -24.64
C GLN N 279 71.15 -15.10 -24.19
N LYS N 280 70.95 -13.78 -24.27
CA LYS N 280 69.72 -13.17 -23.74
C LYS N 280 68.52 -13.47 -24.62
N TYR N 281 68.54 -12.99 -25.86
CA TYR N 281 67.44 -13.20 -26.78
C TYR N 281 67.95 -13.75 -28.10
N SER N 282 67.15 -14.60 -28.71
CA SER N 282 67.54 -15.27 -29.93
C SER N 282 66.42 -15.14 -30.95
N THR N 283 66.79 -15.22 -32.22
CA THR N 283 65.85 -15.14 -33.33
C THR N 283 66.04 -16.33 -34.25
N LEU N 284 64.94 -16.90 -34.71
CA LEU N 284 64.98 -17.98 -35.68
C LEU N 284 64.13 -17.55 -36.87
N GLN N 285 64.73 -17.54 -38.05
CA GLN N 285 63.99 -17.23 -39.27
C GLN N 285 63.39 -18.51 -39.84
N GLY N 286 62.07 -18.55 -39.95
CA GLY N 286 61.39 -19.72 -40.43
C GLY N 286 60.80 -19.56 -41.82
N PRO N 287 61.45 -20.16 -42.81
CA PRO N 287 60.86 -20.21 -44.14
C PRO N 287 59.62 -21.10 -44.14
N PRO N 288 58.74 -20.94 -45.13
CA PRO N 288 57.50 -21.74 -45.14
C PRO N 288 57.77 -23.23 -45.20
N GLY N 289 57.18 -23.96 -44.26
CA GLY N 289 57.31 -25.40 -44.22
C GLY N 289 58.53 -25.91 -43.50
N THR N 290 58.69 -25.54 -42.22
CA THR N 290 59.84 -25.94 -41.44
C THR N 290 59.51 -26.54 -40.08
N GLY N 291 58.31 -26.30 -39.55
CA GLY N 291 57.97 -26.79 -38.23
C GLY N 291 58.53 -25.92 -37.12
N LYS N 292 58.20 -24.63 -37.18
CA LYS N 292 58.66 -23.70 -36.16
C LYS N 292 58.07 -24.04 -34.79
N SER N 293 56.79 -24.43 -34.76
CA SER N 293 56.18 -24.84 -33.51
C SER N 293 56.74 -26.16 -33.01
N HIS N 294 57.13 -27.06 -33.93
CA HIS N 294 57.80 -28.29 -33.52
C HIS N 294 59.12 -27.99 -32.84
N PHE N 295 59.86 -27.01 -33.37
CA PHE N 295 61.05 -26.51 -32.69
C PHE N 295 60.70 -25.93 -31.32
N ALA N 296 59.56 -25.24 -31.23
CA ALA N 296 59.10 -24.69 -29.96
C ALA N 296 58.79 -25.80 -28.96
N ILE N 297 58.13 -26.86 -29.41
CA ILE N 297 57.85 -27.98 -28.51
C ILE N 297 59.14 -28.64 -28.05
N GLY N 298 60.09 -28.80 -28.97
CA GLY N 298 61.37 -29.41 -28.61
C GLY N 298 62.15 -28.59 -27.60
N LEU N 299 62.20 -27.27 -27.79
CA LEU N 299 62.90 -26.42 -26.84
C LEU N 299 62.18 -26.38 -25.50
N ALA N 300 60.85 -26.43 -25.51
CA ALA N 300 60.10 -26.48 -24.26
C ALA N 300 60.38 -27.77 -23.49
N LEU N 301 60.44 -28.89 -24.21
CA LEU N 301 60.69 -30.18 -23.57
C LEU N 301 62.15 -30.41 -23.20
N TYR N 302 63.08 -29.62 -23.77
CA TYR N 302 64.46 -29.67 -23.30
C TYR N 302 64.58 -29.23 -21.85
N TYR N 303 63.83 -28.21 -21.45
CA TYR N 303 63.79 -27.76 -20.06
C TYR N 303 62.35 -27.96 -19.60
N PRO N 304 61.96 -29.21 -19.32
CA PRO N 304 60.54 -29.53 -19.10
C PRO N 304 60.01 -29.09 -17.75
N SER N 305 60.73 -28.21 -17.06
CA SER N 305 60.54 -27.94 -15.65
C SER N 305 60.48 -26.45 -15.33
N ALA N 306 60.67 -25.59 -16.31
CA ALA N 306 60.62 -24.14 -16.10
C ALA N 306 59.54 -23.51 -16.96
N ARG N 307 59.20 -22.27 -16.63
CA ARG N 307 58.25 -21.47 -17.41
C ARG N 307 58.67 -21.42 -18.87
N ILE N 308 57.85 -22.01 -19.75
CA ILE N 308 57.86 -21.67 -21.18
C ILE N 308 56.48 -21.10 -21.50
N VAL N 309 56.42 -19.83 -21.83
CA VAL N 309 55.17 -19.16 -22.17
C VAL N 309 55.11 -18.92 -23.67
N TYR N 310 54.13 -19.55 -24.33
CA TYR N 310 53.92 -19.34 -25.76
C TYR N 310 53.03 -18.13 -25.96
N THR N 311 53.51 -17.17 -26.75
CA THR N 311 52.69 -16.04 -27.16
C THR N 311 52.72 -15.90 -28.66
N ALA N 312 51.53 -15.78 -29.23
CA ALA N 312 51.35 -15.52 -30.65
C ALA N 312 50.48 -14.28 -30.78
N CYS N 313 50.86 -13.39 -31.70
CA CYS N 313 50.12 -12.15 -31.83
C CYS N 313 48.75 -12.39 -32.43
N SER N 314 48.65 -13.38 -33.29
CA SER N 314 47.44 -13.67 -34.04
C SER N 314 46.88 -15.02 -33.60
N HIS N 315 45.57 -15.21 -33.80
CA HIS N 315 44.94 -16.40 -33.24
C HIS N 315 44.98 -17.63 -34.14
N ALA N 316 45.25 -17.45 -35.44
CA ALA N 316 45.55 -18.61 -36.26
C ALA N 316 46.81 -19.32 -35.75
N ALA N 317 47.80 -18.54 -35.33
CA ALA N 317 49.02 -19.12 -34.79
C ALA N 317 48.78 -19.82 -33.46
N VAL N 318 47.91 -19.27 -32.61
CA VAL N 318 47.69 -19.93 -31.33
C VAL N 318 46.87 -21.21 -31.55
N ASP N 319 45.97 -21.23 -32.53
CA ASP N 319 45.31 -22.49 -32.88
C ASP N 319 46.30 -23.52 -33.40
N ALA N 320 47.24 -23.08 -34.23
CA ALA N 320 48.27 -23.98 -34.73
C ALA N 320 49.12 -24.55 -33.60
N LEU N 321 49.54 -23.71 -32.66
CA LEU N 321 50.35 -24.23 -31.57
C LEU N 321 49.52 -25.06 -30.59
N CYS N 322 48.22 -24.81 -30.50
CA CYS N 322 47.36 -25.66 -29.67
C CYS N 322 47.25 -27.06 -30.24
N GLU N 323 46.99 -27.19 -31.54
CA GLU N 323 46.94 -28.53 -32.12
C GLU N 323 48.32 -29.17 -32.13
N LYS N 324 49.38 -28.37 -32.24
CA LYS N 324 50.73 -28.90 -32.11
C LYS N 324 50.99 -29.44 -30.71
N ALA N 325 50.52 -28.72 -29.68
CA ALA N 325 50.69 -29.19 -28.30
C ALA N 325 49.89 -30.47 -28.06
N LEU N 326 48.71 -30.57 -28.68
CA LEU N 326 47.99 -31.84 -28.64
C LEU N 326 48.81 -32.96 -29.29
N LYS N 327 49.42 -32.66 -30.44
CA LYS N 327 50.22 -33.66 -31.14
C LYS N 327 51.43 -34.13 -30.34
N TYR N 328 52.13 -33.22 -29.67
CA TYR N 328 53.40 -33.56 -29.03
C TYR N 328 53.40 -33.32 -27.53
N LEU N 329 52.96 -32.15 -27.07
CA LEU N 329 53.16 -31.75 -25.68
C LEU N 329 52.30 -32.60 -24.74
N PRO N 330 52.80 -32.86 -23.52
CA PRO N 330 51.93 -33.41 -22.47
C PRO N 330 50.77 -32.47 -22.16
N ILE N 331 49.59 -33.04 -21.90
CA ILE N 331 48.37 -32.24 -21.94
C ILE N 331 48.13 -31.43 -20.67
N ASP N 332 48.15 -32.08 -19.50
CA ASP N 332 47.62 -31.44 -18.29
C ASP N 332 48.44 -30.24 -17.86
N LYS N 333 49.76 -30.28 -18.08
CA LYS N 333 50.63 -29.16 -17.71
C LYS N 333 50.70 -28.09 -18.81
N CYS N 334 49.54 -27.68 -19.29
CA CYS N 334 49.43 -26.64 -20.30
C CYS N 334 48.21 -25.78 -20.03
N SER N 335 48.29 -24.52 -20.44
CA SER N 335 47.20 -23.58 -20.22
C SER N 335 47.10 -22.63 -21.39
N ARG N 336 45.94 -22.63 -22.04
CA ARG N 336 45.59 -21.56 -22.97
C ARG N 336 44.93 -20.45 -22.18
N ILE N 337 45.19 -19.21 -22.57
CA ILE N 337 44.63 -18.04 -21.89
C ILE N 337 43.48 -17.49 -22.72
N ILE N 338 42.29 -17.50 -22.13
CA ILE N 338 41.10 -16.97 -22.78
C ILE N 338 40.93 -15.51 -22.37
N PRO N 339 40.59 -14.61 -23.30
CA PRO N 339 40.33 -13.22 -22.90
C PRO N 339 39.01 -13.09 -22.17
N ALA N 340 38.70 -11.88 -21.69
CA ALA N 340 37.44 -11.67 -20.98
C ALA N 340 36.24 -11.82 -21.92
N ARG N 341 36.45 -11.56 -23.21
CA ARG N 341 35.35 -11.59 -24.17
C ARG N 341 35.30 -12.87 -24.99
N ALA N 342 36.28 -13.77 -24.83
CA ALA N 342 36.40 -14.97 -25.65
C ALA N 342 36.43 -14.62 -27.14
N ARG N 343 37.52 -13.94 -27.52
CA ARG N 343 37.59 -13.20 -28.78
C ARG N 343 37.43 -14.06 -30.03
N VAL N 344 37.75 -15.36 -29.98
CA VAL N 344 37.57 -16.25 -31.12
C VAL N 344 36.98 -17.57 -30.66
N GLU N 345 36.90 -18.54 -31.57
CA GLU N 345 36.51 -19.91 -31.23
C GLU N 345 37.65 -20.52 -30.45
N CYS N 346 37.67 -20.21 -29.16
CA CYS N 346 38.75 -20.60 -28.27
C CYS N 346 38.82 -22.12 -28.13
N PHE N 347 40.05 -22.64 -28.21
CA PHE N 347 40.30 -24.07 -28.10
C PHE N 347 40.40 -24.40 -26.62
N ASP N 348 39.31 -24.94 -26.05
CA ASP N 348 39.21 -25.17 -24.62
C ASP N 348 39.14 -26.68 -24.37
N LYS N 349 40.30 -27.33 -24.33
CA LYS N 349 40.36 -28.74 -23.98
C LYS N 349 41.41 -29.05 -22.92
N PHE N 350 42.19 -28.07 -22.50
CA PHE N 350 43.30 -28.25 -21.58
C PHE N 350 42.90 -27.85 -20.16
N LYS N 351 43.91 -27.59 -19.34
CA LYS N 351 43.75 -26.69 -18.20
C LYS N 351 43.75 -25.26 -18.71
N VAL N 352 42.62 -24.86 -19.31
CA VAL N 352 42.48 -23.52 -19.88
C VAL N 352 42.38 -22.47 -18.77
N ASN N 353 43.05 -21.32 -19.00
CA ASN N 353 42.95 -20.15 -18.14
C ASN N 353 43.52 -20.42 -16.75
N SER N 354 44.80 -20.79 -16.74
CA SER N 354 45.55 -21.03 -15.51
C SER N 354 46.79 -20.16 -15.53
N THR N 355 46.83 -19.16 -14.65
CA THR N 355 47.99 -18.29 -14.55
C THR N 355 49.16 -18.96 -13.83
N LEU N 356 48.93 -20.12 -13.21
CA LEU N 356 49.97 -20.82 -12.45
C LEU N 356 50.44 -22.09 -13.15
N GLU N 357 50.37 -22.11 -14.47
CA GLU N 357 50.83 -23.22 -15.27
C GLU N 357 52.32 -23.09 -15.56
N GLN N 358 52.82 -24.05 -16.33
CA GLN N 358 54.18 -24.01 -16.87
C GLN N 358 54.21 -23.72 -18.37
N TYR N 359 53.56 -24.56 -19.17
CA TYR N 359 53.43 -24.32 -20.60
C TYR N 359 52.18 -23.47 -20.79
N VAL N 360 52.36 -22.17 -21.03
CA VAL N 360 51.26 -21.23 -21.11
C VAL N 360 51.13 -20.78 -22.56
N PHE N 361 49.93 -20.97 -23.12
CA PHE N 361 49.63 -20.47 -24.45
C PHE N 361 48.76 -19.23 -24.35
N CYS N 362 49.18 -18.16 -25.00
CA CYS N 362 48.47 -16.90 -24.86
C CYS N 362 48.67 -16.03 -26.09
N THR N 363 47.92 -14.94 -26.11
CA THR N 363 48.05 -13.88 -27.10
C THR N 363 48.46 -12.58 -26.41
N VAL N 364 49.23 -11.77 -27.13
CA VAL N 364 49.56 -10.43 -26.67
C VAL N 364 48.29 -9.62 -26.49
N ASN N 365 47.22 -9.97 -27.21
CA ASN N 365 45.96 -9.26 -27.08
C ASN N 365 45.42 -9.28 -25.64
N ALA N 366 45.66 -10.35 -24.88
CA ALA N 366 45.16 -10.44 -23.51
C ALA N 366 46.19 -11.02 -22.55
N LEU N 367 47.45 -10.60 -22.65
CA LEU N 367 48.46 -11.11 -21.74
C LEU N 367 48.19 -10.67 -20.30
N PRO N 368 48.41 -11.55 -19.32
CA PRO N 368 48.50 -11.10 -17.93
C PRO N 368 49.93 -10.71 -17.57
N GLU N 369 50.04 -9.89 -16.54
CA GLU N 369 51.34 -9.44 -16.05
C GLU N 369 51.91 -10.53 -15.12
N THR N 370 52.48 -11.55 -15.74
CA THR N 370 53.05 -12.68 -15.02
C THR N 370 54.56 -12.76 -15.29
N THR N 371 55.19 -13.75 -14.69
CA THR N 371 56.63 -13.98 -14.82
C THR N 371 56.90 -15.10 -15.82
N ALA N 372 58.13 -15.15 -16.32
CA ALA N 372 58.52 -16.20 -17.24
C ALA N 372 60.01 -16.49 -17.05
N ASP N 373 60.41 -17.67 -17.52
CA ASP N 373 61.81 -18.07 -17.57
C ASP N 373 62.38 -17.96 -18.98
N ILE N 374 61.73 -18.56 -19.97
CA ILE N 374 61.97 -18.29 -21.38
C ILE N 374 60.62 -18.12 -22.06
N VAL N 375 60.50 -17.10 -22.89
CA VAL N 375 59.24 -16.81 -23.53
C VAL N 375 59.39 -17.07 -25.03
N VAL N 376 58.31 -17.54 -25.64
CA VAL N 376 58.26 -17.89 -27.04
C VAL N 376 57.31 -16.94 -27.74
N PHE N 377 57.86 -16.07 -28.59
CA PHE N 377 57.03 -15.17 -29.41
C PHE N 377 56.90 -15.76 -30.80
N ASP N 378 55.71 -15.60 -31.38
CA ASP N 378 55.38 -16.25 -32.65
C ASP N 378 54.95 -15.22 -33.67
N GLU N 379 55.32 -15.45 -34.93
CA GLU N 379 54.81 -14.68 -36.08
C GLU N 379 55.17 -13.20 -35.92
N ILE N 380 56.47 -12.94 -36.03
CA ILE N 380 57.03 -11.63 -35.74
C ILE N 380 56.58 -10.56 -36.71
N SER N 381 56.60 -10.83 -38.02
CA SER N 381 56.23 -9.79 -38.99
C SER N 381 54.82 -9.28 -38.74
N MET N 382 53.95 -10.12 -38.17
CA MET N 382 52.72 -9.63 -37.56
C MET N 382 52.96 -8.62 -36.45
N ALA N 383 53.93 -8.85 -35.58
CA ALA N 383 54.05 -8.05 -34.36
C ALA N 383 54.59 -6.67 -34.68
N THR N 384 53.86 -5.64 -34.25
CA THR N 384 54.33 -4.26 -34.31
C THR N 384 55.07 -3.92 -33.02
N ASN N 385 55.77 -2.78 -33.05
CA ASN N 385 56.58 -2.38 -31.90
C ASN N 385 55.72 -2.14 -30.66
N TYR N 386 54.47 -1.71 -30.85
CA TYR N 386 53.56 -1.57 -29.73
C TYR N 386 53.32 -2.91 -29.04
N ASP N 387 53.10 -3.96 -29.82
CA ASP N 387 52.89 -5.28 -29.24
C ASP N 387 54.18 -5.82 -28.61
N LEU N 388 55.34 -5.49 -29.17
CA LEU N 388 56.59 -5.87 -28.55
C LEU N 388 56.75 -5.21 -27.19
N SER N 389 56.42 -3.92 -27.10
CA SER N 389 56.45 -3.24 -25.82
C SER N 389 55.47 -3.87 -24.83
N VAL N 390 54.28 -4.23 -25.31
CA VAL N 390 53.28 -4.83 -24.44
C VAL N 390 53.78 -6.17 -23.91
N VAL N 391 54.36 -7.01 -24.78
CA VAL N 391 54.79 -8.33 -24.33
C VAL N 391 56.01 -8.22 -23.43
N ASN N 392 56.87 -7.22 -23.63
CA ASN N 392 57.98 -7.03 -22.71
C ASN N 392 57.51 -6.52 -21.36
N ALA N 393 56.50 -5.65 -21.34
CA ALA N 393 56.00 -5.12 -20.07
C ALA N 393 55.27 -6.19 -19.28
N ARG N 394 54.35 -6.91 -19.93
CA ARG N 394 53.53 -7.88 -19.20
C ARG N 394 54.28 -9.17 -18.91
N LEU N 395 55.12 -9.62 -19.85
CA LEU N 395 55.87 -10.85 -19.70
C LEU N 395 57.35 -10.51 -19.54
N ARG N 396 57.97 -11.06 -18.50
CA ARG N 396 59.40 -10.92 -18.26
C ARG N 396 60.01 -12.31 -18.17
N ALA N 397 61.08 -12.54 -18.91
CA ALA N 397 61.73 -13.84 -18.93
C ALA N 397 63.25 -13.68 -18.92
N LYS N 398 63.93 -14.70 -18.39
CA LYS N 398 65.38 -14.69 -18.37
C LYS N 398 65.94 -14.78 -19.78
N HIS N 399 65.33 -15.59 -20.63
CA HIS N 399 65.76 -15.77 -22.01
C HIS N 399 64.58 -15.54 -22.93
N TYR N 400 64.87 -15.09 -24.16
CA TYR N 400 63.85 -14.79 -25.15
C TYR N 400 64.15 -15.55 -26.43
N VAL N 401 63.10 -15.96 -27.13
CA VAL N 401 63.20 -16.44 -28.52
C VAL N 401 62.11 -15.76 -29.32
N TYR N 402 62.47 -15.28 -30.51
CA TYR N 402 61.54 -14.64 -31.43
C TYR N 402 61.58 -15.40 -32.76
N ILE N 403 60.48 -16.08 -33.08
CA ILE N 403 60.33 -16.82 -34.33
C ILE N 403 59.28 -16.15 -35.21
N GLY N 404 59.58 -16.10 -36.50
CA GLY N 404 58.72 -15.43 -37.45
C GLY N 404 59.40 -15.40 -38.80
N ASP N 405 58.77 -14.70 -39.74
CA ASP N 405 59.44 -14.64 -41.03
C ASP N 405 59.20 -13.31 -41.73
N PRO N 406 60.27 -12.60 -42.10
CA PRO N 406 60.11 -11.33 -42.82
C PRO N 406 59.46 -11.48 -44.19
N ALA N 407 59.72 -12.58 -44.89
CA ALA N 407 59.22 -12.76 -46.26
C ALA N 407 57.72 -13.03 -46.31
N GLN N 408 57.10 -13.37 -45.20
CA GLN N 408 55.68 -13.66 -45.13
C GLN N 408 54.90 -12.36 -44.99
N LEU N 409 53.64 -12.48 -44.59
CA LEU N 409 52.82 -11.33 -44.24
C LEU N 409 53.50 -10.47 -43.18
N PRO N 410 53.71 -9.19 -43.45
CA PRO N 410 54.12 -8.27 -42.38
C PRO N 410 52.91 -7.81 -41.57
N ALA N 411 53.14 -6.89 -40.64
CA ALA N 411 52.03 -6.24 -39.97
C ALA N 411 51.23 -5.44 -41.00
N PRO N 412 49.90 -5.33 -40.84
CA PRO N 412 49.08 -4.76 -41.92
C PRO N 412 49.38 -3.29 -42.20
N ARG N 413 49.35 -2.45 -41.17
CA ARG N 413 49.60 -1.02 -41.29
C ARG N 413 48.67 -0.39 -42.34
N THR N 414 47.38 -0.42 -42.02
CA THR N 414 46.35 -0.07 -42.99
C THR N 414 46.44 1.39 -43.42
N LEU N 415 47.12 2.24 -42.64
CA LEU N 415 47.26 3.63 -43.02
C LEU N 415 48.23 3.81 -44.19
N LEU N 416 49.22 2.93 -44.30
CA LEU N 416 50.19 3.02 -45.38
C LEU N 416 49.54 2.59 -46.70
N THR N 417 49.60 3.46 -47.69
CA THR N 417 49.09 3.17 -49.03
C THR N 417 50.12 3.40 -50.13
N LYS N 418 50.99 4.38 -49.97
CA LYS N 418 52.00 4.73 -50.97
C LYS N 418 53.38 4.40 -50.44
N GLY N 419 54.11 3.54 -51.16
CA GLY N 419 55.44 3.15 -50.76
C GLY N 419 55.48 1.85 -49.99
N THR N 420 55.98 0.79 -50.63
CA THR N 420 56.08 -0.52 -49.97
C THR N 420 57.22 -0.50 -48.98
N LEU N 421 56.94 -0.94 -47.75
CA LEU N 421 57.96 -0.97 -46.71
C LEU N 421 58.97 -2.07 -46.99
N GLU N 422 60.24 -1.79 -46.66
CA GLU N 422 61.27 -2.82 -46.76
C GLU N 422 61.21 -3.70 -45.52
N PRO N 423 61.64 -4.97 -45.63
CA PRO N 423 61.37 -5.93 -44.55
C PRO N 423 61.95 -5.57 -43.18
N GLU N 424 63.00 -4.76 -43.11
CA GLU N 424 63.51 -4.42 -41.78
C GLU N 424 62.62 -3.41 -41.08
N TYR N 425 61.83 -2.65 -41.83
CA TYR N 425 60.99 -1.59 -41.29
C TYR N 425 59.57 -2.08 -41.01
N PHE N 426 59.38 -3.40 -41.06
CA PHE N 426 58.16 -4.00 -40.55
C PHE N 426 58.04 -3.76 -39.05
N ASN N 427 59.11 -4.00 -38.31
CA ASN N 427 59.19 -3.77 -36.87
C ASN N 427 60.67 -3.82 -36.49
N SER N 428 60.96 -3.78 -35.19
CA SER N 428 62.36 -3.80 -34.75
C SER N 428 62.96 -5.19 -34.90
N VAL N 429 62.21 -6.24 -34.56
CA VAL N 429 62.77 -7.59 -34.58
C VAL N 429 63.07 -8.02 -36.01
N CYS N 430 62.25 -7.58 -36.97
CA CYS N 430 62.56 -7.85 -38.37
C CYS N 430 63.85 -7.16 -38.81
N ARG N 431 64.07 -5.93 -38.32
CA ARG N 431 65.35 -5.26 -38.54
C ARG N 431 66.50 -6.05 -37.96
N LEU N 432 66.30 -6.66 -36.79
CA LEU N 432 67.33 -7.52 -36.22
C LEU N 432 67.55 -8.76 -37.08
N MET N 433 66.49 -9.34 -37.63
CA MET N 433 66.65 -10.51 -38.47
C MET N 433 67.23 -10.20 -39.84
N LYS N 434 67.22 -8.95 -40.30
CA LYS N 434 67.95 -8.64 -41.53
C LYS N 434 69.36 -8.10 -41.31
N THR N 435 69.51 -7.07 -40.48
CA THR N 435 70.78 -6.35 -40.38
C THR N 435 71.93 -7.27 -39.95
N ILE N 436 71.74 -8.00 -38.86
CA ILE N 436 72.73 -8.96 -38.40
C ILE N 436 72.32 -10.40 -38.74
N GLY N 437 71.24 -10.56 -39.50
CA GLY N 437 70.75 -11.87 -39.83
C GLY N 437 70.02 -12.52 -38.68
N PRO N 438 69.37 -13.65 -38.93
CA PRO N 438 68.73 -14.39 -37.86
C PRO N 438 69.74 -15.16 -37.03
N ASP N 439 69.42 -15.35 -35.75
CA ASP N 439 70.30 -16.14 -34.90
C ASP N 439 70.16 -17.62 -35.23
N MET N 440 69.07 -18.00 -35.89
CA MET N 440 68.92 -19.37 -36.38
C MET N 440 67.95 -19.42 -37.54
N PHE N 441 67.88 -20.58 -38.16
CA PHE N 441 66.93 -20.88 -39.23
C PHE N 441 66.81 -22.39 -39.31
N LEU N 442 65.71 -22.85 -39.89
CA LEU N 442 65.54 -24.27 -40.21
C LEU N 442 65.59 -24.39 -41.72
N GLY N 443 66.76 -24.73 -42.26
CA GLY N 443 66.91 -24.76 -43.70
C GLY N 443 66.47 -26.08 -44.28
N THR N 444 65.19 -26.15 -44.67
CA THR N 444 64.60 -27.32 -45.30
C THR N 444 63.24 -26.93 -45.86
N CYS N 445 63.00 -27.23 -47.13
CA CYS N 445 61.69 -27.09 -47.73
C CYS N 445 61.15 -28.46 -48.10
N ARG N 446 59.87 -28.69 -47.80
CA ARG N 446 59.29 -30.02 -47.91
C ARG N 446 58.07 -30.02 -48.84
N ARG N 447 57.92 -28.96 -49.63
CA ARG N 447 56.77 -28.83 -50.52
C ARG N 447 57.20 -28.51 -51.95
N CYS N 448 58.33 -27.83 -52.09
CA CYS N 448 58.70 -27.32 -53.41
C CYS N 448 59.72 -28.23 -54.09
N PRO N 449 59.46 -28.60 -55.34
CA PRO N 449 60.48 -29.24 -56.16
C PRO N 449 61.75 -28.39 -56.29
N ALA N 450 62.79 -29.02 -56.84
CA ALA N 450 64.14 -28.47 -56.78
C ALA N 450 64.26 -27.12 -57.49
N GLU N 451 63.70 -27.02 -58.71
CA GLU N 451 63.86 -25.81 -59.49
C GLU N 451 63.15 -24.63 -58.84
N ILE N 452 61.89 -24.79 -58.45
CA ILE N 452 61.21 -23.66 -57.84
C ILE N 452 61.88 -23.31 -56.51
N VAL N 453 62.26 -24.31 -55.71
CA VAL N 453 62.79 -24.02 -54.39
C VAL N 453 64.14 -23.31 -54.46
N ASP N 454 65.04 -23.68 -55.39
CA ASP N 454 66.30 -22.94 -55.41
C ASP N 454 66.15 -21.63 -56.17
N THR N 455 65.07 -21.44 -56.94
CA THR N 455 64.84 -20.10 -57.44
C THR N 455 64.34 -19.16 -56.34
N VAL N 456 63.50 -19.63 -55.41
CA VAL N 456 63.12 -18.73 -54.31
C VAL N 456 64.31 -18.53 -53.37
N SER N 457 65.09 -19.59 -53.13
CA SER N 457 66.25 -19.45 -52.26
C SER N 457 67.40 -18.69 -52.92
N ALA N 458 67.34 -18.49 -54.24
CA ALA N 458 68.29 -17.64 -54.95
C ALA N 458 67.85 -16.20 -55.03
N LEU N 459 66.54 -15.93 -55.00
CA LEU N 459 66.06 -14.57 -55.13
C LEU N 459 66.36 -13.74 -53.88
N VAL N 460 66.05 -14.27 -52.69
CA VAL N 460 66.19 -13.53 -51.44
C VAL N 460 67.05 -14.27 -50.43
N TYR N 461 66.88 -15.58 -50.31
CA TYR N 461 67.59 -16.32 -49.27
C TYR N 461 69.04 -16.56 -49.66
N ASP N 462 69.80 -17.10 -48.70
CA ASP N 462 71.16 -17.56 -48.95
C ASP N 462 71.18 -19.05 -49.29
N ASN N 463 70.33 -19.45 -50.24
CA ASN N 463 70.24 -20.82 -50.74
C ASN N 463 70.05 -21.83 -49.60
N LYS N 464 69.25 -21.43 -48.61
CA LYS N 464 69.07 -22.20 -47.38
C LYS N 464 68.10 -23.36 -47.53
N LEU N 465 67.32 -23.39 -48.61
CA LEU N 465 66.26 -24.36 -48.80
C LEU N 465 66.63 -25.35 -49.89
N LYS N 466 66.24 -26.60 -49.66
CA LYS N 466 66.44 -27.69 -50.61
C LYS N 466 65.09 -28.31 -50.92
N ALA N 467 65.13 -29.44 -51.61
CA ALA N 467 63.92 -30.17 -51.97
C ALA N 467 64.07 -31.63 -51.55
N HIS N 468 63.10 -32.13 -50.78
CA HIS N 468 63.05 -33.56 -50.47
C HIS N 468 62.28 -34.32 -51.54
N LYS N 469 62.66 -34.10 -52.79
CA LYS N 469 62.01 -34.66 -53.98
C LYS N 469 62.84 -34.25 -55.19
N ASP N 470 62.39 -34.65 -56.37
CA ASP N 470 62.90 -34.15 -57.62
C ASP N 470 61.77 -33.36 -58.27
N LYS N 471 62.10 -32.58 -59.30
CA LYS N 471 61.12 -31.68 -59.90
C LYS N 471 59.95 -32.45 -60.49
N SER N 472 58.74 -31.97 -60.21
CA SER N 472 57.53 -32.57 -60.77
C SER N 472 57.34 -32.23 -62.23
N ALA N 473 57.67 -31.02 -62.65
CA ALA N 473 57.73 -30.55 -64.03
C ALA N 473 56.35 -30.32 -64.65
N GLN N 474 55.36 -29.89 -63.87
CA GLN N 474 54.19 -29.21 -64.44
C GLN N 474 54.08 -27.81 -63.86
N CYS N 475 55.23 -27.19 -63.57
CA CYS N 475 55.32 -25.80 -63.14
C CYS N 475 55.66 -24.97 -64.37
N PHE N 476 54.66 -24.31 -64.94
CA PHE N 476 54.78 -23.67 -66.24
C PHE N 476 54.67 -22.16 -66.10
N LYS N 477 55.41 -21.43 -66.94
CA LYS N 477 55.27 -19.99 -67.07
C LYS N 477 54.86 -19.66 -68.49
N MET N 478 53.80 -18.87 -68.65
CA MET N 478 53.19 -18.61 -69.94
C MET N 478 53.40 -17.15 -70.35
N PHE N 479 53.41 -16.94 -71.66
CA PHE N 479 53.46 -15.60 -72.26
C PHE N 479 52.05 -15.19 -72.64
N TYR N 480 51.34 -14.59 -71.68
CA TYR N 480 49.96 -14.16 -71.88
C TYR N 480 49.89 -12.66 -72.13
N LYS N 481 49.18 -12.29 -73.19
CA LYS N 481 49.08 -10.89 -73.59
C LYS N 481 48.19 -10.11 -72.62
N GLY N 482 47.13 -10.75 -72.11
CA GLY N 482 46.35 -10.19 -71.01
C GLY N 482 45.60 -8.91 -71.29
N VAL N 483 44.56 -8.97 -72.13
CA VAL N 483 43.74 -7.79 -72.39
C VAL N 483 42.93 -7.46 -71.15
N ILE N 484 43.08 -6.22 -70.65
CA ILE N 484 42.50 -5.80 -69.38
C ILE N 484 41.25 -4.98 -69.62
N THR N 485 40.32 -5.05 -68.67
CA THR N 485 39.11 -4.23 -68.68
C THR N 485 39.04 -3.29 -67.49
N HIS N 486 39.21 -3.82 -66.28
CA HIS N 486 39.20 -3.09 -65.01
C HIS N 486 38.04 -2.09 -64.92
N ASP N 487 36.84 -2.60 -65.19
CA ASP N 487 35.62 -1.82 -64.99
C ASP N 487 35.11 -1.95 -63.56
N VAL N 488 36.04 -1.77 -62.61
CA VAL N 488 35.81 -1.92 -61.18
C VAL N 488 36.99 -1.26 -60.49
N SER N 489 36.87 -0.98 -59.19
CA SER N 489 37.98 -0.42 -58.43
C SER N 489 39.23 -1.29 -58.49
N SER N 490 39.06 -2.61 -58.67
CA SER N 490 40.16 -3.53 -58.88
C SER N 490 40.45 -3.69 -60.36
N ALA N 491 41.23 -4.71 -60.70
CA ALA N 491 41.63 -4.97 -62.08
C ALA N 491 41.08 -6.33 -62.52
N ILE N 492 40.53 -6.38 -63.74
CA ILE N 492 39.91 -7.59 -64.28
C ILE N 492 40.62 -7.96 -65.58
N ASN N 493 41.00 -9.23 -65.70
CA ASN N 493 41.61 -9.76 -66.93
C ASN N 493 40.95 -11.09 -67.25
N ARG N 494 39.83 -11.04 -67.98
CA ARG N 494 39.07 -12.24 -68.36
C ARG N 494 39.60 -12.95 -69.62
N PRO N 495 39.91 -12.27 -70.73
CA PRO N 495 40.41 -13.02 -71.91
C PRO N 495 41.71 -13.76 -71.66
N GLN N 496 42.54 -13.29 -70.73
CA GLN N 496 43.73 -14.03 -70.34
C GLN N 496 43.35 -15.38 -69.72
N ILE N 497 42.35 -15.35 -68.84
CA ILE N 497 41.75 -16.57 -68.32
C ILE N 497 41.13 -17.39 -69.45
N GLY N 498 40.59 -16.74 -70.48
CA GLY N 498 40.05 -17.47 -71.62
C GLY N 498 41.13 -18.24 -72.37
N VAL N 499 42.32 -17.65 -72.49
CA VAL N 499 43.45 -18.36 -73.07
C VAL N 499 43.84 -19.54 -72.19
N VAL N 500 43.91 -19.32 -70.88
CA VAL N 500 44.26 -20.39 -69.95
C VAL N 500 43.23 -21.53 -70.02
N ARG N 501 41.95 -21.19 -70.10
CA ARG N 501 40.84 -22.12 -70.26
C ARG N 501 40.83 -22.76 -71.64
N GLU N 502 41.46 -22.11 -72.64
CA GLU N 502 41.67 -22.75 -73.94
C GLU N 502 42.77 -23.79 -73.84
N PHE N 503 43.68 -23.63 -72.87
CA PHE N 503 44.45 -24.78 -72.40
C PHE N 503 43.62 -25.64 -71.46
N LEU N 504 44.30 -26.51 -70.69
CA LEU N 504 43.75 -27.36 -69.63
C LEU N 504 43.01 -28.58 -70.13
N THR N 505 42.88 -28.71 -71.46
CA THR N 505 42.43 -29.96 -72.05
C THR N 505 43.60 -30.82 -72.50
N ARG N 506 44.78 -30.25 -72.68
CA ARG N 506 46.02 -30.99 -72.82
C ARG N 506 46.63 -31.38 -71.48
N ASN N 507 45.99 -31.00 -70.37
CA ASN N 507 46.48 -31.32 -69.03
C ASN N 507 45.38 -31.98 -68.19
N PRO N 508 45.16 -33.29 -68.32
CA PRO N 508 44.14 -33.95 -67.49
C PRO N 508 44.44 -33.98 -66.00
N ALA N 509 45.60 -33.48 -65.56
CA ALA N 509 46.04 -33.66 -64.17
C ALA N 509 45.30 -32.76 -63.20
N TRP N 510 45.42 -31.44 -63.37
CA TRP N 510 44.89 -30.49 -62.39
C TRP N 510 43.50 -29.98 -62.79
N ARG N 511 42.51 -30.81 -62.45
CA ARG N 511 41.10 -30.44 -62.56
C ARG N 511 40.47 -30.05 -61.23
N LYS N 512 41.18 -30.24 -60.11
CA LYS N 512 40.76 -29.69 -58.82
C LYS N 512 41.33 -28.30 -58.63
N ALA N 513 41.66 -27.64 -59.74
CA ALA N 513 42.61 -26.52 -59.75
C ALA N 513 42.20 -25.38 -58.84
N VAL N 514 43.17 -24.90 -58.08
CA VAL N 514 42.98 -23.83 -57.11
C VAL N 514 43.43 -22.52 -57.75
N PHE N 515 42.46 -21.63 -58.00
CA PHE N 515 42.73 -20.33 -58.61
C PHE N 515 43.36 -19.42 -57.56
N ILE N 516 44.54 -18.90 -57.85
CA ILE N 516 45.22 -17.95 -56.98
C ILE N 516 45.58 -16.72 -57.79
N SER N 517 45.10 -15.56 -57.37
CA SER N 517 45.44 -14.29 -58.00
C SER N 517 45.63 -13.24 -56.92
N PRO N 518 46.55 -12.30 -57.13
CA PRO N 518 46.69 -11.18 -56.19
C PRO N 518 45.67 -10.06 -56.41
N TYR N 519 44.83 -10.17 -57.43
CA TYR N 519 43.81 -9.17 -57.72
C TYR N 519 42.44 -9.75 -57.39
N ASN N 520 41.66 -8.97 -56.65
CA ASN N 520 40.41 -9.43 -56.06
C ASN N 520 39.26 -9.61 -57.03
N SER N 521 39.06 -8.69 -57.97
CA SER N 521 37.93 -8.80 -58.89
C SER N 521 38.06 -10.03 -59.78
N GLN N 522 39.28 -10.31 -60.26
CA GLN N 522 39.53 -11.53 -61.01
C GLN N 522 39.34 -12.76 -60.14
N ASN N 523 39.69 -12.66 -58.86
CA ASN N 523 39.42 -13.75 -57.92
C ASN N 523 37.93 -14.03 -57.81
N ALA N 524 37.12 -12.98 -57.71
CA ALA N 524 35.68 -13.16 -57.59
C ALA N 524 35.05 -13.71 -58.87
N VAL N 525 35.50 -13.24 -60.04
CA VAL N 525 34.93 -13.74 -61.29
C VAL N 525 35.59 -15.02 -61.77
N ALA N 526 36.57 -15.56 -61.03
CA ALA N 526 37.23 -16.79 -61.43
C ALA N 526 36.31 -18.00 -61.42
N SER N 527 35.55 -18.20 -60.34
CA SER N 527 34.65 -19.34 -60.24
C SER N 527 33.31 -19.07 -60.92
N LYS N 528 33.25 -18.07 -61.80
CA LYS N 528 32.04 -17.71 -62.51
C LYS N 528 31.96 -18.39 -63.88
N ILE N 529 32.94 -18.14 -64.75
CA ILE N 529 32.90 -18.73 -66.08
C ILE N 529 33.42 -20.16 -66.06
N LEU N 530 34.27 -20.50 -65.09
CA LEU N 530 34.84 -21.83 -64.95
C LEU N 530 34.71 -22.29 -63.52
N GLY N 531 34.34 -23.55 -63.34
CA GLY N 531 34.05 -24.08 -62.02
C GLY N 531 35.24 -24.64 -61.27
N LEU N 532 36.24 -23.77 -61.03
CA LEU N 532 37.41 -24.16 -60.27
C LEU N 532 37.50 -23.31 -59.01
N PRO N 533 37.75 -23.90 -57.84
CA PRO N 533 37.78 -23.12 -56.59
C PRO N 533 38.82 -22.02 -56.64
N THR N 534 38.46 -20.86 -56.10
CA THR N 534 39.31 -19.68 -56.18
C THR N 534 39.64 -19.16 -54.78
N GLN N 535 40.88 -18.73 -54.60
CA GLN N 535 41.37 -18.21 -53.33
C GLN N 535 42.40 -17.12 -53.60
N THR N 536 42.30 -16.01 -52.87
CA THR N 536 43.24 -14.93 -53.03
C THR N 536 44.57 -15.25 -52.33
N VAL N 537 45.52 -14.32 -52.42
CA VAL N 537 46.80 -14.49 -51.76
C VAL N 537 46.67 -14.41 -50.24
N ASP N 538 45.56 -13.86 -49.75
CA ASP N 538 45.33 -13.76 -48.31
C ASP N 538 44.92 -15.09 -47.68
N SER N 539 44.70 -16.13 -48.49
CA SER N 539 44.40 -17.46 -47.99
C SER N 539 45.66 -18.28 -47.75
N SER N 540 46.83 -17.69 -47.93
CA SER N 540 48.10 -18.38 -47.78
C SER N 540 48.51 -18.39 -46.31
N GLN N 541 49.77 -18.79 -46.05
CA GLN N 541 50.36 -18.80 -44.72
C GLN N 541 49.57 -19.68 -43.76
N GLY N 542 49.56 -20.98 -44.08
CA GLY N 542 48.92 -21.95 -43.23
C GLY N 542 48.22 -23.07 -43.98
N SER N 543 48.06 -22.89 -45.28
CA SER N 543 47.42 -23.89 -46.13
C SER N 543 48.36 -24.27 -47.26
N GLU N 544 48.31 -25.54 -47.66
CA GLU N 544 49.14 -26.05 -48.73
C GLU N 544 48.29 -26.88 -49.69
N TYR N 545 48.59 -26.75 -50.97
CA TYR N 545 47.83 -27.40 -52.02
C TYR N 545 48.78 -28.14 -52.95
N ASP N 546 48.21 -28.91 -53.88
CA ASP N 546 49.01 -29.62 -54.86
C ASP N 546 48.93 -29.02 -56.25
N TYR N 547 47.83 -28.37 -56.60
CA TYR N 547 47.63 -27.83 -57.94
C TYR N 547 47.14 -26.40 -57.81
N VAL N 548 47.92 -25.44 -58.32
CA VAL N 548 47.63 -24.02 -58.22
C VAL N 548 47.62 -23.44 -59.63
N ILE N 549 46.62 -22.61 -59.95
CA ILE N 549 46.58 -21.90 -61.23
C ILE N 549 46.69 -20.41 -60.92
N PHE N 550 47.58 -19.72 -61.63
CA PHE N 550 47.85 -18.31 -61.39
C PHE N 550 47.55 -17.53 -62.66
N THR N 551 46.74 -16.47 -62.54
CA THR N 551 46.47 -15.54 -63.63
C THR N 551 46.81 -14.12 -63.17
N GLN N 552 47.83 -13.54 -63.79
CA GLN N 552 48.28 -12.19 -63.46
C GLN N 552 47.61 -11.20 -64.40
N THR N 553 47.04 -10.14 -63.83
CA THR N 553 46.30 -9.15 -64.62
C THR N 553 47.22 -8.04 -65.14
N THR N 554 48.01 -7.46 -64.25
CA THR N 554 48.84 -6.31 -64.59
C THR N 554 50.27 -6.54 -64.12
N GLU N 555 51.19 -5.79 -64.72
CA GLU N 555 52.59 -5.75 -64.32
C GLU N 555 52.79 -4.40 -63.64
N THR N 556 52.60 -4.39 -62.32
CA THR N 556 52.72 -3.16 -61.55
C THR N 556 53.45 -3.43 -60.24
N ALA N 557 53.48 -2.41 -59.37
CA ALA N 557 54.19 -2.54 -58.10
C ALA N 557 53.56 -3.60 -57.21
N HIS N 558 52.23 -3.71 -57.24
CA HIS N 558 51.57 -4.76 -56.48
C HIS N 558 51.91 -6.14 -57.02
N SER N 559 52.17 -6.23 -58.31
CA SER N 559 52.56 -7.49 -58.95
C SER N 559 54.07 -7.60 -59.18
N CYS N 560 54.86 -6.71 -58.58
CA CYS N 560 56.31 -6.81 -58.70
C CYS N 560 57.00 -7.23 -57.41
N ASN N 561 56.35 -7.06 -56.26
CA ASN N 561 56.96 -7.38 -54.97
C ASN N 561 57.15 -8.90 -54.84
N VAL N 562 58.35 -9.30 -54.42
CA VAL N 562 58.76 -10.70 -54.53
C VAL N 562 58.36 -11.53 -53.33
N ASN N 563 58.26 -10.93 -52.15
CA ASN N 563 57.73 -11.62 -50.97
C ASN N 563 56.38 -12.26 -51.28
N ARG N 564 55.67 -11.70 -52.26
CA ARG N 564 54.24 -11.92 -52.27
C ARG N 564 53.93 -13.01 -53.27
N PHE N 565 54.73 -13.08 -54.34
CA PHE N 565 54.90 -14.33 -55.08
C PHE N 565 55.43 -15.43 -54.18
N ASN N 566 56.35 -15.11 -53.27
CA ASN N 566 56.89 -16.12 -52.37
C ASN N 566 55.80 -16.74 -51.51
N VAL N 567 54.86 -15.92 -51.01
CA VAL N 567 53.76 -16.47 -50.23
C VAL N 567 52.64 -17.05 -51.09
N ALA N 568 52.57 -16.70 -52.37
CA ALA N 568 51.51 -17.22 -53.22
C ALA N 568 51.85 -18.54 -53.90
N ILE N 569 53.06 -18.65 -54.47
CA ILE N 569 53.39 -19.80 -55.31
C ILE N 569 54.07 -20.92 -54.54
N THR N 570 54.46 -20.69 -53.29
CA THR N 570 54.97 -21.78 -52.46
C THR N 570 53.88 -22.76 -52.06
N ARG N 571 52.61 -22.37 -52.19
CA ARG N 571 51.51 -23.25 -51.83
C ARG N 571 51.46 -24.47 -52.74
N ALA N 572 51.77 -24.30 -54.01
CA ALA N 572 51.73 -25.41 -54.97
C ALA N 572 52.79 -26.45 -54.61
N LYS N 573 52.35 -27.69 -54.41
CA LYS N 573 53.30 -28.76 -54.07
C LYS N 573 53.88 -29.41 -55.31
N VAL N 574 53.02 -29.86 -56.24
CA VAL N 574 53.46 -30.63 -57.39
C VAL N 574 53.14 -29.96 -58.72
N GLY N 575 52.41 -28.85 -58.72
CA GLY N 575 52.08 -28.23 -59.99
C GLY N 575 51.51 -26.83 -59.89
N ILE N 576 52.01 -25.91 -60.72
CA ILE N 576 51.51 -24.55 -60.79
C ILE N 576 51.51 -24.09 -62.24
N LEU N 577 50.35 -23.64 -62.73
CA LEU N 577 50.23 -23.05 -64.06
C LEU N 577 50.20 -21.55 -63.88
N CYS N 578 51.40 -20.94 -63.87
CA CYS N 578 51.57 -19.54 -63.55
C CYS N 578 51.52 -18.75 -64.84
N ILE N 579 50.45 -17.97 -65.01
CA ILE N 579 50.24 -17.20 -66.22
C ILE N 579 50.36 -15.71 -65.88
N MET N 580 51.31 -15.06 -66.55
CA MET N 580 51.65 -13.66 -66.33
C MET N 580 51.73 -12.84 -67.62
N SER N 581 51.52 -11.54 -67.46
CA SER N 581 51.76 -10.61 -68.53
C SER N 581 53.06 -9.82 -68.32
N ASP N 582 53.87 -10.22 -67.35
CA ASP N 582 55.09 -9.50 -67.03
C ASP N 582 56.30 -10.17 -67.67
N ARG N 583 57.13 -9.36 -68.34
CA ARG N 583 58.37 -9.80 -68.97
C ARG N 583 59.52 -9.92 -67.98
N ASP N 584 59.37 -9.42 -66.75
CA ASP N 584 60.43 -9.42 -65.74
C ASP N 584 60.34 -10.57 -64.76
N LEU N 585 59.16 -11.17 -64.59
CA LEU N 585 59.00 -12.28 -63.67
C LEU N 585 59.55 -13.58 -64.26
N TYR N 586 60.41 -13.47 -65.27
CA TYR N 586 60.47 -14.50 -66.29
C TYR N 586 61.68 -15.40 -66.10
N ASP N 587 62.88 -14.81 -66.08
CA ASP N 587 64.14 -15.49 -65.79
C ASP N 587 64.39 -15.68 -64.31
N LYS N 588 63.57 -15.08 -63.45
CA LYS N 588 63.67 -15.29 -62.01
C LYS N 588 63.40 -16.75 -61.65
N LEU N 589 62.39 -17.34 -62.27
CA LEU N 589 62.06 -18.76 -62.15
C LEU N 589 62.00 -19.31 -63.57
N GLN N 590 63.01 -20.09 -63.93
CA GLN N 590 63.14 -20.58 -65.29
C GLN N 590 62.23 -21.79 -65.49
N PHE N 591 60.99 -21.53 -65.90
CA PHE N 591 60.03 -22.57 -66.20
C PHE N 591 60.15 -22.94 -67.68
N THR N 592 59.24 -23.79 -68.15
CA THR N 592 59.20 -24.11 -69.58
C THR N 592 58.61 -22.94 -70.36
N SER N 593 58.83 -22.95 -71.67
CA SER N 593 58.41 -21.84 -72.52
C SER N 593 57.07 -22.07 -73.21
N LEU N 594 56.89 -23.21 -73.88
CA LEU N 594 55.74 -23.48 -74.73
C LEU N 594 55.52 -22.37 -75.77
ZN ZN Q . -2.45 -2.36 -15.98
ZN ZN R . -18.23 7.70 -25.15
MG MG S . 15.87 -28.17 -25.94
PB ADP T . 17.00 -31.02 -25.55
O1B ADP T . 18.10 -30.03 -25.81
O2B ADP T . 15.72 -30.41 -25.01
O3B ADP T . 17.44 -32.26 -24.81
PA ADP T . 16.17 -30.56 -28.17
O1A ADP T . 15.39 -29.42 -27.58
O2A ADP T . 15.66 -31.35 -29.35
O3A ADP T . 16.61 -31.57 -27.01
O5' ADP T . 17.61 -29.96 -28.58
C5' ADP T . 17.77 -28.58 -28.86
C4' ADP T . 19.27 -28.37 -28.95
O4' ADP T . 19.81 -29.29 -29.89
C3' ADP T . 19.65 -26.97 -29.41
O3' ADP T . 20.02 -26.17 -28.29
C2' ADP T . 20.83 -27.19 -30.33
O2' ADP T . 22.04 -26.84 -29.64
C1' ADP T . 20.84 -28.67 -30.65
N9 ADP T . 20.55 -28.84 -32.10
C8 ADP T . 20.30 -27.84 -32.96
N7 ADP T . 20.08 -28.32 -34.21
C5 ADP T . 20.20 -29.66 -34.16
C6 ADP T . 20.10 -30.78 -35.12
N6 ADP T . 19.82 -30.55 -36.42
N1 ADP T . 20.29 -32.03 -34.65
C2 ADP T . 20.58 -32.26 -33.36
N3 ADP T . 20.69 -31.30 -32.43
C4 ADP T . 20.53 -30.00 -32.76
ZN ZN U . -85.64 -13.08 -26.89
ZN ZN V . -82.72 14.96 -31.12
ZN ZN W . -88.15 -2.56 -19.39
PB ADP X . -89.37 -30.94 14.53
O1B ADP X . -88.14 -30.86 13.66
O2B ADP X . -90.43 -31.90 14.01
O3B ADP X . -89.92 -29.61 14.99
PA ADP X . -87.30 -31.53 16.30
O1A ADP X . -86.93 -30.07 16.41
O2A ADP X . -86.51 -32.44 15.40
O3A ADP X . -88.85 -31.63 15.88
O5' ADP X . -87.29 -32.16 17.79
C5' ADP X . -87.98 -33.38 18.04
C4' ADP X . -87.62 -33.90 19.43
O4' ADP X . -88.35 -35.10 19.68
C3' ADP X . -86.14 -34.23 19.53
O3' ADP X . -85.51 -33.37 20.48
C2' ADP X . -86.06 -35.67 20.00
O2' ADP X . -85.39 -35.73 21.27
C1' ADP X . -87.51 -36.14 20.16
N9 ADP X . -87.72 -37.35 19.32
C8 ADP X . -87.90 -37.35 17.99
N7 ADP X . -88.06 -38.61 17.52
C5 ADP X . -87.98 -39.45 18.57
C6 ADP X . -88.08 -40.91 18.77
N6 ADP X . -88.29 -41.75 17.72
N1 ADP X . -87.95 -41.38 20.03
C2 ADP X . -87.73 -40.56 21.07
N3 ADP X . -87.65 -39.21 20.96
C4 ADP X . -87.76 -38.61 19.76
MG MG Y . -87.25 -29.07 14.36
AL AF3 Z . -88.89 -27.50 13.93
F1 AF3 Z . -88.38 -27.88 15.61
F2 AF3 Z . -90.61 -27.08 13.60
F3 AF3 Z . -87.82 -27.98 12.56
C1 1N7 AA . -71.85 1.32 -34.70
C2 1N7 AA . -71.94 -0.17 -35.26
C3 1N7 AA . -72.67 0.62 -37.69
C4 1N7 AA . -73.70 0.72 -38.87
C5 1N7 AA . -74.15 -0.75 -39.27
C6 1N7 AA . -74.62 -1.59 -38.00
C7 1N7 AA . -75.16 -2.83 -38.67
C8 1N7 AA . -75.87 -2.24 -39.92
C9 1N7 AA . -75.44 -0.74 -40.12
C10 1N7 AA . -73.06 -1.47 -40.11
C11 1N7 AA . -70.58 -0.29 -35.97
C12 1N7 AA . -71.40 1.53 -33.20
C13 1N7 AA . -72.01 0.49 -32.20
C14 1N7 AA . -71.62 -0.96 -32.69
C15 1N7 AA . -72.04 -1.34 -34.17
C16 1N7 AA . -73.50 -1.96 -34.20
C17 1N7 AA . -73.83 -2.70 -35.57
C18 1N7 AA . -73.53 -1.74 -36.87
C19 1N7 AA . -73.09 -0.28 -36.42
C20 1N7 AA . -75.23 -0.25 -41.63
C21 1N7 AA . -75.56 1.26 -41.81
C22 1N7 AA . -76.07 -1.09 -42.64
C23 1N7 AA . -76.75 -0.34 -43.86
C24 1N7 AA . -77.93 -1.11 -44.66
N1 1N7 AA . -79.32 -0.74 -44.62
O1 1N7 AA . -77.58 -2.05 -45.34
O2 1N7 AA . -73.40 0.64 -32.17
O3 1N7 AA . -75.19 -3.04 -35.49
O4 1N7 AA . -74.81 1.49 -38.45
C25 1N7 AA . -80.47 -1.42 -45.36
C26 1N7 AA . -81.07 -2.72 -44.72
C27 1N7 AA . -80.17 -4.00 -44.71
N2 1N7 AA . -81.04 -5.23 -44.60
C28 1N7 AA . -82.30 -5.26 -45.58
C29 1N7 AA . -81.75 -5.35 -43.19
C30 1N7 AA . -80.35 -6.52 -44.91
ZN ZN BA . -60.81 30.34 -12.73
ZN ZN CA . -39.09 35.63 -29.04
ZN ZN DA . -50.60 36.90 -11.31
PB ADP EA . -54.74 33.88 33.13
O1B ADP EA . -53.67 34.82 32.63
O2B ADP EA . -55.27 32.93 32.07
O3B ADP EA . -55.81 34.54 33.95
PA ADP EA . -53.18 33.41 35.45
O1A ADP EA . -52.17 34.46 35.05
O2A ADP EA . -52.74 32.20 36.23
O3A ADP EA . -53.95 32.89 34.13
O5' ADP EA . -54.33 34.11 36.33
C5' ADP EA . -55.37 33.30 36.87
C4' ADP EA . -56.22 34.07 37.86
O4' ADP EA . -57.58 33.63 37.75
C3' ADP EA . -55.77 33.82 39.28
O3' ADP EA . -55.45 35.06 39.92
C2' ADP EA . -56.93 33.16 39.99
O2' ADP EA . -57.23 33.85 41.21
C1' ADP EA . -58.11 33.26 39.03
N9 ADP EA . -58.81 31.96 38.92
C8 ADP EA . -58.68 31.09 37.91
N7 ADP EA . -59.46 29.99 38.11
C5 ADP EA . -60.11 30.17 39.27
C6 ADP EA . -61.09 29.40 40.07
N6 ADP EA . -61.54 28.19 39.66
N1 ADP EA . -61.52 29.94 41.23
C2 ADP EA . -61.08 31.14 41.66
N3 ADP EA . -60.19 31.89 40.98
C4 ADP EA . -59.68 31.46 39.80
MG MG FA . -55.03 30.77 31.34
AL AF3 GA . -55.33 36.79 31.77
F1 AF3 GA . -54.01 37.04 32.96
F2 AF3 GA . -56.91 36.10 32.31
F3 AF3 GA . -55.19 37.49 30.11
ZN ZN HA . 2.99 14.41 7.03
ZN ZN IA . 19.69 25.22 0.85
MG MG JA . -16.40 17.31 33.80
PB ADP KA . -17.69 16.16 36.36
O1B ADP KA . -16.41 15.77 35.66
O2B ADP KA . -18.73 16.78 35.44
O3B ADP KA . -18.24 15.13 37.30
PA ADP KA . -16.74 18.77 36.73
O1A ADP KA . -16.22 19.62 37.87
O2A ADP KA . -15.91 18.49 35.51
O3A ADP KA . -17.29 17.38 37.33
O5' ADP KA . -18.12 19.41 36.23
C5' ADP KA . -18.18 20.10 34.99
C4' ADP KA . -19.67 20.33 34.73
O4' ADP KA . -20.22 20.98 35.87
C3' ADP KA . -19.95 21.20 33.53
O3' ADP KA . -20.31 20.39 32.42
C2' ADP KA . -21.11 22.08 33.95
O2' ADP KA . -22.31 21.60 33.38
C1' ADP KA . -21.18 21.96 35.47
N9 ADP KA . -20.85 23.27 36.07
C8 ADP KA . -20.50 24.38 35.39
N7 ADP KA . -20.26 25.41 36.23
C5 ADP KA . -20.47 24.96 37.48
C6 ADP KA . -20.38 25.55 38.84
N6 ADP KA . -20.03 26.85 39.03
N1 ADP KA . -20.67 24.74 39.89
C2 ADP KA . -21.02 23.46 39.71
N3 ADP KA . -21.11 22.86 38.51
C4 ADP KA . -20.86 23.55 37.38
ZN ZN LA . 85.78 16.90 24.14
ZN ZN MA . 84.69 29.39 -1.47
ZN ZN NA . 88.60 12.72 11.99
PB ADP OA . 86.75 -28.08 29.00
O1B ADP OA . 87.75 -27.93 30.12
O2B ADP OA . 85.57 -27.15 29.12
O3B ADP OA . 87.36 -28.16 27.61
PA ADP OA . 84.57 -29.83 28.94
O1A ADP OA . 83.76 -29.19 30.04
O2A ADP OA . 84.28 -29.48 27.50
O3A ADP OA . 86.13 -29.55 29.23
O5' ADP OA . 84.46 -31.43 29.10
C5' ADP OA . 85.08 -32.08 30.22
C4' ADP OA . 84.62 -33.53 30.29
O4' ADP OA . 85.27 -34.17 31.38
C3' ADP OA . 83.12 -33.64 30.50
O3' ADP OA . 82.50 -34.26 29.37
C2' ADP OA . 82.94 -34.51 31.73
O2' ADP OA . 82.22 -35.69 31.39
C1' ADP OA . 84.34 -34.88 32.20
N9 ADP OA . 84.52 -34.45 33.61
C8 ADP OA . 84.75 -33.19 34.01
N7 ADP OA . 84.87 -33.12 35.37
C5 ADP OA . 84.69 -34.37 35.84
C6 ADP OA . 84.70 -35.00 37.18
N6 ADP OA . 84.90 -34.26 38.30
N1 ADP OA . 84.49 -36.33 37.25
C2 ADP OA . 84.28 -37.07 36.14
N3 ADP OA . 84.27 -36.57 34.90
C4 ADP OA . 84.47 -35.24 34.68
MG MG PA . 84.74 -27.24 27.17
AL AF3 QA . 86.50 -26.46 25.88
F1 AF3 QA . 85.90 -28.15 25.71
F2 AF3 QA . 88.25 -26.13 25.64
F3 AF3 QA . 85.45 -25.24 26.69
C1 1N7 RA . 73.20 29.39 12.14
C2 1N7 RA . 73.22 29.48 13.72
C3 1N7 RA . 74.10 31.99 13.73
C4 1N7 RA . 75.18 33.08 14.03
C5 1N7 RA . 75.56 33.01 15.58
C6 1N7 RA . 75.93 31.53 16.01
C7 1N7 RA . 76.42 31.77 17.43
C8 1N7 RA . 77.22 33.09 17.26
C9 1N7 RA . 76.88 33.75 15.87
C10 1N7 RA . 74.46 33.66 16.46
C11 1N7 RA . 71.89 30.20 14.00
C12 1N7 RA . 72.71 28.06 11.48
C13 1N7 RA . 73.21 26.76 12.19
C14 1N7 RA . 72.76 26.81 13.70
C15 1N7 RA . 73.22 28.09 14.52
C16 1N7 RA . 74.63 27.85 15.19
C17 1N7 RA . 74.98 28.92 16.31
C18 1N7 RA . 74.78 30.45 15.77
C19 1N7 RA . 74.41 30.49 14.22
C20 1N7 RA . 76.77 35.35 15.84
C21 1N7 RA . 77.18 35.95 14.47
C22 1N7 RA . 77.60 36.01 16.99
C23 1N7 RA . 78.37 37.35 16.66
C24 1N7 RA . 79.53 37.83 17.68
N1 1N7 RA . 80.94 37.83 17.39
O1 1N7 RA . 79.16 38.23 18.78
O2 1N7 RA . 74.61 26.69 12.10
O3 1N7 RA . 76.30 28.66 16.67
O4 1N7 RA . 76.31 32.86 13.22
C25 1N7 RA . 82.07 38.26 18.30
C26 1N7 RA . 82.57 37.23 19.38
C27 1N7 RA . 81.61 36.89 20.55
N2 1N7 RA . 82.39 36.37 21.73
C28 1N7 RA . 83.68 37.23 22.11
C29 1N7 RA . 83.04 34.96 21.45
C30 1N7 RA . 81.64 36.33 23.03
ZN ZN SA . 62.98 17.64 -22.56
ZN ZN TA . 42.30 36.00 -23.70
ZN ZN UA . 53.13 18.81 -29.69
PB ADP VA . 55.23 -24.71 -39.86
O1B ADP VA . 55.76 -24.00 -38.63
O2B ADP VA . 54.24 -23.89 -40.66
O3B ADP VA . 56.31 -25.36 -40.70
PA ADP VA . 53.56 -26.97 -40.18
O1A ADP VA . 53.01 -28.05 -39.28
O2A ADP VA . 52.64 -26.22 -41.11
O3A ADP VA . 54.35 -25.91 -39.26
O5' ADP VA . 54.71 -27.67 -41.06
C5' ADP VA . 55.68 -28.48 -40.40
C4' ADP VA . 56.54 -29.24 -41.39
O4' ADP VA . 57.87 -29.35 -40.88
C3' ADP VA . 56.00 -30.65 -41.60
O3' ADP VA . 55.74 -30.87 -42.99
C2' ADP VA . 57.10 -31.58 -41.13
O2' ADP VA . 57.39 -32.56 -42.14
C1' ADP VA . 58.32 -30.70 -40.90
N9 ADP VA . 58.95 -31.03 -39.59
C8 ADP VA . 58.80 -30.32 -38.46
N7 ADP VA . 59.51 -30.87 -37.44
C5 ADP VA . 60.12 -31.97 -37.93
C6 ADP VA . 61.02 -33.01 -37.38
N6 ADP VA . 61.42 -33.00 -36.09
N1 ADP VA . 61.44 -33.98 -38.23
C2 ADP VA . 61.05 -34.01 -39.52
N3 ADP VA . 60.24 -33.09 -40.07
C4 ADP VA . 59.75 -32.06 -39.34
MG MG WA . 55.42 -23.92 -36.37
AL AF3 XA . 56.05 -22.58 -42.22
F1 AF3 XA . 54.70 -23.57 -42.87
F2 AF3 XA . 57.56 -23.39 -41.65
F3 AF3 XA . 56.02 -20.78 -42.39
#